data_3FKY
#
_entry.id   3FKY
#
_cell.length_a   128.650
_cell.length_b   129.940
_cell.length_c   135.610
_cell.angle_alpha   93.46
_cell.angle_beta   104.61
_cell.angle_gamma   104.01
#
_symmetry.space_group_name_H-M   'P 1'
#
loop_
_entity.id
_entity.type
_entity.pdbx_description
1 polymer 'Glutamine synthetase'
2 non-polymer 'CITRATE ANION'
#
_entity_poly.entity_id   1
_entity_poly.type   'polypeptide(L)'
_entity_poly.pdbx_seq_one_letter_code
;MAEASIEKTQILQKYLELDQRGRIIAEYVWIDGTGNLRSKGRTLKKRITSIDQLPEWNFDGSSTNQAPGHDSDIYLKPVA
YYPDPFRRGDNIVVLAACYNNDGTPNKFNHRHEAAKLFAAHKDEEIWFGLEQEYTLFDMYDDVYGWPKGGYPAPQGPYYC
GVGAGKVYARDMIEAHYRACLYAGLEISGINAEVMPSQWEFQVGPCTGIDMGDQLWMARYFLHRVAEEFGIKISFHPKPL
KGDWNGAGCHANVSTKEMRQPGGTKYIEQAIEKLSKRHAEHIKLYGSDNDMRLTGRHETASMTAFSSGVANRGSSIRIPR
SVAKEGYGYFEDRRPASNIDPYLVTGIMCETVCGAIDNADMTKEFERESS
;
_entity_poly.pdbx_strand_id   A,B,C,D,E,F,G,H,I,J,K,L,M,N,O,P,Q,R,S,T
#
loop_
_chem_comp.id
_chem_comp.type
_chem_comp.name
_chem_comp.formula
FLC non-polymer 'CITRATE ANION' 'C6 H5 O7 -3'
#
# COMPACT_ATOMS: atom_id res chain seq x y z
N ARG A 21 -39.11 28.16 71.50
CA ARG A 21 -39.60 29.45 72.07
C ARG A 21 -40.76 29.28 73.05
N GLY A 22 -40.63 28.33 73.96
CA GLY A 22 -41.76 27.98 74.81
C GLY A 22 -42.54 26.78 74.26
N ARG A 23 -42.46 26.57 72.96
CA ARG A 23 -43.22 25.50 72.35
C ARG A 23 -42.42 24.20 72.25
N ILE A 24 -43.10 23.13 71.84
CA ILE A 24 -42.55 21.78 71.81
C ILE A 24 -42.74 21.20 70.41
N ILE A 25 -41.78 20.43 69.93
CA ILE A 25 -42.02 19.65 68.71
C ILE A 25 -42.20 18.15 68.99
N ALA A 26 -43.28 17.61 68.46
CA ALA A 26 -43.54 16.18 68.55
C ALA A 26 -43.45 15.57 67.19
N GLU A 27 -42.49 14.67 67.01
CA GLU A 27 -42.45 13.93 65.77
C GLU A 27 -43.33 12.69 65.89
N TYR A 28 -44.33 12.60 65.05
CA TYR A 28 -45.14 11.39 65.00
C TYR A 28 -44.50 10.40 64.04
N VAL A 29 -44.28 9.18 64.56
CA VAL A 29 -43.70 8.08 63.82
C VAL A 29 -44.70 6.95 63.69
N TRP A 30 -44.89 6.44 62.49
CA TRP A 30 -45.75 5.27 62.35
C TRP A 30 -45.24 4.27 61.31
N ILE A 31 -45.93 3.16 61.19
CA ILE A 31 -45.54 2.08 60.30
C ILE A 31 -46.41 2.06 59.03
N ASP A 32 -45.78 1.90 57.86
CA ASP A 32 -46.49 2.01 56.58
C ASP A 32 -46.86 0.70 55.89
N GLY A 33 -47.34 0.82 54.66
CA GLY A 33 -47.80 -0.31 53.89
C GLY A 33 -46.68 -0.89 53.07
N THR A 34 -45.47 -0.44 53.39
CA THR A 34 -44.25 -1.11 52.98
C THR A 34 -43.64 -1.54 54.30
N GLY A 35 -42.34 -1.80 54.36
CA GLY A 35 -41.78 -2.22 55.63
C GLY A 35 -41.10 -1.12 56.42
N ASN A 36 -41.58 0.10 56.27
CA ASN A 36 -40.83 1.26 56.76
C ASN A 36 -41.54 2.10 57.78
N LEU A 37 -40.77 2.96 58.44
CA LEU A 37 -41.34 3.99 59.25
C LEU A 37 -41.65 5.23 58.39
N ARG A 38 -42.56 6.06 58.87
CA ARG A 38 -42.83 7.36 58.28
C ARG A 38 -42.95 8.33 59.45
N SER A 39 -42.70 9.61 59.20
CA SER A 39 -42.93 10.60 60.24
C SER A 39 -43.20 12.00 59.72
N LYS A 40 -43.83 12.78 60.56
CA LYS A 40 -43.95 14.20 60.35
C LYS A 40 -43.98 14.82 61.72
N GLY A 41 -43.71 16.12 61.79
CA GLY A 41 -43.65 16.81 63.07
C GLY A 41 -44.70 17.88 63.20
N ARG A 42 -45.10 18.14 64.46
CA ARG A 42 -46.05 19.19 64.80
C ARG A 42 -45.66 19.91 66.07
N THR A 43 -45.92 21.21 66.08
CA THR A 43 -45.67 22.02 67.25
C THR A 43 -46.79 21.80 68.24
N LEU A 44 -46.44 21.77 69.53
CA LEU A 44 -47.41 21.68 70.60
C LEU A 44 -47.17 22.87 71.51
N LYS A 45 -48.23 23.33 72.17
CA LYS A 45 -48.14 24.56 72.97
C LYS A 45 -47.25 24.42 74.21
N LYS A 46 -47.23 23.23 74.80
CA LYS A 46 -46.62 23.01 76.10
C LYS A 46 -45.94 21.62 76.22
N ARG A 47 -44.95 21.53 77.11
CA ARG A 47 -44.29 20.27 77.43
C ARG A 47 -45.29 19.17 77.74
N ILE A 48 -45.03 17.96 77.24
CA ILE A 48 -45.92 16.83 77.48
C ILE A 48 -45.51 16.04 78.71
N THR A 49 -46.51 15.65 79.53
CA THR A 49 -46.25 14.87 80.74
C THR A 49 -47.03 13.56 80.84
N SER A 50 -47.93 13.30 79.89
CA SER A 50 -48.57 11.99 79.81
C SER A 50 -49.18 11.76 78.42
N ILE A 51 -49.25 10.49 78.01
CA ILE A 51 -49.70 10.13 76.67
C ILE A 51 -51.02 10.79 76.35
N ASP A 52 -51.80 11.00 77.40
CA ASP A 52 -53.15 11.55 77.29
C ASP A 52 -53.18 12.92 76.66
N GLN A 53 -52.12 13.70 76.86
CA GLN A 53 -52.05 15.04 76.32
C GLN A 53 -51.81 15.04 74.81
N LEU A 54 -51.32 13.93 74.26
CA LEU A 54 -51.00 13.87 72.85
C LEU A 54 -52.25 13.62 72.01
N PRO A 55 -52.50 14.52 71.05
CA PRO A 55 -53.64 14.56 70.12
C PRO A 55 -53.60 13.47 69.08
N GLU A 56 -54.76 13.04 68.60
CA GLU A 56 -54.83 12.17 67.44
C GLU A 56 -54.31 12.97 66.28
N TRP A 57 -54.06 12.30 65.17
CA TRP A 57 -53.55 12.99 64.01
C TRP A 57 -53.81 12.09 62.84
N ASN A 58 -53.33 12.47 61.66
CA ASN A 58 -53.64 11.70 60.46
C ASN A 58 -52.71 12.02 59.32
N PHE A 59 -52.83 11.25 58.25
CA PHE A 59 -52.00 11.45 57.06
C PHE A 59 -52.68 10.85 55.86
N ASP A 60 -52.05 11.01 54.71
CA ASP A 60 -52.62 10.50 53.46
C ASP A 60 -52.20 9.05 53.24
N GLY A 61 -53.05 8.12 53.66
CA GLY A 61 -52.71 6.71 53.58
C GLY A 61 -52.33 6.24 52.17
N SER A 62 -52.74 7.01 51.18
CA SER A 62 -52.53 6.63 49.78
C SER A 62 -51.10 6.91 49.36
N SER A 63 -50.41 7.75 50.11
CA SER A 63 -49.03 8.08 49.80
C SER A 63 -48.10 7.11 50.53
N THR A 64 -48.68 6.24 51.35
CA THR A 64 -47.89 5.26 52.09
C THR A 64 -48.36 3.83 51.90
N ASN A 65 -49.23 3.59 50.93
CA ASN A 65 -49.71 2.24 50.63
C ASN A 65 -50.53 1.64 51.78
N GLN A 66 -51.50 2.38 52.30
CA GLN A 66 -52.31 1.90 53.40
C GLN A 66 -53.78 2.18 53.10
N ALA A 67 -54.01 3.05 52.12
CA ALA A 67 -55.36 3.43 51.69
C ALA A 67 -55.42 3.59 50.16
N PRO A 68 -56.64 3.69 49.60
CA PRO A 68 -56.86 3.57 48.16
C PRO A 68 -56.87 4.88 47.37
N GLY A 69 -57.07 6.01 48.03
CA GLY A 69 -57.24 7.27 47.31
C GLY A 69 -58.67 7.72 47.41
N HIS A 70 -59.34 7.29 48.48
CA HIS A 70 -60.70 7.69 48.84
C HIS A 70 -61.05 7.04 50.18
N ASP A 73 -56.65 7.92 53.32
CA ASP A 73 -56.91 8.80 54.48
C ASP A 73 -56.94 8.16 55.91
N ILE A 74 -55.79 8.01 56.56
CA ILE A 74 -55.70 7.27 57.84
C ILE A 74 -55.37 8.08 59.09
N TYR A 75 -55.76 7.58 60.25
CA TYR A 75 -55.61 8.30 61.53
C TYR A 75 -54.51 7.75 62.44
N LEU A 76 -53.91 8.62 63.26
CA LEU A 76 -52.77 8.24 64.11
C LEU A 76 -53.11 8.31 65.60
N LYS A 77 -53.12 7.17 66.28
CA LYS A 77 -53.37 7.14 67.71
C LYS A 77 -52.08 6.99 68.50
N PRO A 78 -51.70 8.04 69.23
CA PRO A 78 -50.47 8.00 70.03
C PRO A 78 -50.46 6.80 70.94
N VAL A 79 -49.34 6.10 70.97
CA VAL A 79 -49.27 4.84 71.69
C VAL A 79 -48.13 4.84 72.71
N ALA A 80 -47.02 5.51 72.36
CA ALA A 80 -45.88 5.66 73.25
C ALA A 80 -45.17 6.93 72.84
N TYR A 81 -44.41 7.51 73.76
CA TYR A 81 -43.64 8.71 73.43
C TYR A 81 -42.35 8.75 74.23
N TYR A 82 -41.33 9.39 73.65
CA TYR A 82 -40.02 9.44 74.27
C TYR A 82 -39.37 10.76 73.95
N PRO A 83 -38.30 11.12 74.69
CA PRO A 83 -37.50 12.28 74.34
C PRO A 83 -36.88 12.08 72.96
N ASP A 84 -36.90 13.11 72.13
CA ASP A 84 -36.33 13.04 70.81
C ASP A 84 -34.80 13.19 70.86
N PRO A 85 -34.08 12.10 70.53
CA PRO A 85 -32.62 12.11 70.67
C PRO A 85 -32.01 13.07 69.67
N PHE A 86 -32.77 13.40 68.64
CA PHE A 86 -32.26 14.28 67.59
C PHE A 86 -32.60 15.73 67.87
N ARG A 87 -33.87 16.04 68.10
CA ARG A 87 -34.27 17.41 68.43
C ARG A 87 -33.86 17.82 69.85
N ARG A 88 -33.69 16.83 70.70
CA ARG A 88 -33.34 17.06 72.08
C ARG A 88 -34.22 18.10 72.75
N GLY A 89 -33.78 18.60 73.89
CA GLY A 89 -34.62 19.50 74.66
C GLY A 89 -35.89 18.82 75.11
N ASP A 90 -36.97 19.57 75.21
CA ASP A 90 -38.24 19.02 75.68
C ASP A 90 -39.00 18.54 74.47
N ASN A 91 -38.31 18.41 73.36
CA ASN A 91 -38.92 17.87 72.16
C ASN A 91 -39.07 16.36 72.31
N ILE A 92 -40.01 15.78 71.57
CA ILE A 92 -40.43 14.41 71.82
C ILE A 92 -40.78 13.63 70.54
N VAL A 93 -40.58 12.33 70.59
CA VAL A 93 -40.95 11.41 69.50
C VAL A 93 -42.17 10.60 69.93
N VAL A 94 -43.18 10.53 69.07
CA VAL A 94 -44.42 9.84 69.42
C VAL A 94 -44.67 8.67 68.48
N LEU A 95 -44.69 7.47 69.03
CA LEU A 95 -45.06 6.30 68.25
C LEU A 95 -46.57 6.20 68.15
N ALA A 96 -47.07 6.27 66.91
CA ALA A 96 -48.51 6.26 66.67
C ALA A 96 -48.95 5.03 65.89
N ALA A 97 -50.12 4.52 66.25
CA ALA A 97 -50.73 3.38 65.57
C ALA A 97 -51.74 3.83 64.54
N CYS A 98 -51.87 3.09 63.45
CA CYS A 98 -52.73 3.51 62.35
C CYS A 98 -54.12 2.88 62.41
N TYR A 99 -55.13 3.73 62.49
CA TYR A 99 -56.52 3.29 62.45
C TYR A 99 -57.23 3.94 61.26
N ASN A 100 -57.99 3.13 60.52
CA ASN A 100 -58.81 3.64 59.43
C ASN A 100 -59.93 4.51 59.99
N ASN A 101 -60.69 5.16 59.12
CA ASN A 101 -61.82 5.97 59.56
C ASN A 101 -62.99 5.17 60.14
N ASP A 102 -62.98 3.85 59.96
CA ASP A 102 -63.94 2.98 60.63
C ASP A 102 -63.74 3.05 62.13
N GLY A 103 -62.49 3.23 62.55
CA GLY A 103 -62.10 3.00 63.93
C GLY A 103 -61.32 1.70 63.98
N THR A 104 -61.40 0.95 62.89
CA THR A 104 -60.68 -0.31 62.75
C THR A 104 -59.20 -0.08 62.50
N PRO A 105 -58.37 -0.98 63.00
CA PRO A 105 -56.92 -0.92 62.80
C PRO A 105 -56.56 -1.21 61.35
N ASN A 106 -55.83 -0.29 60.74
CA ASN A 106 -55.35 -0.44 59.37
C ASN A 106 -54.80 -1.85 59.01
N LYS A 107 -54.81 -2.17 57.72
CA LYS A 107 -54.26 -3.41 57.22
C LYS A 107 -52.98 -3.69 57.98
N PHE A 108 -52.14 -2.67 58.15
CA PHE A 108 -50.78 -2.90 58.63
C PHE A 108 -50.62 -2.57 60.09
N ASN A 109 -51.73 -2.38 60.77
CA ASN A 109 -51.66 -2.24 62.20
C ASN A 109 -51.86 -3.60 62.82
N HIS A 110 -50.76 -4.14 63.32
CA HIS A 110 -50.80 -5.42 64.01
C HIS A 110 -50.56 -5.23 65.51
N ARG A 111 -50.46 -3.98 65.93
CA ARG A 111 -50.23 -3.72 67.34
C ARG A 111 -51.49 -4.05 68.11
N HIS A 112 -52.64 -3.69 67.53
CA HIS A 112 -53.89 -3.90 68.21
C HIS A 112 -54.10 -5.38 68.45
N GLU A 113 -54.03 -6.19 67.38
CA GLU A 113 -54.27 -7.62 67.54
C GLU A 113 -53.41 -8.18 68.66
N ALA A 114 -52.11 -7.92 68.60
CA ALA A 114 -51.20 -8.45 69.61
C ALA A 114 -51.56 -8.00 71.03
N ALA A 115 -51.91 -6.72 71.16
CA ALA A 115 -52.31 -6.20 72.45
C ALA A 115 -53.36 -7.08 73.10
N LYS A 116 -54.38 -7.47 72.35
CA LYS A 116 -55.42 -8.36 72.87
C LYS A 116 -54.80 -9.55 73.60
N LEU A 117 -53.90 -10.25 72.93
CA LEU A 117 -53.24 -11.40 73.52
C LEU A 117 -52.46 -11.04 74.78
N PHE A 118 -51.68 -9.97 74.73
CA PHE A 118 -50.89 -9.59 75.89
C PHE A 118 -51.79 -9.24 77.06
N ALA A 119 -52.92 -8.61 76.76
CA ALA A 119 -53.85 -8.21 77.80
C ALA A 119 -54.49 -9.45 78.40
N ALA A 120 -54.87 -10.39 77.55
CA ALA A 120 -55.43 -11.62 78.05
C ALA A 120 -54.47 -12.29 79.00
N HIS A 121 -53.21 -12.45 78.59
CA HIS A 121 -52.26 -13.20 79.40
C HIS A 121 -51.39 -12.31 80.27
N LYS A 122 -51.98 -11.20 80.71
CA LYS A 122 -51.32 -10.29 81.65
C LYS A 122 -50.63 -11.07 82.75
N ASP A 123 -51.32 -12.07 83.26
CA ASP A 123 -50.85 -12.82 84.40
C ASP A 123 -49.53 -13.52 84.17
N GLU A 124 -49.29 -13.97 82.94
CA GLU A 124 -48.06 -14.69 82.64
C GLU A 124 -46.83 -13.79 82.62
N GLU A 125 -47.04 -12.51 82.32
CA GLU A 125 -45.95 -11.55 82.23
C GLU A 125 -44.87 -12.00 81.24
N ILE A 126 -45.22 -12.17 79.95
CA ILE A 126 -44.23 -12.56 78.96
C ILE A 126 -43.22 -11.46 78.83
N TRP A 127 -41.96 -11.86 78.72
CA TRP A 127 -40.88 -10.93 78.48
C TRP A 127 -40.21 -11.27 77.16
N PHE A 128 -39.82 -10.26 76.42
CA PHE A 128 -39.13 -10.50 75.18
C PHE A 128 -37.82 -9.76 75.19
N GLY A 129 -36.86 -10.26 74.42
CA GLY A 129 -35.63 -9.56 74.16
C GLY A 129 -35.30 -9.87 72.72
N LEU A 130 -35.31 -8.87 71.85
CA LEU A 130 -34.99 -9.11 70.45
C LEU A 130 -33.54 -8.75 70.12
N GLU A 131 -32.92 -9.50 69.22
CA GLU A 131 -31.56 -9.21 68.78
C GLU A 131 -31.63 -8.78 67.32
N GLN A 132 -31.72 -7.47 67.12
CA GLN A 132 -31.92 -6.91 65.80
C GLN A 132 -30.62 -6.79 65.03
N GLU A 133 -30.48 -7.61 64.00
CA GLU A 133 -29.35 -7.50 63.09
C GLU A 133 -29.76 -6.68 61.87
N TYR A 134 -28.84 -5.91 61.33
CA TYR A 134 -29.10 -5.11 60.14
C TYR A 134 -27.81 -4.99 59.36
N THR A 135 -27.90 -4.53 58.11
CA THR A 135 -26.71 -4.41 57.28
C THR A 135 -26.64 -3.01 56.64
N LEU A 136 -25.44 -2.44 56.56
CA LEU A 136 -25.27 -1.05 56.12
C LEU A 136 -25.05 -0.91 54.62
N PHE A 137 -25.50 0.21 54.03
CA PHE A 137 -25.41 0.40 52.59
C PHE A 137 -25.12 1.82 52.14
N ASP A 138 -24.39 1.93 51.02
CA ASP A 138 -24.12 3.16 50.26
C ASP A 138 -25.36 3.96 49.98
N MET A 139 -25.17 5.24 49.70
CA MET A 139 -26.20 5.99 49.02
C MET A 139 -26.51 5.35 47.66
N TYR A 140 -25.59 4.51 47.21
CA TYR A 140 -25.67 3.90 45.89
C TYR A 140 -26.10 2.44 45.98
N ASP A 141 -26.59 2.06 47.15
CA ASP A 141 -27.14 0.74 47.32
C ASP A 141 -26.08 -0.34 47.18
N ASP A 142 -24.84 -0.02 47.52
CA ASP A 142 -23.80 -1.02 47.59
C ASP A 142 -23.43 -1.17 49.07
N VAL A 143 -22.98 -2.36 49.48
CA VAL A 143 -22.69 -2.56 50.88
C VAL A 143 -21.71 -1.47 51.36
N TYR A 144 -22.02 -0.90 52.52
CA TYR A 144 -21.29 0.26 52.98
C TYR A 144 -19.84 -0.03 53.28
N GLY A 145 -18.96 0.68 52.58
CA GLY A 145 -17.53 0.62 52.86
C GLY A 145 -16.78 -0.51 52.19
N TRP A 146 -17.53 -1.37 51.51
CA TRP A 146 -16.93 -2.49 50.83
C TRP A 146 -16.20 -1.97 49.62
N PRO A 147 -15.01 -2.53 49.34
CA PRO A 147 -14.21 -2.30 48.14
C PRO A 147 -15.07 -2.04 46.91
N LYS A 148 -14.62 -1.10 46.10
CA LYS A 148 -15.40 -0.63 44.96
C LYS A 148 -15.49 -1.69 43.89
N GLY A 149 -16.68 -2.22 43.66
CA GLY A 149 -16.84 -3.30 42.69
C GLY A 149 -16.44 -4.70 43.18
N GLY A 150 -15.77 -4.76 44.32
CA GLY A 150 -15.31 -6.02 44.89
C GLY A 150 -15.79 -6.35 46.30
N TYR A 151 -14.90 -6.96 47.09
CA TYR A 151 -15.28 -7.53 48.36
C TYR A 151 -14.18 -7.36 49.36
N PRO A 152 -14.54 -7.28 50.65
CA PRO A 152 -13.57 -7.32 51.75
C PRO A 152 -12.93 -8.71 51.85
N ALA A 153 -12.03 -8.91 52.79
CA ALA A 153 -11.53 -10.25 53.05
C ALA A 153 -12.70 -11.12 53.48
N PRO A 154 -12.51 -12.44 53.50
CA PRO A 154 -13.62 -13.34 53.88
C PRO A 154 -13.91 -13.28 55.36
N GLN A 155 -15.13 -13.68 55.71
CA GLN A 155 -15.62 -13.51 57.07
C GLN A 155 -14.67 -14.10 58.11
N GLY A 156 -14.74 -13.59 59.34
CA GLY A 156 -13.92 -14.13 60.40
C GLY A 156 -13.41 -13.07 61.36
N PRO A 157 -12.72 -12.07 60.82
CA PRO A 157 -12.17 -10.98 61.62
C PRO A 157 -13.15 -9.82 61.89
N TYR A 158 -14.40 -9.91 61.44
CA TYR A 158 -15.36 -8.81 61.61
C TYR A 158 -16.26 -8.91 62.83
N TYR A 159 -16.67 -10.12 63.19
CA TYR A 159 -17.53 -10.36 64.34
C TYR A 159 -16.89 -9.80 65.59
N CYS A 160 -17.60 -8.87 66.24
CA CYS A 160 -17.06 -8.22 67.42
C CYS A 160 -15.68 -7.64 67.13
N GLY A 161 -15.48 -7.22 65.90
CA GLY A 161 -14.20 -6.68 65.48
C GLY A 161 -13.75 -5.40 66.17
N VAL A 162 -12.44 -5.15 66.07
CA VAL A 162 -11.87 -3.88 66.50
C VAL A 162 -10.56 -3.64 65.75
N GLY A 163 -10.43 -2.44 65.20
CA GLY A 163 -9.38 -2.12 64.26
C GLY A 163 -9.95 -1.60 62.95
N ALA A 164 -9.18 -0.73 62.31
CA ALA A 164 -9.64 0.02 61.16
C ALA A 164 -10.38 -0.77 60.06
N GLY A 165 -9.87 -1.90 59.64
CA GLY A 165 -10.59 -2.57 58.57
C GLY A 165 -11.66 -3.55 59.04
N LYS A 166 -11.70 -3.75 60.35
CA LYS A 166 -12.46 -4.85 60.90
C LYS A 166 -13.93 -4.50 61.12
N VAL A 167 -14.29 -3.23 60.97
CA VAL A 167 -15.59 -2.79 61.41
C VAL A 167 -15.98 -1.57 60.61
N TYR A 168 -17.26 -1.41 60.30
CA TYR A 168 -17.66 -0.30 59.43
C TYR A 168 -18.71 0.65 60.03
N ALA A 169 -18.40 1.94 60.02
CA ALA A 169 -19.34 2.95 60.47
C ALA A 169 -19.64 2.88 61.97
N ARG A 170 -18.65 2.54 62.79
CA ARG A 170 -18.88 2.38 64.23
C ARG A 170 -19.50 3.64 64.82
N ASP A 171 -19.07 4.78 64.31
CA ASP A 171 -19.53 6.05 64.84
C ASP A 171 -21.04 6.18 64.68
N MET A 172 -21.56 5.75 63.54
CA MET A 172 -23.01 5.81 63.35
C MET A 172 -23.69 4.86 64.33
N ILE A 173 -23.15 3.66 64.44
CA ILE A 173 -23.69 2.63 65.33
C ILE A 173 -23.75 3.12 66.78
N GLU A 174 -22.69 3.82 67.19
CA GLU A 174 -22.62 4.36 68.54
C GLU A 174 -23.63 5.45 68.76
N ALA A 175 -23.77 6.33 67.77
CA ALA A 175 -24.74 7.41 67.83
C ALA A 175 -26.12 6.86 68.10
N HIS A 176 -26.44 5.75 67.46
CA HIS A 176 -27.74 5.11 67.60
C HIS A 176 -27.89 4.60 69.01
N TYR A 177 -26.91 3.87 69.49
CA TYR A 177 -26.90 3.42 70.88
C TYR A 177 -27.24 4.58 71.82
N ARG A 178 -26.47 5.66 71.71
CA ARG A 178 -26.71 6.87 72.50
C ARG A 178 -28.17 7.33 72.40
N ALA A 179 -28.66 7.44 71.17
CA ALA A 179 -30.00 7.88 70.90
C ALA A 179 -31.00 7.05 71.67
N CYS A 180 -30.87 5.74 71.53
CA CYS A 180 -31.79 4.82 72.18
C CYS A 180 -31.77 5.00 73.68
N LEU A 181 -30.57 5.12 74.26
CA LEU A 181 -30.47 5.35 75.70
C LEU A 181 -31.15 6.65 76.11
N TYR A 182 -30.93 7.72 75.35
CA TYR A 182 -31.49 9.03 75.67
C TYR A 182 -33.00 8.90 75.70
N ALA A 183 -33.53 8.18 74.73
CA ALA A 183 -34.98 8.05 74.63
C ALA A 183 -35.50 7.19 75.75
N GLY A 184 -34.57 6.55 76.46
CA GLY A 184 -34.94 5.63 77.52
C GLY A 184 -35.43 4.27 77.06
N LEU A 185 -35.17 3.92 75.80
CA LEU A 185 -35.45 2.57 75.32
C LEU A 185 -34.65 1.52 76.09
N GLU A 186 -35.14 0.29 76.12
CA GLU A 186 -34.48 -0.78 76.87
C GLU A 186 -33.45 -1.45 75.99
N ILE A 187 -32.46 -0.67 75.55
CA ILE A 187 -31.43 -1.17 74.67
C ILE A 187 -30.33 -1.80 75.50
N SER A 188 -30.22 -3.11 75.38
CA SER A 188 -29.37 -3.92 76.26
C SER A 188 -27.91 -4.01 75.83
N GLY A 189 -27.64 -3.83 74.56
CA GLY A 189 -26.28 -3.95 74.09
C GLY A 189 -26.18 -3.90 72.60
N ILE A 190 -24.96 -3.82 72.11
CA ILE A 190 -24.74 -3.69 70.67
C ILE A 190 -23.49 -4.54 70.36
N ASN A 191 -23.36 -5.01 69.12
CA ASN A 191 -22.16 -5.74 68.72
C ASN A 191 -21.99 -5.78 67.21
N ALA A 192 -20.74 -5.84 66.73
CA ALA A 192 -20.51 -5.97 65.29
C ALA A 192 -20.69 -7.41 64.85
N GLU A 193 -21.42 -7.63 63.77
CA GLU A 193 -21.73 -9.00 63.36
C GLU A 193 -20.70 -9.61 62.46
N VAL A 194 -21.03 -10.80 61.97
CA VAL A 194 -20.05 -11.63 61.26
C VAL A 194 -19.65 -11.10 59.90
N MET A 195 -20.66 -10.75 59.10
CA MET A 195 -20.49 -10.09 57.81
C MET A 195 -20.01 -8.64 58.02
N PRO A 196 -18.97 -8.23 57.25
CA PRO A 196 -18.48 -6.86 57.36
C PRO A 196 -19.59 -5.82 57.09
N SER A 197 -19.61 -4.76 57.89
CA SER A 197 -20.68 -3.76 57.85
C SER A 197 -22.10 -4.31 58.11
N GLN A 198 -22.15 -5.37 58.92
CA GLN A 198 -23.39 -5.87 59.48
C GLN A 198 -23.35 -5.78 61.00
N TRP A 199 -24.39 -5.24 61.62
CA TRP A 199 -24.38 -5.01 63.05
C TRP A 199 -25.59 -5.61 63.71
N GLU A 200 -25.61 -5.53 65.04
CA GLU A 200 -26.72 -6.00 65.83
C GLU A 200 -26.91 -5.02 66.97
N PHE A 201 -28.14 -4.79 67.39
CA PHE A 201 -28.41 -4.18 68.70
C PHE A 201 -29.50 -5.00 69.34
N GLN A 202 -29.49 -5.07 70.66
CA GLN A 202 -30.48 -5.85 71.38
C GLN A 202 -31.32 -4.95 72.25
N VAL A 203 -32.62 -5.21 72.23
CA VAL A 203 -33.56 -4.49 73.08
C VAL A 203 -34.34 -5.46 73.96
N GLY A 204 -34.22 -5.30 75.27
CA GLY A 204 -34.95 -6.12 76.20
C GLY A 204 -34.36 -6.07 77.60
N PRO A 205 -35.07 -6.67 78.56
CA PRO A 205 -36.36 -7.31 78.32
C PRO A 205 -37.48 -6.30 78.34
N CYS A 206 -38.50 -6.50 77.52
CA CYS A 206 -39.69 -5.63 77.52
C CYS A 206 -40.91 -6.49 77.77
N THR A 207 -41.98 -5.89 78.27
CA THR A 207 -43.17 -6.67 78.52
C THR A 207 -44.26 -6.48 77.47
N GLY A 208 -44.72 -7.58 76.90
CA GLY A 208 -45.81 -7.59 75.96
C GLY A 208 -45.69 -6.59 74.81
N ILE A 209 -46.56 -5.59 74.83
CA ILE A 209 -46.61 -4.65 73.73
C ILE A 209 -45.35 -3.80 73.69
N ASP A 210 -44.74 -3.56 74.83
CA ASP A 210 -43.51 -2.77 74.86
C ASP A 210 -42.43 -3.23 73.92
N MET A 211 -42.24 -4.53 73.79
CA MET A 211 -41.23 -5.04 72.88
C MET A 211 -41.44 -4.43 71.50
N GLY A 212 -42.64 -4.62 70.96
CA GLY A 212 -42.96 -4.05 69.68
C GLY A 212 -42.75 -2.53 69.61
N ASP A 213 -43.34 -1.82 70.54
CA ASP A 213 -43.20 -0.39 70.56
C ASP A 213 -41.73 0.02 70.52
N GLN A 214 -40.94 -0.47 71.46
CA GLN A 214 -39.56 -0.04 71.57
C GLN A 214 -38.68 -0.44 70.38
N LEU A 215 -38.80 -1.68 69.89
CA LEU A 215 -38.02 -2.06 68.72
C LEU A 215 -38.35 -1.15 67.54
N TRP A 216 -39.63 -0.93 67.29
CA TRP A 216 -40.01 -0.02 66.22
C TRP A 216 -39.37 1.36 66.38
N MET A 217 -39.34 1.91 67.61
CA MET A 217 -38.67 3.20 67.84
C MET A 217 -37.18 3.12 67.61
N ALA A 218 -36.57 2.05 68.10
CA ALA A 218 -35.14 1.83 67.88
C ALA A 218 -34.83 1.81 66.40
N ARG A 219 -35.75 1.23 65.63
CA ARG A 219 -35.61 1.21 64.19
C ARG A 219 -35.72 2.63 63.60
N TYR A 220 -36.70 3.39 64.07
CA TYR A 220 -36.83 4.77 63.63
C TYR A 220 -35.49 5.47 63.88
N PHE A 221 -35.02 5.44 65.11
CA PHE A 221 -33.75 6.06 65.45
C PHE A 221 -32.61 5.62 64.55
N LEU A 222 -32.55 4.33 64.23
CA LEU A 222 -31.50 3.78 63.38
C LEU A 222 -31.52 4.41 61.99
N HIS A 223 -32.61 4.23 61.25
CA HIS A 223 -32.79 4.90 59.96
C HIS A 223 -32.45 6.39 60.02
N ARG A 224 -33.00 7.03 61.03
CA ARG A 224 -32.93 8.47 61.17
C ARG A 224 -31.52 8.95 61.44
N VAL A 225 -30.81 8.28 62.34
CA VAL A 225 -29.47 8.71 62.69
C VAL A 225 -28.52 8.42 61.54
N ALA A 226 -28.74 7.29 60.88
CA ALA A 226 -27.91 6.91 59.75
C ALA A 226 -28.03 7.91 58.61
N GLU A 227 -29.19 8.53 58.45
CA GLU A 227 -29.38 9.59 57.47
C GLU A 227 -28.21 10.53 57.55
N GLU A 228 -27.81 10.85 58.78
CA GLU A 228 -26.79 11.86 59.02
C GLU A 228 -25.43 11.39 58.56
N PHE A 229 -25.30 10.11 58.21
CA PHE A 229 -24.03 9.55 57.72
C PHE A 229 -24.13 9.12 56.28
N GLY A 230 -25.23 9.46 55.63
CA GLY A 230 -25.53 8.98 54.30
C GLY A 230 -25.62 7.47 54.16
N ILE A 231 -25.97 6.79 55.25
CA ILE A 231 -26.03 5.34 55.25
C ILE A 231 -27.47 4.84 55.23
N LYS A 232 -27.75 3.93 54.30
CA LYS A 232 -29.04 3.26 54.22
C LYS A 232 -29.00 2.01 55.09
N ILE A 233 -30.08 1.75 55.81
CA ILE A 233 -30.18 0.55 56.66
C ILE A 233 -31.04 -0.57 56.04
N SER A 234 -30.50 -1.79 56.04
CA SER A 234 -31.17 -2.91 55.39
C SER A 234 -31.54 -3.98 56.38
N PHE A 235 -32.84 -4.23 56.49
CA PHE A 235 -33.32 -5.32 57.34
C PHE A 235 -33.57 -6.60 56.54
N HIS A 236 -33.06 -6.64 55.32
CA HIS A 236 -33.17 -7.83 54.50
C HIS A 236 -32.44 -9.00 55.16
N PRO A 237 -33.04 -10.20 55.11
CA PRO A 237 -32.55 -11.41 55.78
C PRO A 237 -31.29 -11.94 55.15
N LYS A 238 -31.03 -11.61 53.89
CA LYS A 238 -29.84 -12.08 53.19
C LYS A 238 -29.40 -11.02 52.19
N PRO A 239 -28.72 -9.97 52.69
CA PRO A 239 -28.37 -8.79 51.90
C PRO A 239 -27.40 -9.16 50.79
N LEU A 240 -26.53 -10.12 51.07
CA LEU A 240 -25.63 -10.61 50.04
C LEU A 240 -25.74 -12.10 49.91
N LYS A 241 -25.95 -12.54 48.67
CA LYS A 241 -26.08 -13.97 48.38
C LYS A 241 -24.72 -14.59 48.60
N GLY A 242 -24.71 -15.86 48.98
CA GLY A 242 -23.46 -16.56 49.17
C GLY A 242 -23.26 -17.04 50.57
N ASP A 243 -22.01 -16.97 51.04
CA ASP A 243 -21.69 -17.43 52.38
C ASP A 243 -21.74 -16.30 53.40
N TRP A 244 -21.88 -15.08 52.90
CA TRP A 244 -22.02 -13.91 53.76
C TRP A 244 -23.23 -14.07 54.67
N ASN A 245 -23.05 -13.83 55.96
CA ASN A 245 -24.12 -14.05 56.91
C ASN A 245 -25.44 -13.38 56.56
N GLY A 246 -26.54 -14.03 56.94
CA GLY A 246 -27.85 -13.45 56.77
C GLY A 246 -28.09 -12.53 57.94
N ALA A 247 -29.32 -12.05 58.09
CA ALA A 247 -29.65 -11.14 59.18
C ALA A 247 -30.91 -11.60 59.84
N GLY A 248 -30.80 -11.86 61.13
CA GLY A 248 -31.93 -12.33 61.88
C GLY A 248 -32.35 -11.38 62.96
N CYS A 249 -33.46 -11.69 63.60
CA CYS A 249 -33.95 -10.96 64.75
C CYS A 249 -34.33 -11.97 65.81
N HIS A 250 -33.33 -12.67 66.34
CA HIS A 250 -33.56 -13.65 67.37
C HIS A 250 -34.50 -13.12 68.46
N ALA A 251 -35.69 -13.70 68.58
CA ALA A 251 -36.60 -13.36 69.66
C ALA A 251 -36.35 -14.24 70.90
N ASN A 252 -35.91 -13.63 72.00
CA ASN A 252 -35.78 -14.32 73.30
C ASN A 252 -37.07 -14.22 74.12
N VAL A 253 -37.52 -15.35 74.68
CA VAL A 253 -38.82 -15.42 75.34
C VAL A 253 -38.77 -15.98 76.76
N SER A 254 -39.66 -15.50 77.63
CA SER A 254 -39.83 -16.05 78.97
C SER A 254 -41.13 -15.58 79.64
N THR A 255 -41.76 -16.48 80.39
CA THR A 255 -42.92 -16.15 81.23
C THR A 255 -42.50 -16.21 82.70
N LYS A 256 -43.32 -15.64 83.57
CA LYS A 256 -42.97 -15.60 85.00
C LYS A 256 -42.52 -16.97 85.48
N GLU A 257 -43.27 -18.01 85.13
CA GLU A 257 -42.96 -19.36 85.56
C GLU A 257 -41.56 -19.77 85.16
N MET A 258 -41.20 -19.52 83.89
CA MET A 258 -39.90 -19.92 83.38
C MET A 258 -38.78 -19.23 84.11
N ARG A 259 -39.06 -18.05 84.66
CA ARG A 259 -38.02 -17.24 85.28
C ARG A 259 -37.77 -17.64 86.74
N GLN A 260 -38.73 -18.32 87.34
CA GLN A 260 -38.57 -18.82 88.69
C GLN A 260 -38.08 -20.27 88.66
N PRO A 261 -37.32 -20.67 89.70
CA PRO A 261 -36.67 -21.97 89.76
C PRO A 261 -37.59 -23.10 89.34
N GLY A 262 -37.02 -24.10 88.68
CA GLY A 262 -37.81 -25.19 88.13
C GLY A 262 -38.46 -24.77 86.82
N GLY A 263 -37.88 -23.77 86.20
CA GLY A 263 -38.44 -23.21 84.98
C GLY A 263 -38.29 -24.06 83.74
N THR A 264 -37.13 -24.70 83.52
CA THR A 264 -36.89 -25.37 82.22
C THR A 264 -38.03 -26.35 81.99
N LYS A 265 -38.81 -26.61 83.04
CA LYS A 265 -40.04 -27.36 82.93
C LYS A 265 -40.94 -26.66 81.92
N TYR A 266 -41.38 -25.46 82.27
CA TYR A 266 -42.27 -24.68 81.41
C TYR A 266 -41.58 -24.19 80.14
N ILE A 267 -40.28 -23.96 80.22
CA ILE A 267 -39.53 -23.68 79.01
C ILE A 267 -39.70 -24.83 78.02
N GLU A 268 -39.45 -26.05 78.48
CA GLU A 268 -39.57 -27.24 77.63
C GLU A 268 -40.99 -27.38 77.11
N GLN A 269 -41.97 -27.10 77.96
CA GLN A 269 -43.36 -27.16 77.55
C GLN A 269 -43.64 -26.21 76.40
N ALA A 270 -43.15 -24.98 76.55
CA ALA A 270 -43.33 -23.96 75.53
C ALA A 270 -42.68 -24.42 74.23
N ILE A 271 -41.45 -24.92 74.33
CA ILE A 271 -40.72 -25.34 73.16
C ILE A 271 -41.52 -26.37 72.42
N GLU A 272 -42.23 -27.23 73.15
CA GLU A 272 -42.99 -28.26 72.49
C GLU A 272 -44.22 -27.70 71.79
N LYS A 273 -44.95 -26.81 72.45
CA LYS A 273 -46.08 -26.19 71.79
C LYS A 273 -45.59 -25.52 70.52
N LEU A 274 -44.45 -24.86 70.64
CA LEU A 274 -43.85 -24.15 69.51
C LEU A 274 -43.57 -25.08 68.33
N SER A 275 -43.16 -26.31 68.66
CA SER A 275 -42.83 -27.32 67.66
C SER A 275 -44.05 -27.72 66.85
N LYS A 276 -45.23 -27.61 67.44
CA LYS A 276 -46.43 -27.96 66.71
C LYS A 276 -46.89 -26.82 65.80
N ARG A 277 -46.42 -25.61 66.06
CA ARG A 277 -46.82 -24.47 65.25
C ARG A 277 -45.67 -23.82 64.50
N HIS A 278 -44.69 -24.62 64.12
CA HIS A 278 -43.55 -24.11 63.34
C HIS A 278 -43.98 -23.45 62.03
N ALA A 279 -44.89 -24.06 61.30
CA ALA A 279 -45.28 -23.49 60.02
C ALA A 279 -45.99 -22.15 60.19
N GLU A 280 -46.89 -22.09 61.18
CA GLU A 280 -47.69 -20.89 61.40
C GLU A 280 -46.82 -19.70 61.82
N HIS A 281 -45.79 -19.99 62.61
CA HIS A 281 -44.80 -19.00 63.01
C HIS A 281 -43.94 -18.57 61.84
N ILE A 282 -43.29 -19.51 61.18
CA ILE A 282 -42.53 -19.20 59.98
C ILE A 282 -43.29 -18.24 59.04
N LYS A 283 -44.60 -18.45 58.88
CA LYS A 283 -45.40 -17.63 57.97
C LYS A 283 -45.37 -16.16 58.35
N LEU A 284 -45.36 -15.86 59.65
CA LEU A 284 -45.01 -14.50 60.09
C LEU A 284 -43.49 -14.36 59.92
N TYR A 285 -42.74 -14.26 61.02
CA TYR A 285 -41.26 -14.45 60.98
C TYR A 285 -40.39 -13.93 59.81
N GLY A 286 -40.98 -13.28 58.80
CA GLY A 286 -40.18 -12.57 57.82
C GLY A 286 -40.10 -13.12 56.41
N SER A 287 -40.18 -12.20 55.44
CA SER A 287 -40.16 -12.52 54.02
C SER A 287 -38.74 -12.79 53.47
N ASP A 288 -38.68 -13.55 52.38
CA ASP A 288 -37.46 -14.23 51.95
C ASP A 288 -36.53 -14.62 53.09
N ASN A 289 -37.09 -15.13 54.17
CA ASN A 289 -36.32 -15.74 55.23
C ASN A 289 -35.79 -17.03 54.65
N ASP A 290 -36.43 -17.48 53.56
CA ASP A 290 -36.02 -18.70 52.85
C ASP A 290 -34.57 -18.65 52.36
N MET A 291 -34.04 -17.46 52.12
CA MET A 291 -32.62 -17.33 51.77
C MET A 291 -31.70 -17.26 53.00
N ARG A 292 -32.25 -17.62 54.16
CA ARG A 292 -31.48 -17.63 55.41
C ARG A 292 -31.56 -18.96 56.22
N SER A 301 -32.96 -24.27 59.32
CA SER A 301 -33.81 -24.77 58.22
C SER A 301 -35.29 -24.30 58.29
N MET A 302 -35.83 -23.96 57.12
CA MET A 302 -37.15 -23.34 57.00
C MET A 302 -38.30 -24.30 57.21
N THR A 303 -38.06 -25.57 56.94
CA THR A 303 -39.12 -26.57 57.02
C THR A 303 -38.94 -27.46 58.25
N ALA A 304 -37.71 -27.56 58.71
CA ALA A 304 -37.40 -28.34 59.90
C ALA A 304 -37.52 -27.54 61.18
N PHE A 305 -38.08 -28.17 62.21
CA PHE A 305 -38.04 -27.58 63.54
C PHE A 305 -37.18 -28.45 64.45
N SER A 306 -36.22 -27.84 65.13
CA SER A 306 -35.44 -28.56 66.12
C SER A 306 -35.13 -27.68 67.32
N SER A 307 -34.75 -28.29 68.43
CA SER A 307 -34.37 -27.53 69.60
C SER A 307 -33.35 -28.28 70.41
N GLY A 308 -32.56 -27.55 71.20
CA GLY A 308 -31.56 -28.16 72.05
C GLY A 308 -30.78 -27.11 72.82
N VAL A 309 -30.12 -27.54 73.89
CA VAL A 309 -29.28 -26.63 74.66
C VAL A 309 -28.04 -26.24 73.88
N ALA A 310 -27.54 -25.04 74.16
CA ALA A 310 -26.35 -24.51 73.46
C ALA A 310 -26.28 -25.04 72.03
N ASN A 311 -27.16 -24.50 71.19
CA ASN A 311 -27.28 -25.00 69.84
C ASN A 311 -27.66 -23.87 68.88
N ARG A 312 -26.64 -23.24 68.32
CA ARG A 312 -26.86 -22.16 67.34
C ARG A 312 -27.31 -22.73 65.97
N GLY A 313 -27.55 -24.04 65.94
CA GLY A 313 -28.05 -24.70 64.74
C GLY A 313 -29.52 -25.02 64.80
N SER A 314 -30.08 -25.04 66.00
CA SER A 314 -31.50 -25.38 66.14
C SER A 314 -32.45 -24.19 65.88
N SER A 315 -33.74 -24.50 65.81
CA SER A 315 -34.78 -23.49 65.65
C SER A 315 -34.95 -22.72 66.97
N ILE A 316 -34.98 -23.45 68.08
CA ILE A 316 -35.01 -22.84 69.41
C ILE A 316 -33.81 -23.32 70.19
N ARG A 317 -33.14 -22.41 70.88
CA ARG A 317 -31.91 -22.74 71.59
C ARG A 317 -32.08 -22.40 73.05
N ILE A 318 -31.76 -23.36 73.92
CA ILE A 318 -31.76 -23.07 75.34
C ILE A 318 -30.34 -22.80 75.74
N PRO A 319 -30.07 -21.57 76.19
CA PRO A 319 -28.72 -21.14 76.56
C PRO A 319 -28.15 -22.08 77.60
N ARG A 320 -26.91 -22.50 77.41
CA ARG A 320 -26.30 -23.42 78.35
C ARG A 320 -26.49 -22.86 79.76
N SER A 321 -26.27 -21.56 79.90
CA SER A 321 -26.45 -20.88 81.16
C SER A 321 -27.81 -21.24 81.78
N VAL A 322 -28.87 -21.04 81.01
CA VAL A 322 -30.24 -21.34 81.45
C VAL A 322 -30.36 -22.79 81.88
N ALA A 323 -29.93 -23.69 81.01
CA ALA A 323 -29.96 -25.13 81.29
C ALA A 323 -29.30 -25.47 82.63
N LYS A 324 -28.06 -25.03 82.80
CA LYS A 324 -27.31 -25.30 84.03
C LYS A 324 -28.04 -24.79 85.27
N GLU A 325 -28.78 -23.69 85.15
CA GLU A 325 -29.41 -23.08 86.32
C GLU A 325 -30.85 -23.51 86.54
N GLY A 326 -31.46 -24.16 85.56
CA GLY A 326 -32.81 -24.68 85.73
C GLY A 326 -33.98 -23.73 85.52
N TYR A 327 -33.69 -22.49 85.12
CA TYR A 327 -34.71 -21.49 84.84
C TYR A 327 -34.10 -20.39 83.97
N GLY A 328 -34.95 -19.61 83.33
CA GLY A 328 -34.49 -18.55 82.45
C GLY A 328 -35.40 -18.30 81.26
N TYR A 329 -34.84 -18.38 80.06
CA TYR A 329 -35.59 -18.05 78.86
C TYR A 329 -35.07 -18.91 77.74
N PHE A 330 -35.77 -18.90 76.62
CA PHE A 330 -35.30 -19.58 75.43
C PHE A 330 -35.10 -18.61 74.27
N GLU A 331 -34.26 -19.00 73.30
CA GLU A 331 -33.97 -18.17 72.13
C GLU A 331 -34.59 -18.77 70.89
N ASP A 332 -35.59 -18.11 70.32
CA ASP A 332 -36.11 -18.54 69.04
C ASP A 332 -35.26 -17.93 67.94
N ARG A 333 -34.49 -18.72 67.22
CA ARG A 333 -33.53 -18.16 66.26
C ARG A 333 -34.11 -18.04 64.86
N ARG A 334 -35.41 -18.31 64.75
CA ARG A 334 -36.07 -18.40 63.46
C ARG A 334 -36.42 -17.06 62.81
N PRO A 335 -36.86 -16.07 63.60
CA PRO A 335 -37.36 -14.84 62.97
C PRO A 335 -36.29 -14.09 62.21
N ALA A 336 -36.65 -13.53 61.06
CA ALA A 336 -35.68 -12.81 60.25
C ALA A 336 -35.54 -11.36 60.70
N SER A 337 -34.48 -10.72 60.24
CA SER A 337 -34.23 -9.32 60.53
C SER A 337 -35.43 -8.40 60.24
N ASN A 338 -36.16 -8.71 59.17
CA ASN A 338 -37.25 -7.86 58.70
C ASN A 338 -38.62 -8.11 59.34
N ILE A 339 -38.64 -8.84 60.45
CA ILE A 339 -39.89 -9.17 61.10
C ILE A 339 -40.59 -7.95 61.66
N ASP A 340 -41.91 -8.00 61.73
CA ASP A 340 -42.70 -7.07 62.56
C ASP A 340 -42.85 -7.63 63.96
N PRO A 341 -42.18 -7.00 64.94
CA PRO A 341 -42.14 -7.45 66.33
C PRO A 341 -43.54 -7.69 66.89
N TYR A 342 -44.53 -6.89 66.47
CA TYR A 342 -45.91 -7.10 66.90
C TYR A 342 -46.40 -8.49 66.50
N LEU A 343 -46.11 -8.88 65.26
CA LEU A 343 -46.48 -10.21 64.78
C LEU A 343 -45.71 -11.33 65.48
N VAL A 344 -44.39 -11.17 65.63
CA VAL A 344 -43.60 -12.16 66.32
C VAL A 344 -43.98 -12.30 67.80
N THR A 345 -43.94 -11.22 68.55
CA THR A 345 -44.24 -11.33 69.97
C THR A 345 -45.69 -11.73 70.14
N GLY A 346 -46.52 -11.27 69.22
CA GLY A 346 -47.94 -11.58 69.26
C GLY A 346 -48.22 -13.06 69.16
N ILE A 347 -47.82 -13.66 68.05
CA ILE A 347 -48.01 -15.09 67.86
C ILE A 347 -47.20 -15.93 68.86
N MET A 348 -46.09 -15.40 69.37
CA MET A 348 -45.32 -16.15 70.34
C MET A 348 -46.16 -16.35 71.56
N CYS A 349 -46.79 -15.27 72.02
CA CYS A 349 -47.70 -15.31 73.16
C CYS A 349 -48.89 -16.23 72.88
N GLU A 350 -49.51 -16.04 71.73
CA GLU A 350 -50.64 -16.87 71.30
C GLU A 350 -50.35 -18.35 71.50
N THR A 351 -49.20 -18.80 71.04
CA THR A 351 -48.94 -20.23 71.06
C THR A 351 -48.26 -20.70 72.35
N VAL A 352 -47.58 -19.80 73.03
CA VAL A 352 -46.92 -20.19 74.26
C VAL A 352 -47.86 -20.07 75.45
N CYS A 353 -48.65 -19.02 75.46
CA CYS A 353 -49.55 -18.75 76.58
C CYS A 353 -50.99 -19.21 76.33
N GLY A 354 -51.41 -19.20 75.07
CA GLY A 354 -52.71 -19.71 74.71
C GLY A 354 -53.50 -18.83 73.77
N ALA A 355 -54.16 -19.45 72.81
CA ALA A 355 -54.99 -18.73 71.86
C ALA A 355 -56.14 -18.02 72.55
N ILE A 356 -56.81 -17.18 71.78
CA ILE A 356 -58.00 -16.48 72.23
C ILE A 356 -59.02 -16.48 71.10
N ASP A 357 -60.30 -16.56 71.44
CA ASP A 357 -61.36 -16.53 70.44
C ASP A 357 -61.55 -15.09 70.03
N ASN A 358 -61.01 -14.23 70.87
CA ASN A 358 -61.05 -12.80 70.68
C ASN A 358 -60.04 -12.35 69.62
N ALA A 359 -59.01 -13.16 69.35
CA ALA A 359 -57.99 -12.81 68.36
C ALA A 359 -57.24 -13.98 67.74
N ASP A 360 -56.83 -13.81 66.48
CA ASP A 360 -56.07 -14.83 65.75
C ASP A 360 -54.85 -14.21 65.08
N MET A 361 -53.67 -14.43 65.65
CA MET A 361 -52.44 -13.80 65.14
C MET A 361 -52.18 -14.12 63.69
N THR A 362 -52.26 -15.38 63.36
CA THR A 362 -51.97 -15.82 62.00
C THR A 362 -52.99 -15.23 61.01
N LYS A 363 -54.25 -15.06 61.43
CA LYS A 363 -55.24 -14.40 60.55
C LYS A 363 -54.88 -12.94 60.32
N GLU A 364 -54.39 -12.28 61.37
CA GLU A 364 -53.88 -10.91 61.28
C GLU A 364 -52.82 -10.91 60.18
N PHE A 365 -53.32 -10.83 58.96
CA PHE A 365 -52.54 -10.87 57.74
C PHE A 365 -53.56 -10.47 56.70
N GLU A 366 -53.81 -9.16 56.72
CA GLU A 366 -54.91 -8.53 56.04
C GLU A 366 -54.31 -7.50 55.07
N ARG B 21 -21.75 45.20 70.52
CA ARG B 21 -21.11 46.11 71.48
C ARG B 21 -22.07 47.10 72.15
N GLY B 22 -23.21 46.62 72.62
CA GLY B 22 -24.23 47.52 73.10
C GLY B 22 -25.26 47.83 72.02
N ARG B 23 -24.87 47.68 70.75
CA ARG B 23 -25.78 48.00 69.66
C ARG B 23 -26.54 46.81 69.14
N ILE B 24 -27.51 47.07 68.27
CA ILE B 24 -28.48 46.08 67.82
C ILE B 24 -28.46 46.06 66.32
N ILE B 25 -28.61 44.89 65.70
CA ILE B 25 -28.79 44.86 64.24
C ILE B 25 -30.21 44.49 63.85
N ALA B 26 -30.79 45.30 62.98
CA ALA B 26 -32.13 45.02 62.50
C ALA B 26 -32.04 44.75 61.02
N GLU B 27 -32.45 43.56 60.63
CA GLU B 27 -32.53 43.26 59.21
C GLU B 27 -33.90 43.59 58.70
N TYR B 28 -33.98 44.52 57.77
CA TYR B 28 -35.26 44.85 57.16
C TYR B 28 -35.50 43.92 55.99
N VAL B 29 -36.66 43.28 55.99
CA VAL B 29 -37.02 42.34 54.95
C VAL B 29 -38.27 42.84 54.27
N TRP B 30 -38.28 42.87 52.94
CA TRP B 30 -39.49 43.27 52.23
C TRP B 30 -39.72 42.47 50.96
N ILE B 31 -40.85 42.72 50.31
CA ILE B 31 -41.22 41.95 49.12
C ILE B 31 -41.00 42.79 47.87
N ASP B 32 -40.45 42.19 46.81
CA ASP B 32 -40.08 42.95 45.62
C ASP B 32 -41.02 42.84 44.44
N GLY B 33 -40.56 43.36 43.31
CA GLY B 33 -41.30 43.38 42.06
C GLY B 33 -41.13 42.12 41.25
N THR B 34 -40.43 41.15 41.84
CA THR B 34 -40.44 39.79 41.34
C THR B 34 -41.14 39.05 42.49
N GLY B 35 -40.95 37.75 42.61
CA GLY B 35 -41.68 37.08 43.67
C GLY B 35 -40.85 36.84 44.92
N ASN B 36 -39.89 37.72 45.19
CA ASN B 36 -38.88 37.39 46.20
C ASN B 36 -38.85 38.30 47.40
N LEU B 37 -38.16 37.86 48.44
CA LEU B 37 -37.77 38.76 49.51
C LEU B 37 -36.47 39.51 49.18
N ARG B 38 -36.32 40.68 49.78
CA ARG B 38 -35.06 41.42 49.75
C ARG B 38 -34.77 41.87 51.16
N SER B 39 -33.51 42.15 51.46
CA SER B 39 -33.18 42.65 52.78
C SER B 39 -31.87 43.39 52.86
N LYS B 40 -31.78 44.28 53.84
CA LYS B 40 -30.52 44.88 54.23
C LYS B 40 -30.57 45.03 55.73
N GLY B 41 -29.42 45.32 56.33
CA GLY B 41 -29.35 45.46 57.77
C GLY B 41 -28.87 46.83 58.20
N ARG B 42 -29.35 47.29 59.37
CA ARG B 42 -28.91 48.55 59.95
C ARG B 42 -28.71 48.40 61.44
N THR B 43 -27.69 49.10 61.94
CA THR B 43 -27.44 49.15 63.36
C THR B 43 -28.43 50.09 64.03
N LEU B 44 -28.85 49.74 65.24
CA LEU B 44 -29.70 50.58 66.05
C LEU B 44 -28.98 50.78 67.37
N LYS B 45 -29.24 51.91 68.02
CA LYS B 45 -28.52 52.24 69.23
C LYS B 45 -28.88 51.36 70.42
N LYS B 46 -30.11 50.86 70.44
CA LYS B 46 -30.65 50.20 71.65
C LYS B 46 -31.62 49.08 71.33
N ARG B 47 -31.74 48.12 72.24
CA ARG B 47 -32.70 47.03 72.10
C ARG B 47 -34.12 47.55 71.80
N ILE B 48 -34.84 46.88 70.92
CA ILE B 48 -36.19 47.29 70.56
C ILE B 48 -37.25 46.57 71.41
N THR B 49 -38.24 47.33 71.86
CA THR B 49 -39.32 46.76 72.68
C THR B 49 -40.73 47.02 72.14
N SER B 50 -40.84 47.78 71.06
CA SER B 50 -42.13 47.88 70.36
C SER B 50 -41.95 48.38 68.94
N ILE B 51 -42.85 47.99 68.04
CA ILE B 51 -42.75 48.33 66.62
C ILE B 51 -42.54 49.82 66.43
N ASP B 52 -43.06 50.60 67.37
CA ASP B 52 -43.02 52.06 67.31
C ASP B 52 -41.59 52.59 67.28
N GLN B 53 -40.66 51.84 67.86
CA GLN B 53 -39.28 52.28 67.95
C GLN B 53 -38.55 52.10 66.63
N LEU B 54 -39.15 51.31 65.76
CA LEU B 54 -38.50 51.01 64.48
C LEU B 54 -38.76 52.11 63.45
N PRO B 55 -37.67 52.68 62.92
CA PRO B 55 -37.63 53.79 61.96
C PRO B 55 -38.11 53.38 60.57
N GLU B 56 -38.71 54.30 59.82
CA GLU B 56 -38.97 54.07 58.42
C GLU B 56 -37.62 53.85 57.76
N TRP B 57 -37.64 53.39 56.53
CA TRP B 57 -36.39 53.24 55.79
C TRP B 57 -36.74 53.20 54.32
N ASN B 58 -35.75 52.98 53.48
CA ASN B 58 -35.98 53.00 52.06
C ASN B 58 -34.89 52.27 51.27
N PHE B 59 -35.14 52.12 49.97
CA PHE B 59 -34.21 51.44 49.09
C PHE B 59 -34.46 51.90 47.67
N ASP B 60 -33.62 51.43 46.76
CA ASP B 60 -33.71 51.79 45.35
C ASP B 60 -34.69 50.89 44.64
N GLY B 61 -35.93 51.35 44.49
CA GLY B 61 -36.99 50.54 43.94
C GLY B 61 -36.70 50.07 42.52
N SER B 62 -35.76 50.72 41.86
CA SER B 62 -35.40 50.39 40.47
C SER B 62 -34.49 49.16 40.38
N SER B 63 -33.84 48.84 41.49
CA SER B 63 -32.98 47.67 41.56
C SER B 63 -33.78 46.44 41.95
N THR B 64 -35.07 46.63 42.25
CA THR B 64 -35.94 45.52 42.63
C THR B 64 -37.23 45.46 41.84
N ASN B 65 -37.31 46.20 40.73
CA ASN B 65 -38.48 46.18 39.84
C ASN B 65 -39.75 46.67 40.54
N GLN B 66 -39.67 47.83 41.18
CA GLN B 66 -40.80 48.41 41.90
C GLN B 66 -40.93 49.90 41.58
N ALA B 67 -39.88 50.44 40.96
CA ALA B 67 -39.83 51.84 40.56
C ALA B 67 -39.09 51.98 39.24
N PRO B 68 -39.18 53.16 38.60
CA PRO B 68 -38.75 53.35 37.21
C PRO B 68 -37.32 53.86 37.03
N GLY B 69 -36.73 54.45 38.06
CA GLY B 69 -35.43 55.07 37.91
C GLY B 69 -35.58 56.57 37.99
N HIS B 70 -36.62 57.00 38.70
CA HIS B 70 -36.88 58.42 38.98
C HIS B 70 -38.10 58.47 39.90
N ASP B 73 -37.23 54.68 43.65
CA ASP B 73 -37.02 55.15 45.05
C ASP B 73 -38.14 54.91 46.10
N ILE B 74 -38.16 53.76 46.76
CA ILE B 74 -39.30 53.35 47.63
C ILE B 74 -39.02 53.31 49.14
N TYR B 75 -40.07 53.48 49.94
CA TYR B 75 -39.98 53.58 51.41
C TYR B 75 -40.46 52.33 52.18
N LEU B 76 -39.85 52.07 53.33
CA LEU B 76 -40.11 50.86 54.10
C LEU B 76 -40.77 51.13 55.43
N LYS B 77 -42.03 50.71 55.58
CA LYS B 77 -42.77 50.89 56.83
C LYS B 77 -42.79 49.60 57.65
N PRO B 78 -42.08 49.60 58.79
CA PRO B 78 -42.02 48.44 59.66
C PRO B 78 -43.43 47.97 59.98
N VAL B 79 -43.67 46.67 59.91
CA VAL B 79 -45.00 46.12 60.04
C VAL B 79 -45.04 45.06 61.13
N ALA B 80 -43.97 44.27 61.22
CA ALA B 80 -43.79 43.24 62.24
C ALA B 80 -42.31 43.06 62.51
N TYR B 81 -41.97 42.56 63.68
CA TYR B 81 -40.57 42.25 63.96
C TYR B 81 -40.42 41.04 64.87
N TYR B 82 -39.30 40.36 64.74
CA TYR B 82 -39.07 39.12 65.46
C TYR B 82 -37.59 39.02 65.76
N PRO B 83 -37.23 38.17 66.71
CA PRO B 83 -35.83 37.85 66.96
C PRO B 83 -35.21 37.20 65.73
N ASP B 84 -33.99 37.61 65.42
CA ASP B 84 -33.29 37.11 64.24
C ASP B 84 -32.68 35.75 64.56
N PRO B 85 -33.21 34.69 63.93
CA PRO B 85 -32.77 33.33 64.26
C PRO B 85 -31.34 33.13 63.81
N PHE B 86 -30.89 33.98 62.90
CA PHE B 86 -29.54 33.87 62.37
C PHE B 86 -28.55 34.69 63.19
N ARG B 87 -28.79 35.99 63.33
CA ARG B 87 -27.88 36.83 64.10
C ARG B 87 -28.01 36.57 65.59
N ARG B 88 -29.15 36.03 66.00
CA ARG B 88 -29.46 35.76 67.39
C ARG B 88 -29.17 36.94 68.31
N GLY B 89 -29.09 36.69 69.61
CA GLY B 89 -28.90 37.77 70.56
C GLY B 89 -30.08 38.70 70.51
N ASP B 90 -29.84 39.98 70.75
CA ASP B 90 -30.94 40.95 70.80
C ASP B 90 -31.12 41.51 69.43
N ASN B 91 -30.53 40.86 68.45
CA ASN B 91 -30.70 41.23 67.04
C ASN B 91 -32.07 40.80 66.53
N ILE B 92 -32.58 41.54 65.56
CA ILE B 92 -33.99 41.42 65.19
C ILE B 92 -34.23 41.45 63.67
N VAL B 93 -35.30 40.81 63.24
CA VAL B 93 -35.70 40.83 61.84
C VAL B 93 -36.97 41.68 61.72
N VAL B 94 -36.98 42.64 60.79
CA VAL B 94 -38.13 43.53 60.61
C VAL B 94 -38.84 43.35 59.26
N LEU B 95 -40.07 42.90 59.28
CA LEU B 95 -40.85 42.83 58.05
C LEU B 95 -41.42 44.20 57.71
N ALA B 96 -41.03 44.73 56.57
CA ALA B 96 -41.45 46.07 56.18
C ALA B 96 -42.32 46.06 54.93
N ALA B 97 -43.31 46.94 54.91
CA ALA B 97 -44.17 47.11 53.74
C ALA B 97 -43.67 48.26 52.85
N CYS B 98 -43.88 48.14 51.54
CA CYS B 98 -43.38 49.13 50.61
C CYS B 98 -44.40 50.19 50.23
N TYR B 99 -44.07 51.45 50.52
CA TYR B 99 -44.90 52.57 50.11
C TYR B 99 -44.10 53.48 49.20
N ASN B 100 -44.71 53.90 48.10
CA ASN B 100 -44.13 54.89 47.20
C ASN B 100 -44.03 56.26 47.89
N ASN B 101 -43.32 57.21 47.28
CA ASN B 101 -43.22 58.56 47.86
C ASN B 101 -44.53 59.33 47.92
N ASP B 102 -45.55 58.85 47.21
CA ASP B 102 -46.90 59.40 47.35
C ASP B 102 -47.42 59.21 48.76
N GLY B 103 -47.03 58.09 49.37
CA GLY B 103 -47.66 57.63 50.60
C GLY B 103 -48.51 56.43 50.22
N THR B 104 -48.73 56.27 48.91
CA THR B 104 -49.45 55.12 48.38
C THR B 104 -48.64 53.82 48.44
N PRO B 105 -49.32 52.71 48.68
CA PRO B 105 -48.72 51.37 48.68
C PRO B 105 -48.24 50.94 47.29
N ASN B 106 -46.97 50.60 47.22
CA ASN B 106 -46.33 50.18 45.98
C ASN B 106 -47.18 49.21 45.17
N LYS B 107 -46.91 49.14 43.86
CA LYS B 107 -47.55 48.17 42.98
C LYS B 107 -47.67 46.83 43.72
N PHE B 108 -46.60 46.42 44.41
CA PHE B 108 -46.51 45.06 44.93
C PHE B 108 -46.78 45.01 46.40
N ASN B 109 -47.29 46.09 46.95
CA ASN B 109 -47.76 46.05 48.32
C ASN B 109 -49.25 45.71 48.34
N HIS B 110 -49.56 44.47 48.70
CA HIS B 110 -50.95 44.06 48.81
C HIS B 110 -51.33 43.84 50.26
N ARG B 111 -50.42 44.17 51.16
CA ARG B 111 -50.70 44.04 52.57
C ARG B 111 -51.73 45.06 52.97
N HIS B 112 -51.59 46.26 52.42
CA HIS B 112 -52.47 47.36 52.80
C HIS B 112 -53.90 47.04 52.39
N GLU B 113 -54.09 46.69 51.12
CA GLU B 113 -55.44 46.38 50.66
C GLU B 113 -56.11 45.34 51.54
N ALA B 114 -55.45 44.20 51.75
CA ALA B 114 -55.98 43.14 52.62
C ALA B 114 -56.29 43.64 54.03
N ALA B 115 -55.38 44.38 54.62
CA ALA B 115 -55.59 44.92 55.95
C ALA B 115 -56.97 45.56 56.05
N LYS B 116 -57.34 46.36 55.05
CA LYS B 116 -58.67 46.99 55.01
C LYS B 116 -59.77 45.98 55.29
N LEU B 117 -59.78 44.89 54.52
CA LEU B 117 -60.78 43.85 54.69
C LEU B 117 -60.75 43.22 56.07
N PHE B 118 -59.56 42.93 56.57
CA PHE B 118 -59.44 42.30 57.89
C PHE B 118 -59.95 43.24 58.98
N ALA B 119 -59.69 44.54 58.78
CA ALA B 119 -60.10 45.54 59.76
C ALA B 119 -61.62 45.67 59.75
N ALA B 120 -62.19 45.65 58.55
CA ALA B 120 -63.63 45.69 58.41
C ALA B 120 -64.27 44.54 59.15
N HIS B 121 -63.82 43.33 58.88
CA HIS B 121 -64.46 42.16 59.44
C HIS B 121 -63.79 41.69 60.73
N LYS B 122 -63.19 42.63 61.46
CA LYS B 122 -62.61 42.33 62.76
C LYS B 122 -63.48 41.34 63.52
N ASP B 123 -64.78 41.59 63.48
CA ASP B 123 -65.74 40.87 64.29
C ASP B 123 -65.80 39.37 63.99
N GLU B 124 -65.60 39.01 62.74
CA GLU B 124 -65.64 37.60 62.35
C GLU B 124 -64.42 36.79 62.85
N GLU B 125 -63.30 37.48 63.08
CA GLU B 125 -62.09 36.81 63.49
C GLU B 125 -61.71 35.68 62.53
N ILE B 126 -61.38 35.99 61.28
CA ILE B 126 -60.96 34.96 60.34
C ILE B 126 -59.65 34.42 60.85
N TRP B 127 -59.50 33.11 60.76
CA TRP B 127 -58.25 32.42 61.04
C TRP B 127 -57.78 31.69 59.79
N PHE B 128 -56.48 31.74 59.55
CA PHE B 128 -55.89 31.04 58.43
C PHE B 128 -54.82 30.10 58.92
N GLY B 129 -54.60 29.04 58.15
CA GLY B 129 -53.47 28.17 58.35
C GLY B 129 -53.00 27.74 56.97
N LEU B 130 -51.80 28.15 56.60
CA LEU B 130 -51.30 27.83 55.26
C LEU B 130 -50.35 26.64 55.30
N GLU B 131 -50.42 25.78 54.27
CA GLU B 131 -49.54 24.63 54.16
C GLU B 131 -48.60 24.91 53.00
N GLN B 132 -47.44 25.45 53.31
CA GLN B 132 -46.49 25.87 52.29
C GLN B 132 -45.61 24.74 51.81
N GLU B 133 -45.81 24.34 50.56
CA GLU B 133 -44.98 23.32 49.97
C GLU B 133 -43.93 24.00 49.12
N TYR B 134 -42.72 23.45 49.09
CA TYR B 134 -41.62 24.00 48.30
C TYR B 134 -40.74 22.87 47.81
N THR B 135 -39.85 23.15 46.87
CA THR B 135 -39.02 22.12 46.28
C THR B 135 -37.57 22.59 46.26
N LEU B 136 -36.64 21.69 46.56
CA LEU B 136 -35.23 22.05 46.74
C LEU B 136 -34.41 21.98 45.44
N PHE B 137 -33.37 22.79 45.31
CA PHE B 137 -32.57 22.83 44.09
C PHE B 137 -31.07 23.06 44.29
N ASP B 138 -30.27 22.47 43.42
CA ASP B 138 -28.83 22.66 43.29
C ASP B 138 -28.44 24.10 43.17
N MET B 139 -27.18 24.37 43.43
CA MET B 139 -26.61 25.64 43.01
C MET B 139 -26.68 25.75 41.49
N TYR B 140 -26.86 24.60 40.85
CA TYR B 140 -26.88 24.48 39.39
C TYR B 140 -28.29 24.32 38.83
N ASP B 141 -29.27 24.62 39.66
CA ASP B 141 -30.65 24.67 39.21
C ASP B 141 -31.12 23.29 38.77
N ASP B 142 -30.58 22.26 39.41
CA ASP B 142 -31.11 20.92 39.22
C ASP B 142 -31.78 20.51 40.54
N VAL B 143 -32.79 19.64 40.48
CA VAL B 143 -33.45 19.25 41.71
C VAL B 143 -32.42 18.72 42.71
N TYR B 144 -32.49 19.21 43.94
CA TYR B 144 -31.48 18.90 44.93
C TYR B 144 -31.36 17.43 45.27
N GLY B 145 -30.17 16.89 45.01
CA GLY B 145 -29.85 15.54 45.47
C GLY B 145 -30.27 14.46 44.48
N TRP B 146 -30.95 14.89 43.43
CA TRP B 146 -31.38 13.95 42.45
C TRP B 146 -30.17 13.46 41.67
N PRO B 147 -30.16 12.16 41.34
CA PRO B 147 -29.21 11.50 40.44
C PRO B 147 -28.76 12.41 39.31
N LYS B 148 -27.46 12.37 39.04
CA LYS B 148 -26.85 13.27 38.10
C LYS B 148 -27.35 12.98 36.68
N GLY B 149 -28.13 13.91 36.14
CA GLY B 149 -28.66 13.74 34.80
C GLY B 149 -29.88 12.84 34.74
N GLY B 150 -30.17 12.16 35.84
CA GLY B 150 -31.31 11.25 35.89
C GLY B 150 -32.38 11.54 36.92
N TYR B 151 -32.95 10.48 37.50
CA TYR B 151 -34.11 10.58 38.40
C TYR B 151 -34.01 9.60 39.53
N PRO B 152 -34.59 9.95 40.68
CA PRO B 152 -34.72 9.02 41.81
C PRO B 152 -35.73 7.94 41.44
N ALA B 153 -35.95 6.99 42.33
CA ALA B 153 -37.00 6.01 42.11
C ALA B 153 -38.32 6.77 41.97
N PRO B 154 -39.38 6.09 41.51
CA PRO B 154 -40.67 6.79 41.36
C PRO B 154 -41.29 7.07 42.72
N GLN B 155 -42.20 8.04 42.73
CA GLN B 155 -42.80 8.52 43.96
C GLN B 155 -43.44 7.39 44.77
N GLY B 156 -43.56 7.61 46.07
CA GLY B 156 -44.17 6.63 46.95
C GLY B 156 -43.49 6.53 48.30
N PRO B 157 -42.18 6.29 48.28
CA PRO B 157 -41.42 6.12 49.51
C PRO B 157 -40.91 7.44 50.12
N TYR B 158 -41.24 8.58 49.51
CA TYR B 158 -40.67 9.86 49.95
C TYR B 158 -41.57 10.66 50.90
N TYR B 159 -42.88 10.60 50.66
CA TYR B 159 -43.85 11.26 51.53
C TYR B 159 -43.66 10.85 52.98
N CYS B 160 -43.38 11.82 53.84
CA CYS B 160 -43.17 11.54 55.25
C CYS B 160 -42.08 10.52 55.41
N GLY B 161 -41.13 10.52 54.48
CA GLY B 161 -40.11 9.52 54.46
C GLY B 161 -39.18 9.55 55.65
N VAL B 162 -38.51 8.42 55.86
CA VAL B 162 -37.40 8.33 56.80
C VAL B 162 -36.44 7.21 56.38
N GLY B 163 -35.14 7.53 56.41
CA GLY B 163 -34.12 6.70 55.82
C GLY B 163 -33.30 7.48 54.79
N ALA B 164 -32.05 7.07 54.62
CA ALA B 164 -31.10 7.81 53.80
C ALA B 164 -31.56 8.21 52.41
N GLY B 165 -32.16 7.32 51.65
CA GLY B 165 -32.52 7.78 50.33
C GLY B 165 -33.89 8.42 50.21
N LYS B 166 -34.61 8.39 51.31
CA LYS B 166 -36.05 8.64 51.29
C LYS B 166 -36.38 10.11 51.45
N VAL B 167 -35.38 10.92 51.77
CA VAL B 167 -35.62 12.29 52.13
C VAL B 167 -34.37 13.10 51.82
N TYR B 168 -34.52 14.37 51.44
CA TYR B 168 -33.36 15.16 51.04
C TYR B 168 -33.19 16.49 51.82
N ALA B 169 -32.00 16.68 52.38
CA ALA B 169 -31.64 17.93 53.09
C ALA B 169 -32.43 18.16 54.37
N ARG B 170 -32.76 17.09 55.09
CA ARG B 170 -33.57 17.21 56.29
C ARG B 170 -32.95 18.19 57.25
N ASP B 171 -31.63 18.22 57.32
CA ASP B 171 -30.96 19.10 58.25
C ASP B 171 -31.29 20.58 57.99
N MET B 172 -31.36 20.96 56.72
CA MET B 172 -31.71 22.31 56.36
C MET B 172 -33.14 22.59 56.76
N ILE B 173 -34.02 21.64 56.42
CA ILE B 173 -35.43 21.73 56.77
C ILE B 173 -35.70 21.91 58.29
N GLU B 174 -34.92 21.19 59.09
CA GLU B 174 -35.02 21.26 60.54
C GLU B 174 -34.50 22.60 61.04
N ALA B 175 -33.40 23.08 60.45
CA ALA B 175 -32.82 24.36 60.82
C ALA B 175 -33.87 25.46 60.64
N HIS B 176 -34.63 25.35 59.56
CA HIS B 176 -35.68 26.31 59.29
C HIS B 176 -36.75 26.24 60.36
N TYR B 177 -37.23 25.03 60.64
CA TYR B 177 -38.20 24.81 61.72
C TYR B 177 -37.74 25.53 63.00
N ARG B 178 -36.52 25.26 63.40
CA ARG B 178 -35.95 25.88 64.60
C ARG B 178 -35.99 27.40 64.48
N ALA B 179 -35.55 27.91 63.34
CA ALA B 179 -35.52 29.34 63.11
C ALA B 179 -36.89 29.93 63.35
N CYS B 180 -37.88 29.37 62.67
CA CYS B 180 -39.24 29.89 62.81
C CYS B 180 -39.69 29.90 64.26
N LEU B 181 -39.44 28.83 64.97
CA LEU B 181 -39.82 28.76 66.38
C LEU B 181 -39.10 29.84 67.19
N TYR B 182 -37.82 30.03 66.96
CA TYR B 182 -37.05 31.01 67.70
C TYR B 182 -37.68 32.38 67.49
N ALA B 183 -38.06 32.67 66.26
CA ALA B 183 -38.64 33.96 65.92
C ALA B 183 -40.01 34.08 66.51
N GLY B 184 -40.55 32.99 67.00
CA GLY B 184 -41.89 32.99 67.56
C GLY B 184 -43.01 32.94 66.54
N LEU B 185 -42.69 32.63 65.30
CA LEU B 185 -43.71 32.38 64.30
C LEU B 185 -44.64 31.22 64.68
N GLU B 186 -45.86 31.23 64.15
CA GLU B 186 -46.83 30.20 64.50
C GLU B 186 -46.68 29.02 63.57
N ILE B 187 -45.51 28.40 63.61
CA ILE B 187 -45.21 27.28 62.72
C ILE B 187 -45.72 25.99 63.33
N SER B 188 -46.76 25.44 62.73
CA SER B 188 -47.51 24.35 63.33
C SER B 188 -46.86 22.96 63.13
N GLY B 189 -46.11 22.79 62.05
CA GLY B 189 -45.53 21.51 61.78
C GLY B 189 -44.81 21.48 60.46
N ILE B 190 -44.12 20.38 60.20
CA ILE B 190 -43.37 20.25 58.98
C ILE B 190 -43.55 18.80 58.53
N ASN B 191 -43.33 18.51 57.24
CA ASN B 191 -43.39 17.13 56.73
C ASN B 191 -42.75 17.00 55.36
N ALA B 192 -42.16 15.86 55.07
CA ALA B 192 -41.58 15.65 53.75
C ALA B 192 -42.69 15.30 52.75
N GLU B 193 -42.65 15.90 51.56
CA GLU B 193 -43.73 15.69 50.61
C GLU B 193 -43.49 14.56 49.66
N VAL B 194 -44.44 14.37 48.75
CA VAL B 194 -44.50 13.20 47.90
C VAL B 194 -43.35 13.09 46.93
N MET B 195 -43.04 14.18 46.23
CA MET B 195 -41.91 14.23 45.31
C MET B 195 -40.64 14.32 46.12
N PRO B 196 -39.61 13.57 45.72
CA PRO B 196 -38.32 13.61 46.43
C PRO B 196 -37.73 15.03 46.46
N SER B 197 -37.18 15.42 47.60
CA SER B 197 -36.65 16.77 47.83
C SER B 197 -37.69 17.87 47.67
N GLN B 198 -38.93 17.54 48.02
CA GLN B 198 -40.02 18.49 48.13
C GLN B 198 -40.57 18.44 49.56
N TRP B 199 -40.74 19.60 50.19
CA TRP B 199 -41.12 19.64 51.58
C TRP B 199 -42.34 20.53 51.78
N GLU B 200 -42.87 20.51 53.00
CA GLU B 200 -43.98 21.37 53.40
C GLU B 200 -43.66 21.86 54.80
N PHE B 201 -44.06 23.10 55.10
CA PHE B 201 -44.21 23.54 56.49
C PHE B 201 -45.55 24.25 56.63
N GLN B 202 -46.16 24.15 57.80
CA GLN B 202 -47.46 24.78 57.97
C GLN B 202 -47.34 25.88 59.00
N VAL B 203 -48.03 26.98 58.73
CA VAL B 203 -48.07 28.09 59.66
C VAL B 203 -49.52 28.40 59.96
N GLY B 204 -49.87 28.37 61.24
CA GLY B 204 -51.21 28.68 61.65
C GLY B 204 -51.55 28.14 63.03
N PRO B 205 -52.69 28.57 63.58
CA PRO B 205 -53.59 29.52 62.91
C PRO B 205 -53.16 30.94 63.19
N CYS B 206 -53.33 31.84 62.25
CA CYS B 206 -52.99 33.24 62.43
C CYS B 206 -54.23 34.08 62.14
N THR B 207 -54.31 35.28 62.71
CA THR B 207 -55.48 36.11 62.45
C THR B 207 -55.24 37.23 61.44
N GLY B 208 -56.10 37.27 60.43
CA GLY B 208 -56.06 38.29 59.40
C GLY B 208 -54.70 38.57 58.75
N ILE B 209 -54.18 39.74 59.06
CA ILE B 209 -52.93 40.18 58.46
C ILE B 209 -51.75 39.33 58.94
N ASP B 210 -51.82 38.80 60.15
CA ASP B 210 -50.74 37.95 60.65
C ASP B 210 -50.39 36.79 59.76
N MET B 211 -51.38 36.20 59.13
CA MET B 211 -51.10 35.08 58.25
C MET B 211 -50.06 35.53 57.24
N GLY B 212 -50.40 36.55 56.48
CA GLY B 212 -49.46 37.09 55.49
C GLY B 212 -48.10 37.41 56.07
N ASP B 213 -48.07 38.18 57.15
CA ASP B 213 -46.82 38.60 57.73
C ASP B 213 -45.94 37.42 58.09
N GLN B 214 -46.51 36.47 58.82
CA GLN B 214 -45.75 35.32 59.28
C GLN B 214 -45.29 34.41 58.15
N LEU B 215 -46.15 34.13 57.19
CA LEU B 215 -45.73 33.28 56.09
C LEU B 215 -44.55 33.92 55.37
N TRP B 216 -44.66 35.21 55.11
CA TRP B 216 -43.59 35.91 54.42
C TRP B 216 -42.29 35.81 55.20
N MET B 217 -42.34 35.94 56.53
CA MET B 217 -41.13 35.81 57.33
C MET B 217 -40.61 34.39 57.27
N ALA B 218 -41.50 33.43 57.38
CA ALA B 218 -41.10 32.04 57.28
C ALA B 218 -40.35 31.80 55.96
N ARG B 219 -40.85 32.39 54.87
CA ARG B 219 -40.20 32.27 53.58
C ARG B 219 -38.82 32.93 53.59
N TYR B 220 -38.72 34.11 54.21
CA TYR B 220 -37.43 34.75 54.33
C TYR B 220 -36.50 33.73 55.00
N PHE B 221 -36.91 33.25 56.16
CA PHE B 221 -36.09 32.32 56.90
C PHE B 221 -35.65 31.12 56.07
N LEU B 222 -36.58 30.60 55.27
CA LEU B 222 -36.29 29.43 54.44
C LEU B 222 -35.19 29.73 53.42
N HIS B 223 -35.40 30.70 52.55
CA HIS B 223 -34.38 31.13 51.61
C HIS B 223 -33.05 31.35 52.31
N ARG B 224 -33.11 32.11 53.38
CA ARG B 224 -31.93 32.56 54.09
C ARG B 224 -31.17 31.39 54.73
N VAL B 225 -31.88 30.51 55.40
CA VAL B 225 -31.18 29.41 56.05
C VAL B 225 -30.62 28.44 55.00
N ALA B 226 -31.37 28.23 53.94
CA ALA B 226 -30.93 27.34 52.87
C ALA B 226 -29.66 27.83 52.18
N GLU B 227 -29.46 29.15 52.17
CA GLU B 227 -28.23 29.74 51.66
C GLU B 227 -27.07 28.99 52.28
N GLU B 228 -27.20 28.71 53.58
CA GLU B 228 -26.09 28.11 54.32
C GLU B 228 -25.81 26.69 53.87
N PHE B 229 -26.72 26.10 53.09
CA PHE B 229 -26.54 24.74 52.60
C PHE B 229 -26.37 24.73 51.09
N GLY B 230 -26.23 25.91 50.51
CA GLY B 230 -26.13 26.03 49.05
C GLY B 230 -27.35 25.49 48.33
N ILE B 231 -28.50 25.56 49.00
CA ILE B 231 -29.74 25.10 48.40
C ILE B 231 -30.63 26.28 48.01
N LYS B 232 -31.10 26.25 46.76
CA LYS B 232 -32.07 27.23 46.28
C LYS B 232 -33.48 26.72 46.59
N ILE B 233 -34.40 27.60 46.94
CA ILE B 233 -35.77 27.20 47.22
C ILE B 233 -36.73 27.60 46.10
N SER B 234 -37.58 26.66 45.68
CA SER B 234 -38.48 26.90 44.57
C SER B 234 -39.92 26.82 44.96
N PHE B 235 -40.63 27.93 44.81
CA PHE B 235 -42.05 27.95 45.09
C PHE B 235 -42.86 27.73 43.81
N HIS B 236 -42.19 27.34 42.74
CA HIS B 236 -42.90 27.00 41.52
C HIS B 236 -43.93 25.89 41.78
N PRO B 237 -45.13 26.02 41.19
CA PRO B 237 -46.25 25.07 41.33
C PRO B 237 -45.99 23.70 40.70
N LYS B 238 -45.09 23.62 39.75
CA LYS B 238 -44.82 22.36 39.08
C LYS B 238 -43.36 22.37 38.66
N PRO B 239 -42.47 22.13 39.63
CA PRO B 239 -41.03 22.26 39.41
C PRO B 239 -40.55 21.23 38.38
N LEU B 240 -41.18 20.06 38.36
CA LEU B 240 -40.85 19.05 37.37
C LEU B 240 -42.08 18.62 36.61
N LYS B 241 -42.00 18.67 35.29
CA LYS B 241 -43.12 18.29 34.45
C LYS B 241 -43.29 16.81 34.60
N GLY B 242 -44.51 16.33 34.44
CA GLY B 242 -44.75 14.91 34.50
C GLY B 242 -45.71 14.53 35.60
N ASP B 243 -45.45 13.37 36.22
CA ASP B 243 -46.29 12.89 37.30
C ASP B 243 -45.75 13.29 38.67
N TRP B 244 -44.54 13.86 38.68
CA TRP B 244 -43.96 14.39 39.90
C TRP B 244 -44.89 15.44 40.47
N ASN B 245 -45.17 15.34 41.76
CA ASN B 245 -46.13 16.22 42.40
C ASN B 245 -45.86 17.71 42.19
N GLY B 246 -46.94 18.47 42.14
CA GLY B 246 -46.83 19.92 42.06
C GLY B 246 -46.60 20.44 43.44
N ALA B 247 -46.64 21.76 43.61
CA ALA B 247 -46.46 22.37 44.92
C ALA B 247 -47.56 23.37 45.20
N GLY B 248 -48.32 23.14 46.26
CA GLY B 248 -49.44 23.99 46.59
C GLY B 248 -49.20 24.73 47.87
N CYS B 249 -50.13 25.64 48.18
CA CYS B 249 -50.15 26.31 49.46
C CYS B 249 -51.57 26.30 49.96
N HIS B 250 -52.05 25.09 50.25
CA HIS B 250 -53.39 24.91 50.82
C HIS B 250 -53.73 25.95 51.91
N ALA B 251 -54.68 26.85 51.63
CA ALA B 251 -55.13 27.79 52.66
C ALA B 251 -56.30 27.17 53.45
N ASN B 252 -56.10 26.98 54.74
CA ASN B 252 -57.18 26.56 55.64
C ASN B 252 -57.87 27.77 56.28
N VAL B 253 -59.20 27.78 56.29
CA VAL B 253 -59.97 28.96 56.69
C VAL B 253 -61.05 28.69 57.73
N SER B 254 -61.29 29.66 58.61
CA SER B 254 -62.40 29.57 59.57
C SER B 254 -62.73 30.91 60.21
N THR B 255 -64.02 31.15 60.46
CA THR B 255 -64.48 32.33 61.18
C THR B 255 -64.99 31.90 62.53
N LYS B 256 -65.22 32.85 63.42
CA LYS B 256 -65.65 32.51 64.78
C LYS B 256 -66.86 31.60 64.75
N GLU B 257 -67.82 31.92 63.91
CA GLU B 257 -69.03 31.11 63.81
C GLU B 257 -68.75 29.66 63.45
N MET B 258 -67.87 29.45 62.47
CA MET B 258 -67.52 28.09 62.02
C MET B 258 -66.84 27.27 63.11
N ARG B 259 -66.19 27.94 64.05
CA ARG B 259 -65.42 27.27 65.08
C ARG B 259 -66.28 26.87 66.25
N GLN B 260 -67.43 27.50 66.42
CA GLN B 260 -68.38 27.14 67.46
C GLN B 260 -69.42 26.16 66.92
N PRO B 261 -69.92 25.28 67.77
CA PRO B 261 -70.82 24.20 67.39
C PRO B 261 -71.91 24.67 66.44
N GLY B 262 -72.31 23.80 65.52
CA GLY B 262 -73.26 24.15 64.49
C GLY B 262 -72.57 24.94 63.39
N GLY B 263 -71.26 24.76 63.30
CA GLY B 263 -70.48 25.51 62.35
C GLY B 263 -70.64 25.12 60.90
N THR B 264 -70.70 23.80 60.59
CA THR B 264 -70.63 23.35 59.18
C THR B 264 -71.77 24.04 58.42
N LYS B 265 -72.66 24.68 59.16
CA LYS B 265 -73.66 25.55 58.56
C LYS B 265 -72.98 26.68 57.84
N TYR B 266 -72.25 27.50 58.57
CA TYR B 266 -71.55 28.64 58.00
C TYR B 266 -70.38 28.21 57.12
N ILE B 267 -69.78 27.06 57.43
CA ILE B 267 -68.75 26.49 56.58
C ILE B 267 -69.35 26.24 55.21
N GLU B 268 -70.52 25.59 55.19
CA GLU B 268 -71.18 25.28 53.93
C GLU B 268 -71.57 26.54 53.19
N GLN B 269 -72.03 27.53 53.94
CA GLN B 269 -72.35 28.84 53.38
C GLN B 269 -71.15 29.48 52.69
N ALA B 270 -70.02 29.51 53.39
CA ALA B 270 -68.80 30.04 52.85
C ALA B 270 -68.43 29.31 51.56
N ILE B 271 -68.45 27.97 51.62
CA ILE B 271 -68.07 27.16 50.47
C ILE B 271 -68.90 27.53 49.25
N GLU B 272 -70.16 27.87 49.47
CA GLU B 272 -71.03 28.21 48.36
C GLU B 272 -70.67 29.58 47.77
N LYS B 273 -70.45 30.57 48.64
CA LYS B 273 -70.03 31.88 48.16
C LYS B 273 -68.76 31.71 47.32
N LEU B 274 -67.87 30.88 47.83
CA LEU B 274 -66.59 30.60 47.19
C LEU B 274 -66.81 30.01 45.80
N SER B 275 -67.86 29.22 45.67
CA SER B 275 -68.15 28.53 44.44
C SER B 275 -68.54 29.52 43.36
N LYS B 276 -69.11 30.65 43.77
CA LYS B 276 -69.50 31.69 42.83
C LYS B 276 -68.33 32.56 42.37
N ARG B 277 -67.27 32.57 43.14
CA ARG B 277 -66.10 33.38 42.80
C ARG B 277 -64.85 32.56 42.51
N HIS B 278 -65.03 31.35 41.97
CA HIS B 278 -63.90 30.50 41.66
C HIS B 278 -62.92 31.18 40.70
N ALA B 279 -63.44 31.83 39.68
CA ALA B 279 -62.56 32.43 38.68
C ALA B 279 -61.74 33.58 39.25
N GLU B 280 -62.40 34.43 40.05
CA GLU B 280 -61.75 35.59 40.64
C GLU B 280 -60.64 35.17 41.62
N HIS B 281 -60.87 34.09 42.34
CA HIS B 281 -59.88 33.55 43.23
C HIS B 281 -58.70 32.97 42.45
N ILE B 282 -59.01 32.01 41.56
CA ILE B 282 -57.98 31.43 40.69
C ILE B 282 -57.06 32.48 40.10
N LYS B 283 -57.61 33.61 39.67
CA LYS B 283 -56.80 34.69 39.12
C LYS B 283 -55.72 35.17 40.10
N LEU B 284 -56.02 35.23 41.40
CA LEU B 284 -54.96 35.42 42.38
C LEU B 284 -54.24 34.07 42.48
N TYR B 285 -54.37 33.37 43.61
CA TYR B 285 -53.99 31.93 43.71
C TYR B 285 -52.76 31.33 42.96
N GLY B 286 -51.97 32.12 42.24
CA GLY B 286 -50.69 31.63 41.73
C GLY B 286 -50.55 31.46 40.24
N SER B 287 -49.38 31.86 39.74
CA SER B 287 -49.06 31.78 38.32
C SER B 287 -48.54 30.40 37.89
N ASP B 288 -48.72 30.09 36.61
CA ASP B 288 -48.71 28.71 36.09
C ASP B 288 -49.22 27.67 37.08
N ASN B 289 -50.28 28.01 37.81
CA ASN B 289 -50.97 27.03 38.62
C ASN B 289 -51.65 26.07 37.65
N ASP B 290 -51.75 26.52 36.40
CA ASP B 290 -52.35 25.72 35.32
C ASP B 290 -51.61 24.40 35.08
N MET B 291 -50.33 24.36 35.46
CA MET B 291 -49.60 23.10 35.35
C MET B 291 -49.73 22.23 36.60
N ARG B 292 -50.74 22.53 37.42
CA ARG B 292 -51.00 21.80 38.67
C ARG B 292 -52.48 21.43 38.88
N SER B 301 -58.74 20.65 39.34
CA SER B 301 -58.99 21.30 38.03
C SER B 301 -59.15 22.85 38.05
N MET B 302 -58.52 23.50 37.08
CA MET B 302 -58.38 24.95 37.05
C MET B 302 -59.67 25.68 36.74
N THR B 303 -60.56 25.01 36.02
CA THR B 303 -61.80 25.63 35.57
C THR B 303 -62.99 25.11 36.36
N ALA B 304 -62.84 23.90 36.90
CA ALA B 304 -63.90 23.29 37.67
C ALA B 304 -63.78 23.64 39.15
N PHE B 305 -64.93 23.88 39.78
CA PHE B 305 -64.99 24.07 41.22
C PHE B 305 -65.80 22.95 41.81
N SER B 306 -65.26 22.26 42.80
CA SER B 306 -66.01 21.25 43.50
C SER B 306 -65.64 21.26 44.95
N SER B 307 -66.49 20.62 45.77
CA SER B 307 -66.26 20.52 47.21
C SER B 307 -66.88 19.25 47.75
N GLY B 308 -66.33 18.78 48.85
CA GLY B 308 -66.82 17.59 49.50
C GLY B 308 -66.01 17.24 50.72
N VAL B 309 -66.61 16.47 51.62
CA VAL B 309 -65.91 15.98 52.80
C VAL B 309 -64.81 14.99 52.42
N ALA B 310 -63.75 14.95 53.23
CA ALA B 310 -62.60 14.09 52.97
C ALA B 310 -62.42 13.88 51.48
N ASN B 311 -61.93 14.91 50.82
CA ASN B 311 -61.83 14.86 49.38
C ASN B 311 -60.62 15.65 48.90
N ARG B 312 -59.49 14.95 48.77
CA ARG B 312 -58.25 15.57 48.28
C ARG B 312 -58.31 15.82 46.77
N GLY B 313 -59.47 15.55 46.17
CA GLY B 313 -59.68 15.81 44.76
C GLY B 313 -60.46 17.08 44.51
N SER B 314 -61.16 17.58 45.52
CA SER B 314 -62.01 18.75 45.31
C SER B 314 -61.23 20.05 45.42
N SER B 315 -61.90 21.14 45.07
CA SER B 315 -61.34 22.48 45.19
C SER B 315 -61.30 22.90 46.66
N ILE B 316 -62.38 22.61 47.39
CA ILE B 316 -62.44 22.86 48.82
C ILE B 316 -62.78 21.54 49.50
N ARG B 317 -62.06 21.24 50.57
CA ARG B 317 -62.22 19.95 51.23
C ARG B 317 -62.61 20.19 52.68
N ILE B 318 -63.69 19.54 53.11
CA ILE B 318 -64.03 19.58 54.52
C ILE B 318 -63.47 18.36 55.18
N PRO B 319 -62.54 18.55 56.12
CA PRO B 319 -61.88 17.44 56.82
C PRO B 319 -62.91 16.53 57.44
N ARG B 320 -62.76 15.22 57.30
CA ARG B 320 -63.73 14.29 57.87
C ARG B 320 -63.92 14.61 59.34
N SER B 321 -62.82 14.91 60.01
CA SER B 321 -62.82 15.32 61.41
C SER B 321 -63.84 16.44 61.66
N VAL B 322 -63.71 17.54 60.90
CA VAL B 322 -64.63 18.68 60.98
C VAL B 322 -66.07 18.25 60.76
N ALA B 323 -66.31 17.53 59.68
CA ALA B 323 -67.64 17.03 59.35
C ALA B 323 -68.25 16.24 60.51
N LYS B 324 -67.51 15.25 61.01
CA LYS B 324 -67.99 14.43 62.10
C LYS B 324 -68.34 15.26 63.34
N GLU B 325 -67.64 16.36 63.56
CA GLU B 325 -67.84 17.13 64.79
C GLU B 325 -68.77 18.32 64.63
N GLY B 326 -69.10 18.68 63.39
CA GLY B 326 -70.10 19.71 63.16
C GLY B 326 -69.61 21.14 63.20
N TYR B 327 -68.31 21.33 63.37
CA TYR B 327 -67.70 22.66 63.39
C TYR B 327 -66.21 22.54 63.10
N GLY B 328 -65.58 23.64 62.71
CA GLY B 328 -64.16 23.63 62.43
C GLY B 328 -63.76 24.59 61.32
N TYR B 329 -63.13 24.07 60.29
CA TYR B 329 -62.58 24.89 59.22
C TYR B 329 -62.69 24.16 57.89
N PHE B 330 -62.41 24.83 56.79
CA PHE B 330 -62.37 24.12 55.53
C PHE B 330 -61.00 24.33 54.89
N GLU B 331 -60.63 23.46 53.96
CA GLU B 331 -59.35 23.52 53.29
C GLU B 331 -59.56 23.91 51.84
N ASP B 332 -59.06 25.09 51.45
CA ASP B 332 -59.04 25.45 50.04
C ASP B 332 -57.75 24.92 49.42
N ARG B 333 -57.87 23.91 48.56
CA ARG B 333 -56.67 23.25 48.03
C ARG B 333 -56.22 23.87 46.73
N ARG B 334 -56.86 24.96 46.31
CA ARG B 334 -56.59 25.59 45.03
C ARG B 334 -55.30 26.42 44.96
N PRO B 335 -54.97 27.19 46.01
CA PRO B 335 -53.81 28.09 45.88
C PRO B 335 -52.49 27.37 45.63
N ALA B 336 -51.67 27.91 44.74
CA ALA B 336 -50.39 27.32 44.41
C ALA B 336 -49.31 27.75 45.39
N SER B 337 -48.21 27.02 45.36
CA SER B 337 -47.08 27.30 46.25
C SER B 337 -46.60 28.75 46.18
N ASN B 338 -46.67 29.34 44.99
CA ASN B 338 -46.10 30.66 44.77
C ASN B 338 -47.05 31.82 45.11
N ILE B 339 -48.13 31.54 45.82
CA ILE B 339 -49.12 32.58 46.09
C ILE B 339 -48.57 33.67 47.01
N ASP B 340 -49.11 34.88 46.89
CA ASP B 340 -48.92 35.91 47.90
C ASP B 340 -50.03 35.78 48.92
N PRO B 341 -49.68 35.39 50.16
CA PRO B 341 -50.62 35.18 51.26
C PRO B 341 -51.54 36.37 51.47
N TYR B 342 -51.03 37.58 51.30
CA TYR B 342 -51.85 38.79 51.40
C TYR B 342 -53.01 38.73 50.42
N LEU B 343 -52.73 38.35 49.18
CA LEU B 343 -53.77 38.23 48.18
C LEU B 343 -54.75 37.09 48.45
N VAL B 344 -54.24 35.93 48.82
CA VAL B 344 -55.11 34.81 49.11
C VAL B 344 -55.97 35.09 50.33
N THR B 345 -55.34 35.40 51.47
CA THR B 345 -56.12 35.64 52.68
C THR B 345 -57.04 36.84 52.51
N GLY B 346 -56.55 37.85 51.81
CA GLY B 346 -57.35 39.01 51.49
C GLY B 346 -58.63 38.68 50.74
N ILE B 347 -58.52 38.11 49.55
CA ILE B 347 -59.71 37.80 48.78
C ILE B 347 -60.57 36.72 49.46
N MET B 348 -59.96 35.87 50.28
CA MET B 348 -60.75 34.85 50.97
C MET B 348 -61.71 35.56 51.90
N CYS B 349 -61.19 36.51 52.65
CA CYS B 349 -62.02 37.30 53.55
C CYS B 349 -63.07 38.07 52.76
N GLU B 350 -62.64 38.73 51.69
CA GLU B 350 -63.54 39.50 50.84
C GLU B 350 -64.77 38.70 50.44
N THR B 351 -64.59 37.47 50.00
CA THR B 351 -65.73 36.72 49.49
C THR B 351 -66.44 35.90 50.55
N VAL B 352 -65.74 35.57 51.62
CA VAL B 352 -66.34 34.77 52.69
C VAL B 352 -67.07 35.66 53.67
N CYS B 353 -66.46 36.79 53.99
CA CYS B 353 -67.00 37.71 54.99
C CYS B 353 -67.76 38.87 54.37
N GLY B 354 -67.41 39.22 53.14
CA GLY B 354 -68.13 40.27 52.46
C GLY B 354 -67.29 41.40 51.91
N ALA B 355 -67.63 41.83 50.70
CA ALA B 355 -66.89 42.87 50.02
C ALA B 355 -66.95 44.21 50.77
N ILE B 356 -66.13 45.17 50.33
CA ILE B 356 -66.15 46.51 50.88
C ILE B 356 -66.02 47.48 49.71
N ASP B 357 -66.69 48.61 49.81
CA ASP B 357 -66.60 49.64 48.77
C ASP B 357 -65.27 50.34 48.96
N ASN B 358 -64.70 50.13 50.13
CA ASN B 358 -63.43 50.70 50.54
C ASN B 358 -62.24 49.96 49.90
N ALA B 359 -62.45 48.73 49.45
CA ALA B 359 -61.39 47.92 48.86
C ALA B 359 -61.87 46.81 47.89
N ASP B 360 -61.08 46.55 46.86
CA ASP B 360 -61.36 45.48 45.90
C ASP B 360 -60.12 44.60 45.69
N MET B 361 -60.16 43.38 46.26
CA MET B 361 -59.01 42.48 46.22
C MET B 361 -58.57 42.19 44.80
N THR B 362 -59.54 41.80 43.99
CA THR B 362 -59.21 41.39 42.64
C THR B 362 -58.65 42.56 41.85
N LYS B 363 -59.11 43.77 42.11
CA LYS B 363 -58.52 44.94 41.47
C LYS B 363 -57.07 45.14 41.92
N GLU B 364 -56.80 44.90 43.20
CA GLU B 364 -55.44 44.95 43.72
C GLU B 364 -54.59 44.01 42.87
N PHE B 365 -54.19 44.54 41.73
CA PHE B 365 -53.45 43.83 40.70
C PHE B 365 -53.02 44.95 39.80
N GLU B 366 -52.02 45.65 40.31
CA GLU B 366 -51.56 46.90 39.81
C GLU B 366 -50.07 46.73 39.42
N ARG C 21 -0.61 35.22 78.36
CA ARG C 21 -0.03 34.88 79.67
C ARG C 21 0.21 36.11 80.55
N GLY C 22 -0.76 36.98 80.64
CA GLY C 22 -0.56 38.26 81.29
C GLY C 22 -0.22 39.37 80.29
N ARG C 23 0.32 39.01 79.14
CA ARG C 23 0.74 40.00 78.16
C ARG C 23 -0.36 40.30 77.13
N ILE C 24 -0.11 41.32 76.32
CA ILE C 24 -1.08 41.82 75.35
C ILE C 24 -0.46 41.86 73.96
N ILE C 25 -1.25 41.59 72.93
CA ILE C 25 -0.74 41.76 71.57
C ILE C 25 -1.38 42.96 70.89
N ALA C 26 -0.55 43.85 70.37
CA ALA C 26 -1.05 45.01 69.64
C ALA C 26 -0.66 44.88 68.18
N GLU C 27 -1.65 44.80 67.31
CA GLU C 27 -1.36 44.77 65.88
C GLU C 27 -1.34 46.19 65.39
N TYR C 28 -0.21 46.63 64.88
CA TYR C 28 -0.14 47.95 64.29
C TYR C 28 -0.56 47.84 62.83
N VAL C 29 -1.48 48.71 62.43
CA VAL C 29 -1.98 48.72 61.08
C VAL C 29 -1.69 50.08 60.49
N TRP C 30 -1.19 50.11 59.26
CA TRP C 30 -0.97 51.39 58.60
C TRP C 30 -1.22 51.32 57.11
N ILE C 31 -1.14 52.48 56.45
CA ILE C 31 -1.44 52.61 55.03
C ILE C 31 -0.13 52.76 54.25
N ASP C 32 0.00 52.02 53.15
CA ASP C 32 1.26 52.00 52.38
C ASP C 32 1.28 52.88 51.13
N GLY C 33 2.35 52.69 50.35
CA GLY C 33 2.61 53.43 49.13
C GLY C 33 1.94 52.81 47.91
N THR C 34 1.13 51.80 48.17
CA THR C 34 0.16 51.32 47.20
C THR C 34 -1.17 51.67 47.86
N GLY C 35 -2.25 50.98 47.49
CA GLY C 35 -3.52 51.31 48.11
C GLY C 35 -3.95 50.41 49.24
N ASN C 36 -3.00 49.88 50.00
CA ASN C 36 -3.30 48.82 50.94
C ASN C 36 -2.96 49.10 52.38
N LEU C 37 -3.45 48.23 53.24
CA LEU C 37 -3.03 48.24 54.62
C LEU C 37 -1.83 47.30 54.79
N ARG C 38 -1.03 47.58 55.82
CA ARG C 38 0.04 46.71 56.20
C ARG C 38 -0.06 46.59 57.70
N SER C 39 0.45 45.47 58.22
CA SER C 39 0.48 45.31 59.67
C SER C 39 1.58 44.37 60.18
N LYS C 40 1.93 44.59 61.45
CA LYS C 40 2.73 43.67 62.20
C LYS C 40 2.27 43.75 63.63
N GLY C 41 2.61 42.74 64.43
CA GLY C 41 2.18 42.72 65.82
C GLY C 41 3.34 42.75 66.78
N ARG C 42 3.09 43.35 67.95
CA ARG C 42 4.06 43.34 69.04
C ARG C 42 3.39 43.02 70.39
N THR C 43 4.12 42.30 71.22
CA THR C 43 3.69 42.07 72.59
C THR C 43 3.89 43.32 73.45
N LEU C 44 2.93 43.56 74.35
CA LEU C 44 3.01 44.65 75.31
C LEU C 44 2.87 44.07 76.71
N LYS C 45 3.53 44.68 77.69
CA LYS C 45 3.57 44.11 79.04
C LYS C 45 2.21 44.05 79.73
N LYS C 46 1.33 45.00 79.40
CA LYS C 46 0.10 45.21 80.15
C LYS C 46 -1.05 45.69 79.28
N ARG C 47 -2.27 45.42 79.72
CA ARG C 47 -3.47 45.94 79.06
C ARG C 47 -3.42 47.45 78.83
N ILE C 48 -3.91 47.90 77.69
CA ILE C 48 -3.86 49.32 77.36
C ILE C 48 -5.15 50.02 77.76
N THR C 49 -5.03 51.24 78.30
CA THR C 49 -6.21 52.02 78.69
C THR C 49 -6.27 53.43 78.12
N SER C 50 -5.25 53.83 77.39
CA SER C 50 -5.32 55.07 76.62
C SER C 50 -4.23 55.12 75.54
N ILE C 51 -4.53 55.82 74.44
CA ILE C 51 -3.63 55.92 73.31
C ILE C 51 -2.22 56.28 73.75
N ASP C 52 -2.11 57.03 74.85
CA ASP C 52 -0.83 57.52 75.37
C ASP C 52 0.14 56.42 75.75
N GLN C 53 -0.39 55.27 76.14
CA GLN C 53 0.43 54.12 76.52
C GLN C 53 1.04 53.39 75.32
N LEU C 54 0.50 53.64 74.13
CA LEU C 54 1.00 53.00 72.93
C LEU C 54 2.27 53.68 72.38
N PRO C 55 3.34 52.90 72.24
CA PRO C 55 4.67 53.32 71.81
C PRO C 55 4.71 53.67 70.33
N GLU C 56 5.63 54.55 69.93
CA GLU C 56 5.92 54.74 68.52
C GLU C 56 6.51 53.44 68.00
N TRP C 57 6.59 53.30 66.69
CA TRP C 57 7.17 52.09 66.14
C TRP C 57 7.60 52.42 64.74
N ASN C 58 8.08 51.44 63.99
CA ASN C 58 8.60 51.73 62.66
C ASN C 58 8.68 50.50 61.79
N PHE C 59 9.01 50.72 60.52
CA PHE C 59 9.11 49.65 59.56
C PHE C 59 9.99 50.05 58.40
N ASP C 60 10.24 49.11 57.50
CA ASP C 60 11.05 49.36 56.34
C ASP C 60 10.22 49.95 55.22
N GLY C 61 10.24 51.28 55.10
CA GLY C 61 9.40 51.96 54.14
C GLY C 61 9.67 51.57 52.71
N SER C 62 10.85 50.98 52.47
CA SER C 62 11.27 50.56 51.13
C SER C 62 10.59 49.27 50.68
N SER C 63 10.07 48.52 51.65
CA SER C 63 9.36 47.29 51.37
C SER C 63 7.88 47.57 51.16
N THR C 64 7.47 48.83 51.33
CA THR C 64 6.07 49.21 51.17
C THR C 64 5.86 50.35 50.23
N ASN C 65 6.90 50.75 49.51
CA ASN C 65 6.81 51.87 48.57
C ASN C 65 6.51 53.21 49.25
N GLN C 66 7.28 53.53 50.28
CA GLN C 66 7.10 54.79 50.99
C GLN C 66 8.44 55.47 51.24
N ALA C 67 9.52 54.74 51.00
CA ALA C 67 10.88 55.22 51.18
C ALA C 67 11.84 54.59 50.15
N PRO C 68 13.05 55.15 50.00
CA PRO C 68 13.92 54.86 48.86
C PRO C 68 14.93 53.73 49.06
N GLY C 69 15.21 53.36 50.30
CA GLY C 69 16.27 52.38 50.53
C GLY C 69 17.47 53.08 51.14
N HIS C 70 17.19 54.18 51.82
CA HIS C 70 18.16 54.95 52.62
C HIS C 70 17.28 56.01 53.28
N ASP C 71 17.21 57.26 52.87
CA ASP C 71 16.19 58.07 53.55
C ASP C 71 14.85 57.28 53.76
N SER C 72 14.89 55.98 53.35
CA SER C 72 13.95 54.88 53.69
C SER C 72 13.61 54.84 55.16
N ASP C 73 12.92 53.78 55.58
CA ASP C 73 12.85 53.64 57.01
C ASP C 73 11.85 54.62 57.70
N ILE C 74 10.58 54.22 57.83
CA ILE C 74 9.52 55.11 58.30
C ILE C 74 8.99 54.80 59.72
N TYR C 75 8.42 55.82 60.39
CA TYR C 75 7.94 55.70 61.77
C TYR C 75 6.40 55.64 61.90
N LEU C 76 5.92 54.95 62.93
CA LEU C 76 4.48 54.75 63.14
C LEU C 76 3.98 55.45 64.39
N LYS C 77 3.11 56.44 64.22
CA LYS C 77 2.51 57.14 65.34
C LYS C 77 1.08 56.68 65.60
N PRO C 78 0.87 55.99 66.73
CA PRO C 78 -0.45 55.46 67.07
C PRO C 78 -1.45 56.59 67.03
N VAL C 79 -2.60 56.34 66.44
CA VAL C 79 -3.59 57.39 66.19
C VAL C 79 -4.94 57.00 66.76
N ALA C 80 -5.27 55.71 66.68
CA ALA C 80 -6.50 55.13 67.24
C ALA C 80 -6.23 53.70 67.60
N TYR C 81 -7.01 53.15 68.54
CA TYR C 81 -6.91 51.72 68.82
C TYR C 81 -8.23 51.13 69.22
N TYR C 82 -8.39 49.84 68.97
CA TYR C 82 -9.66 49.16 69.20
C TYR C 82 -9.36 47.74 69.63
N PRO C 83 -10.37 47.04 70.18
CA PRO C 83 -10.25 45.62 70.47
C PRO C 83 -10.07 44.87 69.17
N ASP C 84 -9.17 43.89 69.19
CA ASP C 84 -8.87 43.08 68.02
C ASP C 84 -9.97 42.02 67.86
N PRO C 85 -10.81 42.15 66.82
CA PRO C 85 -11.91 41.20 66.64
C PRO C 85 -11.37 39.84 66.31
N PHE C 86 -10.12 39.76 65.89
CA PHE C 86 -9.55 38.48 65.55
C PHE C 86 -8.86 37.84 66.74
N ARG C 87 -7.91 38.56 67.35
CA ARG C 87 -7.17 38.00 68.48
C ARG C 87 -8.02 37.96 69.72
N ARG C 88 -9.06 38.77 69.72
CA ARG C 88 -9.93 38.92 70.88
C ARG C 88 -9.19 39.06 72.21
N GLY C 89 -9.93 38.85 73.30
CA GLY C 89 -9.37 39.07 74.62
C GLY C 89 -9.00 40.52 74.81
N ASP C 90 -7.91 40.77 75.53
CA ASP C 90 -7.48 42.15 75.78
C ASP C 90 -6.52 42.59 74.71
N ASN C 91 -6.48 41.81 73.64
CA ASN C 91 -5.63 42.11 72.51
C ASN C 91 -6.25 43.23 71.71
N ILE C 92 -5.43 44.00 70.99
CA ILE C 92 -5.86 45.28 70.45
C ILE C 92 -5.28 45.56 69.05
N VAL C 93 -6.02 46.33 68.26
CA VAL C 93 -5.57 46.75 66.94
C VAL C 93 -5.25 48.23 67.01
N VAL C 94 -4.08 48.64 66.53
CA VAL C 94 -3.66 50.04 66.59
C VAL C 94 -3.49 50.65 65.20
N LEU C 95 -4.31 51.66 64.89
CA LEU C 95 -4.15 52.41 63.66
C LEU C 95 -3.02 53.43 63.81
N ALA C 96 -1.98 53.30 62.98
CA ALA C 96 -0.82 54.17 63.08
C ALA C 96 -0.61 54.98 61.80
N ALA C 97 -0.21 56.23 61.99
CA ALA C 97 0.08 57.12 60.87
C ALA C 97 1.56 57.10 60.59
N CYS C 98 1.93 57.30 59.32
CA CYS C 98 3.31 57.22 58.91
C CYS C 98 4.01 58.58 58.84
N TYR C 99 5.08 58.73 59.62
CA TYR C 99 5.91 59.93 59.59
C TYR C 99 7.34 59.54 59.18
N ASN C 100 7.94 60.29 58.26
CA ASN C 100 9.35 60.13 57.90
C ASN C 100 10.24 60.53 59.07
N ASN C 101 11.54 60.24 58.97
CA ASN C 101 12.46 60.62 60.04
C ASN C 101 12.62 62.11 60.24
N ASP C 102 12.13 62.92 59.29
CA ASP C 102 12.10 64.37 59.43
C ASP C 102 11.18 64.73 60.60
N GLY C 103 10.13 63.94 60.78
CA GLY C 103 9.02 64.30 61.63
C GLY C 103 7.88 64.70 60.71
N THR C 104 8.20 64.89 59.43
CA THR C 104 7.18 65.16 58.42
C THR C 104 6.34 63.93 58.09
N PRO C 105 5.07 64.15 57.77
CA PRO C 105 4.16 63.09 57.32
C PRO C 105 4.54 62.51 55.96
N ASN C 106 4.75 61.22 55.91
CA ASN C 106 5.08 60.51 54.68
C ASN C 106 4.28 60.97 53.47
N LYS C 107 4.83 60.71 52.28
CA LYS C 107 4.13 60.99 51.03
C LYS C 107 2.68 60.58 51.19
N PHE C 108 2.43 59.41 51.78
CA PHE C 108 1.09 58.81 51.76
C PHE C 108 0.35 58.99 53.05
N ASN C 109 0.87 59.84 53.91
CA ASN C 109 0.12 60.22 55.07
C ASN C 109 -0.69 61.47 54.74
N HIS C 110 -1.99 61.29 54.59
CA HIS C 110 -2.88 62.43 54.33
C HIS C 110 -3.78 62.69 55.54
N ARG C 111 -3.52 61.98 56.63
CA ARG C 111 -4.33 62.14 57.81
C ARG C 111 -3.96 63.44 58.45
N HIS C 112 -2.69 63.76 58.45
CA HIS C 112 -2.23 64.99 59.08
C HIS C 112 -2.84 66.21 58.39
N GLU C 113 -2.69 66.28 57.08
CA GLU C 113 -3.24 67.43 56.37
C GLU C 113 -4.70 67.63 56.69
N ALA C 114 -5.51 66.58 56.57
CA ALA C 114 -6.95 66.68 56.82
C ALA C 114 -7.24 67.13 58.26
N ALA C 115 -6.47 66.58 59.19
CA ALA C 115 -6.65 66.92 60.59
C ALA C 115 -6.64 68.43 60.77
N LYS C 116 -5.66 69.09 60.15
CA LYS C 116 -5.58 70.56 60.17
C LYS C 116 -6.95 71.20 59.89
N LEU C 117 -7.55 70.84 58.78
CA LEU C 117 -8.85 71.36 58.41
C LEU C 117 -9.94 71.07 59.42
N PHE C 118 -10.02 69.83 59.89
CA PHE C 118 -11.01 69.47 60.90
C PHE C 118 -10.80 70.25 62.20
N ALA C 119 -9.54 70.49 62.55
CA ALA C 119 -9.22 71.22 63.77
C ALA C 119 -9.63 72.67 63.61
N ALA C 120 -9.36 73.24 62.44
CA ALA C 120 -9.77 74.60 62.16
C ALA C 120 -11.28 74.76 62.27
N HIS C 121 -12.02 73.89 61.62
CA HIS C 121 -13.47 74.00 61.63
C HIS C 121 -14.17 73.16 62.71
N LYS C 122 -13.48 72.95 63.82
CA LYS C 122 -14.05 72.26 64.97
C LYS C 122 -15.47 72.70 65.18
N ASP C 123 -15.69 73.99 65.08
CA ASP C 123 -16.97 74.58 65.43
C ASP C 123 -18.12 74.08 64.56
N GLU C 124 -17.86 73.81 63.29
CA GLU C 124 -18.92 73.36 62.41
C GLU C 124 -19.38 71.94 62.70
N GLU C 125 -18.49 71.14 63.31
CA GLU C 125 -18.80 69.75 63.59
C GLU C 125 -19.23 68.98 62.34
N ILE C 126 -18.33 68.79 61.38
CA ILE C 126 -18.72 68.08 60.17
C ILE C 126 -18.92 66.66 60.56
N TRP C 127 -19.94 66.05 59.97
CA TRP C 127 -20.20 64.64 60.15
C TRP C 127 -20.13 63.96 58.80
N PHE C 128 -19.58 62.76 58.77
CA PHE C 128 -19.51 62.00 57.54
C PHE C 128 -20.12 60.62 57.75
N GLY C 129 -20.63 60.05 56.66
CA GLY C 129 -21.08 58.68 56.64
C GLY C 129 -20.69 58.15 55.29
N LEU C 130 -19.78 57.18 55.25
CA LEU C 130 -19.34 56.63 53.97
C LEU C 130 -20.06 55.32 53.68
N GLU C 131 -20.37 55.10 52.41
CA GLU C 131 -20.99 53.87 51.97
C GLU C 131 -19.97 53.13 51.11
N GLN C 132 -19.24 52.20 51.75
CA GLN C 132 -18.14 51.50 51.11
C GLN C 132 -18.61 50.29 50.34
N GLU C 133 -18.47 50.35 49.03
CA GLU C 133 -18.81 49.23 48.18
C GLU C 133 -17.50 48.53 47.83
N TYR C 134 -17.54 47.21 47.72
CA TYR C 134 -16.38 46.41 47.35
C TYR C 134 -16.85 45.21 46.59
N THR C 135 -15.91 44.51 45.96
CA THR C 135 -16.22 43.38 45.09
C THR C 135 -15.32 42.19 45.42
N LEU C 136 -15.90 40.99 45.51
CA LEU C 136 -15.21 39.79 45.98
C LEU C 136 -14.49 39.00 44.88
N PHE C 137 -13.34 38.41 45.19
CA PHE C 137 -12.55 37.69 44.19
C PHE C 137 -11.94 36.37 44.66
N ASP C 138 -11.83 35.42 43.72
CA ASP C 138 -11.06 34.18 43.85
C ASP C 138 -9.66 34.36 44.36
N MET C 139 -9.10 33.29 44.89
CA MET C 139 -7.67 33.25 45.06
C MET C 139 -7.00 33.39 43.71
N TYR C 140 -7.77 33.15 42.64
CA TYR C 140 -7.27 33.13 41.27
C TYR C 140 -7.64 34.41 40.52
N ASP C 141 -8.08 35.40 41.28
CA ASP C 141 -8.35 36.69 40.68
C ASP C 141 -9.52 36.67 39.69
N ASP C 142 -10.47 35.76 39.92
CA ASP C 142 -11.71 35.79 39.16
C ASP C 142 -12.82 36.18 40.12
N VAL C 143 -13.89 36.79 39.62
CA VAL C 143 -14.96 37.21 40.51
C VAL C 143 -15.45 36.05 41.39
N TYR C 144 -15.59 36.29 42.69
CA TYR C 144 -15.85 35.20 43.61
C TYR C 144 -17.18 34.51 43.37
N GLY C 145 -17.14 33.22 43.10
CA GLY C 145 -18.37 32.45 43.02
C GLY C 145 -19.04 32.48 41.65
N TRP C 146 -18.50 33.29 40.76
CA TRP C 146 -19.05 33.34 39.44
C TRP C 146 -18.72 32.06 38.69
N PRO C 147 -19.66 31.57 37.88
CA PRO C 147 -19.52 30.46 36.94
C PRO C 147 -18.14 30.40 36.30
N LYS C 148 -17.60 29.20 36.19
CA LYS C 148 -16.23 28.99 35.77
C LYS C 148 -16.08 29.40 34.30
N GLY C 149 -15.28 30.43 34.03
CA GLY C 149 -15.13 30.92 32.67
C GLY C 149 -16.29 31.72 32.09
N GLY C 150 -17.43 31.71 32.78
CA GLY C 150 -18.61 32.46 32.35
C GLY C 150 -19.18 33.51 33.31
N TYR C 151 -20.50 33.64 33.33
CA TYR C 151 -21.18 34.72 34.07
C TYR C 151 -22.43 34.27 34.76
N PRO C 152 -22.78 34.92 35.88
CA PRO C 152 -24.07 34.67 36.51
C PRO C 152 -25.17 35.18 35.62
N ALA C 153 -26.42 35.06 36.07
CA ALA C 153 -27.54 35.68 35.36
C ALA C 153 -27.31 37.19 35.36
N PRO C 154 -28.08 37.92 34.55
CA PRO C 154 -27.91 39.37 34.50
C PRO C 154 -28.36 40.02 35.77
N GLN C 155 -27.90 41.25 36.01
CA GLN C 155 -28.17 41.94 37.26
C GLN C 155 -29.65 42.13 37.49
N GLY C 156 -30.04 42.28 38.76
CA GLY C 156 -31.41 42.47 39.12
C GLY C 156 -31.82 41.74 40.38
N PRO C 157 -31.56 40.44 40.44
CA PRO C 157 -31.97 39.64 41.59
C PRO C 157 -30.93 39.68 42.70
N TYR C 158 -29.81 40.39 42.54
CA TYR C 158 -28.70 40.32 43.51
C TYR C 158 -28.71 41.41 44.57
N TYR C 159 -29.17 42.60 44.18
CA TYR C 159 -29.27 43.72 45.09
C TYR C 159 -30.15 43.39 46.28
N CYS C 160 -29.57 43.44 47.47
CA CYS C 160 -30.28 43.09 48.69
C CYS C 160 -30.88 41.69 48.59
N GLY C 161 -30.20 40.82 47.86
CA GLY C 161 -30.71 39.49 47.57
C GLY C 161 -30.82 38.58 48.76
N VAL C 162 -31.62 37.54 48.59
CA VAL C 162 -31.67 36.48 49.58
C VAL C 162 -32.10 35.18 48.90
N GLY C 163 -31.37 34.11 49.21
CA GLY C 163 -31.49 32.86 48.50
C GLY C 163 -30.14 32.41 47.94
N ALA C 164 -30.00 31.11 47.80
CA ALA C 164 -28.71 30.51 47.47
C ALA C 164 -27.95 31.14 46.28
N GLY C 165 -28.60 31.39 45.16
CA GLY C 165 -27.80 31.91 44.05
C GLY C 165 -27.67 33.43 44.03
N LYS C 166 -28.41 34.10 44.93
CA LYS C 166 -28.66 35.53 44.82
C LYS C 166 -27.56 36.35 45.51
N VAL C 167 -26.67 35.70 46.24
CA VAL C 167 -25.76 36.46 47.08
C VAL C 167 -24.52 35.60 47.27
N TYR C 168 -23.37 36.22 47.41
CA TYR C 168 -22.14 35.42 47.50
C TYR C 168 -21.31 35.72 48.74
N ALA C 169 -20.96 34.70 49.49
CA ALA C 169 -20.05 34.82 50.62
C ALA C 169 -20.64 35.60 51.78
N ARG C 170 -21.95 35.50 51.98
CA ARG C 170 -22.60 36.25 53.06
C ARG C 170 -21.91 36.01 54.40
N ASP C 171 -21.45 34.78 54.63
CA ASP C 171 -20.86 34.43 55.91
C ASP C 171 -19.64 35.28 56.19
N MET C 172 -18.85 35.53 55.15
CA MET C 172 -17.67 36.37 55.31
C MET C 172 -18.11 37.78 55.59
N ILE C 173 -19.09 38.25 54.84
CA ILE C 173 -19.63 39.60 55.01
C ILE C 173 -20.16 39.85 56.42
N GLU C 174 -20.87 38.87 56.96
CA GLU C 174 -21.39 38.91 58.31
C GLU C 174 -20.27 38.91 59.37
N ALA C 175 -19.25 38.09 59.15
CA ALA C 175 -18.12 38.05 60.05
C ALA C 175 -17.52 39.44 60.17
N HIS C 176 -17.40 40.11 59.04
CA HIS C 176 -16.83 41.44 59.03
C HIS C 176 -17.69 42.38 59.86
N TYR C 177 -18.99 42.40 59.58
CA TYR C 177 -19.94 43.19 60.36
C TYR C 177 -19.68 42.99 61.86
N ARG C 178 -19.71 41.74 62.30
CA ARG C 178 -19.44 41.39 63.70
C ARG C 178 -18.15 42.01 64.16
N ALA C 179 -17.10 41.80 63.37
CA ALA C 179 -15.77 42.31 63.70
C ALA C 179 -15.85 43.79 63.97
N CYS C 180 -16.46 44.51 63.05
CA CYS C 180 -16.49 45.95 63.15
C CYS C 180 -17.20 46.36 64.43
N LEU C 181 -18.33 45.71 64.72
CA LEU C 181 -19.08 46.01 65.93
C LEU C 181 -18.26 45.73 67.19
N TYR C 182 -17.54 44.61 67.20
CA TYR C 182 -16.73 44.23 68.35
C TYR C 182 -15.71 45.31 68.62
N ALA C 183 -15.11 45.82 67.55
CA ALA C 183 -14.06 46.83 67.66
C ALA C 183 -14.67 48.16 68.08
N GLY C 184 -16.00 48.22 68.07
CA GLY C 184 -16.69 49.44 68.41
C GLY C 184 -16.71 50.49 67.31
N LEU C 185 -16.41 50.10 66.08
CA LEU C 185 -16.53 51.00 64.94
C LEU C 185 -17.98 51.43 64.71
N GLU C 186 -18.16 52.60 64.12
CA GLU C 186 -19.50 53.10 63.90
C GLU C 186 -20.06 52.54 62.60
N ILE C 187 -20.16 51.22 62.55
CA ILE C 187 -20.68 50.57 61.35
C ILE C 187 -22.19 50.57 61.34
N SER C 188 -22.78 51.36 60.45
CA SER C 188 -24.21 51.62 60.47
C SER C 188 -25.11 50.53 59.83
N GLY C 189 -24.55 49.75 58.92
CA GLY C 189 -25.32 48.74 58.23
C GLY C 189 -24.58 48.09 57.08
N ILE C 190 -25.19 47.08 56.49
CA ILE C 190 -24.53 46.35 55.45
C ILE C 190 -25.63 45.99 54.45
N ASN C 191 -25.27 45.75 53.20
CA ASN C 191 -26.24 45.32 52.18
C ASN C 191 -25.58 44.71 50.95
N ALA C 192 -26.24 43.75 50.31
CA ALA C 192 -25.71 43.16 49.08
C ALA C 192 -25.98 44.10 47.93
N GLU C 193 -24.97 44.32 47.10
CA GLU C 193 -25.11 45.25 46.00
C GLU C 193 -25.63 44.63 44.71
N VAL C 194 -25.68 45.46 43.67
CA VAL C 194 -26.36 45.12 42.44
C VAL C 194 -25.66 44.06 41.64
N MET C 195 -24.35 44.21 41.46
CA MET C 195 -23.51 43.20 40.82
C MET C 195 -23.32 42.00 41.74
N PRO C 196 -23.48 40.78 41.22
CA PRO C 196 -23.31 39.59 42.06
C PRO C 196 -21.93 39.56 42.71
N SER C 197 -21.85 39.18 43.97
CA SER C 197 -20.61 39.15 44.75
C SER C 197 -19.97 40.51 44.94
N GLN C 198 -20.81 41.53 44.93
CA GLN C 198 -20.45 42.90 45.26
C GLN C 198 -21.27 43.36 46.49
N TRP C 199 -20.60 43.93 47.49
CA TRP C 199 -21.27 44.27 48.74
C TRP C 199 -21.01 45.70 49.11
N GLU C 200 -21.71 46.15 50.15
CA GLU C 200 -21.51 47.47 50.70
C GLU C 200 -21.55 47.34 52.22
N PHE C 201 -20.76 48.16 52.92
CA PHE C 201 -20.99 48.41 54.33
C PHE C 201 -20.89 49.90 54.54
N GLN C 202 -21.69 50.43 55.48
CA GLN C 202 -21.70 51.86 55.75
C GLN C 202 -21.15 52.15 57.13
N VAL C 203 -20.30 53.17 57.21
CA VAL C 203 -19.78 53.60 58.50
C VAL C 203 -20.12 55.04 58.72
N GLY C 204 -20.82 55.32 59.82
CA GLY C 204 -21.16 56.69 60.14
C GLY C 204 -22.32 56.78 61.11
N PRO C 205 -22.58 57.98 61.63
CA PRO C 205 -21.80 59.17 61.30
C PRO C 205 -20.55 59.28 62.19
N CYS C 206 -19.45 59.79 61.62
CA CYS C 206 -18.22 60.00 62.37
C CYS C 206 -17.84 61.46 62.26
N THR C 207 -17.05 61.95 63.22
CA THR C 207 -16.68 63.36 63.17
C THR C 207 -15.28 63.54 62.69
N GLY C 208 -15.13 64.35 61.66
CA GLY C 208 -13.82 64.76 61.18
C GLY C 208 -12.86 63.63 60.90
N ILE C 209 -11.80 63.57 61.68
CA ILE C 209 -10.76 62.59 61.44
C ILE C 209 -11.27 61.17 61.70
N ASP C 210 -12.23 61.03 62.59
CA ASP C 210 -12.77 59.71 62.86
C ASP C 210 -13.22 58.97 61.63
N MET C 211 -13.90 59.65 60.72
CA MET C 211 -14.38 59.00 59.53
C MET C 211 -13.24 58.25 58.86
N GLY C 212 -12.17 58.97 58.55
CA GLY C 212 -11.00 58.35 57.97
C GLY C 212 -10.48 57.20 58.82
N ASP C 213 -10.27 57.45 60.11
CA ASP C 213 -9.70 56.41 60.97
C ASP C 213 -10.54 55.13 60.93
N GLN C 214 -11.84 55.29 61.12
CA GLN C 214 -12.72 54.13 61.20
C GLN C 214 -12.85 53.37 59.88
N LEU C 215 -13.04 54.08 58.78
CA LEU C 215 -13.16 53.40 57.49
C LEU C 215 -11.91 52.59 57.20
N TRP C 216 -10.74 53.19 57.44
CA TRP C 216 -9.50 52.47 57.27
C TRP C 216 -9.45 51.21 58.13
N MET C 217 -9.86 51.28 59.39
CA MET C 217 -9.89 50.06 60.20
C MET C 217 -10.88 49.03 59.66
N ALA C 218 -12.07 49.51 59.27
CA ALA C 218 -13.07 48.63 58.69
C ALA C 218 -12.48 47.90 57.51
N ARG C 219 -11.74 48.62 56.67
CA ARG C 219 -11.05 48.01 55.55
C ARG C 219 -10.01 46.97 56.00
N TYR C 220 -9.20 47.30 57.01
CA TYR C 220 -8.28 46.33 57.54
C TYR C 220 -9.07 45.07 57.93
N PHE C 221 -10.16 45.26 58.66
CA PHE C 221 -10.95 44.13 59.10
C PHE C 221 -11.46 43.33 57.93
N LEU C 222 -11.89 44.01 56.88
CA LEU C 222 -12.45 43.35 55.71
C LEU C 222 -11.42 42.45 55.05
N HIS C 223 -10.32 43.03 54.58
CA HIS C 223 -9.22 42.24 54.05
C HIS C 223 -8.85 41.05 54.95
N ARG C 224 -8.64 41.34 56.22
CA ARG C 224 -8.13 40.40 57.16
C ARG C 224 -9.10 39.25 57.41
N VAL C 225 -10.38 39.56 57.53
CA VAL C 225 -11.37 38.53 57.80
C VAL C 225 -11.55 37.68 56.56
N ALA C 226 -11.54 38.33 55.42
CA ALA C 226 -11.72 37.59 54.17
C ALA C 226 -10.57 36.61 53.92
N GLU C 227 -9.39 36.89 54.45
CA GLU C 227 -8.27 35.99 54.34
C GLU C 227 -8.75 34.62 54.74
N GLU C 228 -9.51 34.60 55.83
CA GLU C 228 -9.98 33.36 56.41
C GLU C 228 -10.93 32.58 55.48
N PHE C 229 -11.41 33.21 54.42
CA PHE C 229 -12.31 32.56 53.47
C PHE C 229 -11.67 32.44 52.12
N GLY C 230 -10.37 32.74 52.06
CA GLY C 230 -9.65 32.73 50.80
C GLY C 230 -10.24 33.67 49.78
N ILE C 231 -10.84 34.77 50.27
CA ILE C 231 -11.40 35.77 49.41
C ILE C 231 -10.54 37.03 49.38
N LYS C 232 -10.26 37.51 48.15
CA LYS C 232 -9.56 38.78 47.92
C LYS C 232 -10.58 39.89 47.79
N ILE C 233 -10.29 41.04 48.38
CA ILE C 233 -11.24 42.16 48.32
C ILE C 233 -10.80 43.24 47.35
N SER C 234 -11.71 43.66 46.47
CA SER C 234 -11.37 44.62 45.43
C SER C 234 -12.07 45.96 45.58
N PHE C 235 -11.29 47.03 45.77
CA PHE C 235 -11.86 48.35 45.85
C PHE C 235 -11.81 49.09 44.51
N HIS C 236 -11.51 48.35 43.46
CA HIS C 236 -11.54 48.91 42.13
C HIS C 236 -12.94 49.40 41.78
N PRO C 237 -13.02 50.59 41.16
CA PRO C 237 -14.27 51.27 40.80
C PRO C 237 -15.09 50.57 39.74
N LYS C 238 -14.45 49.75 38.91
CA LYS C 238 -15.16 49.04 37.87
C LYS C 238 -14.50 47.69 37.69
N PRO C 239 -14.83 46.73 38.56
CA PRO C 239 -14.12 45.46 38.62
C PRO C 239 -14.36 44.70 37.34
N LEU C 240 -15.56 44.85 36.78
CA LEU C 240 -15.89 44.19 35.55
C LEU C 240 -16.38 45.19 34.54
N LYS C 241 -15.78 45.15 33.36
CA LYS C 241 -16.17 46.06 32.31
C LYS C 241 -17.54 45.68 31.82
N GLY C 242 -18.30 46.65 31.36
CA GLY C 242 -19.61 46.37 30.83
C GLY C 242 -20.72 47.06 31.58
N ASP C 243 -21.86 46.38 31.71
CA ASP C 243 -22.99 46.95 32.43
C ASP C 243 -22.99 46.57 33.90
N TRP C 244 -22.09 45.67 34.29
CA TRP C 244 -21.95 45.28 35.68
C TRP C 244 -21.60 46.51 36.50
N ASN C 245 -22.31 46.69 37.60
CA ASN C 245 -22.16 47.89 38.39
C ASN C 245 -20.74 48.20 38.81
N GLY C 246 -20.46 49.50 38.94
CA GLY C 246 -19.19 49.97 39.41
C GLY C 246 -19.19 49.92 40.92
N ALA C 247 -18.16 50.43 41.56
CA ALA C 247 -18.09 50.41 43.01
C ALA C 247 -17.71 51.79 43.52
N GLY C 248 -18.61 52.36 44.32
CA GLY C 248 -18.41 53.69 44.81
C GLY C 248 -18.23 53.71 46.30
N CYS C 249 -17.96 54.89 46.84
CA CYS C 249 -17.89 55.10 48.26
C CYS C 249 -18.61 56.42 48.54
N HIS C 250 -19.91 56.43 48.29
CA HIS C 250 -20.73 57.60 48.52
C HIS C 250 -20.40 58.26 49.87
N ALA C 251 -19.90 59.50 49.84
CA ALA C 251 -19.64 60.24 51.08
C ALA C 251 -20.85 61.10 51.45
N ASN C 252 -21.46 60.84 52.61
CA ASN C 252 -22.58 61.63 53.11
C ASN C 252 -22.05 62.69 54.05
N VAL C 253 -22.53 63.92 53.92
CA VAL C 253 -21.93 65.05 54.62
C VAL C 253 -22.98 65.89 55.32
N SER C 254 -22.59 66.46 56.47
CA SER C 254 -23.41 67.44 57.17
C SER C 254 -22.62 68.25 58.21
N THR C 255 -23.02 69.51 58.39
CA THR C 255 -22.47 70.36 59.45
C THR C 255 -23.58 70.65 60.45
N LYS C 256 -23.21 71.17 61.62
CA LYS C 256 -24.21 71.39 62.67
C LYS C 256 -25.39 72.17 62.15
N GLU C 257 -25.13 73.22 61.37
CA GLU C 257 -26.19 74.05 60.80
C GLU C 257 -27.19 73.24 59.96
N MET C 258 -26.66 72.37 59.12
CA MET C 258 -27.49 71.60 58.21
C MET C 258 -28.38 70.65 58.96
N ARG C 259 -27.96 70.29 60.17
CA ARG C 259 -28.68 69.29 60.95
C ARG C 259 -29.81 69.90 61.77
N GLN C 260 -29.74 71.20 62.01
CA GLN C 260 -30.79 71.93 62.71
C GLN C 260 -31.74 72.53 61.72
N PRO C 261 -33.01 72.67 62.11
CA PRO C 261 -34.09 73.12 61.24
C PRO C 261 -33.68 74.32 60.39
N GLY C 262 -34.20 74.38 59.16
CA GLY C 262 -33.81 75.41 58.21
C GLY C 262 -32.44 75.10 57.64
N GLY C 263 -32.09 73.83 57.63
CA GLY C 263 -30.80 73.39 57.13
C GLY C 263 -30.63 73.39 55.62
N THR C 264 -31.65 72.99 54.83
CA THR C 264 -31.44 72.81 53.39
C THR C 264 -30.93 74.13 52.81
N LYS C 265 -31.01 75.19 53.61
CA LYS C 265 -30.37 76.46 53.29
C LYS C 265 -28.88 76.22 53.13
N TYR C 266 -28.23 75.89 54.24
CA TYR C 266 -26.80 75.63 54.24
C TYR C 266 -26.41 74.39 53.43
N ILE C 267 -27.29 73.41 53.36
CA ILE C 267 -27.07 72.29 52.47
C ILE C 267 -26.95 72.79 51.04
N GLU C 268 -27.90 73.59 50.60
CA GLU C 268 -27.87 74.14 49.25
C GLU C 268 -26.62 74.99 49.04
N GLN C 269 -26.26 75.78 50.04
CA GLN C 269 -25.07 76.59 49.97
C GLN C 269 -23.85 75.72 49.73
N ALA C 270 -23.74 74.65 50.50
CA ALA C 270 -22.61 73.74 50.37
C ALA C 270 -22.55 73.13 48.98
N ILE C 271 -23.69 72.67 48.50
CA ILE C 271 -23.77 72.03 47.20
C ILE C 271 -23.28 72.98 46.11
N GLU C 272 -23.57 74.27 46.26
CA GLU C 272 -23.11 75.21 45.28
C GLU C 272 -21.59 75.39 45.35
N LYS C 273 -21.01 75.53 46.55
CA LYS C 273 -19.56 75.67 46.67
C LYS C 273 -18.96 74.46 45.99
N LEU C 274 -19.57 73.31 46.26
CA LEU C 274 -19.09 72.06 45.72
C LEU C 274 -19.09 72.08 44.20
N SER C 275 -20.07 72.75 43.62
CA SER C 275 -20.23 72.79 42.17
C SER C 275 -19.09 73.56 41.55
N LYS C 276 -18.49 74.47 42.30
CA LYS C 276 -17.40 75.28 41.77
C LYS C 276 -16.08 74.53 41.82
N ARG C 277 -16.01 73.51 42.67
CA ARG C 277 -14.78 72.75 42.83
C ARG C 277 -14.92 71.28 42.43
N HIS C 278 -15.78 71.01 41.45
CA HIS C 278 -15.98 69.67 40.95
C HIS C 278 -14.69 69.03 40.45
N ALA C 279 -13.90 69.77 39.68
CA ALA C 279 -12.68 69.20 39.13
C ALA C 279 -11.67 68.87 40.20
N GLU C 280 -11.52 69.77 41.18
CA GLU C 280 -10.54 69.60 42.27
C GLU C 280 -10.86 68.40 43.14
N HIS C 281 -12.14 68.17 43.37
CA HIS C 281 -12.65 67.00 44.07
C HIS C 281 -12.43 65.71 43.28
N ILE C 282 -12.99 65.65 42.08
CA ILE C 282 -12.76 64.51 41.18
C ILE C 282 -11.30 64.06 41.18
N LYS C 283 -10.37 65.01 41.16
CA LYS C 283 -8.94 64.70 41.15
C LYS C 283 -8.55 63.84 42.36
N LEU C 284 -9.13 64.11 43.53
CA LEU C 284 -9.00 63.16 44.63
C LEU C 284 -9.94 62.00 44.29
N TYR C 285 -11.01 61.81 45.05
CA TYR C 285 -12.14 60.94 44.62
C TYR C 285 -11.93 59.58 43.88
N GLY C 286 -10.69 59.16 43.65
CA GLY C 286 -10.43 57.82 43.13
C GLY C 286 -9.93 57.66 41.71
N SER C 287 -8.96 56.77 41.55
CA SER C 287 -8.36 56.46 40.26
C SER C 287 -9.20 55.50 39.41
N ASP C 288 -9.00 55.59 38.09
CA ASP C 288 -9.94 55.07 37.09
C ASP C 288 -11.42 55.15 37.50
N ASN C 289 -11.79 56.23 38.18
CA ASN C 289 -13.19 56.48 38.46
C ASN C 289 -13.84 56.77 37.11
N ASP C 290 -12.99 57.05 36.12
CA ASP C 290 -13.46 57.35 34.77
C ASP C 290 -14.21 56.19 34.17
N MET C 291 -13.95 54.97 34.64
CA MET C 291 -14.71 53.83 34.16
C MET C 291 -15.98 53.57 34.97
N ARG C 292 -16.36 54.55 35.78
CA ARG C 292 -17.59 54.55 36.56
C ARG C 292 -18.18 55.95 36.37
N LEU C 293 -18.27 56.86 37.32
CA LEU C 293 -18.69 58.18 36.79
C LEU C 293 -18.43 58.30 35.25
N THR C 294 -19.49 58.14 34.43
CA THR C 294 -19.34 57.72 33.01
C THR C 294 -20.38 58.21 31.97
N GLY C 295 -21.63 58.41 32.41
CA GLY C 295 -22.71 58.89 31.55
C GLY C 295 -23.82 57.89 31.35
N ALA C 300 -23.87 58.44 35.74
CA ALA C 300 -23.35 59.69 36.32
C ALA C 300 -22.12 60.09 35.53
N SER C 301 -21.60 61.31 35.70
CA SER C 301 -20.57 61.82 34.76
C SER C 301 -19.32 62.51 35.35
N MET C 302 -18.16 62.22 34.77
CA MET C 302 -16.87 62.63 35.32
C MET C 302 -16.57 64.11 35.15
N THR C 303 -17.19 64.70 34.14
CA THR C 303 -16.91 66.08 33.80
C THR C 303 -18.08 66.95 34.16
N ALA C 304 -19.27 66.36 34.17
CA ALA C 304 -20.47 67.11 34.53
C ALA C 304 -20.74 67.10 36.03
N PHE C 305 -21.16 68.24 36.55
CA PHE C 305 -21.63 68.30 37.93
C PHE C 305 -23.10 68.65 37.94
N SER C 306 -23.89 67.86 38.66
CA SER C 306 -25.29 68.17 38.81
C SER C 306 -25.76 67.77 40.19
N SER C 307 -26.90 68.31 40.62
CA SER C 307 -27.45 67.99 41.91
C SER C 307 -28.96 68.09 41.83
N GLY C 308 -29.62 67.38 42.73
CA GLY C 308 -31.07 67.38 42.80
C GLY C 308 -31.59 66.46 43.88
N VAL C 309 -32.81 66.71 44.34
CA VAL C 309 -33.43 65.86 45.34
C VAL C 309 -33.73 64.51 44.73
N ALA C 310 -33.70 63.48 45.58
CA ALA C 310 -33.97 62.11 45.16
C ALA C 310 -33.49 61.89 43.73
N ASN C 311 -32.18 61.81 43.57
CA ASN C 311 -31.61 61.77 42.25
C ASN C 311 -30.32 60.93 42.27
N ARG C 312 -30.47 59.63 42.02
CA ARG C 312 -29.32 58.73 41.98
C ARG C 312 -28.52 58.91 40.69
N GLY C 313 -28.90 59.91 39.91
CA GLY C 313 -28.21 60.27 38.68
C GLY C 313 -27.29 61.47 38.83
N SER C 314 -27.51 62.27 39.85
CA SER C 314 -26.73 63.48 40.02
C SER C 314 -25.39 63.24 40.72
N SER C 315 -24.56 64.26 40.74
CA SER C 315 -23.29 64.22 41.43
C SER C 315 -23.54 64.28 42.94
N ILE C 316 -24.40 65.19 43.35
CA ILE C 316 -24.81 65.29 44.76
C ILE C 316 -26.32 65.08 44.82
N ARG C 317 -26.77 64.29 45.78
CA ARG C 317 -28.16 63.94 45.89
C ARG C 317 -28.68 64.32 47.26
N ILE C 318 -29.76 65.10 47.29
CA ILE C 318 -30.43 65.42 48.54
C ILE C 318 -31.53 64.41 48.72
N PRO C 319 -31.42 63.57 49.75
CA PRO C 319 -32.41 62.53 50.07
C PRO C 319 -33.81 63.12 50.19
N ARG C 320 -34.81 62.50 49.57
CA ARG C 320 -36.16 63.06 49.60
C ARG C 320 -36.53 63.32 51.04
N SER C 321 -36.14 62.40 51.91
CA SER C 321 -36.38 62.53 53.35
C SER C 321 -35.87 63.87 53.88
N VAL C 322 -34.60 64.16 53.62
CA VAL C 322 -34.01 65.44 54.02
C VAL C 322 -34.83 66.60 53.49
N ALA C 323 -35.06 66.61 52.19
CA ALA C 323 -35.81 67.65 51.50
C ALA C 323 -37.16 67.91 52.20
N LYS C 324 -37.92 66.84 52.40
CA LYS C 324 -39.23 66.93 53.01
C LYS C 324 -39.14 67.50 54.43
N GLU C 325 -38.05 67.27 55.12
CA GLU C 325 -37.97 67.73 56.50
C GLU C 325 -37.23 69.03 56.73
N GLY C 326 -36.52 69.52 55.72
CA GLY C 326 -35.91 70.84 55.76
C GLY C 326 -34.53 70.92 56.41
N TYR C 327 -34.01 69.78 56.81
CA TYR C 327 -32.68 69.70 57.39
C TYR C 327 -32.18 68.27 57.31
N GLY C 328 -30.87 68.09 57.47
CA GLY C 328 -30.26 66.78 57.35
C GLY C 328 -28.86 66.78 56.76
N TYR C 329 -28.65 66.03 55.68
CA TYR C 329 -27.35 65.88 55.06
C TYR C 329 -27.50 65.71 53.55
N PHE C 330 -26.39 65.75 52.82
CA PHE C 330 -26.42 65.49 51.39
C PHE C 330 -25.51 64.30 51.06
N GLU C 331 -25.77 63.67 49.93
CA GLU C 331 -25.00 62.52 49.49
C GLU C 331 -24.15 62.88 48.27
N ASP C 332 -22.83 62.92 48.43
CA ASP C 332 -21.93 63.07 47.30
C ASP C 332 -21.66 61.69 46.71
N ARG C 333 -22.21 61.44 45.52
CA ARG C 333 -22.16 60.10 44.93
C ARG C 333 -20.96 59.93 44.04
N ARG C 334 -20.08 60.94 44.00
CA ARG C 334 -18.94 60.97 43.09
C ARG C 334 -17.75 60.09 43.49
N PRO C 335 -17.42 60.03 44.79
CA PRO C 335 -16.18 59.32 45.16
C PRO C 335 -16.23 57.84 44.82
N ALA C 336 -15.12 57.30 44.33
CA ALA C 336 -15.06 55.89 43.98
C ALA C 336 -14.74 55.03 45.20
N SER C 337 -15.00 53.73 45.04
CA SER C 337 -14.73 52.75 46.07
C SER C 337 -13.29 52.86 46.62
N ASN C 338 -12.34 53.18 45.77
CA ASN C 338 -10.91 53.15 46.14
C ASN C 338 -10.36 54.44 46.75
N ILE C 339 -11.26 55.34 47.13
CA ILE C 339 -10.84 56.62 47.65
C ILE C 339 -10.12 56.48 49.00
N ASP C 340 -9.21 57.41 49.28
CA ASP C 340 -8.69 57.57 50.64
C ASP C 340 -9.59 58.55 51.37
N PRO C 341 -10.33 58.05 52.35
CA PRO C 341 -11.27 58.84 53.17
C PRO C 341 -10.64 60.12 53.71
N TYR C 342 -9.34 60.10 54.07
CA TYR C 342 -8.68 61.29 54.57
C TYR C 342 -8.73 62.38 53.53
N LEU C 343 -8.47 62.00 52.29
CA LEU C 343 -8.52 62.94 51.17
C LEU C 343 -9.94 63.41 50.88
N VAL C 344 -10.88 62.49 50.80
CA VAL C 344 -12.26 62.89 50.55
C VAL C 344 -12.81 63.77 51.68
N THR C 345 -12.79 63.29 52.91
CA THR C 345 -13.39 64.06 53.99
C THR C 345 -12.63 65.34 54.18
N GLY C 346 -11.33 65.29 53.91
CA GLY C 346 -10.46 66.46 54.02
C GLY C 346 -10.84 67.58 53.07
N ILE C 347 -10.84 67.29 51.78
CA ILE C 347 -11.22 68.30 50.81
C ILE C 347 -12.70 68.67 50.88
N MET C 348 -13.53 67.75 51.34
CA MET C 348 -14.95 68.08 51.54
C MET C 348 -15.05 69.23 52.52
N CYS C 349 -14.39 69.08 53.68
CA CYS C 349 -14.36 70.12 54.69
C CYS C 349 -13.74 71.39 54.15
N GLU C 350 -12.62 71.25 53.46
CA GLU C 350 -11.92 72.40 52.86
C GLU C 350 -12.86 73.27 52.03
N THR C 351 -13.66 72.65 51.17
CA THR C 351 -14.50 73.45 50.29
C THR C 351 -15.91 73.74 50.83
N VAL C 352 -16.36 72.96 51.79
CA VAL C 352 -17.67 73.21 52.37
C VAL C 352 -17.55 74.18 53.51
N CYS C 353 -16.52 74.01 54.34
CA CYS C 353 -16.33 74.83 55.53
C CYS C 353 -15.38 75.99 55.33
N GLY C 354 -14.42 75.81 54.42
CA GLY C 354 -13.51 76.86 54.06
C GLY C 354 -12.06 76.48 54.08
N ALA C 355 -11.32 77.00 53.10
CA ALA C 355 -9.90 76.75 53.02
C ALA C 355 -9.10 77.31 54.20
N ILE C 356 -7.84 76.92 54.26
CA ILE C 356 -6.91 77.40 55.26
C ILE C 356 -5.58 77.68 54.57
N ASP C 357 -4.90 78.73 55.00
CA ASP C 357 -3.58 79.05 54.47
C ASP C 357 -2.60 78.06 55.08
N ASN C 358 -3.06 77.43 56.14
CA ASN C 358 -2.28 76.47 56.90
C ASN C 358 -2.23 75.11 56.17
N ALA C 359 -3.18 74.85 55.27
CA ALA C 359 -3.24 73.59 54.54
C ALA C 359 -3.99 73.64 53.20
N ASP C 360 -3.51 72.84 52.25
CA ASP C 360 -4.11 72.71 50.91
C ASP C 360 -4.37 71.25 50.55
N MET C 361 -5.63 70.82 50.60
CA MET C 361 -5.98 69.42 50.37
C MET C 361 -5.52 68.94 49.00
N THR C 362 -5.83 69.73 48.00
CA THR C 362 -5.51 69.31 46.65
C THR C 362 -4.00 69.26 46.43
N LYS C 363 -3.25 70.13 47.10
CA LYS C 363 -1.80 70.01 47.02
C LYS C 363 -1.29 68.73 47.69
N GLU C 364 -1.90 68.34 48.80
CA GLU C 364 -1.59 67.06 49.45
C GLU C 364 -1.77 65.97 48.43
N PHE C 365 -0.72 65.80 47.64
CA PHE C 365 -0.68 64.90 46.51
C PHE C 365 0.77 64.92 46.15
N GLU C 366 1.51 64.25 47.03
CA GLU C 366 2.95 64.31 47.14
C GLU C 366 3.52 62.90 46.90
N ARG D 21 -5.25 11.94 84.35
CA ARG D 21 -5.86 11.23 85.49
C ARG D 21 -5.12 11.41 86.81
N GLY D 22 -4.73 12.64 87.12
CA GLY D 22 -3.87 12.89 88.26
C GLY D 22 -2.42 13.01 87.84
N ARG D 23 -2.07 12.41 86.70
CA ARG D 23 -0.70 12.43 86.24
C ARG D 23 -0.39 13.57 85.28
N ILE D 24 0.90 13.73 84.98
CA ILE D 24 1.43 14.85 84.19
C ILE D 24 2.23 14.30 83.02
N ILE D 25 2.16 14.96 81.86
CA ILE D 25 3.05 14.57 80.78
C ILE D 25 4.12 15.62 80.56
N ALA D 26 5.36 15.18 80.54
CA ALA D 26 6.48 16.07 80.26
C ALA D 26 7.11 15.67 78.93
N GLU D 27 7.07 16.58 77.96
CA GLU D 27 7.77 16.34 76.71
C GLU D 27 9.20 16.86 76.86
N TYR D 28 10.16 15.96 76.70
CA TYR D 28 11.55 16.37 76.71
C TYR D 28 11.96 16.76 75.29
N VAL D 29 12.51 17.98 75.16
CA VAL D 29 12.93 18.49 73.88
C VAL D 29 14.44 18.74 73.90
N TRP D 30 15.16 18.27 72.88
CA TRP D 30 16.58 18.52 72.82
C TRP D 30 17.06 18.74 71.39
N ILE D 31 18.33 19.09 71.26
CA ILE D 31 18.93 19.44 69.97
C ILE D 31 19.81 18.31 69.49
N ASP D 32 19.70 17.97 68.20
CA ASP D 32 20.40 16.80 67.67
C ASP D 32 21.68 17.11 66.88
N GLY D 33 22.21 16.08 66.22
CA GLY D 33 23.44 16.19 65.48
C GLY D 33 23.19 16.57 64.04
N THR D 34 21.96 16.94 63.77
CA THR D 34 21.62 17.66 62.56
C THR D 34 21.19 19.01 63.11
N GLY D 35 20.42 19.78 62.37
CA GLY D 35 20.05 21.09 62.90
C GLY D 35 18.66 21.15 63.50
N ASN D 36 18.21 20.05 64.09
CA ASN D 36 16.80 19.94 64.47
C ASN D 36 16.55 19.68 65.94
N LEU D 37 15.28 19.82 66.32
CA LEU D 37 14.84 19.42 67.64
C LEU D 37 14.41 17.95 67.58
N ARG D 38 14.50 17.28 68.73
CA ARG D 38 13.94 15.95 68.88
C ARG D 38 13.15 15.95 70.18
N SER D 39 12.17 15.06 70.30
CA SER D 39 11.42 14.96 71.56
C SER D 39 10.78 13.61 71.78
N LYS D 40 10.61 13.32 73.06
CA LYS D 40 9.75 12.23 73.49
C LYS D 40 9.03 12.67 74.77
N GLY D 41 7.97 11.94 75.12
CA GLY D 41 7.23 12.26 76.32
C GLY D 41 7.22 11.17 77.38
N ARG D 42 7.13 11.60 78.63
CA ARG D 42 7.04 10.68 79.76
C ARG D 42 6.02 11.16 80.74
N THR D 43 5.30 10.22 81.33
CA THR D 43 4.37 10.52 82.42
C THR D 43 5.13 10.79 83.74
N LEU D 44 4.65 11.75 84.51
CA LEU D 44 5.20 12.03 85.82
C LEU D 44 4.07 11.93 86.82
N LYS D 45 4.38 11.54 88.05
CA LYS D 45 3.35 11.25 89.04
C LYS D 45 2.55 12.50 89.45
N LYS D 46 3.21 13.65 89.44
CA LYS D 46 2.66 14.86 90.04
C LYS D 46 3.05 16.12 89.27
N ARG D 47 2.21 17.16 89.38
CA ARG D 47 2.55 18.48 88.84
C ARG D 47 3.94 19.01 89.25
N ILE D 48 4.65 19.64 88.33
CA ILE D 48 6.00 20.11 88.60
C ILE D 48 5.99 21.56 89.05
N THR D 49 6.82 21.88 90.05
CA THR D 49 6.90 23.24 90.55
C THR D 49 8.32 23.80 90.58
N SER D 50 9.32 22.98 90.23
CA SER D 50 10.67 23.53 90.05
C SER D 50 11.52 22.57 89.22
N ILE D 51 12.47 23.12 88.47
CA ILE D 51 13.33 22.32 87.58
C ILE D 51 13.91 21.12 88.32
N ASP D 52 14.13 21.28 89.62
CA ASP D 52 14.75 20.27 90.46
C ASP D 52 13.99 18.96 90.48
N GLN D 53 12.69 19.04 90.26
CA GLN D 53 11.84 17.85 90.31
C GLN D 53 11.93 17.05 89.03
N LEU D 54 12.45 17.66 87.96
CA LEU D 54 12.56 16.98 86.69
C LEU D 54 13.78 16.07 86.63
N PRO D 55 13.55 14.80 86.33
CA PRO D 55 14.54 13.72 86.26
C PRO D 55 15.48 13.83 85.06
N GLU D 56 16.70 13.32 85.19
CA GLU D 56 17.54 13.12 84.03
C GLU D 56 16.83 12.13 83.12
N TRP D 57 17.27 12.01 81.89
CA TRP D 57 16.70 11.05 80.98
C TRP D 57 17.73 10.79 79.90
N ASN D 58 17.37 10.01 78.90
CA ASN D 58 18.34 9.65 77.87
C ASN D 58 17.69 9.14 76.61
N PHE D 59 18.51 8.91 75.58
CA PHE D 59 18.01 8.45 74.29
C PHE D 59 19.13 7.84 73.54
N ASP D 60 18.81 7.31 72.37
CA ASP D 60 19.79 6.64 71.54
C ASP D 60 20.50 7.66 70.65
N GLY D 61 21.66 8.13 71.09
CA GLY D 61 22.39 9.14 70.34
C GLY D 61 22.73 8.76 68.89
N SER D 62 22.71 7.47 68.61
CA SER D 62 23.07 6.98 67.30
C SER D 62 21.93 7.18 66.29
N SER D 63 20.71 7.34 66.81
CA SER D 63 19.56 7.57 65.96
C SER D 63 19.38 9.05 65.67
N THR D 64 20.25 9.88 66.26
CA THR D 64 20.15 11.34 66.09
C THR D 64 21.47 11.96 65.70
N ASN D 65 22.45 11.13 65.35
CA ASN D 65 23.76 11.62 64.91
C ASN D 65 24.53 12.37 66.00
N GLN D 66 24.61 11.77 67.18
CA GLN D 66 25.31 12.39 68.29
C GLN D 66 26.24 11.38 68.97
N ALA D 67 26.04 10.10 68.63
CA ALA D 67 26.83 9.00 69.16
C ALA D 67 27.06 7.92 68.10
N PRO D 68 28.00 6.98 68.35
CA PRO D 68 28.52 6.08 67.31
C PRO D 68 27.82 4.73 67.18
N GLY D 69 27.11 4.31 68.23
CA GLY D 69 26.49 2.99 68.19
C GLY D 69 27.24 2.12 69.17
N HIS D 70 27.80 2.78 70.18
CA HIS D 70 28.43 2.13 71.31
C HIS D 70 28.85 3.20 72.33
N ASP D 73 24.44 6.47 72.71
CA ASP D 73 23.81 6.47 74.02
C ASP D 73 24.01 7.75 74.90
N ILE D 74 23.17 8.78 74.71
CA ILE D 74 23.35 10.08 75.38
C ILE D 74 22.32 10.42 76.47
N TYR D 75 22.73 11.28 77.40
CA TYR D 75 21.88 11.69 78.54
C TYR D 75 21.24 13.11 78.46
N LEU D 76 20.06 13.27 79.07
CA LEU D 76 19.30 14.54 78.98
C LEU D 76 19.19 15.27 80.32
N LYS D 77 19.82 16.44 80.42
CA LYS D 77 19.75 17.22 81.65
C LYS D 77 18.76 18.38 81.49
N PRO D 78 17.63 18.28 82.20
CA PRO D 78 16.62 19.34 82.14
C PRO D 78 17.27 20.68 82.42
N VAL D 79 16.89 21.68 81.65
CA VAL D 79 17.55 22.97 81.70
C VAL D 79 16.53 24.07 81.88
N ALA D 80 15.38 23.93 81.21
CA ALA D 80 14.26 24.88 81.35
C ALA D 80 12.96 24.12 81.13
N TYR D 81 11.86 24.63 81.65
CA TYR D 81 10.57 23.99 81.37
C TYR D 81 9.46 25.02 81.34
N TYR D 82 8.42 24.70 80.58
CA TYR D 82 7.32 25.62 80.35
C TYR D 82 6.04 24.81 80.25
N PRO D 83 4.89 25.49 80.34
CA PRO D 83 3.60 24.85 80.05
C PRO D 83 3.54 24.43 78.59
N ASP D 84 3.02 23.23 78.36
CA ASP D 84 2.95 22.70 77.00
C ASP D 84 1.74 23.30 76.29
N PRO D 85 2.00 24.16 75.27
CA PRO D 85 0.91 24.89 74.59
C PRO D 85 0.02 23.89 73.83
N PHE D 86 0.54 22.68 73.61
CA PHE D 86 -0.18 21.71 72.82
C PHE D 86 -0.96 20.76 73.69
N ARG D 87 -0.29 20.13 74.64
CA ARG D 87 -1.00 19.27 75.57
C ARG D 87 -1.85 20.07 76.57
N ARG D 88 -1.48 21.33 76.80
CA ARG D 88 -2.13 22.16 77.78
C ARG D 88 -2.33 21.50 79.16
N GLY D 89 -3.21 22.06 79.97
CA GLY D 89 -3.38 21.56 81.32
C GLY D 89 -2.11 21.74 82.12
N ASP D 90 -1.85 20.82 83.05
CA ASP D 90 -0.64 20.88 83.87
C ASP D 90 0.50 20.15 83.17
N ASN D 91 0.32 19.88 81.88
CA ASN D 91 1.35 19.24 81.09
C ASN D 91 2.40 20.26 80.73
N ILE D 92 3.62 19.78 80.50
CA ILE D 92 4.77 20.66 80.46
C ILE D 92 5.77 20.23 79.38
N VAL D 93 6.52 21.21 78.85
CA VAL D 93 7.60 20.96 77.91
C VAL D 93 8.94 21.21 78.59
N VAL D 94 9.87 20.27 78.44
CA VAL D 94 11.17 20.37 79.10
C VAL D 94 12.33 20.47 78.11
N LEU D 95 13.02 21.61 78.13
CA LEU D 95 14.22 21.76 77.33
C LEU D 95 15.39 21.07 78.02
N ALA D 96 15.93 20.05 77.36
CA ALA D 96 17.05 19.28 77.93
C ALA D 96 18.37 19.41 77.14
N ALA D 97 19.48 19.47 77.87
CA ALA D 97 20.80 19.55 77.25
C ALA D 97 21.40 18.18 77.18
N CYS D 98 22.20 17.94 76.15
CA CYS D 98 22.77 16.62 75.92
C CYS D 98 24.18 16.45 76.49
N TYR D 99 24.32 15.52 77.41
CA TYR D 99 25.63 15.16 77.94
C TYR D 99 25.95 13.70 77.64
N ASN D 100 27.17 13.45 77.19
CA ASN D 100 27.68 12.11 77.01
C ASN D 100 27.81 11.38 78.36
N ASN D 101 28.05 10.07 78.32
CA ASN D 101 28.22 9.31 79.55
C ASN D 101 29.46 9.70 80.34
N ASP D 102 30.37 10.44 79.73
CA ASP D 102 31.53 10.97 80.45
C ASP D 102 31.07 11.95 81.51
N GLY D 103 29.96 12.62 81.22
CA GLY D 103 29.54 13.77 82.01
C GLY D 103 29.85 15.00 81.17
N THR D 104 30.62 14.79 80.10
CA THR D 104 30.96 15.85 79.15
C THR D 104 29.80 16.20 78.23
N PRO D 105 29.71 17.48 77.85
CA PRO D 105 28.68 17.94 76.94
C PRO D 105 28.92 17.39 75.56
N ASN D 106 27.89 16.76 75.00
CA ASN D 106 27.92 16.23 73.65
C ASN D 106 28.56 17.17 72.61
N LYS D 107 29.00 16.59 71.48
CA LYS D 107 29.50 17.37 70.36
C LYS D 107 28.61 18.59 70.17
N PHE D 108 27.29 18.38 70.19
CA PHE D 108 26.36 19.41 69.76
C PHE D 108 25.74 20.17 70.91
N ASN D 109 26.28 19.98 72.10
CA ASN D 109 25.85 20.78 73.23
C ASN D 109 26.74 21.98 73.35
N HIS D 110 26.23 23.13 72.93
CA HIS D 110 27.02 24.36 73.04
C HIS D 110 26.41 25.26 74.10
N ARG D 111 25.42 24.74 74.82
CA ARG D 111 24.79 25.51 75.87
C ARG D 111 25.76 25.67 77.00
N HIS D 112 26.48 24.59 77.30
CA HIS D 112 27.39 24.56 78.42
C HIS D 112 28.50 25.60 78.21
N GLU D 113 29.16 25.52 77.06
CA GLU D 113 30.26 26.45 76.80
C GLU D 113 29.81 27.89 77.00
N ALA D 114 28.72 28.28 76.35
CA ALA D 114 28.17 29.63 76.46
C ALA D 114 27.87 30.00 77.90
N ALA D 115 27.26 29.09 78.62
CA ALA D 115 26.91 29.35 80.00
C ALA D 115 28.13 29.88 80.75
N LYS D 116 29.28 29.22 80.57
CA LYS D 116 30.52 29.66 81.20
C LYS D 116 30.69 31.17 81.04
N LEU D 117 30.67 31.62 79.78
CA LEU D 117 30.86 33.03 79.49
C LEU D 117 29.83 33.89 80.18
N PHE D 118 28.57 33.49 80.12
CA PHE D 118 27.51 34.30 80.71
C PHE D 118 27.68 34.38 82.22
N ALA D 119 28.19 33.30 82.81
CA ALA D 119 28.35 33.25 84.25
C ALA D 119 29.52 34.15 84.63
N ALA D 120 30.58 34.11 83.82
CA ALA D 120 31.72 34.99 84.04
C ALA D 120 31.28 36.45 84.03
N HIS D 121 30.57 36.85 82.98
CA HIS D 121 30.20 38.23 82.82
C HIS D 121 28.81 38.54 83.37
N LYS D 122 28.39 37.81 84.40
CA LYS D 122 27.14 38.08 85.11
C LYS D 122 26.94 39.59 85.29
N ASP D 123 28.02 40.26 85.65
CA ASP D 123 27.96 41.66 86.04
C ASP D 123 27.49 42.57 84.93
N GLU D 124 27.86 42.24 83.69
CA GLU D 124 27.50 43.08 82.55
C GLU D 124 26.02 42.98 82.17
N GLU D 125 25.39 41.86 82.53
CA GLU D 125 23.99 41.64 82.20
C GLU D 125 23.74 41.81 80.70
N ILE D 126 24.31 40.93 79.87
CA ILE D 126 24.06 41.05 78.44
C ILE D 126 22.60 40.72 78.20
N TRP D 127 21.98 41.49 77.33
CA TRP D 127 20.64 41.19 76.87
C TRP D 127 20.65 40.93 75.37
N PHE D 128 19.84 39.98 74.93
CA PHE D 128 19.74 39.67 73.54
C PHE D 128 18.30 39.75 73.10
N GLY D 129 18.11 40.03 71.83
CA GLY D 129 16.79 39.93 71.23
C GLY D 129 17.05 39.40 69.84
N LEU D 130 16.57 38.20 69.54
CA LEU D 130 16.76 37.64 68.21
C LEU D 130 15.54 37.83 67.32
N GLU D 131 15.77 38.11 66.03
CA GLU D 131 14.70 38.22 65.05
C GLU D 131 14.76 36.99 64.11
N GLN D 132 13.97 35.98 64.43
CA GLN D 132 14.05 34.72 63.72
C GLN D 132 13.18 34.76 62.47
N GLU D 133 13.82 34.70 61.32
CA GLU D 133 13.08 34.61 60.07
C GLU D 133 13.07 33.15 59.63
N TYR D 134 11.99 32.71 59.00
CA TYR D 134 11.89 31.33 58.54
C TYR D 134 11.04 31.34 57.29
N THR D 135 11.04 30.23 56.55
CA THR D 135 10.31 30.15 55.28
C THR D 135 9.46 28.89 55.24
N LEU D 136 8.22 28.99 54.75
CA LEU D 136 7.26 27.89 54.80
C LEU D 136 7.31 26.96 53.59
N PHE D 137 7.02 25.68 53.79
CA PHE D 137 7.11 24.69 52.72
C PHE D 137 6.02 23.61 52.73
N ASP D 138 5.65 23.18 51.52
CA ASP D 138 4.79 22.04 51.23
C ASP D 138 5.21 20.80 51.97
N MET D 139 4.27 19.88 52.08
CA MET D 139 4.63 18.53 52.40
C MET D 139 5.52 17.97 51.31
N TYR D 140 5.51 18.63 50.16
CA TYR D 140 6.24 18.19 48.96
C TYR D 140 7.50 19.00 48.75
N ASP D 141 7.89 19.73 49.76
CA ASP D 141 9.14 20.47 49.70
C ASP D 141 9.13 21.58 48.63
N ASP D 142 7.95 22.14 48.36
CA ASP D 142 7.87 23.30 47.52
C ASP D 142 7.46 24.47 48.42
N VAL D 143 7.84 25.70 48.07
CA VAL D 143 7.45 26.82 48.89
C VAL D 143 5.93 26.83 49.12
N TYR D 144 5.53 27.01 50.37
CA TYR D 144 4.15 26.85 50.76
C TYR D 144 3.24 27.86 50.12
N GLY D 145 2.28 27.37 49.33
CA GLY D 145 1.25 28.24 48.78
C GLY D 145 1.61 28.87 47.45
N TRP D 146 2.83 28.64 47.02
CA TRP D 146 3.28 29.22 45.78
C TRP D 146 2.64 28.48 44.64
N PRO D 147 2.22 29.23 43.59
CA PRO D 147 1.72 28.72 42.31
C PRO D 147 2.40 27.43 41.91
N LYS D 148 1.59 26.53 41.36
CA LYS D 148 2.06 25.18 41.07
C LYS D 148 3.06 25.18 39.92
N GLY D 149 4.32 24.90 40.22
CA GLY D 149 5.35 24.91 39.20
C GLY D 149 5.85 26.29 38.82
N GLY D 150 5.17 27.33 39.33
CA GLY D 150 5.53 28.72 39.06
C GLY D 150 5.84 29.58 40.29
N TYR D 151 5.52 30.87 40.18
CA TYR D 151 5.92 31.87 41.18
C TYR D 151 4.83 32.87 41.45
N PRO D 152 4.80 33.41 42.68
CA PRO D 152 3.89 34.50 42.98
C PRO D 152 4.34 35.74 42.23
N ALA D 153 3.62 36.84 42.38
CA ALA D 153 4.07 38.13 41.86
C ALA D 153 5.40 38.45 42.51
N PRO D 154 6.11 39.46 41.98
CA PRO D 154 7.42 39.79 42.54
C PRO D 154 7.29 40.44 43.89
N GLN D 155 8.36 40.40 44.67
CA GLN D 155 8.34 40.92 46.02
C GLN D 155 7.88 42.36 46.09
N GLY D 156 7.34 42.75 47.23
CA GLY D 156 6.90 44.12 47.43
C GLY D 156 5.65 44.18 48.28
N PRO D 157 4.60 43.49 47.86
CA PRO D 157 3.32 43.53 48.54
C PRO D 157 3.20 42.55 49.70
N TYR D 158 4.24 41.77 49.99
CA TYR D 158 4.16 40.70 51.00
C TYR D 158 4.64 41.10 52.39
N TYR D 159 5.66 41.94 52.45
CA TYR D 159 6.20 42.43 53.71
C TYR D 159 5.14 43.10 54.52
N CYS D 160 4.87 42.56 55.71
CA CYS D 160 3.82 43.10 56.58
C CYS D 160 2.50 43.13 55.86
N GLY D 161 2.32 42.17 54.97
CA GLY D 161 1.14 42.16 54.11
C GLY D 161 -0.18 41.99 54.84
N VAL D 162 -1.25 42.32 54.15
CA VAL D 162 -2.56 41.95 54.61
C VAL D 162 -3.50 41.91 53.42
N GLY D 163 -4.29 40.84 53.36
CA GLY D 163 -5.09 40.54 52.19
C GLY D 163 -4.82 39.12 51.72
N ALA D 164 -5.81 38.52 51.06
CA ALA D 164 -5.74 37.12 50.67
C ALA D 164 -4.49 36.62 49.95
N GLY D 165 -4.00 37.32 48.95
CA GLY D 165 -2.82 36.79 48.30
C GLY D 165 -1.49 37.24 48.89
N LYS D 166 -1.56 38.12 49.88
CA LYS D 166 -0.43 38.92 50.32
C LYS D 166 0.37 38.22 51.40
N VAL D 167 -0.19 37.15 51.94
CA VAL D 167 0.39 36.53 53.10
C VAL D 167 0.01 35.05 53.12
N TYR D 168 0.88 34.19 53.65
CA TYR D 168 0.60 32.75 53.56
C TYR D 168 0.63 32.03 54.90
N ALA D 169 -0.43 31.31 55.19
CA ALA D 169 -0.50 30.52 56.42
C ALA D 169 -0.51 31.33 57.72
N ARG D 170 -1.18 32.48 57.72
CA ARG D 170 -1.19 33.34 58.90
C ARG D 170 -1.73 32.60 60.11
N ASP D 171 -2.71 31.73 59.89
CA ASP D 171 -3.33 31.04 61.00
C ASP D 171 -2.33 30.19 61.73
N MET D 172 -1.44 29.56 60.98
CA MET D 172 -0.38 28.77 61.61
C MET D 172 0.51 29.70 62.40
N ILE D 173 0.91 30.80 61.76
CA ILE D 173 1.82 31.76 62.35
C ILE D 173 1.26 32.28 63.66
N GLU D 174 -0.03 32.52 63.66
CA GLU D 174 -0.70 33.05 64.83
C GLU D 174 -0.77 32.01 65.93
N ALA D 175 -1.06 30.78 65.55
CA ALA D 175 -1.09 29.70 66.50
C ALA D 175 0.24 29.62 67.24
N HIS D 176 1.33 29.75 66.49
CA HIS D 176 2.66 29.74 67.08
C HIS D 176 2.84 30.87 68.10
N TYR D 177 2.49 32.09 67.71
CA TYR D 177 2.52 33.24 68.59
C TYR D 177 1.82 32.90 69.89
N ARG D 178 0.59 32.43 69.78
CA ARG D 178 -0.21 32.08 70.96
C ARG D 178 0.52 31.06 71.81
N ALA D 179 1.05 30.03 71.16
CA ALA D 179 1.75 28.96 71.85
C ALA D 179 2.88 29.55 72.69
N CYS D 180 3.72 30.34 72.04
CA CYS D 180 4.86 30.91 72.71
C CYS D 180 4.41 31.73 73.93
N LEU D 181 3.37 32.55 73.76
CA LEU D 181 2.84 33.33 74.87
C LEU D 181 2.36 32.44 76.03
N TYR D 182 1.66 31.37 75.71
CA TYR D 182 1.15 30.44 76.71
C TYR D 182 2.29 29.84 77.49
N ALA D 183 3.35 29.47 76.78
CA ALA D 183 4.54 28.91 77.43
C ALA D 183 5.28 29.96 78.26
N GLY D 184 4.92 31.22 78.08
CA GLY D 184 5.55 32.29 78.80
C GLY D 184 6.89 32.69 78.22
N LEU D 185 7.15 32.30 76.98
CA LEU D 185 8.34 32.76 76.27
C LEU D 185 8.33 34.28 76.05
N GLU D 186 9.51 34.87 75.96
CA GLU D 186 9.60 36.31 75.76
C GLU D 186 9.48 36.66 74.28
N ILE D 187 8.33 36.32 73.71
CA ILE D 187 8.12 36.56 72.30
C ILE D 187 7.59 37.98 72.10
N SER D 188 8.41 38.83 71.50
CA SER D 188 8.16 40.26 71.47
C SER D 188 7.23 40.70 70.34
N GLY D 189 7.13 39.89 69.29
CA GLY D 189 6.31 40.27 68.16
C GLY D 189 6.50 39.38 66.96
N ILE D 190 5.65 39.56 65.97
CA ILE D 190 5.72 38.75 64.77
C ILE D 190 5.49 39.68 63.57
N ASN D 191 5.88 39.26 62.38
CA ASN D 191 5.62 40.07 61.17
C ASN D 191 5.84 39.26 59.89
N ALA D 192 5.08 39.53 58.84
CA ALA D 192 5.29 38.82 57.57
C ALA D 192 6.46 39.43 56.85
N GLU D 193 7.33 38.60 56.31
CA GLU D 193 8.53 39.10 55.68
C GLU D 193 8.38 39.35 54.18
N VAL D 194 9.48 39.76 53.57
CA VAL D 194 9.46 40.30 52.23
C VAL D 194 9.11 39.28 51.16
N MET D 195 9.77 38.13 51.20
CA MET D 195 9.47 36.98 50.35
C MET D 195 8.12 36.36 50.75
N PRO D 196 7.28 36.05 49.77
CA PRO D 196 5.99 35.44 50.09
C PRO D 196 6.18 34.14 50.86
N SER D 197 5.33 33.89 51.86
CA SER D 197 5.41 32.72 52.73
C SER D 197 6.73 32.61 53.48
N GLN D 198 7.29 33.78 53.79
CA GLN D 198 8.42 33.92 54.70
C GLN D 198 8.01 34.81 55.86
N TRP D 199 8.30 34.40 57.09
CA TRP D 199 7.84 35.13 58.27
C TRP D 199 9.01 35.40 59.22
N GLU D 200 8.71 36.11 60.28
CA GLU D 200 9.67 36.41 61.32
C GLU D 200 8.92 36.40 62.65
N PHE D 201 9.58 35.98 63.72
CA PHE D 201 9.09 36.26 65.05
C PHE D 201 10.29 36.74 65.84
N GLN D 202 10.08 37.61 66.82
CA GLN D 202 11.18 38.10 67.61
C GLN D 202 11.04 37.65 69.04
N VAL D 203 12.14 37.22 69.63
CA VAL D 203 12.18 36.88 71.05
C VAL D 203 13.20 37.72 71.78
N GLY D 204 12.75 38.43 72.81
CA GLY D 204 13.65 39.25 73.58
C GLY D 204 12.90 40.33 74.35
N PRO D 205 13.61 40.97 75.29
CA PRO D 205 15.01 40.67 75.56
C PRO D 205 15.13 39.52 76.54
N CYS D 206 16.18 38.73 76.41
CA CYS D 206 16.46 37.64 77.34
C CYS D 206 17.87 37.80 77.87
N THR D 207 18.13 37.25 79.05
CA THR D 207 19.48 37.39 79.59
C THR D 207 20.33 36.14 79.42
N GLY D 208 21.49 36.33 78.83
CA GLY D 208 22.47 35.28 78.68
C GLY D 208 21.95 33.99 78.12
N ILE D 209 21.90 32.97 78.96
CA ILE D 209 21.54 31.64 78.49
C ILE D 209 20.07 31.57 78.07
N ASP D 210 19.25 32.45 78.66
CA ASP D 210 17.83 32.44 78.36
C ASP D 210 17.54 32.62 76.90
N MET D 211 18.33 33.46 76.24
CA MET D 211 18.11 33.72 74.83
C MET D 211 18.12 32.40 74.08
N GLY D 212 19.21 31.66 74.23
CA GLY D 212 19.30 30.36 73.60
C GLY D 212 18.15 29.44 73.96
N ASP D 213 17.93 29.25 75.26
CA ASP D 213 16.86 28.41 75.75
C ASP D 213 15.53 28.75 75.11
N GLN D 214 15.12 30.01 75.21
CA GLN D 214 13.83 30.41 74.68
C GLN D 214 13.71 30.31 73.16
N LEU D 215 14.75 30.70 72.43
CA LEU D 215 14.64 30.61 70.97
C LEU D 215 14.49 29.16 70.55
N TRP D 216 15.30 28.29 71.14
CA TRP D 216 15.17 26.87 70.84
C TRP D 216 13.75 26.37 71.12
N MET D 217 13.13 26.77 72.23
CA MET D 217 11.77 26.34 72.49
C MET D 217 10.81 26.92 71.49
N ALA D 218 10.98 28.20 71.18
CA ALA D 218 10.13 28.82 70.19
C ALA D 218 10.21 28.03 68.87
N ARG D 219 11.41 27.56 68.53
CA ARG D 219 11.60 26.75 67.34
C ARG D 219 10.87 25.39 67.46
N TYR D 220 11.00 24.74 68.60
CA TYR D 220 10.25 23.53 68.81
C TYR D 220 8.78 23.81 68.54
N PHE D 221 8.24 24.84 69.19
CA PHE D 221 6.83 25.19 69.03
C PHE D 221 6.45 25.42 67.58
N LEU D 222 7.32 26.14 66.85
CA LEU D 222 7.10 26.42 65.44
C LEU D 222 6.98 25.14 64.60
N HIS D 223 8.04 24.32 64.57
CA HIS D 223 7.95 23.00 63.91
C HIS D 223 6.70 22.20 64.31
N ARG D 224 6.49 22.13 65.61
CA ARG D 224 5.44 21.31 66.18
C ARG D 224 4.06 21.80 65.79
N VAL D 225 3.83 23.10 65.88
CA VAL D 225 2.51 23.61 65.59
C VAL D 225 2.26 23.49 64.10
N ALA D 226 3.30 23.73 63.32
CA ALA D 226 3.16 23.67 61.87
C ALA D 226 2.81 22.26 61.38
N GLU D 227 3.28 21.26 62.11
CA GLU D 227 2.90 19.90 61.83
C GLU D 227 1.41 19.85 61.58
N GLU D 228 0.65 20.53 62.45
CA GLU D 228 -0.80 20.48 62.42
C GLU D 228 -1.39 21.10 61.15
N PHE D 229 -0.56 21.80 60.39
CA PHE D 229 -1.03 22.41 59.15
C PHE D 229 -0.35 21.76 57.96
N GLY D 230 0.39 20.69 58.21
CA GLY D 230 1.16 20.05 57.16
C GLY D 230 2.20 20.95 56.53
N ILE D 231 2.74 21.87 57.33
CA ILE D 231 3.73 22.81 56.86
C ILE D 231 5.08 22.49 57.45
N LYS D 232 6.08 22.40 56.56
CA LYS D 232 7.48 22.22 56.95
C LYS D 232 8.10 23.58 57.14
N ILE D 233 8.95 23.73 58.15
CA ILE D 233 9.62 25.00 58.42
C ILE D 233 11.09 24.99 58.02
N SER D 234 11.51 26.00 57.28
CA SER D 234 12.88 26.03 56.77
C SER D 234 13.68 27.19 57.34
N PHE D 235 14.74 26.86 58.05
CA PHE D 235 15.64 27.88 58.56
C PHE D 235 16.82 28.11 57.63
N HIS D 236 16.73 27.59 56.41
CA HIS D 236 17.75 27.86 55.40
C HIS D 236 17.88 29.37 55.10
N PRO D 237 19.13 29.85 54.96
CA PRO D 237 19.43 31.27 54.80
C PRO D 237 19.00 31.81 53.45
N LYS D 238 18.81 30.91 52.48
CA LYS D 238 18.43 31.33 51.13
C LYS D 238 17.59 30.24 50.48
N PRO D 239 16.34 30.14 50.89
CA PRO D 239 15.47 29.03 50.50
C PRO D 239 15.25 29.04 49.00
N LEU D 240 15.21 30.21 48.42
CA LEU D 240 15.08 30.33 46.98
C LEU D 240 16.18 31.18 46.39
N LYS D 241 16.87 30.63 45.41
CA LYS D 241 17.96 31.34 44.78
C LYS D 241 17.35 32.47 44.00
N GLY D 242 18.13 33.53 43.81
CA GLY D 242 17.68 34.68 43.05
C GLY D 242 17.56 35.95 43.85
N ASP D 243 16.53 36.72 43.56
CA ASP D 243 16.30 37.97 44.27
C ASP D 243 15.36 37.82 45.46
N TRP D 244 14.72 36.66 45.58
CA TRP D 244 13.90 36.35 46.74
C TRP D 244 14.72 36.44 48.01
N ASN D 245 14.18 37.13 49.01
CA ASN D 245 14.93 37.45 50.21
C ASN D 245 15.51 36.23 50.89
N GLY D 246 16.68 36.41 51.51
CA GLY D 246 17.25 35.38 52.33
C GLY D 246 16.56 35.33 53.69
N ALA D 247 17.09 34.54 54.61
CA ALA D 247 16.50 34.44 55.94
C ALA D 247 17.58 34.64 56.97
N GLY D 248 17.43 35.64 57.81
CA GLY D 248 18.43 35.91 58.81
C GLY D 248 17.90 35.72 60.21
N CYS D 249 18.78 35.85 61.19
CA CYS D 249 18.39 35.85 62.59
C CYS D 249 19.10 36.99 63.29
N HIS D 250 18.75 38.21 62.90
CA HIS D 250 19.38 39.42 63.48
C HIS D 250 19.49 39.32 65.01
N ALA D 251 20.71 39.26 65.52
CA ALA D 251 20.91 39.27 66.96
C ALA D 251 21.08 40.74 67.46
N ASN D 252 20.17 41.19 68.32
CA ASN D 252 20.26 42.51 68.94
C ASN D 252 20.93 42.39 70.30
N VAL D 253 21.86 43.28 70.61
CA VAL D 253 22.72 43.10 71.77
C VAL D 253 22.83 44.36 72.62
N SER D 254 22.94 44.17 73.94
CA SER D 254 23.19 45.30 74.86
C SER D 254 23.69 44.84 76.24
N THR D 255 24.58 45.63 76.84
CA THR D 255 25.04 45.39 78.20
C THR D 255 24.46 46.49 79.07
N LYS D 256 24.55 46.33 80.38
CA LYS D 256 23.98 47.31 81.30
C LYS D 256 24.48 48.72 80.98
N GLU D 257 25.78 48.85 80.74
CA GLU D 257 26.37 50.15 80.41
C GLU D 257 25.70 50.79 79.20
N MET D 258 25.50 50.01 78.14
CA MET D 258 24.94 50.53 76.90
C MET D 258 23.52 51.02 77.12
N ARG D 259 22.84 50.45 78.11
CA ARG D 259 21.43 50.76 78.31
C ARG D 259 21.23 52.01 79.14
N GLN D 260 22.25 52.39 79.89
CA GLN D 260 22.21 53.62 80.67
C GLN D 260 22.80 54.76 79.87
N PRO D 261 22.32 55.99 80.11
CA PRO D 261 22.71 57.17 79.34
C PRO D 261 24.22 57.24 79.12
N GLY D 262 24.63 57.74 77.96
CA GLY D 262 26.03 57.78 77.58
C GLY D 262 26.47 56.42 77.08
N GLY D 263 25.50 55.66 76.62
CA GLY D 263 25.73 54.30 76.18
C GLY D 263 26.47 54.20 74.86
N THR D 264 26.10 55.01 73.86
CA THR D 264 26.62 54.77 72.49
C THR D 264 28.15 54.77 72.56
N LYS D 265 28.68 55.20 73.72
CA LYS D 265 30.10 55.08 74.01
C LYS D 265 30.48 53.61 73.96
N TYR D 266 29.92 52.83 74.88
CA TYR D 266 30.21 51.41 74.98
C TYR D 266 29.65 50.58 73.80
N ILE D 267 28.55 51.06 73.23
CA ILE D 267 28.05 50.47 72.01
C ILE D 267 29.12 50.58 70.93
N GLU D 268 29.68 51.77 70.77
CA GLU D 268 30.71 51.99 69.75
C GLU D 268 31.93 51.13 70.04
N GLN D 269 32.31 51.05 71.31
CA GLN D 269 33.42 50.20 71.74
C GLN D 269 33.19 48.75 71.35
N ALA D 270 32.01 48.24 71.68
CA ALA D 270 31.63 46.89 71.31
C ALA D 270 31.73 46.66 69.81
N ILE D 271 31.13 47.58 69.04
CA ILE D 271 31.15 47.47 67.58
C ILE D 271 32.57 47.35 67.05
N GLU D 272 33.51 48.05 67.71
CA GLU D 272 34.89 48.02 67.28
C GLU D 272 35.53 46.67 67.57
N LYS D 273 35.35 46.16 68.79
CA LYS D 273 35.87 44.84 69.12
C LYS D 273 35.33 43.84 68.09
N LEU D 274 34.02 43.97 67.83
CA LEU D 274 33.34 43.09 66.89
C LEU D 274 33.97 43.12 65.52
N SER D 275 34.45 44.30 65.12
CA SER D 275 35.06 44.50 63.81
C SER D 275 36.37 43.72 63.68
N LYS D 276 37.03 43.48 64.81
CA LYS D 276 38.28 42.74 64.78
C LYS D 276 38.05 41.24 64.69
N ARG D 277 36.86 40.81 65.07
CA ARG D 277 36.57 39.37 65.08
C ARG D 277 35.45 38.97 64.09
N HIS D 278 35.36 39.69 62.98
CA HIS D 278 34.33 39.42 62.00
C HIS D 278 34.45 38.00 61.46
N ALA D 279 35.68 37.55 61.20
CA ALA D 279 35.84 36.22 60.63
C ALA D 279 35.44 35.11 61.60
N GLU D 280 35.80 35.29 62.86
CA GLU D 280 35.54 34.29 63.88
C GLU D 280 34.04 34.16 64.15
N HIS D 281 33.35 35.29 64.08
CA HIS D 281 31.91 35.30 64.23
C HIS D 281 31.22 34.68 63.04
N ILE D 282 31.51 35.18 61.85
CA ILE D 282 30.99 34.60 60.61
C ILE D 282 31.11 33.05 60.64
N LYS D 283 32.22 32.54 61.14
CA LYS D 283 32.43 31.09 61.19
C LYS D 283 31.34 30.38 61.99
N LEU D 284 30.87 30.99 63.08
CA LEU D 284 29.65 30.50 63.68
C LEU D 284 28.48 30.97 62.78
N TYR D 285 27.65 31.90 63.25
CA TYR D 285 26.72 32.65 62.37
C TYR D 285 26.00 31.98 61.17
N GLY D 286 26.15 30.68 60.97
CA GLY D 286 25.29 29.98 60.04
C GLY D 286 25.91 29.48 58.75
N SER D 287 25.53 28.26 58.37
CA SER D 287 25.99 27.60 57.15
C SER D 287 25.27 28.08 55.89
N ASP D 288 25.94 27.92 54.74
CA ASP D 288 25.60 28.66 53.51
C ASP D 288 24.97 30.03 53.73
N ASN D 289 25.49 30.75 54.73
CA ASN D 289 25.17 32.16 54.89
C ASN D 289 25.75 32.90 53.70
N ASP D 290 26.70 32.24 53.03
CA ASP D 290 27.36 32.78 51.85
C ASP D 290 26.38 33.07 50.73
N MET D 291 25.23 32.39 50.69
CA MET D 291 24.23 32.71 49.70
C MET D 291 23.26 33.81 50.14
N ARG D 292 23.68 34.56 51.16
CA ARG D 292 22.89 35.67 51.74
C ARG D 292 23.67 37.01 51.94
N SER D 301 27.63 41.74 53.26
CA SER D 301 28.78 41.04 52.67
C SER D 301 29.53 40.14 53.64
N MET D 302 29.90 38.94 53.17
CA MET D 302 30.46 37.86 54.00
C MET D 302 31.89 38.11 54.45
N THR D 303 32.61 38.90 53.68
CA THR D 303 34.02 39.14 53.96
C THR D 303 34.23 40.54 54.50
N ALA D 304 33.33 41.46 54.12
CA ALA D 304 33.41 42.84 54.56
C ALA D 304 32.69 43.06 55.89
N PHE D 305 33.30 43.85 56.77
CA PHE D 305 32.63 44.28 57.98
C PHE D 305 32.41 45.77 57.94
N SER D 306 31.16 46.21 58.16
CA SER D 306 30.89 47.64 58.24
C SER D 306 29.83 47.91 59.30
N SER D 307 29.73 49.16 59.72
CA SER D 307 28.71 49.54 60.70
C SER D 307 28.30 50.99 60.48
N GLY D 308 27.11 51.33 60.94
CA GLY D 308 26.62 52.69 60.81
C GLY D 308 25.23 52.80 61.36
N VAL D 309 24.81 54.03 61.65
CA VAL D 309 23.47 54.30 62.14
C VAL D 309 22.46 54.14 61.01
N ALA D 310 21.25 53.68 61.37
CA ALA D 310 20.19 53.44 60.41
C ALA D 310 20.76 52.94 59.08
N ASN D 311 21.21 51.71 59.09
CA ASN D 311 21.91 51.16 57.94
C ASN D 311 21.64 49.66 57.79
N ARG D 312 20.59 49.33 57.04
CA ARG D 312 20.22 47.95 56.82
C ARG D 312 21.19 47.29 55.83
N GLY D 313 22.23 48.04 55.47
CA GLY D 313 23.26 47.53 54.58
C GLY D 313 24.52 47.10 55.31
N SER D 314 24.70 47.59 56.53
CA SER D 314 25.91 47.27 57.27
C SER D 314 25.86 45.91 57.98
N SER D 315 27.00 45.50 58.52
CA SER D 315 27.11 44.28 59.32
C SER D 315 26.47 44.51 60.68
N ILE D 316 26.78 45.65 61.30
CA ILE D 316 26.14 46.06 62.54
C ILE D 316 25.44 47.39 62.31
N ARG D 317 24.21 47.49 62.80
CA ARG D 317 23.40 48.67 62.59
C ARG D 317 23.01 49.28 63.93
N ILE D 318 23.26 50.57 64.09
CA ILE D 318 22.78 51.27 65.27
C ILE D 318 21.47 51.93 64.90
N PRO D 319 20.38 51.52 65.55
CA PRO D 319 19.05 52.05 65.27
C PRO D 319 19.06 53.56 65.41
N ARG D 320 18.48 54.29 64.46
CA ARG D 320 18.47 55.74 64.55
C ARG D 320 17.96 56.16 65.92
N SER D 321 16.94 55.45 66.39
CA SER D 321 16.34 55.70 67.69
C SER D 321 17.42 55.70 68.77
N VAL D 322 18.22 54.65 68.79
CA VAL D 322 19.31 54.53 69.76
C VAL D 322 20.27 55.69 69.63
N ALA D 323 20.72 55.93 68.41
CA ALA D 323 21.65 57.02 68.13
C ALA D 323 21.14 58.35 68.68
N LYS D 324 19.90 58.70 68.31
CA LYS D 324 19.31 59.97 68.73
C LYS D 324 19.21 60.07 70.25
N GLU D 325 19.03 58.94 70.95
CA GLU D 325 18.89 58.96 72.40
C GLU D 325 20.16 58.74 73.23
N GLY D 326 21.23 58.30 72.58
CA GLY D 326 22.53 58.17 73.23
C GLY D 326 22.79 56.89 74.02
N TYR D 327 21.83 55.99 74.02
CA TYR D 327 21.98 54.71 74.70
C TYR D 327 20.98 53.74 74.10
N GLY D 328 21.19 52.45 74.33
CA GLY D 328 20.32 51.43 73.77
C GLY D 328 21.05 50.14 73.45
N TYR D 329 20.94 49.69 72.22
CA TYR D 329 21.50 48.41 71.80
C TYR D 329 21.94 48.54 70.36
N PHE D 330 22.62 47.52 69.85
CA PHE D 330 22.95 47.50 68.43
C PHE D 330 22.37 46.24 67.79
N GLU D 331 22.25 46.26 66.46
CA GLU D 331 21.75 45.12 65.70
C GLU D 331 22.87 44.49 64.85
N ASP D 332 23.29 43.28 65.21
CA ASP D 332 24.16 42.51 64.34
C ASP D 332 23.31 41.80 63.29
N ARG D 333 23.41 42.23 62.04
CA ARG D 333 22.53 41.71 60.99
C ARG D 333 23.17 40.51 60.27
N ARG D 334 24.32 40.07 60.77
CA ARG D 334 25.11 39.01 60.12
C ARG D 334 24.62 37.56 60.31
N PRO D 335 24.13 37.20 61.50
CA PRO D 335 23.76 35.80 61.71
C PRO D 335 22.64 35.33 60.79
N ALA D 336 22.75 34.11 60.29
CA ALA D 336 21.74 33.56 59.40
C ALA D 336 20.61 32.92 60.19
N SER D 337 19.51 32.70 59.51
CA SER D 337 18.34 32.10 60.12
C SER D 337 18.63 30.77 60.82
N ASN D 338 19.61 30.04 60.30
CA ASN D 338 19.89 28.70 60.80
C ASN D 338 20.91 28.66 61.94
N ILE D 339 21.23 29.80 62.50
CA ILE D 339 22.20 29.84 63.59
C ILE D 339 21.80 29.03 64.84
N ASP D 340 22.77 28.55 65.59
CA ASP D 340 22.51 28.10 66.96
C ASP D 340 22.72 29.29 67.90
N PRO D 341 21.63 29.74 68.55
CA PRO D 341 21.62 30.89 69.48
C PRO D 341 22.67 30.80 70.57
N TYR D 342 22.95 29.60 71.06
CA TYR D 342 24.01 29.38 72.04
C TYR D 342 25.37 29.84 71.49
N LEU D 343 25.65 29.47 70.24
CA LEU D 343 26.87 29.88 69.58
C LEU D 343 26.95 31.37 69.32
N VAL D 344 25.89 31.92 68.76
CA VAL D 344 25.86 33.35 68.52
C VAL D 344 25.94 34.16 69.82
N THR D 345 25.00 33.97 70.75
CA THR D 345 25.01 34.75 71.97
C THR D 345 26.29 34.49 72.74
N GLY D 346 26.77 33.25 72.69
CA GLY D 346 28.01 32.87 73.33
C GLY D 346 29.21 33.67 72.86
N ILE D 347 29.51 33.61 71.58
CA ILE D 347 30.66 34.32 71.06
C ILE D 347 30.42 35.82 71.08
N MET D 348 29.17 36.26 71.02
CA MET D 348 28.92 37.68 71.13
C MET D 348 29.43 38.18 72.46
N CYS D 349 29.06 37.47 73.53
CA CYS D 349 29.51 37.81 74.87
C CYS D 349 31.03 37.72 74.95
N GLU D 350 31.58 36.61 74.48
CA GLU D 350 33.03 36.41 74.46
C GLU D 350 33.78 37.63 73.94
N THR D 351 33.36 38.17 72.80
CA THR D 351 34.14 39.24 72.19
C THR D 351 33.72 40.64 72.64
N VAL D 352 32.48 40.78 73.10
CA VAL D 352 32.00 42.08 73.55
C VAL D 352 32.39 42.31 75.00
N CYS D 353 32.25 41.26 75.81
CA CYS D 353 32.49 41.35 77.24
C CYS D 353 33.90 40.89 77.64
N GLY D 354 34.45 39.95 76.88
CA GLY D 354 35.81 39.51 77.08
C GLY D 354 35.97 38.00 77.16
N ALA D 355 37.06 37.51 76.59
CA ALA D 355 37.35 36.08 76.55
C ALA D 355 37.59 35.51 77.94
N ILE D 356 37.62 34.18 78.02
CA ILE D 356 37.91 33.48 79.25
C ILE D 356 38.89 32.36 78.93
N ASP D 357 39.82 32.11 79.84
CA ASP D 357 40.76 30.99 79.67
C ASP D 357 40.00 29.70 79.98
N ASN D 358 38.88 29.89 80.65
CA ASN D 358 37.98 28.82 81.01
C ASN D 358 37.14 28.29 79.82
N ALA D 359 37.01 29.11 78.77
CA ALA D 359 36.24 28.71 77.59
C ALA D 359 36.62 29.44 76.28
N ASP D 360 36.51 28.73 75.17
CA ASP D 360 36.74 29.28 73.83
C ASP D 360 35.57 28.98 72.88
N MET D 361 34.75 30.00 72.57
CA MET D 361 33.52 29.82 71.78
C MET D 361 33.82 29.26 70.41
N THR D 362 34.81 29.86 69.76
CA THR D 362 35.17 29.43 68.42
C THR D 362 35.72 27.99 68.41
N LYS D 363 36.44 27.61 69.45
CA LYS D 363 36.85 26.22 69.55
C LYS D 363 35.65 25.26 69.69
N GLU D 364 34.67 25.65 70.50
CA GLU D 364 33.41 24.91 70.63
C GLU D 364 32.84 24.72 69.22
N PHE D 365 33.39 23.70 68.57
CA PHE D 365 33.13 23.34 67.20
C PHE D 365 33.79 21.97 67.09
N GLU D 366 33.10 21.03 67.71
CA GLU D 366 33.60 19.72 68.00
C GLU D 366 32.69 18.70 67.29
N ARG E 21 -28.81 7.47 80.24
CA ARG E 21 -30.10 7.77 80.90
C ARG E 21 -30.22 7.10 82.27
N GLY E 22 -29.19 7.20 83.08
CA GLY E 22 -29.15 6.44 84.32
C GLY E 22 -28.40 5.11 84.16
N ARG E 23 -28.31 4.62 82.94
CA ARG E 23 -27.65 3.35 82.69
C ARG E 23 -26.17 3.51 82.27
N ILE E 24 -25.46 2.40 82.21
CA ILE E 24 -24.02 2.37 82.00
C ILE E 24 -23.72 1.45 80.81
N ILE E 25 -22.71 1.77 80.00
CA ILE E 25 -22.27 0.84 78.98
C ILE E 25 -20.92 0.24 79.33
N ALA E 26 -20.85 -1.08 79.31
CA ALA E 26 -19.60 -1.78 79.53
C ALA E 26 -19.19 -2.47 78.24
N GLU E 27 -18.02 -2.11 77.74
CA GLU E 27 -17.49 -2.79 76.58
C GLU E 27 -16.62 -3.91 77.06
N TYR E 28 -16.97 -5.13 76.67
CA TYR E 28 -16.15 -6.26 77.02
C TYR E 28 -15.13 -6.45 75.91
N VAL E 29 -13.87 -6.54 76.31
CA VAL E 29 -12.78 -6.73 75.39
C VAL E 29 -12.09 -8.03 75.73
N TRP E 30 -11.81 -8.83 74.70
CA TRP E 30 -11.04 -10.05 74.92
C TRP E 30 -10.09 -10.38 73.77
N ILE E 31 -9.30 -11.44 73.95
CA ILE E 31 -8.28 -11.83 73.01
C ILE E 31 -8.75 -13.05 72.23
N ASP E 32 -8.55 -13.02 70.90
CA ASP E 32 -9.07 -14.07 70.02
C ASP E 32 -8.05 -15.12 69.54
N GLY E 33 -8.51 -15.97 68.63
CA GLY E 33 -7.71 -17.05 68.08
C GLY E 33 -6.89 -16.62 66.89
N THR E 34 -6.85 -15.32 66.68
CA THR E 34 -5.85 -14.70 65.83
C THR E 34 -5.09 -13.85 66.83
N GLY E 35 -4.41 -12.80 66.37
CA GLY E 35 -3.63 -12.02 67.32
C GLY E 35 -4.29 -10.74 67.76
N ASN E 36 -5.63 -10.71 67.75
CA ASN E 36 -6.36 -9.45 67.90
C ASN E 36 -7.25 -9.36 69.11
N LEU E 37 -7.72 -8.16 69.37
CA LEU E 37 -8.75 -7.96 70.36
C LEU E 37 -10.11 -8.08 69.67
N ARG E 38 -11.12 -8.42 70.45
CA ARG E 38 -12.51 -8.39 70.00
C ARG E 38 -13.29 -7.69 71.09
N SER E 39 -14.45 -7.12 70.73
CA SER E 39 -15.31 -6.52 71.72
C SER E 39 -16.78 -6.39 71.33
N LYS E 40 -17.62 -6.39 72.35
CA LYS E 40 -19.01 -5.98 72.22
C LYS E 40 -19.37 -5.22 73.48
N GLY E 41 -20.48 -4.49 73.41
CA GLY E 41 -20.96 -3.72 74.55
C GLY E 41 -22.31 -4.15 75.09
N ARG E 42 -22.49 -3.98 76.40
CA ARG E 42 -23.77 -4.26 77.04
C ARG E 42 -24.12 -3.16 78.03
N THR E 43 -25.41 -2.83 78.08
CA THR E 43 -25.94 -1.90 79.06
C THR E 43 -26.02 -2.54 80.44
N LEU E 44 -25.69 -1.77 81.47
CA LEU E 44 -25.76 -2.24 82.84
C LEU E 44 -26.67 -1.29 83.58
N LYS E 45 -27.37 -1.77 84.61
CA LYS E 45 -28.38 -0.94 85.26
C LYS E 45 -27.78 0.22 86.05
N LYS E 46 -26.57 0.04 86.56
CA LYS E 46 -25.99 0.98 87.53
C LYS E 46 -24.47 1.12 87.36
N ARG E 47 -23.93 2.26 87.78
CA ARG E 47 -22.48 2.46 87.83
C ARG E 47 -21.75 1.33 88.56
N ILE E 48 -20.59 0.92 88.05
CA ILE E 48 -19.82 -0.17 88.64
C ILE E 48 -18.77 0.33 89.61
N THR E 49 -18.64 -0.34 90.75
CA THR E 49 -17.68 0.06 91.77
C THR E 49 -16.72 -1.05 92.20
N SER E 50 -16.92 -2.26 91.70
CA SER E 50 -15.93 -3.32 91.90
C SER E 50 -16.11 -4.45 90.88
N ILE E 51 -15.00 -5.11 90.51
CA ILE E 51 -15.02 -6.15 89.49
C ILE E 51 -16.13 -7.16 89.74
N ASP E 52 -16.44 -7.35 91.02
CA ASP E 52 -17.43 -8.33 91.47
C ASP E 52 -18.81 -8.08 90.91
N GLN E 53 -19.12 -6.83 90.60
CA GLN E 53 -20.42 -6.48 90.06
C GLN E 53 -20.54 -6.80 88.57
N LEU E 54 -19.41 -7.05 87.90
CA LEU E 54 -19.42 -7.35 86.48
C LEU E 54 -19.75 -8.81 86.22
N PRO E 55 -20.79 -9.04 85.43
CA PRO E 55 -21.32 -10.35 85.04
C PRO E 55 -20.41 -11.14 84.11
N GLU E 56 -20.49 -12.48 84.18
CA GLU E 56 -19.89 -13.29 83.13
C GLU E 56 -20.60 -12.98 81.83
N TRP E 57 -20.00 -13.39 80.72
CA TRP E 57 -20.62 -13.17 79.43
C TRP E 57 -20.04 -14.17 78.46
N ASN E 58 -20.41 -14.08 77.19
CA ASN E 58 -19.99 -15.07 76.25
C ASN E 58 -20.11 -14.59 74.81
N PHE E 59 -19.61 -15.40 73.89
CA PHE E 59 -19.65 -15.08 72.48
C PHE E 59 -19.49 -16.36 71.69
N ASP E 60 -19.60 -16.24 70.37
CA ASP E 60 -19.47 -17.36 69.45
C ASP E 60 -17.99 -17.60 69.13
N GLY E 61 -17.35 -18.49 69.87
CA GLY E 61 -15.94 -18.77 69.67
C GLY E 61 -15.55 -19.17 68.26
N SER E 62 -16.55 -19.62 67.48
CA SER E 62 -16.32 -20.10 66.12
C SER E 62 -16.12 -18.94 65.17
N SER E 63 -16.59 -17.77 65.57
CA SER E 63 -16.46 -16.58 64.73
C SER E 63 -15.17 -15.85 65.04
N THR E 64 -14.41 -16.38 65.99
CA THR E 64 -13.14 -15.77 66.37
C THR E 64 -12.01 -16.79 66.44
N ASN E 65 -12.22 -17.98 65.90
CA ASN E 65 -11.16 -19.00 65.85
C ASN E 65 -10.73 -19.46 67.24
N GLN E 66 -11.69 -19.79 68.08
CA GLN E 66 -11.38 -20.27 69.43
C GLN E 66 -12.20 -21.53 69.75
N ALA E 67 -13.19 -21.81 68.90
CA ALA E 67 -14.07 -22.95 69.06
C ALA E 67 -14.46 -23.52 67.70
N PRO E 68 -15.06 -24.71 67.67
CA PRO E 68 -15.18 -25.49 66.44
C PRO E 68 -16.50 -25.34 65.70
N GLY E 69 -17.53 -24.86 66.38
CA GLY E 69 -18.85 -24.80 65.76
C GLY E 69 -19.74 -25.84 66.42
N HIS E 70 -19.42 -26.12 67.68
CA HIS E 70 -20.20 -26.99 68.53
C HIS E 70 -19.55 -27.04 69.92
N ASP E 73 -18.49 -21.82 71.03
CA ASP E 73 -19.23 -21.24 72.15
C ASP E 73 -18.48 -20.94 73.49
N ILE E 74 -17.83 -19.76 73.61
CA ILE E 74 -16.93 -19.47 74.74
C ILE E 74 -17.43 -18.43 75.74
N TYR E 75 -16.93 -18.51 76.99
CA TYR E 75 -17.35 -17.62 78.08
C TYR E 75 -16.33 -16.54 78.49
N LEU E 76 -16.83 -15.39 78.93
CA LEU E 76 -15.99 -14.23 79.28
C LEU E 76 -15.99 -13.91 80.79
N LYS E 77 -14.83 -14.07 81.43
CA LYS E 77 -14.70 -13.78 82.85
C LYS E 77 -14.00 -12.46 83.04
N PRO E 78 -14.74 -11.46 83.53
CA PRO E 78 -14.18 -10.12 83.76
C PRO E 78 -12.91 -10.23 84.59
N VAL E 79 -11.86 -9.50 84.20
CA VAL E 79 -10.58 -9.64 84.85
C VAL E 79 -10.10 -8.28 85.35
N ALA E 80 -10.39 -7.27 84.57
CA ALA E 80 -10.03 -5.90 84.92
C ALA E 80 -11.03 -4.96 84.26
N TYR E 81 -11.19 -3.77 84.82
CA TYR E 81 -12.03 -2.77 84.17
C TYR E 81 -11.52 -1.34 84.38
N TYR E 82 -11.82 -0.48 83.41
CA TYR E 82 -11.33 0.87 83.42
C TYR E 82 -12.42 1.78 82.85
N PRO E 83 -12.29 3.10 83.10
CA PRO E 83 -13.14 4.09 82.44
C PRO E 83 -12.91 4.02 80.94
N ASP E 84 -14.01 4.06 80.18
CA ASP E 84 -13.93 4.03 78.73
C ASP E 84 -13.52 5.39 78.17
N PRO E 85 -12.30 5.46 77.59
CA PRO E 85 -11.78 6.75 77.13
C PRO E 85 -12.60 7.23 75.95
N PHE E 86 -13.32 6.31 75.32
CA PHE E 86 -14.10 6.66 74.14
C PHE E 86 -15.51 7.05 74.52
N ARG E 87 -16.21 6.17 75.22
CA ARG E 87 -17.58 6.48 75.63
C ARG E 87 -17.61 7.51 76.74
N ARG E 88 -16.53 7.60 77.49
CA ARG E 88 -16.44 8.49 78.64
C ARG E 88 -17.65 8.40 79.60
N GLY E 89 -17.83 9.41 80.44
CA GLY E 89 -18.87 9.32 81.44
C GLY E 89 -18.59 8.18 82.39
N ASP E 90 -19.66 7.59 82.92
CA ASP E 90 -19.51 6.46 83.85
C ASP E 90 -19.45 5.17 83.08
N ASN E 91 -19.23 5.27 81.78
CA ASN E 91 -19.08 4.10 80.94
C ASN E 91 -17.70 3.50 81.13
N ILE E 92 -17.60 2.20 80.91
CA ILE E 92 -16.42 1.44 81.33
C ILE E 92 -16.00 0.39 80.29
N VAL E 93 -14.71 0.07 80.27
CA VAL E 93 -14.16 -0.98 79.41
C VAL E 93 -13.77 -2.16 80.28
N VAL E 94 -14.18 -3.37 79.92
CA VAL E 94 -13.91 -4.54 80.74
C VAL E 94 -13.03 -5.57 80.05
N LEU E 95 -11.84 -5.80 80.58
CA LEU E 95 -10.97 -6.83 80.04
C LEU E 95 -11.39 -8.21 80.53
N ALA E 96 -11.87 -9.05 79.61
CA ALA E 96 -12.36 -10.37 79.97
C ALA E 96 -11.47 -11.50 79.46
N ALA E 97 -11.32 -12.54 80.29
CA ALA E 97 -10.55 -13.72 79.92
C ALA E 97 -11.47 -14.80 79.33
N CYS E 98 -10.93 -15.61 78.41
CA CYS E 98 -11.74 -16.63 77.73
C CYS E 98 -11.67 -18.03 78.36
N TYR E 99 -12.81 -18.52 78.87
CA TYR E 99 -12.89 -19.87 79.39
C TYR E 99 -13.86 -20.69 78.55
N ASN E 100 -13.47 -21.91 78.19
CA ASN E 100 -14.37 -22.86 77.54
C ASN E 100 -15.48 -23.30 78.49
N ASN E 101 -16.50 -23.97 77.97
CA ASN E 101 -17.59 -24.46 78.82
C ASN E 101 -17.15 -25.52 79.84
N ASP E 102 -15.95 -26.07 79.68
CA ASP E 102 -15.37 -26.97 80.69
C ASP E 102 -15.17 -26.23 81.98
N GLY E 103 -14.86 -24.94 81.87
CA GLY E 103 -14.34 -24.18 82.98
C GLY E 103 -12.86 -24.01 82.75
N THR E 104 -12.34 -24.75 81.77
CA THR E 104 -10.94 -24.64 81.37
C THR E 104 -10.67 -23.38 80.54
N PRO E 105 -9.49 -22.81 80.72
CA PRO E 105 -9.06 -21.65 79.94
C PRO E 105 -8.85 -21.99 78.46
N ASN E 106 -9.55 -21.27 77.59
CA ASN E 106 -9.43 -21.45 76.15
C ASN E 106 -7.99 -21.66 75.63
N LYS E 107 -7.88 -22.26 74.45
CA LYS E 107 -6.58 -22.42 73.78
C LYS E 107 -5.77 -21.14 73.98
N PHE E 108 -6.41 -19.99 73.80
CA PHE E 108 -5.67 -18.74 73.68
C PHE E 108 -5.74 -17.91 74.94
N ASN E 109 -6.23 -18.53 76.00
CA ASN E 109 -6.14 -17.89 77.30
C ASN E 109 -4.84 -18.32 77.98
N HIS E 110 -3.88 -17.41 78.02
CA HIS E 110 -2.61 -17.66 78.69
C HIS E 110 -2.49 -16.81 79.93
N ARG E 111 -3.57 -16.11 80.26
CA ARG E 111 -3.54 -15.28 81.43
C ARG E 111 -3.55 -16.17 82.66
N HIS E 112 -4.36 -17.22 82.60
CA HIS E 112 -4.50 -18.11 83.74
C HIS E 112 -3.17 -18.79 84.06
N GLU E 113 -2.55 -19.41 83.06
CA GLU E 113 -1.28 -20.06 83.31
C GLU E 113 -0.28 -19.12 84.01
N ALA E 114 -0.06 -17.96 83.42
CA ALA E 114 0.84 -16.98 83.99
C ALA E 114 0.49 -16.61 85.42
N ALA E 115 -0.79 -16.36 85.65
CA ALA E 115 -1.28 -16.00 86.97
C ALA E 115 -0.70 -16.95 88.01
N LYS E 116 -0.78 -18.25 87.73
CA LYS E 116 -0.26 -19.26 88.63
C LYS E 116 1.15 -18.89 89.07
N LEU E 117 2.02 -18.65 88.11
CA LEU E 117 3.40 -18.30 88.42
C LEU E 117 3.49 -17.04 89.28
N PHE E 118 2.75 -16.00 88.91
CA PHE E 118 2.82 -14.74 89.64
C PHE E 118 2.34 -14.93 91.06
N ALA E 119 1.33 -15.77 91.23
CA ALA E 119 0.77 -16.02 92.55
C ALA E 119 1.79 -16.79 93.38
N ALA E 120 2.45 -17.77 92.76
CA ALA E 120 3.49 -18.52 93.44
C ALA E 120 4.55 -17.59 93.96
N HIS E 121 5.09 -16.77 93.07
CA HIS E 121 6.21 -15.90 93.44
C HIS E 121 5.77 -14.52 93.91
N LYS E 122 4.57 -14.44 94.49
CA LYS E 122 4.07 -13.20 95.08
C LYS E 122 5.19 -12.48 95.80
N ASP E 123 5.98 -13.25 96.56
CA ASP E 123 6.97 -12.67 97.46
C ASP E 123 8.05 -11.88 96.75
N GLU E 124 8.43 -12.33 95.55
CA GLU E 124 9.47 -11.65 94.77
C GLU E 124 9.04 -10.29 94.21
N GLU E 125 7.73 -10.12 94.01
CA GLU E 125 7.19 -8.88 93.47
C GLU E 125 7.83 -8.52 92.13
N ILE E 126 7.67 -9.37 91.11
CA ILE E 126 8.25 -9.04 89.80
C ILE E 126 7.57 -7.80 89.30
N TRP E 127 8.36 -6.93 88.68
CA TRP E 127 7.85 -5.76 88.00
C TRP E 127 8.25 -5.82 86.55
N PHE E 128 7.33 -5.42 85.69
CA PHE E 128 7.62 -5.35 84.27
C PHE E 128 7.36 -3.95 83.76
N GLY E 129 8.08 -3.63 82.69
CA GLY E 129 7.81 -2.43 81.92
C GLY E 129 8.01 -2.81 80.47
N LEU E 130 6.95 -2.78 79.68
CA LEU E 130 7.09 -3.13 78.25
C LEU E 130 7.21 -1.88 77.40
N GLU E 131 8.01 -1.98 76.33
CA GLU E 131 8.15 -0.90 75.35
C GLU E 131 7.52 -1.37 74.04
N GLN E 132 6.25 -1.08 73.86
CA GLN E 132 5.51 -1.56 72.72
C GLN E 132 5.76 -0.71 71.49
N GLU E 133 6.39 -1.29 70.49
CA GLU E 133 6.58 -0.59 69.23
C GLU E 133 5.52 -1.09 68.25
N TYR E 134 5.04 -0.20 67.39
CA TYR E 134 4.05 -0.57 66.39
C TYR E 134 4.29 0.28 65.16
N THR E 135 3.64 -0.06 64.05
CA THR E 135 3.83 0.63 62.78
C THR E 135 2.48 0.94 62.14
N LEU E 136 2.35 2.15 61.59
CA LEU E 136 1.05 2.64 61.08
C LEU E 136 0.79 2.30 59.62
N PHE E 137 -0.48 2.09 59.26
CA PHE E 137 -0.83 1.69 57.89
C PHE E 137 -2.10 2.31 57.33
N ASP E 138 -2.09 2.51 56.01
CA ASP E 138 -3.26 2.91 55.20
C ASP E 138 -4.45 2.05 55.45
N MET E 139 -5.62 2.58 55.11
CA MET E 139 -6.78 1.73 54.88
C MET E 139 -6.47 0.76 53.76
N TYR E 140 -5.43 1.05 52.97
CA TYR E 140 -5.08 0.25 51.82
C TYR E 140 -3.86 -0.61 52.08
N ASP E 141 -3.51 -0.74 53.36
CA ASP E 141 -2.43 -1.63 53.76
C ASP E 141 -1.07 -1.19 53.22
N ASP E 142 -0.91 0.11 53.00
CA ASP E 142 0.40 0.65 52.68
C ASP E 142 0.87 1.46 53.88
N VAL E 143 2.18 1.59 54.08
CA VAL E 143 2.66 2.31 55.25
C VAL E 143 2.08 3.73 55.30
N TYR E 144 1.58 4.12 56.47
CA TYR E 144 0.79 5.33 56.58
C TYR E 144 1.59 6.58 56.30
N GLY E 145 1.13 7.33 55.28
CA GLY E 145 1.74 8.62 54.99
C GLY E 145 2.97 8.56 54.11
N TRP E 146 3.40 7.35 53.81
CA TRP E 146 4.53 7.20 52.94
C TRP E 146 4.11 7.61 51.53
N PRO E 147 5.01 8.30 50.80
CA PRO E 147 4.94 8.58 49.38
C PRO E 147 4.27 7.47 48.57
N LYS E 148 3.43 7.90 47.63
CA LYS E 148 2.60 6.97 46.88
C LYS E 148 3.45 6.12 45.95
N GLY E 149 3.46 4.80 46.19
CA GLY E 149 4.27 3.89 45.40
C GLY E 149 5.76 3.94 45.72
N GLY E 150 6.18 4.96 46.48
CA GLY E 150 7.57 5.13 46.86
C GLY E 150 7.93 5.11 48.35
N TYR E 151 8.94 5.88 48.72
CA TYR E 151 9.49 5.80 50.08
C TYR E 151 9.87 7.17 50.57
N PRO E 152 9.81 7.35 51.89
CA PRO E 152 10.33 8.58 52.51
C PRO E 152 11.84 8.63 52.38
N ALA E 153 12.44 9.67 52.92
CA ALA E 153 13.91 9.72 52.95
C ALA E 153 14.38 8.59 53.81
N PRO E 154 15.69 8.31 53.80
CA PRO E 154 16.21 7.19 54.59
C PRO E 154 16.19 7.52 56.05
N GLN E 155 16.23 6.48 56.88
CA GLN E 155 16.05 6.62 58.32
C GLN E 155 17.07 7.58 58.92
N GLY E 156 16.73 8.16 60.07
CA GLY E 156 17.64 9.07 60.73
C GLY E 156 16.94 10.26 61.36
N PRO E 157 16.15 10.96 60.56
CA PRO E 157 15.48 12.16 61.05
C PRO E 157 14.12 11.86 61.70
N TYR E 158 13.71 10.60 61.76
CA TYR E 158 12.37 10.26 62.26
C TYR E 158 12.29 9.91 63.75
N TYR E 159 13.33 9.27 64.26
CA TYR E 159 13.43 8.91 65.67
C TYR E 159 13.30 10.13 66.55
N CYS E 160 12.23 10.15 67.37
CA CYS E 160 11.96 11.27 68.27
C CYS E 160 11.82 12.56 67.48
N GLY E 161 11.31 12.41 66.26
CA GLY E 161 11.26 13.49 65.31
C GLY E 161 10.33 14.61 65.69
N VAL E 162 10.55 15.78 65.12
CA VAL E 162 9.61 16.88 65.25
C VAL E 162 9.75 17.77 64.04
N GLY E 163 8.60 18.12 63.47
CA GLY E 163 8.56 18.80 62.19
C GLY E 163 7.70 18.03 61.20
N ALA E 164 7.09 18.76 60.27
CA ALA E 164 6.07 18.22 59.39
C ALA E 164 6.39 16.91 58.68
N GLY E 165 7.57 16.75 58.11
CA GLY E 165 7.80 15.47 57.45
C GLY E 165 8.40 14.37 58.32
N LYS E 166 8.73 14.73 59.55
CA LYS E 166 9.58 13.91 60.42
C LYS E 166 8.80 12.88 61.22
N VAL E 167 7.49 12.95 61.17
CA VAL E 167 6.70 12.16 62.07
C VAL E 167 5.32 11.98 61.44
N TYR E 168 4.68 10.85 61.68
CA TYR E 168 3.40 10.62 61.03
C TYR E 168 2.24 10.28 61.98
N ALA E 169 1.13 10.99 61.84
CA ALA E 169 -0.07 10.75 62.64
C ALA E 169 0.09 11.02 64.14
N ARG E 170 0.87 12.04 64.50
CA ARG E 170 1.11 12.36 65.90
C ARG E 170 -0.19 12.56 66.67
N ASP E 171 -1.20 13.13 66.02
CA ASP E 171 -2.47 13.40 66.67
C ASP E 171 -3.11 12.12 67.13
N MET E 172 -3.03 11.09 66.32
CA MET E 172 -3.60 9.81 66.70
C MET E 172 -2.82 9.26 67.87
N ILE E 173 -1.50 9.27 67.75
CA ILE E 173 -0.63 8.80 68.82
C ILE E 173 -0.89 9.50 70.15
N GLU E 174 -1.15 10.80 70.08
CA GLU E 174 -1.44 11.59 71.27
C GLU E 174 -2.78 11.20 71.86
N ALA E 175 -3.77 11.00 71.01
CA ALA E 175 -5.10 10.61 71.43
C ALA E 175 -5.04 9.33 72.24
N HIS E 176 -4.25 8.40 71.76
CA HIS E 176 -4.04 7.15 72.45
C HIS E 176 -3.43 7.41 73.83
N TYR E 177 -2.33 8.15 73.87
CA TYR E 177 -1.71 8.53 75.15
C TYR E 177 -2.78 9.03 76.12
N ARG E 178 -3.56 10.00 75.69
CA ARG E 178 -4.63 10.54 76.53
C ARG E 178 -5.58 9.44 76.98
N ALA E 179 -6.00 8.61 76.04
CA ALA E 179 -6.94 7.52 76.34
C ALA E 179 -6.40 6.67 77.48
N CYS E 180 -5.20 6.16 77.30
CA CYS E 180 -4.55 5.33 78.32
C CYS E 180 -4.53 6.03 79.68
N LEU E 181 -4.14 7.30 79.71
CA LEU E 181 -4.09 8.01 80.96
C LEU E 181 -5.48 8.11 81.60
N TYR E 182 -6.51 8.34 80.79
CA TYR E 182 -7.88 8.48 81.30
C TYR E 182 -8.32 7.19 81.94
N ALA E 183 -7.99 6.08 81.30
CA ALA E 183 -8.34 4.76 81.79
C ALA E 183 -7.53 4.43 83.02
N GLY E 184 -6.51 5.22 83.29
CA GLY E 184 -5.67 5.03 84.45
C GLY E 184 -4.64 3.94 84.26
N LEU E 185 -4.39 3.55 83.01
CA LEU E 185 -3.28 2.64 82.71
C LEU E 185 -1.93 3.21 83.14
N GLU E 186 -0.96 2.36 83.39
CA GLU E 186 0.36 2.83 83.80
C GLU E 186 1.20 3.11 82.55
N ILE E 187 0.76 4.04 81.74
CA ILE E 187 1.48 4.38 80.54
C ILE E 187 2.58 5.39 80.86
N SER E 188 3.82 4.96 80.75
CA SER E 188 4.97 5.71 81.25
C SER E 188 5.48 6.81 80.30
N GLY E 189 5.25 6.62 78.99
CA GLY E 189 5.78 7.55 78.02
C GLY E 189 5.57 7.08 76.60
N ILE E 190 5.84 7.96 75.65
CA ILE E 190 5.63 7.65 74.25
C ILE E 190 6.81 8.24 73.49
N ASN E 191 7.09 7.74 72.29
CA ASN E 191 8.12 8.34 71.45
C ASN E 191 8.01 7.90 70.01
N ALA E 192 8.43 8.75 69.09
CA ALA E 192 8.47 8.35 67.68
C ALA E 192 9.69 7.48 67.40
N GLU E 193 9.50 6.39 66.67
CA GLU E 193 10.59 5.47 66.42
C GLU E 193 11.41 5.77 65.17
N VAL E 194 12.37 4.90 64.89
CA VAL E 194 13.35 5.14 63.86
C VAL E 194 12.82 5.12 62.44
N MET E 195 12.02 4.11 62.14
CA MET E 195 11.34 4.03 60.86
C MET E 195 10.18 5.03 60.84
N PRO E 196 10.04 5.76 59.73
CA PRO E 196 8.95 6.72 59.60
C PRO E 196 7.58 6.06 59.78
N SER E 197 6.68 6.72 60.49
CA SER E 197 5.35 6.19 60.84
C SER E 197 5.40 4.89 61.66
N GLN E 198 6.44 4.78 62.48
CA GLN E 198 6.56 3.75 63.49
C GLN E 198 6.72 4.41 64.85
N TRP E 199 5.93 3.97 65.83
CA TRP E 199 5.95 4.58 67.15
C TRP E 199 6.20 3.57 68.25
N GLU E 200 6.36 4.08 69.46
CA GLU E 200 6.47 3.27 70.66
C GLU E 200 5.62 3.91 71.76
N PHE E 201 5.00 3.11 72.61
CA PHE E 201 4.54 3.59 73.91
C PHE E 201 5.04 2.64 74.97
N GLN E 202 5.30 3.15 76.17
CA GLN E 202 5.77 2.27 77.24
C GLN E 202 4.73 2.18 78.35
N VAL E 203 4.54 0.98 78.88
CA VAL E 203 3.67 0.77 80.01
C VAL E 203 4.43 0.11 81.14
N GLY E 204 4.52 0.78 82.27
CA GLY E 204 5.16 0.20 83.43
C GLY E 204 5.47 1.23 84.48
N PRO E 205 5.87 0.77 85.68
CA PRO E 205 6.01 -0.65 85.98
C PRO E 205 4.70 -1.23 86.45
N CYS E 206 4.43 -2.48 86.09
CA CYS E 206 3.23 -3.17 86.52
C CYS E 206 3.63 -4.43 87.25
N THR E 207 2.78 -4.93 88.16
CA THR E 207 3.13 -6.14 88.89
C THR E 207 2.44 -7.39 88.36
N GLY E 208 3.24 -8.38 88.03
CA GLY E 208 2.72 -9.66 87.59
C GLY E 208 1.67 -9.62 86.50
N ILE E 209 0.44 -9.97 86.85
CA ILE E 209 -0.59 -10.12 85.86
C ILE E 209 -0.98 -8.77 85.29
N ASP E 210 -0.80 -7.72 86.08
CA ASP E 210 -1.15 -6.38 85.61
C ASP E 210 -0.49 -6.00 84.30
N MET E 211 0.78 -6.37 84.14
CA MET E 211 1.51 -6.04 82.93
C MET E 211 0.70 -6.51 81.74
N GLY E 212 0.42 -7.81 81.69
CA GLY E 212 -0.40 -8.37 80.63
C GLY E 212 -1.74 -7.65 80.48
N ASP E 213 -2.48 -7.52 81.55
CA ASP E 213 -3.79 -6.87 81.47
C ASP E 213 -3.69 -5.47 80.86
N GLN E 214 -2.83 -4.64 81.43
CA GLN E 214 -2.73 -3.26 80.98
C GLN E 214 -2.22 -3.15 79.54
N LEU E 215 -1.23 -3.94 79.15
CA LEU E 215 -0.72 -3.83 77.78
C LEU E 215 -1.83 -4.18 76.82
N TRP E 216 -2.54 -5.25 77.13
CA TRP E 216 -3.65 -5.64 76.27
C TRP E 216 -4.70 -4.55 76.13
N MET E 217 -5.06 -3.88 77.23
CA MET E 217 -5.98 -2.73 77.14
C MET E 217 -5.41 -1.61 76.30
N ALA E 218 -4.14 -1.25 76.54
CA ALA E 218 -3.47 -0.22 75.75
C ALA E 218 -3.57 -0.52 74.25
N ARG E 219 -3.39 -1.79 73.91
CA ARG E 219 -3.54 -2.24 72.55
C ARG E 219 -4.96 -2.05 72.06
N TYR E 220 -5.93 -2.37 72.90
CA TYR E 220 -7.32 -2.17 72.50
C TYR E 220 -7.49 -0.70 72.17
N PHE E 221 -7.08 0.14 73.11
CA PHE E 221 -7.18 1.57 72.93
C PHE E 221 -6.50 2.02 71.64
N LEU E 222 -5.32 1.48 71.38
CA LEU E 222 -4.60 1.85 70.18
C LEU E 222 -5.41 1.54 68.93
N HIS E 223 -5.74 0.28 68.68
CA HIS E 223 -6.58 -0.09 67.56
C HIS E 223 -7.84 0.76 67.44
N ARG E 224 -8.51 0.87 68.58
CA ARG E 224 -9.80 1.51 68.63
C ARG E 224 -9.73 3.00 68.26
N VAL E 225 -8.76 3.72 68.84
CA VAL E 225 -8.65 5.14 68.62
C VAL E 225 -8.23 5.37 67.19
N ALA E 226 -7.33 4.53 66.69
CA ALA E 226 -6.81 4.70 65.33
C ALA E 226 -7.91 4.50 64.33
N GLU E 227 -8.91 3.71 64.68
CA GLU E 227 -10.08 3.56 63.83
C GLU E 227 -10.55 4.93 63.40
N GLU E 228 -10.57 5.84 64.36
CA GLU E 228 -11.12 7.17 64.13
C GLU E 228 -10.28 7.98 63.12
N PHE E 229 -9.08 7.50 62.81
CA PHE E 229 -8.18 8.19 61.89
C PHE E 229 -7.98 7.37 60.62
N GLY E 230 -8.77 6.30 60.49
CA GLY E 230 -8.63 5.38 59.37
C GLY E 230 -7.25 4.76 59.28
N ILE E 231 -6.61 4.60 60.44
CA ILE E 231 -5.28 4.01 60.49
C ILE E 231 -5.32 2.60 61.08
N LYS E 232 -4.68 1.68 60.37
CA LYS E 232 -4.54 0.31 60.83
C LYS E 232 -3.27 0.22 61.64
N ILE E 233 -3.30 -0.56 62.73
CA ILE E 233 -2.09 -0.76 63.55
C ILE E 233 -1.40 -2.11 63.36
N SER E 234 -0.09 -2.10 63.10
CA SER E 234 0.61 -3.33 62.80
C SER E 234 1.64 -3.69 63.86
N PHE E 235 1.46 -4.86 64.46
CA PHE E 235 2.39 -5.31 65.50
C PHE E 235 3.38 -6.28 64.90
N HIS E 236 3.41 -6.36 63.58
CA HIS E 236 4.40 -7.19 62.91
C HIS E 236 5.81 -6.75 63.27
N PRO E 237 6.72 -7.71 63.46
CA PRO E 237 8.10 -7.47 63.89
C PRO E 237 8.97 -6.83 62.83
N LYS E 238 8.58 -6.98 61.55
CA LYS E 238 9.34 -6.41 60.44
C LYS E 238 8.39 -6.02 59.34
N PRO E 239 7.72 -4.86 59.50
CA PRO E 239 6.63 -4.45 58.61
C PRO E 239 7.18 -4.19 57.19
N LEU E 240 8.40 -3.71 57.12
CA LEU E 240 9.01 -3.50 55.83
C LEU E 240 10.33 -4.20 55.76
N LYS E 241 10.51 -4.99 54.71
CA LYS E 241 11.74 -5.73 54.53
C LYS E 241 12.82 -4.74 54.18
N GLY E 242 14.06 -5.04 54.58
CA GLY E 242 15.18 -4.18 54.27
C GLY E 242 15.90 -3.66 55.48
N ASP E 243 16.32 -2.40 55.41
CA ASP E 243 17.01 -1.78 56.53
C ASP E 243 16.07 -1.00 57.44
N TRP E 244 14.83 -0.83 56.99
CA TRP E 244 13.80 -0.23 57.84
C TRP E 244 13.67 -1.00 59.16
N ASN E 245 13.71 -0.27 60.27
CA ASN E 245 13.68 -0.89 61.59
C ASN E 245 12.55 -1.88 61.78
N GLY E 246 12.84 -2.91 62.58
CA GLY E 246 11.84 -3.88 62.97
C GLY E 246 11.01 -3.30 64.11
N ALA E 247 10.14 -4.12 64.68
CA ALA E 247 9.31 -3.66 65.81
C ALA E 247 9.39 -4.66 66.96
N GLY E 248 9.90 -4.20 68.09
CA GLY E 248 10.04 -5.04 69.25
C GLY E 248 9.13 -4.63 70.38
N CYS E 249 9.14 -5.43 71.44
CA CYS E 249 8.43 -5.12 72.67
C CYS E 249 9.36 -5.41 73.83
N HIS E 250 10.46 -4.67 73.88
CA HIS E 250 11.44 -4.80 74.95
C HIS E 250 10.76 -4.98 76.32
N ALA E 251 10.95 -6.15 76.92
CA ALA E 251 10.43 -6.37 78.26
C ALA E 251 11.50 -6.00 79.32
N ASN E 252 11.20 -5.02 80.15
CA ASN E 252 12.09 -4.66 81.26
C ASN E 252 11.64 -5.39 82.52
N VAL E 253 12.60 -5.92 83.28
CA VAL E 253 12.27 -6.81 84.39
C VAL E 253 13.03 -6.47 85.67
N SER E 254 12.37 -6.67 86.80
CA SER E 254 13.02 -6.55 88.12
C SER E 254 12.22 -7.25 89.24
N THR E 255 12.96 -7.82 90.20
CA THR E 255 12.36 -8.35 91.43
C THR E 255 12.72 -7.44 92.60
N LYS E 256 12.05 -7.62 93.72
CA LYS E 256 12.32 -6.78 94.88
C LYS E 256 13.82 -6.72 95.17
N GLU E 257 14.48 -7.87 95.15
CA GLU E 257 15.91 -7.94 95.45
C GLU E 257 16.75 -7.06 94.52
N MET E 258 16.45 -7.11 93.22
CA MET E 258 17.20 -6.36 92.24
C MET E 258 17.04 -4.87 92.43
N ARG E 259 15.91 -4.47 93.02
CA ARG E 259 15.61 -3.05 93.19
C ARG E 259 16.25 -2.43 94.44
N GLN E 260 16.62 -3.26 95.41
CA GLN E 260 17.33 -2.80 96.60
C GLN E 260 18.82 -2.97 96.40
N PRO E 261 19.58 -2.08 97.04
CA PRO E 261 21.04 -1.98 96.84
C PRO E 261 21.71 -3.34 96.81
N GLY E 262 22.78 -3.48 96.02
CA GLY E 262 23.44 -4.74 95.85
C GLY E 262 22.64 -5.64 94.92
N GLY E 263 21.82 -5.00 94.09
CA GLY E 263 20.95 -5.72 93.19
C GLY E 263 21.66 -6.41 92.04
N THR E 264 22.60 -5.73 91.36
CA THR E 264 23.16 -6.27 90.10
C THR E 264 23.67 -7.68 90.35
N LYS E 265 23.75 -8.05 91.63
CA LYS E 265 24.02 -9.43 92.03
C LYS E 265 22.94 -10.33 91.45
N TYR E 266 21.71 -10.11 91.91
CA TYR E 266 20.56 -10.92 91.50
C TYR E 266 20.18 -10.64 90.04
N ILE E 267 20.44 -9.42 89.58
CA ILE E 267 20.26 -9.10 88.17
C ILE E 267 21.16 -10.02 87.35
N GLU E 268 22.43 -10.11 87.72
CA GLU E 268 23.36 -10.96 87.02
C GLU E 268 22.95 -12.43 87.08
N GLN E 269 22.45 -12.83 88.26
CA GLN E 269 21.98 -14.20 88.43
C GLN E 269 20.86 -14.50 87.46
N ALA E 270 19.88 -13.59 87.42
CA ALA E 270 18.73 -13.75 86.53
C ALA E 270 19.21 -13.86 85.08
N ILE E 271 20.12 -12.98 84.69
CA ILE E 271 20.60 -12.95 83.32
C ILE E 271 21.19 -14.29 82.97
N GLU E 272 21.83 -14.92 83.94
CA GLU E 272 22.44 -16.21 83.68
C GLU E 272 21.41 -17.32 83.50
N LYS E 273 20.44 -17.39 84.40
CA LYS E 273 19.34 -18.34 84.23
C LYS E 273 18.73 -18.15 82.84
N LEU E 274 18.50 -16.89 82.48
CA LEU E 274 17.91 -16.53 81.20
C LEU E 274 18.74 -17.09 80.04
N SER E 275 20.05 -17.10 80.22
CA SER E 275 20.98 -17.53 79.19
C SER E 275 20.85 -19.02 78.90
N LYS E 276 20.39 -19.77 79.90
CA LYS E 276 20.19 -21.21 79.76
C LYS E 276 18.87 -21.55 79.08
N ARG E 277 17.92 -20.62 79.12
CA ARG E 277 16.62 -20.86 78.50
C ARG E 277 16.30 -19.92 77.32
N HIS E 278 17.34 -19.52 76.59
CA HIS E 278 17.18 -18.65 75.44
C HIS E 278 16.22 -19.25 74.42
N ALA E 279 16.37 -20.53 74.12
CA ALA E 279 15.54 -21.12 73.08
C ALA E 279 14.10 -21.18 73.50
N GLU E 280 13.86 -21.53 74.76
CA GLU E 280 12.51 -21.69 75.28
C GLU E 280 11.76 -20.35 75.29
N HIS E 281 12.50 -19.29 75.62
CA HIS E 281 11.97 -17.93 75.55
C HIS E 281 11.68 -17.52 74.12
N ILE E 282 12.70 -17.52 73.28
CA ILE E 282 12.51 -17.23 71.87
C ILE E 282 11.24 -17.89 71.31
N LYS E 283 10.99 -19.14 71.69
CA LYS E 283 9.83 -19.85 71.16
C LYS E 283 8.54 -19.11 71.47
N LEU E 284 8.45 -18.48 72.64
CA LEU E 284 7.34 -17.56 72.90
C LEU E 284 7.67 -16.27 72.13
N TYR E 285 7.98 -15.17 72.82
CA TYR E 285 8.68 -14.01 72.18
C TYR E 285 8.37 -13.56 70.73
N GLY E 286 7.40 -14.17 70.06
CA GLY E 286 6.90 -13.61 68.82
C GLY E 286 7.23 -14.29 67.52
N SER E 287 6.22 -14.41 66.67
CA SER E 287 6.33 -15.02 65.34
C SER E 287 6.98 -14.13 64.28
N ASP E 288 7.53 -14.77 63.25
CA ASP E 288 8.55 -14.16 62.41
C ASP E 288 9.40 -13.08 63.09
N ASN E 289 9.78 -13.32 64.34
CA ASN E 289 10.79 -12.51 64.99
C ASN E 289 12.10 -12.73 64.26
N ASP E 290 12.14 -13.83 63.51
CA ASP E 290 13.33 -14.21 62.73
C ASP E 290 13.69 -13.14 61.72
N MET E 291 12.72 -12.33 61.30
CA MET E 291 13.04 -11.24 60.38
C MET E 291 13.45 -9.98 61.12
N ARG E 292 13.85 -10.13 62.39
CA ARG E 292 14.27 -9.00 63.21
C ARG E 292 15.56 -9.27 64.02
N SER E 301 20.44 -11.24 67.54
CA SER E 301 20.44 -12.55 66.86
C SER E 301 19.53 -13.61 67.49
N MET E 302 18.85 -14.37 66.63
CA MET E 302 17.80 -15.31 67.03
C MET E 302 18.32 -16.55 67.73
N THR E 303 19.57 -16.91 67.43
CA THR E 303 20.15 -18.15 67.94
C THR E 303 21.21 -17.87 69.00
N ALA E 304 21.80 -16.69 68.93
CA ALA E 304 22.81 -16.30 69.89
C ALA E 304 22.19 -15.60 71.09
N PHE E 305 22.73 -15.89 72.26
CA PHE E 305 22.35 -15.14 73.46
C PHE E 305 23.56 -14.41 73.97
N SER E 306 23.40 -13.11 74.21
CA SER E 306 24.47 -12.32 74.81
C SER E 306 23.89 -11.26 75.75
N SER E 307 24.75 -10.73 76.62
CA SER E 307 24.34 -9.69 77.53
C SER E 307 25.53 -8.79 77.84
N GLY E 308 25.24 -7.56 78.24
CA GLY E 308 26.26 -6.60 78.59
C GLY E 308 25.63 -5.27 79.00
N VAL E 309 26.39 -4.46 79.73
CA VAL E 309 25.93 -3.14 80.12
C VAL E 309 25.89 -2.24 78.89
N ALA E 310 24.97 -1.27 78.90
CA ALA E 310 24.79 -0.33 77.79
C ALA E 310 25.11 -1.01 76.47
N ASN E 311 24.21 -1.88 76.05
CA ASN E 311 24.46 -2.67 74.88
C ASN E 311 23.16 -2.94 74.13
N ARG E 312 22.82 -2.06 73.19
CA ARG E 312 21.62 -2.23 72.37
C ARG E 312 21.81 -3.33 71.31
N GLY E 313 22.93 -4.04 71.41
CA GLY E 313 23.22 -5.15 70.51
C GLY E 313 23.01 -6.50 71.17
N SER E 314 23.00 -6.53 72.49
CA SER E 314 22.86 -7.80 73.20
C SER E 314 21.40 -8.26 73.32
N SER E 315 21.21 -9.49 73.78
CA SER E 315 19.89 -10.05 74.03
C SER E 315 19.29 -9.44 75.29
N ILE E 316 20.11 -9.33 76.33
CA ILE E 316 19.74 -8.62 77.55
C ILE E 316 20.70 -7.47 77.81
N ARG E 317 20.15 -6.31 78.12
CA ARG E 317 20.96 -5.11 78.28
C ARG E 317 20.79 -4.58 79.69
N ILE E 318 21.90 -4.37 80.38
CA ILE E 318 21.87 -3.68 81.67
C ILE E 318 22.13 -2.20 81.44
N PRO E 319 21.14 -1.36 81.73
CA PRO E 319 21.26 0.08 81.53
C PRO E 319 22.47 0.59 82.26
N ARG E 320 23.27 1.44 81.62
CA ARG E 320 24.45 1.99 82.26
C ARG E 320 24.07 2.58 83.61
N SER E 321 22.96 3.27 83.62
CA SER E 321 22.40 3.85 84.84
C SER E 321 22.34 2.80 85.97
N VAL E 322 21.68 1.69 85.70
CA VAL E 322 21.56 0.58 86.66
C VAL E 322 22.93 0.09 87.10
N ALA E 323 23.80 -0.18 86.13
CA ALA E 323 25.14 -0.65 86.41
C ALA E 323 25.85 0.31 87.38
N LYS E 324 25.88 1.59 87.03
CA LYS E 324 26.56 2.58 87.86
C LYS E 324 26.01 2.64 89.30
N GLU E 325 24.71 2.38 89.47
CA GLU E 325 24.10 2.50 90.79
C GLU E 325 24.01 1.18 91.59
N GLY E 326 24.26 0.06 90.95
CA GLY E 326 24.34 -1.21 91.65
C GLY E 326 23.03 -1.95 91.88
N TYR E 327 21.94 -1.38 91.39
CA TYR E 327 20.63 -2.00 91.52
C TYR E 327 19.70 -1.41 90.47
N GLY E 328 18.62 -2.11 90.19
CA GLY E 328 17.67 -1.67 89.20
C GLY E 328 16.97 -2.82 88.50
N TYR E 329 17.04 -2.80 87.17
CA TYR E 329 16.32 -3.75 86.34
C TYR E 329 17.16 -4.05 85.13
N PHE E 330 16.73 -5.03 84.35
CA PHE E 330 17.42 -5.34 83.10
C PHE E 330 16.43 -5.25 81.94
N GLU E 331 16.96 -5.09 80.73
CA GLU E 331 16.12 -4.97 79.54
C GLU E 331 16.32 -6.18 78.67
N ASP E 332 15.28 -7.00 78.53
CA ASP E 332 15.30 -8.09 77.56
C ASP E 332 14.85 -7.55 76.19
N ARG E 333 15.80 -7.46 75.26
CA ARG E 333 15.52 -6.84 73.98
C ARG E 333 15.03 -7.82 72.92
N ARG E 334 14.83 -9.07 73.34
CA ARG E 334 14.45 -10.13 72.40
C ARG E 334 12.98 -10.14 71.96
N PRO E 335 12.02 -9.89 72.87
CA PRO E 335 10.62 -10.09 72.46
C PRO E 335 10.22 -9.18 71.31
N ALA E 336 9.42 -9.72 70.40
CA ALA E 336 8.95 -8.94 69.25
C ALA E 336 7.69 -8.15 69.59
N SER E 337 7.39 -7.18 68.75
CA SER E 337 6.23 -6.33 68.91
C SER E 337 4.95 -7.13 69.10
N ASN E 338 4.86 -8.28 68.42
CA ASN E 338 3.61 -9.05 68.40
C ASN E 338 3.46 -10.05 69.53
N ILE E 339 4.32 -9.96 70.54
CA ILE E 339 4.26 -10.88 71.67
C ILE E 339 2.95 -10.80 72.46
N ASP E 340 2.55 -11.93 73.06
CA ASP E 340 1.51 -11.93 74.09
C ASP E 340 2.15 -11.73 75.45
N PRO E 341 1.93 -10.55 76.06
CA PRO E 341 2.55 -10.16 77.33
C PRO E 341 2.39 -11.22 78.41
N TYR E 342 1.26 -11.95 78.39
CA TYR E 342 1.01 -13.03 79.35
C TYR E 342 2.09 -14.10 79.20
N LEU E 343 2.39 -14.45 77.96
CA LEU E 343 3.45 -15.42 77.69
C LEU E 343 4.85 -14.91 78.05
N VAL E 344 5.18 -13.70 77.65
CA VAL E 344 6.47 -13.17 77.97
C VAL E 344 6.65 -12.98 79.47
N THR E 345 5.77 -12.20 80.12
CA THR E 345 5.93 -11.97 81.57
C THR E 345 5.83 -13.28 82.33
N GLY E 346 4.98 -14.18 81.82
CA GLY E 346 4.81 -15.50 82.40
C GLY E 346 6.10 -16.31 82.44
N ILE E 347 6.67 -16.56 81.28
CA ILE E 347 7.88 -17.38 81.22
C ILE E 347 9.06 -16.62 81.83
N MET E 348 9.00 -15.30 81.80
CA MET E 348 10.08 -14.54 82.43
C MET E 348 10.13 -14.91 83.90
N CYS E 349 8.99 -14.85 84.55
CA CYS E 349 8.88 -15.18 85.97
C CYS E 349 9.31 -16.62 86.17
N GLU E 350 8.77 -17.50 85.34
CA GLU E 350 9.07 -18.92 85.42
C GLU E 350 10.57 -19.17 85.52
N THR E 351 11.33 -18.51 84.65
CA THR E 351 12.76 -18.84 84.61
C THR E 351 13.62 -17.95 85.50
N VAL E 352 13.08 -16.80 85.88
CA VAL E 352 13.85 -15.89 86.73
C VAL E 352 13.57 -16.19 88.19
N CYS E 353 12.32 -16.50 88.49
CA CYS E 353 11.90 -16.75 89.86
C CYS E 353 11.84 -18.24 90.22
N GLY E 354 11.57 -19.06 89.20
CA GLY E 354 11.56 -20.49 89.41
C GLY E 354 10.30 -21.18 88.91
N ALA E 355 10.50 -22.37 88.32
CA ALA E 355 9.40 -23.16 87.79
C ALA E 355 8.41 -23.60 88.85
N ILE E 356 7.30 -24.16 88.39
CA ILE E 356 6.31 -24.73 89.28
C ILE E 356 5.81 -26.01 88.64
N ASP E 357 5.52 -27.01 89.46
CA ASP E 357 4.99 -28.27 88.97
C ASP E 357 3.52 -28.04 88.63
N ASN E 358 3.03 -26.94 89.17
CA ASN E 358 1.66 -26.51 89.00
C ASN E 358 1.42 -25.88 87.61
N ALA E 359 2.50 -25.44 86.96
CA ALA E 359 2.36 -24.81 85.65
C ALA E 359 3.64 -24.84 84.80
N ASP E 360 3.45 -24.94 83.48
CA ASP E 360 4.55 -24.93 82.51
C ASP E 360 4.27 -23.91 81.39
N MET E 361 4.98 -22.77 81.43
CA MET E 361 4.74 -21.69 80.46
C MET E 361 4.94 -22.17 79.03
N THR E 362 6.07 -22.81 78.80
CA THR E 362 6.39 -23.23 77.46
C THR E 362 5.37 -24.26 76.94
N LYS E 363 4.85 -25.11 77.83
CA LYS E 363 3.78 -26.02 77.41
C LYS E 363 2.50 -25.26 77.04
N GLU E 364 2.20 -24.20 77.80
CA GLU E 364 1.07 -23.33 77.49
C GLU E 364 1.25 -22.84 76.08
N PHE E 365 0.82 -23.67 75.14
CA PHE E 365 0.99 -23.51 73.70
C PHE E 365 0.13 -24.61 73.16
N GLU E 366 -1.16 -24.34 73.27
CA GLU E 366 -2.19 -25.30 73.06
C GLU E 366 -3.06 -24.81 71.88
N ARG F 21 18.38 5.32 9.35
CA ARG F 21 19.09 5.96 8.21
C ARG F 21 20.17 5.11 7.53
N GLY F 22 19.83 3.86 7.22
CA GLY F 22 20.84 2.93 6.75
C GLY F 22 21.41 2.09 7.88
N ARG F 23 21.30 2.60 9.09
CA ARG F 23 21.85 1.89 10.22
C ARG F 23 20.85 0.94 10.91
N ILE F 24 21.36 0.12 11.82
CA ILE F 24 20.57 -0.87 12.52
C ILE F 24 20.67 -0.68 14.03
N ILE F 25 19.58 -0.91 14.76
CA ILE F 25 19.71 -0.93 16.22
C ILE F 25 19.59 -2.35 16.78
N ALA F 26 20.57 -2.72 17.58
CA ALA F 26 20.55 -4.02 18.24
C ALA F 26 20.41 -3.81 19.74
N GLU F 27 19.33 -4.32 20.31
CA GLU F 27 19.15 -4.25 21.75
C GLU F 27 19.73 -5.50 22.34
N TYR F 28 20.75 -5.34 23.18
CA TYR F 28 21.33 -6.48 23.88
C TYR F 28 20.55 -6.72 25.17
N VAL F 29 20.05 -7.94 25.32
CA VAL F 29 19.31 -8.36 26.50
C VAL F 29 20.08 -9.44 27.25
N TRP F 30 20.21 -9.27 28.57
CA TRP F 30 20.85 -10.30 29.38
C TRP F 30 20.22 -10.47 30.74
N ILE F 31 20.68 -11.49 31.46
CA ILE F 31 20.11 -11.88 32.74
C ILE F 31 21.00 -11.39 33.87
N ASP F 32 20.42 -10.79 34.90
CA ASP F 32 21.18 -10.16 35.97
C ASP F 32 21.30 -10.97 37.25
N GLY F 33 21.82 -10.31 38.28
CA GLY F 33 22.08 -10.92 39.57
C GLY F 33 20.90 -10.83 40.51
N THR F 34 19.79 -10.39 39.94
CA THR F 34 18.48 -10.52 40.56
C THR F 34 17.77 -11.40 39.59
N GLY F 35 16.44 -11.40 39.60
CA GLY F 35 15.76 -12.30 38.69
C GLY F 35 15.29 -11.71 37.38
N ASN F 36 15.98 -10.67 36.92
CA ASN F 36 15.44 -9.84 35.83
C ASN F 36 16.27 -9.78 34.58
N LEU F 37 15.66 -9.27 33.52
CA LEU F 37 16.39 -8.97 32.32
C LEU F 37 16.95 -7.57 32.43
N ARG F 38 18.02 -7.30 31.71
CA ARG F 38 18.53 -5.95 31.56
C ARG F 38 18.82 -5.76 30.08
N SER F 39 18.80 -4.52 29.62
CA SER F 39 19.17 -4.24 28.24
C SER F 39 19.70 -2.83 27.97
N LYS F 40 20.46 -2.76 26.88
CA LYS F 40 20.84 -1.50 26.31
C LYS F 40 20.92 -1.72 24.82
N GLY F 41 20.93 -0.64 24.07
CA GLY F 41 20.98 -0.71 22.62
C GLY F 41 22.20 -0.04 22.01
N ARG F 42 22.61 -0.55 20.84
CA ARG F 42 23.74 0.00 20.10
C ARG F 42 23.44 0.02 18.63
N THR F 43 23.92 1.07 17.97
CA THR F 43 23.81 1.18 16.52
C THR F 43 24.84 0.28 15.85
N LEU F 44 24.42 -0.38 14.77
CA LEU F 44 25.30 -1.18 13.96
C LEU F 44 25.26 -0.63 12.53
N LYS F 45 26.40 -0.71 11.84
CA LYS F 45 26.52 -0.10 10.52
C LYS F 45 25.63 -0.74 9.45
N LYS F 46 25.35 -2.04 9.60
CA LYS F 46 24.65 -2.80 8.55
C LYS F 46 23.69 -3.87 9.10
N ARG F 47 22.68 -4.22 8.31
CA ARG F 47 21.76 -5.32 8.64
C ARG F 47 22.53 -6.59 9.01
N ILE F 48 22.02 -7.33 10.00
CA ILE F 48 22.70 -8.55 10.46
C ILE F 48 22.12 -9.77 9.80
N THR F 49 22.98 -10.69 9.39
CA THR F 49 22.55 -11.92 8.73
C THR F 49 23.09 -13.20 9.37
N SER F 50 23.93 -13.09 10.39
CA SER F 50 24.27 -14.27 11.20
C SER F 50 24.88 -13.85 12.53
N ILE F 51 24.72 -14.71 13.54
CA ILE F 51 25.16 -14.40 14.90
C ILE F 51 26.61 -13.95 14.95
N ASP F 52 27.37 -14.44 13.99
CA ASP F 52 28.80 -14.18 13.89
C ASP F 52 29.12 -12.70 13.71
N GLN F 53 28.18 -11.97 13.12
CA GLN F 53 28.41 -10.56 12.85
C GLN F 53 28.24 -9.72 14.10
N LEU F 54 27.55 -10.27 15.09
CA LEU F 54 27.28 -9.55 16.34
C LEU F 54 28.50 -9.55 17.24
N PRO F 55 28.96 -8.35 17.62
CA PRO F 55 30.12 -8.06 18.46
C PRO F 55 29.91 -8.43 19.93
N GLU F 56 30.98 -8.74 20.63
CA GLU F 56 30.91 -8.86 22.08
C GLU F 56 30.59 -7.49 22.62
N TRP F 57 30.18 -7.43 23.88
CA TRP F 57 29.86 -6.17 24.51
C TRP F 57 30.00 -6.34 25.99
N ASN F 58 29.70 -5.29 26.75
CA ASN F 58 29.87 -5.35 28.19
C ASN F 58 29.03 -4.35 28.95
N PHE F 59 29.08 -4.43 30.27
CA PHE F 59 28.33 -3.54 31.11
C PHE F 59 28.94 -3.56 32.47
N ASP F 60 28.40 -2.73 33.37
CA ASP F 60 28.91 -2.60 34.73
C ASP F 60 28.21 -3.62 35.63
N GLY F 61 28.84 -4.77 35.82
CA GLY F 61 28.25 -5.84 36.60
C GLY F 61 27.90 -5.45 38.02
N SER F 62 28.48 -4.37 38.51
CA SER F 62 28.25 -3.91 39.87
C SER F 62 26.89 -3.18 40.00
N SER F 63 26.37 -2.72 38.87
CA SER F 63 25.07 -2.07 38.85
C SER F 63 23.93 -3.09 38.68
N THR F 64 24.29 -4.36 38.49
CA THR F 64 23.30 -5.42 38.27
C THR F 64 23.51 -6.61 39.17
N ASN F 65 24.36 -6.47 40.18
CA ASN F 65 24.59 -7.52 41.17
C ASN F 65 25.20 -8.76 40.55
N GLN F 66 26.27 -8.58 39.79
CA GLN F 66 26.98 -9.69 39.16
C GLN F 66 28.48 -9.54 39.37
N ALA F 67 28.92 -8.36 39.79
CA ALA F 67 30.32 -8.07 40.05
C ALA F 67 30.47 -7.13 41.26
N PRO F 68 31.70 -6.99 41.78
CA PRO F 68 31.93 -6.38 43.10
C PRO F 68 32.21 -4.89 43.11
N GLY F 69 32.59 -4.32 41.98
CA GLY F 69 33.02 -2.94 41.97
C GLY F 69 34.53 -2.89 41.77
N HIS F 70 35.04 -3.92 41.11
CA HIS F 70 36.45 -4.02 40.69
C HIS F 70 36.64 -5.34 39.89
N ASP F 73 32.45 -5.49 36.48
CA ASP F 73 32.78 -5.36 35.04
C ASP F 73 32.63 -6.60 34.11
N ILE F 74 31.44 -6.85 33.58
CA ILE F 74 31.16 -8.13 32.88
C ILE F 74 30.96 -8.03 31.38
N TYR F 75 31.20 -9.13 30.67
CA TYR F 75 31.14 -9.16 29.20
C TYR F 75 29.91 -9.89 28.61
N LEU F 76 29.47 -9.46 27.43
CA LEU F 76 28.27 -10.02 26.79
C LEU F 76 28.56 -10.79 25.49
N LYS F 77 28.29 -12.10 25.50
CA LYS F 77 28.48 -12.94 24.32
C LYS F 77 27.16 -13.23 23.65
N PRO F 78 26.94 -12.67 22.46
CA PRO F 78 25.72 -12.88 21.70
C PRO F 78 25.44 -14.34 21.56
N VAL F 79 24.20 -14.75 21.75
CA VAL F 79 23.90 -16.18 21.82
C VAL F 79 22.75 -16.51 20.89
N ALA F 80 21.82 -15.57 20.76
CA ALA F 80 20.69 -15.68 19.84
C ALA F 80 20.25 -14.28 19.47
N TYR F 81 19.58 -14.13 18.33
CA TYR F 81 19.04 -12.84 17.96
C TYR F 81 17.74 -12.99 17.18
N TYR F 82 16.89 -11.96 17.28
CA TYR F 82 15.58 -11.98 16.65
C TYR F 82 15.23 -10.56 16.18
N PRO F 83 14.24 -10.48 15.28
CA PRO F 83 13.73 -9.17 14.90
C PRO F 83 13.14 -8.51 16.15
N ASP F 84 13.36 -7.21 16.31
CA ASP F 84 12.82 -6.49 17.46
C ASP F 84 11.35 -6.15 17.22
N PRO F 85 10.42 -6.75 18.01
CA PRO F 85 8.98 -6.53 17.78
C PRO F 85 8.60 -5.10 18.11
N PHE F 86 9.45 -4.43 18.86
CA PHE F 86 9.17 -3.07 19.26
C PHE F 86 9.76 -2.08 18.27
N ARG F 87 11.07 -2.14 18.02
CA ARG F 87 11.69 -1.21 17.09
C ARG F 87 11.33 -1.53 15.66
N ARG F 88 10.93 -2.77 15.42
CA ARG F 88 10.60 -3.24 14.07
C ARG F 88 11.65 -2.89 13.02
N GLY F 89 11.27 -2.99 11.76
CA GLY F 89 12.22 -2.79 10.69
C GLY F 89 13.32 -3.82 10.74
N ASP F 90 14.52 -3.43 10.33
CA ASP F 90 15.65 -4.35 10.34
C ASP F 90 16.35 -4.31 11.70
N ASN F 91 15.70 -3.69 12.67
CA ASN F 91 16.23 -3.63 14.01
C ASN F 91 16.07 -4.98 14.67
N ILE F 92 16.93 -5.27 15.64
CA ILE F 92 17.06 -6.63 16.17
C ILE F 92 17.26 -6.67 17.69
N VAL F 93 16.80 -7.76 18.29
CA VAL F 93 17.05 -8.04 19.71
C VAL F 93 18.09 -9.16 19.85
N VAL F 94 19.11 -8.94 20.68
CA VAL F 94 20.19 -9.92 20.85
C VAL F 94 20.26 -10.45 22.26
N LEU F 95 19.99 -11.74 22.41
CA LEU F 95 20.15 -12.40 23.70
C LEU F 95 21.64 -12.70 23.97
N ALA F 96 22.19 -12.07 25.02
CA ALA F 96 23.61 -12.22 25.35
C ALA F 96 23.85 -12.91 26.68
N ALA F 97 24.85 -13.79 26.71
CA ALA F 97 25.22 -14.48 27.93
C ALA F 97 26.35 -13.73 28.65
N CYS F 98 26.38 -13.82 29.97
CA CYS F 98 27.37 -13.06 30.74
C CYS F 98 28.62 -13.87 31.10
N TYR F 99 29.77 -13.40 30.66
CA TYR F 99 31.04 -14.00 31.04
C TYR F 99 31.88 -12.97 31.78
N ASN F 100 32.49 -13.37 32.90
CA ASN F 100 33.43 -12.53 33.63
C ASN F 100 34.68 -12.30 32.78
N ASN F 101 35.57 -11.43 33.23
CA ASN F 101 36.84 -11.20 32.51
C ASN F 101 37.82 -12.38 32.51
N ASP F 102 37.56 -13.39 33.33
CA ASP F 102 38.32 -14.64 33.29
C ASP F 102 38.09 -15.32 31.95
N GLY F 103 36.88 -15.18 31.43
CA GLY F 103 36.42 -16.00 30.33
C GLY F 103 35.41 -16.98 30.90
N THR F 104 35.39 -17.07 32.24
CA THR F 104 34.44 -17.91 32.93
C THR F 104 33.03 -17.32 32.92
N PRO F 105 32.02 -18.20 32.90
CA PRO F 105 30.62 -17.79 32.95
C PRO F 105 30.27 -17.20 34.32
N ASN F 106 29.71 -15.99 34.31
CA ASN F 106 29.29 -15.31 35.51
C ASN F 106 28.51 -16.20 36.49
N LYS F 107 28.48 -15.78 37.77
CA LYS F 107 27.68 -16.43 38.80
C LYS F 107 26.32 -16.84 38.24
N PHE F 108 25.69 -15.93 37.52
CA PHE F 108 24.31 -16.13 37.10
C PHE F 108 24.19 -16.55 35.66
N ASN F 109 25.30 -16.95 35.05
CA ASN F 109 25.23 -17.56 33.76
C ASN F 109 25.13 -19.08 33.93
N HIS F 110 23.93 -19.61 33.71
CA HIS F 110 23.72 -21.06 33.79
C HIS F 110 23.46 -21.64 32.41
N ARG F 111 23.55 -20.79 31.40
CA ARG F 111 23.34 -21.24 30.03
C ARG F 111 24.49 -22.15 29.60
N HIS F 112 25.70 -21.76 29.99
CA HIS F 112 26.89 -22.52 29.64
C HIS F 112 26.82 -23.92 30.21
N GLU F 113 26.62 -24.02 31.52
CA GLU F 113 26.57 -25.34 32.15
C GLU F 113 25.57 -26.24 31.43
N ALA F 114 24.35 -25.77 31.25
CA ALA F 114 23.30 -26.54 30.58
C ALA F 114 23.70 -26.95 29.17
N ALA F 115 24.31 -26.02 28.44
CA ALA F 115 24.75 -26.30 27.09
C ALA F 115 25.57 -27.59 27.04
N LYS F 116 26.50 -27.74 27.97
CA LYS F 116 27.34 -28.93 28.08
C LYS F 116 26.49 -30.19 28.02
N LEU F 117 25.49 -30.26 28.88
CA LEU F 117 24.59 -31.39 28.93
C LEU F 117 23.84 -31.62 27.63
N PHE F 118 23.31 -30.55 27.05
CA PHE F 118 22.59 -30.69 25.79
C PHE F 118 23.52 -31.14 24.66
N ALA F 119 24.75 -30.68 24.70
CA ALA F 119 25.73 -31.05 23.70
C ALA F 119 26.09 -32.52 23.86
N ALA F 120 26.29 -32.95 25.10
CA ALA F 120 26.55 -34.36 25.34
C ALA F 120 25.44 -35.23 24.77
N HIS F 121 24.20 -34.90 25.11
CA HIS F 121 23.11 -35.79 24.76
C HIS F 121 22.43 -35.34 23.49
N LYS F 122 23.19 -34.72 22.60
CA LYS F 122 22.69 -34.33 21.28
C LYS F 122 21.82 -35.43 20.69
N ASP F 123 22.28 -36.67 20.83
CA ASP F 123 21.62 -37.80 20.19
C ASP F 123 20.19 -38.02 20.66
N GLU F 124 19.92 -37.76 21.93
CA GLU F 124 18.58 -37.99 22.44
C GLU F 124 17.55 -37.00 21.88
N GLU F 125 18.02 -35.80 21.52
CA GLU F 125 17.12 -34.75 21.05
C GLU F 125 16.03 -34.42 22.08
N ILE F 126 16.40 -33.90 23.25
CA ILE F 126 15.39 -33.55 24.23
C ILE F 126 14.61 -32.37 23.67
N TRP F 127 13.30 -32.43 23.88
CA TRP F 127 12.41 -31.34 23.56
C TRP F 127 11.74 -30.85 24.83
N PHE F 128 11.61 -29.54 24.92
CA PHE F 128 10.90 -28.94 26.03
C PHE F 128 9.75 -28.07 25.54
N GLY F 129 8.74 -27.93 26.38
CA GLY F 129 7.67 -26.98 26.17
C GLY F 129 7.30 -26.42 27.53
N LEU F 130 7.57 -25.14 27.75
CA LEU F 130 7.28 -24.53 29.04
C LEU F 130 5.93 -23.81 29.04
N GLU F 131 5.20 -23.92 30.14
CA GLU F 131 3.95 -23.19 30.27
C GLU F 131 4.15 -22.09 31.31
N GLN F 132 4.45 -20.88 30.82
CA GLN F 132 4.82 -19.76 31.69
C GLN F 132 3.60 -19.03 32.21
N GLU F 133 3.37 -19.12 33.51
CA GLU F 133 2.28 -18.40 34.11
C GLU F 133 2.88 -17.18 34.78
N TYR F 134 2.14 -16.08 34.79
CA TYR F 134 2.59 -14.84 35.40
C TYR F 134 1.36 -14.10 35.93
N THR F 135 1.58 -13.10 36.78
CA THR F 135 0.49 -12.34 37.35
C THR F 135 0.72 -10.84 37.15
N LEU F 136 -0.35 -10.09 36.85
CA LEU F 136 -0.27 -8.69 36.48
C LEU F 136 -0.37 -7.75 37.69
N PHE F 137 0.33 -6.61 37.66
CA PHE F 137 0.33 -5.66 38.78
C PHE F 137 0.29 -4.17 38.40
N ASP F 138 -0.36 -3.36 39.25
CA ASP F 138 -0.37 -1.89 39.21
C ASP F 138 1.00 -1.31 39.14
N MET F 139 1.05 -0.05 38.74
CA MET F 139 2.25 0.73 38.97
C MET F 139 2.49 0.86 40.47
N TYR F 140 1.45 0.55 41.24
CA TYR F 140 1.46 0.72 42.69
C TYR F 140 1.59 -0.62 43.40
N ASP F 141 2.00 -1.63 42.64
CA ASP F 141 2.25 -2.94 43.21
C ASP F 141 0.99 -3.57 43.83
N ASP F 142 -0.17 -3.25 43.27
CA ASP F 142 -1.38 -3.96 43.67
C ASP F 142 -1.81 -4.79 42.46
N VAL F 143 -2.50 -5.92 42.69
CA VAL F 143 -2.88 -6.76 41.56
C VAL F 143 -3.65 -5.96 40.52
N TYR F 144 -3.27 -6.13 39.26
CA TYR F 144 -3.77 -5.28 38.22
C TYR F 144 -5.27 -5.39 38.00
N GLY F 145 -5.98 -4.28 38.18
CA GLY F 145 -7.40 -4.25 37.85
C GLY F 145 -8.31 -4.70 38.97
N TRP F 146 -7.71 -5.18 40.05
CA TRP F 146 -8.49 -5.61 41.17
C TRP F 146 -9.10 -4.42 41.88
N PRO F 147 -10.34 -4.55 42.33
CA PRO F 147 -11.05 -3.60 43.20
C PRO F 147 -10.12 -2.90 44.18
N LYS F 148 -10.34 -1.60 44.33
CA LYS F 148 -9.45 -0.74 45.11
C LYS F 148 -9.54 -1.11 46.57
N GLY F 149 -8.46 -1.64 47.13
CA GLY F 149 -8.47 -2.05 48.52
C GLY F 149 -9.14 -3.40 48.79
N GLY F 150 -9.84 -3.93 47.79
CA GLY F 150 -10.55 -5.19 47.94
C GLY F 150 -10.18 -6.34 46.99
N TYR F 151 -11.19 -7.12 46.60
CA TYR F 151 -10.98 -8.30 45.78
C TYR F 151 -12.07 -8.51 44.77
N PRO F 152 -11.73 -9.19 43.66
CA PRO F 152 -12.72 -9.58 42.66
C PRO F 152 -13.63 -10.67 43.25
N ALA F 153 -14.62 -11.14 42.48
CA ALA F 153 -15.39 -12.30 42.89
C ALA F 153 -14.42 -13.44 43.07
N PRO F 154 -14.87 -14.52 43.69
CA PRO F 154 -14.00 -15.68 43.90
C PRO F 154 -13.72 -16.41 42.60
N GLN F 155 -12.62 -17.17 42.57
CA GLN F 155 -12.13 -17.83 41.35
C GLN F 155 -13.18 -18.72 40.73
N GLY F 156 -13.04 -18.95 39.42
CA GLY F 156 -14.01 -19.77 38.72
C GLY F 156 -14.32 -19.27 37.34
N PRO F 157 -14.74 -18.02 37.25
CA PRO F 157 -15.15 -17.46 35.97
C PRO F 157 -13.99 -16.85 35.17
N TYR F 158 -12.77 -16.91 35.72
CA TYR F 158 -11.65 -16.21 35.09
C TYR F 158 -10.80 -17.08 34.16
N TYR F 159 -10.65 -18.35 34.50
CA TYR F 159 -9.89 -19.29 33.71
C TYR F 159 -10.45 -19.34 32.29
N CYS F 160 -9.61 -19.01 31.31
CA CYS F 160 -10.04 -19.00 29.91
C CYS F 160 -11.27 -18.11 29.76
N GLY F 161 -11.32 -17.07 30.57
CA GLY F 161 -12.48 -16.19 30.61
C GLY F 161 -12.72 -15.39 29.36
N VAL F 162 -13.96 -14.95 29.19
CA VAL F 162 -14.28 -13.98 28.16
C VAL F 162 -15.47 -13.15 28.59
N GLY F 163 -15.35 -11.84 28.46
CA GLY F 163 -16.32 -10.89 28.98
C GLY F 163 -15.63 -9.87 29.85
N ALA F 164 -16.20 -8.68 29.91
CA ALA F 164 -15.56 -7.52 30.53
C ALA F 164 -14.91 -7.75 31.90
N GLY F 165 -15.62 -8.39 32.82
CA GLY F 165 -15.00 -8.51 34.13
C GLY F 165 -14.17 -9.78 34.33
N LYS F 166 -14.19 -10.64 33.32
CA LYS F 166 -13.68 -12.00 33.45
C LYS F 166 -12.19 -12.10 33.17
N VAL F 167 -11.61 -11.01 32.67
CA VAL F 167 -10.24 -11.10 32.19
C VAL F 167 -9.63 -9.72 32.27
N TYR F 168 -8.31 -9.63 32.46
CA TYR F 168 -7.67 -8.32 32.72
C TYR F 168 -6.46 -8.04 31.84
N ALA F 169 -6.53 -6.90 31.14
CA ALA F 169 -5.43 -6.46 30.28
C ALA F 169 -5.18 -7.37 29.06
N ARG F 170 -6.25 -7.89 28.47
CA ARG F 170 -6.09 -8.82 27.34
C ARG F 170 -5.29 -8.19 26.21
N ASP F 171 -5.47 -6.89 26.02
CA ASP F 171 -4.77 -6.20 24.94
C ASP F 171 -3.26 -6.29 25.12
N MET F 172 -2.80 -6.17 26.34
CA MET F 172 -1.36 -6.26 26.61
C MET F 172 -0.93 -7.69 26.31
N ILE F 173 -1.68 -8.63 26.84
CA ILE F 173 -1.41 -10.05 26.60
C ILE F 173 -1.31 -10.42 25.11
N GLU F 174 -2.21 -9.86 24.31
CA GLU F 174 -2.23 -10.08 22.88
C GLU F 174 -1.06 -9.42 22.18
N ALA F 175 -0.72 -8.23 22.60
CA ALA F 175 0.45 -7.55 22.05
C ALA F 175 1.70 -8.40 22.24
N HIS F 176 1.83 -9.00 23.42
CA HIS F 176 2.95 -9.88 23.71
C HIS F 176 2.96 -11.10 22.76
N TYR F 177 1.84 -11.80 22.65
CA TYR F 177 1.69 -12.89 21.68
C TYR F 177 2.19 -12.48 20.28
N ARG F 178 1.68 -11.35 19.80
CA ARG F 178 2.12 -10.80 18.53
C ARG F 178 3.63 -10.64 18.50
N ALA F 179 4.18 -10.02 19.54
CA ALA F 179 5.60 -9.74 19.59
C ALA F 179 6.43 -10.98 19.44
N CYS F 180 6.07 -11.99 20.23
CA CYS F 180 6.78 -13.26 20.22
C CYS F 180 6.73 -13.88 18.83
N LEU F 181 5.55 -13.88 18.21
CA LEU F 181 5.41 -14.38 16.85
C LEU F 181 6.30 -13.64 15.83
N TYR F 182 6.32 -12.31 15.90
CA TYR F 182 7.11 -11.50 14.99
C TYR F 182 8.60 -11.87 15.13
N ALA F 183 9.02 -12.10 16.36
CA ALA F 183 10.41 -12.40 16.65
C ALA F 183 10.72 -13.82 16.19
N GLY F 184 9.66 -14.57 15.91
CA GLY F 184 9.78 -15.93 15.44
C GLY F 184 10.00 -16.92 16.54
N LEU F 185 9.75 -16.51 17.78
CA LEU F 185 9.76 -17.45 18.90
C LEU F 185 8.74 -18.58 18.72
N GLU F 186 9.00 -19.69 19.36
CA GLU F 186 8.12 -20.85 19.22
C GLU F 186 7.01 -20.77 20.24
N ILE F 187 6.21 -19.71 20.16
CA ILE F 187 5.14 -19.49 21.12
C ILE F 187 3.89 -20.23 20.69
N SER F 188 3.55 -21.28 21.43
CA SER F 188 2.56 -22.25 21.00
C SER F 188 1.12 -21.84 21.29
N GLY F 189 0.92 -20.98 22.29
CA GLY F 189 -0.43 -20.59 22.68
C GLY F 189 -0.47 -19.75 23.95
N ILE F 190 -1.63 -19.18 24.20
CA ILE F 190 -1.78 -18.32 25.35
C ILE F 190 -3.14 -18.62 25.96
N ASN F 191 -3.29 -18.34 27.25
CA ASN F 191 -4.60 -18.52 27.92
C ASN F 191 -4.73 -17.74 29.20
N ALA F 192 -5.95 -17.31 29.52
CA ALA F 192 -6.19 -16.66 30.82
C ALA F 192 -6.27 -17.68 31.96
N GLU F 193 -5.54 -17.42 33.05
CA GLU F 193 -5.49 -18.40 34.14
C GLU F 193 -6.60 -18.27 35.17
N VAL F 194 -6.49 -19.04 36.23
CA VAL F 194 -7.57 -19.22 37.18
C VAL F 194 -7.80 -18.00 38.04
N MET F 195 -6.71 -17.48 38.59
CA MET F 195 -6.74 -16.22 39.34
C MET F 195 -6.95 -15.04 38.39
N PRO F 196 -7.86 -14.12 38.75
CA PRO F 196 -8.09 -12.95 37.91
C PRO F 196 -6.78 -12.15 37.69
N SER F 197 -6.56 -11.69 36.45
CA SER F 197 -5.33 -10.97 36.07
C SER F 197 -4.05 -11.80 36.22
N GLN F 198 -4.20 -13.12 36.08
CA GLN F 198 -3.09 -14.06 35.96
C GLN F 198 -3.18 -14.79 34.61
N TRP F 199 -2.07 -14.88 33.89
CA TRP F 199 -2.10 -15.41 32.53
C TRP F 199 -1.06 -16.48 32.34
N GLU F 200 -1.09 -17.11 31.18
CA GLU F 200 -0.11 -18.10 30.81
C GLU F 200 0.22 -17.92 29.34
N PHE F 201 1.48 -18.14 28.98
CA PHE F 201 1.82 -18.37 27.58
C PHE F 201 2.73 -19.57 27.53
N GLN F 202 2.64 -20.31 26.44
CA GLN F 202 3.44 -21.52 26.29
C GLN F 202 4.43 -21.36 25.15
N VAL F 203 5.65 -21.83 25.37
CA VAL F 203 6.66 -21.83 24.34
C VAL F 203 7.20 -23.24 24.16
N GLY F 204 7.06 -23.76 22.95
CA GLY F 204 7.60 -25.06 22.61
C GLY F 204 6.97 -25.63 21.36
N PRO F 205 7.53 -26.72 20.88
CA PRO F 205 8.67 -27.37 21.52
C PRO F 205 9.97 -26.75 21.05
N CYS F 206 10.96 -26.69 21.93
CA CYS F 206 12.30 -26.20 21.58
C CYS F 206 13.33 -27.27 21.90
N THR F 207 14.48 -27.22 21.24
CA THR F 207 15.48 -28.23 21.53
C THR F 207 16.62 -27.72 22.39
N GLY F 208 16.87 -28.43 23.47
CA GLY F 208 17.98 -28.12 24.35
C GLY F 208 18.09 -26.69 24.81
N ILE F 209 19.15 -26.03 24.35
CA ILE F 209 19.42 -24.69 24.80
C ILE F 209 18.37 -23.70 24.30
N ASP F 210 17.74 -24.00 23.18
CA ASP F 210 16.70 -23.12 22.64
C ASP F 210 15.56 -22.80 23.61
N MET F 211 15.11 -23.80 24.36
CA MET F 211 14.05 -23.59 25.32
C MET F 211 14.42 -22.41 26.19
N GLY F 212 15.56 -22.50 26.86
CA GLY F 212 16.04 -21.40 27.69
C GLY F 212 16.12 -20.07 26.98
N ASP F 213 16.82 -20.06 25.86
CA ASP F 213 16.97 -18.84 25.07
C ASP F 213 15.61 -18.22 24.78
N GLN F 214 14.70 -19.00 24.21
CA GLN F 214 13.39 -18.45 23.78
C GLN F 214 12.49 -17.99 24.95
N LEU F 215 12.43 -18.77 26.01
CA LEU F 215 11.64 -18.36 27.14
C LEU F 215 12.20 -17.06 27.70
N TRP F 216 13.50 -17.00 27.89
CA TRP F 216 14.09 -15.73 28.32
C TRP F 216 13.72 -14.54 27.41
N MET F 217 13.74 -14.71 26.09
CA MET F 217 13.32 -13.63 25.19
C MET F 217 11.84 -13.32 25.34
N ALA F 218 11.01 -14.36 25.39
CA ALA F 218 9.58 -14.14 25.61
C ALA F 218 9.37 -13.29 26.88
N ARG F 219 10.12 -13.60 27.94
CA ARG F 219 10.04 -12.82 29.16
C ARG F 219 10.47 -11.36 28.94
N TYR F 220 11.55 -11.14 28.19
CA TYR F 220 11.97 -9.78 27.88
C TYR F 220 10.82 -9.08 27.19
N PHE F 221 10.28 -9.69 26.16
CA PHE F 221 9.14 -9.13 25.46
C PHE F 221 7.97 -8.80 26.39
N LEU F 222 7.64 -9.71 27.29
CA LEU F 222 6.54 -9.51 28.24
C LEU F 222 6.74 -8.27 29.13
N HIS F 223 7.81 -8.23 29.91
CA HIS F 223 8.17 -7.04 30.65
C HIS F 223 8.11 -5.76 29.80
N ARG F 224 8.73 -5.83 28.64
CA ARG F 224 8.93 -4.69 27.81
C ARG F 224 7.64 -4.18 27.21
N VAL F 225 6.81 -5.09 26.73
CA VAL F 225 5.55 -4.67 26.11
C VAL F 225 4.60 -4.14 27.19
N ALA F 226 4.61 -4.76 28.36
CA ALA F 226 3.75 -4.35 29.46
C ALA F 226 4.12 -2.96 29.95
N GLU F 227 5.40 -2.58 29.83
CA GLU F 227 5.81 -1.21 30.14
C GLU F 227 4.84 -0.25 29.50
N GLU F 228 4.47 -0.52 28.26
CA GLU F 228 3.64 0.36 27.47
C GLU F 228 2.23 0.47 28.01
N PHE F 229 1.84 -0.44 28.91
CA PHE F 229 0.53 -0.39 29.54
C PHE F 229 0.62 -0.06 31.02
N GLY F 230 1.80 0.37 31.46
CA GLY F 230 2.05 0.62 32.88
C GLY F 230 1.80 -0.56 33.78
N ILE F 231 1.90 -1.77 33.23
CA ILE F 231 1.74 -3.01 33.97
C ILE F 231 3.10 -3.65 34.36
N LYS F 232 3.23 -3.96 35.65
CA LYS F 232 4.37 -4.74 36.14
C LYS F 232 4.06 -6.23 36.04
N ILE F 233 5.07 -7.04 35.68
CA ILE F 233 4.87 -8.47 35.56
C ILE F 233 5.51 -9.27 36.72
N SER F 234 4.72 -10.18 37.28
CA SER F 234 5.18 -10.90 38.46
C SER F 234 5.34 -12.39 38.23
N PHE F 235 6.57 -12.88 38.34
CA PHE F 235 6.82 -14.29 38.20
C PHE F 235 6.84 -15.01 39.55
N HIS F 236 6.37 -14.33 40.59
CA HIS F 236 6.25 -14.94 41.90
C HIS F 236 5.30 -16.10 41.89
N PRO F 237 5.67 -17.17 42.59
CA PRO F 237 4.92 -18.43 42.61
C PRO F 237 3.60 -18.33 43.34
N LYS F 238 3.49 -17.36 44.23
CA LYS F 238 2.26 -17.18 45.01
C LYS F 238 2.05 -15.70 45.27
N PRO F 239 1.58 -14.97 44.25
CA PRO F 239 1.49 -13.51 44.31
C PRO F 239 0.50 -13.10 45.39
N LEU F 240 -0.57 -13.85 45.56
CA LEU F 240 -1.52 -13.56 46.61
C LEU F 240 -1.69 -14.75 47.51
N LYS F 241 -1.56 -14.51 48.81
CA LYS F 241 -1.67 -15.56 49.79
C LYS F 241 -3.11 -15.99 49.83
N GLY F 242 -3.36 -17.26 50.14
CA GLY F 242 -4.71 -17.74 50.29
C GLY F 242 -5.05 -18.85 49.32
N ASP F 243 -6.27 -18.81 48.81
CA ASP F 243 -6.73 -19.80 47.86
C ASP F 243 -6.53 -19.35 46.39
N TRP F 244 -6.11 -18.10 46.21
CA TRP F 244 -5.79 -17.60 44.89
C TRP F 244 -4.67 -18.42 44.31
N ASN F 245 -4.86 -18.87 43.07
CA ASN F 245 -3.88 -19.74 42.43
C ASN F 245 -2.46 -19.23 42.47
N GLY F 246 -1.52 -20.17 42.55
CA GLY F 246 -0.11 -19.83 42.47
C GLY F 246 0.29 -19.71 41.01
N ALA F 247 1.57 -19.58 40.74
CA ALA F 247 2.01 -19.43 39.37
C ALA F 247 3.14 -20.39 39.12
N GLY F 248 2.94 -21.27 38.13
CA GLY F 248 3.93 -22.27 37.82
C GLY F 248 4.51 -22.12 36.44
N CYS F 249 5.52 -22.92 36.14
CA CYS F 249 6.10 -22.98 34.80
C CYS F 249 6.24 -24.44 34.39
N HIS F 250 5.11 -25.12 34.28
CA HIS F 250 5.12 -26.53 33.94
C HIS F 250 6.09 -26.80 32.81
N ALA F 251 7.13 -27.59 33.08
CA ALA F 251 8.05 -28.02 32.04
C ALA F 251 7.59 -29.36 31.43
N ASN F 252 7.31 -29.35 30.13
CA ASN F 252 6.94 -30.56 29.37
C ASN F 252 8.20 -31.14 28.73
N VAL F 253 8.38 -32.46 28.82
CA VAL F 253 9.64 -33.07 28.39
C VAL F 253 9.43 -34.27 27.50
N SER F 254 10.37 -34.47 26.57
CA SER F 254 10.38 -35.66 25.71
C SER F 254 11.74 -35.87 24.99
N THR F 255 12.13 -37.15 24.84
CA THR F 255 13.29 -37.50 24.05
C THR F 255 12.83 -38.20 22.77
N LYS F 256 13.72 -38.35 21.80
CA LYS F 256 13.33 -38.99 20.55
C LYS F 256 12.63 -40.32 20.80
N GLU F 257 13.16 -41.12 21.70
CA GLU F 257 12.58 -42.42 22.02
C GLU F 257 11.14 -42.31 22.46
N MET F 258 10.89 -41.39 23.39
CA MET F 258 9.55 -41.19 23.94
C MET F 258 8.54 -40.78 22.85
N ARG F 259 9.03 -40.14 21.80
CA ARG F 259 8.16 -39.60 20.78
C ARG F 259 7.77 -40.63 19.74
N GLN F 260 8.57 -41.69 19.64
CA GLN F 260 8.28 -42.80 18.72
C GLN F 260 7.52 -43.90 19.46
N PRO F 261 6.65 -44.61 18.74
CA PRO F 261 5.76 -45.62 19.32
C PRO F 261 6.47 -46.51 20.33
N GLY F 262 5.76 -46.91 21.37
CA GLY F 262 6.37 -47.69 22.44
C GLY F 262 7.13 -46.78 23.40
N GLY F 263 6.76 -45.51 23.37
CA GLY F 263 7.43 -44.51 24.17
C GLY F 263 7.17 -44.56 25.66
N THR F 264 5.92 -44.77 26.09
CA THR F 264 5.59 -44.62 27.52
C THR F 264 6.54 -45.55 28.31
N LYS F 265 7.23 -46.41 27.58
CA LYS F 265 8.30 -47.22 28.16
C LYS F 265 9.38 -46.30 28.73
N TYR F 266 10.02 -45.56 27.85
CA TYR F 266 11.06 -44.62 28.24
C TYR F 266 10.52 -43.43 29.04
N ILE F 267 9.28 -43.05 28.77
CA ILE F 267 8.62 -42.03 29.59
C ILE F 267 8.58 -42.50 31.05
N GLU F 268 8.07 -43.72 31.26
CA GLU F 268 8.00 -44.29 32.60
C GLU F 268 9.39 -44.41 33.25
N GLN F 269 10.38 -44.78 32.44
CA GLN F 269 11.76 -44.87 32.90
C GLN F 269 12.24 -43.53 33.41
N ALA F 270 12.02 -42.49 32.61
CA ALA F 270 12.41 -41.14 32.97
C ALA F 270 11.73 -40.74 34.27
N ILE F 271 10.43 -40.98 34.35
CA ILE F 271 9.67 -40.59 35.51
C ILE F 271 10.27 -41.20 36.76
N GLU F 272 10.79 -42.42 36.62
CA GLU F 272 11.36 -43.10 37.77
C GLU F 272 12.71 -42.50 38.17
N LYS F 273 13.58 -42.25 37.20
CA LYS F 273 14.82 -41.57 37.52
C LYS F 273 14.49 -40.25 38.23
N LEU F 274 13.48 -39.55 37.71
CA LEU F 274 13.08 -38.26 38.27
C LEU F 274 12.65 -38.37 39.71
N SER F 275 12.04 -39.50 40.04
CA SER F 275 11.53 -39.74 41.37
C SER F 275 12.68 -39.88 42.37
N LYS F 276 13.83 -40.33 41.89
CA LYS F 276 14.98 -40.46 42.78
C LYS F 276 15.66 -39.13 43.04
N ARG F 277 15.45 -38.18 42.15
CA ARG F 277 16.11 -36.88 42.28
C ARG F 277 15.14 -35.72 42.52
N HIS F 278 14.04 -36.00 43.20
CA HIS F 278 13.05 -34.98 43.50
C HIS F 278 13.62 -33.84 44.30
N ALA F 279 14.44 -34.14 45.29
CA ALA F 279 14.99 -33.08 46.13
C ALA F 279 15.91 -32.18 45.35
N GLU F 280 16.78 -32.79 44.53
CA GLU F 280 17.78 -32.04 43.78
C GLU F 280 17.13 -31.09 42.75
N HIS F 281 16.05 -31.56 42.15
CA HIS F 281 15.24 -30.77 41.24
C HIS F 281 14.52 -29.61 41.94
N ILE F 282 13.70 -29.94 42.92
CA ILE F 282 13.06 -28.92 43.75
C ILE F 282 14.03 -27.79 44.13
N LYS F 283 15.26 -28.14 44.50
CA LYS F 283 16.26 -27.13 44.87
C LYS F 283 16.51 -26.11 43.75
N LEU F 284 16.45 -26.55 42.49
CA LEU F 284 16.38 -25.58 41.42
C LEU F 284 14.93 -25.11 41.38
N TYR F 285 14.17 -25.44 40.33
CA TYR F 285 12.70 -25.29 40.35
C TYR F 285 11.98 -24.10 41.04
N GLY F 286 12.70 -23.12 41.58
CA GLY F 286 12.08 -21.88 42.00
C GLY F 286 11.98 -21.58 43.48
N SER F 287 12.26 -20.32 43.83
CA SER F 287 12.22 -19.85 45.21
C SER F 287 10.81 -19.51 45.72
N ASP F 288 10.66 -19.56 47.04
CA ASP F 288 9.35 -19.71 47.69
C ASP F 288 8.31 -20.48 46.86
N ASN F 289 8.75 -21.56 46.22
CA ASN F 289 7.82 -22.48 45.59
C ASN F 289 7.09 -23.16 46.72
N ASP F 290 7.65 -23.06 47.93
CA ASP F 290 7.03 -23.65 49.12
C ASP F 290 5.65 -23.10 49.41
N MET F 291 5.36 -21.89 48.93
CA MET F 291 4.02 -21.34 49.08
C MET F 291 3.11 -21.72 47.91
N ARG F 292 3.49 -22.77 47.18
CA ARG F 292 2.69 -23.27 46.07
C ARG F 292 2.50 -24.81 46.05
N SER F 301 2.74 -31.23 46.21
CA SER F 301 3.54 -31.17 47.48
C SER F 301 5.05 -31.07 47.33
N MET F 302 5.68 -30.27 48.19
CA MET F 302 7.11 -29.91 48.07
C MET F 302 8.07 -31.02 48.46
N THR F 303 7.60 -31.92 49.31
CA THR F 303 8.44 -32.97 49.82
C THR F 303 8.05 -34.30 49.21
N ALA F 304 6.79 -34.40 48.80
CA ALA F 304 6.29 -35.62 48.17
C ALA F 304 6.49 -35.64 46.66
N PHE F 305 6.87 -36.80 46.13
CA PHE F 305 6.92 -36.97 44.69
C PHE F 305 5.90 -38.00 44.29
N SER F 306 5.06 -37.67 43.32
CA SER F 306 4.11 -38.65 42.81
C SER F 306 3.91 -38.45 41.32
N SER F 307 3.36 -39.47 40.66
CA SER F 307 3.12 -39.39 39.23
C SER F 307 1.92 -40.25 38.89
N GLY F 308 1.28 -39.91 37.78
CA GLY F 308 0.14 -40.65 37.30
C GLY F 308 -0.42 -40.04 36.03
N VAL F 309 -1.18 -40.83 35.28
CA VAL F 309 -1.85 -40.36 34.09
C VAL F 309 -2.98 -39.39 34.46
N ALA F 310 -3.24 -38.43 33.58
CA ALA F 310 -4.27 -37.42 33.80
C ALA F 310 -4.39 -37.11 35.29
N ASN F 311 -3.40 -36.40 35.80
CA ASN F 311 -3.34 -36.14 37.22
C ASN F 311 -2.71 -34.78 37.52
N ARG F 312 -3.55 -33.75 37.58
CA ARG F 312 -3.08 -32.40 37.86
C ARG F 312 -2.72 -32.25 39.36
N GLY F 313 -2.74 -33.37 40.07
CA GLY F 313 -2.35 -33.38 41.47
C GLY F 313 -0.95 -33.93 41.69
N SER F 314 -0.44 -34.69 40.72
CA SER F 314 0.87 -35.32 40.88
C SER F 314 2.04 -34.39 40.55
N SER F 315 3.25 -34.83 40.87
CA SER F 315 4.46 -34.08 40.55
C SER F 315 4.75 -34.14 39.05
N ILE F 316 4.59 -35.31 38.47
CA ILE F 316 4.69 -35.51 37.03
C ILE F 316 3.38 -36.11 36.55
N ARG F 317 2.88 -35.57 35.44
CA ARG F 317 1.59 -36.01 34.91
C ARG F 317 1.75 -36.50 33.48
N ILE F 318 1.26 -37.70 33.22
CA ILE F 318 1.24 -38.21 31.86
C ILE F 318 -0.12 -37.88 31.29
N PRO F 319 -0.14 -37.05 30.24
CA PRO F 319 -1.39 -36.65 29.59
C PRO F 319 -2.17 -37.88 29.17
N ARG F 320 -3.47 -37.91 29.46
CA ARG F 320 -4.30 -39.06 29.05
C ARG F 320 -4.08 -39.36 27.57
N SER F 321 -4.03 -38.30 26.77
CA SER F 321 -3.74 -38.42 25.35
C SER F 321 -2.48 -39.26 25.13
N VAL F 322 -1.38 -38.91 25.79
CA VAL F 322 -0.13 -39.64 25.64
C VAL F 322 -0.30 -41.08 26.03
N ALA F 323 -0.89 -41.29 27.20
CA ALA F 323 -1.11 -42.64 27.70
C ALA F 323 -1.86 -43.49 26.69
N LYS F 324 -2.99 -42.99 26.21
CA LYS F 324 -3.82 -43.72 25.27
C LYS F 324 -3.08 -44.07 23.99
N GLU F 325 -2.11 -43.25 23.60
CA GLU F 325 -1.42 -43.46 22.32
C GLU F 325 -0.08 -44.16 22.45
N GLY F 326 0.43 -44.27 23.67
CA GLY F 326 1.61 -45.07 23.91
C GLY F 326 2.94 -44.39 23.68
N TYR F 327 2.89 -43.10 23.35
CA TYR F 327 4.12 -42.31 23.15
C TYR F 327 3.76 -40.85 23.26
N GLY F 328 4.78 -40.01 23.43
CA GLY F 328 4.54 -38.59 23.61
C GLY F 328 5.53 -37.93 24.56
N TYR F 329 5.02 -37.26 25.59
CA TYR F 329 5.85 -36.51 26.52
C TYR F 329 5.23 -36.56 27.90
N PHE F 330 5.96 -36.11 28.92
CA PHE F 330 5.37 -35.99 30.24
C PHE F 330 5.39 -34.53 30.70
N GLU F 331 4.54 -34.19 31.67
CA GLU F 331 4.46 -32.85 32.22
C GLU F 331 5.00 -32.83 33.64
N ASP F 332 6.11 -32.15 33.86
CA ASP F 332 6.61 -31.92 35.21
C ASP F 332 5.91 -30.67 35.72
N ARG F 333 5.02 -30.83 36.70
CA ARG F 333 4.22 -29.70 37.18
C ARG F 333 4.89 -29.00 38.37
N ARG F 334 6.10 -29.42 38.72
CA ARG F 334 6.78 -28.92 39.91
C ARG F 334 7.39 -27.51 39.78
N PRO F 335 8.02 -27.19 38.64
CA PRO F 335 8.74 -25.91 38.58
C PRO F 335 7.84 -24.71 38.78
N ALA F 336 8.34 -23.72 39.52
CA ALA F 336 7.59 -22.48 39.74
C ALA F 336 7.73 -21.48 38.60
N SER F 337 6.84 -20.52 38.58
CA SER F 337 6.83 -19.49 37.58
C SER F 337 8.18 -18.77 37.45
N ASN F 338 8.86 -18.62 38.57
CA ASN F 338 10.10 -17.85 38.61
C ASN F 338 11.37 -18.64 38.29
N ILE F 339 11.21 -19.84 37.75
CA ILE F 339 12.36 -20.69 37.45
C ILE F 339 13.27 -20.09 36.38
N ASP F 340 14.57 -20.42 36.45
CA ASP F 340 15.47 -20.19 35.31
C ASP F 340 15.46 -21.42 34.40
N PRO F 341 14.87 -21.28 33.21
CA PRO F 341 14.72 -22.37 32.24
C PRO F 341 16.05 -23.11 31.98
N TYR F 342 17.18 -22.40 32.03
CA TYR F 342 18.48 -23.03 31.85
C TYR F 342 18.68 -24.07 32.93
N LEU F 343 18.37 -23.71 34.17
CA LEU F 343 18.50 -24.65 35.29
C LEU F 343 17.51 -25.82 35.24
N VAL F 344 16.25 -25.52 34.95
CA VAL F 344 15.27 -26.57 34.81
C VAL F 344 15.57 -27.50 33.64
N THR F 345 15.68 -26.97 32.43
CA THR F 345 15.93 -27.83 31.28
C THR F 345 17.26 -28.54 31.45
N GLY F 346 18.21 -27.83 32.04
CA GLY F 346 19.53 -28.38 32.29
C GLY F 346 19.52 -29.60 33.17
N ILE F 347 19.05 -29.45 34.40
CA ILE F 347 18.97 -30.60 35.30
C ILE F 347 17.97 -31.66 34.84
N MET F 348 16.97 -31.28 34.04
CA MET F 348 16.04 -32.27 33.52
C MET F 348 16.80 -33.21 32.64
N CYS F 349 17.59 -32.64 31.73
CA CYS F 349 18.43 -33.46 30.85
C CYS F 349 19.43 -34.30 31.65
N GLU F 350 20.10 -33.66 32.61
CA GLU F 350 21.07 -34.32 33.47
C GLU F 350 20.51 -35.60 34.06
N THR F 351 19.30 -35.55 34.60
CA THR F 351 18.79 -36.74 35.27
C THR F 351 17.99 -37.67 34.37
N VAL F 352 17.48 -37.15 33.26
CA VAL F 352 16.69 -37.98 32.36
C VAL F 352 17.60 -38.66 31.37
N CYS F 353 18.58 -37.93 30.87
CA CYS F 353 19.48 -38.44 29.86
C CYS F 353 20.79 -38.97 30.43
N GLY F 354 21.21 -38.40 31.55
CA GLY F 354 22.41 -38.88 32.20
C GLY F 354 23.42 -37.80 32.56
N ALA F 355 23.99 -37.91 33.77
CA ALA F 355 24.99 -36.95 34.24
C ALA F 355 26.24 -36.92 33.38
N ILE F 356 27.10 -35.96 33.68
CA ILE F 356 28.36 -35.81 32.99
C ILE F 356 29.40 -35.40 34.02
N ASP F 357 30.62 -35.90 33.89
CA ASP F 357 31.69 -35.55 34.80
C ASP F 357 32.17 -34.20 34.42
N ASN F 358 31.78 -33.81 33.22
CA ASN F 358 32.09 -32.53 32.63
C ASN F 358 31.23 -31.39 33.22
N ALA F 359 30.08 -31.74 33.81
CA ALA F 359 29.18 -30.73 34.38
C ALA F 359 28.23 -31.26 35.46
N ASP F 360 27.93 -30.41 36.43
CA ASP F 360 27.00 -30.74 37.52
C ASP F 360 25.94 -29.65 37.67
N MET F 361 24.71 -29.92 37.24
CA MET F 361 23.65 -28.91 37.25
C MET F 361 23.41 -28.37 38.64
N THR F 362 23.25 -29.28 39.59
CA THR F 362 22.94 -28.87 40.94
C THR F 362 24.08 -28.07 41.58
N LYS F 363 25.31 -28.38 41.24
CA LYS F 363 26.43 -27.55 41.70
C LYS F 363 26.38 -26.14 41.10
N GLU F 364 25.95 -26.03 39.84
CA GLU F 364 25.73 -24.75 39.19
C GLU F 364 24.74 -23.96 40.03
N PHE F 365 25.29 -23.33 41.06
CA PHE F 365 24.56 -22.62 42.07
C PHE F 365 25.67 -21.96 42.83
N GLU F 366 26.19 -20.92 42.18
CA GLU F 366 27.40 -20.22 42.49
C GLU F 366 27.05 -18.74 42.75
N ARG G 21 4.18 22.94 0.32
CA ARG G 21 3.66 23.29 -1.02
C ARG G 21 4.73 23.58 -2.07
N GLY G 22 5.74 22.73 -2.13
CA GLY G 22 6.89 23.03 -2.95
C GLY G 22 8.00 23.67 -2.13
N ARG G 23 7.64 24.27 -1.00
CA ARG G 23 8.63 24.94 -0.19
C ARG G 23 9.23 24.06 0.90
N ILE G 24 10.30 24.56 1.52
CA ILE G 24 11.08 23.83 2.52
C ILE G 24 11.12 24.64 3.82
N ILE G 25 11.11 23.97 4.98
CA ILE G 25 11.35 24.70 6.20
C ILE G 25 12.70 24.32 6.78
N ALA G 26 13.48 25.34 7.10
CA ALA G 26 14.77 25.12 7.72
C ALA G 26 14.72 25.68 9.11
N GLU G 27 14.91 24.84 10.11
CA GLU G 27 15.00 25.31 11.48
C GLU G 27 16.43 25.60 11.79
N TYR G 28 16.72 26.84 12.15
CA TYR G 28 18.06 27.20 12.55
C TYR G 28 18.18 27.01 14.06
N VAL G 29 19.21 26.28 14.45
CA VAL G 29 19.46 25.96 15.85
C VAL G 29 20.82 26.51 16.22
N TRP G 30 20.92 27.22 17.33
CA TRP G 30 22.22 27.69 17.79
C TRP G 30 22.35 27.66 19.30
N ILE G 31 23.53 27.99 19.79
CA ILE G 31 23.82 27.89 21.22
C ILE G 31 23.82 29.29 21.83
N ASP G 32 23.17 29.45 22.99
CA ASP G 32 23.02 30.78 23.60
C ASP G 32 24.00 31.13 24.73
N GLY G 33 23.71 32.22 25.41
CA GLY G 33 24.55 32.73 26.48
C GLY G 33 24.17 32.17 27.83
N THR G 34 23.27 31.18 27.80
CA THR G 34 23.06 30.31 28.92
C THR G 34 23.56 28.97 28.41
N GLY G 35 23.13 27.86 28.99
CA GLY G 35 23.62 26.60 28.48
C GLY G 35 22.71 25.88 27.50
N ASN G 36 21.93 26.64 26.72
CA ASN G 36 20.84 26.04 25.96
C ASN G 36 20.91 26.22 24.46
N LEU G 37 20.08 25.45 23.77
CA LEU G 37 19.83 25.69 22.36
C LEU G 37 18.72 26.71 22.19
N ARG G 38 18.72 27.41 21.06
CA ARG G 38 17.62 28.26 20.65
C ARG G 38 17.34 27.93 19.19
N SER G 39 16.14 28.21 18.72
CA SER G 39 15.87 28.04 17.31
C SER G 39 14.71 28.84 16.80
N LYS G 40 14.73 29.08 15.50
CA LYS G 40 13.56 29.60 14.81
C LYS G 40 13.58 28.95 13.47
N GLY G 41 12.46 29.06 12.74
CA GLY G 41 12.36 28.48 11.41
C GLY G 41 12.10 29.48 10.30
N ARG G 42 12.58 29.14 9.11
CA ARG G 42 12.33 29.95 7.92
C ARG G 42 12.01 29.08 6.73
N THR G 43 11.09 29.56 5.89
CA THR G 43 10.79 28.94 4.61
C THR G 43 11.89 29.19 3.56
N LEU G 44 12.20 28.17 2.78
CA LEU G 44 13.16 28.29 1.71
C LEU G 44 12.46 27.90 0.42
N LYS G 45 12.87 28.46 -0.70
CA LYS G 45 12.13 28.26 -1.94
C LYS G 45 12.24 26.82 -2.48
N LYS G 46 13.37 26.18 -2.20
CA LYS G 46 13.74 24.91 -2.84
C LYS G 46 14.50 23.97 -1.87
N ARG G 47 14.38 22.66 -2.11
CA ARG G 47 15.15 21.63 -1.38
C ARG G 47 16.66 21.93 -1.34
N ILE G 48 17.29 21.73 -0.18
CA ILE G 48 18.70 22.02 -0.05
C ILE G 48 19.58 20.81 -0.35
N THR G 49 20.69 21.03 -1.05
CA THR G 49 21.59 19.95 -1.42
C THR G 49 23.05 20.19 -1.03
N SER G 50 23.35 21.35 -0.46
CA SER G 50 24.68 21.57 0.13
C SER G 50 24.67 22.78 1.06
N ILE G 51 25.52 22.75 2.07
CA ILE G 51 25.58 23.82 3.06
C ILE G 51 25.62 25.20 2.42
N ASP G 52 26.24 25.27 1.24
CA ASP G 52 26.45 26.52 0.52
C ASP G 52 25.18 27.23 0.15
N GLN G 53 24.10 26.48 0.00
CA GLN G 53 22.80 27.06 -0.34
C GLN G 53 22.11 27.72 0.86
N LEU G 54 22.55 27.39 2.07
CA LEU G 54 21.93 27.93 3.27
C LEU G 54 22.44 29.33 3.56
N PRO G 55 21.52 30.30 3.69
CA PRO G 55 21.73 31.73 3.93
C PRO G 55 22.20 32.04 5.34
N GLU G 56 23.00 33.07 5.52
CA GLU G 56 23.30 33.55 6.85
C GLU G 56 21.96 33.98 7.44
N TRP G 57 21.96 34.23 8.75
CA TRP G 57 20.75 34.70 9.38
C TRP G 57 21.16 35.37 10.68
N ASN G 58 20.19 35.79 11.48
CA ASN G 58 20.49 36.55 12.68
C ASN G 58 19.34 36.53 13.68
N PHE G 59 19.60 37.08 14.86
CA PHE G 59 18.63 37.12 15.92
C PHE G 59 19.03 38.20 16.90
N ASP G 60 18.17 38.44 17.88
CA ASP G 60 18.39 39.45 18.90
C ASP G 60 19.23 38.90 20.03
N GLY G 61 20.54 39.11 19.95
CA GLY G 61 21.46 38.54 20.94
C GLY G 61 21.16 38.94 22.38
N SER G 62 20.42 40.03 22.54
CA SER G 62 20.08 40.54 23.85
C SER G 62 18.99 39.69 24.51
N SER G 63 18.23 38.97 23.69
CA SER G 63 17.19 38.13 24.21
C SER G 63 17.71 36.75 24.57
N THR G 64 18.98 36.52 24.31
CA THR G 64 19.60 35.23 24.60
C THR G 64 20.89 35.35 25.38
N ASN G 65 21.17 36.54 25.91
CA ASN G 65 22.37 36.76 26.74
C ASN G 65 23.67 36.57 25.95
N GLN G 66 23.76 37.23 24.79
CA GLN G 66 24.96 37.14 23.96
C GLN G 66 25.35 38.54 23.47
N ALA G 67 24.45 39.50 23.64
CA ALA G 67 24.68 40.87 23.23
C ALA G 67 24.05 41.82 24.25
N PRO G 68 24.40 43.11 24.18
CA PRO G 68 24.09 44.07 25.24
C PRO G 68 22.79 44.84 25.05
N GLY G 69 22.27 44.93 23.83
CA GLY G 69 21.09 45.74 23.57
C GLY G 69 21.50 46.95 22.77
N HIS G 70 22.55 46.74 21.99
CA HIS G 70 23.04 47.72 21.02
C HIS G 70 24.21 47.04 20.30
N ASP G 73 22.46 42.02 19.01
CA ASP G 73 22.27 41.77 17.56
C ASP G 73 23.29 40.82 16.87
N ILE G 74 23.07 39.52 16.92
CA ILE G 74 24.05 38.53 16.44
C ILE G 74 23.69 37.76 15.14
N TYR G 75 24.71 37.28 14.44
CA TYR G 75 24.56 36.63 13.13
C TYR G 75 24.76 35.10 13.19
N LEU G 76 24.02 34.38 12.33
CA LEU G 76 24.04 32.91 12.27
C LEU G 76 24.70 32.34 11.01
N LYS G 77 25.86 31.69 11.18
CA LYS G 77 26.54 31.06 10.04
C LYS G 77 26.26 29.56 10.05
N PRO G 78 25.49 29.10 9.05
CA PRO G 78 25.21 27.67 8.88
C PRO G 78 26.50 26.86 8.93
N VAL G 79 26.50 25.76 9.67
CA VAL G 79 27.71 24.99 9.90
C VAL G 79 27.48 23.55 9.51
N ALA G 80 26.29 23.05 9.81
CA ALA G 80 25.90 21.67 9.47
C ALA G 80 24.40 21.65 9.28
N TYR G 81 23.90 20.69 8.51
CA TYR G 81 22.47 20.54 8.39
C TYR G 81 22.08 19.07 8.24
N TYR G 82 20.86 18.74 8.64
CA TYR G 82 20.36 17.37 8.66
C TYR G 82 18.89 17.41 8.37
N PRO G 83 18.32 16.25 8.04
CA PRO G 83 16.87 16.13 7.89
C PRO G 83 16.22 16.39 9.23
N ASP G 84 15.10 17.10 9.24
CA ASP G 84 14.38 17.40 10.48
C ASP G 84 13.55 16.19 10.88
N PRO G 85 13.92 15.53 12.00
CA PRO G 85 13.20 14.34 12.44
C PRO G 85 11.79 14.69 12.85
N PHE G 86 11.53 15.95 13.15
CA PHE G 86 10.21 16.38 13.57
C PHE G 86 9.34 16.85 12.41
N ARG G 87 9.82 17.80 11.62
CA ARG G 87 9.04 18.26 10.48
C ARG G 87 8.99 17.22 9.37
N ARG G 88 10.01 16.36 9.34
CA ARG G 88 10.17 15.35 8.30
C ARG G 88 10.05 15.90 6.87
N GLY G 89 9.84 15.03 5.91
CA GLY G 89 9.84 15.42 4.53
C GLY G 89 11.18 16.03 4.16
N ASP G 90 11.16 17.00 3.24
CA ASP G 90 12.38 17.63 2.76
C ASP G 90 12.76 18.77 3.67
N ASN G 91 12.12 18.84 4.83
CA ASN G 91 12.41 19.88 5.81
C ASN G 91 13.70 19.55 6.52
N ILE G 92 14.40 20.58 6.99
CA ILE G 92 15.77 20.38 7.45
C ILE G 92 16.09 21.18 8.72
N VAL G 93 17.07 20.71 9.48
CA VAL G 93 17.52 21.39 10.68
C VAL G 93 18.92 21.91 10.41
N VAL G 94 19.18 23.18 10.71
CA VAL G 94 20.48 23.76 10.44
C VAL G 94 21.22 24.21 11.71
N LEU G 95 22.35 23.58 12.00
CA LEU G 95 23.15 24.02 13.11
C LEU G 95 23.95 25.25 12.70
N ALA G 96 23.70 26.38 13.35
CA ALA G 96 24.37 27.63 13.03
C ALA G 96 25.29 28.12 14.16
N ALA G 97 26.44 28.67 13.77
CA ALA G 97 27.38 29.26 14.73
C ALA G 97 27.14 30.77 14.89
N CYS G 98 27.42 31.30 16.07
CA CYS G 98 27.15 32.71 16.33
C CYS G 98 28.35 33.63 16.13
N TYR G 99 28.24 34.58 15.20
CA TYR G 99 29.27 35.59 15.00
C TYR G 99 28.70 36.97 15.25
N ASN G 100 29.43 37.77 16.01
CA ASN G 100 29.10 39.19 16.20
C ASN G 100 29.22 39.97 14.90
N ASN G 101 28.73 41.20 14.90
CA ASN G 101 28.82 42.02 13.70
C ASN G 101 30.25 42.40 13.30
N ASP G 102 31.23 42.19 14.20
CA ASP G 102 32.64 42.37 13.87
C ASP G 102 33.01 41.37 12.78
N GLY G 103 32.39 40.19 12.85
CA GLY G 103 32.85 39.05 12.09
C GLY G 103 33.52 38.10 13.07
N THR G 104 33.75 38.60 14.28
CA THR G 104 34.33 37.79 15.36
C THR G 104 33.29 36.81 15.93
N PRO G 105 33.76 35.64 16.36
CA PRO G 105 32.92 34.64 17.02
C PRO G 105 32.43 35.11 18.40
N ASN G 106 31.11 35.15 18.57
CA ASN G 106 30.49 35.51 19.83
C ASN G 106 31.20 34.97 21.09
N LYS G 107 30.98 35.63 22.23
CA LYS G 107 31.48 35.14 23.52
C LYS G 107 31.30 33.64 23.58
N PHE G 108 30.14 33.14 23.17
CA PHE G 108 29.77 31.74 23.42
C PHE G 108 29.96 30.87 22.22
N ASN G 109 30.62 31.40 21.20
CA ASN G 109 31.01 30.57 20.08
C ASN G 109 32.41 30.01 20.31
N HIS G 110 32.48 28.73 20.67
CA HIS G 110 33.77 28.11 20.87
C HIS G 110 34.03 27.11 19.75
N ARG G 111 33.13 27.06 18.78
CA ARG G 111 33.32 26.13 17.68
C ARG G 111 34.49 26.59 16.85
N HIS G 112 34.61 27.91 16.69
CA HIS G 112 35.65 28.46 15.84
C HIS G 112 37.01 28.14 16.41
N GLU G 113 37.19 28.46 17.69
CA GLU G 113 38.50 28.21 18.32
C GLU G 113 38.94 26.76 18.14
N ALA G 114 38.06 25.83 18.50
CA ALA G 114 38.37 24.41 18.37
C ALA G 114 38.71 24.04 16.94
N ALA G 115 37.92 24.52 16.00
CA ALA G 115 38.15 24.22 14.61
C ALA G 115 39.62 24.42 14.25
N LYS G 116 40.18 25.56 14.68
CA LYS G 116 41.58 25.89 14.44
C LYS G 116 42.46 24.71 14.80
N LEU G 117 42.33 24.23 16.03
CA LEU G 117 43.11 23.08 16.47
C LEU G 117 42.89 21.83 15.62
N PHE G 118 41.64 21.51 15.33
CA PHE G 118 41.34 20.34 14.51
C PHE G 118 41.91 20.49 13.11
N ALA G 119 41.91 21.71 12.60
CA ALA G 119 42.46 21.96 11.27
C ALA G 119 43.97 21.78 11.28
N ALA G 120 44.61 22.31 12.33
CA ALA G 120 46.05 22.17 12.49
C ALA G 120 46.45 20.71 12.52
N HIS G 121 45.79 19.93 13.34
CA HIS G 121 46.16 18.52 13.51
C HIS G 121 45.36 17.56 12.63
N LYS G 122 44.91 18.04 11.47
CA LYS G 122 44.18 17.23 10.50
C LYS G 122 44.82 15.86 10.39
N ASP G 123 46.15 15.87 10.38
CA ASP G 123 46.92 14.66 10.10
C ASP G 123 46.70 13.56 11.14
N GLU G 124 46.52 13.95 12.40
CA GLU G 124 46.34 12.96 13.47
C GLU G 124 45.00 12.27 13.40
N GLU G 125 44.01 12.93 12.80
CA GLU G 125 42.66 12.38 12.72
C GLU G 125 42.11 12.02 14.10
N ILE G 126 41.90 13.00 14.98
CA ILE G 126 41.35 12.69 16.30
C ILE G 126 39.93 12.23 16.13
N TRP G 127 39.59 11.17 16.86
CA TRP G 127 38.24 10.66 16.92
C TRP G 127 37.70 10.81 18.34
N PHE G 128 36.43 11.18 18.45
CA PHE G 128 35.81 11.28 19.74
C PHE G 128 34.56 10.42 19.75
N GLY G 129 34.20 10.01 20.96
CA GLY G 129 32.92 9.37 21.22
C GLY G 129 32.48 9.89 22.58
N LEU G 130 31.37 10.61 22.65
CA LEU G 130 30.90 11.11 23.92
C LEU G 130 29.76 10.27 24.44
N GLU G 131 29.74 10.07 25.76
CA GLU G 131 28.64 9.35 26.41
C GLU G 131 27.81 10.36 27.22
N GLN G 132 26.76 10.88 26.60
CA GLN G 132 25.94 11.93 27.20
C GLN G 132 24.90 11.41 28.18
N GLU G 133 25.09 11.68 29.45
CA GLU G 133 24.11 11.28 30.44
C GLU G 133 23.25 12.49 30.72
N TYR G 134 21.96 12.25 30.95
CA TYR G 134 21.02 13.32 31.30
C TYR G 134 19.99 12.81 32.29
N THR G 135 19.19 13.71 32.86
CA THR G 135 18.24 13.31 33.86
C THR G 135 16.90 13.97 33.60
N LEU G 136 15.81 13.21 33.76
CA LEU G 136 14.47 13.65 33.35
C LEU G 136 13.71 14.38 34.46
N PHE G 137 12.88 15.34 34.07
CA PHE G 137 12.14 16.18 35.03
C PHE G 137 10.70 16.53 34.65
N ASP G 138 9.85 16.62 35.68
CA ASP G 138 8.48 17.13 35.63
C ASP G 138 8.38 18.47 34.95
N MET G 139 7.18 18.79 34.49
CA MET G 139 6.86 20.17 34.18
C MET G 139 7.01 21.03 35.44
N TYR G 140 7.04 20.37 36.59
CA TYR G 140 7.09 21.04 37.88
C TYR G 140 8.49 20.98 38.50
N ASP G 141 9.45 20.62 37.69
CA ASP G 141 10.82 20.61 38.13
C ASP G 141 11.10 19.59 39.24
N ASP G 142 10.36 18.47 39.22
CA ASP G 142 10.64 17.38 40.14
C ASP G 142 11.13 16.23 39.26
N VAL G 143 11.99 15.36 39.78
CA VAL G 143 12.47 14.25 38.97
C VAL G 143 11.31 13.49 38.33
N TYR G 144 11.44 13.22 37.05
CA TYR G 144 10.31 12.69 36.31
C TYR G 144 9.89 11.32 36.80
N GLY G 145 8.64 11.24 37.26
CA GLY G 145 8.02 9.95 37.57
C GLY G 145 8.30 9.47 38.97
N TRP G 146 9.10 10.22 39.69
CA TRP G 146 9.45 9.83 41.04
C TRP G 146 8.24 10.07 41.91
N PRO G 147 8.02 9.17 42.86
CA PRO G 147 7.01 9.26 43.92
C PRO G 147 6.79 10.69 44.37
N LYS G 148 5.52 11.03 44.58
CA LYS G 148 5.11 12.41 44.85
C LYS G 148 5.61 12.81 46.23
N GLY G 149 6.57 13.73 46.28
CA GLY G 149 7.12 14.17 47.55
C GLY G 149 8.17 13.23 48.15
N GLY G 150 8.31 12.04 47.56
CA GLY G 150 9.26 11.04 48.04
C GLY G 150 10.28 10.51 47.04
N TYR G 151 10.61 9.22 47.13
CA TYR G 151 11.71 8.64 46.38
C TYR G 151 11.39 7.25 45.92
N PRO G 152 11.97 6.85 44.78
CA PRO G 152 11.87 5.47 44.33
C PRO G 152 12.66 4.57 45.29
N ALA G 153 12.70 3.29 44.99
CA ALA G 153 13.58 2.38 45.71
C ALA G 153 15.03 2.81 45.50
N PRO G 154 15.96 2.28 46.30
CA PRO G 154 17.34 2.72 46.16
C PRO G 154 17.90 2.17 44.87
N GLN G 155 18.97 2.81 44.40
CA GLN G 155 19.60 2.45 43.14
C GLN G 155 19.99 0.98 43.08
N GLY G 156 20.10 0.45 41.87
CA GLY G 156 20.46 -0.93 41.70
C GLY G 156 19.71 -1.59 40.56
N PRO G 157 18.38 -1.51 40.59
CA PRO G 157 17.53 -2.15 39.59
C PRO G 157 17.23 -1.28 38.38
N TYR G 158 17.80 -0.07 38.32
CA TYR G 158 17.46 0.86 37.24
C TYR G 158 18.45 0.86 36.09
N TYR G 159 19.73 0.68 36.39
CA TYR G 159 20.76 0.61 35.36
C TYR G 159 20.42 -0.45 34.33
N CYS G 160 20.30 -0.05 33.07
CA CYS G 160 19.94 -0.94 31.98
C CYS G 160 18.66 -1.69 32.29
N GLY G 161 17.80 -1.04 33.06
CA GLY G 161 16.58 -1.67 33.56
C GLY G 161 15.60 -2.10 32.49
N VAL G 162 14.71 -3.02 32.87
CA VAL G 162 13.58 -3.40 32.05
C VAL G 162 12.47 -3.97 32.94
N GLY G 163 11.27 -3.48 32.68
CA GLY G 163 10.14 -3.68 33.56
C GLY G 163 9.54 -2.33 33.97
N ALA G 164 8.23 -2.34 34.27
CA ALA G 164 7.46 -1.13 34.53
C ALA G 164 8.04 -0.15 35.55
N GLY G 165 8.51 -0.61 36.70
CA GLY G 165 9.05 0.38 37.62
C GLY G 165 10.51 0.74 37.44
N LYS G 166 11.18 0.04 36.52
CA LYS G 166 12.63 -0.03 36.50
C LYS G 166 13.20 1.07 35.63
N VAL G 167 12.33 1.72 34.88
CA VAL G 167 12.82 2.62 33.87
C VAL G 167 11.74 3.69 33.63
N TYR G 168 12.17 4.92 33.32
CA TYR G 168 11.19 6.02 33.18
C TYR G 168 11.24 6.76 31.82
N ALA G 169 10.10 6.81 31.17
CA ALA G 169 9.94 7.54 29.90
C ALA G 169 10.70 6.93 28.75
N ARG G 170 10.75 5.60 28.70
CA ARG G 170 11.47 4.92 27.63
C ARG G 170 10.99 5.37 26.26
N ASP G 171 9.69 5.60 26.11
CA ASP G 171 9.14 5.99 24.81
C ASP G 171 9.71 7.30 24.32
N MET G 172 9.88 8.26 25.20
CA MET G 172 10.56 9.49 24.83
C MET G 172 12.02 9.21 24.42
N ILE G 173 12.74 8.47 25.26
CA ILE G 173 14.12 8.10 24.98
C ILE G 173 14.28 7.43 23.62
N GLU G 174 13.34 6.56 23.29
CA GLU G 174 13.34 5.85 22.02
C GLU G 174 13.07 6.77 20.86
N ALA G 175 12.11 7.69 21.06
CA ALA G 175 11.79 8.67 20.04
C ALA G 175 13.02 9.49 19.64
N HIS G 176 13.79 9.89 20.65
CA HIS G 176 15.03 10.61 20.45
C HIS G 176 16.05 9.79 19.66
N TYR G 177 16.29 8.55 20.08
CA TYR G 177 17.14 7.62 19.33
C TYR G 177 16.74 7.62 17.84
N ARG G 178 15.45 7.43 17.58
CA ARG G 178 14.94 7.40 16.20
C ARG G 178 15.28 8.70 15.48
N ALA G 179 14.98 9.80 16.15
CA ALA G 179 15.22 11.13 15.61
C ALA G 179 16.67 11.27 15.18
N CYS G 180 17.59 10.95 16.09
CA CYS G 180 19.00 11.09 15.78
C CYS G 180 19.39 10.26 14.57
N LEU G 181 18.88 9.03 14.50
CA LEU G 181 19.17 8.16 13.39
C LEU G 181 18.65 8.75 12.07
N TYR G 182 17.44 9.28 12.09
CA TYR G 182 16.82 9.87 10.90
C TYR G 182 17.65 11.04 10.41
N ALA G 183 18.15 11.83 11.33
CA ALA G 183 19.00 12.97 10.98
C ALA G 183 20.36 12.51 10.48
N GLY G 184 20.64 11.23 10.67
CA GLY G 184 21.91 10.69 10.24
C GLY G 184 23.07 10.99 11.19
N LEU G 185 22.74 11.39 12.40
CA LEU G 185 23.77 11.57 13.41
C LEU G 185 24.47 10.25 13.71
N GLU G 186 25.69 10.33 14.24
CA GLU G 186 26.43 9.12 14.58
C GLU G 186 26.11 8.66 16.00
N ILE G 187 24.86 8.29 16.24
CA ILE G 187 24.43 7.90 17.56
C ILE G 187 24.65 6.40 17.71
N SER G 188 25.60 6.05 18.56
CA SER G 188 26.11 4.68 18.65
C SER G 188 25.26 3.75 19.50
N GLY G 189 24.50 4.31 20.43
CA GLY G 189 23.69 3.52 21.33
C GLY G 189 23.08 4.29 22.48
N ILE G 190 22.23 3.63 23.23
CA ILE G 190 21.52 4.29 24.30
C ILE G 190 21.45 3.31 25.47
N ASN G 191 21.26 3.79 26.67
CA ASN G 191 21.08 2.90 27.83
C ASN G 191 20.45 3.61 29.02
N ALA G 192 19.69 2.90 29.84
CA ALA G 192 19.15 3.52 31.07
C ALA G 192 20.24 3.54 32.15
N GLU G 193 20.37 4.65 32.85
CA GLU G 193 21.47 4.79 33.82
C GLU G 193 21.07 4.37 35.22
N VAL G 194 22.02 4.54 36.13
CA VAL G 194 21.92 3.98 37.47
C VAL G 194 20.81 4.61 38.30
N MET G 195 20.77 5.94 38.31
CA MET G 195 19.72 6.70 38.97
C MET G 195 18.42 6.56 38.17
N PRO G 196 17.28 6.33 38.86
CA PRO G 196 15.99 6.21 38.19
C PRO G 196 15.63 7.48 37.41
N SER G 197 15.11 7.32 36.19
CA SER G 197 14.84 8.42 35.26
C SER G 197 16.09 9.23 34.83
N GLN G 198 17.23 8.55 34.77
CA GLN G 198 18.47 9.10 34.25
C GLN G 198 18.93 8.23 33.10
N TRP G 199 19.27 8.83 31.98
CA TRP G 199 19.61 8.05 30.80
C TRP G 199 20.94 8.47 30.21
N GLU G 200 21.37 7.73 29.19
CA GLU G 200 22.59 8.03 28.46
C GLU G 200 22.32 7.77 26.97
N PHE G 201 22.88 8.60 26.10
CA PHE G 201 23.05 8.21 24.71
C PHE G 201 24.49 8.50 24.32
N GLN G 202 25.04 7.70 23.41
CA GLN G 202 26.41 7.87 22.98
C GLN G 202 26.46 8.27 21.52
N VAL G 203 27.32 9.22 21.22
CA VAL G 203 27.52 9.64 19.84
C VAL G 203 28.98 9.47 19.47
N GLY G 204 29.24 8.69 18.43
CA GLY G 204 30.60 8.50 17.98
C GLY G 204 30.78 7.25 17.14
N PRO G 205 31.93 7.14 16.50
CA PRO G 205 33.01 8.14 16.63
C PRO G 205 32.82 9.23 15.61
N CYS G 206 33.22 10.46 15.95
CA CYS G 206 33.13 11.61 15.06
C CYS G 206 34.50 12.21 14.93
N THR G 207 34.79 12.90 13.82
CA THR G 207 36.10 13.51 13.67
C THR G 207 36.12 15.01 13.92
N GLY G 208 37.02 15.42 14.82
CA GLY G 208 37.22 16.82 15.16
C GLY G 208 35.97 17.64 15.47
N ILE G 209 35.64 18.55 14.57
CA ILE G 209 34.52 19.45 14.79
C ILE G 209 33.19 18.70 14.77
N ASP G 210 33.10 17.62 14.02
CA ASP G 210 31.87 16.84 13.97
C ASP G 210 31.33 16.40 15.31
N MET G 211 32.22 16.03 16.23
CA MET G 211 31.79 15.62 17.55
C MET G 211 30.93 16.72 18.15
N GLY G 212 31.49 17.91 18.26
CA GLY G 212 30.73 19.04 18.77
C GLY G 212 29.42 19.24 18.01
N ASP G 213 29.47 19.33 16.70
CA ASP G 213 28.29 19.60 15.91
C ASP G 213 27.19 18.58 16.20
N GLN G 214 27.54 17.30 16.09
CA GLN G 214 26.54 16.25 16.25
C GLN G 214 25.96 16.13 17.66
N LEU G 215 26.82 16.26 18.68
CA LEU G 215 26.31 16.24 20.05
C LEU G 215 25.33 17.38 20.27
N TRP G 216 25.71 18.59 19.86
CA TRP G 216 24.81 19.70 19.99
C TRP G 216 23.48 19.42 19.28
N MET G 217 23.50 18.83 18.10
CA MET G 217 22.24 18.54 17.45
C MET G 217 21.46 17.50 18.23
N ALA G 218 22.15 16.47 18.71
CA ALA G 218 21.50 15.43 19.48
C ALA G 218 20.82 16.05 20.69
N ARG G 219 21.49 17.01 21.30
CA ARG G 219 20.89 17.71 22.42
C ARG G 219 19.64 18.48 21.99
N TYR G 220 19.70 19.19 20.86
CA TYR G 220 18.53 19.87 20.34
C TYR G 220 17.38 18.87 20.23
N PHE G 221 17.64 17.75 19.56
CA PHE G 221 16.64 16.73 19.35
C PHE G 221 16.08 16.25 20.65
N LEU G 222 16.93 16.08 21.66
CA LEU G 222 16.49 15.60 22.98
C LEU G 222 15.50 16.56 23.64
N HIS G 223 15.91 17.80 23.88
CA HIS G 223 15.02 18.84 24.41
C HIS G 223 13.71 18.93 23.62
N ARG G 224 13.86 18.96 22.30
CA ARG G 224 12.74 19.19 21.42
C ARG G 224 11.75 18.05 21.45
N VAL G 225 12.23 16.82 21.37
CA VAL G 225 11.36 15.66 21.37
C VAL G 225 10.67 15.52 22.75
N ALA G 226 11.44 15.76 23.81
CA ALA G 226 10.91 15.64 25.16
C ALA G 226 9.78 16.63 25.38
N GLU G 227 9.81 17.75 24.65
CA GLU G 227 8.76 18.74 24.75
C GLU G 227 7.44 18.02 24.55
N GLU G 228 7.45 17.09 23.60
CA GLU G 228 6.22 16.40 23.24
C GLU G 228 5.70 15.50 24.37
N PHE G 229 6.51 15.26 25.39
CA PHE G 229 6.12 14.40 26.51
C PHE G 229 6.03 15.23 27.80
N GLY G 230 6.11 16.53 27.65
CA GLY G 230 6.12 17.39 28.81
C GLY G 230 7.26 17.10 29.76
N ILE G 231 8.39 16.67 29.21
CA ILE G 231 9.56 16.34 30.02
C ILE G 231 10.66 17.35 29.81
N LYS G 232 11.18 17.86 30.93
CA LYS G 232 12.32 18.78 30.89
C LYS G 232 13.60 17.95 30.98
N ILE G 233 14.64 18.36 30.25
CA ILE G 233 15.90 17.63 30.26
C ILE G 233 16.97 18.34 31.05
N SER G 234 17.64 17.65 31.95
CA SER G 234 18.63 18.27 32.81
C SER G 234 20.03 17.75 32.57
N PHE G 235 20.93 18.62 32.18
CA PHE G 235 22.32 18.24 32.01
C PHE G 235 23.15 18.58 33.24
N HIS G 236 22.48 18.84 34.35
CA HIS G 236 23.20 19.08 35.59
C HIS G 236 24.00 17.86 35.99
N PRO G 237 25.21 18.07 36.52
CA PRO G 237 26.13 17.01 36.91
C PRO G 237 25.70 16.23 38.15
N LYS G 238 24.84 16.81 38.96
CA LYS G 238 24.36 16.15 40.16
C LYS G 238 22.95 16.61 40.48
N PRO G 239 21.97 16.08 39.74
CA PRO G 239 20.59 16.56 39.77
C PRO G 239 20.00 16.33 41.15
N LEU G 240 20.38 15.23 41.78
CA LEU G 240 19.94 14.99 43.14
C LEU G 240 21.11 14.82 44.08
N LYS G 241 21.10 15.60 45.15
CA LYS G 241 22.18 15.52 46.13
C LYS G 241 22.08 14.15 46.80
N GLY G 242 23.21 13.63 47.24
CA GLY G 242 23.19 12.39 47.97
C GLY G 242 23.97 11.29 47.28
N ASP G 243 23.47 10.07 47.37
CA ASP G 243 24.13 8.94 46.74
C ASP G 243 23.60 8.65 45.35
N TRP G 244 22.54 9.36 44.97
CA TRP G 244 22.03 9.23 43.60
C TRP G 244 23.10 9.64 42.61
N ASN G 245 23.29 8.85 41.57
CA ASN G 245 24.37 9.10 40.62
C ASN G 245 24.38 10.48 40.01
N GLY G 246 25.60 10.96 39.74
CA GLY G 246 25.77 12.21 39.03
C GLY G 246 25.56 11.97 37.54
N ALA G 247 25.85 12.98 36.73
CA ALA G 247 25.68 12.86 35.30
C ALA G 247 26.92 13.35 34.60
N GLY G 248 27.56 12.46 33.86
CA GLY G 248 28.78 12.80 33.16
C GLY G 248 28.64 12.77 31.65
N CYS G 249 29.71 13.18 30.97
CA CYS G 249 29.78 13.09 29.53
C CYS G 249 31.15 12.56 29.18
N HIS G 250 31.39 11.32 29.57
CA HIS G 250 32.65 10.65 29.29
C HIS G 250 33.06 10.90 27.85
N ALA G 251 34.18 11.59 27.67
CA ALA G 251 34.78 11.76 26.34
C ALA G 251 35.78 10.62 26.06
N ASN G 252 35.50 9.84 25.02
CA ASN G 252 36.42 8.82 24.53
C ASN G 252 37.30 9.39 23.39
N VAL G 253 38.60 9.13 23.46
CA VAL G 253 39.54 9.78 22.54
C VAL G 253 40.47 8.79 21.86
N SER G 254 40.84 9.11 20.62
CA SER G 254 41.86 8.34 19.88
C SER G 254 42.40 9.09 18.66
N THR G 255 43.69 8.91 18.40
CA THR G 255 44.33 9.43 17.17
C THR G 255 44.67 8.26 16.27
N LYS G 256 44.97 8.52 15.01
CA LYS G 256 45.26 7.45 14.06
C LYS G 256 46.32 6.48 14.61
N GLU G 257 47.37 7.03 15.21
CA GLU G 257 48.44 6.21 15.80
C GLU G 257 47.91 5.23 16.84
N MET G 258 47.07 5.73 17.75
CA MET G 258 46.51 4.90 18.82
C MET G 258 45.66 3.76 18.25
N ARG G 259 45.06 3.97 17.09
CA ARG G 259 44.14 3.00 16.52
C ARG G 259 44.83 1.87 15.77
N GLN G 260 46.08 2.13 15.38
CA GLN G 260 46.91 1.11 14.72
C GLN G 260 47.80 0.39 15.74
N PRO G 261 48.09 -0.89 15.46
CA PRO G 261 48.81 -1.77 16.40
C PRO G 261 49.99 -1.06 17.04
N GLY G 262 50.25 -1.36 18.31
CA GLY G 262 51.31 -0.71 19.05
C GLY G 262 50.83 0.63 19.54
N GLY G 263 49.52 0.75 19.65
CA GLY G 263 48.90 2.00 20.04
C GLY G 263 49.11 2.39 21.49
N THR G 264 48.93 1.45 22.43
CA THR G 264 48.85 1.83 23.87
C THR G 264 50.12 2.62 24.21
N LYS G 265 51.07 2.59 23.28
CA LYS G 265 52.24 3.45 23.37
C LYS G 265 51.79 4.89 23.41
N TYR G 266 51.20 5.34 22.30
CA TYR G 266 50.75 6.72 22.15
C TYR G 266 49.56 7.05 23.05
N ILE G 267 48.76 6.04 23.36
CA ILE G 267 47.70 6.19 24.35
C ILE G 267 48.30 6.56 25.70
N GLU G 268 49.33 5.82 26.10
CA GLU G 268 50.00 6.11 27.36
C GLU G 268 50.65 7.49 27.34
N GLN G 269 51.24 7.86 26.20
CA GLN G 269 51.83 9.17 26.03
C GLN G 269 50.81 10.29 26.22
N ALA G 270 49.67 10.13 25.56
CA ALA G 270 48.59 11.08 25.67
C ALA G 270 48.18 11.20 27.12
N ILE G 271 47.99 10.05 27.78
CA ILE G 271 47.51 10.03 29.17
C ILE G 271 48.44 10.83 30.07
N GLU G 272 49.73 10.77 29.76
CA GLU G 272 50.69 11.50 30.55
C GLU G 272 50.62 13.01 30.30
N LYS G 273 50.56 13.41 29.04
CA LYS G 273 50.38 14.84 28.76
C LYS G 273 49.13 15.34 29.49
N LEU G 274 48.06 14.55 29.42
CA LEU G 274 46.80 14.87 30.06
C LEU G 274 46.97 15.08 31.55
N SER G 275 47.86 14.29 32.16
CA SER G 275 48.11 14.34 33.59
C SER G 275 48.74 15.65 34.02
N LYS G 276 49.49 16.25 33.11
CA LYS G 276 50.10 17.55 33.39
C LYS G 276 49.12 18.73 33.28
N ARG G 277 48.03 18.52 32.54
CA ARG G 277 47.06 19.59 32.36
C ARG G 277 45.69 19.28 32.96
N HIS G 278 45.68 18.51 34.03
CA HIS G 278 44.43 18.17 34.72
C HIS G 278 43.65 19.43 35.14
N ALA G 279 44.33 20.42 35.70
CA ALA G 279 43.61 21.59 36.18
C ALA G 279 42.98 22.37 35.03
N GLU G 280 43.74 22.52 33.95
CA GLU G 280 43.30 23.32 32.80
C GLU G 280 42.07 22.70 32.15
N HIS G 281 42.07 21.37 32.09
CA HIS G 281 40.94 20.60 31.58
C HIS G 281 39.73 20.73 32.51
N ILE G 282 39.92 20.37 33.76
CA ILE G 282 38.86 20.52 34.75
C ILE G 282 38.17 21.86 34.62
N LYS G 283 38.94 22.92 34.41
CA LYS G 283 38.37 24.27 34.30
C LYS G 283 37.34 24.40 33.16
N LEU G 284 37.56 23.69 32.05
CA LEU G 284 36.50 23.51 31.07
C LEU G 284 35.54 22.45 31.64
N TYR G 285 35.46 21.26 31.05
CA TYR G 285 34.83 20.09 31.72
C TYR G 285 33.57 20.21 32.63
N GLY G 286 32.96 21.39 32.75
CA GLY G 286 31.64 21.46 33.37
C GLY G 286 31.52 22.11 34.73
N SER G 287 30.49 22.95 34.88
CA SER G 287 30.24 23.66 36.12
C SER G 287 29.53 22.82 37.20
N ASP G 288 29.73 23.21 38.45
CA ASP G 288 29.48 22.33 39.61
C ASP G 288 29.73 20.84 39.32
N ASN G 289 30.80 20.57 38.59
CA ASN G 289 31.28 19.21 38.46
C ASN G 289 31.82 18.81 39.83
N ASP G 290 32.06 19.81 40.67
CA ASP G 290 32.57 19.59 42.03
C ASP G 290 31.62 18.76 42.88
N MET G 291 30.33 18.77 42.54
CA MET G 291 29.38 17.90 43.23
C MET G 291 29.26 16.50 42.60
N ARG G 292 30.25 16.14 41.79
CA ARG G 292 30.32 14.81 41.15
C ARG G 292 31.70 14.10 41.27
N SER G 301 37.75 12.13 41.54
CA SER G 301 38.15 13.31 42.33
C SER G 301 38.57 14.55 41.50
N MET G 302 38.12 15.72 41.96
CA MET G 302 38.25 16.99 41.23
C MET G 302 39.68 17.54 41.19
N THR G 303 40.46 17.17 42.20
CA THR G 303 41.79 17.70 42.33
C THR G 303 42.82 16.64 41.99
N ALA G 304 42.44 15.38 42.17
CA ALA G 304 43.35 14.27 41.88
C ALA G 304 43.24 13.79 40.43
N PHE G 305 44.38 13.48 39.84
CA PHE G 305 44.38 12.89 38.51
C PHE G 305 44.95 11.50 38.62
N SER G 306 44.25 10.50 38.09
CA SER G 306 44.78 9.14 38.07
C SER G 306 44.35 8.44 36.79
N SER G 307 45.03 7.34 36.49
CA SER G 307 44.69 6.55 35.32
C SER G 307 45.05 5.08 35.54
N GLY G 308 44.37 4.20 34.81
CA GLY G 308 44.61 2.78 34.92
C GLY G 308 43.69 2.02 34.00
N VAL G 309 44.06 0.77 33.71
CA VAL G 309 43.21 -0.09 32.91
C VAL G 309 41.98 -0.53 33.69
N ALA G 310 40.87 -0.76 32.98
CA ALA G 310 39.61 -1.16 33.60
C ALA G 310 39.48 -0.54 34.98
N ASN G 311 39.23 0.75 34.97
CA ASN G 311 39.19 1.50 36.22
C ASN G 311 38.15 2.62 36.17
N ARG G 312 36.92 2.32 36.59
CA ARG G 312 35.85 3.30 36.59
C ARG G 312 36.04 4.28 37.75
N GLY G 313 37.17 4.15 38.44
CA GLY G 313 37.52 5.06 39.52
C GLY G 313 38.51 6.15 39.13
N SER G 314 39.26 5.89 38.06
CA SER G 314 40.30 6.83 37.65
C SER G 314 39.79 8.00 36.80
N SER G 315 40.65 8.99 36.60
CA SER G 315 40.32 10.13 35.76
C SER G 315 40.29 9.71 34.29
N ILE G 316 41.27 8.90 33.90
CA ILE G 316 41.32 8.34 32.56
C ILE G 316 41.36 6.82 32.67
N ARG G 317 40.54 6.14 31.86
CA ARG G 317 40.41 4.70 31.98
C ARG G 317 40.77 4.08 30.63
N ILE G 318 41.67 3.10 30.66
CA ILE G 318 41.95 2.34 29.46
C ILE G 318 41.13 1.08 29.51
N PRO G 319 40.19 0.93 28.56
CA PRO G 319 39.31 -0.24 28.50
C PRO G 319 40.13 -1.52 28.52
N ARG G 320 39.75 -2.50 29.35
CA ARG G 320 40.51 -3.74 29.39
C ARG G 320 40.68 -4.25 27.97
N SER G 321 39.60 -4.16 27.18
CA SER G 321 39.62 -4.56 25.79
C SER G 321 40.81 -3.94 25.03
N VAL G 322 40.92 -2.61 25.11
CA VAL G 322 42.02 -1.89 24.48
C VAL G 322 43.37 -2.40 24.96
N ALA G 323 43.53 -2.47 26.28
CA ALA G 323 44.77 -2.96 26.90
C ALA G 323 45.19 -4.32 26.36
N LYS G 324 44.27 -5.29 26.40
CA LYS G 324 44.53 -6.65 25.93
C LYS G 324 44.91 -6.67 24.44
N GLU G 325 44.39 -5.74 23.65
CA GLU G 325 44.67 -5.73 22.20
C GLU G 325 45.81 -4.82 21.75
N GLY G 326 46.29 -3.94 22.63
CA GLY G 326 47.46 -3.12 22.35
C GLY G 326 47.23 -1.82 21.57
N TYR G 327 45.98 -1.54 21.24
CA TYR G 327 45.63 -0.35 20.50
C TYR G 327 44.14 -0.10 20.71
N GLY G 328 43.73 1.14 20.46
CA GLY G 328 42.35 1.57 20.64
C GLY G 328 42.23 3.02 21.05
N TYR G 329 41.54 3.26 22.16
CA TYR G 329 41.23 4.62 22.60
C TYR G 329 41.29 4.65 24.11
N PHE G 330 41.17 5.84 24.68
CA PHE G 330 41.05 5.94 26.13
C PHE G 330 39.80 6.71 26.52
N GLU G 331 39.34 6.49 27.74
CA GLU G 331 38.10 7.12 28.23
C GLU G 331 38.43 8.17 29.28
N ASP G 332 38.21 9.44 28.95
CA ASP G 332 38.30 10.49 29.94
C ASP G 332 36.96 10.61 30.68
N ARG G 333 36.94 10.18 31.95
CA ARG G 333 35.70 10.11 32.70
C ARG G 333 35.42 11.40 33.46
N ARG G 334 36.26 12.41 33.26
CA ARG G 334 36.17 13.66 34.03
C ARG G 334 35.07 14.64 33.58
N PRO G 335 34.83 14.78 32.28
CA PRO G 335 33.89 15.81 31.85
C PRO G 335 32.47 15.56 32.37
N ALA G 336 31.81 16.63 32.82
CA ALA G 336 30.44 16.55 33.32
C ALA G 336 29.39 16.58 32.20
N SER G 337 28.19 16.18 32.55
CA SER G 337 27.10 16.12 31.60
C SER G 337 26.88 17.44 30.88
N ASN G 338 27.15 18.55 31.55
CA ASN G 338 26.83 19.89 31.03
C ASN G 338 27.97 20.54 30.26
N ILE G 339 28.94 19.74 29.85
CA ILE G 339 30.08 20.27 29.10
C ILE G 339 29.69 20.77 27.72
N ASP G 340 30.46 21.74 27.21
CA ASP G 340 30.39 22.12 25.80
C ASP G 340 31.39 21.28 25.05
N PRO G 341 30.91 20.35 24.22
CA PRO G 341 31.76 19.45 23.43
C PRO G 341 32.86 20.19 22.68
N TYR G 342 32.56 21.37 22.14
CA TYR G 342 33.59 22.19 21.47
C TYR G 342 34.79 22.46 22.39
N LEU G 343 34.50 22.84 23.63
CA LEU G 343 35.56 23.06 24.62
C LEU G 343 36.29 21.77 25.03
N VAL G 344 35.55 20.71 25.32
CA VAL G 344 36.20 19.46 25.68
C VAL G 344 37.04 18.91 24.52
N THR G 345 36.43 18.65 23.37
CA THR G 345 37.17 18.06 22.25
C THR G 345 38.30 19.01 21.83
N GLY G 346 38.03 20.30 21.91
CA GLY G 346 39.00 21.31 21.59
C GLY G 346 40.24 21.17 22.44
N ILE G 347 40.08 21.29 23.75
CA ILE G 347 41.27 21.29 24.60
C ILE G 347 41.86 19.90 24.66
N MET G 348 41.06 18.89 24.33
CA MET G 348 41.60 17.53 24.33
C MET G 348 42.65 17.48 23.25
N CYS G 349 42.28 17.97 22.06
CA CYS G 349 43.19 17.98 20.93
C CYS G 349 44.39 18.85 21.23
N GLU G 350 44.13 20.03 21.78
CA GLU G 350 45.20 20.96 22.16
C GLU G 350 46.31 20.28 22.96
N THR G 351 45.94 19.51 23.98
CA THR G 351 46.95 18.96 24.88
C THR G 351 47.43 17.58 24.45
N VAL G 352 46.61 16.87 23.68
CA VAL G 352 47.01 15.53 23.22
C VAL G 352 47.83 15.62 21.95
N CYS G 353 47.45 16.53 21.06
CA CYS G 353 48.09 16.65 19.76
C CYS G 353 49.10 17.79 19.71
N GLY G 354 48.89 18.81 20.55
CA GLY G 354 49.81 19.91 20.64
C GLY G 354 49.19 21.29 20.47
N ALA G 355 49.68 22.23 21.28
CA ALA G 355 49.18 23.60 21.27
C ALA G 355 49.42 24.30 19.94
N ILE G 356 48.80 25.47 19.79
CA ILE G 356 49.02 26.31 18.62
C ILE G 356 49.14 27.75 19.11
N ASP G 357 50.02 28.52 18.48
CA ASP G 357 50.16 29.94 18.79
C ASP G 357 48.97 30.68 18.18
N ASN G 358 48.32 29.99 17.26
CA ASN G 358 47.14 30.47 16.56
C ASN G 358 45.86 30.40 17.44
N ALA G 359 45.86 29.56 18.48
CA ALA G 359 44.71 29.41 19.37
C ALA G 359 45.04 28.89 20.77
N ASP G 360 44.24 29.32 21.74
CA ASP G 360 44.39 28.88 23.14
C ASP G 360 43.03 28.48 23.69
N MET G 361 42.79 27.17 23.81
CA MET G 361 41.49 26.67 24.28
C MET G 361 41.09 27.24 25.63
N THR G 362 42.02 27.16 26.58
CA THR G 362 41.73 27.60 27.93
C THR G 362 41.45 29.10 27.95
N LYS G 363 42.12 29.87 27.12
CA LYS G 363 41.78 31.28 27.05
C LYS G 363 40.37 31.49 26.51
N GLU G 364 39.97 30.66 25.54
CA GLU G 364 38.61 30.69 24.99
C GLU G 364 37.64 30.49 26.15
N PHE G 365 37.40 31.61 26.83
CA PHE G 365 36.62 31.69 28.05
C PHE G 365 36.43 33.18 28.22
N GLU G 366 35.57 33.67 27.33
CA GLU G 366 35.35 35.06 27.08
C GLU G 366 33.87 35.42 27.42
N ARG H 21 -19.19 14.75 -2.29
CA ARG H 21 -19.88 13.85 -3.23
C ARG H 21 -19.96 14.44 -4.63
N GLY H 22 -18.82 14.90 -5.14
CA GLY H 22 -18.85 15.66 -6.36
C GLY H 22 -18.89 17.18 -6.10
N ARG H 23 -19.43 17.55 -4.94
CA ARG H 23 -19.58 18.97 -4.68
C ARG H 23 -18.39 19.54 -3.93
N ILE H 24 -18.38 20.86 -3.78
CA ILE H 24 -17.29 21.61 -3.16
C ILE H 24 -17.78 22.46 -1.98
N ILE H 25 -16.98 22.61 -0.93
CA ILE H 25 -17.37 23.56 0.09
C ILE H 25 -16.46 24.78 0.03
N ALA H 26 -17.07 25.95 -0.02
CA ALA H 26 -16.33 27.20 0.06
C ALA H 26 -16.69 27.93 1.35
N GLU H 27 -15.69 28.14 2.20
CA GLU H 27 -15.91 28.92 3.41
C GLU H 27 -15.63 30.35 3.10
N TYR H 28 -16.64 31.20 3.21
CA TYR H 28 -16.42 32.63 3.07
C TYR H 28 -15.95 33.26 4.40
N VAL H 29 -14.83 33.97 4.33
CA VAL H 29 -14.25 34.61 5.48
C VAL H 29 -14.23 36.12 5.24
N TRP H 30 -14.68 36.90 6.21
CA TRP H 30 -14.63 38.34 6.09
C TRP H 30 -14.31 39.01 7.41
N ILE H 31 -14.10 40.32 7.37
CA ILE H 31 -13.72 41.11 8.53
C ILE H 31 -14.92 41.88 9.07
N ASP H 32 -15.08 41.90 10.40
CA ASP H 32 -16.30 42.46 11.01
C ASP H 32 -16.11 43.83 11.64
N GLY H 33 -17.15 44.28 12.32
CA GLY H 33 -17.18 45.58 12.97
C GLY H 33 -16.58 45.55 14.36
N THR H 34 -15.96 44.43 14.70
CA THR H 34 -15.05 44.36 15.83
C THR H 34 -13.73 44.05 15.14
N GLY H 35 -12.79 43.44 15.85
CA GLY H 35 -11.50 43.21 15.23
C GLY H 35 -11.29 41.81 14.74
N ASN H 36 -12.36 41.14 14.35
CA ASN H 36 -12.31 39.70 14.12
C ASN H 36 -12.69 39.23 12.73
N LEU H 37 -12.39 37.97 12.45
CA LEU H 37 -12.91 37.35 11.26
C LEU H 37 -14.28 36.72 11.57
N ARG H 38 -15.09 36.58 10.54
CA ARG H 38 -16.31 35.81 10.60
C ARG H 38 -16.35 34.90 9.40
N SER H 39 -17.09 33.81 9.48
CA SER H 39 -17.22 32.94 8.32
C SER H 39 -18.46 32.08 8.33
N LYS H 40 -18.85 31.70 7.13
CA LYS H 40 -19.86 30.67 6.94
C LYS H 40 -19.48 29.90 5.69
N GLY H 41 -20.05 28.70 5.52
CA GLY H 41 -19.74 27.85 4.39
C GLY H 41 -20.92 27.60 3.46
N ARG H 42 -20.62 27.42 2.18
CA ARG H 42 -21.64 27.09 1.21
C ARG H 42 -21.14 26.04 0.25
N THR H 43 -22.04 25.17 -0.17
CA THR H 43 -21.75 24.16 -1.15
C THR H 43 -21.76 24.77 -2.55
N LEU H 44 -20.83 24.34 -3.38
CA LEU H 44 -20.77 24.75 -4.76
C LEU H 44 -20.81 23.49 -5.64
N LYS H 45 -21.42 23.60 -6.81
CA LYS H 45 -21.65 22.44 -7.65
C LYS H 45 -20.37 21.79 -8.18
N LYS H 46 -19.33 22.59 -8.40
CA LYS H 46 -18.11 22.13 -9.08
C LYS H 46 -16.83 22.78 -8.52
N ARG H 47 -15.69 22.10 -8.69
CA ARG H 47 -14.39 22.65 -8.33
C ARG H 47 -14.16 24.04 -8.93
N ILE H 48 -13.53 24.93 -8.16
CA ILE H 48 -13.27 26.29 -8.63
C ILE H 48 -11.89 26.46 -9.25
N THR H 49 -11.83 27.18 -10.36
CA THR H 49 -10.56 27.39 -11.06
C THR H 49 -10.23 28.84 -11.31
N SER H 50 -11.13 29.76 -10.94
CA SER H 50 -10.77 31.17 -10.95
C SER H 50 -11.74 31.97 -10.10
N ILE H 51 -11.26 33.08 -9.52
CA ILE H 51 -12.07 33.92 -8.65
C ILE H 51 -13.41 34.26 -9.28
N ASP H 52 -13.44 34.35 -10.61
CA ASP H 52 -14.64 34.72 -11.37
C ASP H 52 -15.82 33.79 -11.15
N GLN H 53 -15.53 32.54 -10.83
CA GLN H 53 -16.55 31.52 -10.61
C GLN H 53 -17.23 31.66 -9.25
N LEU H 54 -16.58 32.38 -8.33
CA LEU H 54 -17.11 32.54 -6.98
C LEU H 54 -18.15 33.63 -6.94
N PRO H 55 -19.37 33.28 -6.48
CA PRO H 55 -20.58 34.10 -6.36
C PRO H 55 -20.49 35.15 -5.27
N GLU H 56 -21.19 36.27 -5.44
CA GLU H 56 -21.32 37.23 -4.35
C GLU H 56 -22.09 36.51 -3.27
N TRP H 57 -22.15 37.12 -2.09
CA TRP H 57 -22.89 36.50 -1.02
C TRP H 57 -23.14 37.59 -0.02
N ASN H 58 -23.75 37.25 1.12
CA ASN H 58 -24.16 38.28 2.08
C ASN H 58 -24.42 37.72 3.47
N PHE H 59 -24.64 38.62 4.42
CA PHE H 59 -24.88 38.21 5.80
C PHE H 59 -25.58 39.31 6.51
N ASP H 60 -25.92 39.06 7.76
CA ASP H 60 -26.64 40.04 8.57
C ASP H 60 -25.65 40.98 9.28
N GLY H 61 -25.43 42.15 8.69
CA GLY H 61 -24.41 43.04 9.19
C GLY H 61 -24.67 43.50 10.61
N SER H 62 -25.91 43.33 11.06
CA SER H 62 -26.32 43.79 12.40
C SER H 62 -25.86 42.79 13.47
N SER H 63 -25.56 41.57 13.03
CA SER H 63 -25.06 40.56 13.94
C SER H 63 -23.55 40.64 14.06
N THR H 64 -22.92 41.53 13.29
CA THR H 64 -21.48 41.69 13.29
C THR H 64 -21.00 43.11 13.50
N ASN H 65 -21.92 44.00 13.86
CA ASN H 65 -21.57 45.40 14.09
C ASN H 65 -21.09 46.12 12.83
N GLN H 66 -21.83 46.01 11.73
CA GLN H 66 -21.44 46.64 10.48
C GLN H 66 -22.63 47.34 9.87
N ALA H 67 -23.81 47.02 10.41
CA ALA H 67 -25.08 47.58 9.93
C ALA H 67 -26.06 47.79 11.09
N PRO H 68 -27.13 48.55 10.85
CA PRO H 68 -27.99 49.05 11.94
C PRO H 68 -29.18 48.18 12.32
N GLY H 69 -29.61 47.29 11.43
CA GLY H 69 -30.83 46.53 11.68
C GLY H 69 -31.90 47.01 10.73
N HIS H 70 -31.45 47.53 9.58
CA HIS H 70 -32.31 47.94 8.48
C HIS H 70 -31.42 48.39 7.32
N ASP H 73 -27.62 44.42 6.96
CA ASP H 73 -27.67 43.66 5.71
C ASP H 73 -26.55 43.88 4.64
N ILE H 74 -25.39 43.23 4.79
CA ILE H 74 -24.21 43.52 3.96
C ILE H 74 -23.84 42.43 2.96
N TYR H 75 -23.13 42.82 1.91
CA TYR H 75 -22.75 41.91 0.83
C TYR H 75 -21.26 41.51 0.78
N LEU H 76 -20.97 40.31 0.29
CA LEU H 76 -19.61 39.75 0.26
C LEU H 76 -19.06 39.59 -1.15
N LYS H 77 -18.00 40.35 -1.46
CA LYS H 77 -17.35 40.24 -2.77
C LYS H 77 -16.06 39.46 -2.68
N PRO H 78 -16.08 38.25 -3.24
CA PRO H 78 -14.88 37.39 -3.24
C PRO H 78 -13.67 38.18 -3.73
N VAL H 79 -12.55 38.03 -3.05
CA VAL H 79 -11.39 38.84 -3.35
C VAL H 79 -10.17 37.98 -3.56
N ALA H 80 -10.09 36.90 -2.79
CA ALA H 80 -9.02 35.91 -2.92
C ALA H 80 -9.54 34.57 -2.47
N TYR H 81 -8.91 33.48 -2.91
CA TYR H 81 -9.33 32.16 -2.46
C TYR H 81 -8.15 31.21 -2.41
N TYR H 82 -8.23 30.24 -1.53
CA TYR H 82 -7.15 29.31 -1.30
C TYR H 82 -7.72 27.95 -0.97
N PRO H 83 -6.88 26.91 -1.03
CA PRO H 83 -7.31 25.59 -0.58
C PRO H 83 -7.55 25.64 0.93
N ASP H 84 -8.60 24.98 1.38
CA ASP H 84 -8.94 24.98 2.80
C ASP H 84 -8.06 23.98 3.53
N PRO H 85 -7.16 24.46 4.41
CA PRO H 85 -6.23 23.59 5.11
C PRO H 85 -6.97 22.70 6.08
N PHE H 86 -8.18 23.10 6.46
CA PHE H 86 -8.98 22.32 7.38
C PHE H 86 -9.87 21.30 6.65
N ARG H 87 -10.71 21.77 5.72
CA ARG H 87 -11.58 20.87 4.99
C ARG H 87 -10.82 20.03 3.98
N ARG H 88 -9.64 20.52 3.59
CA ARG H 88 -8.81 19.89 2.57
C ARG H 88 -9.58 19.45 1.34
N GLY H 89 -8.98 18.56 0.55
CA GLY H 89 -9.59 18.15 -0.68
C GLY H 89 -9.70 19.33 -1.62
N ASP H 90 -10.73 19.34 -2.45
CA ASP H 90 -10.95 20.44 -3.39
C ASP H 90 -11.77 21.53 -2.73
N ASN H 91 -11.93 21.43 -1.41
CA ASN H 91 -12.60 22.46 -0.64
C ASN H 91 -11.71 23.69 -0.50
N ILE H 92 -12.33 24.85 -0.37
CA ILE H 92 -11.63 26.14 -0.54
C ILE H 92 -12.09 27.19 0.47
N VAL H 93 -11.16 28.08 0.82
CA VAL H 93 -11.44 29.23 1.67
C VAL H 93 -11.48 30.52 0.85
N VAL H 94 -12.53 31.31 1.00
CA VAL H 94 -12.69 32.52 0.19
C VAL H 94 -12.66 33.80 1.01
N LEU H 95 -11.63 34.62 0.83
CA LEU H 95 -11.59 35.91 1.48
C LEU H 95 -12.51 36.91 0.74
N ALA H 96 -13.53 37.40 1.45
CA ALA H 96 -14.50 38.32 0.85
C ALA H 96 -14.47 39.69 1.52
N ALA H 97 -14.64 40.72 0.69
CA ALA H 97 -14.69 42.09 1.18
C ALA H 97 -16.14 42.52 1.36
N CYS H 98 -16.38 43.41 2.32
CA CYS H 98 -17.75 43.82 2.63
C CYS H 98 -18.17 45.10 1.92
N TYR H 99 -19.24 45.01 1.15
CA TYR H 99 -19.84 46.17 0.53
C TYR H 99 -21.29 46.33 1.01
N ASN H 100 -21.69 47.54 1.39
CA ASN H 100 -23.08 47.84 1.71
C ASN H 100 -23.94 47.74 0.48
N ASN H 101 -25.25 47.79 0.64
CA ASN H 101 -26.16 47.74 -0.51
C ASN H 101 -26.07 48.96 -1.45
N ASP H 102 -25.32 50.00 -1.05
CA ASP H 102 -25.06 51.12 -1.93
C ASP H 102 -24.18 50.66 -3.06
N GLY H 103 -23.31 49.73 -2.75
CA GLY H 103 -22.23 49.39 -3.65
C GLY H 103 -20.98 49.98 -3.02
N THR H 104 -21.19 50.81 -2.01
CA THR H 104 -20.09 51.38 -1.24
C THR H 104 -19.46 50.38 -0.26
N PRO H 105 -18.15 50.47 -0.06
CA PRO H 105 -17.41 49.64 0.89
C PRO H 105 -17.80 49.96 2.32
N ASN H 106 -18.24 48.94 3.04
CA ASN H 106 -18.63 49.05 4.43
C ASN H 106 -17.70 49.90 5.27
N LYS H 107 -18.19 50.39 6.40
CA LYS H 107 -17.39 51.14 7.36
C LYS H 107 -16.04 50.45 7.48
N PHE H 108 -16.05 49.13 7.64
CA PHE H 108 -14.84 48.43 8.02
C PHE H 108 -14.13 47.79 6.84
N ASN H 109 -14.55 48.15 5.64
CA ASN H 109 -13.84 47.71 4.48
C ASN H 109 -12.80 48.76 4.14
N HIS H 110 -11.54 48.44 4.42
CA HIS H 110 -10.46 49.36 4.07
C HIS H 110 -9.62 48.76 2.97
N ARG H 111 -10.07 47.64 2.43
CA ARG H 111 -9.31 47.00 1.38
C ARG H 111 -9.45 47.85 0.14
N HIS H 112 -10.66 48.34 -0.10
CA HIS H 112 -10.93 49.12 -1.30
C HIS H 112 -10.09 50.41 -1.33
N GLU H 113 -10.13 51.19 -0.26
CA GLU H 113 -9.33 52.38 -0.22
C GLU H 113 -7.84 52.11 -0.54
N ALA H 114 -7.23 51.16 0.16
CA ALA H 114 -5.83 50.82 -0.09
C ALA H 114 -5.58 50.42 -1.54
N ALA H 115 -6.46 49.59 -2.08
CA ALA H 115 -6.31 49.12 -3.45
C ALA H 115 -6.06 50.29 -4.37
N LYS H 116 -6.84 51.36 -4.20
CA LYS H 116 -6.66 52.58 -5.00
C LYS H 116 -5.20 52.98 -5.03
N LEU H 117 -4.62 53.16 -3.86
CA LEU H 117 -3.22 53.54 -3.77
C LEU H 117 -2.28 52.56 -4.44
N PHE H 118 -2.48 51.26 -4.20
CA PHE H 118 -1.61 50.26 -4.82
C PHE H 118 -1.73 50.28 -6.35
N ALA H 119 -2.94 50.53 -6.81
CA ALA H 119 -3.18 50.57 -8.25
C ALA H 119 -2.50 51.77 -8.85
N ALA H 120 -2.59 52.91 -8.17
CA ALA H 120 -1.93 54.12 -8.62
C ALA H 120 -0.43 53.90 -8.75
N HIS H 121 0.18 53.36 -7.70
CA HIS H 121 1.61 53.21 -7.70
C HIS H 121 2.07 51.82 -8.13
N LYS H 122 1.27 51.18 -8.98
CA LYS H 122 1.64 49.91 -9.59
C LYS H 122 3.11 49.89 -9.94
N ASP H 123 3.58 50.99 -10.53
CA ASP H 123 4.92 51.06 -11.07
C ASP H 123 6.01 50.86 -10.03
N GLU H 124 5.77 51.31 -8.80
CA GLU H 124 6.78 51.22 -7.74
C GLU H 124 6.95 49.80 -7.22
N GLU H 125 5.91 49.00 -7.37
CA GLU H 125 5.93 47.61 -6.89
C GLU H 125 6.30 47.54 -5.42
N ILE H 126 5.49 48.13 -4.54
CA ILE H 126 5.76 48.05 -3.11
C ILE H 126 5.67 46.60 -2.68
N TRP H 127 6.60 46.20 -1.83
CA TRP H 127 6.58 44.90 -1.21
C TRP H 127 6.46 45.08 0.28
N PHE H 128 5.70 44.21 0.91
CA PHE H 128 5.58 44.21 2.35
C PHE H 128 5.92 42.82 2.91
N GLY H 129 6.39 42.81 4.15
CA GLY H 129 6.58 41.60 4.90
C GLY H 129 6.19 41.94 6.32
N LEU H 130 5.11 41.34 6.81
CA LEU H 130 4.67 41.62 8.17
C LEU H 130 5.15 40.54 9.14
N GLU H 131 5.51 40.97 10.34
CA GLU H 131 5.90 40.07 11.41
C GLU H 131 4.81 40.08 12.48
N GLN H 132 3.84 39.19 12.34
CA GLN H 132 2.68 39.14 13.24
C GLN H 132 2.98 38.44 14.55
N GLU H 133 3.01 39.21 15.62
CA GLU H 133 3.15 38.62 16.92
C GLU H 133 1.75 38.42 17.54
N TYR H 134 1.57 37.39 18.34
CA TYR H 134 0.29 37.15 19.01
C TYR H 134 0.58 36.49 20.34
N THR H 135 -0.43 36.40 21.20
CA THR H 135 -0.25 35.79 22.51
C THR H 135 -1.38 34.80 22.78
N LEU H 136 -1.05 33.66 23.38
CA LEU H 136 -2.01 32.55 23.57
C LEU H 136 -2.81 32.65 24.89
N PHE H 137 -4.04 32.15 24.88
CA PHE H 137 -4.88 32.22 26.08
C PHE H 137 -5.76 30.99 26.33
N ASP H 138 -5.99 30.69 27.61
CA ASP H 138 -6.97 29.72 28.13
C ASP H 138 -8.34 29.88 27.52
N MET H 139 -9.12 28.83 27.68
CA MET H 139 -10.55 28.97 27.47
C MET H 139 -11.09 29.91 28.52
N TYR H 140 -10.29 30.15 29.56
CA TYR H 140 -10.72 30.94 30.72
C TYR H 140 -10.08 32.31 30.71
N ASP H 141 -9.53 32.67 29.57
CA ASP H 141 -8.96 33.99 29.40
C ASP H 141 -7.75 34.24 30.31
N ASP H 142 -7.01 33.19 30.62
CA ASP H 142 -5.76 33.38 31.33
C ASP H 142 -4.63 32.98 30.35
N VAL H 143 -3.46 33.59 30.47
CA VAL H 143 -2.39 33.28 29.54
C VAL H 143 -2.18 31.78 29.48
N TYR H 144 -2.10 31.25 28.27
CA TYR H 144 -2.09 29.81 28.07
C TYR H 144 -0.90 29.13 28.67
N GLY H 145 -1.16 28.20 29.58
CA GLY H 145 -0.12 27.36 30.12
C GLY H 145 0.63 27.97 31.28
N TRP H 146 0.31 29.22 31.59
CA TRP H 146 0.96 29.87 32.71
C TRP H 146 0.46 29.23 33.99
N PRO H 147 1.36 29.05 34.98
CA PRO H 147 1.06 28.66 36.36
C PRO H 147 -0.27 29.22 36.88
N LYS H 148 -0.98 28.36 37.60
CA LYS H 148 -2.34 28.66 38.02
C LYS H 148 -2.34 29.78 39.05
N GLY H 149 -2.88 30.93 38.67
CA GLY H 149 -2.89 32.07 39.57
C GLY H 149 -1.56 32.79 39.68
N GLY H 150 -0.49 32.19 39.15
CA GLY H 150 0.84 32.76 39.19
C GLY H 150 1.52 33.06 37.85
N TYR H 151 2.84 32.91 37.81
CA TYR H 151 3.61 33.34 36.66
C TYR H 151 4.73 32.40 36.37
N PRO H 152 5.12 32.31 35.10
CA PRO H 152 6.34 31.56 34.73
C PRO H 152 7.58 32.27 35.25
N ALA H 153 8.75 31.67 35.01
CA ALA H 153 9.99 32.33 35.35
C ALA H 153 10.03 33.63 34.56
N PRO H 154 10.95 34.53 34.90
CA PRO H 154 11.02 35.79 34.17
C PRO H 154 11.54 35.57 32.78
N GLN H 155 11.30 36.55 31.91
CA GLN H 155 11.64 36.43 30.49
C GLN H 155 13.13 36.19 30.25
N GLY H 156 13.47 35.59 29.11
CA GLY H 156 14.85 35.30 28.79
C GLY H 156 15.02 33.97 28.10
N PRO H 157 14.49 32.91 28.71
CA PRO H 157 14.66 31.57 28.15
C PRO H 157 13.59 31.20 27.16
N TYR H 158 12.65 32.10 26.84
CA TYR H 158 11.49 31.73 26.02
C TYR H 158 11.64 32.09 24.55
N TYR H 159 12.32 33.19 24.29
CA TYR H 159 12.59 33.65 22.92
C TYR H 159 13.31 32.57 22.13
N CYS H 160 12.70 32.11 21.05
CA CYS H 160 13.27 31.04 20.25
C CYS H 160 13.60 29.84 21.08
N GLY H 161 12.79 29.62 22.11
CA GLY H 161 13.03 28.57 23.07
C GLY H 161 12.92 27.18 22.52
N VAL H 162 13.54 26.24 23.24
CA VAL H 162 13.34 24.82 22.98
C VAL H 162 13.57 24.04 24.26
N GLY H 163 12.61 23.17 24.56
CA GLY H 163 12.57 22.44 25.82
C GLY H 163 11.22 22.60 26.47
N ALA H 164 10.82 21.62 27.26
CA ALA H 164 9.46 21.51 27.80
C ALA H 164 8.87 22.80 28.40
N GLY H 165 9.63 23.48 29.24
CA GLY H 165 9.02 24.64 29.86
C GLY H 165 9.18 25.93 29.08
N LYS H 166 9.96 25.86 28.02
CA LYS H 166 10.48 27.05 27.37
C LYS H 166 9.51 27.58 26.32
N VAL H 167 8.50 26.82 25.99
CA VAL H 167 7.69 27.18 24.87
C VAL H 167 6.30 26.60 25.10
N TYR H 168 5.26 27.27 24.61
CA TYR H 168 3.90 26.81 24.89
C TYR H 168 3.06 26.59 23.66
N ALA H 169 2.45 25.42 23.57
CA ALA H 169 1.55 25.07 22.45
C ALA H 169 2.23 25.04 21.07
N ARG H 170 3.49 24.60 21.02
CA ARG H 170 4.21 24.53 19.75
C ARG H 170 3.43 23.76 18.67
N ASP H 171 2.74 22.69 19.10
CA ASP H 171 1.98 21.84 18.18
C ASP H 171 0.90 22.63 17.45
N MET H 172 0.24 23.53 18.16
CA MET H 172 -0.77 24.38 17.54
C MET H 172 -0.08 25.30 16.54
N ILE H 173 0.98 25.96 17.00
CA ILE H 173 1.75 26.88 16.17
C ILE H 173 2.24 26.24 14.89
N GLU H 174 2.69 24.99 14.99
CA GLU H 174 3.15 24.23 13.84
C GLU H 174 2.01 23.91 12.90
N ALA H 175 0.87 23.52 13.47
CA ALA H 175 -0.32 23.21 12.67
C ALA H 175 -0.68 24.42 11.81
N HIS H 176 -0.59 25.61 12.41
CA HIS H 176 -0.87 26.84 11.71
C HIS H 176 0.10 27.04 10.54
N TYR H 177 1.40 26.94 10.84
CA TYR H 177 2.42 26.99 9.80
C TYR H 177 2.04 26.10 8.61
N ARG H 178 1.79 24.83 8.91
CA ARG H 178 1.40 23.88 7.88
C ARG H 178 0.20 24.42 7.09
N ALA H 179 -0.83 24.86 7.81
CA ALA H 179 -2.06 25.33 7.21
C ALA H 179 -1.76 26.41 6.21
N CYS H 180 -1.02 27.42 6.66
CA CYS H 180 -0.68 28.52 5.79
C CYS H 180 0.06 28.05 4.54
N LEU H 181 1.01 27.14 4.71
CA LEU H 181 1.73 26.60 3.56
C LEU H 181 0.81 25.86 2.58
N TYR H 182 -0.12 25.08 3.10
CA TYR H 182 -1.07 24.33 2.29
C TYR H 182 -1.87 25.29 1.45
N ALA H 183 -2.30 26.39 2.05
CA ALA H 183 -3.14 27.36 1.38
C ALA H 183 -2.33 28.12 0.36
N GLY H 184 -1.01 27.98 0.45
CA GLY H 184 -0.10 28.66 -0.46
C GLY H 184 0.19 30.10 -0.10
N LEU H 185 -0.14 30.48 1.12
CA LEU H 185 0.21 31.79 1.65
C LEU H 185 1.72 31.98 1.63
N GLU H 186 2.16 33.22 1.57
CA GLU H 186 3.60 33.50 1.57
C GLU H 186 4.16 33.58 2.98
N ILE H 187 4.04 32.50 3.73
CA ILE H 187 4.47 32.51 5.12
C ILE H 187 5.94 32.18 5.22
N SER H 188 6.70 33.16 5.67
CA SER H 188 8.15 33.11 5.51
C SER H 188 8.82 32.40 6.63
N GLY H 189 8.16 32.36 7.77
CA GLY H 189 8.81 31.79 8.93
C GLY H 189 8.03 31.95 10.21
N ILE H 190 8.48 31.28 11.26
CA ILE H 190 7.78 31.35 12.51
C ILE H 190 8.86 31.39 13.61
N ASN H 191 8.52 31.87 14.80
CA ASN H 191 9.46 31.83 15.92
C ASN H 191 8.75 32.04 17.24
N ALA H 192 9.29 31.49 18.31
CA ALA H 192 8.74 31.75 19.63
C ALA H 192 9.23 33.12 20.14
N GLU H 193 8.31 33.92 20.67
CA GLU H 193 8.68 35.24 21.17
C GLU H 193 9.17 35.29 22.61
N VAL H 194 9.38 36.51 23.09
CA VAL H 194 10.12 36.73 24.32
C VAL H 194 9.31 36.40 25.54
N MET H 195 8.07 36.84 25.54
CA MET H 195 7.09 36.47 26.56
C MET H 195 6.63 35.03 26.39
N PRO H 196 6.56 34.28 27.49
CA PRO H 196 6.14 32.89 27.38
C PRO H 196 4.73 32.79 26.80
N SER H 197 4.52 31.83 25.91
CA SER H 197 3.25 31.61 25.19
C SER H 197 2.86 32.77 24.29
N GLN H 198 3.89 33.49 23.84
CA GLN H 198 3.77 34.51 22.82
C GLN H 198 4.58 34.14 21.57
N TRP H 199 3.97 34.21 20.40
CA TRP H 199 4.61 33.73 19.19
C TRP H 199 4.63 34.78 18.10
N GLU H 200 5.32 34.49 17.02
CA GLU H 200 5.33 35.32 15.83
C GLU H 200 5.27 34.43 14.60
N PHE H 201 4.57 34.87 13.57
CA PHE H 201 4.77 34.30 12.24
C PHE H 201 4.98 35.45 11.28
N GLN H 202 5.79 35.24 10.25
CA GLN H 202 6.02 36.29 9.26
C GLN H 202 5.42 35.90 7.92
N VAL H 203 4.77 36.87 7.27
CA VAL H 203 4.25 36.70 5.92
C VAL H 203 4.85 37.72 4.97
N GLY H 204 5.55 37.23 3.96
CA GLY H 204 6.09 38.10 2.93
C GLY H 204 7.17 37.45 2.11
N PRO H 205 7.59 38.13 1.06
CA PRO H 205 7.08 39.45 0.72
C PRO H 205 5.83 39.33 -0.14
N CYS H 206 4.87 40.23 0.04
CA CYS H 206 3.67 40.26 -0.80
C CYS H 206 3.55 41.59 -1.51
N THR H 207 2.82 41.64 -2.62
CA THR H 207 2.71 42.91 -3.32
C THR H 207 1.39 43.61 -3.06
N GLY H 208 1.47 44.85 -2.62
CA GLY H 208 0.30 45.69 -2.44
C GLY H 208 -0.84 45.08 -1.67
N ILE H 209 -1.92 44.81 -2.37
CA ILE H 209 -3.11 44.33 -1.70
C ILE H 209 -2.91 42.92 -1.13
N ASP H 210 -2.06 42.13 -1.77
CA ASP H 210 -1.79 40.80 -1.31
C ASP H 210 -1.40 40.72 0.15
N MET H 211 -0.56 41.65 0.61
CA MET H 211 -0.13 41.61 1.99
C MET H 211 -1.33 41.56 2.88
N GLY H 212 -2.26 42.48 2.69
CA GLY H 212 -3.46 42.51 3.48
C GLY H 212 -4.25 41.23 3.36
N ASP H 213 -4.58 40.84 2.14
CA ASP H 213 -5.33 39.60 1.94
C ASP H 213 -4.70 38.41 2.67
N GLN H 214 -3.41 38.17 2.43
CA GLN H 214 -2.77 37.01 3.01
C GLN H 214 -2.68 37.09 4.52
N LEU H 215 -2.36 38.25 5.09
CA LEU H 215 -2.23 38.31 6.55
C LEU H 215 -3.57 38.02 7.17
N TRP H 216 -4.62 38.62 6.61
CA TRP H 216 -5.96 38.32 7.09
C TRP H 216 -6.29 36.82 7.03
N MET H 217 -5.95 36.14 5.93
CA MET H 217 -6.17 34.70 5.86
C MET H 217 -5.37 33.94 6.91
N ALA H 218 -4.08 34.25 7.02
CA ALA H 218 -3.22 33.67 8.06
C ALA H 218 -3.86 33.80 9.43
N ARG H 219 -4.43 34.97 9.71
CA ARG H 219 -5.16 35.19 10.95
C ARG H 219 -6.39 34.30 11.08
N TYR H 220 -7.16 34.15 10.01
CA TYR H 220 -8.29 33.24 10.02
C TYR H 220 -7.76 31.84 10.42
N PHE H 221 -6.72 31.40 9.72
CA PHE H 221 -6.16 30.09 9.96
C PHE H 221 -5.73 29.93 11.40
N LEU H 222 -5.14 30.97 11.96
CA LEU H 222 -4.64 30.91 13.32
C LEU H 222 -5.78 30.72 14.31
N HIS H 223 -6.72 31.66 14.36
CA HIS H 223 -7.90 31.51 15.20
C HIS H 223 -8.52 30.11 15.03
N ARG H 224 -8.72 29.72 13.77
CA ARG H 224 -9.48 28.54 13.43
C ARG H 224 -8.78 27.26 13.86
N VAL H 225 -7.48 27.20 13.61
CA VAL H 225 -6.73 26.02 13.98
C VAL H 225 -6.63 25.92 15.50
N ALA H 226 -6.42 27.06 16.16
CA ALA H 226 -6.30 27.05 17.59
C ALA H 226 -7.59 26.59 18.26
N GLU H 227 -8.73 26.80 17.62
CA GLU H 227 -10.01 26.35 18.14
C GLU H 227 -9.84 24.90 18.52
N GLU H 228 -9.13 24.17 17.68
CA GLU H 228 -8.93 22.72 17.85
C GLU H 228 -8.09 22.37 19.07
N PHE H 229 -7.42 23.36 19.65
CA PHE H 229 -6.62 23.15 20.85
C PHE H 229 -7.21 23.90 22.05
N GLY H 230 -8.43 24.38 21.89
CA GLY H 230 -9.07 25.19 22.92
C GLY H 230 -8.25 26.42 23.28
N ILE H 231 -7.51 26.95 22.32
CA ILE H 231 -6.70 28.12 22.56
C ILE H 231 -7.30 29.37 21.90
N LYS H 232 -7.41 30.44 22.68
CA LYS H 232 -7.86 31.74 22.20
C LYS H 232 -6.65 32.55 21.76
N ILE H 233 -6.76 33.26 20.64
CA ILE H 233 -5.63 34.05 20.15
C ILE H 233 -5.80 35.55 20.40
N SER H 234 -4.78 36.18 20.97
CA SER H 234 -4.86 37.59 21.35
C SER H 234 -3.91 38.47 20.54
N PHE H 235 -4.49 39.37 19.75
CA PHE H 235 -3.70 40.36 19.04
C PHE H 235 -3.55 41.69 19.79
N HIS H 236 -3.90 41.69 21.06
CA HIS H 236 -3.65 42.84 21.89
C HIS H 236 -2.17 43.17 21.97
N PRO H 237 -1.85 44.47 21.95
CA PRO H 237 -0.48 45.00 21.96
C PRO H 237 0.26 44.82 23.27
N LYS H 238 -0.48 44.67 24.36
CA LYS H 238 0.14 44.47 25.67
C LYS H 238 -0.74 43.57 26.51
N PRO H 239 -0.67 42.25 26.26
CA PRO H 239 -1.61 41.29 26.84
C PRO H 239 -1.40 41.23 28.34
N LEU H 240 -0.18 41.43 28.80
CA LEU H 240 0.06 41.47 30.22
C LEU H 240 0.79 42.74 30.57
N LYS H 241 0.27 43.44 31.57
CA LYS H 241 0.90 44.68 31.99
C LYS H 241 2.21 44.33 32.68
N GLY H 242 3.17 45.26 32.60
CA GLY H 242 4.45 45.07 33.28
C GLY H 242 5.61 45.04 32.33
N ASP H 243 6.56 44.16 32.61
CA ASP H 243 7.75 44.05 31.78
C ASP H 243 7.61 42.95 30.73
N TRP H 244 6.52 42.19 30.82
CA TRP H 244 6.22 41.19 29.81
C TRP H 244 6.08 41.86 28.44
N ASN H 245 6.75 41.31 27.44
CA ASN H 245 6.78 41.92 26.11
C ASN H 245 5.41 42.24 25.53
N GLY H 246 5.37 43.29 24.73
CA GLY H 246 4.14 43.68 24.04
C GLY H 246 4.05 42.85 22.79
N ALA H 247 3.10 43.14 21.92
CA ALA H 247 2.97 42.39 20.69
C ALA H 247 2.84 43.35 19.55
N GLY H 248 3.79 43.26 18.63
CA GLY H 248 3.79 44.13 17.48
C GLY H 248 3.49 43.41 16.19
N CYS H 249 3.36 44.20 15.11
CA CYS H 249 3.30 43.68 13.76
C CYS H 249 4.26 44.48 12.89
N HIS H 250 5.55 44.36 13.14
CA HIS H 250 6.56 45.06 12.35
C HIS H 250 6.26 44.95 10.86
N ALA H 251 6.02 46.09 10.21
CA ALA H 251 5.83 46.10 8.77
C ALA H 251 7.18 46.39 8.08
N ASN H 252 7.62 45.47 7.23
CA ASN H 252 8.84 45.65 6.45
C ASN H 252 8.48 46.15 5.05
N VAL H 253 9.20 47.16 4.56
CA VAL H 253 8.76 47.82 3.34
C VAL H 253 9.88 47.97 2.35
N SER H 254 9.52 47.90 1.06
CA SER H 254 10.48 48.21 -0.02
C SER H 254 9.77 48.47 -1.35
N THR H 255 10.34 49.38 -2.15
CA THR H 255 9.90 49.62 -3.53
C THR H 255 10.98 49.09 -4.49
N LYS H 256 10.65 48.98 -5.77
CA LYS H 256 11.61 48.46 -6.73
C LYS H 256 12.95 49.18 -6.64
N GLU H 257 12.92 50.51 -6.57
CA GLU H 257 14.16 51.31 -6.47
C GLU H 257 15.02 50.89 -5.28
N MET H 258 14.40 50.70 -4.13
CA MET H 258 15.13 50.37 -2.91
C MET H 258 15.81 49.01 -3.03
N ARG H 259 15.25 48.14 -3.86
CA ARG H 259 15.72 46.77 -3.98
C ARG H 259 16.88 46.63 -4.96
N GLN H 260 17.02 47.59 -5.86
CA GLN H 260 18.17 47.64 -6.76
C GLN H 260 19.27 48.50 -6.21
N PRO H 261 20.52 48.18 -6.56
CA PRO H 261 21.71 48.82 -6.00
C PRO H 261 21.58 50.34 -5.92
N GLY H 262 22.18 50.92 -4.88
CA GLY H 262 22.05 52.34 -4.62
C GLY H 262 20.69 52.65 -3.99
N GLY H 263 20.11 51.63 -3.35
CA GLY H 263 18.81 51.74 -2.74
C GLY H 263 18.74 52.60 -1.50
N THR H 264 19.70 52.48 -0.57
CA THR H 264 19.56 53.13 0.75
C THR H 264 19.35 54.63 0.52
N LYS H 265 19.55 55.06 -0.72
CA LYS H 265 19.17 56.40 -1.13
C LYS H 265 17.68 56.58 -0.95
N TYR H 266 16.91 55.81 -1.71
CA TYR H 266 15.46 55.91 -1.66
C TYR H 266 14.89 55.39 -0.35
N ILE H 267 15.60 54.46 0.28
CA ILE H 267 15.21 54.02 1.61
C ILE H 267 15.28 55.20 2.55
N GLU H 268 16.39 55.91 2.54
CA GLU H 268 16.55 57.07 3.38
C GLU H 268 15.50 58.15 3.08
N GLN H 269 15.24 58.39 1.81
CA GLN H 269 14.18 59.29 1.40
C GLN H 269 12.85 58.91 2.01
N ALA H 270 12.51 57.62 1.90
CA ALA H 270 11.24 57.13 2.44
C ALA H 270 11.16 57.36 3.94
N ILE H 271 12.26 57.04 4.62
CA ILE H 271 12.31 57.19 6.06
C ILE H 271 12.05 58.63 6.46
N GLU H 272 12.51 59.56 5.64
CA GLU H 272 12.29 60.95 5.97
C GLU H 272 10.83 61.34 5.75
N LYS H 273 10.23 60.94 4.63
CA LYS H 273 8.82 61.25 4.42
C LYS H 273 8.02 60.71 5.61
N LEU H 274 8.38 59.50 6.01
CA LEU H 274 7.74 58.82 7.12
C LEU H 274 7.85 59.62 8.41
N SER H 275 8.98 60.27 8.60
CA SER H 275 9.23 61.06 9.80
C SER H 275 8.29 62.27 9.89
N LYS H 276 7.84 62.75 8.74
CA LYS H 276 6.92 63.89 8.72
C LYS H 276 5.49 63.47 9.01
N ARG H 277 5.19 62.19 8.79
CA ARG H 277 3.83 61.71 9.01
C ARG H 277 3.72 60.69 10.15
N HIS H 278 4.59 60.80 11.15
CA HIS H 278 4.55 59.91 12.29
C HIS H 278 3.18 59.89 12.99
N ALA H 279 2.57 61.04 13.18
CA ALA H 279 1.33 61.07 13.92
C ALA H 279 0.22 60.40 13.12
N GLU H 280 0.19 60.69 11.83
CA GLU H 280 -0.88 60.19 10.97
C GLU H 280 -0.84 58.68 10.90
N HIS H 281 0.38 58.14 10.84
CA HIS H 281 0.62 56.72 10.87
C HIS H 281 0.22 56.10 12.20
N ILE H 282 0.81 56.57 13.29
CA ILE H 282 0.43 56.11 14.63
C ILE H 282 -1.08 56.01 14.81
N LYS H 283 -1.83 56.98 14.27
CA LYS H 283 -3.29 56.99 14.37
C LYS H 283 -3.94 55.73 13.78
N LEU H 284 -3.38 55.20 12.69
CA LEU H 284 -3.73 53.87 12.24
C LEU H 284 -2.99 52.89 13.16
N TYR H 285 -2.00 52.16 12.65
CA TYR H 285 -1.05 51.45 13.54
C TYR H 285 -1.47 50.82 14.88
N GLY H 286 -2.75 50.82 15.25
CA GLY H 286 -3.20 50.01 16.36
C GLY H 286 -3.61 50.66 17.69
N SER H 287 -4.72 50.17 18.22
CA SER H 287 -5.30 50.69 19.46
C SER H 287 -4.60 50.20 20.72
N ASP H 288 -4.72 50.99 21.78
CA ASP H 288 -3.81 50.90 22.94
C ASP H 288 -2.41 50.45 22.60
N ASN H 289 -1.90 50.93 21.47
CA ASN H 289 -0.49 50.74 21.16
C ASN H 289 0.29 51.57 22.17
N ASP H 290 -0.44 52.48 22.82
CA ASP H 290 0.16 53.34 23.84
C ASP H 290 0.73 52.53 25.01
N MET H 291 0.22 51.34 25.24
CA MET H 291 0.80 50.48 26.28
C MET H 291 1.97 49.64 25.79
N ARG H 292 2.53 50.03 24.64
CA ARG H 292 3.67 49.34 24.04
C ARG H 292 4.83 50.26 23.57
N SER H 301 8.75 54.58 21.40
CA SER H 301 7.96 55.72 21.90
C SER H 301 6.86 56.21 20.96
N MET H 302 5.70 56.51 21.54
CA MET H 302 4.47 56.83 20.80
C MET H 302 4.44 58.20 20.18
N THR H 303 5.21 59.11 20.76
CA THR H 303 5.23 60.49 20.32
C THR H 303 6.52 60.81 19.59
N ALA H 304 7.57 60.06 19.91
CA ALA H 304 8.87 60.28 19.27
C ALA H 304 9.05 59.44 18.01
N PHE H 305 9.66 60.03 17.01
CA PHE H 305 10.03 59.28 15.83
C PHE H 305 11.53 59.28 15.71
N SER H 306 12.09 58.10 15.55
CA SER H 306 13.53 58.01 15.31
C SER H 306 13.86 56.86 14.37
N SER H 307 15.05 56.90 13.78
CA SER H 307 15.46 55.88 12.84
C SER H 307 16.97 55.72 12.90
N GLY H 308 17.43 54.53 12.53
CA GLY H 308 18.83 54.22 12.55
C GLY H 308 19.07 52.79 12.10
N VAL H 309 20.29 52.52 11.66
CA VAL H 309 20.69 51.16 11.30
C VAL H 309 20.81 50.28 12.53
N ALA H 310 20.50 48.99 12.37
CA ALA H 310 20.54 48.02 13.45
C ALA H 310 20.12 48.69 14.76
N ASN H 311 18.84 48.97 14.87
CA ASN H 311 18.35 49.70 16.00
C ASN H 311 16.95 49.24 16.38
N ARG H 312 16.86 48.27 17.29
CA ARG H 312 15.58 47.75 17.75
C ARG H 312 14.91 48.72 18.73
N GLY H 313 15.52 49.89 18.90
CA GLY H 313 14.96 50.95 19.70
C GLY H 313 14.25 52.04 18.90
N SER H 314 14.58 52.15 17.61
CA SER H 314 14.01 53.21 16.79
C SER H 314 12.62 52.90 16.24
N SER H 315 11.97 53.91 15.68
CA SER H 315 10.67 53.75 15.07
C SER H 315 10.81 52.99 13.76
N ILE H 316 11.83 53.34 12.97
CA ILE H 316 12.20 52.62 11.75
C ILE H 316 13.64 52.14 11.86
N ARG H 317 13.86 50.88 11.49
CA ARG H 317 15.17 50.28 11.61
C ARG H 317 15.66 49.80 10.26
N ILE H 318 16.86 50.20 9.90
CA ILE H 318 17.47 49.68 8.70
C ILE H 318 18.36 48.54 9.14
N PRO H 319 18.05 47.32 8.67
CA PRO H 319 18.81 46.11 8.97
C PRO H 319 20.27 46.26 8.62
N ARG H 320 21.18 45.88 9.52
CA ARG H 320 22.60 46.08 9.28
C ARG H 320 22.94 45.49 7.93
N SER H 321 22.29 44.38 7.64
CA SER H 321 22.48 43.68 6.38
C SER H 321 22.18 44.59 5.18
N VAL H 322 21.01 45.20 5.19
CA VAL H 322 20.67 46.15 4.17
C VAL H 322 21.73 47.26 4.07
N ALA H 323 22.03 47.89 5.20
CA ALA H 323 22.97 48.99 5.25
C ALA H 323 24.29 48.58 4.59
N LYS H 324 24.83 47.44 5.01
CA LYS H 324 26.11 46.99 4.50
C LYS H 324 26.07 46.73 3.00
N GLU H 325 24.90 46.39 2.46
CA GLU H 325 24.81 46.08 1.03
C GLU H 325 24.28 47.20 0.15
N GLY H 326 23.77 48.26 0.73
CA GLY H 326 23.40 49.44 -0.04
C GLY H 326 22.02 49.43 -0.68
N TYR H 327 21.30 48.34 -0.47
CA TYR H 327 19.93 48.25 -0.96
C TYR H 327 19.19 47.17 -0.17
N GLY H 328 17.86 47.19 -0.27
CA GLY H 328 17.04 46.28 0.51
C GLY H 328 15.69 46.85 0.92
N TYR H 329 15.41 46.85 2.21
CA TYR H 329 14.11 47.28 2.74
C TYR H 329 14.31 47.91 4.11
N PHE H 330 13.26 48.49 4.68
CA PHE H 330 13.38 49.01 6.03
C PHE H 330 12.29 48.37 6.87
N GLU H 331 12.47 48.40 8.19
CA GLU H 331 11.53 47.80 9.13
C GLU H 331 10.85 48.87 9.94
N ASP H 332 9.55 49.04 9.74
CA ASP H 332 8.77 49.95 10.60
C ASP H 332 8.32 49.16 11.80
N ARG H 333 8.89 49.45 12.97
CA ARG H 333 8.62 48.69 14.17
C ARG H 333 7.43 49.24 14.97
N ARG H 334 6.77 50.24 14.42
CA ARG H 334 5.73 50.96 15.15
C ARG H 334 4.40 50.23 15.22
N PRO H 335 3.96 49.60 14.12
CA PRO H 335 2.60 49.06 14.14
C PRO H 335 2.39 47.97 15.20
N ALA H 336 1.23 47.98 15.83
CA ALA H 336 0.92 47.00 16.86
C ALA H 336 0.36 45.74 16.27
N SER H 337 0.42 44.67 17.07
CA SER H 337 -0.09 43.38 16.70
C SER H 337 -1.51 43.44 16.13
N ASN H 338 -2.33 44.35 16.64
CA ASN H 338 -3.76 44.37 16.29
C ASN H 338 -4.08 45.24 15.06
N ILE H 339 -3.06 45.63 14.32
CA ILE H 339 -3.27 46.49 13.18
C ILE H 339 -4.11 45.81 12.07
N ASP H 340 -4.86 46.62 11.30
CA ASP H 340 -5.43 46.18 10.03
C ASP H 340 -4.43 46.42 8.91
N PRO H 341 -3.86 45.33 8.35
CA PRO H 341 -2.83 45.38 7.32
C PRO H 341 -3.23 46.30 6.18
N TYR H 342 -4.50 46.30 5.82
CA TYR H 342 -4.98 47.20 4.76
C TYR H 342 -4.65 48.66 5.08
N LEU H 343 -4.91 49.06 6.32
CA LEU H 343 -4.61 50.41 6.77
C LEU H 343 -3.09 50.69 6.84
N VAL H 344 -2.35 49.78 7.43
CA VAL H 344 -0.90 49.98 7.50
C VAL H 344 -0.27 50.01 6.11
N THR H 345 -0.44 48.94 5.32
CA THR H 345 0.18 48.91 4.01
C THR H 345 -0.35 50.04 3.14
N GLY H 346 -1.63 50.33 3.30
CA GLY H 346 -2.25 51.43 2.57
C GLY H 346 -1.61 52.77 2.83
N ILE H 347 -1.58 53.21 4.08
CA ILE H 347 -0.99 54.50 4.41
C ILE H 347 0.54 54.47 4.20
N MET H 348 1.14 53.31 4.27
CA MET H 348 2.57 53.22 4.03
C MET H 348 2.83 53.65 2.62
N CYS H 349 2.08 53.07 1.70
CA CYS H 349 2.18 53.41 0.28
C CYS H 349 1.86 54.89 0.03
N GLU H 350 0.75 55.35 0.61
CA GLU H 350 0.34 56.74 0.50
C GLU H 350 1.50 57.70 0.79
N THR H 351 2.22 57.49 1.89
CA THR H 351 3.22 58.47 2.29
C THR H 351 4.60 58.20 1.71
N VAL H 352 4.86 56.95 1.32
CA VAL H 352 6.14 56.57 0.77
C VAL H 352 6.15 56.79 -0.72
N CYS H 353 5.03 56.48 -1.37
CA CYS H 353 4.96 56.54 -2.81
C CYS H 353 4.26 57.79 -3.29
N GLY H 354 3.35 58.31 -2.46
CA GLY H 354 2.65 59.54 -2.79
C GLY H 354 1.15 59.49 -2.66
N ALA H 355 0.58 60.58 -2.14
CA ALA H 355 -0.85 60.67 -1.97
C ALA H 355 -1.60 60.66 -3.29
N ILE H 356 -2.91 60.54 -3.18
CA ILE H 356 -3.79 60.59 -4.33
C ILE H 356 -5.01 61.41 -3.95
N ASP H 357 -5.52 62.19 -4.91
CA ASP H 357 -6.71 62.99 -4.68
C ASP H 357 -7.89 62.03 -4.72
N ASN H 358 -7.62 60.87 -5.28
CA ASN H 358 -8.60 59.83 -5.45
C ASN H 358 -8.84 59.08 -4.12
N ALA H 359 -7.92 59.17 -3.18
CA ALA H 359 -8.07 58.49 -1.90
C ALA H 359 -7.26 59.09 -0.76
N ASP H 360 -7.81 58.99 0.45
CA ASP H 360 -7.15 59.47 1.66
C ASP H 360 -7.16 58.40 2.73
N MET H 361 -6.00 57.79 3.00
CA MET H 361 -5.91 56.66 3.95
C MET H 361 -6.36 57.05 5.35
N THR H 362 -5.83 58.16 5.82
CA THR H 362 -6.13 58.59 7.16
C THR H 362 -7.61 58.96 7.30
N LYS H 363 -8.23 59.48 6.26
CA LYS H 363 -9.68 59.69 6.29
C LYS H 363 -10.47 58.38 6.38
N GLU H 364 -10.00 57.35 5.67
CA GLU H 364 -10.57 56.01 5.75
C GLU H 364 -10.54 55.60 7.21
N PHE H 365 -11.55 56.05 7.92
CA PHE H 365 -11.70 55.88 9.36
C PHE H 365 -13.11 56.37 9.57
N GLU H 366 -14.02 55.52 9.14
CA GLU H 366 -15.40 55.82 8.98
C GLU H 366 -16.17 54.84 9.88
N ARG I 21 -19.16 -8.74 4.25
CA ARG I 21 -18.73 -9.99 3.61
C ARG I 21 -19.48 -10.36 2.31
N GLY I 22 -19.64 -9.41 1.42
CA GLY I 22 -20.53 -9.63 0.31
C GLY I 22 -21.91 -9.03 0.57
N ARG I 23 -22.27 -8.90 1.85
CA ARG I 23 -23.59 -8.40 2.17
C ARG I 23 -23.67 -6.88 2.38
N ILE I 24 -24.88 -6.37 2.53
CA ILE I 24 -25.12 -4.93 2.59
C ILE I 24 -25.93 -4.66 3.85
N ILE I 25 -25.67 -3.52 4.51
CA ILE I 25 -26.55 -3.10 5.60
C ILE I 25 -27.39 -1.91 5.20
N ALA I 26 -28.70 -2.06 5.39
CA ALA I 26 -29.63 -0.96 5.14
C ALA I 26 -30.23 -0.53 6.47
N GLU I 27 -29.98 0.74 6.83
CA GLU I 27 -30.65 1.29 7.99
C GLU I 27 -31.94 1.93 7.55
N TYR I 28 -33.05 1.46 8.10
CA TYR I 28 -34.35 2.05 7.83
C TYR I 28 -34.58 3.15 8.84
N VAL I 29 -34.88 4.34 8.35
CA VAL I 29 -35.13 5.49 9.21
C VAL I 29 -36.55 5.95 8.97
N TRP I 30 -37.30 6.23 10.04
CA TRP I 30 -38.66 6.74 9.89
C TRP I 30 -39.00 7.74 10.96
N ILE I 31 -40.18 8.34 10.82
CA ILE I 31 -40.65 9.37 11.76
C ILE I 31 -41.71 8.80 12.72
N ASP I 32 -41.60 9.17 14.01
CA ASP I 32 -42.44 8.57 15.04
C ASP I 32 -43.57 9.47 15.51
N GLY I 33 -44.24 9.01 16.57
CA GLY I 33 -45.40 9.69 17.14
C GLY I 33 -44.99 10.67 18.22
N THR I 34 -43.68 10.91 18.30
CA THR I 34 -43.15 12.09 18.96
C THR I 34 -42.53 12.88 17.81
N GLY I 35 -41.58 13.76 18.09
CA GLY I 35 -41.01 14.52 17.00
C GLY I 35 -39.67 14.01 16.47
N ASN I 36 -39.46 12.69 16.58
CA ASN I 36 -38.13 12.14 16.36
C ASN I 36 -38.01 11.15 15.20
N LEU I 37 -36.77 10.87 14.83
CA LEU I 37 -36.53 9.76 13.95
C LEU I 37 -36.35 8.48 14.76
N ARG I 38 -36.58 7.35 14.11
CA ARG I 38 -36.29 6.05 14.70
C ARG I 38 -35.61 5.25 13.61
N SER I 39 -34.84 4.23 14.00
CA SER I 39 -34.20 3.37 13.01
C SER I 39 -33.80 2.01 13.53
N LYS I 40 -33.73 1.08 12.60
CA LYS I 40 -33.12 -0.21 12.82
C LYS I 40 -32.44 -0.60 11.52
N GLY I 41 -31.56 -1.58 11.59
CA GLY I 41 -30.84 -2.02 10.41
C GLY I 41 -31.08 -3.48 10.05
N ARG I 42 -31.01 -3.77 8.76
CA ARG I 42 -31.14 -5.13 8.27
C ARG I 42 -30.07 -5.43 7.22
N THR I 43 -29.60 -6.68 7.22
CA THR I 43 -28.71 -7.18 6.17
C THR I 43 -29.47 -7.50 4.88
N LEU I 44 -28.87 -7.17 3.75
CA LEU I 44 -29.45 -7.45 2.45
C LEU I 44 -28.43 -8.27 1.71
N LYS I 45 -28.88 -9.15 0.82
CA LYS I 45 -27.98 -10.07 0.14
C LYS I 45 -27.04 -9.40 -0.86
N LYS I 46 -27.47 -8.29 -1.45
CA LYS I 46 -26.73 -7.67 -2.55
C LYS I 46 -26.84 -6.14 -2.56
N ARG I 47 -25.86 -5.48 -3.16
CA ARG I 47 -25.88 -4.02 -3.36
C ARG I 47 -27.19 -3.55 -4.00
N ILE I 48 -27.72 -2.43 -3.53
CA ILE I 48 -28.96 -1.89 -4.06
C ILE I 48 -28.71 -0.89 -5.17
N THR I 49 -29.50 -0.99 -6.24
CA THR I 49 -29.40 -0.07 -7.37
C THR I 49 -30.69 0.68 -7.75
N SER I 50 -31.81 0.36 -7.10
CA SER I 50 -33.01 1.17 -7.24
C SER I 50 -33.96 0.93 -6.09
N ILE I 51 -34.73 1.97 -5.73
CA ILE I 51 -35.65 1.89 -4.59
C ILE I 51 -36.50 0.64 -4.64
N ASP I 52 -36.77 0.15 -5.85
CA ASP I 52 -37.61 -1.01 -6.11
C ASP I 52 -37.10 -2.26 -5.44
N GLN I 53 -35.80 -2.34 -5.24
CA GLN I 53 -35.20 -3.52 -4.65
C GLN I 53 -35.37 -3.56 -3.14
N LEU I 54 -35.71 -2.42 -2.55
CA LEU I 54 -35.84 -2.35 -1.11
C LEU I 54 -37.20 -2.86 -0.66
N PRO I 55 -37.19 -3.85 0.21
CA PRO I 55 -38.35 -4.55 0.79
C PRO I 55 -39.18 -3.67 1.73
N GLU I 56 -40.47 -3.95 1.86
CA GLU I 56 -41.26 -3.35 2.92
C GLU I 56 -40.69 -3.84 4.24
N TRP I 57 -41.10 -3.22 5.34
CA TRP I 57 -40.63 -3.65 6.63
C TRP I 57 -41.60 -3.13 7.65
N ASN I 58 -41.34 -3.36 8.92
CA ASN I 58 -42.29 -2.99 9.95
C ASN I 58 -41.67 -2.87 11.34
N PHE I 59 -42.46 -2.38 12.28
CA PHE I 59 -41.99 -2.23 13.65
C PHE I 59 -43.20 -2.14 14.59
N ASP I 60 -42.92 -2.07 15.88
CA ASP I 60 -43.94 -2.06 16.89
C ASP I 60 -44.41 -0.63 17.13
N GLY I 61 -45.48 -0.23 16.46
CA GLY I 61 -45.90 1.15 16.55
C GLY I 61 -46.21 1.61 17.96
N SER I 62 -46.41 0.65 18.86
CA SER I 62 -46.79 0.96 20.23
C SER I 62 -45.58 1.43 21.03
N SER I 63 -44.40 1.09 20.53
CA SER I 63 -43.17 1.49 21.19
C SER I 63 -42.71 2.86 20.70
N THR I 64 -43.46 3.43 19.76
CA THR I 64 -43.10 4.70 19.20
C THR I 64 -44.25 5.68 19.18
N ASN I 65 -45.35 5.34 19.85
CA ASN I 65 -46.51 6.24 19.90
C ASN I 65 -47.20 6.44 18.55
N GLN I 66 -47.48 5.36 17.85
CA GLN I 66 -48.11 5.46 16.54
C GLN I 66 -49.24 4.44 16.45
N ALA I 67 -49.25 3.52 17.41
CA ALA I 67 -50.25 2.45 17.47
C ALA I 67 -50.60 2.12 18.93
N PRO I 68 -51.71 1.40 19.14
CA PRO I 68 -52.32 1.23 20.46
C PRO I 68 -51.87 0.02 21.29
N GLY I 69 -51.30 -1.00 20.65
CA GLY I 69 -50.96 -2.21 21.37
C GLY I 69 -51.90 -3.30 20.91
N HIS I 70 -52.36 -3.16 19.67
CA HIS I 70 -53.18 -4.16 19.00
C HIS I 70 -53.47 -3.67 17.57
N ASP I 73 -48.56 -1.90 15.78
CA ASP I 73 -48.04 -2.68 14.65
C ASP I 73 -48.03 -2.02 13.24
N ILE I 74 -46.97 -1.25 12.93
CA ILE I 74 -46.93 -0.45 11.69
C ILE I 74 -45.94 -0.91 10.61
N TYR I 75 -46.21 -0.54 9.35
CA TYR I 75 -45.40 -0.95 8.19
C TYR I 75 -44.55 0.17 7.57
N LEU I 76 -43.38 -0.19 7.03
CA LEU I 76 -42.42 0.78 6.49
C LEU I 76 -42.28 0.69 5.00
N LYS I 77 -42.68 1.75 4.29
CA LYS I 77 -42.55 1.78 2.83
C LYS I 77 -41.36 2.64 2.42
N PRO I 78 -40.31 1.99 1.86
CA PRO I 78 -39.11 2.72 1.44
C PRO I 78 -39.52 3.83 0.51
N VAL I 79 -38.92 4.99 0.69
CA VAL I 79 -39.34 6.18 -0.05
C VAL I 79 -38.14 6.82 -0.73
N ALA I 80 -37.00 6.79 -0.05
CA ALA I 80 -35.76 7.29 -0.62
C ALA I 80 -34.61 6.54 0.03
N TYR I 81 -33.46 6.49 -0.64
CA TYR I 81 -32.29 5.88 -0.02
C TYR I 81 -31.01 6.59 -0.44
N TYR I 82 -30.00 6.50 0.42
CA TYR I 82 -28.74 7.20 0.21
C TYR I 82 -27.62 6.34 0.76
N PRO I 83 -26.38 6.65 0.38
CA PRO I 83 -25.21 6.03 0.99
C PRO I 83 -25.13 6.38 2.46
N ASP I 84 -24.84 5.40 3.31
CA ASP I 84 -24.77 5.62 4.74
C ASP I 84 -23.44 6.29 5.10
N PRO I 85 -23.50 7.54 5.55
CA PRO I 85 -22.26 8.29 5.80
C PRO I 85 -21.53 7.69 6.98
N PHE I 86 -22.24 6.90 7.76
CA PHE I 86 -21.65 6.31 8.96
C PHE I 86 -21.09 4.92 8.69
N ARG I 87 -21.91 4.03 8.17
CA ARG I 87 -21.44 2.68 7.86
C ARG I 87 -20.53 2.66 6.64
N ARG I 88 -20.69 3.67 5.79
CA ARG I 88 -19.96 3.78 4.54
C ARG I 88 -19.94 2.48 3.74
N GLY I 89 -19.02 2.39 2.79
CA GLY I 89 -19.03 1.28 1.85
C GLY I 89 -20.30 1.26 1.03
N ASP I 90 -20.78 0.06 0.71
CA ASP I 90 -21.98 -0.06 -0.09
C ASP I 90 -23.20 -0.11 0.80
N ASN I 91 -22.99 0.25 2.06
CA ASN I 91 -24.08 0.31 3.02
C ASN I 91 -24.90 1.54 2.75
N ILE I 92 -26.17 1.50 3.15
CA ILE I 92 -27.15 2.49 2.71
C ILE I 92 -28.13 2.86 3.83
N VAL I 93 -28.66 4.07 3.74
CA VAL I 93 -29.71 4.53 4.65
C VAL I 93 -31.04 4.65 3.90
N VAL I 94 -32.11 4.11 4.47
CA VAL I 94 -33.40 4.09 3.79
C VAL I 94 -34.47 4.90 4.54
N LEU I 95 -34.93 5.99 3.94
CA LEU I 95 -36.02 6.73 4.51
C LEU I 95 -37.34 6.03 4.17
N ALA I 96 -38.05 5.60 5.21
CA ALA I 96 -39.31 4.87 5.03
C ALA I 96 -40.49 5.61 5.61
N ALA I 97 -41.61 5.55 4.88
CA ALA I 97 -42.86 6.16 5.36
C ALA I 97 -43.72 5.14 6.14
N CYS I 98 -44.50 5.63 7.10
CA CYS I 98 -45.29 4.73 7.92
C CYS I 98 -46.71 4.55 7.44
N TYR I 99 -47.09 3.32 7.14
CA TYR I 99 -48.47 2.97 6.78
C TYR I 99 -49.02 1.96 7.80
N ASN I 100 -50.25 2.20 8.26
CA ASN I 100 -50.96 1.23 9.12
C ASN I 100 -51.31 -0.01 8.32
N ASN I 101 -51.78 -1.05 9.00
CA ASN I 101 -52.16 -2.27 8.31
C ASN I 101 -53.37 -2.11 7.37
N ASP I 102 -54.07 -0.98 7.47
CA ASP I 102 -55.16 -0.68 6.53
C ASP I 102 -54.59 -0.49 5.15
N GLY I 103 -53.39 0.03 5.10
CA GLY I 103 -52.81 0.51 3.87
C GLY I 103 -52.85 2.02 3.93
N THR I 104 -53.56 2.52 4.94
CA THR I 104 -53.65 3.97 5.19
C THR I 104 -52.37 4.49 5.83
N PRO I 105 -52.03 5.74 5.52
CA PRO I 105 -50.90 6.44 6.12
C PRO I 105 -51.14 6.75 7.60
N ASN I 106 -50.21 6.27 8.43
CA ASN I 106 -50.24 6.51 9.87
C ASN I 106 -50.66 7.93 10.28
N LYS I 107 -51.13 8.07 11.51
CA LYS I 107 -51.39 9.39 12.08
C LYS I 107 -50.29 10.33 11.64
N PHE I 108 -49.04 9.90 11.80
CA PHE I 108 -47.92 10.82 11.68
C PHE I 108 -47.22 10.74 10.34
N ASN I 109 -47.85 10.07 9.40
CA ASN I 109 -47.38 10.13 8.03
C ASN I 109 -48.08 11.27 7.30
N HIS I 110 -47.33 12.35 7.08
CA HIS I 110 -47.86 13.48 6.33
C HIS I 110 -47.19 13.59 4.98
N ARG I 111 -46.33 12.63 4.67
CA ARG I 111 -45.65 12.64 3.39
C ARG I 111 -46.66 12.37 2.30
N HIS I 112 -47.58 11.45 2.58
CA HIS I 112 -48.52 11.02 1.56
C HIS I 112 -49.40 12.19 1.15
N GLU I 113 -50.02 12.82 2.15
CA GLU I 113 -50.91 13.93 1.88
C GLU I 113 -50.22 14.98 1.02
N ALA I 114 -49.03 15.41 1.44
CA ALA I 114 -48.28 16.41 0.70
C ALA I 114 -48.01 15.96 -0.74
N ALA I 115 -47.57 14.72 -0.89
CA ALA I 115 -47.29 14.15 -2.20
C ALA I 115 -48.44 14.44 -3.18
N LYS I 116 -49.67 14.20 -2.74
CA LYS I 116 -50.83 14.49 -3.56
C LYS I 116 -50.74 15.88 -4.16
N LEU I 117 -50.53 16.88 -3.31
CA LEU I 117 -50.45 18.26 -3.76
C LEU I 117 -49.32 18.48 -4.75
N PHE I 118 -48.13 17.95 -4.46
CA PHE I 118 -46.99 18.12 -5.34
C PHE I 118 -47.24 17.45 -6.68
N ALA I 119 -47.92 16.30 -6.65
CA ALA I 119 -48.23 15.58 -7.87
C ALA I 119 -49.21 16.38 -8.71
N ALA I 120 -50.22 16.95 -8.05
CA ALA I 120 -51.20 17.80 -8.73
C ALA I 120 -50.52 18.96 -9.44
N HIS I 121 -49.69 19.68 -8.71
CA HIS I 121 -49.06 20.85 -9.27
C HIS I 121 -47.68 20.58 -9.85
N LYS I 122 -47.47 19.35 -10.31
CA LYS I 122 -46.23 19.00 -11.00
C LYS I 122 -45.78 20.14 -11.91
N ASP I 123 -46.74 20.72 -12.63
CA ASP I 123 -46.44 21.69 -13.68
C ASP I 123 -45.77 22.95 -13.16
N GLU I 124 -46.13 23.37 -11.95
CA GLU I 124 -45.53 24.56 -11.35
C GLU I 124 -44.07 24.37 -10.93
N GLU I 125 -43.69 23.13 -10.63
CA GLU I 125 -42.32 22.87 -10.18
C GLU I 125 -41.96 23.73 -8.98
N ILE I 126 -42.65 23.56 -7.85
CA ILE I 126 -42.28 24.32 -6.65
C ILE I 126 -40.90 23.88 -6.22
N TRP I 127 -40.10 24.84 -5.80
CA TRP I 127 -38.80 24.57 -5.22
C TRP I 127 -38.80 25.07 -3.79
N PHE I 128 -38.15 24.34 -2.91
CA PHE I 128 -38.02 24.79 -1.54
C PHE I 128 -36.56 24.80 -1.15
N GLY I 129 -36.26 25.62 -0.16
CA GLY I 129 -34.96 25.61 0.46
C GLY I 129 -35.20 25.91 1.91
N LEU I 130 -34.90 24.97 2.79
CA LEU I 130 -35.10 25.21 4.21
C LEU I 130 -33.79 25.60 4.91
N GLU I 131 -33.90 26.51 5.87
CA GLU I 131 -32.77 26.91 6.69
C GLU I 131 -33.03 26.36 8.10
N GLN I 132 -32.47 25.17 8.37
CA GLN I 132 -32.70 24.48 9.64
C GLN I 132 -31.77 24.97 10.74
N GLU I 133 -32.34 25.64 11.74
CA GLU I 133 -31.57 26.07 12.88
C GLU I 133 -31.80 25.06 13.99
N TYR I 134 -30.79 24.83 14.81
CA TYR I 134 -30.91 23.90 15.92
C TYR I 134 -29.98 24.38 17.02
N THR I 135 -30.11 23.77 18.20
CA THR I 135 -29.33 24.21 19.34
C THR I 135 -28.75 23.00 20.05
N LEU I 136 -27.49 23.10 20.48
CA LEU I 136 -26.74 21.97 21.04
C LEU I 136 -26.89 21.81 22.56
N PHE I 137 -26.88 20.57 23.06
CA PHE I 137 -27.07 20.30 24.50
C PHE I 137 -26.20 19.21 25.10
N ASP I 138 -25.86 19.37 26.39
CA ASP I 138 -25.18 18.37 27.23
C ASP I 138 -25.88 17.05 27.20
N MET I 139 -25.15 16.04 27.64
CA MET I 139 -25.78 14.79 28.01
C MET I 139 -26.71 15.06 29.18
N TYR I 140 -26.50 16.20 29.82
CA TYR I 140 -27.21 16.55 31.05
C TYR I 140 -28.27 17.60 30.79
N ASP I 141 -28.61 17.76 29.53
CA ASP I 141 -29.69 18.67 29.15
C ASP I 141 -29.42 20.13 29.50
N ASP I 142 -28.14 20.50 29.54
CA ASP I 142 -27.76 21.91 29.65
C ASP I 142 -27.18 22.36 28.29
N VAL I 143 -27.31 23.64 27.96
CA VAL I 143 -26.79 24.11 26.69
C VAL I 143 -25.32 23.71 26.53
N TYR I 144 -24.99 23.14 25.39
CA TYR I 144 -23.68 22.56 25.18
C TYR I 144 -22.54 23.57 25.29
N GLY I 145 -21.65 23.34 26.26
CA GLY I 145 -20.43 24.11 26.38
C GLY I 145 -20.57 25.41 27.16
N TRP I 146 -21.80 25.71 27.53
CA TRP I 146 -22.04 26.91 28.30
C TRP I 146 -21.48 26.73 29.70
N PRO I 147 -20.86 27.79 30.22
CA PRO I 147 -20.41 27.91 31.61
C PRO I 147 -21.29 27.16 32.59
N LYS I 148 -20.65 26.51 33.54
CA LYS I 148 -21.33 25.61 34.46
C LYS I 148 -22.23 26.39 35.38
N GLY I 149 -23.55 26.20 35.26
CA GLY I 149 -24.49 26.94 36.10
C GLY I 149 -24.73 28.38 35.67
N GLY I 150 -23.90 28.89 34.76
CA GLY I 150 -24.02 30.25 34.27
C GLY I 150 -24.24 30.43 32.77
N TYR I 151 -23.64 31.48 32.19
CA TYR I 151 -23.91 31.85 30.80
C TYR I 151 -22.66 32.36 30.15
N PRO I 152 -22.60 32.23 28.83
CA PRO I 152 -21.54 32.86 28.02
C PRO I 152 -21.71 34.37 28.02
N ALA I 153 -20.82 35.08 27.33
CA ALA I 153 -21.01 36.50 27.14
C ALA I 153 -22.32 36.72 26.38
N PRO I 154 -22.79 37.96 26.32
CA PRO I 154 -24.05 38.22 25.61
C PRO I 154 -23.87 38.07 24.12
N GLN I 155 -24.99 37.80 23.44
CA GLN I 155 -24.95 37.57 22.00
C GLN I 155 -24.23 38.65 21.23
N GLY I 156 -23.70 38.30 20.08
CA GLY I 156 -23.04 39.28 19.23
C GLY I 156 -21.86 38.70 18.51
N PRO I 157 -20.92 38.13 19.26
CA PRO I 157 -19.69 37.58 18.73
C PRO I 157 -19.82 36.13 18.21
N TYR I 158 -21.00 35.55 18.30
CA TYR I 158 -21.15 34.12 17.99
C TYR I 158 -21.65 33.87 16.58
N TYR I 159 -22.51 34.74 16.07
CA TYR I 159 -23.04 34.59 14.70
C TYR I 159 -21.92 34.55 13.68
N CYS I 160 -21.81 33.44 12.96
CA CYS I 160 -20.75 33.23 11.98
C CYS I 160 -19.40 33.39 12.63
N GLY I 161 -19.34 33.01 13.90
CA GLY I 161 -18.14 33.19 14.70
C GLY I 161 -16.94 32.39 14.26
N VAL I 162 -15.77 32.85 14.70
CA VAL I 162 -14.55 32.07 14.52
C VAL I 162 -13.53 32.48 15.58
N GLY I 163 -12.92 31.46 16.18
CA GLY I 163 -12.15 31.62 17.40
C GLY I 163 -12.70 30.76 18.54
N ALA I 164 -11.80 30.38 19.44
CA ALA I 164 -12.10 29.42 20.50
C ALA I 164 -13.41 29.61 21.30
N GLY I 165 -13.68 30.80 21.80
CA GLY I 165 -14.91 30.89 22.58
C GLY I 165 -16.15 31.19 21.75
N LYS I 166 -15.96 31.44 20.46
CA LYS I 166 -16.97 32.10 19.66
C LYS I 166 -17.93 31.11 19.07
N VAL I 167 -17.59 29.84 19.16
CA VAL I 167 -18.33 28.83 18.45
C VAL I 167 -18.24 27.52 19.23
N TYR I 168 -19.29 26.69 19.19
CA TYR I 168 -19.28 25.45 19.97
C TYR I 168 -19.53 24.18 19.17
N ALA I 169 -18.62 23.23 19.32
CA ALA I 169 -18.75 21.92 18.68
C ALA I 169 -18.68 21.95 17.14
N ARG I 170 -17.80 22.79 16.59
CA ARG I 170 -17.72 22.96 15.15
C ARG I 170 -17.40 21.64 14.48
N ASP I 171 -16.61 20.81 15.16
CA ASP I 171 -16.17 19.54 14.59
C ASP I 171 -17.35 18.61 14.35
N MET I 172 -18.32 18.64 15.27
CA MET I 172 -19.52 17.86 15.08
C MET I 172 -20.31 18.41 13.88
N ILE I 173 -20.50 19.71 13.90
CA ILE I 173 -21.22 20.40 12.85
C ILE I 173 -20.62 20.07 11.48
N GLU I 174 -19.29 20.06 11.42
CA GLU I 174 -18.59 19.80 10.17
C GLU I 174 -18.80 18.36 9.76
N ALA I 175 -18.72 17.44 10.70
CA ALA I 175 -18.94 16.03 10.43
C ALA I 175 -20.30 15.84 9.76
N HIS I 176 -21.31 16.52 10.31
CA HIS I 176 -22.64 16.44 9.75
C HIS I 176 -22.67 16.93 8.31
N TYR I 177 -22.08 18.10 8.05
CA TYR I 177 -21.95 18.65 6.70
C TYR I 177 -21.39 17.56 5.77
N ARG I 178 -20.29 16.95 6.19
CA ARG I 178 -19.64 15.92 5.40
C ARG I 178 -20.62 14.79 5.12
N ALA I 179 -21.24 14.31 6.18
CA ALA I 179 -22.21 13.24 6.07
C ALA I 179 -23.27 13.53 5.01
N CYS I 180 -23.88 14.71 5.11
CA CYS I 180 -24.93 15.09 4.18
C CYS I 180 -24.42 15.09 2.76
N LEU I 181 -23.21 15.60 2.56
CA LEU I 181 -22.63 15.63 1.23
C LEU I 181 -22.39 14.21 0.72
N TYR I 182 -21.84 13.34 1.55
CA TYR I 182 -21.58 11.97 1.14
C TYR I 182 -22.87 11.30 0.71
N ALA I 183 -23.95 11.55 1.46
CA ALA I 183 -25.22 10.92 1.15
C ALA I 183 -25.81 11.51 -0.10
N GLY I 184 -25.24 12.63 -0.54
CA GLY I 184 -25.68 13.31 -1.74
C GLY I 184 -26.89 14.19 -1.53
N LEU I 185 -27.20 14.50 -0.28
CA LEU I 185 -28.26 15.45 0.03
C LEU I 185 -27.92 16.83 -0.55
N GLU I 186 -28.96 17.61 -0.84
CA GLU I 186 -28.75 18.95 -1.39
C GLU I 186 -28.46 19.96 -0.30
N ILE I 187 -27.41 19.73 0.48
CA ILE I 187 -27.06 20.62 1.56
C ILE I 187 -26.26 21.82 1.04
N SER I 188 -26.89 22.99 1.08
CA SER I 188 -26.38 24.18 0.41
C SER I 188 -25.33 24.96 1.19
N GLY I 189 -25.36 24.86 2.52
CA GLY I 189 -24.41 25.58 3.33
C GLY I 189 -24.67 25.45 4.82
N ILE I 190 -23.75 25.95 5.62
CA ILE I 190 -23.89 25.84 7.05
C ILE I 190 -23.39 27.16 7.63
N ASN I 191 -23.81 27.47 8.86
CA ASN I 191 -23.31 28.69 9.51
C ASN I 191 -23.59 28.66 11.01
N ALA I 192 -22.74 29.32 11.79
CA ALA I 192 -23.00 29.42 13.22
C ALA I 192 -24.01 30.52 13.49
N GLU I 193 -24.99 30.23 14.34
CA GLU I 193 -26.06 31.20 14.61
C GLU I 193 -25.76 32.17 15.75
N VAL I 194 -26.75 33.00 16.06
CA VAL I 194 -26.53 34.15 16.92
C VAL I 194 -26.30 33.73 18.36
N MET I 195 -27.16 32.84 18.86
CA MET I 195 -27.01 32.29 20.20
C MET I 195 -25.85 31.32 20.22
N PRO I 196 -24.99 31.41 21.25
CA PRO I 196 -23.84 30.50 21.34
C PRO I 196 -24.28 29.04 21.37
N SER I 197 -23.56 28.16 20.69
CA SER I 197 -23.94 26.75 20.52
C SER I 197 -25.30 26.53 19.85
N GLN I 198 -25.67 27.45 18.98
CA GLN I 198 -26.80 27.32 18.08
C GLN I 198 -26.31 27.39 16.62
N TRP I 199 -26.77 26.49 15.78
CA TRP I 199 -26.27 26.42 14.41
C TRP I 199 -27.40 26.40 13.40
N GLU I 200 -27.02 26.50 12.13
CA GLU I 200 -27.95 26.37 11.02
C GLU I 200 -27.28 25.53 9.94
N PHE I 201 -28.08 24.72 9.25
CA PHE I 201 -27.67 24.19 7.96
C PHE I 201 -28.83 24.42 6.98
N GLN I 202 -28.51 24.63 5.70
CA GLN I 202 -29.54 24.86 4.70
C GLN I 202 -29.56 23.75 3.68
N VAL I 203 -30.76 23.31 3.33
CA VAL I 203 -30.93 22.28 2.32
C VAL I 203 -31.81 22.81 1.21
N GLY I 204 -31.27 22.85 0.00
CA GLY I 204 -32.06 23.27 -1.13
C GLY I 204 -31.20 23.65 -2.29
N PRO I 205 -31.82 23.88 -3.44
CA PRO I 205 -33.29 23.76 -3.58
C PRO I 205 -33.66 22.33 -3.88
N CYS I 206 -34.82 21.91 -3.39
CA CYS I 206 -35.35 20.58 -3.65
C CYS I 206 -36.74 20.71 -4.28
N THR I 207 -37.19 19.68 -4.97
CA THR I 207 -38.50 19.75 -5.58
C THR I 207 -39.57 18.95 -4.85
N GLY I 208 -40.65 19.62 -4.50
CA GLY I 208 -41.79 18.98 -3.89
C GLY I 208 -41.46 18.09 -2.72
N ILE I 209 -41.68 16.80 -2.91
CA ILE I 209 -41.52 15.86 -1.82
C ILE I 209 -40.05 15.76 -1.37
N ASP I 210 -39.13 16.01 -2.28
CA ASP I 210 -37.72 15.91 -1.96
C ASP I 210 -37.32 16.77 -0.78
N MET I 211 -37.91 17.95 -0.69
CA MET I 211 -37.56 18.83 0.40
C MET I 211 -37.75 18.08 1.70
N GLY I 212 -38.96 17.60 1.92
CA GLY I 212 -39.23 16.83 3.12
C GLY I 212 -38.28 15.65 3.32
N ASP I 213 -38.20 14.79 2.31
CA ASP I 213 -37.35 13.63 2.40
C ASP I 213 -35.94 14.01 2.86
N GLN I 214 -35.32 14.95 2.15
CA GLN I 214 -33.92 15.29 2.41
C GLN I 214 -33.73 15.96 3.75
N LEU I 215 -34.65 16.83 4.14
CA LEU I 215 -34.48 17.48 5.44
C LEU I 215 -34.56 16.45 6.54
N TRP I 216 -35.56 15.58 6.44
CA TRP I 216 -35.66 14.51 7.42
C TRP I 216 -34.38 13.67 7.50
N MET I 217 -33.78 13.32 6.36
CA MET I 217 -32.53 12.58 6.41
C MET I 217 -31.42 13.40 7.06
N ALA I 218 -31.34 14.67 6.69
CA ALA I 218 -30.32 15.54 7.24
C ALA I 218 -30.46 15.54 8.76
N ARG I 219 -31.70 15.58 9.23
CA ARG I 219 -31.96 15.52 10.66
C ARG I 219 -31.50 14.19 11.26
N TYR I 220 -31.79 13.09 10.59
CA TYR I 220 -31.31 11.79 11.05
C TYR I 220 -29.81 11.87 11.22
N PHE I 221 -29.13 12.31 10.16
CA PHE I 221 -27.67 12.44 10.18
C PHE I 221 -27.20 13.29 11.35
N LEU I 222 -27.87 14.43 11.58
CA LEU I 222 -27.51 15.32 12.66
C LEU I 222 -27.56 14.62 14.04
N HIS I 223 -28.73 14.12 14.43
CA HIS I 223 -28.86 13.38 15.69
C HIS I 223 -27.79 12.30 15.79
N ARG I 224 -27.64 11.55 14.71
CA ARG I 224 -26.84 10.37 14.69
C ARG I 224 -25.37 10.70 14.83
N VAL I 225 -24.94 11.71 14.11
CA VAL I 225 -23.53 12.05 14.14
C VAL I 225 -23.20 12.67 15.48
N ALA I 226 -24.15 13.45 16.01
CA ALA I 226 -23.94 14.10 17.29
C ALA I 226 -23.80 13.09 18.42
N GLU I 227 -24.46 11.93 18.27
CA GLU I 227 -24.36 10.88 19.26
C GLU I 227 -22.89 10.68 19.55
N GLU I 228 -22.09 10.67 18.50
CA GLU I 228 -20.66 10.37 18.60
C GLU I 228 -19.88 11.40 19.42
N PHE I 229 -20.51 12.57 19.67
CA PHE I 229 -19.90 13.64 20.44
C PHE I 229 -20.62 13.84 21.77
N GLY I 230 -21.54 12.93 22.07
CA GLY I 230 -22.35 13.03 23.27
C GLY I 230 -23.14 14.33 23.31
N ILE I 231 -23.52 14.82 22.14
CA ILE I 231 -24.33 16.02 22.02
C ILE I 231 -25.78 15.67 21.65
N LYS I 232 -26.72 16.21 22.41
CA LYS I 232 -28.14 16.12 22.09
C LYS I 232 -28.53 17.30 21.21
N ILE I 233 -29.38 17.04 20.21
CA ILE I 233 -29.84 18.10 19.32
C ILE I 233 -31.27 18.60 19.61
N SER I 234 -31.44 19.91 19.68
CA SER I 234 -32.73 20.47 20.08
C SER I 234 -33.37 21.32 19.00
N PHE I 235 -34.53 20.87 18.55
CA PHE I 235 -35.23 21.62 17.51
C PHE I 235 -36.29 22.51 18.12
N HIS I 236 -36.20 22.73 19.43
CA HIS I 236 -37.14 23.60 20.09
C HIS I 236 -36.96 25.03 19.59
N PRO I 237 -38.09 25.75 19.43
CA PRO I 237 -38.11 27.10 18.86
C PRO I 237 -37.52 28.14 19.77
N LYS I 238 -37.43 27.84 21.07
CA LYS I 238 -36.90 28.81 22.03
C LYS I 238 -36.23 28.06 23.16
N PRO I 239 -35.02 27.55 22.91
CA PRO I 239 -34.34 26.65 23.84
C PRO I 239 -34.02 27.35 25.15
N LEU I 240 -33.76 28.64 25.08
CA LEU I 240 -33.52 29.40 26.28
C LEU I 240 -34.42 30.61 26.30
N LYS I 241 -35.12 30.79 27.41
CA LYS I 241 -36.05 31.90 27.54
C LYS I 241 -35.22 33.16 27.66
N GLY I 242 -35.77 34.29 27.24
CA GLY I 242 -35.05 35.53 27.34
C GLY I 242 -34.75 36.16 25.99
N ASP I 243 -33.59 36.79 25.89
CA ASP I 243 -33.22 37.46 24.66
C ASP I 243 -32.39 36.57 23.75
N TRP I 244 -32.03 35.40 24.26
CA TRP I 244 -31.30 34.42 23.46
C TRP I 244 -32.15 34.00 22.27
N ASN I 245 -31.54 33.99 21.09
CA ASN I 245 -32.29 33.77 19.87
C ASN I 245 -33.10 32.49 19.89
N GLY I 246 -34.24 32.53 19.20
CA GLY I 246 -35.06 31.34 19.02
C GLY I 246 -34.47 30.52 17.90
N ALA I 247 -35.19 29.49 17.47
CA ALA I 247 -34.72 28.64 16.38
C ALA I 247 -35.80 28.47 15.33
N GLY I 248 -35.51 28.89 14.11
CA GLY I 248 -36.49 28.83 13.05
C GLY I 248 -36.10 27.86 11.96
N CYS I 249 -37.03 27.60 11.05
CA CYS I 249 -36.73 26.84 9.86
C CYS I 249 -37.28 27.62 8.67
N HIS I 250 -36.70 28.78 8.42
CA HIS I 250 -37.12 29.60 7.29
C HIS I 250 -37.34 28.76 6.03
N ALA I 251 -38.57 28.70 5.54
CA ALA I 251 -38.85 28.03 4.28
C ALA I 251 -38.77 29.02 3.12
N ASN I 252 -37.84 28.80 2.19
CA ASN I 252 -37.73 29.60 0.97
C ASN I 252 -38.51 28.94 -0.17
N VAL I 253 -39.26 29.72 -0.94
CA VAL I 253 -40.21 29.15 -1.90
C VAL I 253 -40.11 29.80 -3.26
N SER I 254 -40.40 29.02 -4.30
CA SER I 254 -40.47 29.54 -5.67
C SER I 254 -41.13 28.55 -6.62
N THR I 255 -41.90 29.07 -7.57
CA THR I 255 -42.44 28.27 -8.67
C THR I 255 -41.72 28.65 -9.96
N LYS I 256 -41.90 27.84 -11.01
CA LYS I 256 -41.22 28.11 -12.28
C LYS I 256 -41.44 29.56 -12.74
N GLU I 257 -42.68 30.03 -12.63
CA GLU I 257 -43.01 31.39 -13.04
C GLU I 257 -42.19 32.43 -12.29
N MET I 258 -42.06 32.26 -10.98
CA MET I 258 -41.32 33.21 -10.14
C MET I 258 -39.85 33.25 -10.50
N ARG I 259 -39.34 32.14 -11.03
CA ARG I 259 -37.91 32.04 -11.32
C ARG I 259 -37.53 32.64 -12.68
N GLN I 260 -38.51 32.78 -13.57
CA GLN I 260 -38.30 33.42 -14.87
C GLN I 260 -38.68 34.89 -14.81
N PRO I 261 -37.97 35.73 -15.59
CA PRO I 261 -38.10 37.19 -15.55
C PRO I 261 -39.55 37.65 -15.45
N GLY I 262 -39.78 38.75 -14.73
CA GLY I 262 -41.12 39.23 -14.46
C GLY I 262 -41.77 38.40 -13.37
N GLY I 263 -40.92 37.81 -12.53
CA GLY I 263 -41.38 36.94 -11.48
C GLY I 263 -42.05 37.63 -10.31
N THR I 264 -41.48 38.74 -9.81
CA THR I 264 -41.96 39.32 -8.54
C THR I 264 -43.46 39.61 -8.67
N LYS I 265 -43.97 39.49 -9.90
CA LYS I 265 -45.40 39.51 -10.14
C LYS I 265 -46.06 38.36 -9.39
N TYR I 266 -45.71 37.13 -9.79
CA TYR I 266 -46.27 35.93 -9.16
C TYR I 266 -45.77 35.75 -7.73
N ILE I 267 -44.57 36.23 -7.44
CA ILE I 267 -44.11 36.26 -6.06
C ILE I 267 -45.07 37.08 -5.22
N GLU I 268 -45.40 38.27 -5.70
CA GLU I 268 -46.31 39.14 -4.97
C GLU I 268 -47.66 38.49 -4.84
N GLN I 269 -48.11 37.82 -5.90
CA GLN I 269 -49.37 37.12 -5.89
C GLN I 269 -49.41 36.05 -4.80
N ALA I 270 -48.37 35.24 -4.74
CA ALA I 270 -48.27 34.18 -3.74
C ALA I 270 -48.30 34.79 -2.35
N ILE I 271 -47.54 35.86 -2.16
CA ILE I 271 -47.44 36.51 -0.86
C ILE I 271 -48.82 36.93 -0.38
N GLU I 272 -49.66 37.33 -1.33
CA GLU I 272 -50.99 37.81 -0.97
C GLU I 272 -51.90 36.64 -0.61
N LYS I 273 -51.84 35.56 -1.39
CA LYS I 273 -52.61 34.38 -1.02
C LYS I 273 -52.19 33.96 0.38
N LEU I 274 -50.89 33.96 0.62
CA LEU I 274 -50.32 33.56 1.90
C LEU I 274 -50.86 34.39 3.05
N SER I 275 -51.08 35.68 2.78
CA SER I 275 -51.57 36.62 3.77
C SER I 275 -52.98 36.28 4.22
N LYS I 276 -53.75 35.66 3.34
CA LYS I 276 -55.12 35.27 3.68
C LYS I 276 -55.16 34.00 4.53
N ARG I 277 -54.11 33.18 4.45
CA ARG I 277 -54.09 31.93 5.20
C ARG I 277 -53.01 31.89 6.28
N HIS I 278 -52.71 33.05 6.87
CA HIS I 278 -51.70 33.14 7.91
C HIS I 278 -52.01 32.22 9.09
N ALA I 279 -53.26 32.22 9.53
CA ALA I 279 -53.62 31.40 10.69
C ALA I 279 -53.47 29.91 10.39
N GLU I 280 -53.96 29.48 9.23
CA GLU I 280 -53.92 28.08 8.84
C GLU I 280 -52.49 27.56 8.73
N HIS I 281 -51.60 28.40 8.23
CA HIS I 281 -50.18 28.08 8.17
C HIS I 281 -49.57 28.01 9.58
N ILE I 282 -49.70 29.09 10.34
CA ILE I 282 -49.20 29.12 11.71
C ILE I 282 -49.58 27.84 12.46
N LYS I 283 -50.81 27.37 12.27
CA LYS I 283 -51.27 26.14 12.95
C LYS I 283 -50.38 24.91 12.65
N LEU I 284 -49.85 24.82 11.43
CA LEU I 284 -48.77 23.86 11.17
C LEU I 284 -47.49 24.48 11.75
N TYR I 285 -46.54 24.89 10.92
CA TYR I 285 -45.43 25.79 11.32
C TYR I 285 -44.75 25.70 12.72
N GLY I 286 -45.14 24.76 13.57
CA GLY I 286 -44.39 24.53 14.79
C GLY I 286 -45.02 24.86 16.14
N SER I 287 -44.86 23.94 17.08
CA SER I 287 -45.38 24.08 18.43
C SER I 287 -44.51 24.98 19.31
N ASP I 288 -45.13 25.53 20.35
CA ASP I 288 -44.60 26.70 21.06
C ASP I 288 -43.76 27.64 20.19
N ASN I 289 -44.20 27.84 18.95
CA ASN I 289 -43.60 28.86 18.10
C ASN I 289 -43.96 30.19 18.72
N ASP I 290 -44.98 30.14 19.59
CA ASP I 290 -45.44 31.33 20.32
C ASP I 290 -44.35 31.96 21.17
N MET I 291 -43.36 31.17 21.59
CA MET I 291 -42.26 31.76 22.33
C MET I 291 -41.14 32.29 21.41
N ARG I 292 -41.47 32.50 20.14
CA ARG I 292 -40.52 32.98 19.15
C ARG I 292 -41.05 34.11 18.24
N SER I 301 -44.11 38.27 14.60
CA SER I 301 -45.36 38.15 15.41
C SER I 301 -46.32 37.03 14.99
N MET I 302 -46.88 36.34 15.98
CA MET I 302 -47.68 35.11 15.79
C MET I 302 -49.07 35.35 15.20
N THR I 303 -49.59 36.56 15.43
CA THR I 303 -50.94 36.90 15.01
C THR I 303 -50.90 37.85 13.82
N ALA I 304 -49.84 38.62 13.74
CA ALA I 304 -49.68 39.57 12.64
C ALA I 304 -49.03 38.94 11.42
N PHE I 305 -49.55 39.27 10.24
CA PHE I 305 -48.88 38.91 8.99
C PHE I 305 -48.39 40.16 8.26
N SER I 306 -47.13 40.16 7.88
CA SER I 306 -46.60 41.28 7.13
C SER I 306 -45.56 40.80 6.13
N SER I 307 -45.29 41.63 5.12
CA SER I 307 -44.29 41.29 4.12
C SER I 307 -43.61 42.56 3.61
N GLY I 308 -42.40 42.40 3.11
CA GLY I 308 -41.63 43.50 2.57
C GLY I 308 -40.28 43.05 2.09
N VAL I 309 -39.67 43.85 1.22
CA VAL I 309 -38.34 43.58 0.73
C VAL I 309 -37.29 43.83 1.83
N ALA I 310 -36.21 43.07 1.77
CA ALA I 310 -35.15 43.14 2.77
C ALA I 310 -35.74 43.48 4.14
N ASN I 311 -36.41 42.50 4.73
CA ASN I 311 -37.11 42.74 5.97
C ASN I 311 -37.09 41.49 6.85
N ARG I 312 -36.09 41.40 7.72
CA ARG I 312 -35.97 40.27 8.65
C ARG I 312 -36.96 40.40 9.82
N GLY I 313 -37.85 41.40 9.73
CA GLY I 313 -38.91 41.60 10.71
C GLY I 313 -40.29 41.13 10.24
N SER I 314 -40.46 40.98 8.93
CA SER I 314 -41.74 40.56 8.39
C SER I 314 -41.97 39.04 8.43
N SER I 315 -43.20 38.65 8.13
CA SER I 315 -43.57 37.24 8.05
C SER I 315 -43.00 36.61 6.78
N ILE I 316 -43.09 37.34 5.67
CA ILE I 316 -42.48 36.93 4.41
C ILE I 316 -41.52 38.02 3.98
N ARG I 317 -40.33 37.63 3.53
CA ARG I 317 -39.31 38.61 3.18
C ARG I 317 -38.89 38.35 1.74
N ILE I 318 -38.91 39.40 0.93
CA ILE I 318 -38.38 39.30 -0.42
C ILE I 318 -36.96 39.81 -0.40
N PRO I 319 -36.00 38.92 -0.70
CA PRO I 319 -34.58 39.26 -0.68
C PRO I 319 -34.32 40.46 -1.57
N ARG I 320 -33.58 41.45 -1.07
CA ARG I 320 -33.32 42.64 -1.86
C ARG I 320 -32.79 42.22 -3.22
N SER I 321 -31.93 41.21 -3.22
CA SER I 321 -31.39 40.63 -4.44
C SER I 321 -32.52 40.27 -5.43
N VAL I 322 -33.51 39.52 -4.96
CA VAL I 322 -34.66 39.14 -5.79
C VAL I 322 -35.38 40.36 -6.31
N ALA I 323 -35.73 41.25 -5.40
CA ALA I 323 -36.42 42.50 -5.75
C ALA I 323 -35.70 43.26 -6.87
N LYS I 324 -34.41 43.54 -6.66
CA LYS I 324 -33.62 44.25 -7.65
C LYS I 324 -33.61 43.55 -9.03
N GLU I 325 -33.71 42.22 -9.04
CA GLU I 325 -33.62 41.48 -10.30
C GLU I 325 -34.96 41.14 -10.95
N GLY I 326 -36.05 41.29 -10.20
CA GLY I 326 -37.38 41.08 -10.74
C GLY I 326 -37.90 39.65 -10.80
N TYR I 327 -37.11 38.72 -10.29
CA TYR I 327 -37.51 37.33 -10.23
C TYR I 327 -36.67 36.60 -9.18
N GLY I 328 -37.13 35.42 -8.77
CA GLY I 328 -36.45 34.67 -7.74
C GLY I 328 -37.39 33.91 -6.84
N TYR I 329 -37.29 34.12 -5.53
CA TYR I 329 -38.03 33.35 -4.54
C TYR I 329 -38.38 34.26 -3.39
N PHE I 330 -39.18 33.78 -2.45
CA PHE I 330 -39.45 34.54 -1.22
C PHE I 330 -39.13 33.69 -0.01
N GLU I 331 -38.90 34.36 1.12
CA GLU I 331 -38.52 33.69 2.35
C GLU I 331 -39.65 33.79 3.35
N ASP I 332 -40.25 32.65 3.68
CA ASP I 332 -41.24 32.64 4.75
C ASP I 332 -40.49 32.40 6.05
N ARG I 333 -40.44 33.42 6.91
CA ARG I 333 -39.63 33.35 8.11
C ARG I 333 -40.43 32.83 9.29
N ARG I 334 -41.67 32.41 9.03
CA ARG I 334 -42.59 32.02 10.09
C ARG I 334 -42.36 30.64 10.71
N PRO I 335 -42.02 29.64 9.88
CA PRO I 335 -41.94 28.28 10.42
C PRO I 335 -40.87 28.10 11.49
N ALA I 336 -41.18 27.35 12.55
CA ALA I 336 -40.24 27.13 13.64
C ALA I 336 -39.29 25.99 13.33
N SER I 337 -38.20 25.93 14.09
CA SER I 337 -37.21 24.90 13.93
C SER I 337 -37.81 23.50 13.93
N ASN I 338 -38.88 23.31 14.70
CA ASN I 338 -39.39 21.96 14.95
C ASN I 338 -40.48 21.56 13.98
N ILE I 339 -40.57 22.29 12.88
CA ILE I 339 -41.59 21.98 11.89
C ILE I 339 -41.40 20.62 11.21
N ASP I 340 -42.50 19.98 10.80
CA ASP I 340 -42.44 18.87 9.84
C ASP I 340 -42.47 19.43 8.41
N PRO I 341 -41.34 19.32 7.70
CA PRO I 341 -41.19 19.83 6.32
C PRO I 341 -42.34 19.37 5.41
N TYR I 342 -42.83 18.16 5.60
CA TYR I 342 -43.96 17.66 4.81
C TYR I 342 -45.15 18.56 4.99
N LEU I 343 -45.46 18.92 6.23
CA LEU I 343 -46.55 19.85 6.52
C LEU I 343 -46.32 21.26 5.97
N VAL I 344 -45.16 21.84 6.25
CA VAL I 344 -44.85 23.16 5.71
C VAL I 344 -44.86 23.19 4.18
N THR I 345 -44.04 22.38 3.53
CA THR I 345 -43.96 22.43 2.09
C THR I 345 -45.31 22.05 1.48
N GLY I 346 -46.00 21.11 2.14
CA GLY I 346 -47.32 20.70 1.71
C GLY I 346 -48.30 21.85 1.67
N ILE I 347 -48.55 22.47 2.82
CA ILE I 347 -49.53 23.55 2.86
C ILE I 347 -49.04 24.78 2.06
N MET I 348 -47.73 24.94 1.93
CA MET I 348 -47.23 26.05 1.15
C MET I 348 -47.74 25.89 -0.27
N CYS I 349 -47.57 24.68 -0.81
CA CYS I 349 -48.01 24.37 -2.16
C CYS I 349 -49.52 24.51 -2.25
N GLU I 350 -50.21 23.95 -1.27
CA GLU I 350 -51.67 24.05 -1.22
C GLU I 350 -52.17 25.47 -1.41
N THR I 351 -51.60 26.42 -0.69
CA THR I 351 -52.12 27.79 -0.75
C THR I 351 -51.48 28.67 -1.82
N VAL I 352 -50.28 28.32 -2.25
CA VAL I 352 -49.61 29.10 -3.28
C VAL I 352 -50.04 28.62 -4.67
N CYS I 353 -50.14 27.30 -4.83
CA CYS I 353 -50.44 26.71 -6.13
C CYS I 353 -51.90 26.38 -6.30
N GLY I 354 -52.58 26.09 -5.19
CA GLY I 354 -54.00 25.83 -5.22
C GLY I 354 -54.44 24.55 -4.54
N ALA I 355 -55.56 24.63 -3.83
CA ALA I 355 -56.11 23.50 -3.10
C ALA I 355 -56.53 22.36 -4.01
N ILE I 356 -56.85 21.23 -3.40
CA ILE I 356 -57.33 20.08 -4.12
C ILE I 356 -58.45 19.48 -3.29
N ASP I 357 -59.48 18.97 -3.97
CA ASP I 357 -60.57 18.29 -3.29
C ASP I 357 -60.07 16.92 -2.86
N ASN I 358 -58.97 16.53 -3.49
CA ASN I 358 -58.30 15.26 -3.24
C ASN I 358 -57.48 15.26 -1.93
N ALA I 359 -57.18 16.44 -1.41
CA ALA I 359 -56.40 16.56 -0.16
C ALA I 359 -56.57 17.90 0.56
N ASP I 360 -56.52 17.86 1.89
CA ASP I 360 -56.58 19.05 2.73
C ASP I 360 -55.43 19.07 3.75
N MET I 361 -54.43 19.94 3.53
CA MET I 361 -53.22 19.95 4.36
C MET I 361 -53.54 20.20 5.82
N THR I 362 -54.32 21.23 6.03
CA THR I 362 -54.67 21.61 7.39
C THR I 362 -55.47 20.50 8.11
N LYS I 363 -56.31 19.78 7.39
CA LYS I 363 -56.98 18.63 7.99
C LYS I 363 -56.00 17.53 8.37
N GLU I 364 -54.99 17.32 7.54
CA GLU I 364 -53.92 16.38 7.85
C GLU I 364 -53.32 16.80 9.19
N PHE I 365 -53.98 16.35 10.24
CA PHE I 365 -53.69 16.69 11.62
C PHE I 365 -54.57 15.73 12.37
N GLU I 366 -54.12 14.48 12.34
CA GLU I 366 -54.85 13.31 12.76
C GLU I 366 -54.08 12.64 13.91
N ARG J 21 3.83 -14.47 11.59
CA ARG J 21 5.08 -14.77 10.88
C ARG J 21 5.02 -16.06 10.04
N GLY J 22 3.97 -16.21 9.25
CA GLY J 22 3.76 -17.47 8.58
C GLY J 22 2.82 -18.37 9.35
N ARG J 23 2.69 -18.12 10.65
CA ARG J 23 1.81 -18.94 11.47
C ARG J 23 0.42 -18.35 11.65
N ILE J 24 -0.48 -19.16 12.20
CA ILE J 24 -1.91 -18.82 12.33
C ILE J 24 -2.28 -18.88 13.80
N ILE J 25 -3.21 -18.06 14.24
CA ILE J 25 -3.74 -18.25 15.58
C ILE J 25 -5.21 -18.69 15.53
N ALA J 26 -5.49 -19.77 16.24
CA ALA J 26 -6.86 -20.25 16.34
C ALA J 26 -7.32 -20.10 17.78
N GLU J 27 -8.36 -19.30 17.96
CA GLU J 27 -8.97 -19.21 19.26
C GLU J 27 -10.06 -20.28 19.37
N TYR J 28 -9.89 -21.17 20.34
CA TYR J 28 -10.92 -22.16 20.61
C TYR J 28 -11.90 -21.60 21.60
N VAL J 29 -13.18 -21.65 21.24
CA VAL J 29 -14.26 -21.13 22.06
C VAL J 29 -15.18 -22.28 22.39
N TRP J 30 -15.54 -22.39 23.66
CA TRP J 30 -16.53 -23.38 24.05
C TRP J 30 -17.47 -22.89 25.16
N ILE J 31 -18.46 -23.72 25.47
CA ILE J 31 -19.49 -23.41 26.45
C ILE J 31 -19.20 -24.11 27.78
N ASP J 32 -19.37 -23.39 28.89
CA ASP J 32 -18.99 -23.92 30.21
C ASP J 32 -20.15 -24.40 31.08
N GLY J 33 -19.79 -24.71 32.33
CA GLY J 33 -20.73 -25.24 33.30
C GLY J 33 -21.45 -24.15 34.05
N THR J 34 -21.24 -22.91 33.59
CA THR J 34 -22.07 -21.77 33.96
C THR J 34 -22.74 -21.42 32.64
N GLY J 35 -23.22 -20.19 32.48
CA GLY J 35 -23.84 -19.84 31.21
C GLY J 35 -22.96 -19.12 30.20
N ASN J 36 -21.65 -19.36 30.25
CA ASN J 36 -20.73 -18.49 29.53
C ASN J 36 -19.90 -19.20 28.50
N LEU J 37 -19.23 -18.41 27.67
CA LEU J 37 -18.21 -18.94 26.78
C LEU J 37 -16.85 -18.93 27.52
N ARG J 38 -15.95 -19.78 27.05
CA ARG J 38 -14.57 -19.74 27.49
C ARG J 38 -13.71 -19.87 26.24
N SER J 39 -12.47 -19.42 26.33
CA SER J 39 -11.58 -19.57 25.19
C SER J 39 -10.11 -19.51 25.56
N LYS J 40 -9.32 -20.17 24.73
CA LYS J 40 -7.88 -19.97 24.72
C LYS J 40 -7.41 -20.06 23.27
N GLY J 41 -6.18 -19.65 23.03
CA GLY J 41 -5.67 -19.62 21.68
C GLY J 41 -4.43 -20.46 21.50
N ARG J 42 -4.26 -20.99 20.30
CA ARG J 42 -3.09 -21.80 19.99
C ARG J 42 -2.57 -21.46 18.60
N THR J 43 -1.25 -21.53 18.45
CA THR J 43 -0.61 -21.31 17.16
C THR J 43 -0.74 -22.56 16.30
N LEU J 44 -0.96 -22.36 15.00
CA LEU J 44 -1.02 -23.44 14.04
C LEU J 44 0.00 -23.12 12.96
N LYS J 45 0.59 -24.17 12.38
CA LYS J 45 1.67 -23.99 11.41
C LYS J 45 1.25 -23.30 10.10
N LYS J 46 0.01 -23.53 9.68
CA LYS J 46 -0.46 -23.15 8.35
C LYS J 46 -1.92 -22.68 8.35
N ARG J 47 -2.28 -21.86 7.36
CA ARG J 47 -3.66 -21.45 7.15
C ARG J 47 -4.63 -22.64 7.07
N ILE J 48 -5.82 -22.48 7.64
CA ILE J 48 -6.78 -23.59 7.66
C ILE J 48 -7.76 -23.50 6.52
N THR J 49 -8.00 -24.61 5.85
CA THR J 49 -8.98 -24.64 4.74
C THR J 49 -10.14 -25.63 4.89
N SER J 50 -10.15 -26.43 5.96
CA SER J 50 -11.30 -27.26 6.31
C SER J 50 -11.29 -27.71 7.77
N ILE J 51 -12.47 -27.92 8.35
CA ILE J 51 -12.60 -28.24 9.77
C ILE J 51 -11.69 -29.38 10.11
N ASP J 52 -11.45 -30.24 9.12
CA ASP J 52 -10.69 -31.47 9.29
C ASP J 52 -9.27 -31.22 9.75
N GLN J 53 -8.74 -30.06 9.38
CA GLN J 53 -7.34 -29.74 9.73
C GLN J 53 -7.21 -29.31 11.18
N LEU J 54 -8.33 -28.96 11.80
CA LEU J 54 -8.33 -28.47 13.17
C LEU J 54 -8.26 -29.64 14.15
N PRO J 55 -7.22 -29.64 15.02
CA PRO J 55 -6.89 -30.62 16.07
C PRO J 55 -7.88 -30.65 17.23
N GLU J 56 -8.04 -31.80 17.85
CA GLU J 56 -8.78 -31.84 19.11
C GLU J 56 -7.96 -31.04 20.08
N TRP J 57 -8.53 -30.75 21.24
CA TRP J 57 -7.80 -30.01 22.25
C TRP J 57 -8.52 -30.23 23.55
N ASN J 58 -8.06 -29.59 24.62
CA ASN J 58 -8.64 -29.83 25.93
C ASN J 58 -8.38 -28.73 26.92
N PHE J 59 -8.99 -28.85 28.09
CA PHE J 59 -8.85 -27.87 29.14
C PHE J 59 -9.22 -28.48 30.47
N ASP J 60 -9.04 -27.71 31.54
CA ASP J 60 -9.31 -28.18 32.88
C ASP J 60 -10.78 -27.98 33.25
N GLY J 61 -11.59 -29.00 33.04
CA GLY J 61 -13.02 -28.86 33.26
C GLY J 61 -13.41 -28.44 34.68
N SER J 62 -12.44 -28.55 35.60
CA SER J 62 -12.72 -28.25 36.99
C SER J 62 -12.67 -26.76 37.24
N SER J 63 -12.00 -26.06 36.32
CA SER J 63 -11.89 -24.63 36.41
C SER J 63 -13.07 -23.97 35.70
N THR J 64 -13.94 -24.79 35.10
CA THR J 64 -15.10 -24.25 34.39
C THR J 64 -16.40 -24.90 34.80
N ASN J 65 -16.38 -25.66 35.88
CA ASN J 65 -17.60 -26.31 36.38
C ASN J 65 -18.17 -27.34 35.40
N GLN J 66 -17.31 -28.22 34.90
CA GLN J 66 -17.74 -29.25 33.98
C GLN J 66 -17.15 -30.61 34.39
N ALA J 67 -16.17 -30.59 35.27
CA ALA J 67 -15.53 -31.80 35.77
C ALA J 67 -15.20 -31.65 37.26
N PRO J 68 -14.85 -32.76 37.94
CA PRO J 68 -14.79 -32.80 39.40
C PRO J 68 -13.42 -32.52 40.02
N GLY J 69 -12.36 -32.62 39.24
CA GLY J 69 -11.03 -32.47 39.80
C GLY J 69 -10.36 -33.81 39.82
N HIS J 70 -10.80 -34.67 38.90
CA HIS J 70 -10.20 -35.98 38.65
C HIS J 70 -10.91 -36.59 37.43
N ASP J 73 -11.11 -32.57 33.75
CA ASP J 73 -10.33 -32.81 32.53
C ASP J 73 -11.10 -33.13 31.19
N ILE J 74 -11.54 -32.10 30.47
CA ILE J 74 -12.40 -32.28 29.29
C ILE J 74 -11.77 -31.97 27.91
N TYR J 75 -12.35 -32.54 26.85
CA TYR J 75 -11.80 -32.48 25.49
C TYR J 75 -12.61 -31.60 24.53
N LEU J 76 -11.93 -30.99 23.57
CA LEU J 76 -12.58 -30.04 22.66
C LEU J 76 -12.61 -30.53 21.22
N LYS J 77 -13.81 -30.80 20.71
CA LYS J 77 -13.95 -31.22 19.31
C LYS J 77 -14.39 -30.06 18.44
N PRO J 78 -13.51 -29.58 17.58
CA PRO J 78 -13.85 -28.52 16.64
C PRO J 78 -15.15 -28.83 15.90
N VAL J 79 -16.01 -27.84 15.76
CA VAL J 79 -17.35 -28.05 15.24
C VAL J 79 -17.59 -27.09 14.08
N ALA J 80 -17.13 -25.85 14.24
CA ALA J 80 -17.25 -24.82 13.21
C ALA J 80 -16.09 -23.88 13.39
N TYR J 81 -15.74 -23.16 12.34
CA TYR J 81 -14.70 -22.15 12.45
C TYR J 81 -14.97 -20.96 11.51
N TYR J 82 -14.46 -19.80 11.90
CA TYR J 82 -14.71 -18.56 11.19
C TYR J 82 -13.48 -17.71 11.26
N PRO J 83 -13.40 -16.69 10.40
CA PRO J 83 -12.32 -15.72 10.49
C PRO J 83 -12.47 -14.96 11.78
N ASP J 84 -11.37 -14.70 12.46
CA ASP J 84 -11.40 -13.98 13.73
C ASP J 84 -11.56 -12.48 13.50
N PRO J 85 -12.72 -11.91 13.89
CA PRO J 85 -12.97 -10.50 13.61
C PRO J 85 -12.03 -9.61 14.42
N PHE J 86 -11.48 -10.17 15.49
CA PHE J 86 -10.56 -9.42 16.34
C PHE J 86 -9.08 -9.54 15.88
N ARG J 87 -8.58 -10.76 15.75
CA ARG J 87 -7.19 -10.92 15.36
C ARG J 87 -7.02 -10.67 13.87
N ARG J 88 -8.12 -10.73 13.14
CA ARG J 88 -8.11 -10.58 11.69
C ARG J 88 -6.99 -11.37 10.98
N GLY J 89 -6.69 -10.99 9.75
CA GLY J 89 -5.73 -11.76 8.98
C GLY J 89 -6.23 -13.16 8.76
N ASP J 90 -5.31 -14.12 8.67
CA ASP J 90 -5.68 -15.50 8.43
C ASP J 90 -5.92 -16.19 9.73
N ASN J 91 -6.09 -15.40 10.77
CA ASN J 91 -6.39 -15.92 12.09
C ASN J 91 -7.86 -16.29 12.18
N ILE J 92 -8.17 -17.26 13.03
CA ILE J 92 -9.48 -17.92 13.00
C ILE J 92 -10.04 -18.19 14.40
N VAL J 93 -11.37 -18.24 14.50
CA VAL J 93 -12.06 -18.59 15.73
C VAL J 93 -12.67 -19.98 15.54
N VAL J 94 -12.46 -20.86 16.52
CA VAL J 94 -12.97 -22.23 16.42
C VAL J 94 -14.00 -22.56 17.50
N LEU J 95 -15.25 -22.81 17.11
CA LEU J 95 -16.27 -23.24 18.04
C LEU J 95 -16.09 -24.73 18.32
N ALA J 96 -15.76 -25.06 19.57
CA ALA J 96 -15.51 -26.45 19.96
C ALA J 96 -16.56 -26.98 20.94
N ALA J 97 -16.93 -28.25 20.76
CA ALA J 97 -17.88 -28.95 21.62
C ALA J 97 -17.15 -29.76 22.69
N CYS J 98 -17.75 -29.86 23.88
CA CYS J 98 -17.09 -30.50 25.01
C CYS J 98 -17.48 -31.97 25.17
N TYR J 99 -16.48 -32.84 25.09
CA TYR J 99 -16.67 -34.28 25.32
C TYR J 99 -15.80 -34.72 26.48
N ASN J 100 -16.36 -35.51 27.39
CA ASN J 100 -15.61 -36.09 28.51
C ASN J 100 -14.67 -37.14 27.98
N ASN J 101 -13.77 -37.64 28.83
CA ASN J 101 -12.82 -38.66 28.39
C ASN J 101 -13.47 -39.99 28.01
N ASP J 102 -14.75 -40.16 28.37
CA ASP J 102 -15.51 -41.34 27.93
C ASP J 102 -15.62 -41.32 26.42
N GLY J 103 -15.70 -40.12 25.86
CA GLY J 103 -16.12 -39.97 24.49
C GLY J 103 -17.56 -39.48 24.53
N THR J 104 -18.15 -39.52 25.71
CA THR J 104 -19.48 -38.95 25.95
C THR J 104 -19.50 -37.41 26.01
N PRO J 105 -20.59 -36.82 25.51
CA PRO J 105 -20.77 -35.36 25.57
C PRO J 105 -20.97 -34.88 27.00
N ASN J 106 -20.12 -33.96 27.40
CA ASN J 106 -20.19 -33.35 28.72
C ASN J 106 -21.60 -33.00 29.19
N LYS J 107 -21.76 -32.86 30.50
CA LYS J 107 -23.02 -32.44 31.09
C LYS J 107 -23.61 -31.32 30.22
N PHE J 108 -22.77 -30.35 29.85
CA PHE J 108 -23.28 -29.12 29.26
C PHE J 108 -23.13 -29.10 27.76
N ASN J 109 -22.84 -30.25 27.19
CA ASN J 109 -22.86 -30.37 25.75
C ASN J 109 -24.25 -30.83 25.31
N HIS J 110 -25.04 -29.91 24.78
CA HIS J 110 -26.34 -30.26 24.25
C HIS J 110 -26.37 -30.15 22.75
N ARG J 111 -25.20 -29.88 22.17
CA ARG J 111 -25.13 -29.80 20.72
C ARG J 111 -25.32 -31.17 20.10
N HIS J 112 -24.68 -32.17 20.72
CA HIS J 112 -24.77 -33.54 20.21
C HIS J 112 -26.21 -34.04 20.21
N GLU J 113 -26.88 -33.96 21.36
CA GLU J 113 -28.26 -34.40 21.43
C GLU J 113 -29.09 -33.78 20.30
N ALA J 114 -29.06 -32.46 20.19
CA ALA J 114 -29.84 -31.77 19.19
C ALA J 114 -29.49 -32.28 17.79
N ALA J 115 -28.19 -32.44 17.54
CA ALA J 115 -27.71 -32.88 16.23
C ALA J 115 -28.48 -34.12 15.77
N LYS J 116 -28.62 -35.08 16.68
CA LYS J 116 -29.37 -36.30 16.39
C LYS J 116 -30.71 -35.96 15.76
N LEU J 117 -31.49 -35.12 16.43
CA LEU J 117 -32.81 -34.72 15.91
C LEU J 117 -32.74 -34.05 14.55
N PHE J 118 -31.79 -33.15 14.36
CA PHE J 118 -31.66 -32.45 13.08
C PHE J 118 -31.27 -33.43 11.99
N ALA J 119 -30.41 -34.38 12.33
CA ALA J 119 -29.98 -35.37 11.37
C ALA J 119 -31.17 -36.27 10.99
N ALA J 120 -31.96 -36.67 11.99
CA ALA J 120 -33.15 -37.46 11.72
C ALA J 120 -34.06 -36.76 10.74
N HIS J 121 -34.42 -35.52 11.06
CA HIS J 121 -35.36 -34.81 10.23
C HIS J 121 -34.72 -33.95 9.15
N LYS J 122 -33.55 -34.40 8.67
CA LYS J 122 -32.88 -33.72 7.58
C LYS J 122 -33.90 -33.28 6.52
N ASP J 123 -34.85 -34.17 6.22
CA ASP J 123 -35.76 -33.96 5.11
C ASP J 123 -36.66 -32.75 5.26
N GLU J 124 -37.05 -32.44 6.49
CA GLU J 124 -37.91 -31.30 6.74
C GLU J 124 -37.20 -29.95 6.53
N GLU J 125 -35.88 -29.94 6.70
CA GLU J 125 -35.12 -28.70 6.58
C GLU J 125 -35.66 -27.62 7.51
N ILE J 126 -35.54 -27.81 8.82
CA ILE J 126 -36.03 -26.79 9.73
C ILE J 126 -35.12 -25.60 9.58
N TRP J 127 -35.72 -24.41 9.63
CA TRP J 127 -34.98 -23.17 9.63
C TRP J 127 -35.30 -22.43 10.91
N PHE J 128 -34.27 -21.80 11.48
CA PHE J 128 -34.48 -20.98 12.66
C PHE J 128 -33.96 -19.58 12.41
N GLY J 129 -34.56 -18.62 13.11
CA GLY J 129 -34.05 -17.26 13.18
C GLY J 129 -34.25 -16.80 14.61
N LEU J 130 -33.17 -16.57 15.33
CA LEU J 130 -33.29 -16.12 16.70
C LEU J 130 -33.16 -14.59 16.80
N GLU J 131 -33.92 -13.99 17.71
CA GLU J 131 -33.82 -12.55 17.99
C GLU J 131 -33.22 -12.39 19.40
N GLN J 132 -31.90 -12.25 19.45
CA GLN J 132 -31.19 -12.19 20.71
C GLN J 132 -31.24 -10.80 21.34
N GLU J 133 -31.93 -10.67 22.47
CA GLU J 133 -31.93 -9.42 23.21
C GLU J 133 -30.94 -9.54 24.35
N TYR J 134 -30.27 -8.45 24.68
CA TYR J 134 -29.29 -8.44 25.76
C TYR J 134 -29.33 -7.06 26.37
N THR J 135 -28.68 -6.89 27.53
CA THR J 135 -28.72 -5.63 28.25
C THR J 135 -27.30 -5.27 28.68
N LEU J 136 -26.93 -3.99 28.56
CA LEU J 136 -25.56 -3.53 28.81
C LEU J 136 -25.30 -3.15 30.27
N PHE J 137 -24.08 -3.34 30.74
CA PHE J 137 -23.74 -3.04 32.14
C PHE J 137 -22.34 -2.45 32.38
N ASP J 138 -22.24 -1.61 33.42
CA ASP J 138 -21.01 -1.05 33.97
C ASP J 138 -20.01 -2.09 34.29
N MET J 139 -18.77 -1.66 34.39
CA MET J 139 -17.77 -2.49 35.03
C MET J 139 -18.19 -2.72 36.48
N TYR J 140 -19.11 -1.89 36.94
CA TYR J 140 -19.55 -1.91 38.34
C TYR J 140 -20.92 -2.57 38.49
N ASP J 141 -21.34 -3.26 37.44
CA ASP J 141 -22.57 -4.02 37.48
C ASP J 141 -23.80 -3.13 37.65
N ASP J 142 -23.74 -1.91 37.13
CA ASP J 142 -24.92 -1.06 37.09
C ASP J 142 -25.29 -0.92 35.63
N VAL J 143 -26.56 -0.72 35.32
CA VAL J 143 -26.97 -0.59 33.91
C VAL J 143 -26.11 0.45 33.19
N TYR J 144 -25.62 0.08 32.02
CA TYR J 144 -24.66 0.92 31.33
C TYR J 144 -25.22 2.29 30.92
N GLY J 145 -24.61 3.35 31.43
CA GLY J 145 -24.95 4.69 30.98
C GLY J 145 -26.12 5.33 31.72
N TRP J 146 -26.73 4.55 32.60
CA TRP J 146 -27.85 5.05 33.36
C TRP J 146 -27.33 6.02 34.39
N PRO J 147 -28.07 7.11 34.62
CA PRO J 147 -27.87 8.09 35.68
C PRO J 147 -27.34 7.46 36.97
N LYS J 148 -26.40 8.15 37.59
CA LYS J 148 -25.68 7.59 38.74
C LYS J 148 -26.61 7.48 39.93
N GLY J 149 -26.89 6.27 40.37
CA GLY J 149 -27.80 6.07 41.49
C GLY J 149 -29.26 6.20 41.13
N GLY J 150 -29.56 6.68 39.92
CA GLY J 150 -30.94 6.86 39.48
C GLY J 150 -31.35 6.17 38.20
N TYR J 151 -32.22 6.82 37.41
CA TYR J 151 -32.83 6.19 36.25
C TYR J 151 -32.99 7.17 35.11
N PRO J 152 -32.96 6.65 33.88
CA PRO J 152 -33.26 7.47 32.70
C PRO J 152 -34.73 7.81 32.69
N ALA J 153 -35.18 8.57 31.70
CA ALA J 153 -36.60 8.82 31.55
C ALA J 153 -37.32 7.50 31.37
N PRO J 154 -38.63 7.51 31.47
CA PRO J 154 -39.36 6.24 31.31
C PRO J 154 -39.31 5.78 29.87
N GLN J 155 -39.55 4.48 29.69
CA GLN J 155 -39.49 3.84 28.39
C GLN J 155 -40.39 4.50 27.35
N GLY J 156 -40.06 4.36 26.07
CA GLY J 156 -40.81 4.98 25.01
C GLY J 156 -39.94 5.54 23.89
N PRO J 157 -38.96 6.38 24.25
CA PRO J 157 -38.09 7.02 23.25
C PRO J 157 -36.83 6.23 22.92
N TYR J 158 -36.66 5.04 23.52
CA TYR J 158 -35.43 4.28 23.32
C TYR J 158 -35.52 3.21 22.22
N TYR J 159 -36.67 2.57 22.08
CA TYR J 159 -36.85 1.56 21.07
C TYR J 159 -36.54 2.11 19.71
N CYS J 160 -35.56 1.51 19.03
CA CYS J 160 -35.15 1.97 17.70
C CYS J 160 -34.76 3.45 17.76
N GLY J 161 -34.24 3.86 18.91
CA GLY J 161 -33.95 5.26 19.15
C GLY J 161 -32.83 5.81 18.31
N VAL J 162 -32.81 7.14 18.21
CA VAL J 162 -31.70 7.83 17.58
C VAL J 162 -31.60 9.23 18.15
N GLY J 163 -30.38 9.62 18.50
CA GLY J 163 -30.15 10.83 19.24
C GLY J 163 -29.37 10.53 20.49
N ALA J 164 -28.62 11.52 20.98
CA ALA J 164 -27.68 11.31 22.09
C ALA J 164 -28.23 10.61 23.33
N GLY J 165 -29.39 10.98 23.83
CA GLY J 165 -29.79 10.29 25.06
C GLY J 165 -30.61 9.02 24.84
N LYS J 166 -30.94 8.76 23.58
CA LYS J 166 -31.97 7.79 23.25
C LYS J 166 -31.40 6.37 23.13
N VAL J 167 -30.09 6.23 23.18
CA VAL J 167 -29.49 4.96 22.84
C VAL J 167 -28.13 4.91 23.51
N TYR J 168 -27.71 3.71 23.90
CA TYR J 168 -26.47 3.62 24.66
C TYR J 168 -25.42 2.65 24.07
N ALA J 169 -24.21 3.17 23.86
CA ALA J 169 -23.09 2.36 23.39
C ALA J 169 -23.30 1.83 21.99
N ARG J 170 -23.95 2.62 21.13
CA ARG J 170 -24.17 2.20 19.75
C ARG J 170 -22.87 1.74 19.07
N ASP J 171 -21.76 2.40 19.37
CA ASP J 171 -20.49 2.07 18.73
C ASP J 171 -20.07 0.64 19.00
N MET J 172 -20.30 0.18 20.22
CA MET J 172 -19.96 -1.18 20.58
C MET J 172 -20.88 -2.08 19.78
N ILE J 173 -22.17 -1.76 19.79
CA ILE J 173 -23.17 -2.56 19.11
C ILE J 173 -22.86 -2.72 17.63
N GLU J 174 -22.43 -1.64 17.01
CA GLU J 174 -22.04 -1.65 15.60
C GLU J 174 -20.79 -2.48 15.37
N ALA J 175 -19.83 -2.37 16.28
CA ALA J 175 -18.60 -3.13 16.20
C ALA J 175 -18.92 -4.62 16.13
N HIS J 176 -19.85 -5.04 16.98
CA HIS J 176 -20.31 -6.42 17.01
C HIS J 176 -20.95 -6.82 15.68
N TYR J 177 -21.89 -6.03 15.19
CA TYR J 177 -22.48 -6.27 13.88
C TYR J 177 -21.39 -6.55 12.86
N ARG J 178 -20.42 -5.64 12.77
CA ARG J 178 -19.31 -5.77 11.84
C ARG J 178 -18.61 -7.10 12.04
N ALA J 179 -18.25 -7.38 13.29
CA ALA J 179 -17.54 -8.61 13.61
C ALA J 179 -18.28 -9.82 13.07
N CYS J 180 -19.58 -9.89 13.36
CA CYS J 180 -20.38 -11.02 12.94
C CYS J 180 -20.37 -11.15 11.44
N LEU J 181 -20.54 -10.03 10.73
CA LEU J 181 -20.48 -10.05 9.27
C LEU J 181 -19.12 -10.56 8.75
N TYR J 182 -18.03 -10.11 9.36
CA TYR J 182 -16.69 -10.48 8.93
C TYR J 182 -16.50 -11.97 9.06
N ALA J 183 -17.02 -12.51 10.16
CA ALA J 183 -16.90 -13.93 10.43
C ALA J 183 -17.81 -14.70 9.51
N GLY J 184 -18.70 -13.98 8.84
CA GLY J 184 -19.63 -14.61 7.90
C GLY J 184 -20.86 -15.24 8.55
N LEU J 185 -21.09 -14.91 9.81
CA LEU J 185 -22.31 -15.33 10.49
C LEU J 185 -23.55 -14.78 9.77
N GLU J 186 -24.66 -15.50 9.93
CA GLU J 186 -25.90 -15.08 9.27
C GLU J 186 -26.63 -14.09 10.14
N ILE J 187 -25.99 -12.94 10.37
CA ILE J 187 -26.58 -11.88 11.18
C ILE J 187 -27.48 -10.99 10.35
N SER J 188 -28.79 -11.11 10.57
CA SER J 188 -29.82 -10.53 9.71
C SER J 188 -30.11 -9.05 9.99
N GLY J 189 -29.84 -8.60 11.21
CA GLY J 189 -30.11 -7.22 11.55
C GLY J 189 -29.90 -6.91 13.03
N ILE J 190 -29.95 -5.64 13.36
CA ILE J 190 -29.75 -5.25 14.73
C ILE J 190 -30.79 -4.14 15.02
N ASN J 191 -31.13 -3.91 16.29
CA ASN J 191 -32.00 -2.80 16.67
C ASN J 191 -31.89 -2.45 18.14
N ALA J 192 -32.12 -1.19 18.47
CA ALA J 192 -32.17 -0.80 19.88
C ALA J 192 -33.52 -1.16 20.49
N GLU J 193 -33.49 -1.74 21.69
CA GLU J 193 -34.72 -2.22 22.32
C GLU J 193 -35.39 -1.18 23.20
N VAL J 194 -36.46 -1.61 23.85
CA VAL J 194 -37.38 -0.70 24.54
C VAL J 194 -36.76 -0.10 25.80
N MET J 195 -36.17 -0.94 26.62
CA MET J 195 -35.45 -0.48 27.79
C MET J 195 -34.14 0.17 27.36
N PRO J 196 -33.80 1.30 27.97
CA PRO J 196 -32.56 2.00 27.61
C PRO J 196 -31.34 1.13 27.86
N SER J 197 -30.36 1.17 26.96
CA SER J 197 -29.17 0.33 27.00
C SER J 197 -29.48 -1.18 26.94
N GLN J 198 -30.57 -1.50 26.26
CA GLN J 198 -30.92 -2.86 25.90
C GLN J 198 -31.02 -2.99 24.38
N TRP J 199 -30.40 -4.01 23.82
CA TRP J 199 -30.34 -4.13 22.37
C TRP J 199 -30.80 -5.52 21.94
N GLU J 200 -30.89 -5.69 20.62
CA GLU J 200 -31.22 -6.96 19.99
C GLU J 200 -30.34 -7.12 18.74
N PHE J 201 -29.93 -8.35 18.46
CA PHE J 201 -29.43 -8.69 17.14
C PHE J 201 -30.10 -9.97 16.70
N GLN J 202 -30.35 -10.10 15.41
CA GLN J 202 -31.02 -11.28 14.88
C GLN J 202 -30.08 -12.09 14.02
N VAL J 203 -30.11 -13.41 14.20
CA VAL J 203 -29.32 -14.32 13.38
C VAL J 203 -30.23 -15.33 12.72
N GLY J 204 -30.20 -15.34 11.40
CA GLY J 204 -31.04 -16.26 10.67
C GLY J 204 -31.21 -15.87 9.23
N PRO J 205 -31.76 -16.77 8.44
CA PRO J 205 -32.16 -18.11 8.90
C PRO J 205 -30.99 -19.10 8.86
N CYS J 206 -30.93 -20.02 9.81
CA CYS J 206 -29.90 -21.04 9.83
C CYS J 206 -30.55 -22.40 9.81
N THR J 207 -29.83 -23.42 9.36
CA THR J 207 -30.40 -24.77 9.33
C THR J 207 -29.90 -25.65 10.46
N GLY J 208 -30.85 -26.22 11.18
CA GLY J 208 -30.55 -27.15 12.25
C GLY J 208 -29.48 -26.73 13.23
N ILE J 209 -28.38 -27.45 13.19
CA ILE J 209 -27.33 -27.23 14.15
C ILE J 209 -26.68 -25.87 13.95
N ASP J 210 -26.72 -25.35 12.74
CA ASP J 210 -26.13 -24.03 12.47
C ASP J 210 -26.63 -22.92 13.38
N MET J 211 -27.94 -22.91 13.62
CA MET J 211 -28.55 -21.89 14.45
C MET J 211 -27.77 -21.84 15.76
N GLY J 212 -27.70 -22.96 16.46
CA GLY J 212 -26.97 -23.01 17.70
C GLY J 212 -25.54 -22.54 17.53
N ASP J 213 -24.82 -23.12 16.57
CA ASP J 213 -23.42 -22.78 16.38
C ASP J 213 -23.23 -21.28 16.21
N GLN J 214 -23.97 -20.70 15.27
CA GLN J 214 -23.83 -19.28 14.94
C GLN J 214 -24.22 -18.35 16.08
N LEU J 215 -25.35 -18.61 16.74
CA LEU J 215 -25.72 -17.77 17.88
C LEU J 215 -24.65 -17.79 18.97
N TRP J 216 -24.13 -18.97 19.26
CA TRP J 216 -23.06 -19.07 20.25
C TRP J 216 -21.84 -18.27 19.84
N MET J 217 -21.48 -18.28 18.57
CA MET J 217 -20.35 -17.48 18.12
C MET J 217 -20.68 -16.01 18.24
N ALA J 218 -21.87 -15.61 17.82
CA ALA J 218 -22.28 -14.22 17.89
C ALA J 218 -22.17 -13.76 19.34
N ARG J 219 -22.59 -14.60 20.27
CA ARG J 219 -22.45 -14.29 21.68
C ARG J 219 -20.99 -14.11 22.08
N TYR J 220 -20.12 -15.02 21.64
CA TYR J 220 -18.70 -14.89 21.94
C TYR J 220 -18.26 -13.52 21.45
N PHE J 221 -18.57 -13.22 20.19
CA PHE J 221 -18.19 -11.94 19.63
C PHE J 221 -18.68 -10.76 20.45
N LEU J 222 -19.93 -10.86 20.92
CA LEU J 222 -20.54 -9.80 21.71
C LEU J 222 -19.76 -9.56 23.01
N HIS J 223 -19.61 -10.61 23.83
CA HIS J 223 -18.84 -10.48 25.05
C HIS J 223 -17.48 -9.91 24.78
N ARG J 224 -16.84 -10.47 23.77
CA ARG J 224 -15.45 -10.20 23.49
C ARG J 224 -15.26 -8.77 23.00
N VAL J 225 -16.13 -8.31 22.11
CA VAL J 225 -15.97 -6.98 21.57
C VAL J 225 -16.29 -5.96 22.64
N ALA J 226 -17.31 -6.23 23.44
CA ALA J 226 -17.68 -5.34 24.52
C ALA J 226 -16.55 -5.16 25.54
N GLU J 227 -15.72 -6.18 25.69
CA GLU J 227 -14.59 -6.09 26.58
C GLU J 227 -13.87 -4.79 26.27
N GLU J 228 -13.73 -4.53 24.98
CA GLU J 228 -12.96 -3.39 24.51
C GLU J 228 -13.59 -2.07 24.91
N PHE J 229 -14.84 -2.13 25.38
CA PHE J 229 -15.54 -0.91 25.80
C PHE J 229 -15.81 -0.93 27.29
N GLY J 230 -15.22 -1.89 27.99
CA GLY J 230 -15.47 -2.07 29.41
C GLY J 230 -16.94 -2.31 29.73
N ILE J 231 -17.65 -2.90 28.78
CA ILE J 231 -19.06 -3.21 28.95
C ILE J 231 -19.29 -4.69 29.20
N LYS J 232 -20.04 -4.99 30.26
CA LYS J 232 -20.48 -6.34 30.57
C LYS J 232 -21.80 -6.60 29.85
N ILE J 233 -21.97 -7.80 29.31
CA ILE J 233 -23.21 -8.18 28.62
C ILE J 233 -24.09 -9.12 29.45
N SER J 234 -25.37 -8.77 29.57
CA SER J 234 -26.29 -9.54 30.42
C SER J 234 -27.41 -10.19 29.64
N PHE J 235 -27.43 -11.51 29.68
CA PHE J 235 -28.48 -12.24 29.01
C PHE J 235 -29.63 -12.57 29.97
N HIS J 236 -29.62 -11.93 31.13
CA HIS J 236 -30.69 -12.14 32.10
C HIS J 236 -32.03 -11.71 31.53
N PRO J 237 -33.09 -12.47 31.81
CA PRO J 237 -34.42 -12.25 31.24
C PRO J 237 -35.11 -11.03 31.81
N LYS J 238 -34.69 -10.60 32.99
CA LYS J 238 -35.29 -9.42 33.61
C LYS J 238 -34.23 -8.64 34.40
N PRO J 239 -33.40 -7.88 33.69
CA PRO J 239 -32.20 -7.29 34.29
C PRO J 239 -32.61 -6.28 35.35
N LEU J 240 -33.72 -5.60 35.09
CA LEU J 240 -34.24 -4.64 36.05
C LEU J 240 -35.67 -4.95 36.41
N LYS J 241 -35.94 -5.06 37.71
CA LYS J 241 -37.27 -5.39 38.17
C LYS J 241 -38.15 -4.21 37.87
N GLY J 242 -39.42 -4.46 37.64
CA GLY J 242 -40.35 -3.36 37.45
C GLY J 242 -41.00 -3.40 36.09
N ASP J 243 -41.20 -2.23 35.49
CA ASP J 243 -41.84 -2.15 34.19
C ASP J 243 -40.82 -2.10 33.04
N TRP J 244 -39.55 -1.99 33.40
CA TRP J 244 -38.47 -2.07 32.41
C TRP J 244 -38.52 -3.41 31.69
N ASN J 245 -38.49 -3.36 30.36
CA ASN J 245 -38.63 -4.56 29.55
C ASN J 245 -37.70 -5.71 29.95
N GLY J 246 -38.21 -6.93 29.76
CA GLY J 246 -37.41 -8.12 29.97
C GLY J 246 -36.56 -8.36 28.74
N ALA J 247 -35.83 -9.47 28.71
CA ALA J 247 -35.01 -9.80 27.56
C ALA J 247 -35.32 -11.21 27.06
N GLY J 248 -35.80 -11.27 25.83
CA GLY J 248 -36.12 -12.55 25.23
C GLY J 248 -35.19 -12.97 24.09
N CYS J 249 -35.41 -14.18 23.61
CA CYS J 249 -34.71 -14.67 22.43
C CYS J 249 -35.71 -15.35 21.55
N HIS J 250 -36.64 -14.56 21.04
CA HIS J 250 -37.68 -15.07 20.18
C HIS J 250 -37.10 -16.02 19.15
N ALA J 251 -37.54 -17.29 19.21
CA ALA J 251 -37.16 -18.29 18.20
C ALA J 251 -38.21 -18.31 17.06
N ASN J 252 -37.77 -17.97 15.85
CA ASN J 252 -38.62 -18.07 14.66
C ASN J 252 -38.39 -19.43 13.98
N VAL J 253 -39.48 -20.09 13.61
CA VAL J 253 -39.37 -21.46 13.10
C VAL J 253 -40.11 -21.71 11.78
N SER J 254 -39.54 -22.57 10.93
CA SER J 254 -40.20 -23.01 9.71
C SER J 254 -39.58 -24.30 9.14
N THR J 255 -40.43 -25.13 8.56
CA THR J 255 -40.01 -26.32 7.82
C THR J 255 -40.27 -26.10 6.34
N LYS J 256 -39.68 -26.94 5.49
CA LYS J 256 -39.85 -26.76 4.05
C LYS J 256 -41.32 -26.62 3.65
N GLU J 257 -42.19 -27.42 4.26
CA GLU J 257 -43.61 -27.39 3.96
C GLU J 257 -44.21 -26.04 4.26
N MET J 258 -43.88 -25.50 5.42
CA MET J 258 -44.45 -24.22 5.85
C MET J 258 -44.04 -23.10 4.91
N ARG J 259 -42.89 -23.26 4.26
CA ARG J 259 -42.33 -22.20 3.42
C ARG J 259 -42.91 -22.18 2.01
N GLN J 260 -43.51 -23.31 1.62
CA GLN J 260 -44.18 -23.44 0.32
C GLN J 260 -45.66 -23.20 0.47
N PRO J 261 -46.28 -22.61 -0.56
CA PRO J 261 -47.68 -22.18 -0.54
C PRO J 261 -48.56 -23.23 0.12
N GLY J 262 -49.60 -22.76 0.82
CA GLY J 262 -50.47 -23.63 1.59
C GLY J 262 -49.81 -24.03 2.89
N GLY J 263 -48.85 -23.22 3.33
CA GLY J 263 -48.08 -23.52 4.52
C GLY J 263 -48.84 -23.37 5.83
N THR J 264 -49.63 -22.30 6.00
CA THR J 264 -50.18 -22.01 7.34
C THR J 264 -50.96 -23.23 7.81
N LYS J 265 -51.15 -24.18 6.89
CA LYS J 265 -51.69 -25.48 7.26
C LYS J 265 -50.75 -26.15 8.26
N TYR J 266 -49.53 -26.42 7.80
CA TYR J 266 -48.53 -27.08 8.62
C TYR J 266 -48.05 -26.18 9.76
N ILE J 267 -48.09 -24.87 9.53
CA ILE J 267 -47.77 -23.91 10.58
C ILE J 267 -48.78 -24.11 11.71
N GLU J 268 -50.05 -24.16 11.37
CA GLU J 268 -51.09 -24.34 12.37
C GLU J 268 -50.96 -25.70 13.06
N GLN J 269 -50.57 -26.71 12.29
CA GLN J 269 -50.35 -28.03 12.85
C GLN J 269 -49.24 -28.01 13.90
N ALA J 270 -48.11 -27.39 13.54
CA ALA J 270 -46.97 -27.25 14.44
C ALA J 270 -47.41 -26.54 15.71
N ILE J 271 -48.12 -25.43 15.54
CA ILE J 271 -48.55 -24.61 16.68
C ILE J 271 -49.36 -25.47 17.64
N GLU J 272 -50.14 -26.39 17.10
CA GLU J 272 -50.95 -27.24 17.95
C GLU J 272 -50.13 -28.29 18.70
N LYS J 273 -49.21 -28.95 18.02
CA LYS J 273 -48.31 -29.87 18.72
C LYS J 273 -47.61 -29.10 19.85
N LEU J 274 -47.16 -27.88 19.55
CA LEU J 274 -46.44 -27.03 20.49
C LEU J 274 -47.29 -26.76 21.72
N SER J 275 -48.59 -26.60 21.51
CA SER J 275 -49.52 -26.28 22.60
C SER J 275 -49.62 -27.43 23.58
N LYS J 276 -49.38 -28.64 23.12
CA LYS J 276 -49.45 -29.80 23.99
C LYS J 276 -48.18 -29.96 24.82
N ARG J 277 -47.09 -29.36 24.35
CA ARG J 277 -45.82 -29.50 25.06
C ARG J 277 -45.30 -28.16 25.62
N HIS J 278 -46.21 -27.28 26.01
CA HIS J 278 -45.84 -25.99 26.54
C HIS J 278 -44.95 -26.12 27.78
N ALA J 279 -45.31 -27.03 28.67
CA ALA J 279 -44.55 -27.14 29.90
C ALA J 279 -43.14 -27.64 29.64
N GLU J 280 -43.02 -28.64 28.76
CA GLU J 280 -41.74 -29.28 28.50
C GLU J 280 -40.78 -28.28 27.86
N HIS J 281 -41.33 -27.42 27.01
CA HIS J 281 -40.56 -26.36 26.36
C HIS J 281 -40.14 -25.30 27.38
N ILE J 282 -41.10 -24.71 28.07
CA ILE J 282 -40.81 -23.75 29.12
C ILE J 282 -39.66 -24.22 30.01
N LYS J 283 -39.66 -25.52 30.35
CA LYS J 283 -38.60 -26.08 31.21
C LYS J 283 -37.20 -25.87 30.63
N LEU J 284 -37.07 -25.94 29.30
CA LEU J 284 -35.84 -25.47 28.66
C LEU J 284 -35.92 -23.93 28.64
N TYR J 285 -36.05 -23.31 27.48
CA TYR J 285 -36.48 -21.90 27.39
C TYR J 285 -36.01 -20.82 28.41
N GLY J 286 -35.13 -21.15 29.35
CA GLY J 286 -34.50 -20.11 30.16
C GLY J 286 -34.90 -19.99 31.63
N SER J 287 -33.87 -19.82 32.47
CA SER J 287 -34.05 -19.65 33.91
C SER J 287 -34.49 -18.25 34.33
N ASP J 288 -35.12 -18.17 35.51
CA ASP J 288 -35.97 -17.03 35.90
C ASP J 288 -36.64 -16.33 34.71
N ASN J 289 -37.11 -17.11 33.75
CA ASN J 289 -37.98 -16.59 32.72
C ASN J 289 -39.30 -16.21 33.40
N ASP J 290 -39.50 -16.76 34.60
CA ASP J 290 -40.68 -16.45 35.38
C ASP J 290 -40.80 -14.95 35.69
N MET J 291 -39.68 -14.23 35.68
CA MET J 291 -39.78 -12.79 35.89
C MET J 291 -39.99 -12.02 34.61
N ARG J 292 -40.44 -12.72 33.57
CA ARG J 292 -40.70 -12.12 32.25
C ARG J 292 -42.06 -12.52 31.61
N SER J 301 -47.40 -15.07 29.38
CA SER J 301 -47.58 -15.88 30.61
C SER J 301 -46.88 -17.26 30.66
N MET J 302 -46.32 -17.59 31.83
CA MET J 302 -45.48 -18.78 32.02
C MET J 302 -46.22 -20.11 32.03
N THR J 303 -47.48 -20.05 32.43
CA THR J 303 -48.31 -21.25 32.58
C THR J 303 -49.34 -21.35 31.48
N ALA J 304 -49.72 -20.20 30.91
CA ALA J 304 -50.67 -20.16 29.80
C ALA J 304 -49.98 -20.30 28.43
N PHE J 305 -50.63 -21.05 27.54
CA PHE J 305 -50.17 -21.12 26.16
C PHE J 305 -51.25 -20.53 25.30
N SER J 306 -50.90 -19.59 24.43
CA SER J 306 -51.85 -19.08 23.46
C SER J 306 -51.13 -18.78 22.15
N SER J 307 -51.92 -18.64 21.08
CA SER J 307 -51.38 -18.30 19.79
C SER J 307 -52.39 -17.49 19.00
N GLY J 308 -51.90 -16.72 18.04
CA GLY J 308 -52.75 -15.90 17.19
C GLY J 308 -51.93 -15.09 16.20
N VAL J 309 -52.57 -14.66 15.13
CA VAL J 309 -51.93 -13.79 14.17
C VAL J 309 -51.68 -12.39 14.76
N ALA J 310 -50.60 -11.75 14.30
CA ALA J 310 -50.21 -10.43 14.77
C ALA J 310 -50.58 -10.27 16.23
N ASN J 311 -49.82 -10.95 17.09
CA ASN J 311 -50.14 -10.98 18.50
C ASN J 311 -48.88 -11.06 19.34
N ARG J 312 -48.34 -9.90 19.72
CA ARG J 312 -47.15 -9.84 20.56
C ARG J 312 -47.48 -10.20 22.02
N GLY J 313 -48.71 -10.64 22.25
CA GLY J 313 -49.15 -11.05 23.57
C GLY J 313 -49.21 -12.56 23.73
N SER J 314 -49.27 -13.27 22.61
CA SER J 314 -49.39 -14.71 22.66
C SER J 314 -48.05 -15.41 22.86
N SER J 315 -48.12 -16.72 23.06
CA SER J 315 -46.94 -17.55 23.21
C SER J 315 -46.30 -17.78 21.85
N ILE J 316 -47.14 -18.04 20.85
CA ILE J 316 -46.68 -18.17 19.47
C ILE J 316 -47.43 -17.16 18.62
N ARG J 317 -46.71 -16.46 17.75
CA ARG J 317 -47.31 -15.39 16.97
C ARG J 317 -47.10 -15.66 15.51
N ILE J 318 -48.18 -15.63 14.74
CA ILE J 318 -48.07 -15.74 13.30
C ILE J 318 -48.06 -14.34 12.75
N PRO J 319 -46.94 -13.94 12.13
CA PRO J 319 -46.80 -12.62 11.52
C PRO J 319 -47.96 -12.34 10.56
N ARG J 320 -48.58 -11.17 10.68
CA ARG J 320 -49.66 -10.81 9.78
C ARG J 320 -49.23 -11.07 8.33
N SER J 321 -48.01 -10.67 8.02
CA SER J 321 -47.43 -10.92 6.72
C SER J 321 -47.61 -12.40 6.32
N VAL J 322 -47.16 -13.31 7.18
CA VAL J 322 -47.27 -14.75 6.92
C VAL J 322 -48.71 -15.16 6.69
N ALA J 323 -49.57 -14.76 7.62
CA ALA J 323 -51.00 -15.05 7.51
C ALA J 323 -51.55 -14.62 6.15
N LYS J 324 -51.37 -13.35 5.81
CA LYS J 324 -51.91 -12.83 4.56
C LYS J 324 -51.41 -13.60 3.33
N GLU J 325 -50.20 -14.15 3.41
CA GLU J 325 -49.60 -14.82 2.25
C GLU J 325 -49.78 -16.34 2.21
N GLY J 326 -50.21 -16.92 3.33
CA GLY J 326 -50.56 -18.33 3.38
C GLY J 326 -49.41 -19.29 3.61
N TYR J 327 -48.21 -18.75 3.78
CA TYR J 327 -47.03 -19.57 4.06
C TYR J 327 -45.95 -18.69 4.71
N GLY J 328 -45.00 -19.34 5.35
CA GLY J 328 -43.92 -18.62 6.01
C GLY J 328 -43.40 -19.34 7.24
N TYR J 329 -43.44 -18.66 8.38
CA TYR J 329 -42.88 -19.18 9.61
C TYR J 329 -43.75 -18.73 10.77
N PHE J 330 -43.47 -19.22 11.97
CA PHE J 330 -44.12 -18.67 13.15
C PHE J 330 -43.06 -18.19 14.13
N GLU J 331 -43.48 -17.33 15.07
CA GLU J 331 -42.59 -16.76 16.09
C GLU J 331 -42.91 -17.31 17.48
N ASP J 332 -42.00 -18.09 18.03
CA ASP J 332 -42.18 -18.50 19.42
C ASP J 332 -41.59 -17.41 20.31
N ARG J 333 -42.46 -16.70 21.02
CA ARG J 333 -42.01 -15.57 21.83
C ARG J 333 -41.67 -15.98 23.27
N ARG J 334 -41.69 -17.27 23.54
CA ARG J 334 -41.50 -17.76 24.90
C ARG J 334 -40.06 -17.81 25.40
N PRO J 335 -39.11 -18.19 24.53
CA PRO J 335 -37.74 -18.38 25.04
C PRO J 335 -37.13 -17.09 25.60
N ALA J 336 -36.44 -17.20 26.75
CA ALA J 336 -35.75 -16.06 27.35
C ALA J 336 -34.38 -15.79 26.72
N SER J 337 -33.88 -14.60 26.97
CA SER J 337 -32.60 -14.18 26.43
C SER J 337 -31.47 -15.15 26.76
N ASN J 338 -31.56 -15.82 27.91
CA ASN J 338 -30.46 -16.68 28.38
C ASN J 338 -30.56 -18.14 27.94
N ILE J 339 -31.43 -18.43 26.99
CA ILE J 339 -31.59 -19.77 26.50
C ILE J 339 -30.33 -20.35 25.81
N ASP J 340 -30.17 -21.68 25.88
CA ASP J 340 -29.18 -22.37 25.06
C ASP J 340 -29.86 -22.77 23.77
N PRO J 341 -29.46 -22.13 22.66
CA PRO J 341 -30.04 -22.35 21.32
C PRO J 341 -30.09 -23.84 20.94
N TYR J 342 -29.10 -24.61 21.33
CA TYR J 342 -29.12 -26.05 21.09
C TYR J 342 -30.35 -26.68 21.72
N LEU J 343 -30.66 -26.30 22.96
CA LEU J 343 -31.84 -26.82 23.65
C LEU J 343 -33.15 -26.34 23.03
N VAL J 344 -33.25 -25.05 22.76
CA VAL J 344 -34.44 -24.54 22.11
C VAL J 344 -34.67 -25.11 20.71
N THR J 345 -33.70 -24.98 19.83
CA THR J 345 -33.88 -25.45 18.46
C THR J 345 -34.05 -26.96 18.49
N GLY J 346 -33.34 -27.60 19.40
CA GLY J 346 -33.42 -29.05 19.58
C GLY J 346 -34.84 -29.49 19.90
N ILE J 347 -35.37 -29.06 21.04
CA ILE J 347 -36.70 -29.48 21.42
C ILE J 347 -37.77 -28.96 20.45
N MET J 348 -37.48 -27.86 19.76
CA MET J 348 -38.43 -27.33 18.81
C MET J 348 -38.62 -28.38 17.72
N CYS J 349 -37.50 -28.85 17.19
CA CYS J 349 -37.52 -29.87 16.16
C CYS J 349 -38.21 -31.14 16.69
N GLU J 350 -37.77 -31.60 17.86
CA GLU J 350 -38.33 -32.76 18.51
C GLU J 350 -39.86 -32.73 18.50
N THR J 351 -40.47 -31.62 18.87
CA THR J 351 -41.92 -31.62 18.99
C THR J 351 -42.64 -31.20 17.72
N VAL J 352 -41.95 -30.48 16.85
CA VAL J 352 -42.59 -30.03 15.62
C VAL J 352 -42.43 -31.07 14.55
N CYS J 353 -41.26 -31.70 14.50
CA CYS J 353 -40.97 -32.65 13.45
C CYS J 353 -41.17 -34.11 13.91
N GLY J 354 -40.98 -34.35 15.20
CA GLY J 354 -41.22 -35.66 15.75
C GLY J 354 -40.10 -36.19 16.62
N ALA J 355 -40.48 -36.81 17.72
CA ALA J 355 -39.53 -37.42 18.65
C ALA J 355 -38.68 -38.52 18.01
N ILE J 356 -37.66 -38.95 18.75
CA ILE J 356 -36.81 -40.05 18.34
C ILE J 356 -36.51 -40.90 19.55
N ASP J 357 -36.48 -42.21 19.36
CA ASP J 357 -36.15 -43.12 20.44
C ASP J 357 -34.65 -43.00 20.70
N ASN J 358 -33.98 -42.44 19.70
CA ASN J 358 -32.55 -42.25 19.70
C ASN J 358 -32.13 -41.05 20.60
N ALA J 359 -33.08 -40.14 20.88
CA ALA J 359 -32.79 -38.94 21.67
C ALA J 359 -34.01 -38.31 22.34
N ASP J 360 -33.80 -37.77 23.54
CA ASP J 360 -34.84 -37.08 24.31
C ASP J 360 -34.35 -35.72 24.77
N MET J 361 -34.84 -34.65 24.13
CA MET J 361 -34.36 -33.28 24.40
C MET J 361 -34.56 -32.89 25.84
N THR J 362 -35.77 -33.11 26.32
CA THR J 362 -36.10 -32.73 27.68
C THR J 362 -35.24 -33.51 28.68
N LYS J 363 -34.92 -34.77 28.39
CA LYS J 363 -34.02 -35.51 29.29
C LYS J 363 -32.62 -34.89 29.28
N GLU J 364 -32.17 -34.47 28.11
CA GLU J 364 -30.91 -33.77 28.00
C GLU J 364 -30.96 -32.58 28.96
N PHE J 365 -30.65 -32.91 30.21
CA PHE J 365 -30.71 -32.01 31.34
C PHE J 365 -30.04 -32.82 32.42
N GLU J 366 -28.72 -32.86 32.26
CA GLU J 366 -27.82 -33.74 32.97
C GLU J 366 -26.79 -32.92 33.77
N ARG K 21 -10.08 11.43 -12.01
CA ARG K 21 -9.83 12.64 -11.23
C ARG K 21 -11.07 13.13 -10.48
N GLY K 22 -11.73 12.25 -9.75
CA GLY K 22 -12.99 12.62 -9.16
C GLY K 22 -14.16 12.26 -10.05
N ARG K 23 -13.88 12.10 -11.33
CA ARG K 23 -14.95 11.77 -12.27
C ARG K 23 -15.12 10.27 -12.51
N ILE K 24 -16.21 9.90 -13.18
CA ILE K 24 -16.58 8.50 -13.37
C ILE K 24 -16.78 8.25 -14.84
N ILE K 25 -16.41 7.06 -15.33
CA ILE K 25 -16.75 6.74 -16.71
C ILE K 25 -17.86 5.67 -16.81
N ALA K 26 -18.89 5.97 -17.58
CA ALA K 26 -19.98 5.04 -17.78
C ALA K 26 -19.97 4.62 -19.23
N GLU K 27 -19.79 3.33 -19.47
CA GLU K 27 -19.87 2.81 -20.81
C GLU K 27 -21.29 2.37 -21.04
N TYR K 28 -21.94 2.98 -22.03
CA TYR K 28 -23.28 2.58 -22.41
C TYR K 28 -23.20 1.47 -23.44
N VAL K 29 -23.88 0.38 -23.16
CA VAL K 29 -23.87 -0.78 -24.03
C VAL K 29 -25.29 -1.04 -24.51
N TRP K 30 -25.46 -1.22 -25.80
CA TRP K 30 -26.78 -1.58 -26.30
C TRP K 30 -26.73 -2.58 -27.42
N ILE K 31 -27.90 -3.02 -27.87
CA ILE K 31 -28.06 -4.06 -28.90
C ILE K 31 -28.45 -3.45 -30.25
N ASP K 32 -27.82 -3.90 -31.32
CA ASP K 32 -27.99 -3.24 -32.62
C ASP K 32 -28.89 -3.98 -33.58
N GLY K 33 -28.91 -3.48 -34.81
CA GLY K 33 -29.74 -4.02 -35.87
C GLY K 33 -29.06 -5.15 -36.61
N THR K 34 -27.89 -5.55 -36.10
CA THR K 34 -27.28 -6.81 -36.47
C THR K 34 -27.40 -7.61 -35.18
N GLY K 35 -26.59 -8.64 -34.99
CA GLY K 35 -26.69 -9.38 -33.75
C GLY K 35 -25.69 -9.02 -32.66
N ASN K 36 -25.27 -7.76 -32.64
CA ASN K 36 -24.11 -7.42 -31.82
C ASN K 36 -24.39 -6.39 -30.74
N LEU K 37 -23.44 -6.25 -29.84
CA LEU K 37 -23.47 -5.13 -28.92
C LEU K 37 -22.77 -3.93 -29.56
N ARG K 38 -23.13 -2.73 -29.11
CA ARG K 38 -22.39 -1.52 -29.42
C ARG K 38 -22.17 -0.77 -28.12
N SER K 39 -21.16 0.08 -28.08
CA SER K 39 -20.96 0.92 -26.90
C SER K 39 -20.21 2.21 -27.17
N LYS K 40 -20.45 3.16 -26.30
CA LYS K 40 -19.59 4.33 -26.19
C LYS K 40 -19.57 4.73 -24.71
N GLY K 41 -18.60 5.54 -24.33
CA GLY K 41 -18.44 5.98 -22.95
C GLY K 41 -18.62 7.48 -22.78
N ARG K 42 -19.10 7.85 -21.59
CA ARG K 42 -19.23 9.25 -21.23
C ARG K 42 -18.76 9.45 -19.79
N THR K 43 -18.19 10.62 -19.54
CA THR K 43 -17.81 11.00 -18.20
C THR K 43 -19.05 11.47 -17.43
N LEU K 44 -19.09 11.15 -16.13
CA LEU K 44 -20.14 11.61 -15.24
C LEU K 44 -19.45 12.30 -14.08
N LYS K 45 -20.13 13.28 -13.49
CA LYS K 45 -19.49 14.12 -12.46
C LYS K 45 -19.20 13.36 -11.16
N LYS K 46 -20.02 12.36 -10.85
CA LYS K 46 -20.00 11.73 -9.53
C LYS K 46 -20.29 10.23 -9.61
N ARG K 47 -19.80 9.49 -8.62
CA ARG K 47 -20.14 8.06 -8.49
C ARG K 47 -21.66 7.81 -8.53
N ILE K 48 -22.06 6.74 -9.21
CA ILE K 48 -23.48 6.38 -9.32
C ILE K 48 -23.95 5.40 -8.22
N THR K 49 -25.13 5.67 -7.65
CA THR K 49 -25.67 4.84 -6.59
C THR K 49 -27.08 4.31 -6.85
N SER K 50 -27.70 4.74 -7.96
CA SER K 50 -28.95 4.14 -8.42
C SER K 50 -29.23 4.44 -9.89
N ILE K 51 -29.92 3.53 -10.56
CA ILE K 51 -30.21 3.64 -12.00
C ILE K 51 -30.76 5.00 -12.34
N ASP K 52 -31.50 5.58 -11.38
CA ASP K 52 -32.18 6.88 -11.55
C ASP K 52 -31.23 8.02 -11.88
N GLN K 53 -29.99 7.92 -11.40
CA GLN K 53 -29.01 8.96 -11.65
C GLN K 53 -28.47 8.92 -13.08
N LEU K 54 -28.65 7.79 -13.76
CA LEU K 54 -28.11 7.62 -15.11
C LEU K 54 -29.02 8.30 -16.14
N PRO K 55 -28.44 9.21 -16.93
CA PRO K 55 -29.07 10.00 -17.98
C PRO K 55 -29.48 9.17 -19.19
N GLU K 56 -30.53 9.59 -19.89
CA GLU K 56 -30.80 9.05 -21.21
C GLU K 56 -29.64 9.41 -22.12
N TRP K 57 -29.59 8.82 -23.29
CA TRP K 57 -28.52 9.14 -24.22
C TRP K 57 -28.99 8.69 -25.58
N ASN K 58 -28.11 8.79 -26.58
CA ASN K 58 -28.53 8.48 -27.93
C ASN K 58 -27.35 8.23 -28.83
N PHE K 59 -27.65 7.80 -30.05
CA PHE K 59 -26.65 7.49 -31.05
C PHE K 59 -27.27 7.52 -32.42
N ASP K 60 -26.43 7.35 -33.44
CA ASP K 60 -26.87 7.40 -34.82
C ASP K 60 -27.36 6.02 -35.23
N GLY K 61 -28.67 5.81 -35.15
CA GLY K 61 -29.22 4.50 -35.47
C GLY K 61 -28.92 4.01 -36.88
N SER K 62 -28.55 4.95 -37.75
CA SER K 62 -28.28 4.61 -39.15
C SER K 62 -26.92 3.93 -39.32
N SER K 63 -26.04 4.15 -38.35
CA SER K 63 -24.72 3.57 -38.36
C SER K 63 -24.74 2.17 -37.73
N THR K 64 -25.92 1.79 -37.20
CA THR K 64 -26.06 0.49 -36.55
C THR K 64 -27.24 -0.31 -37.08
N ASN K 65 -27.81 0.11 -38.20
CA ASN K 65 -28.93 -0.62 -38.80
C ASN K 65 -30.18 -0.66 -37.91
N GLN K 66 -30.59 0.50 -37.41
CA GLN K 66 -31.76 0.58 -36.54
C GLN K 66 -32.64 1.74 -36.98
N ALA K 67 -32.09 2.59 -37.85
CA ALA K 67 -32.78 3.77 -38.34
C ALA K 67 -32.38 4.04 -39.78
N PRO K 68 -33.12 4.92 -40.47
CA PRO K 68 -33.02 5.05 -41.93
C PRO K 68 -32.08 6.15 -42.43
N GLY K 69 -31.72 7.10 -41.57
CA GLY K 69 -30.91 8.22 -42.02
C GLY K 69 -31.78 9.47 -42.05
N HIS K 70 -32.79 9.47 -41.20
CA HIS K 70 -33.69 10.61 -40.98
C HIS K 70 -34.65 10.24 -39.86
N ASP K 73 -31.50 7.99 -36.02
CA ASP K 73 -31.41 8.73 -34.76
C ASP K 73 -32.16 8.16 -33.50
N ILE K 74 -31.52 7.24 -32.76
CA ILE K 74 -32.17 6.52 -31.65
C ILE K 74 -31.70 6.88 -30.22
N TYR K 75 -32.58 6.67 -29.23
CA TYR K 75 -32.33 7.02 -27.83
C TYR K 75 -32.03 5.83 -26.92
N LEU K 76 -31.25 6.07 -25.87
CA LEU K 76 -30.79 5.02 -24.96
C LEU K 76 -31.35 5.20 -23.55
N LYS K 77 -32.17 4.25 -23.11
CA LYS K 77 -32.72 4.25 -21.76
C LYS K 77 -32.00 3.26 -20.85
N PRO K 78 -31.22 3.77 -19.89
CA PRO K 78 -30.53 2.93 -18.92
C PRO K 78 -31.49 1.91 -18.32
N VAL K 79 -31.05 0.67 -18.23
CA VAL K 79 -31.92 -0.40 -17.78
C VAL K 79 -31.27 -1.15 -16.62
N ALA K 80 -29.95 -1.34 -16.71
CA ALA K 80 -29.17 -1.97 -15.65
C ALA K 80 -27.77 -1.39 -15.67
N TYR K 81 -27.08 -1.46 -14.55
CA TYR K 81 -25.68 -1.04 -14.55
C TYR K 81 -24.84 -1.87 -13.59
N TYR K 82 -23.57 -2.00 -13.89
CA TYR K 82 -22.67 -2.83 -13.12
C TYR K 82 -21.31 -2.16 -13.07
N PRO K 83 -20.44 -2.63 -12.16
CA PRO K 83 -19.07 -2.16 -12.14
C PRO K 83 -18.37 -2.62 -13.41
N ASP K 84 -17.56 -1.75 -14.00
CA ASP K 84 -16.85 -2.06 -15.23
C ASP K 84 -15.63 -2.92 -14.93
N PRO K 85 -15.65 -4.19 -15.37
CA PRO K 85 -14.55 -5.11 -15.04
C PRO K 85 -13.28 -4.67 -15.75
N PHE K 86 -13.42 -3.84 -16.78
CA PHE K 86 -12.26 -3.43 -17.54
C PHE K 86 -11.71 -2.13 -17.00
N ARG K 87 -12.55 -1.09 -16.91
CA ARG K 87 -12.08 0.20 -16.40
C ARG K 87 -11.87 0.18 -14.89
N ARG K 88 -12.51 -0.78 -14.24
CA ARG K 88 -12.46 -0.91 -12.79
C ARG K 88 -12.66 0.40 -12.05
N GLY K 89 -12.26 0.45 -10.78
CA GLY K 89 -12.53 1.61 -9.97
C GLY K 89 -14.01 1.86 -9.83
N ASP K 90 -14.40 3.13 -9.77
CA ASP K 90 -15.82 3.46 -9.60
C ASP K 90 -16.46 3.62 -10.95
N ASN K 91 -15.76 3.19 -11.98
CA ASN K 91 -16.29 3.19 -13.33
C ASN K 91 -17.30 2.09 -13.55
N ILE K 92 -18.23 2.31 -14.45
CA ILE K 92 -19.43 1.48 -14.54
C ILE K 92 -19.85 1.18 -15.99
N VAL K 93 -20.52 0.06 -16.17
CA VAL K 93 -21.07 -0.32 -17.47
C VAL K 93 -22.58 -0.21 -17.39
N VAL K 94 -23.19 0.46 -18.36
CA VAL K 94 -24.63 0.65 -18.36
C VAL K 94 -25.32 -0.04 -19.53
N LEU K 95 -26.17 -1.01 -19.23
CA LEU K 95 -26.98 -1.65 -20.28
C LEU K 95 -28.19 -0.76 -20.60
N ALA K 96 -28.25 -0.29 -21.84
CA ALA K 96 -29.31 0.60 -22.29
C ALA K 96 -30.19 -0.02 -23.36
N ALA K 97 -31.49 0.26 -23.24
CA ALA K 97 -32.49 -0.18 -24.21
C ALA K 97 -32.74 0.90 -25.27
N CYS K 98 -33.06 0.47 -26.50
CA CYS K 98 -33.19 1.40 -27.61
C CYS K 98 -34.64 1.78 -27.87
N TYR K 99 -34.93 3.09 -27.76
CA TYR K 99 -36.27 3.62 -28.06
C TYR K 99 -36.15 4.64 -29.20
N ASN K 100 -37.06 4.55 -30.18
CA ASN K 100 -37.13 5.54 -31.24
C ASN K 100 -37.61 6.87 -30.69
N ASN K 101 -37.55 7.93 -31.50
CA ASN K 101 -38.02 9.23 -31.06
C ASN K 101 -39.53 9.28 -30.80
N ASP K 102 -40.26 8.25 -31.22
CA ASP K 102 -41.70 8.14 -30.91
C ASP K 102 -41.85 7.97 -29.42
N GLY K 103 -40.90 7.28 -28.82
CA GLY K 103 -41.05 6.83 -27.45
C GLY K 103 -41.26 5.33 -27.56
N THR K 104 -41.50 4.87 -28.80
CA THR K 104 -41.65 3.45 -29.08
C THR K 104 -40.32 2.70 -29.06
N PRO K 105 -40.37 1.44 -28.62
CA PRO K 105 -39.19 0.56 -28.65
C PRO K 105 -38.75 0.21 -30.07
N ASN K 106 -37.50 0.50 -30.36
CA ASN K 106 -36.89 0.20 -31.65
C ASN K 106 -37.23 -1.19 -32.20
N LYS K 107 -37.13 -1.34 -33.53
CA LYS K 107 -37.31 -2.62 -34.18
C LYS K 107 -36.67 -3.70 -33.32
N PHE K 108 -35.45 -3.44 -32.83
CA PHE K 108 -34.66 -4.51 -32.22
C PHE K 108 -34.68 -4.47 -30.71
N ASN K 109 -35.57 -3.66 -30.17
CA ASN K 109 -35.78 -3.69 -28.74
C ASN K 109 -36.92 -4.67 -28.42
N HIS K 110 -36.54 -5.83 -27.89
CA HIS K 110 -37.51 -6.84 -27.50
C HIS K 110 -37.54 -6.96 -26.00
N ARG K 111 -36.78 -6.10 -25.33
CA ARG K 111 -36.78 -6.11 -23.88
C ARG K 111 -38.13 -5.64 -23.36
N HIS K 112 -38.65 -4.59 -23.98
CA HIS K 112 -39.91 -4.02 -23.53
C HIS K 112 -41.04 -5.03 -23.65
N GLU K 113 -41.18 -5.66 -24.81
CA GLU K 113 -42.26 -6.61 -25.00
C GLU K 113 -42.20 -7.66 -23.92
N ALA K 114 -41.03 -8.26 -23.74
CA ALA K 114 -40.86 -9.33 -22.76
C ALA K 114 -41.24 -8.85 -21.37
N ALA K 115 -40.78 -7.66 -21.02
CA ALA K 115 -41.04 -7.08 -19.71
C ALA K 115 -42.51 -7.19 -19.37
N LYS K 116 -43.35 -6.82 -20.33
CA LYS K 116 -44.80 -6.89 -20.15
C LYS K 116 -45.20 -8.25 -19.58
N LEU K 117 -44.79 -9.31 -20.25
CA LEU K 117 -45.12 -10.65 -19.83
C LEU K 117 -44.61 -10.96 -18.43
N PHE K 118 -43.37 -10.57 -18.15
CA PHE K 118 -42.78 -10.85 -16.83
C PHE K 118 -43.53 -10.08 -15.76
N ALA K 119 -43.94 -8.87 -16.09
CA ALA K 119 -44.67 -8.05 -15.14
C ALA K 119 -46.04 -8.66 -14.86
N ALA K 120 -46.70 -9.12 -15.92
CA ALA K 120 -48.00 -9.78 -15.79
C ALA K 120 -47.89 -10.97 -14.87
N HIS K 121 -46.91 -11.83 -15.13
CA HIS K 121 -46.83 -13.05 -14.36
C HIS K 121 -45.86 -12.97 -13.19
N LYS K 122 -45.72 -11.75 -12.67
CA LYS K 122 -44.89 -11.51 -11.47
C LYS K 122 -45.06 -12.66 -10.49
N ASP K 123 -46.32 -13.03 -10.26
CA ASP K 123 -46.67 -13.99 -9.23
C ASP K 123 -46.02 -15.36 -9.43
N GLU K 124 -45.83 -15.78 -10.68
CA GLU K 124 -45.25 -17.10 -10.92
C GLU K 124 -43.76 -17.15 -10.61
N GLU K 125 -43.09 -16.00 -10.66
CA GLU K 125 -41.66 -15.94 -10.42
C GLU K 125 -40.90 -16.90 -11.34
N ILE K 126 -40.94 -16.67 -12.66
CA ILE K 126 -40.17 -17.54 -13.55
C ILE K 126 -38.70 -17.31 -13.28
N TRP K 127 -37.96 -18.42 -13.28
CA TRP K 127 -36.52 -18.37 -13.18
C TRP K 127 -35.93 -18.98 -14.45
N PHE K 128 -34.84 -18.38 -14.93
CA PHE K 128 -34.15 -18.90 -16.08
C PHE K 128 -32.69 -19.17 -15.73
N GLY K 129 -32.11 -20.12 -16.43
CA GLY K 129 -30.67 -20.30 -16.41
C GLY K 129 -30.28 -20.62 -17.83
N LEU K 130 -29.49 -19.77 -18.45
CA LEU K 130 -29.02 -20.03 -19.81
C LEU K 130 -27.60 -20.64 -19.83
N GLU K 131 -27.38 -21.59 -20.74
CA GLU K 131 -26.06 -22.16 -20.95
C GLU K 131 -25.57 -21.66 -22.31
N GLN K 132 -24.80 -20.58 -22.28
CA GLN K 132 -24.30 -19.95 -23.49
C GLN K 132 -23.06 -20.65 -24.03
N GLU K 133 -23.20 -21.29 -25.19
CA GLU K 133 -22.05 -21.86 -25.86
C GLU K 133 -21.58 -20.90 -26.95
N TYR K 134 -20.27 -20.81 -27.15
CA TYR K 134 -19.70 -19.95 -28.18
C TYR K 134 -18.46 -20.60 -28.75
N THR K 135 -17.95 -20.06 -29.85
CA THR K 135 -16.81 -20.67 -30.53
C THR K 135 -15.78 -19.59 -30.89
N LEU K 136 -14.51 -19.90 -30.64
CA LEU K 136 -13.41 -18.94 -30.80
C LEU K 136 -12.80 -18.84 -32.23
N PHE K 137 -12.35 -17.65 -32.60
CA PHE K 137 -11.84 -17.45 -33.96
C PHE K 137 -10.66 -16.48 -34.04
N ASP K 138 -9.78 -16.78 -35.00
CA ASP K 138 -8.67 -15.93 -35.46
C ASP K 138 -9.09 -14.52 -35.75
N MET K 139 -8.10 -13.65 -35.79
CA MET K 139 -8.28 -12.34 -36.38
C MET K 139 -8.54 -12.54 -37.85
N TYR K 140 -8.26 -13.76 -38.34
CA TYR K 140 -8.39 -14.08 -39.76
C TYR K 140 -9.62 -14.96 -40.03
N ASP K 141 -10.51 -15.02 -39.05
CA ASP K 141 -11.77 -15.73 -39.21
C ASP K 141 -11.57 -17.23 -39.44
N ASP K 142 -10.49 -17.77 -38.89
CA ASP K 142 -10.31 -19.23 -38.85
C ASP K 142 -10.47 -19.66 -37.39
N VAL K 143 -10.96 -20.88 -37.17
CA VAL K 143 -11.14 -21.36 -35.80
C VAL K 143 -9.87 -21.17 -34.96
N TYR K 144 -10.04 -20.59 -33.79
CA TYR K 144 -8.89 -20.18 -33.01
C TYR K 144 -8.01 -21.32 -32.59
N GLY K 145 -6.76 -21.28 -33.02
CA GLY K 145 -5.77 -22.24 -32.53
C GLY K 145 -5.71 -23.54 -33.31
N TRP K 146 -6.61 -23.68 -34.26
CA TRP K 146 -6.66 -24.88 -35.05
C TRP K 146 -5.49 -24.86 -36.01
N PRO K 147 -4.87 -26.03 -36.23
CA PRO K 147 -3.85 -26.29 -37.24
C PRO K 147 -4.05 -25.45 -38.49
N LYS K 148 -2.95 -24.97 -39.03
CA LYS K 148 -2.99 -24.05 -40.16
C LYS K 148 -3.44 -24.75 -41.43
N GLY K 149 -4.61 -24.37 -41.95
CA GLY K 149 -5.19 -25.01 -43.12
C GLY K 149 -5.80 -26.39 -42.85
N GLY K 150 -5.55 -26.94 -41.65
CA GLY K 150 -6.06 -28.24 -41.26
C GLY K 150 -7.00 -28.31 -40.05
N TYR K 151 -6.91 -29.42 -39.31
CA TYR K 151 -7.84 -29.72 -38.23
C TYR K 151 -7.15 -30.35 -37.03
N PRO K 152 -7.67 -30.09 -35.83
CA PRO K 152 -7.19 -30.77 -34.64
C PRO K 152 -7.60 -32.25 -34.73
N ALA K 153 -7.23 -33.05 -33.73
CA ALA K 153 -7.71 -34.43 -33.67
C ALA K 153 -9.23 -34.41 -33.62
N PRO K 154 -9.85 -35.58 -33.79
CA PRO K 154 -11.32 -35.63 -33.74
C PRO K 154 -11.83 -35.39 -32.34
N GLN K 155 -13.10 -34.99 -32.25
CA GLN K 155 -13.69 -34.65 -30.97
C GLN K 155 -13.58 -35.79 -29.95
N GLY K 156 -13.63 -35.45 -28.67
CA GLY K 156 -13.56 -36.46 -27.63
C GLY K 156 -12.75 -36.02 -26.44
N PRO K 157 -11.51 -35.59 -26.66
CA PRO K 157 -10.60 -35.19 -25.60
C PRO K 157 -10.72 -33.71 -25.21
N TYR K 158 -11.61 -32.96 -25.86
CA TYR K 158 -11.72 -31.52 -25.62
C TYR K 158 -12.79 -31.10 -24.57
N TYR K 159 -13.92 -31.79 -24.56
CA TYR K 159 -14.98 -31.51 -23.61
C TYR K 159 -14.44 -31.57 -22.19
N CYS K 160 -14.56 -30.45 -21.48
CA CYS K 160 -14.06 -30.35 -20.11
C CYS K 160 -12.58 -30.75 -20.05
N GLY K 161 -11.87 -30.45 -21.15
CA GLY K 161 -10.48 -30.85 -21.30
C GLY K 161 -9.51 -30.16 -20.37
N VAL K 162 -8.34 -30.77 -20.22
CA VAL K 162 -7.25 -30.17 -19.47
C VAL K 162 -5.94 -30.77 -19.96
N GLY K 163 -4.98 -29.88 -20.19
CA GLY K 163 -3.76 -30.24 -20.86
C GLY K 163 -3.57 -29.34 -22.07
N ALA K 164 -2.32 -29.11 -22.45
CA ALA K 164 -1.94 -28.17 -23.53
C ALA K 164 -2.71 -28.26 -24.87
N GLY K 165 -2.88 -29.44 -25.43
CA GLY K 165 -3.61 -29.46 -26.68
C GLY K 165 -5.12 -29.51 -26.55
N LYS K 166 -5.60 -29.73 -25.33
CA LYS K 166 -6.97 -30.18 -25.08
C LYS K 166 -7.96 -29.03 -25.00
N VAL K 167 -7.43 -27.82 -24.93
CA VAL K 167 -8.28 -26.70 -24.63
C VAL K 167 -7.65 -25.45 -25.23
N TYR K 168 -8.47 -24.51 -25.69
CA TYR K 168 -7.91 -23.33 -26.36
C TYR K 168 -8.32 -21.98 -25.74
N ALA K 169 -7.30 -21.17 -25.44
CA ALA K 169 -7.53 -19.82 -24.93
C ALA K 169 -8.18 -19.78 -23.56
N ARG K 170 -7.85 -20.74 -22.70
CA ARG K 170 -8.41 -20.79 -21.34
C ARG K 170 -8.23 -19.47 -20.59
N ASP K 171 -7.08 -18.83 -20.77
CA ASP K 171 -6.81 -17.56 -20.09
C ASP K 171 -7.86 -16.48 -20.41
N MET K 172 -8.25 -16.40 -21.67
CA MET K 172 -9.28 -15.45 -22.06
C MET K 172 -10.58 -15.83 -21.38
N ILE K 173 -10.92 -17.12 -21.48
CA ILE K 173 -12.14 -17.66 -20.90
C ILE K 173 -12.20 -17.38 -19.42
N GLU K 174 -11.08 -17.56 -18.73
CA GLU K 174 -11.00 -17.27 -17.32
C GLU K 174 -11.17 -15.78 -17.01
N ALA K 175 -10.52 -14.94 -17.81
CA ALA K 175 -10.66 -13.49 -17.65
C ALA K 175 -12.13 -13.08 -17.71
N HIS K 176 -12.87 -13.69 -18.63
CA HIS K 176 -14.27 -13.38 -18.78
C HIS K 176 -15.01 -13.77 -17.52
N TYR K 177 -14.79 -14.99 -17.05
CA TYR K 177 -15.40 -15.47 -15.80
C TYR K 177 -15.18 -14.44 -14.68
N ARG K 178 -13.94 -14.05 -14.46
CA ARG K 178 -13.61 -13.04 -13.48
C ARG K 178 -14.41 -11.74 -13.71
N ALA K 179 -14.44 -11.28 -14.96
CA ALA K 179 -15.15 -10.05 -15.30
C ALA K 179 -16.59 -10.12 -14.85
N CYS K 180 -17.28 -11.20 -15.23
CA CYS K 180 -18.69 -11.35 -14.93
C CYS K 180 -18.89 -11.30 -13.42
N LEU K 181 -18.03 -12.02 -12.69
CA LEU K 181 -18.10 -12.04 -11.23
C LEU K 181 -17.93 -10.66 -10.64
N TYR K 182 -16.94 -9.91 -11.11
CA TYR K 182 -16.67 -8.55 -10.64
C TYR K 182 -17.89 -7.65 -10.84
N ALA K 183 -18.54 -7.83 -11.98
CA ALA K 183 -19.70 -7.02 -12.33
C ALA K 183 -20.89 -7.45 -11.49
N GLY K 184 -20.77 -8.61 -10.86
CA GLY K 184 -21.84 -9.12 -10.02
C GLY K 184 -22.91 -9.86 -10.79
N LEU K 185 -22.61 -10.23 -12.03
CA LEU K 185 -23.50 -11.07 -12.81
C LEU K 185 -23.70 -12.44 -12.15
N GLU K 186 -24.83 -13.08 -12.42
CA GLU K 186 -25.12 -14.37 -11.83
C GLU K 186 -24.53 -15.48 -12.68
N ILE K 187 -23.21 -15.43 -12.85
CA ILE K 187 -22.51 -16.42 -13.66
C ILE K 187 -22.24 -17.69 -12.84
N SER K 188 -22.96 -18.76 -13.18
CA SER K 188 -22.98 -19.96 -12.35
C SER K 188 -21.79 -20.88 -12.56
N GLY K 189 -21.19 -20.82 -13.74
CA GLY K 189 -20.08 -21.72 -14.04
C GLY K 189 -19.64 -21.66 -15.48
N ILE K 190 -18.53 -22.32 -15.76
CA ILE K 190 -17.97 -22.28 -17.09
C ILE K 190 -17.48 -23.71 -17.41
N ASN K 191 -17.34 -24.07 -18.68
CA ASN K 191 -16.76 -25.36 -19.05
C ASN K 191 -16.29 -25.37 -20.50
N ALA K 192 -15.27 -26.17 -20.80
CA ALA K 192 -14.83 -26.34 -22.18
C ALA K 192 -15.75 -27.32 -22.92
N GLU K 193 -16.18 -26.94 -24.12
CA GLU K 193 -17.13 -27.75 -24.88
C GLU K 193 -16.49 -28.84 -25.74
N VAL K 194 -17.34 -29.54 -26.49
CA VAL K 194 -16.93 -30.76 -27.18
C VAL K 194 -16.01 -30.49 -28.35
N MET K 195 -16.38 -29.52 -29.17
CA MET K 195 -15.55 -29.06 -30.27
C MET K 195 -14.39 -28.24 -29.72
N PRO K 196 -13.17 -28.48 -30.23
CA PRO K 196 -11.99 -27.74 -29.76
C PRO K 196 -12.17 -26.25 -30.00
N SER K 197 -11.72 -25.45 -29.03
CA SER K 197 -11.91 -23.99 -29.03
C SER K 197 -13.37 -23.54 -29.07
N GLN K 198 -14.23 -24.37 -28.47
CA GLN K 198 -15.62 -24.02 -28.21
C GLN K 198 -15.90 -24.12 -26.72
N TRP K 199 -16.54 -23.09 -26.16
CA TRP K 199 -16.72 -23.03 -24.71
C TRP K 199 -18.18 -22.79 -24.35
N GLU K 200 -18.45 -22.84 -23.05
CA GLU K 200 -19.77 -22.53 -22.51
C GLU K 200 -19.57 -21.74 -21.22
N PHE K 201 -20.45 -20.76 -20.99
CA PHE K 201 -20.63 -20.23 -19.66
C PHE K 201 -22.13 -20.23 -19.34
N GLN K 202 -22.47 -20.45 -18.08
CA GLN K 202 -23.86 -20.47 -17.66
C GLN K 202 -24.16 -19.28 -16.75
N VAL K 203 -25.30 -18.65 -17.01
CA VAL K 203 -25.79 -17.58 -16.16
C VAL K 203 -27.16 -17.92 -15.59
N GLY K 204 -27.27 -17.95 -14.27
CA GLY K 204 -28.55 -18.22 -13.65
C GLY K 204 -28.38 -18.63 -12.21
N PRO K 205 -29.51 -18.72 -11.50
CA PRO K 205 -30.82 -18.41 -12.05
C PRO K 205 -31.11 -16.91 -11.94
N CYS K 206 -31.78 -16.36 -12.94
CA CYS K 206 -32.19 -14.96 -12.92
C CYS K 206 -33.71 -14.87 -13.02
N THR K 207 -34.29 -13.76 -12.56
CA THR K 207 -35.74 -13.61 -12.66
C THR K 207 -36.20 -12.69 -13.79
N GLY K 208 -37.08 -13.24 -14.63
CA GLY K 208 -37.71 -12.48 -15.69
C GLY K 208 -36.76 -11.70 -16.56
N ILE K 209 -36.84 -10.39 -16.45
CA ILE K 209 -36.06 -9.54 -17.33
C ILE K 209 -34.56 -9.62 -17.05
N ASP K 210 -34.20 -9.93 -15.80
CA ASP K 210 -32.78 -10.06 -15.46
C ASP K 210 -32.01 -11.04 -16.37
N MET K 211 -32.63 -12.17 -16.70
CA MET K 211 -31.98 -13.17 -17.54
C MET K 211 -31.47 -12.48 -18.78
N GLY K 212 -32.37 -11.85 -19.52
CA GLY K 212 -31.98 -11.09 -20.69
C GLY K 212 -30.89 -10.07 -20.41
N ASP K 213 -31.12 -9.21 -19.42
CA ASP K 213 -30.14 -8.17 -19.11
C ASP K 213 -28.76 -8.77 -18.85
N GLN K 214 -28.69 -9.72 -17.92
CA GLN K 214 -27.41 -10.31 -17.53
C GLN K 214 -26.69 -11.05 -18.66
N LEU K 215 -27.43 -11.83 -19.44
CA LEU K 215 -26.79 -12.56 -20.53
C LEU K 215 -26.20 -11.56 -21.51
N TRP K 216 -26.95 -10.52 -21.83
CA TRP K 216 -26.45 -9.54 -22.76
C TRP K 216 -25.18 -8.87 -22.25
N MET K 217 -25.12 -8.57 -20.96
CA MET K 217 -23.90 -8.02 -20.39
C MET K 217 -22.75 -9.01 -20.45
N ALA K 218 -23.01 -10.25 -20.05
CA ALA K 218 -22.00 -11.30 -20.15
C ALA K 218 -21.42 -11.38 -21.56
N ARG K 219 -22.29 -11.30 -22.56
CA ARG K 219 -21.84 -11.27 -23.95
C ARG K 219 -20.97 -10.04 -24.23
N TYR K 220 -21.38 -8.86 -23.76
CA TYR K 220 -20.56 -7.68 -23.94
C TYR K 220 -19.16 -7.98 -23.38
N PHE K 221 -19.13 -8.47 -22.14
CA PHE K 221 -17.87 -8.74 -21.48
C PHE K 221 -17.04 -9.70 -22.29
N LEU K 222 -17.69 -10.73 -22.83
CA LEU K 222 -16.99 -11.76 -23.60
C LEU K 222 -16.30 -11.15 -24.82
N HIS K 223 -17.07 -10.53 -25.70
CA HIS K 223 -16.53 -9.86 -26.88
C HIS K 223 -15.38 -8.95 -26.46
N ARG K 224 -15.67 -8.14 -25.45
CA ARG K 224 -14.78 -7.07 -25.03
C ARG K 224 -13.47 -7.59 -24.46
N VAL K 225 -13.55 -8.60 -23.62
CA VAL K 225 -12.34 -9.14 -23.03
C VAL K 225 -11.53 -9.90 -24.09
N ALA K 226 -12.23 -10.59 -24.97
CA ALA K 226 -11.55 -11.31 -26.04
C ALA K 226 -10.78 -10.37 -26.96
N GLU K 227 -11.26 -9.15 -27.11
CA GLU K 227 -10.54 -8.15 -27.89
C GLU K 227 -9.09 -8.14 -27.47
N GLU K 228 -8.89 -8.21 -26.16
CA GLU K 228 -7.56 -8.12 -25.59
C GLU K 228 -6.67 -9.30 -25.99
N PHE K 229 -7.27 -10.37 -26.51
CA PHE K 229 -6.50 -11.55 -26.94
C PHE K 229 -6.52 -11.72 -28.46
N GLY K 230 -6.99 -10.70 -29.17
CA GLY K 230 -7.19 -10.79 -30.60
C GLY K 230 -8.11 -11.95 -31.00
N ILE K 231 -9.06 -12.30 -30.16
CA ILE K 231 -9.96 -13.39 -30.47
C ILE K 231 -11.36 -12.86 -30.80
N LYS K 232 -11.88 -13.33 -31.92
CA LYS K 232 -13.26 -13.04 -32.29
C LYS K 232 -14.20 -14.07 -31.65
N ILE K 233 -15.38 -13.65 -31.19
CA ILE K 233 -16.34 -14.60 -30.62
C ILE K 233 -17.51 -14.91 -31.56
N SER K 234 -17.81 -16.19 -31.74
CA SER K 234 -18.85 -16.61 -32.68
C SER K 234 -20.02 -17.28 -32.01
N PHE K 235 -21.20 -16.67 -32.13
CA PHE K 235 -22.40 -17.24 -31.57
C PHE K 235 -23.17 -18.01 -32.64
N HIS K 236 -22.53 -18.25 -33.76
CA HIS K 236 -23.14 -19.10 -34.80
C HIS K 236 -23.46 -20.49 -34.25
N PRO K 237 -24.63 -21.03 -34.64
CA PRO K 237 -25.12 -22.35 -34.19
C PRO K 237 -24.33 -23.52 -34.75
N LYS K 238 -23.65 -23.31 -35.87
CA LYS K 238 -22.87 -24.37 -36.47
C LYS K 238 -21.64 -23.78 -37.14
N PRO K 239 -20.62 -23.46 -36.34
CA PRO K 239 -19.48 -22.70 -36.83
C PRO K 239 -18.72 -23.51 -37.88
N LEU K 240 -18.67 -24.82 -37.67
CA LEU K 240 -18.00 -25.69 -38.62
C LEU K 240 -18.92 -26.77 -39.07
N LYS K 241 -19.06 -26.90 -40.40
CA LYS K 241 -19.96 -27.87 -40.97
C LYS K 241 -19.37 -29.23 -40.69
N GLY K 242 -20.22 -30.24 -40.59
CA GLY K 242 -19.75 -31.59 -40.37
C GLY K 242 -20.21 -32.16 -39.04
N ASP K 243 -19.34 -32.94 -38.42
CA ASP K 243 -19.66 -33.59 -37.16
C ASP K 243 -19.20 -32.77 -35.98
N TRP K 244 -18.48 -31.68 -36.24
CA TRP K 244 -18.08 -30.74 -35.19
C TRP K 244 -19.32 -30.16 -34.52
N ASN K 245 -19.36 -30.20 -33.19
CA ASN K 245 -20.54 -29.78 -32.44
C ASN K 245 -21.07 -28.42 -32.83
N GLY K 246 -22.38 -28.27 -32.71
CA GLY K 246 -23.03 -27.00 -32.94
C GLY K 246 -22.89 -26.17 -31.68
N ALA K 247 -23.56 -25.03 -31.64
CA ALA K 247 -23.52 -24.17 -30.46
C ALA K 247 -24.93 -23.78 -30.04
N GLY K 248 -25.31 -24.20 -28.84
CA GLY K 248 -26.64 -23.92 -28.34
C GLY K 248 -26.65 -22.96 -27.16
N CYS K 249 -27.84 -22.57 -26.74
CA CYS K 249 -28.02 -21.76 -25.56
C CYS K 249 -29.17 -22.35 -24.77
N HIS K 250 -28.95 -23.57 -24.28
CA HIS K 250 -29.98 -24.28 -23.53
C HIS K 250 -30.62 -23.37 -22.50
N ALA K 251 -31.91 -23.08 -22.65
CA ALA K 251 -32.63 -22.30 -21.63
C ALA K 251 -33.29 -23.23 -20.58
N ASN K 252 -32.86 -23.08 -19.32
CA ASN K 252 -33.44 -23.82 -18.20
C ASN K 252 -34.57 -23.00 -17.57
N VAL K 253 -35.70 -23.65 -17.31
CA VAL K 253 -36.89 -22.93 -16.87
C VAL K 253 -37.54 -23.51 -15.60
N SER K 254 -38.10 -22.63 -14.78
CA SER K 254 -38.88 -23.03 -13.61
C SER K 254 -39.75 -21.88 -13.06
N THR K 255 -40.93 -22.24 -12.58
CA THR K 255 -41.83 -21.33 -11.88
C THR K 255 -41.89 -21.74 -10.41
N LYS K 256 -42.41 -20.85 -9.56
CA LYS K 256 -42.43 -21.12 -8.13
C LYS K 256 -43.02 -22.50 -7.84
N GLU K 257 -44.10 -22.84 -8.56
CA GLU K 257 -44.80 -24.11 -8.36
C GLU K 257 -43.89 -25.29 -8.63
N MET K 258 -43.15 -25.23 -9.73
CA MET K 258 -42.27 -26.32 -10.14
C MET K 258 -41.16 -26.55 -9.12
N ARG K 259 -40.79 -25.49 -8.39
CA ARG K 259 -39.66 -25.54 -7.46
C ARG K 259 -40.03 -26.10 -6.10
N GLN K 260 -41.32 -26.06 -5.79
CA GLN K 260 -41.86 -26.64 -4.56
C GLN K 260 -42.36 -28.05 -4.80
N PRO K 261 -42.22 -28.93 -3.80
CA PRO K 261 -42.52 -30.36 -3.90
C PRO K 261 -43.80 -30.59 -4.69
N GLY K 262 -43.85 -31.70 -5.43
CA GLY K 262 -44.97 -32.00 -6.29
C GLY K 262 -44.90 -31.20 -7.58
N GLY K 263 -43.69 -30.75 -7.88
CA GLY K 263 -43.45 -29.88 -9.03
C GLY K 263 -43.59 -30.53 -10.39
N THR K 264 -43.04 -31.75 -10.57
CA THR K 264 -42.99 -32.36 -11.91
C THR K 264 -44.40 -32.45 -12.50
N LYS K 265 -45.39 -32.22 -11.65
CA LYS K 265 -46.77 -31.97 -12.10
C LYS K 265 -46.81 -30.77 -13.06
N TYR K 266 -46.51 -29.57 -12.54
CA TYR K 266 -46.53 -28.34 -13.31
C TYR K 266 -45.43 -28.31 -14.36
N ILE K 267 -44.30 -28.96 -14.06
CA ILE K 267 -43.25 -29.13 -15.05
C ILE K 267 -43.82 -29.87 -16.26
N GLU K 268 -44.49 -31.00 -16.02
CA GLU K 268 -45.08 -31.78 -17.10
C GLU K 268 -46.15 -30.99 -17.85
N GLN K 269 -46.93 -30.21 -17.10
CA GLN K 269 -47.92 -29.32 -17.71
C GLN K 269 -47.29 -28.33 -18.66
N ALA K 270 -46.24 -27.66 -18.20
CA ALA K 270 -45.50 -26.70 -19.00
C ALA K 270 -44.98 -27.35 -20.29
N ILE K 271 -44.36 -28.53 -20.12
CA ILE K 271 -43.79 -29.25 -21.25
C ILE K 271 -44.84 -29.52 -22.31
N GLU K 272 -46.07 -29.79 -21.86
CA GLU K 272 -47.15 -30.06 -22.81
C GLU K 272 -47.62 -28.80 -23.56
N LYS K 273 -47.83 -27.70 -22.84
CA LYS K 273 -48.11 -26.42 -23.50
C LYS K 273 -47.01 -26.13 -24.53
N LEU K 274 -45.76 -26.33 -24.12
CA LEU K 274 -44.60 -26.10 -24.98
C LEU K 274 -44.67 -26.93 -26.26
N SER K 275 -45.17 -28.16 -26.14
CA SER K 275 -45.28 -29.08 -27.27
C SER K 275 -46.25 -28.58 -28.32
N LYS K 276 -47.24 -27.81 -27.88
CA LYS K 276 -48.21 -27.28 -28.83
C LYS K 276 -47.67 -26.05 -29.58
N ARG K 277 -46.66 -25.39 -29.02
CA ARG K 277 -46.11 -24.18 -29.63
C ARG K 277 -44.65 -24.34 -30.10
N HIS K 278 -44.30 -25.57 -30.47
CA HIS K 278 -42.94 -25.85 -30.93
C HIS K 278 -42.56 -24.95 -32.10
N ALA K 279 -43.45 -24.82 -33.07
CA ALA K 279 -43.12 -24.03 -34.25
C ALA K 279 -42.89 -22.55 -33.94
N GLU K 280 -43.76 -21.99 -33.09
CA GLU K 280 -43.72 -20.57 -32.73
C GLU K 280 -42.44 -20.24 -31.97
N HIS K 281 -42.01 -21.18 -31.13
CA HIS K 281 -40.76 -21.06 -30.39
C HIS K 281 -39.55 -21.15 -31.33
N ILE K 282 -39.45 -22.25 -32.07
CA ILE K 282 -38.39 -22.40 -33.05
C ILE K 282 -38.20 -21.14 -33.91
N LYS K 283 -39.29 -20.48 -34.27
CA LYS K 283 -39.22 -19.27 -35.10
C LYS K 283 -38.41 -18.18 -34.42
N LEU K 284 -38.52 -18.06 -33.10
CA LEU K 284 -37.55 -17.26 -32.33
C LEU K 284 -36.23 -18.06 -32.25
N TYR K 285 -35.84 -18.53 -31.07
CA TYR K 285 -34.82 -19.61 -30.94
C TYR K 285 -33.59 -19.70 -31.88
N GLY K 286 -33.38 -18.74 -32.78
CA GLY K 286 -32.11 -18.68 -33.48
C GLY K 286 -32.06 -19.02 -34.96
N SER K 287 -31.32 -18.20 -35.70
CA SER K 287 -31.18 -18.33 -37.14
C SER K 287 -30.14 -19.38 -37.54
N ASP K 288 -30.30 -19.91 -38.75
CA ASP K 288 -29.69 -21.19 -39.14
C ASP K 288 -29.47 -22.16 -37.98
N ASN K 289 -30.44 -22.24 -37.09
CA ASN K 289 -30.48 -23.30 -36.09
C ASN K 289 -30.70 -24.61 -36.86
N ASP K 290 -31.17 -24.47 -38.10
CA ASP K 290 -31.45 -25.62 -38.94
C ASP K 290 -30.20 -26.43 -39.21
N MET K 291 -29.04 -25.80 -39.10
CA MET K 291 -27.80 -26.56 -39.24
C MET K 291 -27.33 -27.15 -37.91
N ARG K 292 -28.25 -27.27 -36.95
CA ARG K 292 -27.95 -27.83 -35.63
C ARG K 292 -29.04 -28.79 -35.10
N SER K 301 -33.93 -32.30 -33.41
CA SER K 301 -34.65 -32.09 -34.68
C SER K 301 -35.53 -30.82 -34.73
N MET K 302 -35.47 -30.13 -35.87
CA MET K 302 -36.08 -28.80 -36.06
C MET K 302 -37.59 -28.81 -36.19
N THR K 303 -38.11 -29.93 -36.64
CA THR K 303 -39.53 -30.06 -36.92
C THR K 303 -40.20 -30.93 -35.85
N ALA K 304 -39.42 -31.84 -35.28
CA ALA K 304 -39.94 -32.74 -34.25
C ALA K 304 -39.83 -32.14 -32.85
N PHE K 305 -40.87 -32.34 -32.05
CA PHE K 305 -40.82 -32.01 -30.64
C PHE K 305 -40.89 -33.29 -29.80
N SER K 306 -39.94 -33.45 -28.90
CA SER K 306 -40.01 -34.57 -27.97
C SER K 306 -39.50 -34.16 -26.60
N SER K 307 -39.86 -34.95 -25.60
CA SER K 307 -39.42 -34.69 -24.25
C SER K 307 -39.24 -36.00 -23.49
N GLY K 308 -38.38 -35.98 -22.48
CA GLY K 308 -38.10 -37.14 -21.67
C GLY K 308 -37.08 -36.85 -20.57
N VAL K 309 -37.11 -37.65 -19.52
CA VAL K 309 -36.12 -37.54 -18.46
C VAL K 309 -34.75 -37.98 -18.96
N ALA K 310 -33.71 -37.35 -18.41
CA ALA K 310 -32.34 -37.65 -18.79
C ALA K 310 -32.28 -37.99 -20.28
N ASN K 311 -32.44 -36.97 -21.10
CA ASN K 311 -32.51 -37.18 -22.52
C ASN K 311 -31.90 -36.02 -23.29
N ARG K 312 -30.61 -36.11 -23.58
CA ARG K 312 -29.91 -35.08 -24.34
C ARG K 312 -30.26 -35.14 -25.84
N GLY K 313 -31.22 -36.00 -26.18
CA GLY K 313 -31.73 -36.11 -27.54
C GLY K 313 -33.07 -35.41 -27.76
N SER K 314 -33.80 -35.18 -26.68
CA SER K 314 -35.11 -34.58 -26.79
C SER K 314 -35.05 -33.06 -26.94
N SER K 315 -36.21 -32.47 -27.23
CA SER K 315 -36.36 -31.02 -27.32
C SER K 315 -36.36 -30.40 -25.93
N ILE K 316 -37.07 -31.03 -25.01
CA ILE K 316 -37.05 -30.64 -23.60
C ILE K 316 -36.59 -31.84 -22.77
N ARG K 317 -35.67 -31.59 -21.85
CA ARG K 317 -35.10 -32.66 -21.04
C ARG K 317 -35.35 -32.39 -19.56
N ILE K 318 -35.91 -33.37 -18.86
CA ILE K 318 -36.06 -33.26 -17.43
C ILE K 318 -34.87 -33.96 -16.80
N PRO K 319 -34.03 -33.20 -16.09
CA PRO K 319 -32.84 -33.75 -15.43
C PRO K 319 -33.22 -34.94 -14.55
N ARG K 320 -32.47 -36.02 -14.62
CA ARG K 320 -32.79 -37.19 -13.81
C ARG K 320 -32.90 -36.75 -12.36
N SER K 321 -31.97 -35.91 -11.94
CA SER K 321 -32.01 -35.30 -10.61
C SER K 321 -33.42 -34.76 -10.27
N VAL K 322 -33.94 -33.87 -11.12
CA VAL K 322 -35.29 -33.29 -10.94
C VAL K 322 -36.34 -34.37 -10.83
N ALA K 323 -36.35 -35.27 -11.80
CA ALA K 323 -37.30 -36.38 -11.83
C ALA K 323 -37.29 -37.14 -10.51
N LYS K 324 -36.11 -37.57 -10.08
CA LYS K 324 -35.99 -38.36 -8.85
C LYS K 324 -36.52 -37.61 -7.63
N GLU K 325 -36.41 -36.28 -7.64
CA GLU K 325 -36.81 -35.49 -6.47
C GLU K 325 -38.23 -34.91 -6.53
N GLY K 326 -38.85 -34.95 -7.70
CA GLY K 326 -40.24 -34.56 -7.83
C GLY K 326 -40.52 -33.10 -8.04
N TYR K 327 -39.46 -32.30 -8.10
CA TYR K 327 -39.59 -30.85 -8.31
C TYR K 327 -38.26 -30.31 -8.82
N GLY K 328 -38.31 -29.12 -9.41
CA GLY K 328 -37.12 -28.53 -10.00
C GLY K 328 -37.42 -27.70 -11.22
N TYR K 329 -36.76 -28.03 -12.33
CA TYR K 329 -36.82 -27.22 -13.55
C TYR K 329 -36.73 -28.14 -14.76
N PHE K 330 -36.93 -27.59 -15.95
CA PHE K 330 -36.70 -28.36 -17.15
C PHE K 330 -35.71 -27.64 -18.05
N GLU K 331 -35.09 -28.39 -18.95
CA GLU K 331 -34.08 -27.85 -19.86
C GLU K 331 -34.63 -27.86 -21.26
N ASP K 332 -34.88 -26.67 -21.81
CA ASP K 332 -35.20 -26.57 -23.22
C ASP K 332 -33.89 -26.53 -24.03
N ARG K 333 -33.60 -27.62 -24.74
CA ARG K 333 -32.34 -27.72 -25.48
C ARG K 333 -32.41 -27.14 -26.91
N ARG K 334 -33.55 -26.54 -27.28
CA ARG K 334 -33.80 -26.10 -28.65
C ARG K 334 -33.12 -24.78 -29.02
N PRO K 335 -33.04 -23.82 -28.09
CA PRO K 335 -32.55 -22.50 -28.53
C PRO K 335 -31.09 -22.55 -28.98
N ALA K 336 -30.77 -21.82 -30.05
CA ALA K 336 -29.40 -21.77 -30.57
C ALA K 336 -28.53 -20.75 -29.85
N SER K 337 -27.22 -20.91 -29.99
CA SER K 337 -26.28 -20.01 -29.37
C SER K 337 -26.56 -18.53 -29.65
N ASN K 338 -27.08 -18.24 -30.85
CA ASN K 338 -27.26 -16.85 -31.26
C ASN K 338 -28.60 -16.23 -30.88
N ILE K 339 -29.32 -16.86 -29.97
CA ILE K 339 -30.64 -16.38 -29.61
C ILE K 339 -30.59 -15.04 -28.89
N ASP K 340 -31.66 -14.24 -29.00
CA ASP K 340 -31.86 -13.08 -28.13
C ASP K 340 -32.65 -13.53 -26.91
N PRO K 341 -31.99 -13.55 -25.73
CA PRO K 341 -32.56 -13.99 -24.45
C PRO K 341 -33.92 -13.34 -24.15
N TYR K 342 -34.10 -12.08 -24.54
CA TYR K 342 -35.39 -11.39 -24.40
C TYR K 342 -36.51 -12.14 -25.12
N LEU K 343 -36.24 -12.53 -26.36
CA LEU K 343 -37.19 -13.32 -27.15
C LEU K 343 -37.43 -14.71 -26.55
N VAL K 344 -36.35 -15.42 -26.22
CA VAL K 344 -36.52 -16.75 -25.65
C VAL K 344 -37.23 -16.73 -24.31
N THR K 345 -36.72 -15.99 -23.34
CA THR K 345 -37.35 -15.97 -22.01
C THR K 345 -38.75 -15.37 -22.11
N GLY K 346 -38.90 -14.41 -23.01
CA GLY K 346 -40.18 -13.78 -23.26
C GLY K 346 -41.23 -14.78 -23.72
N ILE K 347 -40.99 -15.42 -24.84
CA ILE K 347 -41.99 -16.37 -25.34
C ILE K 347 -42.11 -17.57 -24.41
N MET K 348 -41.05 -17.89 -23.67
CA MET K 348 -41.13 -19.02 -22.77
C MET K 348 -42.21 -18.74 -21.74
N CYS K 349 -42.14 -17.56 -21.15
CA CYS K 349 -43.12 -17.13 -20.17
C CYS K 349 -44.51 -17.06 -20.79
N GLU K 350 -44.60 -16.47 -21.99
CA GLU K 350 -45.87 -16.35 -22.72
C GLU K 350 -46.60 -17.68 -22.82
N THR K 351 -45.89 -18.75 -23.19
CA THR K 351 -46.59 -20.00 -23.41
C THR K 351 -46.63 -20.90 -22.17
N VAL K 352 -45.70 -20.68 -21.24
CA VAL K 352 -45.71 -21.49 -20.03
C VAL K 352 -46.66 -20.90 -19.00
N CYS K 353 -46.64 -19.58 -18.89
CA CYS K 353 -47.41 -18.86 -17.87
C CYS K 353 -48.73 -18.36 -18.41
N GLY K 354 -48.78 -18.06 -19.71
CA GLY K 354 -50.00 -17.58 -20.32
C GLY K 354 -49.88 -16.28 -21.10
N ALA K 355 -50.55 -16.25 -22.25
CA ALA K 355 -50.51 -15.09 -23.15
C ALA K 355 -51.15 -13.84 -22.53
N ILE K 356 -50.97 -12.72 -23.20
CA ILE K 356 -51.56 -11.47 -22.75
C ILE K 356 -52.04 -10.77 -23.98
N ASP K 357 -53.16 -10.07 -23.85
CA ASP K 357 -53.72 -9.31 -24.97
C ASP K 357 -52.90 -8.04 -25.10
N ASN K 358 -52.15 -7.78 -24.03
CA ASN K 358 -51.28 -6.63 -23.94
C ASN K 358 -49.98 -6.79 -24.75
N ALA K 359 -49.61 -8.05 -25.04
CA ALA K 359 -48.38 -8.35 -25.77
C ALA K 359 -48.36 -9.71 -26.51
N ASP K 360 -47.68 -9.74 -27.65
CA ASP K 360 -47.53 -10.95 -28.45
C ASP K 360 -46.06 -11.16 -28.82
N MET K 361 -45.41 -12.13 -28.16
CA MET K 361 -43.97 -12.38 -28.34
C MET K 361 -43.66 -12.64 -29.80
N THR K 362 -44.39 -13.59 -30.36
CA THR K 362 -44.12 -14.03 -31.72
C THR K 362 -44.32 -12.87 -32.71
N LYS K 363 -45.28 -11.99 -32.45
CA LYS K 363 -45.41 -10.81 -33.30
C LYS K 363 -44.21 -9.87 -33.17
N GLU K 364 -43.68 -9.72 -31.96
CA GLU K 364 -42.46 -8.96 -31.72
C GLU K 364 -41.37 -9.53 -32.62
N PHE K 365 -41.39 -9.06 -33.85
CA PHE K 365 -40.55 -9.51 -34.93
C PHE K 365 -40.86 -8.48 -35.98
N GLU K 366 -40.28 -7.32 -35.72
CA GLU K 366 -40.57 -6.09 -36.42
C GLU K 366 -39.27 -5.59 -37.07
N ARG L 21 14.21 14.23 -8.18
CA ARG L 21 15.02 14.48 -6.97
C ARG L 21 14.75 15.81 -6.28
N GLY L 22 13.48 16.13 -6.07
CA GLY L 22 13.14 17.45 -5.58
C GLY L 22 12.77 18.41 -6.68
N ARG L 23 13.22 18.09 -7.89
CA ARG L 23 12.96 18.97 -9.02
C ARG L 23 11.73 18.55 -9.84
N ILE L 24 11.30 19.42 -10.72
CA ILE L 24 10.06 19.24 -11.48
C ILE L 24 10.38 19.30 -12.96
N ILE L 25 9.69 18.51 -13.78
CA ILE L 25 9.84 18.67 -15.23
C ILE L 25 8.61 19.28 -15.89
N ALA L 26 8.84 20.38 -16.60
CA ALA L 26 7.77 21.00 -17.34
C ALA L 26 7.98 20.79 -18.83
N GLU L 27 7.05 20.11 -19.48
CA GLU L 27 7.09 20.00 -20.93
C GLU L 27 6.32 21.17 -21.55
N TYR L 28 7.02 22.00 -22.30
CA TYR L 28 6.35 23.08 -23.00
C TYR L 28 5.84 22.54 -24.33
N VAL L 29 4.56 22.76 -24.59
CA VAL L 29 3.92 22.33 -25.82
C VAL L 29 3.40 23.56 -26.55
N TRP L 30 3.66 23.64 -27.85
CA TRP L 30 3.12 24.74 -28.66
C TRP L 30 2.76 24.33 -30.07
N ILE L 31 2.15 25.25 -30.79
CA ILE L 31 1.63 24.93 -32.13
C ILE L 31 2.57 25.50 -33.19
N ASP L 32 2.89 24.71 -34.23
CA ASP L 32 3.89 25.12 -35.23
C ASP L 32 3.34 25.69 -36.55
N GLY L 33 4.27 25.91 -37.49
CA GLY L 33 3.94 26.45 -38.80
C GLY L 33 3.50 25.38 -39.78
N THR L 34 3.32 24.16 -39.29
CA THR L 34 2.59 23.13 -39.99
C THR L 34 1.35 22.93 -39.12
N GLY L 35 0.71 21.78 -39.19
CA GLY L 35 -0.47 21.59 -38.36
C GLY L 35 -0.25 20.83 -37.08
N ASN L 36 0.96 20.92 -36.54
CA ASN L 36 1.35 20.02 -35.45
C ASN L 36 1.70 20.70 -34.12
N LEU L 37 1.77 19.87 -33.08
CA LEU L 37 2.35 20.28 -31.81
C LEU L 37 3.87 20.06 -31.84
N ARG L 38 4.57 20.82 -31.02
CA ARG L 38 5.99 20.63 -30.78
C ARG L 38 6.19 20.76 -29.29
N SER L 39 7.27 20.20 -28.80
CA SER L 39 7.55 20.30 -27.38
C SER L 39 8.99 20.02 -27.02
N LYS L 40 9.38 20.59 -25.89
CA LYS L 40 10.64 20.25 -25.25
C LYS L 40 10.39 20.37 -23.76
N GLY L 41 11.30 19.83 -22.97
CA GLY L 41 11.14 19.87 -21.53
C GLY L 41 12.25 20.60 -20.81
N ARG L 42 11.91 21.15 -19.65
CA ARG L 42 12.90 21.82 -18.83
C ARG L 42 12.66 21.52 -17.37
N THR L 43 13.76 21.39 -16.65
CA THR L 43 13.71 21.21 -15.21
C THR L 43 13.38 22.53 -14.49
N LEU L 44 12.55 22.45 -13.46
CA LEU L 44 12.22 23.59 -12.61
C LEU L 44 12.61 23.26 -11.18
N LYS L 45 13.00 24.28 -10.42
CA LYS L 45 13.50 24.04 -9.07
C LYS L 45 12.45 23.49 -8.10
N LYS L 46 11.19 23.90 -8.29
CA LYS L 46 10.11 23.64 -7.33
C LYS L 46 8.75 23.33 -8.00
N ARG L 47 7.89 22.60 -7.29
CA ARG L 47 6.51 22.36 -7.73
C ARG L 47 5.81 23.67 -8.14
N ILE L 48 4.99 23.63 -9.18
CA ILE L 48 4.29 24.83 -9.64
C ILE L 48 2.88 24.89 -9.07
N THR L 49 2.47 26.08 -8.65
CA THR L 49 1.15 26.26 -8.07
C THR L 49 0.32 27.36 -8.73
N SER L 50 0.91 28.08 -9.67
CA SER L 50 0.14 29.03 -10.50
C SER L 50 0.89 29.39 -11.79
N ILE L 51 0.13 29.69 -12.85
CA ILE L 51 0.71 29.95 -14.15
C ILE L 51 1.82 31.00 -14.06
N ASP L 52 1.68 31.90 -13.08
CA ASP L 52 2.61 33.01 -12.88
C ASP L 52 4.03 32.59 -12.63
N GLN L 53 4.19 31.40 -12.05
CA GLN L 53 5.51 30.88 -11.74
C GLN L 53 6.25 30.39 -12.97
N LEU L 54 5.49 30.07 -14.01
CA LEU L 54 6.05 29.52 -15.24
C LEU L 54 6.72 30.60 -16.08
N PRO L 55 8.03 30.40 -16.36
CA PRO L 55 8.92 31.29 -17.14
C PRO L 55 8.57 31.35 -18.62
N GLU L 56 8.88 32.46 -19.27
CA GLU L 56 8.80 32.52 -20.72
C GLU L 56 9.88 31.57 -21.21
N TRP L 57 9.85 31.27 -22.50
CA TRP L 57 10.84 30.39 -23.08
C TRP L 57 10.85 30.63 -24.56
N ASN L 58 11.65 29.88 -25.30
CA ASN L 58 11.76 30.12 -26.72
C ASN L 58 12.30 28.92 -27.47
N PHE L 59 12.31 29.03 -28.80
CA PHE L 59 12.80 27.98 -29.66
C PHE L 59 13.18 28.56 -31.01
N ASP L 60 13.71 27.72 -31.86
CA ASP L 60 14.16 28.14 -33.18
C ASP L 60 13.01 28.06 -34.17
N GLY L 61 12.35 29.21 -34.40
CA GLY L 61 11.16 29.22 -35.22
C GLY L 61 11.40 28.73 -36.65
N SER L 62 12.66 28.73 -37.06
CA SER L 62 13.03 28.36 -38.41
C SER L 62 12.98 26.83 -38.58
N SER L 63 13.06 26.11 -37.47
CA SER L 63 13.04 24.65 -37.51
C SER L 63 11.60 24.16 -37.43
N THR L 64 10.65 25.09 -37.27
CA THR L 64 9.24 24.75 -37.18
C THR L 64 8.36 25.53 -38.14
N ASN L 65 8.96 26.22 -39.08
CA ASN L 65 8.21 26.96 -40.09
C ASN L 65 7.40 28.09 -39.48
N GLN L 66 8.04 28.91 -38.66
CA GLN L 66 7.36 30.03 -38.03
C GLN L 66 8.22 31.27 -38.14
N ALA L 67 9.49 31.09 -38.53
CA ALA L 67 10.45 32.19 -38.65
C ALA L 67 11.40 31.91 -39.81
N PRO L 68 12.17 32.94 -40.25
CA PRO L 68 12.90 32.90 -41.52
C PRO L 68 14.35 32.43 -41.44
N GLY L 69 14.94 32.45 -40.26
CA GLY L 69 16.35 32.12 -40.14
C GLY L 69 17.12 33.38 -39.83
N HIS L 70 16.44 34.33 -39.19
CA HIS L 70 17.01 35.59 -38.71
C HIS L 70 15.92 36.36 -37.96
N ASP L 73 13.52 32.53 -34.77
CA ASP L 73 13.69 32.79 -33.34
C ASP L 73 12.44 33.29 -32.54
N ILE L 74 11.59 32.37 -32.09
CA ILE L 74 10.31 32.74 -31.44
C ILE L 74 10.22 32.48 -29.92
N TYR L 75 9.32 33.20 -29.26
CA TYR L 75 9.15 33.10 -27.81
C TYR L 75 7.88 32.36 -27.34
N LEU L 76 7.97 31.71 -26.18
CA LEU L 76 6.86 30.92 -25.63
C LEU L 76 6.24 31.51 -24.36
N LYS L 77 4.98 31.94 -24.47
CA LYS L 77 4.24 32.47 -23.32
C LYS L 77 3.30 31.41 -22.74
N PRO L 78 3.63 30.92 -21.54
CA PRO L 78 2.77 29.94 -20.87
C PRO L 78 1.33 30.45 -20.82
N VAL L 79 0.39 29.58 -21.12
CA VAL L 79 -1.00 29.99 -21.23
C VAL L 79 -1.89 29.10 -20.35
N ALA L 80 -1.53 27.83 -20.28
CA ALA L 80 -2.23 26.85 -19.44
C ALA L 80 -1.25 25.77 -19.02
N TYR L 81 -1.55 25.08 -17.94
CA TYR L 81 -0.72 23.96 -17.52
C TYR L 81 -1.52 22.91 -16.77
N TYR L 82 -1.06 21.67 -16.87
CA TYR L 82 -1.77 20.52 -16.35
C TYR L 82 -0.74 19.53 -15.86
N PRO L 83 -1.18 18.56 -15.07
CA PRO L 83 -0.33 17.44 -14.68
C PRO L 83 0.01 16.65 -15.94
N ASP L 84 1.26 16.22 -16.03
CA ASP L 84 1.72 15.43 -17.15
C ASP L 84 1.29 13.97 -16.97
N PRO L 85 0.35 13.51 -17.83
CA PRO L 85 -0.15 12.14 -17.71
C PRO L 85 0.96 11.12 -17.99
N PHE L 86 1.99 11.55 -18.67
CA PHE L 86 3.07 10.66 -19.01
C PHE L 86 4.16 10.65 -17.94
N ARG L 87 4.69 11.82 -17.59
CA ARG L 87 5.76 11.86 -16.59
C ARG L 87 5.21 11.65 -15.21
N ARG L 88 3.92 11.94 -15.05
CA ARG L 88 3.24 11.85 -13.76
C ARG L 88 3.97 12.54 -12.63
N GLY L 89 3.62 12.20 -11.39
CA GLY L 89 4.22 12.87 -10.26
C GLY L 89 3.86 14.34 -10.30
N ASP L 90 4.75 15.19 -9.81
CA ASP L 90 4.50 16.62 -9.78
C ASP L 90 4.95 17.25 -11.06
N ASN L 91 5.21 16.42 -12.06
CA ASN L 91 5.64 16.89 -13.37
C ASN L 91 4.42 17.40 -14.12
N ILE L 92 4.66 18.36 -15.02
CA ILE L 92 3.60 19.16 -15.58
C ILE L 92 3.79 19.42 -17.08
N VAL L 93 2.67 19.62 -17.78
CA VAL L 93 2.66 19.98 -19.18
C VAL L 93 2.18 21.43 -19.32
N VAL L 94 2.93 22.24 -20.06
CA VAL L 94 2.62 23.66 -20.22
C VAL L 94 2.25 24.02 -21.66
N LEU L 95 1.01 24.43 -21.88
CA LEU L 95 0.62 24.92 -23.19
C LEU L 95 1.09 26.34 -23.36
N ALA L 96 1.95 26.58 -24.35
CA ALA L 96 2.52 27.91 -24.56
C ALA L 96 2.12 28.50 -25.89
N ALA L 97 1.87 29.81 -25.89
CA ALA L 97 1.56 30.55 -27.12
C ALA L 97 2.81 31.17 -27.72
N CYS L 98 2.83 31.28 -29.05
CA CYS L 98 4.02 31.77 -29.76
C CYS L 98 3.96 33.25 -30.07
N TYR L 99 4.91 34.00 -29.54
CA TYR L 99 5.03 35.42 -29.85
C TYR L 99 6.39 35.70 -30.50
N ASN L 100 6.38 36.48 -31.58
CA ASN L 100 7.62 36.92 -32.21
C ASN L 100 8.35 37.86 -31.28
N ASN L 101 9.60 38.21 -31.61
CA ASN L 101 10.39 39.18 -30.82
C ASN L 101 9.82 40.61 -30.81
N ASP L 102 8.87 40.90 -31.69
CA ASP L 102 8.14 42.18 -31.66
C ASP L 102 7.34 42.27 -30.38
N GLY L 103 6.88 41.13 -29.90
CA GLY L 103 5.85 41.08 -28.87
C GLY L 103 4.56 40.75 -29.57
N THR L 104 4.58 40.77 -30.91
CA THR L 104 3.42 40.37 -31.71
C THR L 104 3.24 38.85 -31.78
N PRO L 105 1.98 38.41 -31.80
CA PRO L 105 1.65 36.99 -31.96
C PRO L 105 2.07 36.45 -33.34
N ASN L 106 2.89 35.41 -33.31
CA ASN L 106 3.35 34.71 -34.51
C ASN L 106 2.26 34.50 -35.56
N LYS L 107 2.69 34.35 -36.82
CA LYS L 107 1.80 34.01 -37.92
C LYS L 107 0.73 33.03 -37.43
N PHE L 108 1.18 31.99 -36.74
CA PHE L 108 0.30 30.85 -36.42
C PHE L 108 -0.25 30.90 -35.01
N ASN L 109 -0.09 32.03 -34.34
CA ASN L 109 -0.75 32.21 -33.08
C ASN L 109 -2.10 32.87 -33.34
N HIS L 110 -3.16 32.08 -33.22
CA HIS L 110 -4.51 32.62 -33.36
C HIS L 110 -5.23 32.60 -32.03
N ARG L 111 -4.51 32.25 -30.97
CA ARG L 111 -5.12 32.26 -29.65
C ARG L 111 -5.36 33.69 -29.22
N HIS L 112 -4.40 34.57 -29.51
CA HIS L 112 -4.52 35.95 -29.08
C HIS L 112 -5.73 36.61 -29.71
N GLU L 113 -5.82 36.55 -31.04
CA GLU L 113 -6.95 37.14 -31.73
C GLU L 113 -8.28 36.69 -31.13
N ALA L 114 -8.48 35.39 -31.00
CA ALA L 114 -9.73 34.85 -30.47
C ALA L 114 -9.99 35.38 -29.07
N ALA L 115 -8.94 35.39 -28.25
CA ALA L 115 -9.03 35.87 -26.87
C ALA L 115 -9.75 37.22 -26.80
N LYS L 116 -9.34 38.15 -27.67
CA LYS L 116 -9.98 39.46 -27.78
C LYS L 116 -11.51 39.31 -27.85
N LEU L 117 -12.01 38.52 -28.79
CA LEU L 117 -13.43 38.30 -28.93
C LEU L 117 -14.08 37.73 -27.69
N PHE L 118 -13.48 36.70 -27.11
CA PHE L 118 -14.02 36.10 -25.89
C PHE L 118 -14.02 37.08 -24.73
N ALA L 119 -12.99 37.91 -24.65
CA ALA L 119 -12.90 38.92 -23.61
C ALA L 119 -14.03 39.93 -23.79
N ALA L 120 -14.26 40.35 -25.05
CA ALA L 120 -15.31 41.32 -25.37
C ALA L 120 -16.66 40.78 -24.93
N HIS L 121 -16.95 39.55 -25.33
CA HIS L 121 -18.26 39.00 -25.05
C HIS L 121 -18.30 38.14 -23.80
N LYS L 122 -17.43 38.46 -22.84
CA LYS L 122 -17.43 37.81 -21.53
C LYS L 122 -18.85 37.56 -21.04
N ASP L 123 -19.67 38.58 -21.20
CA ASP L 123 -21.02 38.55 -20.65
C ASP L 123 -21.87 37.42 -21.22
N GLU L 124 -21.67 37.09 -22.49
CA GLU L 124 -22.49 36.06 -23.12
C GLU L 124 -22.17 34.65 -22.61
N GLU L 125 -20.95 34.47 -22.13
CA GLU L 125 -20.49 33.17 -21.66
C GLU L 125 -20.69 32.10 -22.75
N ILE L 126 -19.96 32.22 -23.87
CA ILE L 126 -20.08 31.18 -24.89
C ILE L 126 -19.49 29.90 -24.33
N TRP L 127 -20.19 28.80 -24.61
CA TRP L 127 -19.71 27.48 -24.31
C TRP L 127 -19.50 26.69 -25.59
N PHE L 128 -18.43 25.91 -25.62
CA PHE L 128 -18.16 25.05 -26.76
C PHE L 128 -17.96 23.61 -26.33
N GLY L 129 -18.31 22.71 -27.23
CA GLY L 129 -18.02 21.30 -27.04
C GLY L 129 -17.60 20.77 -28.39
N LEU L 130 -16.34 20.39 -28.54
CA LEU L 130 -15.89 19.86 -29.82
C LEU L 130 -15.92 18.32 -29.84
N GLU L 131 -16.29 17.76 -30.99
CA GLU L 131 -16.25 16.32 -31.17
C GLU L 131 -15.11 15.98 -32.14
N GLN L 132 -13.93 15.65 -31.59
CA GLN L 132 -12.75 15.48 -32.40
C GLN L 132 -12.67 14.08 -32.97
N GLU L 133 -12.79 13.97 -34.28
CA GLU L 133 -12.62 12.69 -34.93
C GLU L 133 -11.22 12.62 -35.50
N TYR L 134 -10.64 11.42 -35.48
CA TYR L 134 -9.29 11.21 -36.00
C TYR L 134 -9.20 9.79 -36.56
N THR L 135 -8.15 9.51 -37.31
CA THR L 135 -7.98 8.21 -37.94
C THR L 135 -6.55 7.68 -37.66
N LEU L 136 -6.46 6.39 -37.38
CA LEU L 136 -5.18 5.77 -36.99
C LEU L 136 -4.35 5.25 -38.16
N PHE L 137 -3.02 5.33 -38.03
CA PHE L 137 -2.12 4.90 -39.12
C PHE L 137 -0.87 4.12 -38.68
N ASP L 138 -0.47 3.14 -39.51
CA ASP L 138 0.82 2.45 -39.47
C ASP L 138 1.99 3.36 -39.28
N MET L 139 3.09 2.77 -38.83
CA MET L 139 4.36 3.44 -38.94
C MET L 139 4.70 3.61 -40.41
N TYR L 140 3.97 2.88 -41.25
CA TYR L 140 4.22 2.87 -42.68
C TYR L 140 3.16 3.66 -43.44
N ASP L 141 2.43 4.48 -42.69
CA ASP L 141 1.45 5.37 -43.30
C ASP L 141 0.32 4.62 -44.02
N ASP L 142 -0.01 3.43 -43.56
CA ASP L 142 -1.18 2.71 -44.05
C ASP L 142 -2.20 2.72 -42.89
N VAL L 143 -3.49 2.68 -43.21
CA VAL L 143 -4.49 2.72 -42.14
C VAL L 143 -4.21 1.63 -41.12
N TYR L 144 -4.29 1.99 -39.86
CA TYR L 144 -3.85 1.09 -38.81
C TYR L 144 -4.70 -0.16 -38.70
N GLY L 145 -4.06 -1.32 -38.85
CA GLY L 145 -4.71 -2.61 -38.60
C GLY L 145 -5.47 -3.15 -39.79
N TRP L 146 -5.53 -2.36 -40.85
CA TRP L 146 -6.25 -2.78 -42.04
C TRP L 146 -5.43 -3.87 -42.72
N PRO L 147 -6.13 -4.89 -43.24
CA PRO L 147 -5.59 -5.93 -44.12
C PRO L 147 -4.45 -5.42 -45.03
N LYS L 148 -3.41 -6.24 -45.13
CA LYS L 148 -2.20 -5.86 -45.83
C LYS L 148 -2.44 -5.70 -47.32
N GLY L 149 -2.36 -4.47 -47.82
CA GLY L 149 -2.61 -4.22 -49.23
C GLY L 149 -4.08 -4.16 -49.58
N GLY L 150 -4.96 -4.54 -48.65
CA GLY L 150 -6.40 -4.59 -48.87
C GLY L 150 -7.25 -3.76 -47.92
N TYR L 151 -8.46 -4.25 -47.64
CA TYR L 151 -9.45 -3.49 -46.89
C TYR L 151 -10.22 -4.37 -45.93
N PRO L 152 -10.71 -3.77 -44.84
CA PRO L 152 -11.63 -4.45 -43.93
C PRO L 152 -12.98 -4.64 -44.61
N ALA L 153 -13.93 -5.29 -43.92
CA ALA L 153 -15.29 -5.39 -44.43
C ALA L 153 -15.82 -4.00 -44.59
N PRO L 154 -16.93 -3.86 -45.30
CA PRO L 154 -17.47 -2.51 -45.52
C PRO L 154 -18.04 -1.95 -44.24
N GLN L 155 -18.13 -0.63 -44.18
CA GLN L 155 -18.62 0.08 -43.00
C GLN L 155 -19.97 -0.44 -42.46
N GLY L 156 -20.19 -0.21 -41.17
CA GLY L 156 -21.43 -0.66 -40.56
C GLY L 156 -21.24 -1.24 -39.18
N PRO L 157 -20.35 -2.22 -39.06
CA PRO L 157 -20.15 -2.92 -37.79
C PRO L 157 -19.10 -2.25 -36.91
N TYR L 158 -18.51 -1.15 -37.37
CA TYR L 158 -17.41 -0.51 -36.64
C TYR L 158 -17.84 0.63 -35.70
N TYR L 159 -18.86 1.38 -36.10
CA TYR L 159 -19.35 2.48 -35.29
C TYR L 159 -19.74 1.98 -33.92
N CYS L 160 -19.09 2.50 -32.89
CA CYS L 160 -19.37 2.10 -31.50
C CYS L 160 -19.24 0.60 -31.39
N GLY L 161 -18.29 0.06 -32.16
CA GLY L 161 -18.10 -1.38 -32.23
C GLY L 161 -17.63 -2.03 -30.94
N VAL L 162 -17.83 -3.34 -30.87
CA VAL L 162 -17.23 -4.13 -29.82
C VAL L 162 -17.07 -5.53 -30.30
N GLY L 163 -15.88 -6.07 -30.06
CA GLY L 163 -15.48 -7.34 -30.64
C GLY L 163 -14.16 -7.19 -31.38
N ALA L 164 -13.41 -8.29 -31.41
CA ALA L 164 -12.07 -8.30 -31.97
C ALA L 164 -11.86 -7.61 -33.33
N GLY L 165 -12.74 -7.87 -34.30
CA GLY L 165 -12.51 -7.25 -35.59
C GLY L 165 -13.15 -5.87 -35.77
N LYS L 166 -13.95 -5.49 -34.80
CA LYS L 166 -14.87 -4.38 -34.97
C LYS L 166 -14.23 -3.02 -34.64
N VAL L 167 -13.04 -3.04 -34.06
CA VAL L 167 -12.50 -1.83 -33.46
C VAL L 167 -10.99 -1.95 -33.47
N TYR L 168 -10.28 -0.84 -33.62
CA TYR L 168 -8.82 -0.94 -33.72
C TYR L 168 -8.03 -0.08 -32.75
N ALA L 169 -7.11 -0.70 -32.03
CA ALA L 169 -6.26 0.01 -31.08
C ALA L 169 -7.03 0.63 -29.90
N ARG L 170 -8.03 -0.08 -29.38
CA ARG L 170 -8.82 0.46 -28.28
C ARG L 170 -7.94 0.83 -27.09
N ASP L 171 -6.90 0.01 -26.87
CA ASP L 171 -6.04 0.23 -25.72
C ASP L 171 -5.40 1.59 -25.77
N MET L 172 -4.98 1.99 -26.95
CA MET L 172 -4.35 3.30 -27.12
C MET L 172 -5.39 4.37 -26.84
N ILE L 173 -6.54 4.21 -27.47
CA ILE L 173 -7.65 5.14 -27.30
C ILE L 173 -7.98 5.35 -25.83
N GLU L 174 -8.03 4.24 -25.09
CA GLU L 174 -8.34 4.27 -23.65
C GLU L 174 -7.25 4.97 -22.86
N ALA L 175 -6.00 4.70 -23.20
CA ALA L 175 -4.87 5.35 -22.55
C ALA L 175 -5.00 6.85 -22.67
N HIS L 176 -5.40 7.31 -23.86
CA HIS L 176 -5.59 8.73 -24.12
C HIS L 176 -6.70 9.30 -23.22
N TYR L 177 -7.87 8.66 -23.23
CA TYR L 177 -8.94 9.06 -22.34
C TYR L 177 -8.43 9.24 -20.91
N ARG L 178 -7.70 8.25 -20.40
CA ARG L 178 -7.15 8.31 -19.05
C ARG L 178 -6.24 9.53 -18.89
N ALA L 179 -5.35 9.69 -19.86
CA ALA L 179 -4.42 10.82 -19.83
C ALA L 179 -5.16 12.13 -19.68
N CYS L 180 -6.16 12.34 -20.53
CA CYS L 180 -6.91 13.59 -20.54
C CYS L 180 -7.58 13.82 -19.21
N LEU L 181 -8.15 12.76 -18.65
CA LEU L 181 -8.76 12.82 -17.31
C LEU L 181 -7.76 13.19 -16.22
N TYR L 182 -6.59 12.54 -16.23
CA TYR L 182 -5.54 12.82 -15.27
C TYR L 182 -5.14 14.31 -15.32
N ALA L 183 -5.04 14.84 -16.53
CA ALA L 183 -4.62 16.22 -16.73
C ALA L 183 -5.75 17.16 -16.30
N GLY L 184 -6.93 16.58 -16.08
CA GLY L 184 -8.06 17.38 -15.69
C GLY L 184 -8.78 18.06 -16.85
N LEU L 185 -8.46 17.64 -18.07
CA LEU L 185 -9.17 18.16 -19.22
C LEU L 185 -10.68 17.83 -19.15
N GLU L 186 -11.47 18.66 -19.80
CA GLU L 186 -12.91 18.45 -19.81
C GLU L 186 -13.31 17.46 -20.90
N ILE L 187 -12.78 16.24 -20.80
CA ILE L 187 -13.05 15.24 -21.82
C ILE L 187 -14.37 14.51 -21.52
N SER L 188 -15.37 14.80 -22.33
CA SER L 188 -16.73 14.37 -22.02
C SER L 188 -17.02 12.91 -22.36
N GLY L 189 -16.30 12.36 -23.32
CA GLY L 189 -16.58 11.00 -23.76
C GLY L 189 -15.79 10.59 -24.99
N ILE L 190 -15.85 9.31 -25.31
CA ILE L 190 -15.10 8.78 -26.42
C ILE L 190 -16.01 7.78 -27.14
N ASN L 191 -15.75 7.53 -28.42
CA ASN L 191 -16.52 6.53 -29.15
C ASN L 191 -15.80 6.08 -30.43
N ALA L 192 -15.99 4.83 -30.83
CA ALA L 192 -15.42 4.36 -32.09
C ALA L 192 -16.29 4.84 -33.26
N GLU L 193 -15.64 5.35 -34.29
CA GLU L 193 -16.37 5.90 -35.44
C GLU L 193 -16.68 4.91 -36.54
N VAL L 194 -17.27 5.42 -37.60
CA VAL L 194 -17.91 4.60 -38.61
C VAL L 194 -16.88 3.83 -39.41
N MET L 195 -15.86 4.56 -39.86
CA MET L 195 -14.74 3.95 -40.58
C MET L 195 -13.86 3.16 -39.61
N PRO L 196 -13.46 1.94 -40.00
CA PRO L 196 -12.64 1.12 -39.10
C PRO L 196 -11.33 1.85 -38.79
N SER L 197 -10.90 1.80 -37.53
CA SER L 197 -9.70 2.49 -37.02
C SER L 197 -9.79 4.00 -37.10
N GLN L 198 -11.03 4.49 -37.01
CA GLN L 198 -11.31 5.91 -36.87
C GLN L 198 -12.08 6.11 -35.56
N TRP L 199 -11.66 7.07 -34.76
CA TRP L 199 -12.25 7.28 -33.45
C TRP L 199 -12.69 8.73 -33.27
N GLU L 200 -13.33 9.00 -32.14
CA GLU L 200 -13.74 10.34 -31.77
C GLU L 200 -13.50 10.48 -30.28
N PHE L 201 -13.11 11.68 -29.84
CA PHE L 201 -13.24 12.04 -28.43
C PHE L 201 -13.87 13.42 -28.37
N GLN L 202 -14.66 13.66 -27.33
CA GLN L 202 -15.33 14.94 -27.17
C GLN L 202 -14.81 15.68 -25.95
N VAL L 203 -14.57 16.98 -26.13
CA VAL L 203 -14.16 17.83 -25.05
C VAL L 203 -15.12 18.97 -24.88
N GLY L 204 -15.72 19.06 -23.70
CA GLY L 204 -16.62 20.16 -23.42
C GLY L 204 -17.50 19.86 -22.23
N PRO L 205 -18.23 20.87 -21.78
CA PRO L 205 -18.20 22.21 -22.38
C PRO L 205 -17.04 23.01 -21.81
N CYS L 206 -16.44 23.88 -22.61
CA CYS L 206 -15.39 24.77 -22.13
C CYS L 206 -15.81 26.19 -22.42
N THR L 207 -15.26 27.16 -21.67
CA THR L 207 -15.61 28.54 -21.96
C THR L 207 -14.54 29.29 -22.74
N GLY L 208 -14.96 29.91 -23.84
CA GLY L 208 -14.10 30.75 -24.63
C GLY L 208 -12.76 30.17 -25.04
N ILE L 209 -11.71 30.74 -24.46
CA ILE L 209 -10.38 30.34 -24.83
C ILE L 209 -10.05 28.93 -24.34
N ASP L 210 -10.72 28.50 -23.29
CA ASP L 210 -10.48 27.15 -22.78
C ASP L 210 -10.68 26.05 -23.81
N MET L 211 -11.71 26.17 -24.63
CA MET L 211 -11.98 25.16 -25.64
C MET L 211 -10.71 24.94 -26.44
N GLY L 212 -10.20 26.01 -27.02
CA GLY L 212 -8.97 25.92 -27.80
C GLY L 212 -7.86 25.28 -26.99
N ASP L 213 -7.54 25.86 -25.84
CA ASP L 213 -6.46 25.35 -25.00
C ASP L 213 -6.57 23.84 -24.75
N GLN L 214 -7.74 23.43 -24.26
CA GLN L 214 -7.91 22.03 -23.91
C GLN L 214 -7.86 21.08 -25.12
N LEU L 215 -8.56 21.41 -26.21
CA LEU L 215 -8.49 20.56 -27.39
C LEU L 215 -7.05 20.39 -27.84
N TRP L 216 -6.32 21.50 -27.93
CA TRP L 216 -4.92 21.42 -28.28
C TRP L 216 -4.14 20.48 -27.36
N MET L 217 -4.38 20.56 -26.05
CA MET L 217 -3.69 19.64 -25.13
C MET L 217 -4.11 18.20 -25.34
N ALA L 218 -5.41 17.98 -25.51
CA ALA L 218 -5.91 16.65 -25.80
C ALA L 218 -5.23 16.10 -27.03
N ARG L 219 -5.01 16.95 -28.03
CA ARG L 219 -4.30 16.53 -29.24
C ARG L 219 -2.86 16.17 -28.92
N TYR L 220 -2.18 17.00 -28.13
CA TYR L 220 -0.82 16.67 -27.73
C TYR L 220 -0.82 15.28 -27.10
N PHE L 221 -1.69 15.07 -26.11
CA PHE L 221 -1.80 13.78 -25.45
C PHE L 221 -2.03 12.61 -26.41
N LEU L 222 -2.89 12.82 -27.40
CA LEU L 222 -3.21 11.79 -28.39
C LEU L 222 -1.97 11.40 -29.19
N HIS L 223 -1.34 12.37 -29.84
CA HIS L 223 -0.10 12.11 -30.58
C HIS L 223 0.91 11.39 -29.69
N ARG L 224 1.10 11.95 -28.52
CA ARG L 224 2.14 11.54 -27.61
C ARG L 224 1.92 10.14 -27.09
N VAL L 225 0.69 9.84 -26.70
CA VAL L 225 0.39 8.51 -26.15
C VAL L 225 0.48 7.46 -27.24
N ALA L 226 -0.01 7.83 -28.43
CA ALA L 226 0.01 6.93 -29.57
C ALA L 226 1.46 6.58 -29.98
N GLU L 227 2.39 7.49 -29.73
CA GLU L 227 3.79 7.20 -29.97
C GLU L 227 4.14 5.86 -29.34
N GLU L 228 3.62 5.64 -28.15
CA GLU L 228 3.91 4.44 -27.38
C GLU L 228 3.37 3.16 -28.04
N PHE L 229 2.45 3.29 -28.99
CA PHE L 229 1.90 2.14 -29.68
C PHE L 229 2.33 2.12 -31.14
N GLY L 230 3.27 2.99 -31.49
CA GLY L 230 3.73 3.10 -32.86
C GLY L 230 2.64 3.50 -33.83
N ILE L 231 1.66 4.24 -33.32
CA ILE L 231 0.54 4.68 -34.13
C ILE L 231 0.64 6.17 -34.44
N LYS L 232 0.48 6.49 -35.72
CA LYS L 232 0.44 7.87 -36.19
C LYS L 232 -1.02 8.34 -36.19
N ILE L 233 -1.24 9.59 -35.80
CA ILE L 233 -2.60 10.12 -35.77
C ILE L 233 -2.88 11.10 -36.91
N SER L 234 -4.00 10.89 -37.59
CA SER L 234 -4.31 11.70 -38.77
C SER L 234 -5.57 12.52 -38.61
N PHE L 235 -5.41 13.85 -38.64
CA PHE L 235 -6.55 14.74 -38.54
C PHE L 235 -7.05 15.17 -39.92
N HIS L 236 -6.60 14.47 -40.94
CA HIS L 236 -7.09 14.73 -42.27
C HIS L 236 -8.59 14.46 -42.36
N PRO L 237 -9.31 15.31 -43.11
CA PRO L 237 -10.77 15.28 -43.25
C PRO L 237 -11.29 14.10 -44.05
N LYS L 238 -10.45 13.55 -44.90
CA LYS L 238 -10.83 12.41 -45.72
C LYS L 238 -9.62 11.50 -45.92
N PRO L 239 -9.30 10.70 -44.90
CA PRO L 239 -8.05 9.92 -44.90
C PRO L 239 -8.08 8.89 -46.03
N LEU L 240 -9.26 8.37 -46.31
CA LEU L 240 -9.37 7.43 -47.41
C LEU L 240 -10.43 7.93 -48.36
N LYS L 241 -10.07 7.96 -49.64
CA LYS L 241 -10.99 8.38 -50.68
C LYS L 241 -12.07 7.31 -50.85
N GLY L 242 -13.26 7.73 -51.23
CA GLY L 242 -14.33 6.76 -51.45
C GLY L 242 -15.51 6.97 -50.53
N ASP L 243 -16.09 5.87 -50.09
CA ASP L 243 -17.26 5.94 -49.23
C ASP L 243 -16.89 5.86 -47.75
N TRP L 244 -15.60 5.60 -47.49
CA TRP L 244 -15.10 5.58 -46.11
C TRP L 244 -15.29 6.94 -45.48
N ASN L 245 -15.85 6.96 -44.27
CA ASN L 245 -16.21 8.23 -43.65
C ASN L 245 -15.06 9.23 -43.60
N GLY L 246 -15.42 10.51 -43.66
CA GLY L 246 -14.47 11.58 -43.48
C GLY L 246 -14.25 11.81 -42.00
N ALA L 247 -13.51 12.87 -41.64
CA ALA L 247 -13.26 13.16 -40.24
C ALA L 247 -13.59 14.61 -39.96
N GLY L 248 -14.52 14.82 -39.04
CA GLY L 248 -14.95 16.16 -38.70
C GLY L 248 -14.62 16.51 -37.27
N CYS L 249 -14.83 17.77 -36.93
CA CYS L 249 -14.69 18.25 -35.56
C CYS L 249 -15.92 19.07 -35.20
N HIS L 250 -17.06 18.42 -35.15
CA HIS L 250 -18.33 19.10 -34.89
C HIS L 250 -18.19 20.06 -33.71
N ALA L 251 -18.36 21.35 -33.96
CA ALA L 251 -18.33 22.34 -32.88
C ALA L 251 -19.76 22.59 -32.35
N ASN L 252 -19.99 22.29 -31.08
CA ASN L 252 -21.28 22.54 -30.42
C ASN L 252 -21.23 23.87 -29.70
N VAL L 253 -22.29 24.66 -29.82
CA VAL L 253 -22.23 26.06 -29.37
C VAL L 253 -23.45 26.47 -28.56
N SER L 254 -23.22 27.35 -27.59
CA SER L 254 -24.30 27.92 -26.79
C SER L 254 -23.85 29.19 -26.02
N THR L 255 -24.76 30.14 -25.90
CA THR L 255 -24.56 31.30 -25.04
C THR L 255 -25.50 31.19 -23.83
N LYS L 256 -25.25 31.98 -22.79
CA LYS L 256 -26.07 31.92 -21.58
C LYS L 256 -27.57 31.99 -21.93
N GLU L 257 -27.94 32.85 -22.87
CA GLU L 257 -29.35 33.01 -23.26
C GLU L 257 -29.93 31.72 -23.83
N MET L 258 -29.18 31.07 -24.70
CA MET L 258 -29.64 29.83 -25.32
C MET L 258 -29.87 28.73 -24.28
N ARG L 259 -29.14 28.79 -23.17
CA ARG L 259 -29.16 27.72 -22.16
C ARG L 259 -30.30 27.88 -21.18
N GLN L 260 -30.84 29.10 -21.09
CA GLN L 260 -32.00 29.35 -20.23
C GLN L 260 -33.26 29.27 -21.06
N PRO L 261 -34.36 28.85 -20.42
CA PRO L 261 -35.64 28.59 -21.10
C PRO L 261 -36.00 29.66 -22.12
N GLY L 262 -36.63 29.26 -23.21
CA GLY L 262 -36.93 30.20 -24.30
C GLY L 262 -35.70 30.45 -25.15
N GLY L 263 -34.78 29.49 -25.10
CA GLY L 263 -33.52 29.61 -25.80
C GLY L 263 -33.62 29.48 -27.30
N THR L 264 -34.40 28.51 -27.81
CA THR L 264 -34.33 28.20 -29.25
C THR L 264 -34.65 29.46 -30.04
N LYS L 265 -35.11 30.47 -29.31
CA LYS L 265 -35.21 31.83 -29.87
C LYS L 265 -33.84 32.34 -30.32
N TYR L 266 -32.92 32.50 -29.37
CA TYR L 266 -31.57 32.96 -29.65
C TYR L 266 -30.75 31.95 -30.42
N ILE L 267 -31.04 30.67 -30.23
CA ILE L 267 -30.42 29.63 -31.04
C ILE L 267 -30.76 29.84 -32.51
N GLU L 268 -32.04 30.00 -32.81
CA GLU L 268 -32.47 30.30 -34.17
C GLU L 268 -31.87 31.60 -34.71
N GLN L 269 -31.77 32.61 -33.86
CA GLN L 269 -31.13 33.86 -34.25
C GLN L 269 -29.68 33.62 -34.66
N ALA L 270 -28.95 32.91 -33.82
CA ALA L 270 -27.55 32.59 -34.09
C ALA L 270 -27.42 31.83 -35.41
N ILE L 271 -28.28 30.85 -35.60
CA ILE L 271 -28.25 30.03 -36.82
C ILE L 271 -28.40 30.89 -38.06
N GLU L 272 -29.23 31.93 -37.94
CA GLU L 272 -29.45 32.81 -39.07
C GLU L 272 -28.23 33.68 -39.36
N LYS L 273 -27.67 34.31 -38.32
CA LYS L 273 -26.43 35.07 -38.52
C LYS L 273 -25.39 34.17 -39.21
N LEU L 274 -25.29 32.93 -38.72
CA LEU L 274 -24.34 31.94 -39.23
C LEU L 274 -24.57 31.67 -40.70
N SER L 275 -25.84 31.70 -41.10
CA SER L 275 -26.23 31.44 -42.49
C SER L 275 -25.71 32.54 -43.43
N LYS L 276 -25.57 33.75 -42.90
CA LYS L 276 -25.05 34.84 -43.71
C LYS L 276 -23.53 34.78 -43.89
N ARG L 277 -22.85 34.12 -42.96
CA ARG L 277 -21.40 34.04 -43.00
C ARG L 277 -20.83 32.64 -43.26
N HIS L 278 -21.59 31.84 -44.01
CA HIS L 278 -21.19 30.47 -44.33
C HIS L 278 -19.83 30.43 -45.04
N ALA L 279 -19.63 31.31 -46.00
CA ALA L 279 -18.37 31.26 -46.74
C ALA L 279 -17.19 31.63 -45.85
N GLU L 280 -17.35 32.64 -45.00
CA GLU L 280 -16.27 33.15 -44.17
C GLU L 280 -15.82 32.10 -43.16
N HIS L 281 -16.81 31.38 -42.64
CA HIS L 281 -16.58 30.25 -41.73
C HIS L 281 -15.87 29.11 -42.45
N ILE L 282 -16.49 28.58 -43.50
CA ILE L 282 -15.87 27.55 -44.31
C ILE L 282 -14.40 27.84 -44.56
N LYS L 283 -14.07 29.10 -44.83
CA LYS L 283 -12.67 29.47 -45.12
C LYS L 283 -11.73 29.15 -43.95
N LEU L 284 -12.21 29.29 -42.71
CA LEU L 284 -11.48 28.72 -41.58
C LEU L 284 -11.78 27.22 -41.61
N TYR L 285 -12.52 26.68 -40.64
CA TYR L 285 -13.10 25.32 -40.77
C TYR L 285 -12.37 24.12 -41.47
N GLY L 286 -11.13 24.28 -41.92
CA GLY L 286 -10.36 23.13 -42.34
C GLY L 286 -10.04 22.98 -43.81
N SER L 287 -8.77 22.67 -44.09
CA SER L 287 -8.25 22.40 -45.44
C SER L 287 -8.63 21.01 -46.02
N ASP L 288 -8.68 20.96 -47.34
CA ASP L 288 -9.40 19.90 -48.06
C ASP L 288 -10.63 19.34 -47.34
N ASN L 289 -11.38 20.23 -46.70
CA ASN L 289 -12.68 19.87 -46.19
C ASN L 289 -13.57 19.61 -47.39
N ASP L 290 -13.09 20.06 -48.55
CA ASP L 290 -13.83 19.88 -49.80
C ASP L 290 -13.99 18.40 -50.17
N MET L 291 -13.11 17.54 -49.65
CA MET L 291 -13.29 16.11 -49.83
C MET L 291 -14.16 15.46 -48.75
N ARG L 292 -14.95 16.27 -48.05
CA ARG L 292 -15.86 15.79 -47.01
C ARG L 292 -17.29 16.42 -47.06
N SER L 301 -22.66 19.73 -47.52
CA SER L 301 -22.18 20.45 -48.72
C SER L 301 -21.38 21.73 -48.45
N MET L 302 -20.30 21.91 -49.21
CA MET L 302 -19.31 22.98 -49.01
C MET L 302 -19.79 24.36 -49.36
N THR L 303 -20.74 24.43 -50.30
CA THR L 303 -21.22 25.69 -50.80
C THR L 303 -22.62 25.97 -50.26
N ALA L 304 -23.35 24.91 -49.96
CA ALA L 304 -24.69 25.05 -49.44
C ALA L 304 -24.71 25.19 -47.92
N PHE L 305 -25.54 26.11 -47.42
CA PHE L 305 -25.81 26.19 -46.00
C PHE L 305 -27.24 25.79 -45.70
N SER L 306 -27.43 24.86 -44.78
CA SER L 306 -28.78 24.49 -44.34
C SER L 306 -28.80 24.16 -42.84
N SER L 307 -30.00 24.19 -42.27
CA SER L 307 -30.15 23.89 -40.86
C SER L 307 -31.51 23.25 -40.64
N GLY L 308 -31.60 22.45 -39.58
CA GLY L 308 -32.84 21.79 -39.22
C GLY L 308 -32.65 20.98 -37.95
N VAL L 309 -33.76 20.70 -37.27
CA VAL L 309 -33.74 19.83 -36.09
C VAL L 309 -33.46 18.39 -36.48
N ALA L 310 -32.79 17.66 -35.59
CA ALA L 310 -32.41 16.27 -35.84
C ALA L 310 -32.07 16.05 -37.31
N ASN L 311 -30.93 16.59 -37.73
CA ASN L 311 -30.58 16.58 -39.13
C ASN L 311 -29.07 16.46 -39.30
N ARG L 312 -28.58 15.22 -39.41
CA ARG L 312 -27.16 14.97 -39.61
C ARG L 312 -26.74 15.26 -41.06
N GLY L 313 -27.67 15.81 -41.84
CA GLY L 313 -27.41 16.22 -43.20
C GLY L 313 -27.19 17.73 -43.36
N SER L 314 -27.67 18.50 -42.39
CA SER L 314 -27.57 19.95 -42.48
C SER L 314 -26.20 20.50 -42.04
N SER L 315 -26.00 21.79 -42.29
CA SER L 315 -24.77 22.47 -41.88
C SER L 315 -24.81 22.73 -40.38
N ILE L 316 -25.96 23.17 -39.89
CA ILE L 316 -26.19 23.28 -38.44
C ILE L 316 -27.39 22.42 -38.01
N ARG L 317 -27.22 21.67 -36.93
CA ARG L 317 -28.24 20.72 -36.50
C ARG L 317 -28.68 21.08 -35.10
N ILE L 318 -29.98 21.20 -34.92
CA ILE L 318 -30.53 21.38 -33.58
C ILE L 318 -30.95 20.02 -33.09
N PRO L 319 -30.30 19.57 -32.01
CA PRO L 319 -30.62 18.26 -31.40
C PRO L 319 -32.10 18.15 -31.09
N ARG L 320 -32.74 17.05 -31.47
CA ARG L 320 -34.16 16.89 -31.19
C ARG L 320 -34.42 17.19 -29.72
N SER L 321 -33.52 16.70 -28.87
CA SER L 321 -33.57 16.95 -27.42
C SER L 321 -33.70 18.45 -27.13
N VAL L 322 -32.79 19.25 -27.67
CA VAL L 322 -32.83 20.72 -27.51
C VAL L 322 -34.16 21.29 -27.97
N ALA L 323 -34.56 20.95 -29.20
CA ALA L 323 -35.82 21.39 -29.79
C ALA L 323 -37.00 21.10 -28.85
N LYS L 324 -37.16 19.85 -28.43
CA LYS L 324 -38.27 19.46 -27.56
C LYS L 324 -38.28 20.25 -26.25
N GLU L 325 -37.12 20.65 -25.76
CA GLU L 325 -37.05 21.32 -24.46
C GLU L 325 -37.02 22.85 -24.52
N GLY L 326 -36.82 23.40 -25.72
CA GLY L 326 -36.91 24.84 -25.89
C GLY L 326 -35.67 25.66 -25.57
N TYR L 327 -34.60 24.99 -25.16
CA TYR L 327 -33.33 25.65 -24.89
C TYR L 327 -32.20 24.61 -24.99
N GLY L 328 -30.96 25.09 -25.11
CA GLY L 328 -29.82 24.20 -25.22
C GLY L 328 -28.69 24.78 -26.04
N TYR L 329 -28.30 24.04 -27.08
CA TYR L 329 -27.15 24.41 -27.92
C TYR L 329 -27.43 23.94 -29.35
N PHE L 330 -26.58 24.33 -30.28
CA PHE L 330 -26.70 23.81 -31.63
C PHE L 330 -25.37 23.17 -32.01
N GLU L 331 -25.42 22.31 -33.02
CA GLU L 331 -24.24 21.59 -33.52
C GLU L 331 -23.87 22.10 -34.91
N ASP L 332 -22.73 22.74 -35.02
CA ASP L 332 -22.20 23.09 -36.33
C ASP L 332 -21.41 21.89 -36.83
N ARG L 333 -21.94 21.20 -37.84
CA ARG L 333 -21.30 19.99 -38.34
C ARG L 333 -20.28 20.24 -39.45
N ARG L 334 -20.01 21.52 -39.71
CA ARG L 334 -19.19 21.94 -40.84
C ARG L 334 -17.68 21.77 -40.63
N PRO L 335 -17.18 22.10 -39.42
CA PRO L 335 -15.72 22.13 -39.26
C PRO L 335 -15.08 20.75 -39.48
N ALA L 336 -13.93 20.72 -40.13
CA ALA L 336 -13.20 19.47 -40.38
C ALA L 336 -12.33 19.07 -39.19
N SER L 337 -11.94 17.80 -39.19
CA SER L 337 -11.11 17.26 -38.13
C SER L 337 -9.87 18.11 -37.90
N ASN L 338 -9.32 18.66 -38.98
CA ASN L 338 -8.03 19.37 -38.91
C ASN L 338 -8.10 20.86 -38.51
N ILE L 339 -9.26 21.29 -38.02
CA ILE L 339 -9.44 22.69 -37.70
C ILE L 339 -8.55 23.14 -36.55
N ASP L 340 -8.23 24.43 -36.54
CA ASP L 340 -7.66 25.09 -35.35
C ASP L 340 -8.81 25.63 -34.50
N PRO L 341 -9.04 25.02 -33.32
CA PRO L 341 -10.13 25.39 -32.41
C PRO L 341 -10.13 26.87 -32.12
N TYR L 342 -8.95 27.50 -32.04
CA TYR L 342 -8.89 28.96 -31.85
C TYR L 342 -9.64 29.72 -32.97
N LEU L 343 -9.37 29.34 -34.21
CA LEU L 343 -10.06 29.92 -35.35
C LEU L 343 -11.57 29.61 -35.36
N VAL L 344 -11.93 28.35 -35.19
CA VAL L 344 -13.34 28.00 -35.17
C VAL L 344 -14.10 28.68 -34.03
N THR L 345 -13.67 28.48 -32.78
CA THR L 345 -14.40 29.08 -31.65
C THR L 345 -14.35 30.60 -31.74
N GLY L 346 -13.21 31.11 -32.22
CA GLY L 346 -13.03 32.53 -32.44
C GLY L 346 -14.06 33.14 -33.37
N ILE L 347 -14.08 32.69 -34.62
CA ILE L 347 -15.03 33.23 -35.57
C ILE L 347 -16.47 32.87 -35.19
N MET L 348 -16.67 31.79 -34.44
CA MET L 348 -18.02 31.44 -34.05
C MET L 348 -18.55 32.56 -33.19
N CYS L 349 -17.74 32.95 -32.22
CA CYS L 349 -18.10 34.01 -31.30
C CYS L 349 -18.28 35.31 -32.06
N GLU L 350 -17.33 35.62 -32.93
CA GLU L 350 -17.39 36.81 -33.78
C GLU L 350 -18.75 36.98 -34.45
N THR L 351 -19.24 35.93 -35.10
CA THR L 351 -20.47 36.07 -35.87
C THR L 351 -21.74 35.79 -35.06
N VAL L 352 -21.62 35.03 -33.98
CA VAL L 352 -22.79 34.76 -33.16
C VAL L 352 -23.01 35.85 -32.12
N CYS L 353 -21.93 36.33 -31.53
CA CYS L 353 -22.00 37.33 -30.47
C CYS L 353 -21.79 38.75 -30.99
N GLY L 354 -21.04 38.88 -32.08
CA GLY L 354 -20.81 40.18 -32.69
C GLY L 354 -19.34 40.56 -32.92
N ALA L 355 -19.09 41.18 -34.06
CA ALA L 355 -17.74 41.57 -34.44
C ALA L 355 -17.16 42.64 -33.51
N ILE L 356 -15.87 42.88 -33.69
CA ILE L 356 -15.17 43.90 -32.91
C ILE L 356 -14.25 44.64 -33.86
N ASP L 357 -14.11 45.94 -33.67
CA ASP L 357 -13.21 46.74 -34.49
C ASP L 357 -11.80 46.44 -34.03
N ASN L 358 -11.74 45.86 -32.83
CA ASN L 358 -10.50 45.49 -32.18
C ASN L 358 -9.89 44.22 -32.77
N ALA L 359 -10.70 43.42 -33.47
CA ALA L 359 -10.22 42.18 -34.05
C ALA L 359 -11.08 41.64 -35.20
N ASP L 360 -10.41 40.98 -36.16
CA ASP L 360 -11.08 40.36 -37.31
C ASP L 360 -10.60 38.92 -37.46
N MET L 361 -11.47 37.96 -37.13
CA MET L 361 -11.13 36.53 -37.18
C MET L 361 -10.69 36.10 -38.55
N THR L 362 -11.53 36.42 -39.54
CA THR L 362 -11.22 36.01 -40.89
C THR L 362 -9.90 36.62 -41.40
N LYS L 363 -9.60 37.84 -40.99
CA LYS L 363 -8.30 38.43 -41.35
C LYS L 363 -7.13 37.68 -40.72
N GLU L 364 -7.32 37.27 -39.46
CA GLU L 364 -6.35 36.41 -38.78
C GLU L 364 -6.11 35.17 -39.64
N PHE L 365 -5.23 35.36 -40.61
CA PHE L 365 -4.89 34.40 -41.64
C PHE L 365 -3.70 35.03 -42.28
N GLU L 366 -2.63 34.97 -41.50
CA GLU L 366 -1.40 35.67 -41.72
C GLU L 366 -0.25 34.68 -41.95
N ARG M 21 22.45 -7.18 0.54
CA ARG M 21 22.38 -7.83 1.88
C ARG M 21 23.07 -7.09 3.04
N GLY M 22 22.84 -5.79 3.17
CA GLY M 22 23.66 -4.98 4.04
C GLY M 22 24.83 -4.29 3.31
N ARG M 23 25.22 -4.84 2.18
CA ARG M 23 26.34 -4.28 1.45
C ARG M 23 25.94 -3.29 0.36
N ILE M 24 26.91 -2.56 -0.15
CA ILE M 24 26.72 -1.51 -1.16
C ILE M 24 27.52 -1.83 -2.44
N ILE M 25 26.97 -1.53 -3.61
CA ILE M 25 27.78 -1.61 -4.82
C ILE M 25 28.15 -0.23 -5.34
N ALA M 26 29.43 0.00 -5.55
CA ALA M 26 29.91 1.24 -6.14
C ALA M 26 30.47 0.95 -7.52
N GLU M 27 29.88 1.56 -8.54
CA GLU M 27 30.42 1.42 -9.88
C GLU M 27 31.39 2.55 -10.11
N TYR M 28 32.63 2.20 -10.40
CA TYR M 28 33.63 3.22 -10.69
C TYR M 28 33.62 3.48 -12.18
N VAL M 29 33.49 4.77 -12.53
CA VAL M 29 33.43 5.21 -13.90
C VAL M 29 34.60 6.14 -14.19
N TRP M 30 35.31 5.89 -15.28
CA TRP M 30 36.41 6.77 -15.67
C TRP M 30 36.50 6.93 -17.17
N ILE M 31 37.39 7.83 -17.59
CA ILE M 31 37.58 8.19 -19.00
C ILE M 31 38.83 7.53 -19.57
N ASP M 32 38.71 6.95 -20.77
CA ASP M 32 39.81 6.15 -21.33
C ASP M 32 40.66 6.85 -22.38
N GLY M 33 41.53 6.07 -23.01
CA GLY M 33 42.44 6.57 -24.03
C GLY M 33 41.83 6.60 -25.42
N THR M 34 40.53 6.30 -25.47
CA THR M 34 39.74 6.57 -26.63
C THR M 34 38.80 7.66 -26.12
N GLY M 35 37.65 7.82 -26.76
CA GLY M 35 36.74 8.86 -26.29
C GLY M 35 35.61 8.39 -25.39
N ASN M 36 35.84 7.33 -24.62
CA ASN M 36 34.74 6.63 -23.94
C ASN M 36 34.84 6.54 -22.44
N LEU M 37 33.74 6.16 -21.82
CA LEU M 37 33.78 5.83 -20.41
C LEU M 37 34.09 4.36 -20.27
N ARG M 38 34.63 3.99 -19.12
CA ARG M 38 34.80 2.57 -18.76
C ARG M 38 34.30 2.43 -17.34
N SER M 39 33.95 1.22 -16.94
CA SER M 39 33.55 1.03 -15.55
C SER M 39 33.66 -0.40 -15.07
N LYS M 40 33.87 -0.52 -13.76
CA LYS M 40 33.70 -1.79 -13.09
C LYS M 40 33.06 -1.50 -11.74
N GLY M 41 32.54 -2.55 -11.10
CA GLY M 41 31.90 -2.41 -9.81
C GLY M 41 32.58 -3.18 -8.68
N ARG M 42 32.48 -2.62 -7.48
CA ARG M 42 33.00 -3.26 -6.28
C ARG M 42 32.00 -3.15 -5.12
N THR M 43 31.95 -4.20 -4.31
CA THR M 43 31.15 -4.22 -3.11
C THR M 43 31.84 -3.41 -2.02
N LEU M 44 31.06 -2.68 -1.26
CA LEU M 44 31.55 -1.93 -0.11
C LEU M 44 30.77 -2.42 1.11
N LYS M 45 31.43 -2.41 2.27
CA LYS M 45 30.81 -2.94 3.48
C LYS M 45 29.58 -2.12 3.96
N LYS M 46 29.60 -0.81 3.74
CA LYS M 46 28.62 0.09 4.34
C LYS M 46 28.23 1.25 3.40
N ARG M 47 27.03 1.79 3.60
CA ARG M 47 26.58 2.97 2.87
C ARG M 47 27.60 4.13 2.92
N ILE M 48 27.75 4.84 1.82
CA ILE M 48 28.71 5.93 1.77
C ILE M 48 28.06 7.28 2.08
N THR M 49 28.76 8.09 2.87
CA THR M 49 28.25 9.41 3.23
C THR M 49 29.19 10.58 2.91
N SER M 50 30.39 10.30 2.44
CA SER M 50 31.26 11.35 1.91
C SER M 50 32.37 10.77 1.02
N ILE M 51 32.79 11.53 0.02
CA ILE M 51 33.79 11.09 -0.93
C ILE M 51 34.99 10.44 -0.25
N ASP M 52 35.30 10.92 0.96
CA ASP M 52 36.45 10.48 1.75
C ASP M 52 36.43 9.00 2.06
N GLN M 53 35.24 8.42 2.11
CA GLN M 53 35.09 7.01 2.42
C GLN M 53 35.42 6.12 1.23
N LEU M 54 35.44 6.72 0.04
CA LEU M 54 35.63 5.95 -1.17
C LEU M 54 37.11 5.70 -1.40
N PRO M 55 37.49 4.43 -1.54
CA PRO M 55 38.86 3.92 -1.71
C PRO M 55 39.44 4.21 -3.07
N GLU M 56 40.76 4.40 -3.16
CA GLU M 56 41.43 4.43 -4.46
C GLU M 56 41.22 3.09 -5.13
N TRP M 57 41.48 3.01 -6.42
CA TRP M 57 41.29 1.76 -7.12
C TRP M 57 42.14 1.84 -8.37
N ASN M 58 42.10 0.81 -9.20
CA ASN M 58 42.97 0.75 -10.36
C ASN M 58 42.48 -0.23 -11.40
N PHE M 59 43.15 -0.22 -12.55
CA PHE M 59 42.78 -1.05 -13.68
C PHE M 59 43.94 -1.18 -14.61
N ASP M 60 43.75 -2.00 -15.64
CA ASP M 60 44.82 -2.28 -16.58
C ASP M 60 44.81 -1.22 -17.65
N GLY M 61 45.63 -0.18 -17.49
CA GLY M 61 45.65 0.90 -18.46
C GLY M 61 45.96 0.49 -19.90
N SER M 62 46.54 -0.69 -20.08
CA SER M 62 46.89 -1.22 -21.40
C SER M 62 45.68 -1.74 -22.17
N SER M 63 44.63 -2.10 -21.45
CA SER M 63 43.40 -2.58 -22.05
C SER M 63 42.48 -1.43 -22.42
N THR M 64 42.89 -0.20 -22.04
CA THR M 64 42.09 1.00 -22.32
C THR M 64 42.86 2.11 -23.03
N ASN M 65 44.05 1.80 -23.53
CA ASN M 65 44.86 2.77 -24.28
C ASN M 65 45.29 3.96 -23.42
N GLN M 66 45.83 3.66 -22.23
CA GLN M 66 46.30 4.71 -21.33
C GLN M 66 47.68 4.34 -20.79
N ALA M 67 48.07 3.09 -20.99
CA ALA M 67 49.37 2.59 -20.53
C ALA M 67 49.97 1.61 -21.54
N PRO M 68 51.26 1.29 -21.41
CA PRO M 68 51.99 0.57 -22.45
C PRO M 68 52.02 -0.96 -22.32
N GLY M 69 51.73 -1.49 -21.12
CA GLY M 69 51.89 -2.92 -20.89
C GLY M 69 53.08 -3.17 -19.99
N HIS M 70 53.40 -2.17 -19.17
CA HIS M 70 54.42 -2.24 -18.14
C HIS M 70 54.42 -0.94 -17.33
N ASP M 73 49.07 -0.03 -16.35
CA ASP M 73 48.68 -0.11 -14.93
C ASP M 73 48.32 1.18 -14.19
N ILE M 74 47.08 1.65 -14.34
CA ILE M 74 46.68 2.98 -13.83
C ILE M 74 45.77 3.00 -12.58
N TYR M 75 45.82 4.11 -11.82
CA TYR M 75 45.07 4.27 -10.56
C TYR M 75 43.82 5.18 -10.65
N LEU M 76 42.80 4.87 -9.86
CA LEU M 76 41.55 5.60 -9.87
C LEU M 76 41.32 6.42 -8.61
N LYS M 77 41.29 7.76 -8.75
CA LYS M 77 40.99 8.63 -7.60
C LYS M 77 39.56 9.14 -7.64
N PRO M 78 38.74 8.70 -6.67
CA PRO M 78 37.33 9.12 -6.63
C PRO M 78 37.26 10.62 -6.60
N VAL M 79 36.35 11.17 -7.38
CA VAL M 79 36.27 12.60 -7.57
C VAL M 79 34.88 13.11 -7.26
N ALA M 80 33.88 12.32 -7.64
CA ALA M 80 32.48 12.65 -7.36
C ALA M 80 31.74 11.35 -7.25
N TYR M 81 30.60 11.38 -6.56
CA TYR M 81 29.76 10.19 -6.52
C TYR M 81 28.28 10.56 -6.44
N TYR M 82 27.44 9.66 -6.94
CA TYR M 82 26.00 9.90 -7.03
C TYR M 82 25.28 8.60 -6.80
N PRO M 83 23.96 8.69 -6.56
CA PRO M 83 23.13 7.47 -6.49
C PRO M 83 23.11 6.83 -7.86
N ASP M 84 23.22 5.51 -7.90
CA ASP M 84 23.18 4.76 -9.14
C ASP M 84 21.75 4.62 -9.66
N PRO M 85 21.42 5.32 -10.74
CA PRO M 85 20.05 5.30 -11.26
C PRO M 85 19.68 3.90 -11.72
N PHE M 86 20.68 3.06 -11.96
CA PHE M 86 20.43 1.73 -12.50
C PHE M 86 20.33 0.70 -11.39
N ARG M 87 21.34 0.61 -10.53
CA ARG M 87 21.29 -0.35 -9.45
C ARG M 87 20.32 0.11 -8.35
N ARG M 88 20.07 1.42 -8.30
CA ARG M 88 19.22 2.03 -7.28
C ARG M 88 19.55 1.62 -5.84
N GLY M 89 18.63 1.85 -4.92
CA GLY M 89 18.90 1.57 -3.54
C GLY M 89 20.03 2.44 -3.05
N ASP M 90 20.84 1.90 -2.14
CA ASP M 90 21.95 2.67 -1.57
C ASP M 90 23.19 2.45 -2.39
N ASN M 91 23.01 1.89 -3.59
CA ASN M 91 24.10 1.69 -4.53
C ASN M 91 24.46 3.01 -5.20
N ILE M 92 25.72 3.11 -5.61
CA ILE M 92 26.27 4.41 -5.97
C ILE M 92 27.19 4.33 -7.19
N VAL M 93 27.28 5.43 -7.92
CA VAL M 93 28.20 5.56 -9.06
C VAL M 93 29.32 6.54 -8.70
N VAL M 94 30.56 6.14 -8.91
CA VAL M 94 31.72 6.96 -8.54
C VAL M 94 32.53 7.42 -9.76
N LEU M 95 32.55 8.72 -10.00
CA LEU M 95 33.40 9.27 -11.04
C LEU M 95 34.86 9.35 -10.55
N ALA M 96 35.75 8.59 -11.20
CA ALA M 96 37.16 8.54 -10.80
C ALA M 96 38.07 9.12 -11.86
N ALA M 97 39.10 9.81 -11.40
CA ALA M 97 40.12 10.39 -12.26
C ALA M 97 41.34 9.48 -12.36
N CYS M 98 42.00 9.49 -13.52
CA CYS M 98 43.09 8.56 -13.74
C CYS M 98 44.46 9.14 -13.47
N TYR M 99 45.19 8.53 -12.54
CA TYR M 99 46.55 8.94 -12.22
C TYR M 99 47.50 7.76 -12.47
N ASN M 100 48.63 8.03 -13.13
CA ASN M 100 49.68 7.04 -13.32
C ASN M 100 50.35 6.71 -12.00
N ASN M 101 51.18 5.69 -11.97
CA ASN M 101 51.88 5.33 -10.73
C ASN M 101 52.89 6.39 -10.27
N ASP M 102 53.18 7.38 -11.11
CA ASP M 102 54.02 8.51 -10.68
C ASP M 102 53.30 9.28 -9.61
N GLY M 103 51.98 9.31 -9.73
CA GLY M 103 51.17 10.26 -8.98
C GLY M 103 50.74 11.34 -9.95
N THR M 104 51.35 11.33 -11.13
CA THR M 104 50.99 12.25 -12.21
C THR M 104 49.65 11.85 -12.88
N PRO M 105 48.88 12.84 -13.32
CA PRO M 105 47.64 12.61 -14.04
C PRO M 105 47.90 12.03 -15.44
N ASN M 106 47.27 10.89 -15.70
CA ASN M 106 47.38 10.18 -16.97
C ASN M 106 47.31 11.11 -18.18
N LYS M 107 47.84 10.63 -19.32
CA LYS M 107 47.72 11.32 -20.60
C LYS M 107 46.34 11.94 -20.74
N PHE M 108 45.31 11.15 -20.41
CA PHE M 108 43.95 11.55 -20.72
C PHE M 108 43.21 12.08 -19.51
N ASN M 109 43.95 12.39 -18.47
CA ASN M 109 43.36 13.09 -17.36
C ASN M 109 43.58 14.57 -17.56
N HIS M 110 42.50 15.27 -17.92
CA HIS M 110 42.57 16.72 -18.08
C HIS M 110 41.75 17.40 -17.00
N ARG M 111 41.25 16.61 -16.06
CA ARG M 111 40.48 17.17 -14.96
C ARG M 111 41.40 17.95 -14.04
N HIS M 112 42.59 17.40 -13.82
CA HIS M 112 43.54 18.02 -12.91
C HIS M 112 43.96 19.39 -13.42
N GLU M 113 44.41 19.42 -14.67
CA GLU M 113 44.85 20.69 -15.23
C GLU M 113 43.78 21.75 -15.08
N ALA M 114 42.57 21.46 -15.53
CA ALA M 114 41.46 22.41 -15.48
C ALA M 114 41.20 22.86 -14.03
N ALA M 115 41.24 21.92 -13.10
CA ALA M 115 41.03 22.20 -11.69
C ALA M 115 41.90 23.36 -11.22
N LYS M 116 43.17 23.30 -11.59
CA LYS M 116 44.11 24.38 -11.28
C LYS M 116 43.51 25.74 -11.64
N LEU M 117 43.07 25.90 -12.88
CA LEU M 117 42.51 27.15 -13.34
C LEU M 117 41.28 27.55 -12.55
N PHE M 118 40.38 26.60 -12.32
CA PHE M 118 39.17 26.91 -11.57
C PHE M 118 39.50 27.31 -10.14
N ALA M 119 40.50 26.66 -9.55
CA ALA M 119 40.93 26.96 -8.19
C ALA M 119 41.53 28.37 -8.11
N ALA M 120 42.37 28.72 -9.10
CA ALA M 120 42.94 30.05 -9.20
C ALA M 120 41.86 31.12 -9.26
N HIS M 121 40.90 30.94 -10.17
CA HIS M 121 39.87 31.95 -10.36
C HIS M 121 38.59 31.70 -9.55
N LYS M 122 38.75 31.04 -8.40
CA LYS M 122 37.63 30.79 -7.50
C LYS M 122 36.73 32.01 -7.41
N ASP M 123 37.38 33.17 -7.33
CA ASP M 123 36.69 34.41 -7.06
C ASP M 123 35.69 34.78 -8.14
N GLU M 124 36.02 34.47 -9.40
CA GLU M 124 35.14 34.84 -10.50
C GLU M 124 33.86 34.02 -10.54
N GLU M 125 33.92 32.82 -9.99
CA GLU M 125 32.78 31.93 -10.00
C GLU M 125 32.27 31.69 -11.42
N ILE M 126 33.07 31.05 -12.26
CA ILE M 126 32.61 30.74 -13.63
C ILE M 126 31.50 29.72 -13.55
N TRP M 127 30.48 29.97 -14.36
CA TRP M 127 29.38 29.04 -14.51
C TRP M 127 29.35 28.55 -15.95
N PHE M 128 29.04 27.27 -16.11
CA PHE M 128 28.88 26.70 -17.41
C PHE M 128 27.54 26.02 -17.53
N GLY M 129 27.05 25.96 -18.77
CA GLY M 129 25.88 25.18 -19.11
C GLY M 129 26.15 24.59 -20.49
N LEU M 130 26.31 23.27 -20.56
CA LEU M 130 26.57 22.63 -21.85
C LEU M 130 25.26 22.10 -22.47
N GLU M 131 25.15 22.21 -23.79
CA GLU M 131 24.03 21.63 -24.53
C GLU M 131 24.56 20.45 -25.36
N GLN M 132 24.43 19.25 -24.80
CA GLN M 132 25.02 18.05 -25.37
C GLN M 132 24.10 17.43 -26.42
N GLU M 133 24.52 17.50 -27.67
CA GLU M 133 23.77 16.87 -28.74
C GLU M 133 24.43 15.54 -29.04
N TYR M 134 23.62 14.55 -29.38
CA TYR M 134 24.13 13.23 -29.72
C TYR M 134 23.19 12.63 -30.75
N THR M 135 23.61 11.52 -31.35
CA THR M 135 22.83 10.89 -32.42
C THR M 135 22.74 9.40 -32.17
N LEU M 136 21.56 8.83 -32.39
CA LEU M 136 21.29 7.42 -32.06
C LEU M 136 21.65 6.44 -33.20
N PHE M 137 22.03 5.21 -32.84
CA PHE M 137 22.44 4.22 -33.84
C PHE M 137 22.01 2.79 -33.52
N ASP M 138 21.76 2.02 -34.60
CA ASP M 138 21.54 0.56 -34.60
C ASP M 138 22.60 -0.19 -33.87
N MET M 139 22.28 -1.41 -33.50
CA MET M 139 23.30 -2.36 -33.14
C MET M 139 24.20 -2.61 -34.33
N TYR M 140 23.69 -2.24 -35.52
CA TYR M 140 24.36 -2.47 -36.80
C TYR M 140 25.01 -1.20 -37.35
N ASP M 141 25.13 -0.21 -36.49
CA ASP M 141 25.84 1.00 -36.83
C ASP M 141 25.16 1.78 -37.95
N ASP M 142 23.84 1.66 -38.04
CA ASP M 142 23.07 2.50 -38.96
C ASP M 142 22.24 3.46 -38.10
N VAL M 143 21.94 4.64 -38.59
CA VAL M 143 21.17 5.57 -37.79
C VAL M 143 19.90 4.90 -37.27
N TYR M 144 19.65 5.10 -35.98
CA TYR M 144 18.59 4.39 -35.32
C TYR M 144 17.21 4.70 -35.88
N GLY M 145 16.57 3.67 -36.44
CA GLY M 145 15.18 3.77 -36.81
C GLY M 145 14.97 4.32 -38.21
N TRP M 146 16.07 4.68 -38.84
CA TRP M 146 15.97 5.17 -40.19
C TRP M 146 15.63 4.04 -41.12
N PRO M 147 14.79 4.32 -42.13
CA PRO M 147 14.44 3.42 -43.23
C PRO M 147 15.59 2.52 -43.65
N LYS M 148 15.27 1.27 -43.90
CA LYS M 148 16.29 0.26 -44.15
C LYS M 148 16.96 0.55 -45.48
N GLY M 149 18.24 0.91 -45.45
CA GLY M 149 18.96 1.22 -46.67
C GLY M 149 18.69 2.63 -47.22
N GLY M 150 17.70 3.31 -46.67
CA GLY M 150 17.37 4.65 -47.11
C GLY M 150 17.34 5.75 -46.06
N TYR M 151 16.37 6.66 -46.18
CA TYR M 151 16.34 7.88 -45.38
C TYR M 151 14.94 8.27 -44.99
N PRO M 152 14.82 8.97 -43.87
CA PRO M 152 13.53 9.53 -43.48
C PRO M 152 13.22 10.69 -44.40
N ALA M 153 12.08 11.36 -44.18
CA ALA M 153 11.76 12.59 -44.90
C ALA M 153 12.85 13.61 -44.61
N PRO M 154 12.90 14.70 -45.36
CA PRO M 154 13.94 15.71 -45.13
C PRO M 154 13.69 16.45 -43.84
N GLN M 155 14.75 17.05 -43.29
CA GLN M 155 14.67 17.71 -42.00
C GLN M 155 13.58 18.78 -41.95
N GLY M 156 13.09 19.08 -40.76
CA GLY M 156 12.04 20.08 -40.59
C GLY M 156 11.04 19.70 -39.51
N PRO M 157 10.43 18.51 -39.65
CA PRO M 157 9.39 18.06 -38.72
C PRO M 157 9.94 17.33 -37.50
N TYR M 158 11.26 17.20 -37.38
CA TYR M 158 11.85 16.42 -36.28
C TYR M 158 12.27 17.25 -35.06
N TYR M 159 12.76 18.46 -35.30
CA TYR M 159 13.14 19.36 -34.21
C TYR M 159 11.99 19.58 -33.24
N CYS M 160 12.20 19.20 -31.98
CA CYS M 160 11.18 19.30 -30.93
C CYS M 160 9.92 18.62 -31.38
N GLY M 161 10.09 17.55 -32.16
CA GLY M 161 8.98 16.80 -32.72
C GLY M 161 8.05 16.12 -31.73
N VAL M 162 6.85 15.83 -32.19
CA VAL M 162 5.92 14.99 -31.45
C VAL M 162 4.92 14.33 -32.40
N GLY M 163 4.76 13.03 -32.22
CA GLY M 163 4.09 12.17 -33.18
C GLY M 163 4.98 11.02 -33.62
N ALA M 164 4.35 9.92 -34.00
CA ALA M 164 5.05 8.65 -34.21
C ALA M 164 6.28 8.69 -35.12
N GLY M 165 6.20 9.36 -36.25
CA GLY M 165 7.36 9.35 -37.12
C GLY M 165 8.36 10.45 -36.84
N LYS M 166 7.99 11.34 -35.92
CA LYS M 166 8.66 12.64 -35.82
C LYS M 166 9.86 12.57 -34.89
N VAL M 167 9.96 11.48 -34.16
CA VAL M 167 10.92 11.42 -33.07
C VAL M 167 11.32 9.95 -32.86
N TYR M 168 12.57 9.70 -32.48
CA TYR M 168 13.03 8.33 -32.37
C TYR M 168 13.59 7.96 -30.98
N ALA M 169 13.08 6.87 -30.42
CA ALA M 169 13.56 6.35 -29.14
C ALA M 169 13.34 7.29 -27.97
N ARG M 170 12.20 7.98 -27.96
CA ARG M 170 11.90 8.93 -26.87
C ARG M 170 11.95 8.26 -25.52
N ASP M 171 11.50 7.02 -25.45
CA ASP M 171 11.50 6.31 -24.18
C ASP M 171 12.92 6.20 -23.61
N MET M 172 13.90 5.95 -24.47
CA MET M 172 15.27 5.83 -24.02
C MET M 172 15.71 7.21 -23.50
N ILE M 173 15.45 8.22 -24.31
CA ILE M 173 15.78 9.58 -23.97
C ILE M 173 15.22 10.01 -22.63
N GLU M 174 13.97 9.63 -22.38
CA GLU M 174 13.27 9.96 -21.13
C GLU M 174 13.90 9.23 -19.96
N ALA M 175 14.24 7.96 -20.17
CA ALA M 175 14.87 7.13 -19.14
C ALA M 175 16.16 7.79 -18.64
N HIS M 176 16.96 8.26 -19.60
CA HIS M 176 18.17 9.00 -19.31
C HIS M 176 17.87 10.26 -18.46
N TYR M 177 16.92 11.08 -18.91
CA TYR M 177 16.52 12.25 -18.14
C TYR M 177 16.27 11.86 -16.70
N ARG M 178 15.42 10.85 -16.51
CA ARG M 178 15.08 10.37 -15.18
C ARG M 178 16.36 9.97 -14.44
N ALA M 179 17.19 9.20 -15.10
CA ALA M 179 18.41 8.75 -14.48
C ALA M 179 19.22 9.93 -13.94
N CYS M 180 19.46 10.89 -14.80
CA CYS M 180 20.24 12.06 -14.43
C CYS M 180 19.63 12.79 -13.25
N LEU M 181 18.31 12.96 -13.26
CA LEU M 181 17.62 13.57 -12.13
C LEU M 181 17.80 12.79 -10.83
N TYR M 182 17.70 11.46 -10.91
CA TYR M 182 17.85 10.60 -9.73
C TYR M 182 19.24 10.73 -9.12
N ALA M 183 20.24 10.81 -9.97
CA ALA M 183 21.61 10.94 -9.53
C ALA M 183 21.84 12.33 -8.96
N GLY M 184 20.87 13.22 -9.20
CA GLY M 184 20.95 14.61 -8.77
C GLY M 184 21.83 15.51 -9.63
N LEU M 185 22.11 15.07 -10.84
CA LEU M 185 22.84 15.90 -11.80
C LEU M 185 22.04 17.17 -12.12
N GLU M 186 22.75 18.20 -12.55
CA GLU M 186 22.08 19.46 -12.85
C GLU M 186 21.59 19.47 -14.29
N ILE M 187 20.70 18.52 -14.60
CA ILE M 187 20.20 18.38 -15.96
C ILE M 187 19.03 19.33 -16.17
N SER M 188 19.25 20.35 -17.00
CA SER M 188 18.32 21.48 -17.10
C SER M 188 17.16 21.23 -18.05
N GLY M 189 17.34 20.32 -19.01
CA GLY M 189 16.28 20.07 -19.97
C GLY M 189 16.72 19.15 -21.09
N ILE M 190 15.75 18.76 -21.92
CA ILE M 190 16.04 17.85 -22.99
C ILE M 190 15.19 18.30 -24.18
N ASN M 191 15.60 17.98 -25.40
CA ASN M 191 14.80 18.30 -26.58
C ASN M 191 15.19 17.45 -27.79
N ALA M 192 14.25 17.20 -28.70
CA ALA M 192 14.59 16.48 -29.93
C ALA M 192 15.22 17.42 -30.94
N GLU M 193 16.33 17.00 -31.54
CA GLU M 193 17.05 17.88 -32.47
C GLU M 193 16.55 17.82 -33.91
N VAL M 194 17.23 18.57 -34.76
CA VAL M 194 16.79 18.78 -36.13
C VAL M 194 16.82 17.53 -37.00
N MET M 195 17.94 16.83 -36.96
CA MET M 195 18.13 15.55 -37.66
C MET M 195 17.34 14.49 -36.94
N PRO M 196 16.58 13.67 -37.68
CA PRO M 196 15.81 12.59 -37.07
C PRO M 196 16.73 11.64 -36.27
N SER M 197 16.25 11.18 -35.11
CA SER M 197 17.03 10.37 -34.15
C SER M 197 18.32 11.04 -33.66
N GLN M 198 18.28 12.37 -33.55
CA GLN M 198 19.33 13.14 -32.94
C GLN M 198 18.73 13.94 -31.80
N TRP M 199 19.36 13.91 -30.63
CA TRP M 199 18.78 14.55 -29.45
C TRP M 199 19.77 15.48 -28.78
N GLU M 200 19.26 16.21 -27.79
CA GLU M 200 20.07 17.10 -26.98
C GLU M 200 19.59 16.96 -25.53
N PHE M 201 20.54 17.04 -24.59
CA PHE M 201 20.20 17.30 -23.19
C PHE M 201 21.15 18.39 -22.73
N GLN M 202 20.66 19.23 -21.83
CA GLN M 202 21.46 20.32 -21.28
C GLN M 202 21.75 20.13 -19.80
N VAL M 203 23.00 20.38 -19.42
CA VAL M 203 23.39 20.31 -18.03
C VAL M 203 23.95 21.64 -17.58
N GLY M 204 23.34 22.21 -16.56
CA GLY M 204 23.81 23.48 -16.05
C GLY M 204 22.77 24.22 -15.25
N PRO M 205 23.20 25.29 -14.58
CA PRO M 205 24.58 25.73 -14.59
C PRO M 205 25.40 24.97 -13.55
N CYS M 206 26.68 24.74 -13.83
CA CYS M 206 27.57 24.09 -12.87
C CYS M 206 28.76 25.00 -12.63
N THR M 207 29.42 24.84 -11.50
CA THR M 207 30.60 25.65 -11.23
C THR M 207 31.93 24.96 -11.47
N GLY M 208 32.77 25.57 -12.28
CA GLY M 208 34.11 25.06 -12.55
C GLY M 208 34.23 23.59 -12.89
N ILE M 209 34.80 22.83 -11.97
CA ILE M 209 35.05 21.43 -12.25
C ILE M 209 33.75 20.62 -12.36
N ASP M 210 32.72 21.08 -11.67
CA ASP M 210 31.43 20.39 -11.69
C ASP M 210 30.87 20.16 -13.08
N MET M 211 30.99 21.16 -13.94
CA MET M 211 30.52 21.02 -15.29
C MET M 211 31.10 19.74 -15.89
N GLY M 212 32.43 19.64 -15.91
CA GLY M 212 33.08 18.46 -16.45
C GLY M 212 32.58 17.18 -15.79
N ASP M 213 32.62 17.15 -14.46
CA ASP M 213 32.23 15.96 -13.72
C ASP M 213 30.82 15.50 -14.12
N GLN M 214 29.86 16.43 -14.04
CA GLN M 214 28.48 16.08 -14.28
C GLN M 214 28.19 15.67 -15.73
N LEU M 215 28.76 16.39 -16.70
CA LEU M 215 28.54 16.04 -18.10
C LEU M 215 29.07 14.65 -18.37
N TRP M 216 30.27 14.36 -17.88
CA TRP M 216 30.83 13.02 -18.00
C TRP M 216 29.93 11.94 -17.39
N MET M 217 29.33 12.22 -16.22
CA MET M 217 28.41 11.25 -15.64
C MET M 217 27.16 11.11 -16.50
N ALA M 218 26.63 12.25 -16.96
CA ALA M 218 25.45 12.23 -17.80
C ALA M 218 25.73 11.34 -19.00
N ARG M 219 26.93 11.48 -19.57
CA ARG M 219 27.32 10.65 -20.69
C ARG M 219 27.37 9.17 -20.31
N TYR M 220 27.96 8.86 -19.16
CA TYR M 220 27.95 7.48 -18.68
C TYR M 220 26.49 7.00 -18.68
N PHE M 221 25.61 7.76 -18.03
CA PHE M 221 24.23 7.35 -17.92
C PHE M 221 23.58 7.14 -19.27
N LEU M 222 23.92 8.00 -20.23
CA LEU M 222 23.36 7.90 -21.57
C LEU M 222 23.78 6.59 -22.25
N HIS M 223 25.07 6.38 -22.43
CA HIS M 223 25.55 5.10 -22.98
C HIS M 223 24.89 3.91 -22.29
N ARG M 224 24.92 3.95 -20.95
CA ARG M 224 24.55 2.84 -20.11
C ARG M 224 23.08 2.51 -20.25
N VAL M 225 22.23 3.54 -20.21
CA VAL M 225 20.80 3.32 -20.28
C VAL M 225 20.45 2.87 -21.69
N ALA M 226 21.12 3.43 -22.67
CA ALA M 226 20.82 3.07 -24.05
C ALA M 226 21.12 1.61 -24.32
N GLU M 227 22.10 1.07 -23.59
CA GLU M 227 22.44 -0.35 -23.72
C GLU M 227 21.15 -1.14 -23.61
N GLU M 228 20.30 -0.73 -22.68
CA GLU M 228 19.07 -1.45 -22.41
C GLU M 228 18.08 -1.41 -23.58
N PHE M 229 18.32 -0.53 -24.54
CA PHE M 229 17.45 -0.43 -25.72
C PHE M 229 18.20 -0.87 -26.98
N GLY M 230 19.38 -1.47 -26.79
CA GLY M 230 20.21 -1.86 -27.91
C GLY M 230 20.56 -0.68 -28.80
N ILE M 231 20.64 0.51 -28.20
CA ILE M 231 21.02 1.71 -28.93
C ILE M 231 22.47 2.13 -28.63
N LYS M 232 23.23 2.36 -29.70
CA LYS M 232 24.57 2.96 -29.61
C LYS M 232 24.49 4.50 -29.64
N ILE M 233 25.30 5.17 -28.81
CA ILE M 233 25.28 6.63 -28.82
C ILE M 233 26.47 7.23 -29.53
N SER M 234 26.22 8.21 -30.39
CA SER M 234 27.30 8.78 -31.18
C SER M 234 27.52 10.25 -30.90
N PHE M 235 28.72 10.58 -30.46
CA PHE M 235 29.04 11.98 -30.17
C PHE M 235 29.78 12.59 -31.35
N HIS M 236 29.82 11.89 -32.45
CA HIS M 236 30.44 12.42 -33.67
C HIS M 236 29.75 13.70 -34.11
N PRO M 237 30.56 14.68 -34.55
CA PRO M 237 30.11 16.03 -34.89
C PRO M 237 29.31 16.06 -36.17
N LYS M 238 29.48 15.05 -37.01
CA LYS M 238 28.76 14.99 -38.28
C LYS M 238 28.47 13.52 -38.63
N PRO M 239 27.45 12.96 -37.98
CA PRO M 239 27.20 11.52 -38.05
C PRO M 239 26.81 11.14 -39.47
N LEU M 240 26.08 12.02 -40.14
CA LEU M 240 25.73 11.79 -41.53
C LEU M 240 26.21 12.94 -42.41
N LYS M 241 26.94 12.60 -43.46
CA LYS M 241 27.43 13.62 -44.37
C LYS M 241 26.23 14.21 -45.09
N GLY M 242 26.34 15.47 -45.46
CA GLY M 242 25.29 16.10 -46.25
C GLY M 242 24.71 17.29 -45.57
N ASP M 243 23.40 17.46 -45.71
CA ASP M 243 22.70 18.57 -45.09
C ASP M 243 22.13 18.22 -43.72
N TRP M 244 22.20 16.93 -43.37
CA TRP M 244 21.75 16.47 -42.05
C TRP M 244 22.56 17.18 -40.99
N ASN M 245 21.89 17.71 -39.96
CA ASN M 245 22.58 18.50 -38.95
C ASN M 245 23.76 17.79 -38.31
N GLY M 246 24.77 18.60 -37.95
CA GLY M 246 25.90 18.10 -37.20
C GLY M 246 25.51 18.00 -35.74
N ALA M 247 26.50 17.73 -34.88
CA ALA M 247 26.23 17.60 -33.47
C ALA M 247 27.21 18.45 -32.70
N GLY M 248 26.69 19.42 -31.95
CA GLY M 248 27.53 20.29 -31.15
C GLY M 248 27.34 20.14 -29.65
N CYS M 249 28.17 20.84 -28.90
CA CYS M 249 28.04 20.89 -27.46
C CYS M 249 28.22 22.33 -27.07
N HIS M 250 27.29 23.17 -27.49
CA HIS M 250 27.33 24.58 -27.16
C HIS M 250 27.66 24.80 -25.68
N ALA M 251 28.81 25.42 -25.41
CA ALA M 251 29.16 25.79 -24.05
C ALA M 251 28.66 27.21 -23.72
N ASN M 252 27.79 27.32 -22.72
CA ASN M 252 27.30 28.60 -22.22
C ASN M 252 28.15 29.04 -21.03
N VAL M 253 28.54 30.32 -21.01
CA VAL M 253 29.52 30.79 -20.04
C VAL M 253 29.11 32.08 -19.34
N SER M 254 29.47 32.20 -18.07
CA SER M 254 29.26 33.44 -17.30
C SER M 254 30.11 33.49 -16.02
N THR M 255 30.59 34.69 -15.68
CA THR M 255 31.28 34.93 -14.43
C THR M 255 30.37 35.77 -13.54
N LYS M 256 30.71 35.88 -12.26
CA LYS M 256 29.87 36.64 -11.34
C LYS M 256 29.55 38.04 -11.90
N GLU M 257 30.56 38.72 -12.44
CA GLU M 257 30.40 40.06 -12.97
C GLU M 257 29.35 40.13 -14.06
N MET M 258 29.43 39.18 -14.99
CA MET M 258 28.50 39.12 -16.12
C MET M 258 27.05 38.91 -15.66
N ARG M 259 26.89 38.28 -14.49
CA ARG M 259 25.56 37.93 -14.02
C ARG M 259 24.88 39.08 -13.27
N GLN M 260 25.69 40.02 -12.79
CA GLN M 260 25.17 41.21 -12.11
C GLN M 260 25.04 42.36 -13.10
N PRO M 261 24.03 43.21 -12.89
CA PRO M 261 23.67 44.30 -13.82
C PRO M 261 24.89 45.02 -14.36
N GLY M 262 24.83 45.45 -15.62
CA GLY M 262 25.97 46.05 -16.29
C GLY M 262 26.95 44.98 -16.74
N GLY M 263 26.41 43.78 -16.90
CA GLY M 263 27.22 42.65 -17.28
C GLY M 263 27.73 42.68 -18.70
N THR M 264 26.88 43.02 -19.68
CA THR M 264 27.27 42.84 -21.10
C THR M 264 28.58 43.60 -21.36
N LYS M 265 28.97 44.43 -20.41
CA LYS M 265 30.31 45.00 -20.40
C LYS M 265 31.37 43.89 -20.38
N TYR M 266 31.38 43.12 -19.29
CA TYR M 266 32.35 42.02 -19.13
C TYR M 266 32.10 40.85 -20.08
N ILE M 267 30.85 40.67 -20.46
CA ILE M 267 30.52 39.71 -21.51
C ILE M 267 31.24 40.11 -22.79
N GLU M 268 31.08 41.37 -23.21
CA GLU M 268 31.75 41.86 -24.40
C GLU M 268 33.27 41.74 -24.28
N GLN M 269 33.80 42.04 -23.09
CA GLN M 269 35.23 41.90 -22.84
C GLN M 269 35.71 40.47 -23.08
N ALA M 270 35.00 39.53 -22.47
CA ALA M 270 35.32 38.11 -22.62
C ALA M 270 35.27 37.73 -24.10
N ILE M 271 34.21 38.15 -24.80
CA ILE M 271 34.05 37.79 -26.20
C ILE M 271 35.26 38.23 -26.99
N GLU M 272 35.80 39.38 -26.62
CA GLU M 272 36.97 39.90 -27.33
C GLU M 272 38.25 39.09 -27.03
N LYS M 273 38.49 38.78 -25.76
CA LYS M 273 39.64 37.93 -25.45
C LYS M 273 39.49 36.65 -26.25
N LEU M 274 38.27 36.11 -26.28
CA LEU M 274 37.97 34.87 -26.97
C LEU M 274 38.32 34.96 -28.44
N SER M 275 38.10 36.14 -29.02
CA SER M 275 38.34 36.36 -30.44
C SER M 275 39.82 36.29 -30.77
N LYS M 276 40.66 36.58 -29.78
CA LYS M 276 42.10 36.51 -29.99
C LYS M 276 42.63 35.07 -29.91
N ARG M 277 41.87 34.19 -29.27
CA ARG M 277 42.33 32.82 -29.09
C ARG M 277 41.45 31.81 -29.80
N HIS M 278 40.86 32.22 -30.91
CA HIS M 278 39.97 31.33 -31.63
C HIS M 278 40.68 30.05 -32.03
N ALA M 279 41.89 30.17 -32.52
CA ALA M 279 42.59 28.97 -33.00
C ALA M 279 42.90 28.00 -31.86
N GLU M 280 43.37 28.54 -30.74
CA GLU M 280 43.80 27.72 -29.61
C GLU M 280 42.62 26.93 -29.06
N HIS M 281 41.45 27.59 -29.03
CA HIS M 281 40.21 26.97 -28.61
C HIS M 281 39.77 25.89 -29.60
N ILE M 282 39.61 26.26 -30.86
CA ILE M 282 39.27 25.29 -31.90
C ILE M 282 40.12 24.03 -31.80
N LYS M 283 41.39 24.18 -31.48
CA LYS M 283 42.29 23.02 -31.35
C LYS M 283 41.82 22.03 -30.30
N LEU M 284 41.26 22.53 -29.19
CA LEU M 284 40.51 21.66 -28.27
C LEU M 284 39.13 21.37 -28.94
N TYR M 285 38.03 21.87 -28.39
CA TYR M 285 36.75 21.92 -29.12
C TYR M 285 36.32 20.80 -30.10
N GLY M 286 37.08 19.72 -30.22
CA GLY M 286 36.54 18.54 -30.89
C GLY M 286 37.11 18.18 -32.25
N SER M 287 37.36 16.88 -32.42
CA SER M 287 37.91 16.32 -33.65
C SER M 287 36.87 16.15 -34.77
N ASP M 288 37.36 16.14 -36.01
CA ASP M 288 36.53 16.40 -37.20
C ASP M 288 35.36 17.37 -36.98
N ASN M 289 35.60 18.41 -36.19
CA ASN M 289 34.64 19.48 -36.07
C ASN M 289 34.62 20.19 -37.42
N ASP M 290 35.68 19.94 -38.19
CA ASP M 290 35.80 20.53 -39.51
C ASP M 290 34.65 20.14 -40.42
N MET M 291 34.02 19.00 -40.16
CA MET M 291 32.84 18.63 -40.95
C MET M 291 31.54 19.22 -40.41
N ARG M 292 31.69 20.23 -39.55
CA ARG M 292 30.55 20.93 -38.95
C ARG M 292 30.63 22.49 -39.00
N SER M 301 31.80 28.66 -39.05
CA SER M 301 33.09 28.49 -39.76
C SER M 301 34.33 28.21 -38.85
N MET M 302 35.15 27.26 -39.30
CA MET M 302 36.28 26.73 -38.52
C MET M 302 37.44 27.70 -38.38
N THR M 303 37.57 28.58 -39.34
CA THR M 303 38.71 29.50 -39.38
C THR M 303 38.25 30.90 -39.01
N ALA M 304 36.97 31.18 -39.25
CA ALA M 304 36.42 32.51 -38.97
C ALA M 304 35.89 32.59 -37.55
N PHE M 305 36.18 33.70 -36.89
CA PHE M 305 35.56 33.98 -35.61
C PHE M 305 34.63 35.17 -35.75
N SER M 306 33.38 35.02 -35.29
CA SER M 306 32.44 36.14 -35.28
C SER M 306 31.55 36.08 -34.06
N SER M 307 30.92 37.20 -33.72
CA SER M 307 30.01 37.24 -32.60
C SER M 307 28.91 38.25 -32.85
N GLY M 308 27.78 38.05 -32.19
CA GLY M 308 26.66 38.95 -32.34
C GLY M 308 25.47 38.52 -31.51
N VAL M 309 24.58 39.46 -31.21
CA VAL M 309 23.35 39.16 -30.51
C VAL M 309 22.40 38.34 -31.38
N ALA M 310 21.65 37.45 -30.75
CA ALA M 310 20.71 36.57 -31.44
C ALA M 310 21.26 36.19 -32.81
N ASN M 311 22.27 35.33 -32.78
CA ASN M 311 22.97 34.98 -34.00
C ASN M 311 23.44 33.53 -33.97
N ARG M 312 22.60 32.63 -34.46
CA ARG M 312 22.92 31.22 -34.49
C ARG M 312 23.93 30.92 -35.62
N GLY M 313 24.42 31.98 -36.25
CA GLY M 313 25.45 31.86 -37.28
C GLY M 313 26.85 32.21 -36.79
N SER M 314 26.93 32.93 -35.68
CA SER M 314 28.23 33.38 -35.19
C SER M 314 28.93 32.33 -34.34
N SER M 315 30.19 32.61 -34.04
CA SER M 315 31.00 31.74 -33.19
C SER M 315 30.56 31.85 -31.74
N ILE M 316 30.31 33.08 -31.31
CA ILE M 316 29.73 33.34 -29.99
C ILE M 316 28.43 34.12 -30.15
N ARG M 317 27.40 33.71 -29.43
CA ARG M 317 26.09 34.32 -29.60
C ARG M 317 25.63 34.87 -28.26
N ILE M 318 25.23 36.14 -28.27
CA ILE M 318 24.65 36.74 -27.08
C ILE M 318 23.16 36.64 -27.25
N PRO M 319 22.50 35.89 -26.35
CA PRO M 319 21.04 35.69 -26.39
C PRO M 319 20.34 37.05 -26.38
N ARG M 320 19.34 37.22 -27.24
CA ARG M 320 18.64 38.49 -27.29
C ARG M 320 18.19 38.87 -25.91
N SER M 321 17.69 37.88 -25.18
CA SER M 321 17.28 38.04 -23.79
C SER M 321 18.37 38.74 -22.95
N VAL M 322 19.59 38.18 -22.95
CA VAL M 322 20.71 38.76 -22.22
C VAL M 322 20.96 40.19 -22.66
N ALA M 323 21.07 40.40 -23.96
CA ALA M 323 21.28 41.73 -24.52
C ALA M 323 20.25 42.72 -23.99
N LYS M 324 18.97 42.39 -24.16
CA LYS M 324 17.89 43.27 -23.71
C LYS M 324 18.01 43.61 -22.22
N GLU M 325 18.50 42.69 -21.41
CA GLU M 325 18.54 42.90 -19.96
C GLU M 325 19.87 43.42 -19.41
N GLY M 326 20.90 43.43 -20.25
CA GLY M 326 22.18 44.02 -19.88
C GLY M 326 23.13 43.18 -19.04
N TYR M 327 22.72 41.94 -18.75
CA TYR M 327 23.56 41.01 -18.03
C TYR M 327 23.11 39.58 -18.33
N GLY M 328 23.97 38.61 -18.05
CA GLY M 328 23.65 37.22 -18.29
C GLY M 328 24.87 36.39 -18.65
N TYR M 329 24.81 35.75 -19.80
CA TYR M 329 25.85 34.81 -20.22
C TYR M 329 25.98 34.89 -21.72
N PHE M 330 27.00 34.23 -22.27
CA PHE M 330 27.13 34.10 -23.70
C PHE M 330 27.19 32.63 -24.11
N GLU M 331 26.84 32.36 -25.36
CA GLU M 331 26.83 31.00 -25.91
C GLU M 331 27.97 30.79 -26.90
N ASP M 332 28.96 29.98 -26.53
CA ASP M 332 29.99 29.59 -27.48
C ASP M 332 29.48 28.39 -28.29
N ARG M 333 29.16 28.64 -29.56
CA ARG M 333 28.55 27.60 -30.39
C ARG M 333 29.61 26.77 -31.11
N ARG M 334 30.88 27.00 -30.81
CA ARG M 334 31.96 26.33 -31.53
C ARG M 334 32.23 24.88 -31.14
N PRO M 335 32.19 24.54 -29.84
CA PRO M 335 32.60 23.19 -29.44
C PRO M 335 31.73 22.08 -30.04
N ALA M 336 32.37 21.01 -30.50
CA ALA M 336 31.65 19.89 -31.08
C ALA M 336 31.08 18.94 -30.02
N SER M 337 30.12 18.13 -30.43
CA SER M 337 29.50 17.15 -29.55
C SER M 337 30.54 16.32 -28.79
N ASN M 338 31.67 16.03 -29.42
CA ASN M 338 32.61 15.05 -28.89
C ASN M 338 33.67 15.68 -27.98
N ILE M 339 33.42 16.90 -27.54
CA ILE M 339 34.41 17.61 -26.74
C ILE M 339 34.59 16.96 -25.38
N ASP M 340 35.79 17.09 -24.81
CA ASP M 340 36.01 16.81 -23.39
C ASP M 340 35.73 18.12 -22.62
N PRO M 341 34.64 18.12 -21.83
CA PRO M 341 34.23 19.29 -21.04
C PRO M 341 35.38 19.85 -20.21
N TYR M 342 36.25 19.00 -19.69
CA TYR M 342 37.40 19.46 -18.90
C TYR M 342 38.26 20.40 -19.70
N LEU M 343 38.54 20.02 -20.95
CA LEU M 343 39.30 20.84 -21.90
C LEU M 343 38.56 22.14 -22.32
N VAL M 344 37.28 22.02 -22.65
CA VAL M 344 36.52 23.21 -23.00
C VAL M 344 36.36 24.18 -21.81
N THR M 345 35.80 23.71 -20.71
CA THR M 345 35.59 24.62 -19.59
C THR M 345 36.93 25.13 -19.08
N GLY M 346 37.93 24.26 -19.13
CA GLY M 346 39.25 24.64 -18.70
C GLY M 346 39.83 25.80 -19.49
N ILE M 347 39.97 25.64 -20.80
CA ILE M 347 40.55 26.68 -21.61
C ILE M 347 39.61 27.91 -21.66
N MET M 348 38.32 27.70 -21.44
CA MET M 348 37.41 28.83 -21.45
C MET M 348 37.80 29.73 -20.31
N CYS M 349 37.96 29.14 -19.13
CA CYS M 349 38.37 29.88 -17.94
C CYS M 349 39.74 30.53 -18.16
N GLU M 350 40.69 29.73 -18.65
CA GLU M 350 42.04 30.22 -18.95
C GLU M 350 42.02 31.54 -19.72
N THR M 351 41.25 31.59 -20.81
CA THR M 351 41.29 32.78 -21.65
C THR M 351 40.31 33.88 -21.22
N VAL M 352 39.24 33.49 -20.55
CA VAL M 352 38.26 34.48 -20.10
C VAL M 352 38.68 35.11 -18.78
N CYS M 353 39.22 34.29 -17.89
CA CYS M 353 39.56 34.75 -16.55
C CYS M 353 41.03 35.07 -16.42
N GLY M 354 41.85 34.40 -17.23
CA GLY M 354 43.29 34.65 -17.22
C GLY M 354 44.16 33.44 -17.05
N ALA M 355 45.26 33.43 -17.81
CA ALA M 355 46.21 32.32 -17.76
C ALA M 355 46.85 32.14 -16.39
N ILE M 356 47.59 31.05 -16.23
CA ILE M 356 48.35 30.80 -15.02
C ILE M 356 49.69 30.21 -15.43
N ASP M 357 50.74 30.56 -14.71
CA ASP M 357 52.06 30.01 -14.98
C ASP M 357 52.09 28.59 -14.42
N ASN M 358 51.13 28.33 -13.57
CA ASN M 358 50.95 27.04 -12.93
C ASN M 358 50.33 25.99 -13.88
N ALA M 359 49.64 26.46 -14.92
CA ALA M 359 48.99 25.56 -15.90
C ALA M 359 48.78 26.14 -17.30
N ASP M 360 48.85 25.28 -18.30
CA ASP M 360 48.61 25.66 -19.70
C ASP M 360 47.62 24.69 -20.34
N MET M 361 46.36 25.14 -20.53
CA MET M 361 45.30 24.29 -21.08
C MET M 361 45.66 23.69 -22.43
N THR M 362 46.10 24.55 -23.33
CA THR M 362 46.42 24.11 -24.67
C THR M 362 47.60 23.12 -24.67
N LYS M 363 48.56 23.30 -23.79
CA LYS M 363 49.62 22.29 -23.68
C LYS M 363 49.08 20.96 -23.20
N GLU M 364 48.13 21.00 -22.27
CA GLU M 364 47.45 19.78 -21.80
C GLU M 364 46.88 19.09 -23.03
N PHE M 365 47.75 18.34 -23.67
CA PHE M 365 47.51 17.65 -24.93
C PHE M 365 48.73 16.76 -25.06
N GLU M 366 48.69 15.75 -24.20
CA GLU M 366 49.79 14.87 -23.93
C GLU M 366 49.39 13.43 -24.36
N ARG N 21 3.61 -23.01 1.56
CA ARG N 21 2.48 -23.24 2.48
C ARG N 21 2.89 -23.64 3.88
N GLY N 22 3.85 -22.94 4.45
CA GLY N 22 4.42 -23.37 5.73
C GLY N 22 5.68 -24.20 5.55
N ARG N 23 5.85 -24.77 4.36
CA ARG N 23 7.03 -25.58 4.12
C ARG N 23 8.18 -24.85 3.44
N ILE N 24 9.33 -25.52 3.38
CA ILE N 24 10.55 -24.91 2.87
C ILE N 24 11.11 -25.73 1.70
N ILE N 25 11.70 -25.10 0.70
CA ILE N 25 12.40 -25.89 -0.32
C ILE N 25 13.90 -25.70 -0.21
N ALA N 26 14.59 -26.82 -0.12
CA ALA N 26 16.04 -26.82 -0.08
C ALA N 26 16.59 -27.43 -1.37
N GLU N 27 17.30 -26.64 -2.15
CA GLU N 27 17.97 -27.17 -3.33
C GLU N 27 19.35 -27.66 -2.95
N TYR N 28 19.58 -28.95 -3.15
CA TYR N 28 20.90 -29.49 -2.88
C TYR N 28 21.74 -29.38 -4.14
N VAL N 29 22.90 -28.77 -3.99
CA VAL N 29 23.82 -28.56 -5.09
C VAL N 29 25.11 -29.30 -4.80
N TRP N 30 25.61 -30.05 -5.76
CA TRP N 30 26.88 -30.72 -5.57
C TRP N 30 27.70 -30.77 -6.85
N ILE N 31 28.94 -31.27 -6.72
CA ILE N 31 29.91 -31.32 -7.81
C ILE N 31 30.01 -32.73 -8.39
N ASP N 32 29.97 -32.83 -9.73
CA ASP N 32 29.92 -34.14 -10.40
C ASP N 32 31.26 -34.66 -10.94
N GLY N 33 31.17 -35.76 -11.68
CA GLY N 33 32.31 -36.42 -12.26
C GLY N 33 32.67 -35.87 -13.63
N THR N 34 32.04 -34.77 -13.99
CA THR N 34 32.50 -33.92 -15.06
C THR N 34 32.87 -32.64 -14.31
N GLY N 35 32.87 -31.50 -14.97
CA GLY N 35 33.26 -30.29 -14.27
C GLY N 35 32.10 -29.41 -13.84
N ASN N 36 30.96 -30.03 -13.58
CA ASN N 36 29.73 -29.27 -13.39
C ASN N 36 29.09 -29.38 -12.01
N LEU N 37 28.14 -28.48 -11.77
CA LEU N 37 27.24 -28.67 -10.66
C LEU N 37 26.04 -29.53 -11.07
N ARG N 38 25.43 -30.15 -10.07
CA ARG N 38 24.16 -30.83 -10.23
C ARG N 38 23.27 -30.41 -9.08
N SER N 39 21.96 -30.49 -9.25
CA SER N 39 21.07 -30.22 -8.14
C SER N 39 19.70 -30.89 -8.24
N LYS N 40 19.10 -31.08 -7.08
CA LYS N 40 17.70 -31.41 -6.98
C LYS N 40 17.16 -30.72 -5.75
N GLY N 41 15.85 -30.59 -5.66
CA GLY N 41 15.20 -29.94 -4.54
C GLY N 41 14.33 -30.87 -3.69
N ARG N 42 14.25 -30.58 -2.40
CA ARG N 42 13.37 -31.32 -1.49
C ARG N 42 12.64 -30.37 -0.56
N THR N 43 11.42 -30.72 -0.23
CA THR N 43 10.62 -29.99 0.74
C THR N 43 11.07 -30.35 2.16
N LEU N 44 11.11 -29.35 3.02
CA LEU N 44 11.41 -29.56 4.43
C LEU N 44 10.26 -28.96 5.22
N LYS N 45 10.00 -29.53 6.39
CA LYS N 45 8.84 -29.15 7.17
C LYS N 45 8.89 -27.72 7.75
N LYS N 46 10.09 -27.23 8.01
CA LYS N 46 10.25 -25.97 8.73
C LYS N 46 11.48 -25.17 8.27
N ARG N 47 11.44 -23.86 8.49
CA ARG N 47 12.58 -22.99 8.24
C ARG N 47 13.87 -23.51 8.91
N ILE N 48 15.00 -23.40 8.20
CA ILE N 48 16.27 -23.90 8.71
C ILE N 48 17.04 -22.79 9.38
N THR N 49 17.62 -23.11 10.54
CA THR N 49 18.41 -22.15 11.32
C THR N 49 19.83 -22.58 11.65
N SER N 50 20.19 -23.82 11.33
CA SER N 50 21.59 -24.23 11.38
C SER N 50 21.85 -25.47 10.50
N ILE N 51 23.08 -25.59 10.00
CA ILE N 51 23.45 -26.67 9.11
C ILE N 51 23.03 -28.01 9.68
N ASP N 52 23.01 -28.10 11.01
CA ASP N 52 22.71 -29.35 11.71
C ASP N 52 21.34 -29.90 11.39
N GLN N 53 20.43 -29.01 11.02
CA GLN N 53 19.05 -29.41 10.74
C GLN N 53 18.93 -30.02 9.37
N LEU N 54 19.93 -29.82 8.52
CA LEU N 54 19.89 -30.32 7.15
C LEU N 54 20.28 -31.79 7.10
N PRO N 55 19.36 -32.60 6.55
CA PRO N 55 19.50 -34.06 6.40
C PRO N 55 20.53 -34.47 5.34
N GLU N 56 21.16 -35.62 5.54
CA GLU N 56 21.94 -36.23 4.48
C GLU N 56 21.01 -36.50 3.34
N TRP N 57 21.56 -36.84 2.19
CA TRP N 57 20.74 -37.14 1.05
C TRP N 57 21.62 -37.89 0.08
N ASN N 58 21.08 -38.20 -1.10
CA ASN N 58 21.81 -39.05 -2.04
C ASN N 58 21.29 -38.92 -3.46
N PHE N 59 22.02 -39.54 -4.39
CA PHE N 59 21.64 -39.52 -5.78
C PHE N 59 22.29 -40.69 -6.49
N ASP N 60 21.98 -40.85 -7.77
CA ASP N 60 22.51 -41.92 -8.57
C ASP N 60 23.87 -41.53 -9.17
N GLY N 61 24.95 -41.89 -8.48
CA GLY N 61 26.28 -41.49 -8.93
C GLY N 61 26.62 -41.93 -10.35
N SER N 62 25.86 -42.90 -10.87
CA SER N 62 26.13 -43.45 -12.20
C SER N 62 25.58 -42.53 -13.29
N SER N 63 24.66 -41.66 -12.91
CA SER N 63 24.09 -40.73 -13.86
C SER N 63 24.89 -39.45 -13.88
N THR N 64 25.92 -39.36 -13.03
CA THR N 64 26.79 -38.18 -12.95
C THR N 64 28.28 -38.49 -13.06
N ASN N 65 28.60 -39.71 -13.46
CA ASN N 65 30.00 -40.11 -13.60
C ASN N 65 30.79 -40.06 -12.28
N GLN N 66 30.25 -40.67 -11.24
CA GLN N 66 30.92 -40.68 -9.94
C GLN N 66 30.86 -42.09 -9.36
N ALA N 67 30.04 -42.96 -9.97
CA ALA N 67 29.88 -44.35 -9.54
C ALA N 67 29.64 -45.27 -10.74
N PRO N 68 29.74 -46.59 -10.53
CA PRO N 68 29.82 -47.55 -11.64
C PRO N 68 28.48 -48.14 -12.11
N GLY N 69 27.46 -48.07 -11.27
CA GLY N 69 26.21 -48.73 -11.61
C GLY N 69 26.02 -49.93 -10.71
N HIS N 70 26.63 -49.84 -9.53
CA HIS N 70 26.49 -50.82 -8.45
C HIS N 70 27.25 -50.31 -7.22
N ASP N 73 25.77 -45.01 -6.83
CA ASP N 73 24.98 -44.69 -5.64
C ASP N 73 25.70 -43.88 -4.54
N ILE N 74 25.71 -42.55 -4.67
CA ILE N 74 26.43 -41.66 -3.74
C ILE N 74 25.60 -40.83 -2.75
N TYR N 75 26.21 -40.44 -1.65
CA TYR N 75 25.55 -39.69 -0.56
C TYR N 75 25.94 -38.21 -0.48
N LEU N 76 25.03 -37.37 0.02
CA LEU N 76 25.24 -35.92 0.07
C LEU N 76 25.31 -35.37 1.49
N LYS N 77 26.49 -34.84 1.88
CA LYS N 77 26.64 -34.27 3.22
C LYS N 77 26.60 -32.76 3.16
N PRO N 78 25.52 -32.17 3.69
CA PRO N 78 25.40 -30.71 3.70
C PRO N 78 26.65 -30.08 4.29
N VAL N 79 27.12 -29.00 3.68
CA VAL N 79 28.38 -28.41 4.05
C VAL N 79 28.19 -26.94 4.31
N ALA N 80 27.36 -26.30 3.50
CA ALA N 80 27.04 -24.87 3.63
C ALA N 80 25.64 -24.67 3.08
N TYR N 81 24.98 -23.60 3.50
CA TYR N 81 23.66 -23.29 2.96
C TYR N 81 23.45 -21.78 2.93
N TYR N 82 22.60 -21.33 2.01
CA TYR N 82 22.38 -19.92 1.82
C TYR N 82 20.97 -19.73 1.39
N PRO N 83 20.47 -18.49 1.47
CA PRO N 83 19.17 -18.15 0.91
C PRO N 83 19.19 -18.39 -0.58
N ASP N 84 18.15 -19.00 -1.10
CA ASP N 84 18.00 -19.22 -2.54
C ASP N 84 17.61 -17.93 -3.26
N PRO N 85 18.53 -17.37 -4.06
CA PRO N 85 18.26 -16.10 -4.73
C PRO N 85 17.15 -16.28 -5.77
N PHE N 86 16.92 -17.52 -6.20
CA PHE N 86 15.92 -17.79 -7.22
C PHE N 86 14.55 -18.06 -6.62
N ARG N 87 14.46 -19.05 -5.71
CA ARG N 87 13.18 -19.37 -5.09
C ARG N 87 12.79 -18.33 -4.06
N ARG N 88 13.77 -17.58 -3.57
CA ARG N 88 13.58 -16.57 -2.54
C ARG N 88 12.73 -17.06 -1.34
N GLY N 89 12.24 -16.11 -0.56
CA GLY N 89 11.55 -16.48 0.66
C GLY N 89 12.46 -17.19 1.63
N ASP N 90 11.91 -18.10 2.39
CA ASP N 90 12.69 -18.84 3.37
C ASP N 90 13.25 -20.07 2.70
N ASN N 91 13.20 -20.10 1.38
CA ASN N 91 13.79 -21.21 0.63
C ASN N 91 15.29 -21.06 0.60
N ILE N 92 15.98 -22.19 0.46
CA ILE N 92 17.42 -22.21 0.70
C ILE N 92 18.17 -23.09 -0.31
N VAL N 93 19.43 -22.74 -0.54
CA VAL N 93 20.33 -23.56 -1.34
C VAL N 93 21.36 -24.25 -0.43
N VAL N 94 21.55 -25.54 -0.63
CA VAL N 94 22.46 -26.31 0.20
C VAL N 94 23.64 -26.89 -0.58
N LEU N 95 24.85 -26.42 -0.30
CA LEU N 95 26.03 -27.01 -0.91
C LEU N 95 26.37 -28.30 -0.20
N ALA N 96 26.31 -29.42 -0.93
CA ALA N 96 26.60 -30.73 -0.34
C ALA N 96 27.85 -31.40 -0.93
N ALA N 97 28.62 -32.06 -0.07
CA ALA N 97 29.79 -32.80 -0.49
C ALA N 97 29.43 -34.25 -0.77
N CYS N 98 30.13 -34.87 -1.71
CA CYS N 98 29.84 -36.27 -2.07
C CYS N 98 30.70 -37.30 -1.32
N TYR N 99 30.05 -38.18 -0.59
CA TYR N 99 30.73 -39.31 0.04
C TYR N 99 30.17 -40.63 -0.49
N ASN N 100 31.06 -41.57 -0.82
CA ASN N 100 30.65 -42.95 -1.20
C ASN N 100 30.02 -43.66 -0.01
N ASN N 101 29.45 -44.84 -0.26
CA ASN N 101 28.86 -45.61 0.83
C ASN N 101 29.88 -46.15 1.83
N ASP N 102 31.17 -46.07 1.50
CA ASP N 102 32.24 -46.40 2.45
C ASP N 102 32.21 -45.42 3.61
N GLY N 103 31.82 -44.19 3.32
CA GLY N 103 32.02 -43.10 4.25
C GLY N 103 33.18 -42.30 3.71
N THR N 104 33.88 -42.87 2.73
CA THR N 104 34.98 -42.19 2.03
C THR N 104 34.50 -41.12 1.06
N PRO N 105 35.27 -40.04 0.92
CA PRO N 105 34.98 -38.97 -0.04
C PRO N 105 35.14 -39.43 -1.49
N ASN N 106 34.07 -39.26 -2.25
CA ASN N 106 34.06 -39.61 -3.65
C ASN N 106 35.32 -39.21 -4.42
N LYS N 107 35.59 -39.88 -5.54
CA LYS N 107 36.69 -39.53 -6.44
C LYS N 107 36.76 -38.00 -6.52
N PHE N 108 35.63 -37.35 -6.72
CA PHE N 108 35.64 -35.93 -7.09
C PHE N 108 35.35 -35.04 -5.92
N ASN N 109 35.39 -35.62 -4.72
CA ASN N 109 35.30 -34.80 -3.53
C ASN N 109 36.71 -34.43 -3.08
N HIS N 110 37.08 -33.18 -3.32
CA HIS N 110 38.38 -32.71 -2.91
C HIS N 110 38.22 -31.70 -1.80
N ARG N 111 37.00 -31.53 -1.32
CA ARG N 111 36.77 -30.61 -0.22
C ARG N 111 37.33 -31.17 1.07
N HIS N 112 37.17 -32.47 1.25
CA HIS N 112 37.62 -33.13 2.45
C HIS N 112 39.13 -33.01 2.59
N GLU N 113 39.86 -33.42 1.56
CA GLU N 113 41.32 -33.36 1.61
C GLU N 113 41.80 -31.96 1.99
N ALA N 114 41.31 -30.94 1.28
CA ALA N 114 41.69 -29.56 1.54
C ALA N 114 41.39 -29.17 2.97
N ALA N 115 40.21 -29.55 3.43
CA ALA N 115 39.79 -29.22 4.78
C ALA N 115 40.89 -29.60 5.76
N LYS N 116 41.45 -30.80 5.61
CA LYS N 116 42.50 -31.27 6.49
C LYS N 116 43.58 -30.24 6.62
N LEU N 117 44.09 -29.78 5.48
CA LEU N 117 45.14 -28.76 5.48
C LEU N 117 44.71 -27.47 6.16
N PHE N 118 43.54 -26.97 5.81
CA PHE N 118 43.07 -25.74 6.43
C PHE N 118 42.94 -25.89 7.95
N ALA N 119 42.50 -27.07 8.39
CA ALA N 119 42.31 -27.31 9.81
C ALA N 119 43.68 -27.33 10.48
N ALA N 120 44.63 -27.99 9.84
CA ALA N 120 46.00 -28.05 10.37
C ALA N 120 46.54 -26.66 10.57
N HIS N 121 46.45 -25.84 9.53
CA HIS N 121 47.02 -24.51 9.59
C HIS N 121 46.02 -23.43 10.00
N LYS N 122 45.03 -23.82 10.80
CA LYS N 122 44.08 -22.85 11.35
C LYS N 122 44.79 -21.59 11.78
N ASP N 123 45.94 -21.76 12.44
CA ASP N 123 46.65 -20.64 13.05
C ASP N 123 47.08 -19.55 12.06
N GLU N 124 47.48 -19.96 10.86
CA GLU N 124 47.94 -19.01 9.86
C GLU N 124 46.81 -18.17 9.29
N GLU N 125 45.58 -18.67 9.34
CA GLU N 125 44.43 -17.94 8.80
C GLU N 125 44.64 -17.56 7.35
N ILE N 126 44.74 -18.54 6.45
CA ILE N 126 44.92 -18.21 5.03
C ILE N 126 43.67 -17.55 4.55
N TRP N 127 43.85 -16.52 3.75
CA TRP N 127 42.76 -15.87 3.06
C TRP N 127 42.94 -16.02 1.56
N PHE N 128 41.83 -16.26 0.88
CA PHE N 128 41.84 -16.31 -0.57
C PHE N 128 40.86 -15.32 -1.19
N GLY N 129 41.18 -14.91 -2.39
CA GLY N 129 40.29 -14.11 -3.20
C GLY N 129 40.46 -14.60 -4.61
N LEU N 130 39.41 -15.19 -5.18
CA LEU N 130 39.50 -15.68 -6.54
C LEU N 130 38.87 -14.70 -7.54
N GLU N 131 39.49 -14.55 -8.71
CA GLU N 131 38.95 -13.73 -9.77
C GLU N 131 38.48 -14.68 -10.88
N GLN N 132 37.20 -15.01 -10.85
CA GLN N 132 36.64 -15.98 -11.79
C GLN N 132 36.25 -15.37 -13.13
N GLU N 133 36.98 -15.74 -14.18
CA GLU N 133 36.65 -15.27 -15.51
C GLU N 133 35.86 -16.36 -16.19
N TYR N 134 34.90 -15.98 -17.02
CA TYR N 134 34.09 -16.95 -17.74
C TYR N 134 33.67 -16.31 -19.04
N THR N 135 33.17 -17.13 -19.96
CA THR N 135 32.83 -16.67 -21.31
C THR N 135 31.41 -17.14 -21.68
N LEU N 136 30.63 -16.25 -22.30
CA LEU N 136 29.22 -16.50 -22.62
C LEU N 136 29.00 -17.18 -23.95
N PHE N 137 27.95 -18.00 -24.04
CA PHE N 137 27.67 -18.77 -25.26
C PHE N 137 26.18 -18.91 -25.61
N ASP N 138 25.90 -18.93 -26.92
CA ASP N 138 24.59 -19.27 -27.51
C ASP N 138 24.01 -20.52 -26.96
N MET N 139 22.72 -20.69 -27.20
CA MET N 139 22.13 -22.01 -27.07
C MET N 139 22.73 -22.92 -28.12
N TYR N 140 23.37 -22.31 -29.12
CA TYR N 140 23.94 -23.04 -30.24
C TYR N 140 25.45 -23.20 -30.14
N ASP N 141 25.97 -22.95 -28.95
CA ASP N 141 27.38 -23.13 -28.69
C ASP N 141 28.26 -22.19 -29.53
N ASP N 142 27.74 -21.00 -29.83
CA ASP N 142 28.57 -20.01 -30.50
C ASP N 142 28.73 -18.88 -29.50
N VAL N 143 29.84 -18.14 -29.54
CA VAL N 143 30.06 -17.07 -28.57
C VAL N 143 28.86 -16.14 -28.52
N TYR N 144 28.42 -15.80 -27.32
CA TYR N 144 27.17 -15.09 -27.17
C TYR N 144 27.18 -13.68 -27.73
N GLY N 145 26.31 -13.44 -28.70
CA GLY N 145 26.09 -12.10 -29.22
C GLY N 145 27.04 -11.76 -30.34
N TRP N 146 27.98 -12.65 -30.61
CA TRP N 146 28.95 -12.40 -31.67
C TRP N 146 28.26 -12.51 -33.01
N PRO N 147 28.63 -11.63 -33.95
CA PRO N 147 28.24 -11.65 -35.36
C PRO N 147 28.09 -13.06 -35.94
N LYS N 148 27.01 -13.22 -36.71
CA LYS N 148 26.60 -14.54 -37.16
C LYS N 148 27.64 -15.08 -38.14
N GLY N 149 28.39 -16.08 -37.73
CA GLY N 149 29.39 -16.67 -38.60
C GLY N 149 30.69 -15.91 -38.61
N GLY N 150 30.69 -14.72 -38.02
CA GLY N 150 31.87 -13.87 -38.00
C GLY N 150 32.39 -13.46 -36.62
N TYR N 151 32.88 -12.24 -36.52
CA TYR N 151 33.55 -11.77 -35.32
C TYR N 151 33.26 -10.31 -35.04
N PRO N 152 33.28 -9.94 -33.74
CA PRO N 152 33.18 -8.54 -33.34
C PRO N 152 34.44 -7.81 -33.77
N ALA N 153 34.52 -6.51 -33.50
CA ALA N 153 35.76 -5.76 -33.72
C ALA N 153 36.85 -6.38 -32.89
N PRO N 154 38.10 -5.98 -33.15
CA PRO N 154 39.19 -6.58 -32.39
C PRO N 154 39.19 -6.06 -30.97
N GLN N 155 39.83 -6.82 -30.05
CA GLN N 155 39.82 -6.52 -28.63
C GLN N 155 40.32 -5.11 -28.35
N GLY N 156 39.91 -4.54 -27.22
CA GLY N 156 40.34 -3.21 -26.86
C GLY N 156 39.24 -2.41 -26.20
N PRO N 157 38.09 -2.28 -26.87
CA PRO N 157 36.97 -1.48 -26.38
C PRO N 157 36.04 -2.27 -25.46
N TYR N 158 36.33 -3.53 -25.18
CA TYR N 158 35.40 -4.36 -24.41
C TYR N 158 35.70 -4.42 -22.92
N TYR N 159 36.99 -4.38 -22.56
CA TYR N 159 37.43 -4.45 -21.16
C TYR N 159 36.84 -3.31 -20.39
N CYS N 160 36.08 -3.63 -19.35
CA CYS N 160 35.38 -2.61 -18.57
C CYS N 160 34.54 -1.71 -19.47
N GLY N 161 34.00 -2.30 -20.52
CA GLY N 161 33.28 -1.54 -21.52
C GLY N 161 31.97 -0.96 -21.04
N VAL N 162 31.51 0.06 -21.75
CA VAL N 162 30.17 0.59 -21.54
C VAL N 162 29.69 1.23 -22.83
N GLY N 163 28.45 0.89 -23.20
CA GLY N 163 27.91 1.23 -24.49
C GLY N 163 27.40 -0.02 -25.18
N ALA N 164 26.41 0.15 -26.03
CA ALA N 164 25.68 -0.95 -26.65
C ALA N 164 26.52 -2.10 -27.26
N GLY N 165 27.54 -1.77 -28.04
CA GLY N 165 28.27 -2.87 -28.65
C GLY N 165 29.42 -3.39 -27.81
N LYS N 166 29.69 -2.69 -26.71
CA LYS N 166 30.94 -2.84 -25.97
C LYS N 166 30.88 -3.95 -24.93
N VAL N 167 29.68 -4.44 -24.69
CA VAL N 167 29.53 -5.36 -23.60
C VAL N 167 28.37 -6.30 -23.91
N TYR N 168 28.42 -7.55 -23.44
CA TYR N 168 27.35 -8.49 -23.80
C TYR N 168 26.64 -9.16 -22.61
N ALA N 169 25.32 -9.06 -22.62
CA ALA N 169 24.50 -9.70 -21.59
C ALA N 169 24.72 -9.12 -20.19
N ARG N 170 24.87 -7.82 -20.09
CA ARG N 170 25.12 -7.18 -18.80
C ARG N 170 24.03 -7.49 -17.81
N ASP N 171 22.80 -7.56 -18.30
CA ASP N 171 21.65 -7.81 -17.42
C ASP N 171 21.79 -9.16 -16.71
N MET N 172 22.24 -10.19 -17.42
CA MET N 172 22.41 -11.49 -16.82
C MET N 172 23.52 -11.39 -15.78
N ILE N 173 24.63 -10.77 -16.15
CA ILE N 173 25.77 -10.59 -15.27
C ILE N 173 25.36 -9.91 -13.97
N GLU N 174 24.53 -8.89 -14.11
CA GLU N 174 24.04 -8.13 -12.96
C GLU N 174 23.12 -8.96 -12.08
N ALA N 175 22.24 -9.72 -12.72
CA ALA N 175 21.35 -10.62 -12.02
C ALA N 175 22.17 -11.55 -11.12
N HIS N 176 23.25 -12.09 -11.67
CA HIS N 176 24.14 -12.95 -10.92
C HIS N 176 24.74 -12.23 -9.72
N TYR N 177 25.30 -11.04 -9.96
CA TYR N 177 25.81 -10.22 -8.86
C TYR N 177 24.78 -10.15 -7.72
N ARG N 178 23.58 -9.72 -8.07
CA ARG N 178 22.50 -9.60 -7.10
C ARG N 178 22.32 -10.91 -6.38
N ALA N 179 22.22 -11.99 -7.14
CA ALA N 179 21.99 -13.29 -6.56
C ALA N 179 23.04 -13.59 -5.50
N CYS N 180 24.29 -13.43 -5.86
CA CYS N 180 25.38 -13.75 -4.95
C CYS N 180 25.25 -12.91 -3.69
N LEU N 181 24.94 -11.63 -3.85
CA LEU N 181 24.76 -10.77 -2.68
C LEU N 181 23.60 -11.22 -1.77
N TYR N 182 22.48 -11.57 -2.38
CA TYR N 182 21.34 -12.07 -1.64
C TYR N 182 21.69 -13.29 -0.82
N ALA N 183 22.45 -14.20 -1.42
CA ALA N 183 22.83 -15.41 -0.74
C ALA N 183 23.87 -15.10 0.32
N GLY N 184 24.40 -13.87 0.28
CA GLY N 184 25.35 -13.43 1.28
C GLY N 184 26.77 -13.89 1.01
N LEU N 185 27.01 -14.33 -0.22
CA LEU N 185 28.35 -14.69 -0.68
C LEU N 185 29.29 -13.50 -0.59
N GLU N 186 30.58 -13.77 -0.44
CA GLU N 186 31.53 -12.69 -0.34
C GLU N 186 31.96 -12.25 -1.73
N ILE N 187 31.00 -11.81 -2.54
CA ILE N 187 31.30 -11.37 -3.89
C ILE N 187 31.77 -9.89 -3.91
N SER N 188 33.04 -9.72 -4.23
CA SER N 188 33.75 -8.47 -4.02
C SER N 188 33.53 -7.46 -5.16
N GLY N 189 33.25 -7.96 -6.35
CA GLY N 189 33.14 -7.08 -7.49
C GLY N 189 32.99 -7.83 -8.79
N ILE N 190 32.65 -7.10 -9.84
CA ILE N 190 32.43 -7.70 -11.13
C ILE N 190 33.03 -6.73 -12.17
N ASN N 191 33.39 -7.26 -13.35
CA ASN N 191 33.90 -6.41 -14.42
C ASN N 191 33.82 -7.10 -15.77
N ALA N 192 33.64 -6.34 -16.84
CA ALA N 192 33.71 -6.92 -18.19
C ALA N 192 35.16 -7.13 -18.63
N GLU N 193 35.45 -8.31 -19.15
CA GLU N 193 36.81 -8.64 -19.54
C GLU N 193 37.18 -8.19 -20.96
N VAL N 194 38.37 -8.59 -21.38
CA VAL N 194 38.98 -8.06 -22.59
C VAL N 194 38.31 -8.57 -23.84
N MET N 195 38.08 -9.88 -23.90
CA MET N 195 37.37 -10.50 -25.00
C MET N 195 35.89 -10.16 -24.90
N PRO N 196 35.27 -9.85 -26.02
CA PRO N 196 33.85 -9.52 -26.00
C PRO N 196 33.02 -10.69 -25.49
N SER N 197 32.01 -10.43 -24.65
CA SER N 197 31.17 -11.44 -23.99
C SER N 197 31.94 -12.39 -23.07
N GLN N 198 33.01 -11.85 -22.50
CA GLN N 198 33.78 -12.53 -21.49
C GLN N 198 33.78 -11.66 -20.23
N TRP N 199 33.47 -12.25 -19.08
CA TRP N 199 33.31 -11.48 -17.85
C TRP N 199 34.17 -12.03 -16.74
N GLU N 200 34.18 -11.31 -15.63
CA GLU N 200 34.84 -11.74 -14.40
C GLU N 200 33.97 -11.36 -13.20
N PHE N 201 33.94 -12.22 -12.18
CA PHE N 201 33.46 -11.80 -10.88
C PHE N 201 34.49 -12.25 -9.85
N GLN N 202 34.64 -11.47 -8.79
CA GLN N 202 35.61 -11.83 -7.76
C GLN N 202 34.90 -12.17 -6.45
N VAL N 203 35.38 -13.22 -5.79
CA VAL N 203 34.88 -13.60 -4.50
C VAL N 203 36.01 -13.63 -3.49
N GLY N 204 35.90 -12.82 -2.44
CA GLY N 204 36.86 -12.83 -1.38
C GLY N 204 36.79 -11.58 -0.56
N PRO N 205 37.54 -11.56 0.55
CA PRO N 205 38.40 -12.68 0.91
C PRO N 205 37.60 -13.71 1.69
N CYS N 206 37.93 -14.99 1.52
CA CYS N 206 37.29 -16.06 2.28
C CYS N 206 38.35 -16.84 3.06
N THR N 207 37.96 -17.52 4.13
CA THR N 207 38.95 -18.27 4.87
C THR N 207 38.92 -19.76 4.58
N GLY N 208 40.08 -20.31 4.25
CA GLY N 208 40.21 -21.74 4.01
C GLY N 208 39.15 -22.40 3.16
N ILE N 209 38.33 -23.22 3.79
CA ILE N 209 37.37 -23.99 3.03
C ILE N 209 36.31 -23.08 2.42
N ASP N 210 36.06 -21.95 3.05
CA ASP N 210 35.04 -21.04 2.56
C ASP N 210 35.21 -20.63 1.12
N MET N 211 36.44 -20.32 0.75
CA MET N 211 36.74 -19.94 -0.62
C MET N 211 36.12 -20.97 -1.57
N GLY N 212 36.51 -22.22 -1.42
CA GLY N 212 35.94 -23.28 -2.24
C GLY N 212 34.42 -23.31 -2.22
N ASP N 213 33.85 -23.40 -1.03
CA ASP N 213 32.41 -23.43 -0.89
C ASP N 213 31.73 -22.29 -1.63
N GLN N 214 32.14 -21.05 -1.35
CA GLN N 214 31.48 -19.89 -1.94
C GLN N 214 31.66 -19.79 -3.44
N LEU N 215 32.86 -20.07 -3.96
CA LEU N 215 33.06 -19.98 -5.40
C LEU N 215 32.16 -20.99 -6.07
N TRP N 216 32.13 -22.20 -5.55
CA TRP N 216 31.26 -23.22 -6.13
C TRP N 216 29.80 -22.74 -6.18
N MET N 217 29.32 -22.13 -5.09
CA MET N 217 27.95 -21.61 -5.07
C MET N 217 27.80 -20.49 -6.10
N ALA N 218 28.75 -19.58 -6.14
CA ALA N 218 28.67 -18.49 -7.09
C ALA N 218 28.54 -19.09 -8.48
N ARG N 219 29.28 -20.16 -8.75
CA ARG N 219 29.20 -20.86 -10.02
C ARG N 219 27.82 -21.48 -10.27
N TYR N 220 27.29 -22.17 -9.27
CA TYR N 220 25.91 -22.63 -9.37
C TYR N 220 25.00 -21.45 -9.78
N PHE N 221 25.10 -20.35 -9.05
CA PHE N 221 24.23 -19.21 -9.33
C PHE N 221 24.37 -18.72 -10.74
N LEU N 222 25.61 -18.69 -11.22
CA LEU N 222 25.91 -18.21 -12.57
C LEU N 222 25.22 -19.08 -13.62
N HIS N 223 25.53 -20.38 -13.65
CA HIS N 223 24.88 -21.29 -14.59
C HIS N 223 23.37 -21.15 -14.52
N ARG N 224 22.86 -21.15 -13.29
CA ARG N 224 21.44 -21.20 -13.03
C ARG N 224 20.75 -19.93 -13.49
N VAL N 225 21.30 -18.78 -13.13
CA VAL N 225 20.67 -17.54 -13.54
C VAL N 225 20.73 -17.37 -15.05
N ALA N 226 21.85 -17.77 -15.64
CA ALA N 226 22.02 -17.63 -17.06
C ALA N 226 20.99 -18.48 -17.82
N GLU N 227 20.58 -19.61 -17.23
CA GLU N 227 19.55 -20.45 -17.82
C GLU N 227 18.41 -19.56 -18.26
N GLU N 228 18.09 -18.59 -17.40
CA GLU N 228 16.95 -17.71 -17.62
C GLU N 228 17.12 -16.79 -18.82
N PHE N 229 18.34 -16.70 -19.33
CA PHE N 229 18.64 -15.87 -20.49
C PHE N 229 19.06 -16.73 -21.68
N GLY N 230 18.89 -18.05 -21.55
CA GLY N 230 19.33 -18.99 -22.57
C GLY N 230 20.81 -18.87 -22.88
N ILE N 231 21.61 -18.50 -21.88
CA ILE N 231 23.05 -18.37 -22.03
C ILE N 231 23.78 -19.51 -21.33
N LYS N 232 24.64 -20.19 -22.09
CA LYS N 232 25.53 -21.20 -21.55
C LYS N 232 26.80 -20.54 -20.99
N ILE N 233 27.32 -21.03 -19.88
CA ILE N 233 28.53 -20.47 -19.31
C ILE N 233 29.73 -21.38 -19.51
N SER N 234 30.85 -20.80 -19.97
CA SER N 234 32.03 -21.58 -20.31
C SER N 234 33.24 -21.22 -19.47
N PHE N 235 33.73 -22.22 -18.72
CA PHE N 235 34.88 -22.00 -17.86
C PHE N 235 36.14 -22.48 -18.55
N HIS N 236 36.02 -22.77 -19.84
CA HIS N 236 37.20 -23.11 -20.63
C HIS N 236 38.26 -22.00 -20.62
N PRO N 237 39.53 -22.38 -20.48
CA PRO N 237 40.67 -21.46 -20.37
C PRO N 237 40.97 -20.71 -21.68
N LYS N 238 40.51 -21.23 -22.81
CA LYS N 238 40.75 -20.59 -24.09
C LYS N 238 39.58 -20.87 -25.03
N PRO N 239 38.47 -20.16 -24.83
CA PRO N 239 37.21 -20.47 -25.51
C PRO N 239 37.36 -20.25 -27.00
N LEU N 240 38.15 -19.25 -27.38
CA LEU N 240 38.41 -19.02 -28.78
C LEU N 240 39.89 -19.03 -29.05
N LYS N 241 40.29 -19.84 -30.02
CA LYS N 241 41.70 -19.91 -30.38
C LYS N 241 42.12 -18.57 -31.00
N GLY N 242 43.39 -18.21 -30.84
CA GLY N 242 43.91 -17.02 -31.46
C GLY N 242 44.40 -16.02 -30.46
N ASP N 243 44.16 -14.75 -30.72
CA ASP N 243 44.59 -13.67 -29.83
C ASP N 243 43.52 -13.27 -28.83
N TRP N 244 42.31 -13.81 -29.00
CA TRP N 244 41.22 -13.57 -28.05
C TRP N 244 41.64 -14.06 -26.67
N ASN N 245 41.43 -13.22 -25.66
CA ASN N 245 41.90 -13.56 -24.33
C ASN N 245 41.46 -14.93 -23.81
N GLY N 246 42.31 -15.51 -22.98
CA GLY N 246 41.97 -16.77 -22.34
C GLY N 246 41.13 -16.45 -21.13
N ALA N 247 40.84 -17.46 -20.32
CA ALA N 247 40.07 -17.25 -19.10
C ALA N 247 40.79 -17.86 -17.90
N GLY N 248 41.08 -17.03 -16.92
CA GLY N 248 41.81 -17.48 -15.75
C GLY N 248 40.96 -17.38 -14.50
N CYS N 249 41.52 -17.89 -13.41
CA CYS N 249 40.93 -17.74 -12.10
C CYS N 249 42.05 -17.35 -11.13
N HIS N 250 42.61 -16.16 -11.34
CA HIS N 250 43.67 -15.64 -10.48
C HIS N 250 43.38 -15.87 -9.01
N ALA N 251 44.17 -16.70 -8.34
CA ALA N 251 43.99 -16.89 -6.92
C ALA N 251 44.86 -15.89 -6.17
N ASN N 252 44.22 -15.05 -5.35
CA ASN N 252 44.94 -14.12 -4.47
C ASN N 252 45.13 -14.75 -3.08
N VAL N 253 46.33 -14.66 -2.51
CA VAL N 253 46.64 -15.39 -1.27
C VAL N 253 47.27 -14.50 -0.21
N SER N 254 46.96 -14.80 1.05
CA SER N 254 47.62 -14.14 2.18
C SER N 254 47.43 -14.89 3.50
N THR N 255 48.46 -14.88 4.34
CA THR N 255 48.40 -15.42 5.70
C THR N 255 48.43 -14.26 6.69
N LYS N 256 48.10 -14.53 7.96
CA LYS N 256 48.03 -13.46 8.95
C LYS N 256 49.32 -12.64 8.97
N GLU N 257 50.46 -13.34 8.90
CA GLU N 257 51.77 -12.69 8.90
C GLU N 257 51.92 -11.70 7.75
N MET N 258 51.49 -12.12 6.56
CA MET N 258 51.63 -11.30 5.38
C MET N 258 50.80 -10.03 5.50
N ARG N 259 49.71 -10.12 6.24
CA ARG N 259 48.77 -9.01 6.32
C ARG N 259 49.19 -7.95 7.33
N GLN N 260 50.05 -8.34 8.26
CA GLN N 260 50.59 -7.41 9.26
C GLN N 260 51.92 -6.84 8.79
N PRO N 261 52.23 -5.60 9.18
CA PRO N 261 53.41 -4.87 8.70
C PRO N 261 54.65 -5.76 8.66
N GLY N 262 55.50 -5.53 7.66
CA GLY N 262 56.70 -6.34 7.49
C GLY N 262 56.35 -7.63 6.82
N GLY N 263 55.24 -7.61 6.10
CA GLY N 263 54.70 -8.79 5.45
C GLY N 263 55.46 -9.27 4.24
N THR N 264 55.85 -8.36 3.34
CA THR N 264 56.44 -8.79 2.06
C THR N 264 57.61 -9.73 2.34
N LYS N 265 58.05 -9.78 3.59
CA LYS N 265 59.02 -10.79 4.03
C LYS N 265 58.44 -12.16 3.77
N TYR N 266 57.33 -12.47 4.45
CA TYR N 266 56.70 -13.77 4.36
C TYR N 266 56.05 -13.97 2.99
N ILE N 267 55.60 -12.88 2.37
CA ILE N 267 55.11 -12.94 1.01
C ILE N 267 56.21 -13.48 0.10
N GLU N 268 57.39 -12.88 0.19
CA GLU N 268 58.53 -13.31 -0.61
C GLU N 268 58.90 -14.74 -0.27
N GLN N 269 58.86 -15.11 1.00
CA GLN N 269 59.12 -16.48 1.40
C GLN N 269 58.17 -17.44 0.69
N ALA N 270 56.89 -17.12 0.73
CA ALA N 270 55.87 -17.96 0.12
C ALA N 270 56.12 -18.08 -1.37
N ILE N 271 56.41 -16.96 -2.00
CA ILE N 271 56.64 -16.95 -3.44
C ILE N 271 57.77 -17.91 -3.77
N GLU N 272 58.75 -17.99 -2.89
CA GLU N 272 59.90 -18.86 -3.14
C GLU N 272 59.54 -20.33 -3.00
N LYS N 273 58.82 -20.69 -1.95
CA LYS N 273 58.33 -22.06 -1.81
C LYS N 273 57.51 -22.43 -3.06
N LEU N 274 56.67 -21.50 -3.49
CA LEU N 274 55.81 -21.72 -4.65
C LEU N 274 56.63 -22.02 -5.89
N SER N 275 57.81 -21.40 -5.96
CA SER N 275 58.67 -21.50 -7.14
C SER N 275 59.25 -22.89 -7.23
N LYS N 276 59.37 -23.56 -6.08
CA LYS N 276 59.90 -24.91 -6.08
C LYS N 276 58.85 -25.96 -6.45
N ARG N 277 57.58 -25.60 -6.31
CA ARG N 277 56.48 -26.52 -6.62
C ARG N 277 55.61 -26.08 -7.81
N HIS N 278 56.21 -25.36 -8.75
CA HIS N 278 55.50 -24.87 -9.92
C HIS N 278 54.84 -26.03 -10.67
N ALA N 279 55.57 -27.12 -10.84
CA ALA N 279 55.01 -28.22 -11.63
C ALA N 279 53.83 -28.86 -10.93
N GLU N 280 53.95 -29.06 -9.63
CA GLU N 280 52.92 -29.75 -8.86
C GLU N 280 51.63 -28.93 -8.84
N HIS N 281 51.77 -27.62 -8.75
CA HIS N 281 50.65 -26.70 -8.83
C HIS N 281 49.99 -26.71 -10.21
N ILE N 282 50.77 -26.40 -11.23
CA ILE N 282 50.28 -26.48 -12.60
C ILE N 282 49.45 -27.74 -12.85
N LYS N 283 49.88 -28.88 -12.31
CA LYS N 283 49.17 -30.12 -12.53
C LYS N 283 47.74 -30.06 -12.01
N LEU N 284 47.51 -29.29 -10.94
CA LEU N 284 46.15 -28.95 -10.54
C LEU N 284 45.70 -27.83 -11.47
N TYR N 285 45.49 -26.63 -10.95
CA TYR N 285 45.43 -25.41 -11.80
C TYR N 285 44.73 -25.41 -13.17
N GLY N 286 44.12 -26.50 -13.59
CA GLY N 286 43.27 -26.46 -14.76
C GLY N 286 43.73 -27.14 -16.04
N SER N 287 42.79 -27.83 -16.68
CA SER N 287 43.02 -28.56 -17.91
C SER N 287 43.01 -27.67 -19.16
N ASP N 288 43.69 -28.12 -20.20
CA ASP N 288 44.11 -27.28 -21.33
C ASP N 288 44.41 -25.84 -20.91
N ASN N 289 45.02 -25.69 -19.75
CA ASN N 289 45.58 -24.40 -19.38
C ASN N 289 46.72 -24.12 -20.33
N ASP N 290 47.23 -25.19 -20.95
CA ASP N 290 48.31 -25.08 -21.92
C ASP N 290 47.96 -24.14 -23.10
N MET N 291 46.67 -24.00 -23.41
CA MET N 291 46.31 -23.05 -24.45
C MET N 291 46.15 -21.63 -23.94
N ARG N 292 46.71 -21.37 -22.76
CA ARG N 292 46.62 -20.05 -22.12
C ARG N 292 47.97 -19.56 -21.54
N SER N 301 53.58 -18.33 -19.00
CA SER N 301 54.20 -19.58 -19.49
C SER N 301 54.00 -20.82 -18.60
N MET N 302 53.70 -21.95 -19.23
CA MET N 302 53.30 -23.20 -18.56
C MET N 302 54.44 -23.95 -17.87
N THR N 303 55.64 -23.74 -18.38
CA THR N 303 56.80 -24.43 -17.86
C THR N 303 57.68 -23.49 -17.04
N ALA N 304 57.61 -22.20 -17.35
CA ALA N 304 58.42 -21.19 -16.66
C ALA N 304 57.71 -20.66 -15.43
N PHE N 305 58.47 -20.48 -14.35
CA PHE N 305 57.96 -19.80 -13.17
C PHE N 305 58.68 -18.49 -12.98
N SER N 306 57.94 -17.39 -12.85
CA SER N 306 58.56 -16.11 -12.54
C SER N 306 57.69 -15.31 -11.60
N SER N 307 58.29 -14.31 -10.97
CA SER N 307 57.54 -13.43 -10.09
C SER N 307 58.13 -12.04 -10.12
N GLY N 308 57.32 -11.04 -9.77
CA GLY N 308 57.76 -9.66 -9.72
C GLY N 308 56.63 -8.72 -9.34
N VAL N 309 56.98 -7.54 -8.85
CA VAL N 309 56.00 -6.53 -8.51
C VAL N 309 55.35 -5.96 -9.76
N ALA N 310 54.08 -5.58 -9.65
CA ALA N 310 53.31 -5.03 -10.76
C ALA N 310 53.74 -5.71 -12.05
N ASN N 311 53.37 -6.97 -12.21
CA ASN N 311 53.82 -7.72 -13.35
C ASN N 311 52.76 -8.69 -13.82
N ARG N 312 51.92 -8.26 -14.77
CA ARG N 312 50.85 -9.10 -15.27
C ARG N 312 51.40 -10.16 -16.21
N GLY N 313 52.72 -10.23 -16.30
CA GLY N 313 53.39 -11.23 -17.13
C GLY N 313 53.98 -12.40 -16.34
N SER N 314 54.15 -12.21 -15.05
CA SER N 314 54.75 -13.25 -14.23
C SER N 314 53.75 -14.28 -13.76
N SER N 315 54.25 -15.36 -13.18
CA SER N 315 53.42 -16.42 -12.60
C SER N 315 52.76 -15.94 -11.32
N ILE N 316 53.53 -15.25 -10.48
CA ILE N 316 53.02 -14.62 -9.28
C ILE N 316 53.30 -13.12 -9.34
N ARG N 317 52.32 -12.31 -8.99
CA ARG N 317 52.47 -10.88 -9.09
C ARG N 317 52.24 -10.24 -7.74
N ILE N 318 53.16 -9.38 -7.33
CA ILE N 318 52.96 -8.62 -6.12
C ILE N 318 52.44 -7.27 -6.53
N PRO N 319 51.21 -6.95 -6.13
CA PRO N 319 50.56 -5.68 -6.47
C PRO N 319 51.44 -4.53 -6.05
N ARG N 320 51.63 -3.54 -6.92
CA ARG N 320 52.49 -2.43 -6.58
C ARG N 320 52.06 -1.86 -5.25
N SER N 321 50.74 -1.78 -5.05
CA SER N 321 50.15 -1.31 -3.80
C SER N 321 50.76 -2.06 -2.60
N VAL N 322 50.69 -3.39 -2.64
CA VAL N 322 51.27 -4.22 -1.58
C VAL N 322 52.73 -3.91 -1.37
N ALA N 323 53.50 -3.92 -2.45
CA ALA N 323 54.92 -3.62 -2.41
C ALA N 323 55.20 -2.29 -1.72
N LYS N 324 54.54 -1.23 -2.17
CA LYS N 324 54.75 0.09 -1.58
C LYS N 324 54.42 0.11 -0.09
N GLU N 325 53.47 -0.72 0.35
CA GLU N 325 53.06 -0.68 1.75
C GLU N 325 53.73 -1.69 2.67
N GLY N 326 54.44 -2.65 2.10
CA GLY N 326 55.22 -3.59 2.89
C GLY N 326 54.48 -4.80 3.42
N TYR N 327 53.19 -4.89 3.14
CA TYR N 327 52.37 -6.01 3.58
C TYR N 327 51.14 -6.14 2.69
N GLY N 328 50.48 -7.28 2.73
CA GLY N 328 49.31 -7.52 1.90
C GLY N 328 49.18 -8.97 1.43
N TYR N 329 49.02 -9.15 0.13
CA TYR N 329 48.81 -10.47 -0.44
C TYR N 329 49.58 -10.58 -1.76
N PHE N 330 49.62 -11.76 -2.35
CA PHE N 330 50.17 -11.89 -3.69
C PHE N 330 49.13 -12.51 -4.61
N GLU N 331 49.34 -12.35 -5.91
CA GLU N 331 48.40 -12.82 -6.92
C GLU N 331 49.02 -13.95 -7.72
N ASP N 332 48.53 -15.17 -7.55
CA ASP N 332 48.96 -16.26 -8.41
C ASP N 332 48.14 -16.24 -9.69
N ARG N 333 48.77 -15.88 -10.80
CA ARG N 333 48.04 -15.68 -12.06
C ARG N 333 47.94 -16.95 -12.88
N ARG N 334 48.47 -18.04 -12.36
CA ARG N 334 48.55 -19.32 -13.07
C ARG N 334 47.25 -20.09 -13.24
N PRO N 335 46.41 -20.15 -12.18
CA PRO N 335 45.24 -21.04 -12.28
C PRO N 335 44.28 -20.66 -13.41
N ALA N 336 43.76 -21.67 -14.10
CA ALA N 336 42.81 -21.43 -15.19
C ALA N 336 41.38 -21.28 -14.68
N SER N 337 40.54 -20.72 -15.53
CA SER N 337 39.16 -20.49 -15.22
C SER N 337 38.47 -21.75 -14.73
N ASN N 338 38.87 -22.90 -15.24
CA ASN N 338 38.16 -24.15 -14.94
C ASN N 338 38.66 -24.88 -13.69
N ILE N 339 39.45 -24.20 -12.88
CA ILE N 339 40.04 -24.84 -11.73
C ILE N 339 38.98 -25.26 -10.71
N ASP N 340 39.28 -26.31 -9.93
CA ASP N 340 38.51 -26.62 -8.71
C ASP N 340 39.16 -25.90 -7.53
N PRO N 341 38.44 -24.90 -6.97
CA PRO N 341 38.94 -24.05 -5.91
C PRO N 341 39.46 -24.87 -4.73
N TYR N 342 38.81 -25.99 -4.44
CA TYR N 342 39.30 -26.89 -3.39
C TYR N 342 40.74 -27.30 -3.67
N LEU N 343 41.01 -27.71 -4.91
CA LEU N 343 42.36 -28.12 -5.29
C LEU N 343 43.36 -26.95 -5.27
N VAL N 344 42.97 -25.82 -5.82
CA VAL N 344 43.87 -24.69 -5.80
C VAL N 344 44.15 -24.17 -4.39
N THR N 345 43.11 -23.84 -3.63
CA THR N 345 43.33 -23.29 -2.29
C THR N 345 43.97 -24.37 -1.40
N GLY N 346 43.59 -25.61 -1.64
CA GLY N 346 44.17 -26.74 -0.93
C GLY N 346 45.67 -26.80 -1.09
N ILE N 347 46.15 -27.01 -2.31
CA ILE N 347 47.59 -27.12 -2.54
C ILE N 347 48.31 -25.79 -2.25
N MET N 348 47.61 -24.68 -2.37
CA MET N 348 48.25 -23.41 -2.07
C MET N 348 48.65 -23.43 -0.61
N CYS N 349 47.72 -23.85 0.24
CA CYS N 349 47.98 -23.92 1.68
C CYS N 349 49.08 -24.94 1.94
N GLU N 350 48.96 -26.10 1.30
CA GLU N 350 49.93 -27.18 1.47
C GLU N 350 51.34 -26.68 1.29
N THR N 351 51.61 -25.90 0.24
CA THR N 351 52.99 -25.54 -0.06
C THR N 351 53.39 -24.23 0.59
N VAL N 352 52.42 -23.39 0.91
CA VAL N 352 52.73 -22.08 1.50
C VAL N 352 52.86 -22.24 3.02
N CYS N 353 51.98 -23.05 3.58
CA CYS N 353 51.89 -23.18 5.03
C CYS N 353 52.62 -24.42 5.52
N GLY N 354 52.66 -25.43 4.67
CA GLY N 354 53.35 -26.67 4.99
C GLY N 354 52.56 -27.95 4.79
N ALA N 355 53.24 -28.98 4.29
CA ALA N 355 52.63 -30.27 4.06
C ALA N 355 52.16 -30.93 5.34
N ILE N 356 51.41 -32.02 5.18
CA ILE N 356 50.94 -32.82 6.30
C ILE N 356 51.05 -34.28 5.90
N ASP N 357 51.39 -35.12 6.86
CA ASP N 357 51.49 -36.55 6.59
C ASP N 357 50.09 -37.10 6.54
N ASN N 358 49.18 -36.28 7.05
CA ASN N 358 47.76 -36.59 7.11
C ASN N 358 47.06 -36.40 5.75
N ALA N 359 47.66 -35.60 4.87
CA ALA N 359 47.08 -35.34 3.54
C ALA N 359 48.09 -34.91 2.48
N ASP N 360 47.82 -35.34 1.24
CA ASP N 360 48.64 -34.98 0.07
C ASP N 360 47.75 -34.42 -1.05
N MET N 361 47.79 -33.10 -1.24
CA MET N 361 46.93 -32.46 -2.23
C MET N 361 47.15 -33.04 -3.62
N THR N 362 48.41 -33.11 -4.02
CA THR N 362 48.71 -33.56 -5.37
C THR N 362 48.28 -35.02 -5.59
N LYS N 363 48.38 -35.84 -4.56
CA LYS N 363 47.83 -37.20 -4.66
C LYS N 363 46.30 -37.20 -4.83
N GLU N 364 45.63 -36.29 -4.12
CA GLU N 364 44.20 -36.11 -4.29
C GLU N 364 43.90 -35.85 -5.77
N PHE N 365 43.87 -36.93 -6.49
CA PHE N 365 43.73 -36.96 -7.94
C PHE N 365 43.47 -38.42 -8.18
N GLU N 366 42.23 -38.77 -7.87
CA GLU N 366 41.75 -40.13 -7.78
C GLU N 366 40.59 -40.28 -8.78
N ARG O 21 -16.49 -11.63 -6.18
CA ARG O 21 -17.43 -10.65 -5.60
C ARG O 21 -18.22 -11.19 -4.39
N GLY O 22 -17.54 -11.84 -3.46
CA GLY O 22 -18.26 -12.53 -2.40
C GLY O 22 -18.45 -14.01 -2.72
N ARG O 23 -18.35 -14.36 -3.99
CA ARG O 23 -18.55 -15.75 -4.36
C ARG O 23 -17.24 -16.53 -4.53
N ILE O 24 -17.35 -17.84 -4.70
CA ILE O 24 -16.22 -18.76 -4.74
C ILE O 24 -16.27 -19.56 -6.04
N ILE O 25 -15.12 -19.88 -6.63
CA ILE O 25 -15.12 -20.81 -7.74
C ILE O 25 -14.51 -22.13 -7.31
N ALA O 26 -15.24 -23.21 -7.57
CA ALA O 26 -14.73 -24.56 -7.36
C ALA O 26 -14.51 -25.28 -8.71
N GLU O 27 -13.27 -25.63 -9.00
CA GLU O 27 -13.04 -26.43 -10.18
C GLU O 27 -13.13 -27.90 -9.79
N TYR O 28 -14.04 -28.60 -10.44
CA TYR O 28 -14.14 -30.03 -10.20
C TYR O 28 -13.23 -30.75 -11.17
N VAL O 29 -12.38 -31.61 -10.63
CA VAL O 29 -11.46 -32.39 -11.43
C VAL O 29 -11.77 -33.88 -11.26
N TRP O 30 -11.82 -34.60 -12.36
CA TRP O 30 -12.02 -36.03 -12.27
C TRP O 30 -11.23 -36.80 -13.33
N ILE O 31 -11.27 -38.12 -13.23
CA ILE O 31 -10.51 -39.00 -14.12
C ILE O 31 -11.46 -39.60 -15.19
N ASP O 32 -11.02 -39.60 -16.44
CA ASP O 32 -11.87 -40.03 -17.54
C ASP O 32 -11.61 -41.45 -18.06
N GLY O 33 -12.27 -41.78 -19.17
CA GLY O 33 -12.18 -43.09 -19.79
C GLY O 33 -11.02 -43.20 -20.78
N THR O 34 -10.17 -42.18 -20.76
CA THR O 34 -8.83 -42.28 -21.32
C THR O 34 -7.91 -42.17 -20.11
N GLY O 35 -6.66 -41.78 -20.29
CA GLY O 35 -5.81 -41.67 -19.11
C GLY O 35 -5.66 -40.27 -18.52
N ASN O 36 -6.69 -39.44 -18.66
CA ASN O 36 -6.55 -38.02 -18.39
C ASN O 36 -7.45 -37.45 -17.30
N LEU O 37 -7.14 -36.24 -16.88
CA LEU O 37 -8.04 -35.49 -16.04
C LEU O 37 -9.00 -34.70 -16.91
N ARG O 38 -10.17 -34.40 -16.34
CA ARG O 38 -11.13 -33.49 -16.94
C ARG O 38 -11.57 -32.52 -15.86
N SER O 39 -11.99 -31.33 -16.27
CA SER O 39 -12.53 -30.40 -15.28
C SER O 39 -13.49 -29.38 -15.82
N LYS O 40 -14.36 -28.91 -14.93
CA LYS O 40 -15.17 -27.73 -15.18
C LYS O 40 -15.30 -27.00 -13.87
N GLY O 41 -15.69 -25.74 -13.94
CA GLY O 41 -15.83 -24.94 -12.74
C GLY O 41 -17.25 -24.48 -12.50
N ARG O 42 -17.59 -24.31 -11.22
CA ARG O 42 -18.89 -23.77 -10.80
C ARG O 42 -18.73 -22.73 -9.69
N THR O 43 -19.58 -21.72 -9.73
CA THR O 43 -19.61 -20.71 -8.65
C THR O 43 -20.33 -21.26 -7.43
N LEU O 44 -19.84 -20.93 -6.24
CA LEU O 44 -20.50 -21.32 -5.01
C LEU O 44 -20.76 -20.05 -4.24
N LYS O 45 -21.82 -20.04 -3.45
CA LYS O 45 -22.23 -18.83 -2.75
C LYS O 45 -21.29 -18.39 -1.64
N LYS O 46 -20.60 -19.34 -1.00
CA LYS O 46 -19.75 -19.03 0.15
C LYS O 46 -18.47 -19.85 0.22
N ARG O 47 -17.45 -19.31 0.89
CA ARG O 47 -16.21 -20.05 1.16
C ARG O 47 -16.51 -21.44 1.74
N ILE O 48 -15.72 -22.42 1.32
CA ILE O 48 -15.89 -23.80 1.80
C ILE O 48 -14.97 -24.11 2.97
N THR O 49 -15.53 -24.78 3.98
CA THR O 49 -14.77 -25.14 5.16
C THR O 49 -14.80 -26.63 5.51
N SER O 50 -15.56 -27.41 4.77
CA SER O 50 -15.45 -28.87 4.87
C SER O 50 -16.03 -29.58 3.65
N ILE O 51 -15.49 -30.77 3.34
CA ILE O 51 -15.88 -31.49 2.14
C ILE O 51 -17.39 -31.61 2.05
N ASP O 52 -18.02 -31.66 3.22
CA ASP O 52 -19.47 -31.84 3.34
C ASP O 52 -20.28 -30.77 2.64
N GLN O 53 -19.72 -29.58 2.53
CA GLN O 53 -20.41 -28.46 1.92
C GLN O 53 -20.40 -28.57 0.41
N LEU O 54 -19.49 -29.38 -0.12
CA LEU O 54 -19.38 -29.50 -1.57
C LEU O 54 -20.46 -30.43 -2.13
N PRO O 55 -21.24 -29.92 -3.09
CA PRO O 55 -22.38 -30.58 -3.76
C PRO O 55 -21.94 -31.65 -4.72
N GLU O 56 -22.79 -32.65 -4.92
CA GLU O 56 -22.58 -33.62 -6.01
C GLU O 56 -22.68 -32.84 -7.31
N TRP O 57 -22.28 -33.46 -8.41
CA TRP O 57 -22.33 -32.78 -9.69
C TRP O 57 -22.26 -33.86 -10.73
N ASN O 58 -22.26 -33.48 -12.00
CA ASN O 58 -22.26 -34.48 -13.06
C ASN O 58 -21.75 -33.94 -14.39
N PHE O 59 -21.60 -34.84 -15.36
CA PHE O 59 -21.13 -34.44 -16.68
C PHE O 59 -21.59 -35.49 -17.67
N ASP O 60 -21.29 -35.26 -18.95
CA ASP O 60 -21.71 -36.15 -20.00
C ASP O 60 -20.67 -37.24 -20.18
N GLY O 61 -20.89 -38.39 -19.56
CA GLY O 61 -19.90 -39.45 -19.61
C GLY O 61 -19.53 -39.89 -21.03
N SER O 62 -20.41 -39.59 -21.99
CA SER O 62 -20.22 -40.05 -23.35
C SER O 62 -19.16 -39.21 -24.07
N SER O 63 -18.91 -38.02 -23.53
CA SER O 63 -17.93 -37.11 -24.11
C SER O 63 -16.57 -37.37 -23.50
N THR O 64 -16.50 -38.30 -22.55
CA THR O 64 -15.25 -38.64 -21.90
C THR O 64 -14.95 -40.13 -21.90
N ASN O 65 -15.69 -40.90 -22.69
CA ASN O 65 -15.47 -42.36 -22.78
C ASN O 65 -15.72 -43.09 -21.45
N GLN O 66 -16.86 -42.84 -20.81
CA GLN O 66 -17.18 -43.47 -19.54
C GLN O 66 -18.62 -43.95 -19.57
N ALA O 67 -19.36 -43.49 -20.57
CA ALA O 67 -20.78 -43.84 -20.76
C ALA O 67 -21.13 -43.92 -22.24
N PRO O 68 -22.28 -44.53 -22.56
CA PRO O 68 -22.61 -44.96 -23.92
C PRO O 68 -23.36 -43.95 -24.77
N GLY O 69 -24.00 -42.96 -24.16
CA GLY O 69 -24.87 -42.09 -24.92
C GLY O 69 -26.32 -42.39 -24.60
N HIS O 70 -26.54 -42.90 -23.38
CA HIS O 70 -27.86 -43.16 -22.79
C HIS O 70 -27.66 -43.69 -21.37
N ASP O 73 -23.90 -40.32 -19.22
CA ASP O 73 -24.39 -39.50 -18.10
C ASP O 73 -23.91 -39.85 -16.64
N ILE O 74 -22.75 -39.35 -16.21
CA ILE O 74 -22.13 -39.75 -14.93
C ILE O 74 -22.12 -38.67 -13.84
N TYR O 75 -22.03 -39.12 -12.58
CA TYR O 75 -22.08 -38.22 -11.41
C TYR O 75 -20.72 -38.04 -10.67
N LEU O 76 -20.54 -36.88 -10.06
CA LEU O 76 -19.28 -36.52 -9.42
C LEU O 76 -19.41 -36.38 -7.90
N LYS O 77 -18.75 -37.27 -7.17
CA LYS O 77 -18.76 -37.22 -5.71
C LYS O 77 -17.45 -36.62 -5.19
N PRO O 78 -17.55 -35.40 -4.63
CA PRO O 78 -16.38 -34.72 -4.06
C PRO O 78 -15.65 -35.66 -3.10
N VAL O 79 -14.33 -35.69 -3.20
CA VAL O 79 -13.55 -36.64 -2.42
C VAL O 79 -12.46 -35.92 -1.64
N ALA O 80 -11.90 -34.87 -2.24
CA ALA O 80 -10.89 -34.06 -1.59
C ALA O 80 -10.99 -32.68 -2.19
N TYR O 81 -10.53 -31.67 -1.47
CA TYR O 81 -10.42 -30.34 -2.04
C TYR O 81 -9.24 -29.57 -1.50
N TYR O 82 -8.74 -28.65 -2.31
CA TYR O 82 -7.55 -27.86 -1.98
C TYR O 82 -7.73 -26.46 -2.51
N PRO O 83 -6.89 -25.54 -2.02
CA PRO O 83 -6.83 -24.18 -2.61
C PRO O 83 -6.38 -24.26 -4.07
N ASP O 84 -7.00 -23.47 -4.93
CA ASP O 84 -6.66 -23.48 -6.34
C ASP O 84 -5.41 -22.66 -6.57
N PRO O 85 -4.31 -23.31 -6.97
CA PRO O 85 -3.04 -22.58 -7.12
C PRO O 85 -3.14 -21.60 -8.26
N PHE O 86 -4.08 -21.84 -9.18
CA PHE O 86 -4.23 -21.00 -10.34
C PHE O 86 -5.20 -19.84 -10.07
N ARG O 87 -6.42 -20.14 -9.64
CA ARG O 87 -7.38 -19.07 -9.40
C ARG O 87 -7.07 -18.34 -8.12
N ARG O 88 -6.34 -19.00 -7.24
CA ARG O 88 -5.95 -18.46 -5.94
C ARG O 88 -7.12 -17.86 -5.17
N GLY O 89 -6.82 -17.06 -4.15
CA GLY O 89 -7.88 -16.52 -3.32
C GLY O 89 -8.58 -17.62 -2.56
N ASP O 90 -9.87 -17.45 -2.34
CA ASP O 90 -10.65 -18.47 -1.63
C ASP O 90 -11.22 -19.48 -2.61
N ASN O 91 -10.76 -19.41 -3.85
CA ASN O 91 -11.13 -20.39 -4.86
C ASN O 91 -10.44 -21.71 -4.59
N ILE O 92 -11.07 -22.79 -5.06
CA ILE O 92 -10.72 -24.14 -4.62
C ILE O 92 -10.78 -25.16 -5.77
N VAL O 93 -9.97 -26.20 -5.66
CA VAL O 93 -9.99 -27.30 -6.61
C VAL O 93 -10.57 -28.54 -5.94
N VAL O 94 -11.55 -29.18 -6.58
CA VAL O 94 -12.22 -30.33 -5.98
C VAL O 94 -12.00 -31.62 -6.74
N LEU O 95 -11.32 -32.57 -6.12
CA LEU O 95 -11.12 -33.89 -6.72
C LEU O 95 -12.41 -34.72 -6.55
N ALA O 96 -13.07 -35.05 -7.66
CA ALA O 96 -14.31 -35.82 -7.60
C ALA O 96 -14.18 -37.21 -8.20
N ALA O 97 -14.82 -38.18 -7.56
CA ALA O 97 -14.86 -39.54 -8.06
C ALA O 97 -16.10 -39.77 -8.93
N CYS O 98 -16.00 -40.66 -9.91
CA CYS O 98 -17.12 -40.90 -10.82
C CYS O 98 -18.00 -42.08 -10.43
N TYR O 99 -19.26 -41.81 -10.23
CA TYR O 99 -20.26 -42.85 -9.97
C TYR O 99 -21.34 -42.83 -11.04
N ASN O 100 -21.69 -44.00 -11.59
CA ASN O 100 -22.81 -44.13 -12.54
C ASN O 100 -24.12 -43.84 -11.84
N ASN O 101 -25.21 -43.71 -12.60
CA ASN O 101 -26.52 -43.49 -11.99
C ASN O 101 -27.02 -44.66 -11.13
N ASP O 102 -26.37 -45.81 -11.21
CA ASP O 102 -26.69 -46.91 -10.30
C ASP O 102 -26.37 -46.53 -8.89
N GLY O 103 -25.33 -45.70 -8.73
CA GLY O 103 -24.70 -45.48 -7.43
C GLY O 103 -23.43 -46.30 -7.41
N THR O 104 -23.25 -47.13 -8.44
CA THR O 104 -22.01 -47.89 -8.65
C THR O 104 -20.88 -47.02 -9.18
N PRO O 105 -19.64 -47.34 -8.79
CA PRO O 105 -18.45 -46.67 -9.29
C PRO O 105 -18.19 -46.96 -10.76
N ASN O 106 -18.11 -45.90 -11.54
CA ASN O 106 -17.81 -46.01 -12.97
C ASN O 106 -16.73 -47.05 -13.31
N LYS O 107 -16.74 -47.51 -14.57
CA LYS O 107 -15.70 -48.38 -15.09
C LYS O 107 -14.37 -47.90 -14.56
N PHE O 108 -14.11 -46.60 -14.68
CA PHE O 108 -12.77 -46.06 -14.43
C PHE O 108 -12.58 -45.48 -13.02
N ASN O 109 -13.56 -45.73 -12.16
CA ASN O 109 -13.39 -45.38 -10.78
C ASN O 109 -12.79 -46.56 -10.04
N HIS O 110 -11.50 -46.45 -9.74
CA HIS O 110 -10.81 -47.45 -8.95
C HIS O 110 -10.47 -46.93 -7.57
N ARG O 111 -10.95 -45.72 -7.27
CA ARG O 111 -10.72 -45.17 -5.94
C ARG O 111 -11.53 -45.94 -4.90
N HIS O 112 -12.77 -46.26 -5.26
CA HIS O 112 -13.67 -46.96 -4.34
C HIS O 112 -13.09 -48.33 -3.96
N GLU O 113 -12.76 -49.14 -4.97
CA GLU O 113 -12.23 -50.46 -4.68
C GLU O 113 -11.06 -50.37 -3.71
N ALA O 114 -10.08 -49.51 -4.01
CA ALA O 114 -8.88 -49.37 -3.19
C ALA O 114 -9.24 -48.95 -1.79
N ALA O 115 -10.14 -48.00 -1.69
CA ALA O 115 -10.59 -47.53 -0.40
C ALA O 115 -10.96 -48.69 0.52
N LYS O 116 -11.72 -49.65 0.00
CA LYS O 116 -12.09 -50.85 0.77
C LYS O 116 -10.87 -51.46 1.46
N LEU O 117 -9.85 -51.75 0.67
CA LEU O 117 -8.64 -52.33 1.21
C LEU O 117 -7.97 -51.46 2.28
N PHE O 118 -7.84 -50.17 2.00
CA PHE O 118 -7.21 -49.28 2.97
C PHE O 118 -8.03 -49.21 4.26
N ALA O 119 -9.34 -49.25 4.13
CA ALA O 119 -10.22 -49.19 5.30
C ALA O 119 -10.05 -50.48 6.11
N ALA O 120 -9.98 -51.60 5.42
CA ALA O 120 -9.79 -52.87 6.08
C ALA O 120 -8.49 -52.86 6.88
N HIS O 121 -7.41 -52.44 6.23
CA HIS O 121 -6.12 -52.51 6.88
C HIS O 121 -5.72 -51.20 7.53
N LYS O 122 -6.72 -50.41 7.94
CA LYS O 122 -6.50 -49.19 8.73
C LYS O 122 -5.37 -49.37 9.73
N ASP O 123 -5.38 -50.50 10.42
CA ASP O 123 -4.44 -50.75 11.50
C ASP O 123 -2.97 -50.78 11.09
N GLU O 124 -2.70 -51.24 9.86
CA GLU O 124 -1.33 -51.31 9.37
C GLU O 124 -0.74 -49.94 9.03
N GLU O 125 -1.62 -48.99 8.71
CA GLU O 125 -1.16 -47.66 8.34
C GLU O 125 -0.14 -47.74 7.20
N ILE O 126 -0.56 -48.19 6.01
CA ILE O 126 0.34 -48.17 4.87
C ILE O 126 0.66 -46.74 4.48
N TRP O 127 1.92 -46.51 4.17
CA TRP O 127 2.37 -45.23 3.67
C TRP O 127 2.95 -45.46 2.29
N PHE O 128 2.68 -44.52 1.41
CA PHE O 128 3.24 -44.55 0.07
C PHE O 128 4.00 -43.26 -0.23
N GLY O 129 4.98 -43.38 -1.10
CA GLY O 129 5.63 -42.23 -1.68
C GLY O 129 5.87 -42.55 -3.14
N LEU O 130 5.23 -41.82 -4.04
CA LEU O 130 5.44 -42.07 -5.46
C LEU O 130 6.46 -41.09 -6.05
N GLU O 131 7.27 -41.58 -6.98
CA GLU O 131 8.22 -40.75 -7.71
C GLU O 131 7.73 -40.67 -9.16
N GLN O 132 6.97 -39.62 -9.45
CA GLN O 132 6.34 -39.44 -10.77
C GLN O 132 7.32 -38.86 -11.79
N GLU O 133 7.69 -39.66 -12.77
CA GLU O 133 8.50 -39.16 -13.86
C GLU O 133 7.60 -38.86 -15.03
N TYR O 134 7.92 -37.81 -15.78
CA TYR O 134 7.14 -37.43 -16.96
C TYR O 134 8.06 -36.83 -17.98
N THR O 135 7.58 -36.67 -19.20
CA THR O 135 8.41 -36.14 -20.27
C THR O 135 7.68 -35.00 -20.97
N LEU O 136 8.41 -33.92 -21.31
CA LEU O 136 7.83 -32.69 -21.89
C LEU O 136 7.77 -32.70 -23.42
N PHE O 137 6.72 -32.07 -23.98
CA PHE O 137 6.53 -32.07 -25.44
C PHE O 137 6.04 -30.74 -26.04
N ASP O 138 6.46 -30.50 -27.28
CA ASP O 138 5.96 -29.43 -28.15
C ASP O 138 4.46 -29.37 -28.22
N MET O 139 3.95 -28.22 -28.63
CA MET O 139 2.59 -28.14 -29.13
C MET O 139 2.45 -29.03 -30.35
N TYR O 140 3.60 -29.39 -30.94
CA TYR O 140 3.65 -30.16 -32.18
C TYR O 140 4.02 -31.62 -31.92
N ASP O 141 3.93 -32.01 -30.66
CA ASP O 141 4.17 -33.40 -30.30
C ASP O 141 5.60 -33.87 -30.58
N ASP O 142 6.56 -32.96 -30.49
CA ASP O 142 7.96 -33.36 -30.53
C ASP O 142 8.52 -33.08 -29.14
N VAL O 143 9.58 -33.78 -28.76
CA VAL O 143 10.11 -33.59 -27.41
C VAL O 143 10.47 -32.14 -27.18
N TYR O 144 10.09 -31.62 -26.04
CA TYR O 144 10.21 -30.19 -25.79
C TYR O 144 11.64 -29.68 -25.78
N GLY O 145 11.94 -28.76 -26.69
CA GLY O 145 13.22 -28.07 -26.69
C GLY O 145 14.33 -28.83 -27.42
N TRP O 146 14.01 -30.02 -27.88
CA TRP O 146 14.99 -30.79 -28.59
C TRP O 146 15.22 -30.15 -29.95
N PRO O 147 16.48 -30.13 -30.41
CA PRO O 147 16.91 -29.76 -31.75
C PRO O 147 15.92 -30.14 -32.82
N LYS O 148 15.73 -29.22 -33.76
CA LYS O 148 14.68 -29.35 -34.76
C LYS O 148 15.01 -30.48 -35.69
N GLY O 149 14.20 -31.54 -35.65
CA GLY O 149 14.41 -32.71 -36.49
C GLY O 149 15.52 -33.64 -36.02
N GLY O 150 16.32 -33.17 -35.04
CA GLY O 150 17.42 -33.95 -34.50
C GLY O 150 17.35 -34.29 -33.02
N TYR O 151 18.52 -34.32 -32.37
CA TYR O 151 18.64 -34.79 -30.98
C TYR O 151 19.62 -33.96 -30.20
N PRO O 152 19.43 -33.90 -28.87
CA PRO O 152 20.41 -33.26 -28.00
C PRO O 152 21.64 -34.14 -27.93
N ALA O 153 22.65 -33.72 -27.19
CA ALA O 153 23.78 -34.58 -26.90
C ALA O 153 23.28 -35.85 -26.23
N PRO O 154 24.12 -36.88 -26.12
CA PRO O 154 23.70 -38.12 -25.46
C PRO O 154 23.52 -37.93 -23.97
N GLN O 155 22.78 -38.85 -23.36
CA GLN O 155 22.45 -38.71 -21.95
C GLN O 155 23.69 -38.67 -21.06
N GLY O 156 23.56 -38.07 -19.89
CA GLY O 156 24.67 -37.94 -18.97
C GLY O 156 24.67 -36.61 -18.23
N PRO O 157 24.63 -35.51 -18.98
CA PRO O 157 24.73 -34.20 -18.36
C PRO O 157 23.39 -33.63 -17.94
N TYR O 158 22.29 -34.38 -18.16
CA TYR O 158 20.94 -33.84 -17.91
C TYR O 158 20.36 -34.16 -16.53
N TYR O 159 20.66 -35.35 -16.02
CA TYR O 159 20.20 -35.78 -14.71
C TYR O 159 20.63 -34.78 -13.64
N CYS O 160 19.64 -34.21 -12.95
CA CYS O 160 19.91 -33.19 -11.94
C CYS O 160 20.74 -32.08 -12.53
N GLY O 161 20.53 -31.81 -13.80
CA GLY O 161 21.35 -30.84 -14.51
C GLY O 161 21.20 -29.42 -14.01
N VAL O 162 22.20 -28.61 -14.33
CA VAL O 162 22.12 -27.16 -14.16
C VAL O 162 23.03 -26.47 -15.16
N GLY O 163 22.50 -25.41 -15.77
CA GLY O 163 23.10 -24.78 -16.93
C GLY O 163 22.16 -24.79 -18.12
N ALA O 164 22.26 -23.75 -18.94
CA ALA O 164 21.35 -23.52 -20.06
C ALA O 164 20.97 -24.73 -20.94
N GLY O 165 21.91 -25.57 -21.33
CA GLY O 165 21.51 -26.64 -22.22
C GLY O 165 21.16 -27.92 -21.50
N LYS O 166 21.38 -27.91 -20.21
CA LYS O 166 21.35 -29.13 -19.40
C LYS O 166 19.94 -29.52 -18.96
N VAL O 167 18.98 -28.62 -19.13
CA VAL O 167 17.71 -28.80 -18.49
C VAL O 167 16.69 -28.05 -19.31
N TYR O 168 15.46 -28.53 -19.36
CA TYR O 168 14.43 -27.91 -20.19
C TYR O 168 13.14 -27.53 -19.48
N ALA O 169 12.76 -26.25 -19.61
CA ALA O 169 11.50 -25.72 -19.05
C ALA O 169 11.46 -25.70 -17.53
N ARG O 170 12.58 -25.40 -16.88
CA ARG O 170 12.66 -25.46 -15.42
C ARG O 170 11.61 -24.53 -14.80
N ASP O 171 11.37 -23.41 -15.45
CA ASP O 171 10.39 -22.46 -14.94
C ASP O 171 8.99 -23.08 -14.81
N MET O 172 8.58 -23.87 -15.80
CA MET O 172 7.30 -24.55 -15.72
C MET O 172 7.35 -25.56 -14.57
N ILE O 173 8.41 -26.36 -14.52
CA ILE O 173 8.59 -27.33 -13.46
C ILE O 173 8.49 -26.72 -12.06
N GLU O 174 9.11 -25.56 -11.91
CA GLU O 174 9.11 -24.86 -10.65
C GLU O 174 7.69 -24.34 -10.32
N ALA O 175 7.01 -23.84 -11.33
CA ALA O 175 5.66 -23.32 -11.14
C ALA O 175 4.77 -24.41 -10.56
N HIS O 176 4.92 -25.61 -11.10
CA HIS O 176 4.18 -26.76 -10.63
C HIS O 176 4.51 -27.08 -9.17
N TYR O 177 5.79 -27.23 -8.86
CA TYR O 177 6.23 -27.38 -7.47
C TYR O 177 5.49 -26.37 -6.54
N ARG O 178 5.55 -25.08 -6.90
CA ARG O 178 4.88 -24.03 -6.13
C ARG O 178 3.40 -24.35 -5.97
N ALA O 179 2.76 -24.65 -7.10
CA ALA O 179 1.34 -24.93 -7.11
C ALA O 179 1.00 -26.02 -6.11
N CYS O 180 1.68 -27.14 -6.22
CA CYS O 180 1.45 -28.27 -5.33
C CYS O 180 1.58 -27.83 -3.89
N LEU O 181 2.63 -27.08 -3.58
CA LEU O 181 2.85 -26.61 -2.21
C LEU O 181 1.68 -25.73 -1.74
N TYR O 182 1.23 -24.82 -2.60
CA TYR O 182 0.14 -23.91 -2.27
C TYR O 182 -1.13 -24.70 -1.94
N ALA O 183 -1.37 -25.76 -2.72
CA ALA O 183 -2.53 -26.60 -2.53
C ALA O 183 -2.37 -27.44 -1.26
N GLY O 184 -1.15 -27.49 -0.73
CA GLY O 184 -0.87 -28.23 0.49
C GLY O 184 -0.67 -29.71 0.23
N LEU O 185 -0.44 -30.08 -1.03
CA LEU O 185 -0.11 -31.47 -1.36
C LEU O 185 1.19 -31.84 -0.68
N GLU O 186 1.36 -33.13 -0.42
CA GLU O 186 2.59 -33.63 0.19
C GLU O 186 3.69 -33.86 -0.85
N ILE O 187 4.06 -32.80 -1.57
CA ILE O 187 5.10 -32.88 -2.57
C ILE O 187 6.50 -32.78 -1.93
N SER O 188 7.21 -33.90 -1.92
CA SER O 188 8.46 -34.06 -1.16
C SER O 188 9.69 -33.49 -1.86
N GLY O 189 9.66 -33.42 -3.19
CA GLY O 189 10.80 -32.94 -3.92
C GLY O 189 10.67 -33.06 -5.42
N ILE O 190 11.61 -32.46 -6.14
CA ILE O 190 11.56 -32.50 -7.59
C ILE O 190 12.99 -32.70 -8.06
N ASN O 191 13.17 -33.23 -9.27
CA ASN O 191 14.53 -33.35 -9.85
C ASN O 191 14.50 -33.53 -11.36
N ALA O 192 15.53 -33.04 -12.05
CA ALA O 192 15.62 -33.26 -13.50
C ALA O 192 16.12 -34.68 -13.81
N GLU O 193 15.45 -35.36 -14.72
CA GLU O 193 15.81 -36.76 -14.97
C GLU O 193 16.88 -36.94 -16.04
N VAL O 194 17.15 -38.20 -16.34
CA VAL O 194 18.28 -38.56 -17.17
C VAL O 194 18.13 -38.10 -18.61
N MET O 195 16.97 -38.39 -19.21
CA MET O 195 16.68 -37.98 -20.56
C MET O 195 16.40 -36.48 -20.55
N PRO O 196 16.95 -35.76 -21.53
CA PRO O 196 16.72 -34.31 -21.60
C PRO O 196 15.23 -33.98 -21.70
N SER O 197 14.78 -32.96 -20.98
CA SER O 197 13.37 -32.58 -20.92
C SER O 197 12.47 -33.68 -20.36
N GLN O 198 13.03 -34.47 -19.46
CA GLN O 198 12.30 -35.43 -18.67
C GLN O 198 12.51 -35.10 -17.18
N TRP O 199 11.43 -35.06 -16.41
CA TRP O 199 11.52 -34.63 -15.01
C TRP O 199 10.86 -35.64 -14.09
N GLU O 200 11.01 -35.39 -12.80
CA GLU O 200 10.36 -36.19 -11.78
C GLU O 200 9.88 -35.24 -10.67
N PHE O 201 8.74 -35.55 -10.09
CA PHE O 201 8.39 -34.97 -8.78
C PHE O 201 7.95 -36.10 -7.88
N GLN O 202 8.23 -35.98 -6.59
CA GLN O 202 7.83 -37.00 -5.64
C GLN O 202 6.74 -36.50 -4.69
N VAL O 203 5.75 -37.36 -4.46
CA VAL O 203 4.72 -37.07 -3.48
C VAL O 203 4.70 -38.14 -2.40
N GLY O 204 4.83 -37.73 -1.15
CA GLY O 204 4.78 -38.65 -0.04
C GLY O 204 5.44 -38.08 1.20
N PRO O 205 5.26 -38.77 2.31
CA PRO O 205 4.45 -39.98 2.35
C PRO O 205 2.97 -39.64 2.53
N CYS O 206 2.10 -40.44 1.94
CA CYS O 206 0.67 -40.25 2.11
C CYS O 206 0.08 -41.54 2.65
N THR O 207 -1.07 -41.46 3.32
CA THR O 207 -1.69 -42.68 3.85
C THR O 207 -2.85 -43.19 3.01
N GLY O 208 -2.75 -44.46 2.62
CA GLY O 208 -3.80 -45.13 1.87
C GLY O 208 -4.38 -44.37 0.68
N ILE O 209 -5.62 -43.92 0.82
CA ILE O 209 -6.29 -43.30 -0.30
C ILE O 209 -5.67 -41.96 -0.64
N ASP O 210 -5.07 -41.32 0.35
CA ASP O 210 -4.44 -40.02 0.09
C ASP O 210 -3.43 -40.05 -1.04
N MET O 211 -2.66 -41.14 -1.13
CA MET O 211 -1.63 -41.23 -2.15
C MET O 211 -2.28 -41.00 -3.49
N GLY O 212 -3.27 -41.83 -3.80
CA GLY O 212 -3.99 -41.67 -5.04
C GLY O 212 -4.56 -40.28 -5.23
N ASP O 213 -5.28 -39.79 -4.24
CA ASP O 213 -5.89 -38.47 -4.37
C ASP O 213 -4.85 -37.40 -4.74
N GLN O 214 -3.79 -37.32 -3.94
CA GLN O 214 -2.82 -36.26 -4.09
C GLN O 214 -2.04 -36.36 -5.38
N LEU O 215 -1.64 -37.58 -5.79
CA LEU O 215 -0.91 -37.73 -7.05
C LEU O 215 -1.79 -37.25 -8.20
N TRP O 216 -3.06 -37.68 -8.19
CA TRP O 216 -3.99 -37.24 -9.22
C TRP O 216 -4.11 -35.73 -9.27
N MET O 217 -4.17 -35.06 -8.12
CA MET O 217 -4.20 -33.59 -8.12
C MET O 217 -2.90 -33.00 -8.63
N ALA O 218 -1.78 -33.55 -8.19
CA ALA O 218 -0.48 -33.08 -8.66
C ALA O 218 -0.42 -33.17 -10.19
N ARG O 219 -0.97 -34.25 -10.75
CA ARG O 219 -1.06 -34.43 -12.20
C ARG O 219 -1.95 -33.39 -12.85
N TYR O 220 -3.12 -33.12 -12.25
CA TYR O 220 -3.97 -32.04 -12.74
C TYR O 220 -3.16 -30.74 -12.79
N PHE O 221 -2.55 -30.38 -11.67
CA PHE O 221 -1.71 -29.20 -11.59
C PHE O 221 -0.65 -29.15 -12.68
N LEU O 222 0.03 -30.28 -12.90
CA LEU O 222 1.08 -30.38 -13.93
C LEU O 222 0.57 -30.05 -15.32
N HIS O 223 -0.41 -30.82 -15.81
CA HIS O 223 -1.06 -30.54 -17.09
C HIS O 223 -1.49 -29.08 -17.21
N ARG O 224 -2.17 -28.63 -16.18
CA ARG O 224 -2.80 -27.34 -16.17
C ARG O 224 -1.79 -26.20 -16.21
N VAL O 225 -0.73 -26.33 -15.41
CA VAL O 225 0.26 -25.26 -15.32
C VAL O 225 1.05 -25.25 -16.61
N ALA O 226 1.33 -26.43 -17.14
CA ALA O 226 2.08 -26.53 -18.39
C ALA O 226 1.35 -25.88 -19.57
N GLU O 227 0.02 -25.91 -19.51
CA GLU O 227 -0.79 -25.25 -20.52
C GLU O 227 -0.25 -23.84 -20.75
N GLU O 228 0.09 -23.18 -19.65
CA GLU O 228 0.50 -21.79 -19.68
C GLU O 228 1.84 -21.62 -20.39
N PHE O 229 2.57 -22.72 -20.60
CA PHE O 229 3.85 -22.67 -21.29
C PHE O 229 3.78 -23.36 -22.64
N GLY O 230 2.57 -23.68 -23.08
CA GLY O 230 2.39 -24.42 -24.32
C GLY O 230 3.10 -25.78 -24.33
N ILE O 231 3.23 -26.38 -23.15
CA ILE O 231 3.90 -27.67 -23.05
C ILE O 231 2.90 -28.80 -22.74
N LYS O 232 2.97 -29.86 -23.52
CA LYS O 232 2.16 -31.05 -23.30
C LYS O 232 2.92 -31.96 -22.36
N ILE O 233 2.21 -32.63 -21.45
CA ILE O 233 2.88 -33.56 -20.56
C ILE O 233 2.65 -35.03 -20.92
N SER O 234 3.71 -35.82 -20.95
CA SER O 234 3.61 -37.21 -21.38
C SER O 234 3.97 -38.23 -20.30
N PHE O 235 2.97 -39.02 -19.91
CA PHE O 235 3.19 -40.04 -18.90
C PHE O 235 3.53 -41.38 -19.51
N HIS O 236 3.80 -41.37 -20.81
CA HIS O 236 4.22 -42.57 -21.51
C HIS O 236 5.52 -43.13 -20.92
N PRO O 237 5.58 -44.48 -20.80
CA PRO O 237 6.71 -45.19 -20.16
C PRO O 237 8.00 -45.15 -20.97
N LYS O 238 7.89 -44.88 -22.26
CA LYS O 238 9.04 -44.87 -23.14
C LYS O 238 8.79 -43.89 -24.28
N PRO O 239 8.92 -42.59 -23.98
CA PRO O 239 8.50 -41.52 -24.90
C PRO O 239 9.34 -41.55 -26.16
N LEU O 240 10.60 -41.89 -26.00
CA LEU O 240 11.49 -42.04 -27.15
C LEU O 240 12.11 -43.42 -27.18
N LYS O 241 11.99 -44.08 -28.33
CA LYS O 241 12.54 -45.41 -28.48
C LYS O 241 14.04 -45.29 -28.45
N GLY O 242 14.72 -46.31 -27.95
CA GLY O 242 16.17 -46.34 -27.99
C GLY O 242 16.77 -46.46 -26.62
N ASP O 243 17.86 -45.73 -26.40
CA ASP O 243 18.53 -45.78 -25.10
C ASP O 243 18.10 -44.64 -24.18
N TRP O 244 17.30 -43.71 -24.74
CA TRP O 244 16.71 -42.63 -23.95
C TRP O 244 15.88 -43.24 -22.85
N ASN O 245 16.09 -42.77 -21.62
CA ASN O 245 15.41 -43.33 -20.46
C ASN O 245 13.90 -43.42 -20.59
N GLY O 246 13.34 -44.48 -19.99
CA GLY O 246 11.89 -44.61 -19.90
C GLY O 246 11.37 -43.72 -18.79
N ALA O 247 10.09 -43.86 -18.46
CA ALA O 247 9.51 -43.04 -17.40
C ALA O 247 8.75 -43.95 -16.45
N GLY O 248 9.16 -43.95 -15.18
CA GLY O 248 8.52 -44.80 -14.21
C GLY O 248 7.81 -44.01 -13.14
N CYS O 249 7.09 -44.72 -12.27
CA CYS O 249 6.48 -44.10 -11.10
C CYS O 249 6.78 -44.96 -9.89
N HIS O 250 8.05 -45.03 -9.54
CA HIS O 250 8.51 -45.85 -8.42
C HIS O 250 7.58 -45.69 -7.21
N ALA O 251 6.90 -46.76 -6.82
CA ALA O 251 6.07 -46.70 -5.62
C ALA O 251 6.89 -47.14 -4.40
N ASN O 252 7.09 -46.24 -3.44
CA ASN O 252 7.75 -46.56 -2.17
C ASN O 252 6.70 -46.96 -1.12
N VAL O 253 6.96 -48.04 -0.39
CA VAL O 253 5.95 -48.63 0.49
C VAL O 253 6.45 -48.90 1.90
N SER O 254 5.56 -48.74 2.89
CA SER O 254 5.86 -49.13 4.27
C SER O 254 4.60 -49.25 5.14
N THR O 255 4.65 -50.18 6.08
CA THR O 255 3.61 -50.31 7.09
C THR O 255 4.19 -49.91 8.44
N LYS O 256 3.32 -49.71 9.43
CA LYS O 256 3.76 -49.28 10.76
C LYS O 256 4.89 -50.18 11.27
N GLU O 257 4.74 -51.49 11.08
CA GLU O 257 5.75 -52.46 11.55
C GLU O 257 7.11 -52.23 10.92
N MET O 258 7.11 -52.00 9.61
CA MET O 258 8.36 -51.81 8.88
C MET O 258 9.08 -50.56 9.36
N ARG O 259 8.32 -49.58 9.83
CA ARG O 259 8.90 -48.29 10.19
C ARG O 259 9.50 -48.30 11.59
N GLN O 260 9.08 -49.25 12.41
CA GLN O 260 9.64 -49.41 13.75
C GLN O 260 10.78 -50.42 13.73
N PRO O 261 11.77 -50.23 14.61
CA PRO O 261 12.99 -51.05 14.63
C PRO O 261 12.69 -52.55 14.47
N GLY O 262 13.59 -53.26 13.81
CA GLY O 262 13.35 -54.66 13.50
C GLY O 262 12.40 -54.79 12.34
N GLY O 263 12.33 -53.75 11.52
CA GLY O 263 11.44 -53.71 10.39
C GLY O 263 11.83 -54.60 9.22
N THR O 264 13.11 -54.61 8.82
CA THR O 264 13.49 -55.28 7.55
C THR O 264 12.98 -56.72 7.59
N LYS O 265 12.56 -57.15 8.78
CA LYS O 265 11.86 -58.43 8.93
C LYS O 265 10.60 -58.40 8.08
N TYR O 266 9.67 -57.50 8.43
CA TYR O 266 8.39 -57.39 7.75
C TYR O 266 8.58 -56.85 6.33
N ILE O 267 9.60 -56.05 6.13
CA ILE O 267 9.95 -55.61 4.79
C ILE O 267 10.28 -56.82 3.92
N GLU O 268 11.15 -57.68 4.42
CA GLU O 268 11.51 -58.89 3.67
C GLU O 268 10.30 -59.78 3.43
N GLN O 269 9.43 -59.89 4.45
CA GLN O 269 8.19 -60.65 4.32
C GLN O 269 7.34 -60.11 3.17
N ALA O 270 7.12 -58.80 3.16
CA ALA O 270 6.34 -58.16 2.12
C ALA O 270 6.96 -58.43 0.75
N ILE O 271 8.26 -58.25 0.66
CA ILE O 271 8.96 -58.47 -0.60
C ILE O 271 8.70 -59.89 -1.13
N GLU O 272 8.60 -60.84 -0.22
CA GLU O 272 8.38 -62.21 -0.63
C GLU O 272 6.95 -62.42 -1.12
N LYS O 273 5.98 -61.88 -0.39
CA LYS O 273 4.59 -61.97 -0.86
C LYS O 273 4.51 -61.32 -2.25
N LEU O 274 5.17 -60.19 -2.40
CA LEU O 274 5.19 -59.46 -3.66
C LEU O 274 5.74 -60.33 -4.80
N SER O 275 6.76 -61.13 -4.47
CA SER O 275 7.41 -61.99 -5.45
C SER O 275 6.46 -63.07 -6.00
N LYS O 276 5.46 -63.44 -5.21
CA LYS O 276 4.50 -64.44 -5.65
C LYS O 276 3.42 -63.83 -6.56
N ARG O 277 3.24 -62.53 -6.48
CA ARG O 277 2.21 -61.86 -7.27
C ARG O 277 2.77 -60.87 -8.28
N HIS O 278 3.98 -61.12 -8.77
CA HIS O 278 4.61 -60.28 -9.76
C HIS O 278 3.72 -60.08 -11.00
N ALA O 279 3.12 -61.17 -11.49
CA ALA O 279 2.33 -61.07 -12.70
C ALA O 279 1.11 -60.21 -12.50
N GLU O 280 0.43 -60.42 -11.37
CA GLU O 280 -0.83 -59.74 -11.08
C GLU O 280 -0.61 -58.23 -10.92
N HIS O 281 0.54 -57.89 -10.35
CA HIS O 281 0.94 -56.51 -10.20
C HIS O 281 1.29 -55.92 -11.55
N ILE O 282 2.25 -56.52 -12.25
CA ILE O 282 2.58 -56.05 -13.59
C ILE O 282 1.33 -55.73 -14.42
N LYS O 283 0.29 -56.56 -14.31
CA LYS O 283 -0.93 -56.37 -15.08
C LYS O 283 -1.57 -55.02 -14.81
N LEU O 284 -1.49 -54.55 -13.57
CA LEU O 284 -1.84 -53.16 -13.30
C LEU O 284 -0.62 -52.34 -13.76
N TYR O 285 0.13 -51.73 -12.85
CA TYR O 285 1.49 -51.20 -13.17
C TYR O 285 1.84 -50.50 -14.54
N GLY O 286 0.89 -50.30 -15.43
CA GLY O 286 1.11 -49.45 -16.59
C GLY O 286 1.24 -50.13 -17.95
N SER O 287 0.58 -49.51 -18.94
CA SER O 287 0.52 -50.02 -20.29
C SER O 287 1.77 -49.67 -21.10
N ASP O 288 2.05 -50.47 -22.14
CA ASP O 288 3.38 -50.57 -22.74
C ASP O 288 4.54 -50.31 -21.78
N ASN O 289 4.42 -50.82 -20.56
CA ASN O 289 5.55 -50.83 -19.64
C ASN O 289 6.58 -51.78 -20.24
N ASP O 290 6.12 -52.60 -21.17
CA ASP O 290 6.98 -53.58 -21.85
C ASP O 290 8.10 -52.91 -22.61
N MET O 291 7.92 -51.65 -23.00
CA MET O 291 9.02 -50.94 -23.64
C MET O 291 9.94 -50.24 -22.61
N ARG O 292 9.86 -50.66 -21.35
CA ARG O 292 10.69 -50.12 -20.28
C ARG O 292 11.33 -51.19 -19.38
N SER O 301 13.24 -55.99 -15.68
CA SER O 301 12.59 -56.97 -16.58
C SER O 301 11.11 -57.27 -16.29
N MET O 302 10.32 -57.41 -17.35
CA MET O 302 8.85 -57.53 -17.26
C MET O 302 8.34 -58.87 -16.75
N THR O 303 9.16 -59.90 -16.95
CA THR O 303 8.78 -61.27 -16.60
C THR O 303 9.53 -61.75 -15.38
N ALA O 304 10.73 -61.20 -15.19
CA ALA O 304 11.55 -61.55 -14.04
C ALA O 304 11.25 -60.70 -12.81
N PHE O 305 11.23 -61.34 -11.65
CA PHE O 305 11.10 -60.59 -10.41
C PHE O 305 12.38 -60.78 -9.64
N SER O 306 12.97 -59.68 -9.18
CA SER O 306 14.12 -59.78 -8.31
C SER O 306 14.11 -58.69 -7.25
N SER O 307 14.93 -58.85 -6.23
CA SER O 307 15.03 -57.88 -5.16
C SER O 307 16.42 -57.93 -4.54
N GLY O 308 16.82 -56.80 -3.95
CA GLY O 308 18.12 -56.70 -3.32
C GLY O 308 18.34 -55.30 -2.78
N VAL O 309 19.25 -55.19 -1.81
CA VAL O 309 19.61 -53.89 -1.25
C VAL O 309 20.38 -53.07 -2.28
N ALA O 310 20.24 -51.74 -2.20
CA ALA O 310 20.91 -50.82 -3.13
C ALA O 310 21.04 -51.46 -4.52
N ASN O 311 19.91 -51.54 -5.21
CA ASN O 311 19.88 -52.26 -6.46
C ASN O 311 18.86 -51.64 -7.42
N ARG O 312 19.34 -50.69 -8.23
CA ARG O 312 18.48 -50.01 -9.20
C ARG O 312 18.19 -50.91 -10.41
N GLY O 313 18.63 -52.16 -10.33
CA GLY O 313 18.36 -53.15 -11.36
C GLY O 313 17.25 -54.12 -11.00
N SER O 314 16.94 -54.24 -9.72
CA SER O 314 15.94 -55.19 -9.26
C SER O 314 14.51 -54.67 -9.39
N SER O 315 13.54 -55.55 -9.19
CA SER O 315 12.12 -55.20 -9.21
C SER O 315 11.75 -54.43 -7.94
N ILE O 316 12.27 -54.89 -6.81
CA ILE O 316 12.12 -54.18 -5.54
C ILE O 316 13.50 -53.88 -4.98
N ARG O 317 13.69 -52.67 -4.50
CA ARG O 317 15.01 -52.27 -4.02
C ARG O 317 14.88 -51.80 -2.58
N ILE O 318 15.74 -52.35 -1.73
CA ILE O 318 15.81 -51.89 -0.36
C ILE O 318 16.95 -50.88 -0.30
N PRO O 319 16.62 -49.63 0.01
CA PRO O 319 17.62 -48.56 0.10
C PRO O 319 18.71 -48.96 1.08
N ARG O 320 19.97 -48.75 0.70
CA ARG O 320 21.07 -49.11 1.59
C ARG O 320 20.83 -48.49 2.96
N SER O 321 20.38 -47.25 2.96
CA SER O 321 20.04 -46.55 4.19
C SER O 321 19.14 -47.42 5.07
N VAL O 322 18.02 -47.88 4.52
CA VAL O 322 17.06 -48.73 5.24
C VAL O 322 17.74 -49.98 5.77
N ALA O 323 18.45 -50.67 4.88
CA ALA O 323 19.15 -51.89 5.24
C ALA O 323 20.08 -51.66 6.44
N LYS O 324 20.92 -50.64 6.35
CA LYS O 324 21.88 -50.35 7.42
C LYS O 324 21.19 -50.04 8.75
N GLU O 325 19.98 -49.47 8.70
CA GLU O 325 19.27 -49.08 9.92
C GLU O 325 18.25 -50.10 10.45
N GLY O 326 17.93 -51.11 9.64
CA GLY O 326 17.08 -52.20 10.10
C GLY O 326 15.59 -51.98 10.03
N TYR O 327 15.18 -50.82 9.54
CA TYR O 327 13.77 -50.49 9.38
C TYR O 327 13.62 -49.38 8.33
N GLY O 328 12.41 -49.20 7.82
CA GLY O 328 12.19 -48.20 6.81
C GLY O 328 11.12 -48.62 5.82
N TYR O 329 11.45 -48.57 4.54
CA TYR O 329 10.48 -48.83 3.48
C TYR O 329 11.20 -49.55 2.36
N PHE O 330 10.44 -50.03 1.38
CA PHE O 330 11.08 -50.57 0.17
C PHE O 330 10.61 -49.83 -1.07
N GLU O 331 11.39 -49.94 -2.13
CA GLU O 331 11.07 -49.26 -3.37
C GLU O 331 10.65 -50.26 -4.46
N ASP O 332 9.39 -50.23 -4.84
CA ASP O 332 8.96 -50.98 -6.01
C ASP O 332 9.23 -50.17 -7.28
N ARG O 333 10.21 -50.61 -8.06
CA ARG O 333 10.64 -49.84 -9.23
C ARG O 333 9.89 -50.23 -10.49
N ARG O 334 8.92 -51.13 -10.34
CA ARG O 334 8.22 -51.71 -11.49
C ARG O 334 7.16 -50.79 -12.14
N PRO O 335 6.40 -50.03 -11.32
CA PRO O 335 5.26 -49.33 -11.92
C PRO O 335 5.71 -48.27 -12.92
N ALA O 336 4.97 -48.18 -14.03
CA ALA O 336 5.29 -47.20 -15.07
C ALA O 336 4.74 -45.82 -14.75
N SER O 337 5.27 -44.82 -15.46
CA SER O 337 4.85 -43.44 -15.29
C SER O 337 3.35 -43.27 -15.42
N ASN O 338 2.73 -44.07 -16.29
CA ASN O 338 1.30 -43.91 -16.60
C ASN O 338 0.34 -44.70 -15.71
N ILE O 339 0.84 -45.19 -14.59
CA ILE O 339 0.02 -45.96 -13.68
C ILE O 339 -1.11 -45.12 -13.06
N ASP O 340 -2.23 -45.78 -12.72
CA ASP O 340 -3.25 -45.19 -11.84
C ASP O 340 -2.88 -45.54 -10.41
N PRO O 341 -2.51 -44.53 -9.62
CA PRO O 341 -2.07 -44.69 -8.22
C PRO O 341 -3.07 -45.50 -7.38
N TYR O 342 -4.36 -45.35 -7.66
CA TYR O 342 -5.40 -46.12 -6.97
C TYR O 342 -5.17 -47.61 -7.17
N LEU O 343 -4.92 -48.01 -8.41
CA LEU O 343 -4.62 -49.41 -8.72
C LEU O 343 -3.32 -49.88 -8.08
N VAL O 344 -2.25 -49.10 -8.23
CA VAL O 344 -0.98 -49.51 -7.64
C VAL O 344 -1.04 -49.57 -6.12
N THR O 345 -1.43 -48.48 -5.48
CA THR O 345 -1.45 -48.48 -4.02
C THR O 345 -2.46 -49.51 -3.54
N GLY O 346 -3.54 -49.65 -4.29
CA GLY O 346 -4.60 -50.60 -3.97
C GLY O 346 -4.09 -52.02 -3.93
N ILE O 347 -3.58 -52.51 -5.05
CA ILE O 347 -3.09 -53.89 -5.11
C ILE O 347 -1.85 -54.08 -4.23
N MET O 348 -1.10 -53.02 -3.99
CA MET O 348 0.06 -53.14 -3.13
C MET O 348 -0.42 -53.54 -1.75
N CYS O 349 -1.43 -52.82 -1.26
CA CYS O 349 -2.01 -53.10 0.05
C CYS O 349 -2.58 -54.53 0.07
N GLU O 350 -3.34 -54.84 -0.99
CA GLU O 350 -3.96 -56.14 -1.12
C GLU O 350 -2.96 -57.24 -0.87
N THR O 351 -1.81 -57.18 -1.51
CA THR O 351 -0.91 -58.31 -1.43
C THR O 351 0.07 -58.19 -0.29
N VAL O 352 0.30 -57.00 0.21
CA VAL O 352 1.25 -56.83 1.31
C VAL O 352 0.54 -56.99 2.64
N CYS O 353 -0.67 -56.45 2.71
CA CYS O 353 -1.42 -56.46 3.96
C CYS O 353 -2.44 -57.61 4.04
N GLY O 354 -2.94 -58.03 2.87
CA GLY O 354 -3.86 -59.15 2.80
C GLY O 354 -5.14 -58.89 2.02
N ALA O 355 -5.55 -59.89 1.25
CA ALA O 355 -6.74 -59.80 0.43
C ALA O 355 -8.01 -59.62 1.26
N ILE O 356 -9.10 -59.31 0.57
CA ILE O 356 -10.39 -59.19 1.20
C ILE O 356 -11.42 -59.84 0.29
N ASP O 357 -12.41 -60.50 0.89
CA ASP O 357 -13.48 -61.13 0.12
C ASP O 357 -14.43 -60.03 -0.33
N ASN O 358 -14.26 -58.90 0.33
CA ASN O 358 -15.02 -57.71 0.06
C ASN O 358 -14.52 -56.98 -1.22
N ALA O 359 -13.28 -57.25 -1.63
CA ALA O 359 -12.73 -56.60 -2.83
C ALA O 359 -11.55 -57.34 -3.49
N ASP O 360 -11.46 -57.20 -4.82
CA ASP O 360 -10.41 -57.82 -5.61
C ASP O 360 -9.78 -56.81 -6.55
N MET O 361 -8.57 -56.37 -6.23
CA MET O 361 -7.91 -55.30 -6.99
C MET O 361 -7.75 -55.68 -8.43
N THR O 362 -7.23 -56.88 -8.64
CA THR O 362 -6.95 -57.30 -10.00
C THR O 362 -8.23 -57.43 -10.81
N LYS O 363 -9.34 -57.83 -10.17
CA LYS O 363 -10.62 -57.86 -10.88
C LYS O 363 -11.07 -56.46 -11.29
N GLU O 364 -10.81 -55.49 -10.41
CA GLU O 364 -11.08 -54.08 -10.70
C GLU O 364 -10.33 -53.72 -11.98
N PHE O 365 -10.99 -54.03 -13.08
CA PHE O 365 -10.43 -53.90 -14.40
C PHE O 365 -11.64 -54.22 -15.21
N GLU O 366 -12.51 -53.21 -15.23
CA GLU O 366 -13.86 -53.28 -15.75
C GLU O 366 -13.98 -52.25 -16.87
N ARG P 21 34.27 -38.29 -69.78
CA ARG P 21 35.45 -38.10 -70.66
C ARG P 21 35.91 -39.40 -71.33
N GLY P 22 34.98 -40.16 -71.89
CA GLY P 22 35.31 -41.46 -72.41
C GLY P 22 35.00 -42.53 -71.39
N ARG P 23 34.95 -42.15 -70.11
CA ARG P 23 34.74 -43.15 -69.06
C ARG P 23 33.26 -43.27 -68.64
N ILE P 24 32.98 -44.27 -67.81
CA ILE P 24 31.62 -44.65 -67.41
C ILE P 24 31.54 -44.71 -65.90
N ILE P 25 30.40 -44.29 -65.34
CA ILE P 25 30.20 -44.44 -63.89
C ILE P 25 29.15 -45.49 -63.62
N ALA P 26 29.52 -46.46 -62.79
CA ALA P 26 28.60 -47.52 -62.39
C ALA P 26 28.32 -47.37 -60.90
N GLU P 27 27.06 -47.09 -60.58
CA GLU P 27 26.66 -47.06 -59.18
C GLU P 27 26.25 -48.45 -58.76
N TYR P 28 26.94 -48.99 -57.76
CA TYR P 28 26.58 -50.29 -57.23
C TYR P 28 25.58 -50.11 -56.12
N VAL P 29 24.45 -50.80 -56.24
CA VAL P 29 23.37 -50.72 -55.25
C VAL P 29 23.16 -52.11 -54.61
N TRP P 30 23.07 -52.16 -53.29
CA TRP P 30 22.80 -53.43 -52.63
C TRP P 30 21.94 -53.24 -51.40
N ILE P 31 21.52 -54.36 -50.83
CA ILE P 31 20.60 -54.36 -49.70
C ILE P 31 21.36 -54.61 -48.39
N ASP P 32 21.02 -53.85 -47.34
CA ASP P 32 21.80 -53.91 -46.10
C ASP P 32 21.16 -54.72 -44.98
N GLY P 33 21.76 -54.61 -43.80
CA GLY P 33 21.33 -55.35 -42.62
C GLY P 33 20.27 -54.60 -41.86
N THR P 34 19.83 -53.49 -42.43
CA THR P 34 18.60 -52.84 -42.02
C THR P 34 17.67 -53.07 -43.20
N GLY P 35 16.63 -52.24 -43.36
CA GLY P 35 15.74 -52.46 -44.48
C GLY P 35 16.01 -51.60 -45.69
N ASN P 36 17.25 -51.18 -45.87
CA ASN P 36 17.56 -50.13 -46.86
C ASN P 36 18.48 -50.53 -48.00
N LEU P 37 18.52 -49.67 -49.01
CA LEU P 37 19.54 -49.78 -50.05
C LEU P 37 20.78 -49.02 -49.59
N ARG P 38 21.92 -49.41 -50.14
CA ARG P 38 23.16 -48.66 -49.99
C ARG P 38 23.76 -48.58 -51.39
N SER P 39 24.61 -47.57 -51.60
CA SER P 39 25.34 -47.54 -52.86
C SER P 39 26.65 -46.77 -52.78
N LYS P 40 27.54 -47.11 -53.70
CA LYS P 40 28.68 -46.28 -54.02
C LYS P 40 28.91 -46.38 -55.52
N GLY P 41 29.70 -45.45 -56.05
CA GLY P 41 30.01 -45.44 -57.47
C GLY P 41 31.48 -45.68 -57.79
N ARG P 42 31.70 -46.29 -58.95
CA ARG P 42 33.05 -46.48 -59.48
C ARG P 42 33.11 -46.16 -60.97
N THR P 43 34.25 -45.61 -61.38
CA THR P 43 34.53 -45.36 -62.78
C THR P 43 34.90 -46.66 -63.48
N LEU P 44 34.42 -46.82 -64.71
CA LEU P 44 34.85 -47.95 -65.52
C LEU P 44 35.43 -47.39 -66.82
N LYS P 45 36.36 -48.14 -67.42
CA LYS P 45 37.09 -47.64 -68.58
C LYS P 45 36.22 -47.50 -69.83
N LYS P 46 35.21 -48.36 -69.96
CA LYS P 46 34.45 -48.45 -71.20
C LYS P 46 32.96 -48.72 -70.98
N ARG P 47 32.13 -48.31 -71.94
CA ARG P 47 30.71 -48.65 -71.92
C ARG P 47 30.47 -50.15 -71.66
N ILE P 48 29.47 -50.48 -70.86
CA ILE P 48 29.14 -51.87 -70.56
C ILE P 48 28.07 -52.40 -71.52
N THR P 49 28.26 -53.64 -71.97
CA THR P 49 27.31 -54.28 -72.89
C THR P 49 26.81 -55.67 -72.43
N SER P 50 27.34 -56.18 -71.31
CA SER P 50 26.78 -57.38 -70.69
C SER P 50 27.22 -57.50 -69.22
N ILE P 51 26.38 -58.13 -68.40
CA ILE P 51 26.65 -58.24 -66.96
C ILE P 51 28.04 -58.79 -66.70
N ASP P 52 28.53 -59.59 -67.64
CA ASP P 52 29.82 -60.26 -67.53
C ASP P 52 30.99 -59.29 -67.40
N GLN P 53 30.85 -58.12 -67.99
CA GLN P 53 31.89 -57.12 -67.93
C GLN P 53 31.97 -56.43 -66.56
N LEU P 54 30.94 -56.58 -65.75
CA LEU P 54 30.90 -55.88 -64.47
C LEU P 54 31.67 -56.67 -63.43
N PRO P 55 32.67 -56.03 -62.82
CA PRO P 55 33.56 -56.56 -61.78
C PRO P 55 32.87 -56.85 -60.46
N GLU P 56 33.35 -57.84 -59.71
CA GLU P 56 32.94 -57.97 -58.30
C GLU P 56 33.37 -56.71 -57.56
N TRP P 57 32.88 -56.54 -56.36
CA TRP P 57 33.29 -55.39 -55.59
C TRP P 57 32.98 -55.71 -54.14
N ASN P 58 33.20 -54.76 -53.24
CA ASN P 58 33.00 -55.04 -51.83
C ASN P 58 32.82 -53.76 -51.00
N PHE P 59 32.50 -53.96 -49.74
CA PHE P 59 32.32 -52.86 -48.81
C PHE P 59 32.49 -53.34 -47.39
N ASP P 60 32.43 -52.39 -46.46
CA ASP P 60 32.62 -52.69 -45.05
C ASP P 60 31.29 -53.13 -44.46
N GLY P 61 31.08 -54.45 -44.38
CA GLY P 61 29.82 -54.97 -43.90
C GLY P 61 29.45 -54.52 -42.49
N SER P 62 30.45 -54.06 -41.74
CA SER P 62 30.24 -53.64 -40.35
C SER P 62 29.58 -52.26 -40.26
N SER P 63 29.67 -51.50 -41.35
CA SER P 63 29.07 -50.17 -41.40
C SER P 63 27.65 -50.26 -41.90
N THR P 64 27.20 -51.46 -42.27
CA THR P 64 25.84 -51.65 -42.74
C THR P 64 25.12 -52.79 -42.05
N ASN P 65 25.66 -53.22 -40.91
CA ASN P 65 25.01 -54.27 -40.13
C ASN P 65 24.86 -55.59 -40.89
N GLN P 66 25.95 -56.06 -41.48
CA GLN P 66 25.96 -57.33 -42.21
C GLN P 66 27.17 -58.16 -41.81
N ALA P 67 28.11 -57.55 -41.08
CA ALA P 67 29.34 -58.19 -40.63
C ALA P 67 29.77 -57.65 -39.27
N PRO P 68 30.71 -58.32 -38.61
CA PRO P 68 30.99 -58.09 -37.18
C PRO P 68 32.11 -57.11 -36.86
N GLY P 69 32.97 -56.84 -37.83
CA GLY P 69 34.13 -56.01 -37.58
C GLY P 69 35.37 -56.86 -37.59
N HIS P 70 35.31 -57.95 -38.37
CA HIS P 70 36.42 -58.86 -38.62
C HIS P 70 35.97 -59.93 -39.62
N ASP P 73 33.34 -57.16 -43.46
CA ASP P 73 33.94 -57.21 -44.80
C ASP P 73 33.25 -58.05 -45.93
N ILE P 74 32.28 -57.47 -46.65
CA ILE P 74 31.42 -58.24 -47.59
C ILE P 74 31.64 -57.96 -49.09
N TYR P 75 31.32 -58.94 -49.93
CA TYR P 75 31.54 -58.83 -51.39
C TYR P 75 30.27 -58.61 -52.22
N LEU P 76 30.40 -57.90 -53.34
CA LEU P 76 29.26 -57.55 -54.19
C LEU P 76 29.28 -58.22 -55.56
N LYS P 77 28.32 -59.12 -55.79
CA LYS P 77 28.20 -59.80 -57.08
C LYS P 77 27.13 -59.18 -57.96
N PRO P 78 27.55 -58.49 -59.03
CA PRO P 78 26.61 -57.87 -59.98
C PRO P 78 25.53 -58.87 -60.38
N VAL P 79 24.30 -58.43 -60.40
CA VAL P 79 23.19 -59.34 -60.64
C VAL P 79 22.33 -58.81 -61.80
N ALA P 80 22.17 -57.49 -61.84
CA ALA P 80 21.41 -56.83 -62.88
C ALA P 80 22.00 -55.44 -63.06
N TYR P 81 21.81 -54.84 -64.23
CA TYR P 81 22.23 -53.45 -64.41
C TYR P 81 21.29 -52.72 -65.36
N TYR P 82 21.19 -51.41 -65.19
CA TYR P 82 20.29 -50.58 -65.99
C TYR P 82 20.95 -49.23 -66.24
N PRO P 83 20.42 -48.47 -67.21
CA PRO P 83 20.83 -47.08 -67.38
C PRO P 83 20.49 -46.27 -66.12
N ASP P 84 21.43 -45.46 -65.69
CA ASP P 84 21.25 -44.63 -64.52
C ASP P 84 20.37 -43.42 -64.87
N PRO P 85 19.14 -43.40 -64.35
CA PRO P 85 18.20 -42.32 -64.69
C PRO P 85 18.69 -40.98 -64.15
N PHE P 86 19.57 -41.04 -63.17
CA PHE P 86 20.10 -39.82 -62.59
C PHE P 86 21.35 -39.33 -63.32
N ARG P 87 22.37 -40.17 -63.41
CA ARG P 87 23.60 -39.76 -64.09
C ARG P 87 23.42 -39.70 -65.60
N ARG P 88 22.41 -40.41 -66.09
CA ARG P 88 22.13 -40.50 -67.51
C ARG P 88 23.38 -40.78 -68.37
N GLY P 89 23.27 -40.52 -69.67
CA GLY P 89 24.35 -40.85 -70.58
C GLY P 89 24.60 -42.35 -70.55
N ASP P 90 25.84 -42.77 -70.74
CA ASP P 90 26.18 -44.22 -70.75
C ASP P 90 26.49 -44.71 -69.36
N ASN P 91 26.14 -43.89 -68.37
CA ASN P 91 26.33 -44.27 -66.98
C ASN P 91 25.26 -45.25 -66.58
N ILE P 92 25.56 -46.07 -65.59
CA ILE P 92 24.74 -47.24 -65.31
C ILE P 92 24.55 -47.53 -63.80
N VAL P 93 23.42 -48.14 -63.46
CA VAL P 93 23.17 -48.59 -62.10
C VAL P 93 23.27 -50.13 -62.02
N VAL P 94 24.03 -50.63 -61.06
CA VAL P 94 24.26 -52.06 -60.92
C VAL P 94 23.69 -52.62 -59.61
N LEU P 95 22.69 -53.49 -59.72
CA LEU P 95 22.18 -54.19 -58.56
C LEU P 95 23.10 -55.36 -58.19
N ALA P 96 23.68 -55.29 -56.99
CA ALA P 96 24.63 -56.32 -56.57
C ALA P 96 24.14 -57.08 -55.35
N ALA P 97 24.38 -58.39 -55.37
CA ALA P 97 24.03 -59.29 -54.28
C ALA P 97 25.19 -59.45 -53.31
N CYS P 98 24.89 -59.62 -52.03
CA CYS P 98 25.93 -59.65 -51.00
C CYS P 98 26.35 -61.06 -50.62
N TYR P 99 27.63 -61.38 -50.84
CA TYR P 99 28.19 -62.66 -50.44
C TYR P 99 29.31 -62.42 -49.43
N ASN P 100 29.33 -63.22 -48.37
CA ASN P 100 30.41 -63.21 -47.39
C ASN P 100 31.69 -63.75 -48.03
N ASN P 101 32.82 -63.62 -47.33
CA ASN P 101 34.08 -64.16 -47.85
C ASN P 101 34.11 -65.68 -47.94
N ASP P 102 33.14 -66.37 -47.34
CA ASP P 102 33.01 -67.82 -47.52
C ASP P 102 32.67 -68.13 -48.97
N GLY P 103 31.94 -67.23 -49.60
CA GLY P 103 31.32 -67.51 -50.88
C GLY P 103 29.84 -67.73 -50.60
N THR P 104 29.50 -67.85 -49.32
CA THR P 104 28.11 -67.96 -48.90
C THR P 104 27.37 -66.63 -48.97
N PRO P 105 26.07 -66.68 -49.27
CA PRO P 105 25.20 -65.50 -49.30
C PRO P 105 24.98 -64.93 -47.90
N ASN P 106 25.28 -63.64 -47.75
CA ASN P 106 25.14 -62.92 -46.50
C ASN P 106 23.83 -63.23 -45.77
N LYS P 107 23.81 -62.99 -44.45
CA LYS P 107 22.57 -63.08 -43.67
C LYS P 107 21.42 -62.52 -44.49
N PHE P 108 21.62 -61.34 -45.10
CA PHE P 108 20.50 -60.60 -45.69
C PHE P 108 20.40 -60.78 -47.19
N ASN P 109 21.15 -61.74 -47.72
CA ASN P 109 20.99 -62.08 -49.11
C ASN P 109 19.97 -63.21 -49.22
N HIS P 110 18.77 -62.86 -49.65
CA HIS P 110 17.72 -63.85 -49.87
C HIS P 110 17.46 -64.02 -51.34
N ARG P 111 18.28 -63.39 -52.17
CA ARG P 111 18.11 -63.51 -53.60
C ARG P 111 18.55 -64.89 -54.03
N HIS P 112 19.64 -65.37 -53.44
CA HIS P 112 20.18 -66.67 -53.81
C HIS P 112 19.16 -67.76 -53.51
N GLU P 113 18.69 -67.83 -52.27
CA GLU P 113 17.74 -68.87 -51.89
C GLU P 113 16.58 -68.94 -52.87
N ALA P 114 15.95 -67.79 -53.15
CA ALA P 114 14.79 -67.71 -54.03
C ALA P 114 15.12 -68.18 -55.45
N ALA P 115 16.28 -67.77 -55.92
CA ALA P 115 16.72 -68.15 -57.24
C ALA P 115 16.61 -69.65 -57.40
N LYS P 116 17.10 -70.40 -56.40
CA LYS P 116 17.03 -71.85 -56.42
C LYS P 116 15.62 -72.30 -56.81
N LEU P 117 14.63 -71.80 -56.08
CA LEU P 117 13.24 -72.18 -56.33
C LEU P 117 12.81 -71.81 -57.74
N PHE P 118 13.14 -70.60 -58.16
CA PHE P 118 12.75 -70.16 -59.50
C PHE P 118 13.39 -71.04 -60.58
N ALA P 119 14.63 -71.47 -60.32
CA ALA P 119 15.37 -72.25 -61.27
C ALA P 119 14.74 -73.63 -61.35
N ALA P 120 14.37 -74.17 -60.19
CA ALA P 120 13.72 -75.46 -60.15
C ALA P 120 12.43 -75.44 -60.96
N HIS P 121 11.59 -74.44 -60.71
CA HIS P 121 10.29 -74.40 -61.35
C HIS P 121 10.28 -73.55 -62.60
N LYS P 122 11.42 -73.48 -63.27
CA LYS P 122 11.55 -72.79 -64.55
C LYS P 122 10.34 -73.06 -65.42
N ASP P 123 9.93 -74.32 -65.46
CA ASP P 123 8.88 -74.78 -66.35
C ASP P 123 7.54 -74.09 -66.13
N GLU P 124 7.23 -73.78 -64.87
CA GLU P 124 5.96 -73.15 -64.54
C GLU P 124 5.87 -71.69 -64.99
N GLU P 125 7.02 -71.04 -65.11
CA GLU P 125 7.06 -69.63 -65.50
C GLU P 125 6.21 -68.76 -64.57
N ILE P 126 6.55 -68.70 -63.29
CA ILE P 126 5.77 -67.85 -62.38
C ILE P 126 5.96 -66.42 -62.82
N TRP P 127 4.86 -65.66 -62.76
CA TRP P 127 4.90 -64.23 -63.00
C TRP P 127 4.42 -63.51 -61.77
N PHE P 128 5.05 -62.39 -61.49
CA PHE P 128 4.65 -61.59 -60.36
C PHE P 128 4.37 -60.18 -60.82
N GLY P 129 3.47 -59.51 -60.10
CA GLY P 129 3.26 -58.08 -60.25
C GLY P 129 3.05 -57.52 -58.85
N LEU P 130 3.96 -56.68 -58.38
CA LEU P 130 3.80 -56.13 -57.04
C LEU P 130 3.20 -54.72 -57.08
N GLU P 131 2.40 -54.40 -56.07
CA GLU P 131 1.80 -53.07 -55.97
C GLU P 131 2.41 -52.38 -54.74
N GLN P 132 3.48 -51.63 -54.97
CA GLN P 132 4.26 -51.05 -53.89
C GLN P 132 3.63 -49.75 -53.41
N GLU P 133 3.13 -49.76 -52.18
CA GLU P 133 2.58 -48.56 -51.59
C GLU P 133 3.61 -48.02 -50.65
N TYR P 134 3.72 -46.69 -50.58
CA TYR P 134 4.68 -46.03 -49.70
C TYR P 134 4.09 -44.71 -49.21
N THR P 135 4.72 -44.12 -48.19
CA THR P 135 4.18 -42.89 -47.60
C THR P 135 5.29 -41.85 -47.49
N LEU P 136 4.97 -40.60 -47.80
CA LEU P 136 5.96 -39.52 -47.87
C LEU P 136 6.16 -38.80 -46.53
N PHE P 137 7.39 -38.33 -46.28
CA PHE P 137 7.72 -37.66 -45.01
C PHE P 137 8.65 -36.45 -45.11
N ASP P 138 8.47 -35.51 -44.19
CA ASP P 138 9.34 -34.36 -43.98
C ASP P 138 10.76 -34.75 -43.76
N MET P 139 11.65 -33.79 -43.96
CA MET P 139 13.00 -33.93 -43.46
C MET P 139 12.96 -34.07 -41.96
N TYR P 140 11.83 -33.67 -41.38
CA TYR P 140 11.64 -33.65 -39.92
C TYR P 140 10.81 -34.83 -39.43
N ASP P 141 10.63 -35.80 -40.32
CA ASP P 141 9.96 -37.04 -39.98
C ASP P 141 8.48 -36.82 -39.64
N ASP P 142 7.87 -35.83 -40.27
CA ASP P 142 6.43 -35.64 -40.14
C ASP P 142 5.86 -35.95 -41.50
N VAL P 143 4.59 -36.39 -41.56
CA VAL P 143 4.01 -36.74 -42.85
C VAL P 143 4.10 -35.58 -43.81
N TYR P 144 4.56 -35.86 -45.03
CA TYR P 144 4.88 -34.80 -45.97
C TYR P 144 3.68 -33.95 -46.36
N GLY P 145 3.77 -32.65 -46.08
CA GLY P 145 2.78 -31.73 -46.57
C GLY P 145 1.57 -31.60 -45.68
N TRP P 146 1.54 -32.41 -44.63
CA TRP P 146 0.43 -32.36 -43.71
C TRP P 146 0.53 -31.11 -42.88
N PRO P 147 -0.63 -30.47 -42.60
CA PRO P 147 -0.78 -29.33 -41.68
C PRO P 147 0.14 -29.41 -40.48
N LYS P 148 0.71 -28.27 -40.12
CA LYS P 148 1.76 -28.20 -39.11
C LYS P 148 1.17 -28.54 -37.74
N GLY P 149 1.58 -29.66 -37.17
CA GLY P 149 1.05 -30.09 -35.89
C GLY P 149 -0.35 -30.70 -35.93
N GLY P 150 -1.02 -30.60 -37.07
CA GLY P 150 -2.36 -31.14 -37.25
C GLY P 150 -2.55 -32.18 -38.35
N TYR P 151 -3.72 -32.16 -38.99
CA TYR P 151 -4.13 -33.20 -39.94
C TYR P 151 -4.86 -32.62 -41.13
N PRO P 152 -4.74 -33.28 -42.29
CA PRO P 152 -5.53 -32.91 -43.47
C PRO P 152 -6.98 -33.27 -43.20
N ALA P 153 -7.87 -32.97 -44.16
CA ALA P 153 -9.24 -33.43 -44.07
C ALA P 153 -9.23 -34.94 -43.99
N PRO P 154 -10.36 -35.55 -43.63
CA PRO P 154 -10.39 -37.02 -43.52
C PRO P 154 -10.36 -37.71 -44.86
N GLN P 155 -9.96 -38.98 -44.86
CA GLN P 155 -9.71 -39.69 -46.10
C GLN P 155 -10.95 -39.68 -47.01
N GLY P 156 -10.74 -39.84 -48.29
CA GLY P 156 -11.84 -39.84 -49.23
C GLY P 156 -11.50 -39.16 -50.55
N PRO P 157 -11.07 -37.91 -50.48
CA PRO P 157 -10.75 -37.12 -51.66
C PRO P 157 -9.32 -37.32 -52.19
N TYR P 158 -8.50 -38.14 -51.52
CA TYR P 158 -7.08 -38.29 -51.89
C TYR P 158 -6.77 -39.45 -52.85
N TYR P 159 -7.49 -40.55 -52.70
CA TYR P 159 -7.32 -41.71 -53.59
C TYR P 159 -7.50 -41.32 -55.05
N CYS P 160 -6.45 -41.49 -55.85
CA CYS P 160 -6.49 -41.10 -57.26
C CYS P 160 -6.90 -39.65 -57.40
N GLY P 161 -6.49 -38.84 -56.43
CA GLY P 161 -6.88 -37.45 -56.39
C GLY P 161 -6.29 -36.61 -57.49
N VAL P 162 -6.96 -35.48 -57.72
CA VAL P 162 -6.43 -34.44 -58.60
C VAL P 162 -6.96 -33.07 -58.17
N GLY P 163 -6.05 -32.11 -58.09
CA GLY P 163 -6.34 -30.84 -57.46
C GLY P 163 -5.34 -30.53 -56.36
N ALA P 164 -5.11 -29.25 -56.12
CA ALA P 164 -4.04 -28.80 -55.24
C ALA P 164 -3.97 -29.43 -53.85
N GLY P 165 -5.08 -29.53 -53.15
CA GLY P 165 -4.95 -30.11 -51.83
C GLY P 165 -5.07 -31.62 -51.79
N LYS P 166 -5.38 -32.22 -52.92
CA LYS P 166 -5.84 -33.59 -52.97
C LYS P 166 -4.68 -34.59 -53.08
N VAL P 167 -3.48 -34.10 -53.33
CA VAL P 167 -2.39 -35.00 -53.65
C VAL P 167 -1.09 -34.32 -53.25
N TYR P 168 -0.10 -35.08 -52.83
CA TYR P 168 1.13 -34.45 -52.35
C TYR P 168 2.41 -34.91 -53.05
N ALA P 169 3.20 -33.94 -53.51
CA ALA P 169 4.49 -34.22 -54.13
C ALA P 169 4.38 -35.02 -55.44
N ARG P 170 3.35 -34.72 -56.24
CA ARG P 170 3.15 -35.43 -57.50
C ARG P 170 4.41 -35.35 -58.39
N ASP P 171 5.04 -34.19 -58.42
CA ASP P 171 6.24 -34.02 -59.24
C ASP P 171 7.32 -35.03 -58.89
N MET P 172 7.51 -35.31 -57.60
CA MET P 172 8.50 -36.28 -57.20
C MET P 172 8.07 -37.64 -57.70
N ILE P 173 6.81 -37.97 -57.45
CA ILE P 173 6.23 -39.23 -57.89
C ILE P 173 6.39 -39.48 -59.39
N GLU P 174 6.17 -38.43 -60.17
CA GLU P 174 6.29 -38.50 -61.63
C GLU P 174 7.75 -38.69 -62.05
N ALA P 175 8.66 -37.98 -61.38
CA ALA P 175 10.08 -38.11 -61.64
C ALA P 175 10.52 -39.56 -61.49
N HIS P 176 10.03 -40.20 -60.44
CA HIS P 176 10.33 -41.61 -60.18
C HIS P 176 9.82 -42.48 -61.33
N TYR P 177 8.53 -42.34 -61.65
CA TYR P 177 7.95 -43.04 -62.80
C TYR P 177 8.88 -42.93 -64.04
N ARG P 178 9.26 -41.69 -64.39
CA ARG P 178 10.17 -41.45 -65.51
C ARG P 178 11.45 -42.25 -65.34
N ALA P 179 12.06 -42.14 -64.16
CA ALA P 179 13.30 -42.82 -63.86
C ALA P 179 13.19 -44.31 -64.13
N CYS P 180 12.17 -44.91 -63.54
CA CYS P 180 11.95 -46.33 -63.73
C CYS P 180 11.82 -46.69 -65.22
N LEU P 181 11.08 -45.89 -65.98
CA LEU P 181 10.91 -46.16 -67.40
C LEU P 181 12.24 -46.06 -68.12
N TYR P 182 13.03 -45.04 -67.80
CA TYR P 182 14.32 -44.84 -68.46
C TYR P 182 15.20 -46.05 -68.22
N ALA P 183 15.18 -46.54 -66.99
CA ALA P 183 16.01 -47.70 -66.63
C ALA P 183 15.50 -48.96 -67.30
N GLY P 184 14.30 -48.86 -67.92
CA GLY P 184 13.66 -49.99 -68.56
C GLY P 184 13.04 -50.99 -67.59
N LEU P 185 12.84 -50.58 -66.34
CA LEU P 185 12.07 -51.41 -65.42
C LEU P 185 10.63 -51.66 -65.91
N GLU P 186 10.02 -52.75 -65.44
CA GLU P 186 8.68 -53.08 -65.87
C GLU P 186 7.68 -52.41 -64.96
N ILE P 187 7.72 -51.08 -64.93
CA ILE P 187 6.79 -50.29 -64.11
C ILE P 187 5.47 -50.09 -64.85
N SER P 188 4.44 -50.75 -64.33
CA SER P 188 3.18 -50.87 -65.03
C SER P 188 2.28 -49.63 -64.86
N GLY P 189 2.46 -48.89 -63.77
CA GLY P 189 1.55 -47.80 -63.50
C GLY P 189 1.74 -47.22 -62.12
N ILE P 190 1.10 -46.09 -61.89
CA ILE P 190 1.27 -45.38 -60.63
C ILE P 190 -0.12 -44.82 -60.24
N ASN P 191 -0.35 -44.55 -58.95
CA ASN P 191 -1.62 -43.97 -58.51
C ASN P 191 -1.51 -43.37 -57.11
N ALA P 192 -2.27 -42.32 -56.85
CA ALA P 192 -2.28 -41.76 -55.51
C ALA P 192 -3.15 -42.62 -54.60
N GLU P 193 -2.68 -42.91 -53.40
CA GLU P 193 -3.44 -43.76 -52.50
C GLU P 193 -4.43 -43.03 -51.59
N VAL P 194 -5.06 -43.79 -50.72
CA VAL P 194 -6.17 -43.31 -49.91
C VAL P 194 -5.77 -42.27 -48.88
N MET P 195 -4.73 -42.59 -48.11
CA MET P 195 -4.15 -41.66 -47.15
C MET P 195 -3.42 -40.53 -47.89
N PRO P 196 -3.63 -39.28 -47.45
CA PRO P 196 -2.93 -38.15 -48.10
C PRO P 196 -1.40 -38.32 -48.04
N SER P 197 -0.72 -38.03 -49.14
CA SER P 197 0.74 -38.18 -49.27
C SER P 197 1.21 -39.62 -49.13
N GLN P 198 0.32 -40.52 -49.53
CA GLN P 198 0.64 -41.93 -49.69
C GLN P 198 0.42 -42.33 -51.15
N TRP P 199 1.40 -43.01 -51.73
CA TRP P 199 1.32 -43.38 -53.14
C TRP P 199 1.55 -44.85 -53.38
N GLU P 200 1.35 -45.27 -54.62
CA GLU P 200 1.61 -46.63 -55.02
C GLU P 200 2.28 -46.57 -56.39
N PHE P 201 3.17 -47.53 -56.66
CA PHE P 201 3.58 -47.81 -58.04
C PHE P 201 3.57 -49.31 -58.19
N GLN P 202 3.27 -49.77 -59.40
CA GLN P 202 3.20 -51.20 -59.66
C GLN P 202 4.29 -51.60 -60.65
N VAL P 203 4.92 -52.73 -60.35
CA VAL P 203 5.91 -53.32 -61.23
C VAL P 203 5.52 -54.75 -61.62
N GLY P 204 5.35 -54.96 -62.91
CA GLY P 204 5.04 -56.28 -63.38
C GLY P 204 4.48 -56.26 -64.77
N PRO P 205 4.36 -57.43 -65.38
CA PRO P 205 4.73 -58.69 -64.71
C PRO P 205 6.21 -58.95 -64.91
N CYS P 206 6.86 -59.57 -63.92
CA CYS P 206 8.26 -59.99 -64.02
C CYS P 206 8.37 -61.48 -63.78
N THR P 207 9.41 -62.12 -64.30
CA THR P 207 9.55 -63.54 -64.08
C THR P 207 10.55 -63.90 -62.98
N GLY P 208 10.10 -64.71 -62.03
CA GLY P 208 10.95 -65.24 -61.00
C GLY P 208 11.80 -64.21 -60.28
N ILE P 209 13.11 -64.26 -60.52
CA ILE P 209 14.04 -63.42 -59.80
C ILE P 209 13.94 -61.95 -60.22
N ASP P 210 13.51 -61.72 -61.46
CA ASP P 210 13.33 -60.36 -61.94
C ASP P 210 12.45 -59.49 -61.06
N MET P 211 11.37 -60.06 -60.55
CA MET P 211 10.46 -59.32 -59.69
C MET P 211 11.28 -58.70 -58.58
N GLY P 212 11.98 -59.53 -57.84
CA GLY P 212 12.83 -59.03 -56.79
C GLY P 212 13.82 -57.97 -57.27
N ASP P 213 14.58 -58.30 -58.29
CA ASP P 213 15.57 -57.37 -58.80
C ASP P 213 14.95 -56.01 -59.13
N GLN P 214 13.92 -56.02 -59.96
CA GLN P 214 13.33 -54.78 -60.41
C GLN P 214 12.69 -53.97 -59.28
N LEU P 215 11.92 -54.60 -58.41
CA LEU P 215 11.32 -53.85 -57.31
C LEU P 215 12.40 -53.17 -56.47
N TRP P 216 13.46 -53.92 -56.16
CA TRP P 216 14.55 -53.34 -55.38
C TRP P 216 15.16 -52.11 -56.08
N MET P 217 15.32 -52.20 -57.40
CA MET P 217 15.83 -51.04 -58.14
C MET P 217 14.86 -49.89 -58.12
N ALA P 218 13.58 -50.18 -58.37
CA ALA P 218 12.55 -49.15 -58.30
C ALA P 218 12.65 -48.43 -56.94
N ARG P 219 12.85 -49.22 -55.88
CA ARG P 219 12.97 -48.63 -54.54
C ARG P 219 14.20 -47.73 -54.46
N TYR P 220 15.31 -48.20 -55.01
CA TYR P 220 16.50 -47.38 -55.00
C TYR P 220 16.12 -46.05 -55.68
N PHE P 221 15.54 -46.15 -56.88
CA PHE P 221 15.16 -44.95 -57.60
C PHE P 221 14.27 -44.04 -56.78
N LEU P 222 13.33 -44.63 -56.07
CA LEU P 222 12.39 -43.87 -55.26
C LEU P 222 13.11 -43.07 -54.19
N HIS P 223 13.81 -43.75 -53.28
CA HIS P 223 14.62 -43.06 -52.27
C HIS P 223 15.51 -41.98 -52.87
N ARG P 224 16.25 -42.39 -53.91
CA ARG P 224 17.23 -41.54 -54.55
C ARG P 224 16.64 -40.27 -55.15
N VAL P 225 15.56 -40.43 -55.93
CA VAL P 225 14.97 -39.29 -56.59
C VAL P 225 14.35 -38.38 -55.55
N ALA P 226 13.73 -38.95 -54.52
CA ALA P 226 13.07 -38.14 -53.51
C ALA P 226 14.07 -37.29 -52.74
N GLU P 227 15.32 -37.77 -52.69
CA GLU P 227 16.38 -37.01 -52.04
C GLU P 227 16.33 -35.60 -52.57
N GLU P 228 16.10 -35.52 -53.87
CA GLU P 228 16.17 -34.25 -54.58
C GLU P 228 15.05 -33.32 -54.16
N PHE P 229 14.04 -33.86 -53.48
CA PHE P 229 12.89 -33.07 -53.04
C PHE P 229 12.85 -32.96 -51.54
N GLY P 230 13.91 -33.43 -50.90
CA GLY P 230 13.98 -33.43 -49.45
C GLY P 230 12.90 -34.29 -48.82
N ILE P 231 12.47 -35.30 -49.57
CA ILE P 231 11.42 -36.17 -49.08
C ILE P 231 11.98 -37.53 -48.64
N LYS P 232 11.61 -37.96 -47.44
CA LYS P 232 11.95 -39.29 -46.95
C LYS P 232 10.85 -40.26 -47.38
N ILE P 233 11.23 -41.48 -47.77
CA ILE P 233 10.24 -42.49 -48.13
C ILE P 233 10.04 -43.57 -47.06
N SER P 234 8.78 -43.87 -46.75
CA SER P 234 8.49 -44.77 -45.67
C SER P 234 7.76 -45.99 -46.19
N PHE P 235 8.39 -47.16 -45.99
CA PHE P 235 7.74 -48.41 -46.34
C PHE P 235 7.05 -49.07 -45.13
N HIS P 236 6.92 -48.30 -44.05
CA HIS P 236 6.21 -48.78 -42.88
C HIS P 236 4.76 -49.13 -43.22
N PRO P 237 4.27 -50.27 -42.69
CA PRO P 237 2.94 -50.79 -43.00
C PRO P 237 1.82 -49.92 -42.42
N LYS P 238 2.13 -49.12 -41.41
CA LYS P 238 1.11 -48.30 -40.77
C LYS P 238 1.74 -47.01 -40.26
N PRO P 239 1.98 -46.08 -41.19
CA PRO P 239 2.79 -44.91 -40.91
C PRO P 239 2.10 -44.07 -39.87
N LEU P 240 0.79 -44.02 -39.95
CA LEU P 240 0.01 -43.27 -38.97
C LEU P 240 -1.01 -44.16 -38.31
N LYS P 241 -1.01 -44.15 -36.98
CA LYS P 241 -1.93 -44.98 -36.23
C LYS P 241 -3.31 -44.43 -36.47
N GLY P 242 -4.32 -45.29 -36.37
CA GLY P 242 -5.68 -44.83 -36.50
C GLY P 242 -6.41 -45.42 -37.68
N ASP P 243 -7.24 -44.61 -38.33
CA ASP P 243 -8.00 -45.05 -39.50
C ASP P 243 -7.30 -44.74 -40.81
N TRP P 244 -6.22 -43.94 -40.73
CA TRP P 244 -5.41 -43.65 -41.90
C TRP P 244 -4.89 -44.95 -42.47
N ASN P 245 -5.05 -45.12 -43.78
CA ASN P 245 -4.69 -46.37 -44.41
C ASN P 245 -3.27 -46.86 -44.10
N GLY P 246 -3.14 -48.18 -44.07
CA GLY P 246 -1.82 -48.78 -43.97
C GLY P 246 -1.13 -48.78 -45.32
N ALA P 247 0.01 -49.46 -45.43
CA ALA P 247 0.71 -49.56 -46.69
C ALA P 247 1.05 -51.01 -46.97
N GLY P 248 0.54 -51.52 -48.07
CA GLY P 248 0.84 -52.89 -48.43
C GLY P 248 1.67 -53.02 -49.67
N CYS P 249 2.01 -54.27 -49.99
CA CYS P 249 2.68 -54.56 -51.23
C CYS P 249 2.00 -55.78 -51.83
N HIS P 250 0.76 -55.58 -52.25
CA HIS P 250 -0.01 -56.64 -52.89
C HIS P 250 0.80 -57.41 -53.95
N ALA P 251 1.07 -58.70 -53.69
CA ALA P 251 1.75 -59.53 -54.67
C ALA P 251 0.72 -60.23 -55.55
N ASN P 252 0.74 -59.92 -56.84
CA ASN P 252 -0.07 -60.64 -57.82
C ASN P 252 0.69 -61.82 -58.45
N VAL P 253 0.06 -62.99 -58.54
CA VAL P 253 0.76 -64.21 -58.92
C VAL P 253 0.06 -64.96 -60.03
N SER P 254 0.85 -65.63 -60.87
CA SER P 254 0.31 -66.53 -61.91
C SER P 254 1.39 -67.47 -62.48
N THR P 255 0.98 -68.70 -62.82
CA THR P 255 1.84 -69.64 -63.52
C THR P 255 1.31 -69.82 -64.92
N LYS P 256 2.11 -70.41 -65.81
CA LYS P 256 1.67 -70.59 -67.19
C LYS P 256 0.26 -71.19 -67.27
N GLU P 257 0.03 -72.23 -66.47
CA GLU P 257 -1.27 -72.92 -66.45
C GLU P 257 -2.42 -71.98 -66.16
N MET P 258 -2.26 -71.16 -65.13
CA MET P 258 -3.30 -70.22 -64.73
C MET P 258 -3.61 -69.22 -65.84
N ARG P 259 -2.64 -68.97 -66.70
CA ARG P 259 -2.78 -67.91 -67.70
C ARG P 259 -3.47 -68.42 -68.95
N GLN P 260 -3.46 -69.72 -69.14
CA GLN P 260 -4.17 -70.35 -70.24
C GLN P 260 -5.56 -70.80 -69.82
N PRO P 261 -6.52 -70.78 -70.77
CA PRO P 261 -7.94 -71.07 -70.49
C PRO P 261 -8.12 -72.25 -69.56
N GLY P 262 -9.14 -72.20 -68.71
CA GLY P 262 -9.36 -73.21 -67.69
C GLY P 262 -8.38 -73.03 -66.53
N GLY P 263 -7.90 -71.80 -66.37
CA GLY P 263 -6.93 -71.47 -65.36
C GLY P 263 -7.45 -71.45 -63.92
N THR P 264 -8.64 -70.88 -63.68
CA THR P 264 -9.11 -70.69 -62.29
C THR P 264 -9.10 -72.05 -61.58
N LYS P 265 -8.92 -73.12 -62.35
CA LYS P 265 -8.71 -74.45 -61.77
C LYS P 265 -7.44 -74.43 -60.93
N TYR P 266 -6.33 -74.17 -61.59
CA TYR P 266 -5.03 -74.12 -60.93
C TYR P 266 -4.93 -72.91 -60.01
N ILE P 267 -5.60 -71.82 -60.36
CA ILE P 267 -5.65 -70.69 -59.47
C ILE P 267 -6.25 -71.13 -58.14
N GLU P 268 -7.39 -71.82 -58.20
CA GLU P 268 -8.06 -72.30 -57.00
C GLU P 268 -7.18 -73.28 -56.23
N GLN P 269 -6.48 -74.14 -56.97
CA GLN P 269 -5.55 -75.07 -56.36
C GLN P 269 -4.49 -74.34 -55.56
N ALA P 270 -3.85 -73.37 -56.20
CA ALA P 270 -2.84 -72.56 -55.56
C ALA P 270 -3.37 -71.91 -54.28
N ILE P 271 -4.54 -71.30 -54.39
CA ILE P 271 -5.13 -70.60 -53.26
C ILE P 271 -5.31 -71.55 -52.09
N GLU P 272 -5.60 -72.81 -52.40
CA GLU P 272 -5.79 -73.77 -51.33
C GLU P 272 -4.45 -74.12 -50.66
N LYS P 273 -3.43 -74.38 -51.46
CA LYS P 273 -2.11 -74.66 -50.90
C LYS P 273 -1.72 -73.50 -50.00
N LEU P 274 -1.96 -72.30 -50.51
CA LEU P 274 -1.65 -71.08 -49.79
C LEU P 274 -2.37 -71.03 -48.45
N SER P 275 -3.59 -71.55 -48.43
CA SER P 275 -4.40 -71.52 -47.21
C SER P 275 -3.79 -72.38 -46.11
N LYS P 276 -3.03 -73.39 -46.51
CA LYS P 276 -2.39 -74.29 -45.55
C LYS P 276 -1.10 -73.70 -44.99
N ARG P 277 -0.51 -72.76 -45.71
CA ARG P 277 0.72 -72.14 -45.24
C ARG P 277 0.59 -70.64 -44.92
N HIS P 278 -0.59 -70.24 -44.45
CA HIS P 278 -0.82 -68.83 -44.10
C HIS P 278 0.19 -68.32 -43.07
N ALA P 279 0.45 -69.11 -42.04
CA ALA P 279 1.34 -68.67 -40.96
C ALA P 279 2.77 -68.49 -41.43
N GLU P 280 3.23 -69.45 -42.24
CA GLU P 280 4.61 -69.45 -42.73
C GLU P 280 4.87 -68.26 -43.66
N HIS P 281 3.86 -67.94 -44.47
CA HIS P 281 3.89 -66.75 -45.32
C HIS P 281 3.89 -65.46 -44.49
N ILE P 282 2.85 -65.27 -43.67
CA ILE P 282 2.78 -64.13 -42.77
C ILE P 282 4.12 -63.85 -42.09
N LYS P 283 4.81 -64.91 -41.66
CA LYS P 283 6.11 -64.76 -40.99
C LYS P 283 7.13 -64.00 -41.85
N LEU P 284 7.12 -64.24 -43.17
CA LEU P 284 7.86 -63.35 -44.07
C LEU P 284 7.02 -62.07 -44.20
N TYR P 285 6.43 -61.79 -45.36
CA TYR P 285 5.32 -60.80 -45.47
C TYR P 285 5.35 -59.47 -44.67
N GLY P 286 6.38 -59.17 -43.91
CA GLY P 286 6.53 -57.84 -43.36
C GLY P 286 6.35 -57.65 -41.87
N SER P 287 7.24 -56.87 -41.26
CA SER P 287 7.23 -56.58 -39.83
C SER P 287 6.23 -55.49 -39.44
N ASP P 288 5.79 -55.54 -38.18
CA ASP P 288 4.57 -54.87 -37.72
C ASP P 288 3.49 -54.77 -38.79
N ASN P 289 3.32 -55.84 -39.57
CA ASN P 289 2.16 -55.96 -40.45
C ASN P 289 0.92 -56.14 -39.57
N ASP P 290 1.18 -56.48 -38.31
CA ASP P 290 0.13 -56.64 -37.31
C ASP P 290 -0.66 -55.35 -37.09
N MET P 291 -0.05 -54.20 -37.37
CA MET P 291 -0.80 -52.95 -37.28
C MET P 291 -1.52 -52.59 -38.59
N ARG P 292 -1.69 -53.58 -39.46
CA ARG P 292 -2.40 -53.41 -40.72
C ARG P 292 -3.44 -54.53 -41.02
N SER P 301 -7.09 -59.61 -41.95
CA SER P 301 -6.72 -60.17 -40.64
C SER P 301 -5.45 -61.04 -40.60
N MET P 302 -4.64 -60.86 -39.56
CA MET P 302 -3.30 -61.46 -39.46
C MET P 302 -3.30 -62.94 -39.19
N THR P 303 -4.35 -63.40 -38.53
CA THR P 303 -4.45 -64.79 -38.12
C THR P 303 -5.42 -65.55 -39.02
N ALA P 304 -6.38 -64.84 -39.61
CA ALA P 304 -7.36 -65.47 -40.49
C ALA P 304 -6.88 -65.51 -41.93
N PHE P 305 -7.20 -66.62 -42.58
CA PHE P 305 -6.99 -66.70 -44.01
C PHE P 305 -8.33 -66.86 -44.70
N SER P 306 -8.59 -66.01 -45.67
CA SER P 306 -9.80 -66.17 -46.48
C SER P 306 -9.53 -65.78 -47.92
N SER P 307 -10.42 -66.22 -48.82
CA SER P 307 -10.30 -65.89 -50.23
C SER P 307 -11.67 -65.80 -50.87
N GLY P 308 -11.75 -65.07 -51.97
CA GLY P 308 -12.98 -64.91 -52.69
C GLY P 308 -12.80 -64.01 -53.88
N VAL P 309 -13.71 -64.12 -54.84
CA VAL P 309 -13.70 -63.23 -55.99
C VAL P 309 -14.08 -61.81 -55.58
N ALA P 310 -13.55 -60.82 -56.31
CA ALA P 310 -13.80 -59.41 -56.03
C ALA P 310 -14.01 -59.17 -54.53
N ASN P 311 -12.91 -59.23 -53.79
CA ASN P 311 -12.98 -59.20 -52.35
C ASN P 311 -11.73 -58.53 -51.79
N ARG P 312 -11.81 -57.21 -51.62
CA ARG P 312 -10.70 -56.45 -51.03
C ARG P 312 -10.62 -56.66 -49.50
N GLY P 313 -11.44 -57.58 -48.99
CA GLY P 313 -11.43 -57.94 -47.59
C GLY P 313 -10.72 -59.25 -47.30
N SER P 314 -10.57 -60.08 -48.32
CA SER P 314 -9.93 -61.38 -48.14
C SER P 314 -8.39 -61.31 -48.15
N SER P 315 -7.78 -62.44 -47.78
CA SER P 315 -6.34 -62.58 -47.81
C SER P 315 -5.87 -62.70 -49.28
N ILE P 316 -6.58 -63.49 -50.07
CA ILE P 316 -6.31 -63.63 -51.49
C ILE P 316 -7.59 -63.27 -52.23
N ARG P 317 -7.45 -62.48 -53.28
CA ARG P 317 -8.59 -61.97 -54.02
C ARG P 317 -8.48 -62.37 -55.47
N ILE P 318 -9.54 -62.97 -55.99
CA ILE P 318 -9.57 -63.26 -57.41
C ILE P 318 -10.32 -62.15 -58.10
N PRO P 319 -9.63 -61.43 -58.97
CA PRO P 319 -10.24 -60.29 -59.67
C PRO P 319 -11.49 -60.76 -60.39
N ARG P 320 -12.58 -60.01 -60.26
CA ARG P 320 -13.80 -60.37 -60.96
C ARG P 320 -13.50 -60.63 -62.43
N SER P 321 -12.66 -59.78 -63.01
CA SER P 321 -12.24 -59.93 -64.39
C SER P 321 -11.74 -61.35 -64.65
N VAL P 322 -10.77 -61.79 -63.84
CA VAL P 322 -10.20 -63.13 -63.94
C VAL P 322 -11.29 -64.19 -63.83
N ALA P 323 -12.10 -64.09 -62.78
CA ALA P 323 -13.21 -65.02 -62.56
C ALA P 323 -14.11 -65.14 -63.79
N LYS P 324 -14.57 -64.01 -64.30
CA LYS P 324 -15.47 -64.00 -65.45
C LYS P 324 -14.84 -64.64 -66.68
N GLU P 325 -13.51 -64.56 -66.81
CA GLU P 325 -12.83 -65.09 -68.01
C GLU P 325 -12.26 -66.52 -67.88
N GLY P 326 -12.17 -67.04 -66.66
CA GLY P 326 -11.77 -68.42 -66.44
C GLY P 326 -10.27 -68.68 -66.36
N TYR P 327 -9.48 -67.62 -66.45
CA TYR P 327 -8.01 -67.71 -66.35
C TYR P 327 -7.44 -66.32 -66.00
N GLY P 328 -6.19 -66.31 -65.53
CA GLY P 328 -5.55 -65.07 -65.12
C GLY P 328 -4.58 -65.23 -63.96
N TYR P 329 -4.80 -64.45 -62.92
CA TYR P 329 -3.89 -64.44 -61.79
C TYR P 329 -4.71 -64.20 -60.54
N PHE P 330 -4.07 -64.30 -59.38
CA PHE P 330 -4.72 -63.94 -58.14
C PHE P 330 -3.93 -62.86 -57.42
N GLU P 331 -4.58 -62.16 -56.50
CA GLU P 331 -3.94 -61.09 -55.75
C GLU P 331 -3.79 -61.49 -54.29
N ASP P 332 -2.54 -61.69 -53.85
CA ASP P 332 -2.29 -61.89 -52.42
C ASP P 332 -2.19 -60.54 -51.73
N ARG P 333 -3.18 -60.18 -50.93
CA ARG P 333 -3.23 -58.83 -50.37
C ARG P 333 -2.56 -58.75 -49.01
N ARG P 334 -1.90 -59.84 -48.61
CA ARG P 334 -1.34 -59.97 -47.26
C ARG P 334 0.00 -59.25 -47.05
N PRO P 335 0.91 -59.30 -48.05
CA PRO P 335 2.25 -58.74 -47.82
C PRO P 335 2.25 -57.25 -47.55
N ALA P 336 3.05 -56.83 -46.58
CA ALA P 336 3.15 -55.42 -46.21
C ALA P 336 4.08 -54.64 -47.13
N SER P 337 3.95 -53.33 -47.09
CA SER P 337 4.79 -52.44 -47.88
C SER P 337 6.29 -52.73 -47.73
N ASN P 338 6.71 -53.11 -46.52
CA ASN P 338 8.13 -53.26 -46.19
C ASN P 338 8.69 -54.65 -46.52
N ILE P 339 7.96 -55.43 -47.29
CA ILE P 339 8.41 -56.78 -47.56
C ILE P 339 9.68 -56.80 -48.40
N ASP P 340 10.48 -57.87 -48.26
CA ASP P 340 11.56 -58.18 -49.21
C ASP P 340 10.98 -59.08 -50.30
N PRO P 341 10.86 -58.53 -51.53
CA PRO P 341 10.30 -59.23 -52.69
C PRO P 341 10.94 -60.61 -52.92
N TYR P 342 12.23 -60.76 -52.61
CA TYR P 342 12.88 -62.05 -52.73
C TYR P 342 12.18 -63.06 -51.83
N LEU P 343 11.96 -62.67 -50.58
CA LEU P 343 11.26 -63.54 -49.65
C LEU P 343 9.81 -63.85 -50.04
N VAL P 344 9.07 -62.82 -50.42
CA VAL P 344 7.68 -63.04 -50.85
C VAL P 344 7.59 -63.89 -52.11
N THR P 345 8.23 -63.47 -53.20
CA THR P 345 8.12 -64.22 -54.44
C THR P 345 8.74 -65.58 -54.26
N GLY P 346 9.80 -65.66 -53.46
CA GLY P 346 10.43 -66.92 -53.15
C GLY P 346 9.48 -67.93 -52.51
N ILE P 347 8.94 -67.59 -51.34
CA ILE P 347 8.04 -68.51 -50.65
C ILE P 347 6.73 -68.68 -51.41
N MET P 348 6.37 -67.73 -52.26
CA MET P 348 5.15 -67.88 -53.02
C MET P 348 5.34 -69.04 -53.95
N CYS P 349 6.48 -69.02 -54.64
CA CYS P 349 6.84 -70.11 -55.55
C CYS P 349 6.95 -71.45 -54.80
N GLU P 350 7.69 -71.43 -53.69
CA GLU P 350 7.87 -72.60 -52.84
C GLU P 350 6.54 -73.32 -52.55
N THR P 351 5.52 -72.56 -52.16
CA THR P 351 4.27 -73.20 -51.75
C THR P 351 3.25 -73.37 -52.88
N VAL P 352 3.37 -72.57 -53.92
CA VAL P 352 2.45 -72.70 -55.05
C VAL P 352 2.96 -73.75 -56.01
N CYS P 353 4.27 -73.77 -56.26
CA CYS P 353 4.86 -74.62 -57.28
C CYS P 353 5.47 -75.87 -56.69
N GLY P 354 5.90 -75.77 -55.44
CA GLY P 354 6.43 -76.93 -54.72
C GLY P 354 7.76 -76.72 -54.04
N ALA P 355 7.90 -77.27 -52.84
CA ALA P 355 9.14 -77.17 -52.07
C ALA P 355 10.31 -77.86 -52.77
N ILE P 356 11.50 -77.61 -52.23
CA ILE P 356 12.71 -78.25 -52.72
C ILE P 356 13.55 -78.65 -51.51
N ASP P 357 14.21 -79.81 -51.60
CA ASP P 357 15.07 -80.27 -50.52
C ASP P 357 16.34 -79.44 -50.59
N ASN P 358 16.50 -78.79 -51.74
CA ASN P 358 17.64 -77.95 -52.04
C ASN P 358 17.55 -76.58 -51.37
N ALA P 359 16.32 -76.18 -50.98
CA ALA P 359 16.06 -74.87 -50.35
C ALA P 359 14.78 -74.78 -49.50
N ASP P 360 14.86 -73.98 -48.45
CA ASP P 360 13.73 -73.75 -47.56
C ASP P 360 13.56 -72.25 -47.32
N MET P 361 12.55 -71.66 -47.94
CA MET P 361 12.31 -70.21 -47.88
C MET P 361 12.14 -69.73 -46.45
N THR P 362 11.29 -70.41 -45.71
CA THR P 362 11.02 -69.99 -44.35
C THR P 362 12.26 -70.11 -43.46
N LYS P 363 13.11 -71.10 -43.69
CA LYS P 363 14.38 -71.15 -42.96
C LYS P 363 15.30 -69.97 -43.29
N GLU P 364 15.35 -69.59 -44.57
CA GLU P 364 16.05 -68.39 -45.01
C GLU P 364 15.58 -67.20 -44.16
N PHE P 365 16.16 -67.15 -42.98
CA PHE P 365 15.81 -66.19 -41.95
C PHE P 365 16.93 -66.40 -40.97
N GLU P 366 18.06 -65.87 -41.39
CA GLU P 366 19.37 -66.08 -40.80
C GLU P 366 19.95 -64.72 -40.33
N ARG Q 21 36.37 -15.23 -76.93
CA ARG Q 21 36.45 -14.52 -78.24
C ARG Q 21 37.68 -14.88 -79.04
N GLY Q 22 38.00 -16.16 -79.14
CA GLY Q 22 39.27 -16.57 -79.72
C GLY Q 22 40.34 -16.83 -78.68
N ARG Q 23 40.17 -16.22 -77.51
CA ARG Q 23 41.15 -16.37 -76.44
C ARG Q 23 40.84 -17.49 -75.45
N ILE Q 24 41.80 -17.80 -74.60
CA ILE Q 24 41.73 -18.92 -73.67
C ILE Q 24 41.96 -18.42 -72.24
N ILE Q 25 41.30 -19.03 -71.26
CA ILE Q 25 41.58 -18.69 -69.86
C ILE Q 25 42.24 -19.85 -69.17
N ALA Q 26 43.36 -19.55 -68.55
CA ALA Q 26 44.12 -20.55 -67.81
C ALA Q 26 44.08 -20.14 -66.36
N GLU Q 27 43.52 -20.99 -65.53
CA GLU Q 27 43.55 -20.75 -64.10
C GLU Q 27 44.77 -21.46 -63.54
N TYR Q 28 45.67 -20.68 -62.95
CA TYR Q 28 46.81 -21.26 -62.28
C TYR Q 28 46.43 -21.61 -60.84
N VAL Q 29 46.68 -22.86 -60.48
CA VAL Q 29 46.39 -23.33 -59.14
C VAL Q 29 47.68 -23.76 -58.48
N TRP Q 30 47.91 -23.33 -57.25
CA TRP Q 30 49.07 -23.79 -56.50
C TRP Q 30 48.79 -24.01 -55.02
N ILE Q 31 49.79 -24.53 -54.30
CA ILE Q 31 49.66 -24.86 -52.89
C ILE Q 31 50.37 -23.81 -52.02
N ASP Q 32 49.70 -23.38 -50.95
CA ASP Q 32 50.23 -22.27 -50.13
C ASP Q 32 50.92 -22.67 -48.82
N GLY Q 33 51.21 -21.64 -48.02
CA GLY Q 33 51.92 -21.78 -46.76
C GLY Q 33 50.97 -22.09 -45.61
N THR Q 34 49.72 -22.35 -45.95
CA THR Q 34 48.76 -22.98 -45.05
C THR Q 34 48.48 -24.31 -45.74
N GLY Q 35 47.34 -24.93 -45.47
CA GLY Q 35 47.06 -26.20 -46.12
C GLY Q 35 46.17 -26.14 -47.34
N ASN Q 36 46.18 -25.00 -48.06
CA ASN Q 36 45.17 -24.75 -49.08
C ASN Q 36 45.68 -24.58 -50.50
N LEU Q 37 44.74 -24.58 -51.43
CA LEU Q 37 45.03 -24.15 -52.78
C LEU Q 37 44.80 -22.63 -52.90
N ARG Q 38 45.48 -22.03 -53.86
CA ARG Q 38 45.23 -20.67 -54.26
C ARG Q 38 45.18 -20.66 -55.79
N SER Q 39 44.51 -19.66 -56.35
CA SER Q 39 44.49 -19.54 -57.80
C SER Q 39 44.19 -18.15 -58.29
N LYS Q 40 44.69 -17.89 -59.49
CA LYS Q 40 44.28 -16.73 -60.27
C LYS Q 40 44.25 -17.14 -61.73
N GLY Q 41 43.66 -16.31 -62.56
CA GLY Q 41 43.49 -16.66 -63.96
C GLY Q 41 44.09 -15.63 -64.88
N ARG Q 42 44.54 -16.11 -66.03
CA ARG Q 42 45.09 -15.25 -67.06
C ARG Q 42 44.59 -15.67 -68.42
N THR Q 43 44.33 -14.67 -69.25
CA THR Q 43 44.04 -14.89 -70.65
C THR Q 43 45.28 -15.33 -71.45
N LEU Q 44 45.08 -16.29 -72.34
CA LEU Q 44 46.12 -16.71 -73.27
C LEU Q 44 45.63 -16.49 -74.72
N LYS Q 45 46.55 -16.22 -75.64
CA LYS Q 45 46.16 -15.86 -77.00
C LYS Q 45 45.51 -17.01 -77.78
N LYS Q 46 45.92 -18.23 -77.45
CA LYS Q 46 45.56 -19.40 -78.25
C LYS Q 46 45.36 -20.67 -77.39
N ARG Q 47 44.53 -21.58 -77.88
CA ARG Q 47 44.40 -22.90 -77.28
C ARG Q 47 45.76 -23.59 -76.97
N ILE Q 48 45.85 -24.25 -75.83
CA ILE Q 48 47.09 -24.91 -75.43
C ILE Q 48 47.12 -26.38 -75.85
N THR Q 49 48.27 -26.84 -76.33
CA THR Q 49 48.42 -28.23 -76.77
C THR Q 49 49.58 -28.98 -76.15
N SER Q 50 50.39 -28.28 -75.35
CA SER Q 50 51.39 -28.96 -74.54
C SER Q 50 51.88 -28.07 -73.39
N ILE Q 51 52.29 -28.70 -72.28
CA ILE Q 51 52.73 -27.98 -71.09
C ILE Q 51 53.74 -26.88 -71.44
N ASP Q 52 54.52 -27.15 -72.48
CA ASP Q 52 55.58 -26.25 -72.95
C ASP Q 52 55.11 -24.86 -73.34
N GLN Q 53 53.86 -24.77 -73.77
CA GLN Q 53 53.31 -23.48 -74.18
C GLN Q 53 52.92 -22.62 -73.00
N LEU Q 54 52.83 -23.23 -71.82
CA LEU Q 54 52.38 -22.53 -70.62
C LEU Q 54 53.53 -21.77 -69.98
N PRO Q 55 53.35 -20.44 -69.83
CA PRO Q 55 54.29 -19.48 -69.27
C PRO Q 55 54.53 -19.67 -67.78
N GLU Q 56 55.72 -19.31 -67.31
CA GLU Q 56 55.94 -19.17 -65.88
C GLU Q 56 55.04 -18.02 -65.41
N TRP Q 57 54.87 -17.92 -64.11
CA TRP Q 57 54.05 -16.86 -63.54
C TRP Q 57 54.47 -16.70 -62.09
N ASN Q 58 53.81 -15.79 -61.39
CA ASN Q 58 54.21 -15.50 -60.03
C ASN Q 58 53.08 -14.88 -59.20
N PHE Q 59 53.34 -14.70 -57.92
CA PHE Q 59 52.38 -14.09 -57.03
C PHE Q 59 53.08 -13.55 -55.81
N ASP Q 60 52.33 -12.86 -54.97
CA ASP Q 60 52.85 -12.31 -53.73
C ASP Q 60 52.90 -13.38 -52.61
N GLY Q 61 54.06 -14.00 -52.43
CA GLY Q 61 54.20 -15.08 -51.46
C GLY Q 61 53.91 -14.66 -50.03
N SER Q 62 53.97 -13.35 -49.79
CA SER Q 62 53.72 -12.82 -48.46
C SER Q 62 52.21 -12.80 -48.13
N SER Q 63 51.37 -12.86 -49.16
CA SER Q 63 49.93 -12.90 -48.97
C SER Q 63 49.44 -14.34 -48.84
N THR Q 64 50.36 -15.30 -49.00
CA THR Q 64 50.02 -16.71 -48.87
C THR Q 64 50.89 -17.49 -47.87
N ASN Q 65 51.70 -16.77 -47.09
CA ASN Q 65 52.54 -17.39 -46.07
C ASN Q 65 53.61 -18.30 -46.69
N GLN Q 66 54.34 -17.75 -47.65
CA GLN Q 66 55.40 -18.51 -48.31
C GLN Q 66 56.64 -17.64 -48.45
N ALA Q 67 56.46 -16.34 -48.22
CA ALA Q 67 57.53 -15.36 -48.34
C ALA Q 67 57.40 -14.27 -47.27
N PRO Q 68 58.47 -13.50 -47.04
CA PRO Q 68 58.55 -12.62 -45.86
C PRO Q 68 58.05 -11.19 -46.08
N GLY Q 69 57.95 -10.73 -47.33
CA GLY Q 69 57.60 -9.34 -47.58
C GLY Q 69 58.83 -8.61 -48.10
N HIS Q 70 59.70 -9.38 -48.75
CA HIS Q 70 60.88 -8.86 -49.44
C HIS Q 70 61.56 -10.04 -50.14
N ASP Q 73 57.45 -12.83 -52.58
CA ASP Q 73 57.54 -12.80 -54.04
C ASP Q 73 57.96 -14.11 -54.77
N ILE Q 74 57.01 -15.02 -54.99
CA ILE Q 74 57.31 -16.37 -55.51
C ILE Q 74 56.87 -16.66 -56.96
N TYR Q 75 57.53 -17.64 -57.58
CA TYR Q 75 57.30 -17.99 -59.00
C TYR Q 75 56.55 -19.31 -59.21
N LEU Q 76 55.77 -19.36 -60.30
CA LEU Q 76 54.91 -20.51 -60.61
C LEU Q 76 55.35 -21.29 -61.85
N LYS Q 77 55.81 -22.52 -61.63
CA LYS Q 77 56.22 -23.37 -62.76
C LYS Q 77 55.13 -24.38 -63.10
N PRO Q 78 54.47 -24.20 -64.28
CA PRO Q 78 53.42 -25.11 -64.72
C PRO Q 78 53.93 -26.54 -64.65
N VAL Q 79 53.09 -27.43 -64.14
CA VAL Q 79 53.50 -28.81 -63.90
C VAL Q 79 52.55 -29.78 -64.58
N ALA Q 80 51.26 -29.46 -64.56
CA ALA Q 80 50.26 -30.24 -65.25
C ALA Q 80 49.14 -29.31 -65.61
N TYR Q 81 48.34 -29.70 -66.60
CA TYR Q 81 47.18 -28.89 -66.94
C TYR Q 81 46.05 -29.79 -67.45
N TYR Q 82 44.81 -29.32 -67.26
CA TYR Q 82 43.62 -30.08 -67.59
C TYR Q 82 42.56 -29.13 -68.08
N PRO Q 83 41.51 -29.66 -68.74
CA PRO Q 83 40.34 -28.87 -69.08
C PRO Q 83 39.69 -28.35 -67.80
N ASP Q 84 39.28 -27.11 -67.82
CA ASP Q 84 38.59 -26.49 -66.69
C ASP Q 84 37.12 -26.92 -66.62
N PRO Q 85 36.77 -27.72 -65.61
CA PRO Q 85 35.41 -28.26 -65.54
C PRO Q 85 34.44 -27.14 -65.29
N PHE Q 86 34.93 -26.04 -64.76
CA PHE Q 86 34.06 -24.93 -64.45
C PHE Q 86 33.90 -23.95 -65.62
N ARG Q 87 35.02 -23.52 -66.19
CA ARG Q 87 34.96 -22.56 -67.30
C ARG Q 87 34.62 -23.28 -68.59
N ARG Q 88 34.87 -24.59 -68.60
CA ARG Q 88 34.66 -25.41 -69.78
C ARG Q 88 35.20 -24.79 -71.06
N GLY Q 89 34.74 -25.29 -72.21
CA GLY Q 89 35.27 -24.83 -73.48
C GLY Q 89 36.73 -25.21 -73.59
N ASP Q 90 37.52 -24.36 -74.24
CA ASP Q 90 38.95 -24.65 -74.41
C ASP Q 90 39.73 -24.03 -73.27
N ASN Q 91 39.01 -23.57 -72.24
CA ASN Q 91 39.61 -23.04 -71.04
C ASN Q 91 40.21 -24.17 -70.23
N ILE Q 92 41.24 -23.83 -69.44
CA ILE Q 92 42.13 -24.83 -68.83
C ILE Q 92 42.55 -24.48 -67.40
N VAL Q 93 42.80 -25.53 -66.61
CA VAL Q 93 43.32 -25.38 -65.26
C VAL Q 93 44.79 -25.84 -65.24
N VAL Q 94 45.68 -25.00 -64.70
CA VAL Q 94 47.12 -25.30 -64.65
C VAL Q 94 47.66 -25.49 -63.24
N LEU Q 95 48.10 -26.70 -62.93
CA LEU Q 95 48.73 -26.95 -61.65
C LEU Q 95 50.18 -26.45 -61.68
N ALA Q 96 50.48 -25.45 -60.86
CA ALA Q 96 51.83 -24.86 -60.82
C ALA Q 96 52.56 -25.13 -59.51
N ALA Q 97 53.86 -25.41 -59.63
CA ALA Q 97 54.71 -25.60 -58.45
C ALA Q 97 55.39 -24.28 -58.07
N CYS Q 98 55.67 -24.11 -56.78
CA CYS Q 98 56.21 -22.84 -56.28
C CYS Q 98 57.73 -22.88 -56.14
N TYR Q 99 58.41 -21.98 -56.85
CA TYR Q 99 59.85 -21.83 -56.71
C TYR Q 99 60.18 -20.40 -56.29
N ASN Q 100 61.08 -20.28 -55.31
CA ASN Q 100 61.59 -18.97 -54.89
C ASN Q 100 62.43 -18.35 -56.01
N ASN Q 101 62.77 -17.08 -55.86
CA ASN Q 101 63.64 -16.42 -56.85
C ASN Q 101 65.06 -17.00 -56.93
N ASP Q 102 65.46 -17.83 -55.97
CA ASP Q 102 66.74 -18.54 -56.05
C ASP Q 102 66.68 -19.49 -57.23
N GLY Q 103 65.49 -20.01 -57.48
CA GLY Q 103 65.32 -21.14 -58.38
C GLY Q 103 65.09 -22.36 -57.51
N THR Q 104 65.27 -22.17 -56.21
CA THR Q 104 64.98 -23.21 -55.24
C THR Q 104 63.46 -23.39 -54.99
N PRO Q 105 63.04 -24.64 -54.75
CA PRO Q 105 61.65 -24.96 -54.40
C PRO Q 105 61.25 -24.37 -53.05
N ASN Q 106 60.23 -23.52 -53.07
CA ASN Q 106 59.67 -22.92 -51.85
C ASN Q 106 59.61 -23.88 -50.65
N LYS Q 107 59.57 -23.32 -49.44
CA LYS Q 107 59.37 -24.09 -48.21
C LYS Q 107 58.34 -25.18 -48.47
N PHE Q 108 57.24 -24.80 -49.12
CA PHE Q 108 56.06 -25.67 -49.20
C PHE Q 108 55.97 -26.43 -50.51
N ASN Q 109 57.02 -26.34 -51.29
CA ASN Q 109 57.08 -27.15 -52.48
C ASN Q 109 57.76 -28.47 -52.14
N HIS Q 110 56.97 -29.54 -52.05
CA HIS Q 110 57.53 -30.86 -51.80
C HIS Q 110 57.40 -31.74 -53.02
N ARG Q 111 56.93 -31.15 -54.12
CA ARG Q 111 56.77 -31.89 -55.36
C ARG Q 111 58.14 -32.20 -55.90
N HIS Q 112 59.03 -31.20 -55.84
CA HIS Q 112 60.36 -31.39 -56.37
C HIS Q 112 61.09 -32.54 -55.68
N GLU Q 113 61.15 -32.48 -54.36
CA GLU Q 113 61.86 -33.51 -53.62
C GLU Q 113 61.36 -34.89 -54.02
N ALA Q 114 60.05 -35.09 -53.99
CA ALA Q 114 59.46 -36.39 -54.29
C ALA Q 114 59.81 -36.84 -55.70
N ALA Q 115 59.74 -35.89 -56.64
CA ALA Q 115 60.05 -36.15 -58.04
C ALA Q 115 61.40 -36.87 -58.16
N LYS Q 116 62.41 -36.34 -57.45
CA LYS Q 116 63.72 -36.98 -57.38
C LYS Q 116 63.59 -38.49 -57.14
N LEU Q 117 62.92 -38.86 -56.05
CA LEU Q 117 62.73 -40.27 -55.74
C LEU Q 117 62.04 -41.08 -56.84
N PHE Q 118 60.96 -40.52 -57.37
CA PHE Q 118 60.21 -41.20 -58.44
C PHE Q 118 61.08 -41.37 -59.69
N ALA Q 119 61.88 -40.36 -59.98
CA ALA Q 119 62.77 -40.42 -61.12
C ALA Q 119 63.83 -41.49 -60.92
N ALA Q 120 64.38 -41.54 -59.72
CA ALA Q 120 65.36 -42.57 -59.36
C ALA Q 120 64.78 -43.96 -59.59
N HIS Q 121 63.62 -44.22 -59.00
CA HIS Q 121 63.07 -45.57 -59.06
C HIS Q 121 62.09 -45.76 -60.21
N LYS Q 122 62.28 -45.00 -61.28
CA LYS Q 122 61.48 -45.15 -62.50
C LYS Q 122 61.19 -46.63 -62.80
N ASP Q 123 62.22 -47.45 -62.60
CA ASP Q 123 62.14 -48.84 -62.99
C ASP Q 123 61.11 -49.65 -62.22
N GLU Q 124 60.92 -49.32 -60.95
CA GLU Q 124 59.93 -50.01 -60.13
C GLU Q 124 58.46 -49.72 -60.52
N GLU Q 125 58.23 -48.54 -61.11
CA GLU Q 125 56.88 -48.11 -61.48
C GLU Q 125 55.95 -48.21 -60.27
N ILE Q 126 56.17 -47.37 -59.25
CA ILE Q 126 55.26 -47.35 -58.12
C ILE Q 126 53.94 -46.80 -58.61
N TRP Q 127 52.88 -47.44 -58.12
CA TRP Q 127 51.52 -46.98 -58.33
C TRP Q 127 50.87 -46.62 -57.00
N PHE Q 128 50.10 -45.56 -57.03
CA PHE Q 128 49.38 -45.16 -55.86
C PHE Q 128 47.89 -45.04 -56.15
N GLY Q 129 47.08 -45.27 -55.13
CA GLY Q 129 45.66 -44.96 -55.16
C GLY Q 129 45.30 -44.37 -53.80
N LEU Q 130 44.89 -43.12 -53.78
CA LEU Q 130 44.52 -42.50 -52.52
C LEU Q 130 43.01 -42.48 -52.34
N GLU Q 131 42.56 -42.67 -51.09
CA GLU Q 131 41.14 -42.64 -50.76
C GLU Q 131 40.91 -41.42 -49.89
N GLN Q 132 40.54 -40.32 -50.54
CA GLN Q 132 40.44 -39.03 -49.88
C GLN Q 132 39.12 -38.89 -49.17
N GLU Q 133 39.14 -38.85 -47.85
CA GLU Q 133 37.94 -38.61 -47.09
C GLU Q 133 37.92 -37.15 -46.69
N TYR Q 134 36.75 -36.54 -46.64
CA TYR Q 134 36.59 -35.13 -46.26
C TYR Q 134 35.25 -34.96 -45.58
N THR Q 135 35.01 -33.79 -44.98
CA THR Q 135 33.80 -33.58 -44.18
C THR Q 135 33.22 -32.23 -44.49
N LEU Q 136 31.89 -32.16 -44.65
CA LEU Q 136 31.21 -30.93 -45.14
C LEU Q 136 30.80 -29.94 -44.05
N PHE Q 137 30.82 -28.65 -44.35
CA PHE Q 137 30.53 -27.65 -43.34
C PHE Q 137 29.73 -26.45 -43.84
N ASP Q 138 28.90 -25.91 -42.95
CA ASP Q 138 28.19 -24.64 -43.09
C ASP Q 138 29.05 -23.48 -43.50
N MET Q 139 28.39 -22.47 -44.04
CA MET Q 139 29.04 -21.19 -44.17
C MET Q 139 29.39 -20.70 -42.78
N TYR Q 140 28.74 -21.33 -41.78
CA TYR Q 140 28.88 -20.92 -40.38
C TYR Q 140 29.76 -21.89 -39.59
N ASP Q 141 30.50 -22.72 -40.31
CA ASP Q 141 31.47 -23.59 -39.68
C ASP Q 141 30.82 -24.60 -38.77
N ASP Q 142 29.58 -24.97 -39.08
CA ASP Q 142 28.95 -26.08 -38.38
C ASP Q 142 28.79 -27.23 -39.37
N VAL Q 143 28.81 -28.47 -38.89
CA VAL Q 143 28.71 -29.60 -39.81
C VAL Q 143 27.52 -29.45 -40.75
N TYR Q 144 27.76 -29.65 -42.04
CA TYR Q 144 26.75 -29.35 -43.03
C TYR Q 144 25.49 -30.20 -42.90
N GLY Q 145 24.36 -29.53 -42.68
CA GLY Q 145 23.07 -30.20 -42.71
C GLY Q 145 22.67 -30.80 -41.39
N TRP Q 146 23.60 -30.77 -40.45
CA TRP Q 146 23.32 -31.30 -39.14
C TRP Q 146 22.31 -30.42 -38.42
N PRO Q 147 21.36 -31.05 -37.72
CA PRO Q 147 20.39 -30.42 -36.81
C PRO Q 147 20.97 -29.20 -36.10
N LYS Q 148 20.14 -28.16 -36.00
CA LYS Q 148 20.60 -26.88 -35.53
C LYS Q 148 20.93 -26.94 -34.05
N GLY Q 149 22.20 -26.78 -33.71
CA GLY Q 149 22.59 -26.87 -32.31
C GLY Q 149 22.70 -28.30 -31.77
N GLY Q 150 22.19 -29.28 -32.51
CA GLY Q 150 22.23 -30.68 -32.10
C GLY Q 150 22.97 -31.64 -33.02
N TYR Q 151 22.45 -32.86 -33.15
CA TYR Q 151 23.12 -33.95 -33.85
C TYR Q 151 22.15 -34.81 -34.62
N PRO Q 152 22.61 -35.42 -35.72
CA PRO Q 152 21.82 -36.42 -36.42
C PRO Q 152 21.70 -37.68 -35.56
N ALA Q 153 21.01 -38.69 -36.07
CA ALA Q 153 20.99 -39.99 -35.42
C ALA Q 153 22.43 -40.53 -35.33
N PRO Q 154 22.64 -41.57 -34.51
CA PRO Q 154 24.00 -42.08 -34.38
C PRO Q 154 24.43 -42.77 -35.64
N GLN Q 155 25.75 -42.90 -35.83
CA GLN Q 155 26.31 -43.49 -37.05
C GLN Q 155 25.77 -44.88 -37.33
N GLY Q 156 25.79 -45.26 -38.61
CA GLY Q 156 25.32 -46.57 -39.01
C GLY Q 156 24.60 -46.54 -40.34
N PRO Q 157 23.57 -45.70 -40.44
CA PRO Q 157 22.74 -45.64 -41.65
C PRO Q 157 23.30 -44.68 -42.71
N TYR Q 158 24.48 -44.08 -42.47
CA TYR Q 158 25.02 -43.06 -43.39
C TYR Q 158 26.05 -43.59 -44.38
N TYR Q 159 26.87 -44.56 -43.94
CA TYR Q 159 27.87 -45.17 -44.80
C TYR Q 159 27.21 -45.74 -46.05
N CYS Q 160 27.61 -45.23 -47.22
CA CYS Q 160 27.05 -45.70 -48.48
C CYS Q 160 25.53 -45.52 -48.47
N GLY Q 161 25.10 -44.52 -47.73
CA GLY Q 161 23.69 -44.27 -47.57
C GLY Q 161 22.91 -43.95 -48.85
N VAL Q 162 21.60 -44.14 -48.78
CA VAL Q 162 20.70 -43.66 -49.80
C VAL Q 162 19.33 -43.44 -49.17
N GLY Q 163 18.73 -42.30 -49.50
CA GLY Q 163 17.54 -41.83 -48.84
C GLY Q 163 17.75 -40.46 -48.21
N ALA Q 164 16.67 -39.68 -48.14
CA ALA Q 164 16.73 -38.27 -47.76
C ALA Q 164 17.55 -37.91 -46.53
N GLY Q 165 17.41 -38.66 -45.45
CA GLY Q 165 18.18 -38.24 -44.29
C GLY Q 165 19.57 -38.87 -44.18
N LYS Q 166 19.81 -39.83 -45.07
CA LYS Q 166 20.95 -40.73 -44.93
C LYS Q 166 22.25 -40.16 -45.50
N VAL Q 167 22.16 -39.03 -46.19
CA VAL Q 167 23.30 -38.56 -46.98
C VAL Q 167 23.17 -37.06 -47.17
N TYR Q 168 24.29 -36.35 -47.20
CA TYR Q 168 24.21 -34.89 -47.27
C TYR Q 168 24.97 -34.24 -48.46
N ALA Q 169 24.26 -33.41 -49.21
CA ALA Q 169 24.85 -32.67 -50.31
C ALA Q 169 25.35 -33.57 -51.41
N ARG Q 170 24.61 -34.62 -51.73
CA ARG Q 170 25.03 -35.55 -52.78
C ARG Q 170 25.21 -34.84 -54.12
N ASP Q 171 24.38 -33.84 -54.37
CA ASP Q 171 24.47 -33.11 -55.62
C ASP Q 171 25.82 -32.39 -55.81
N MET Q 172 26.35 -31.81 -54.74
CA MET Q 172 27.69 -31.23 -54.79
C MET Q 172 28.73 -32.32 -55.01
N ILE Q 173 28.64 -33.39 -54.24
CA ILE Q 173 29.55 -34.52 -54.40
C ILE Q 173 29.61 -35.06 -55.84
N GLU Q 174 28.43 -35.17 -56.46
CA GLU Q 174 28.30 -35.66 -57.83
C GLU Q 174 28.92 -34.66 -58.83
N ALA Q 175 28.63 -33.37 -58.64
CA ALA Q 175 29.23 -32.33 -59.46
C ALA Q 175 30.76 -32.47 -59.48
N HIS Q 176 31.33 -32.70 -58.31
CA HIS Q 176 32.77 -32.87 -58.18
C HIS Q 176 33.23 -34.07 -58.97
N TYR Q 177 32.58 -35.22 -58.77
CA TYR Q 177 32.86 -36.41 -59.57
C TYR Q 177 32.89 -36.07 -61.06
N ARG Q 178 31.81 -35.46 -61.55
CA ARG Q 178 31.76 -35.04 -62.95
C ARG Q 178 32.97 -34.20 -63.32
N ALA Q 179 33.24 -33.18 -62.51
CA ALA Q 179 34.35 -32.27 -62.75
C ALA Q 179 35.65 -33.03 -62.94
N CYS Q 180 35.95 -33.90 -61.98
CA CYS Q 180 37.18 -34.67 -62.04
C CYS Q 180 37.26 -35.46 -63.34
N LEU Q 181 36.16 -36.12 -63.72
CA LEU Q 181 36.11 -36.88 -64.94
C LEU Q 181 36.35 -36.02 -66.18
N TYR Q 182 35.70 -34.86 -66.23
CA TYR Q 182 35.89 -33.94 -67.36
C TYR Q 182 37.33 -33.53 -67.52
N ALA Q 183 37.99 -33.26 -66.40
CA ALA Q 183 39.38 -32.86 -66.42
C ALA Q 183 40.27 -34.04 -66.77
N GLY Q 184 39.69 -35.23 -66.79
CA GLY Q 184 40.43 -36.41 -67.13
C GLY Q 184 41.27 -36.96 -65.99
N LEU Q 185 41.01 -36.49 -64.78
CA LEU Q 185 41.66 -37.06 -63.61
C LEU Q 185 41.35 -38.58 -63.48
N GLU Q 186 42.25 -39.30 -62.84
CA GLU Q 186 42.04 -40.73 -62.63
C GLU Q 186 41.18 -40.98 -61.37
N ILE Q 187 39.97 -40.40 -61.37
CA ILE Q 187 39.08 -40.57 -60.24
C ILE Q 187 38.34 -41.91 -60.32
N SER Q 188 38.67 -42.83 -59.41
CA SER Q 188 38.22 -44.21 -59.52
C SER Q 188 36.82 -44.50 -58.98
N GLY Q 189 36.34 -43.65 -58.06
CA GLY Q 189 35.07 -43.88 -57.44
C GLY Q 189 34.78 -42.93 -56.30
N ILE Q 190 33.55 -42.96 -55.82
CA ILE Q 190 33.16 -42.08 -54.75
C ILE Q 190 32.25 -42.90 -53.82
N ASN Q 191 32.11 -42.47 -52.58
CA ASN Q 191 31.18 -43.13 -51.66
C ASN Q 191 30.84 -42.25 -50.43
N ALA Q 192 29.64 -42.41 -49.88
CA ALA Q 192 29.33 -41.69 -48.65
C ALA Q 192 29.93 -42.38 -47.43
N GLU Q 193 30.57 -41.62 -46.55
CA GLU Q 193 31.25 -42.22 -45.42
C GLU Q 193 30.37 -42.42 -44.19
N VAL Q 194 30.99 -42.92 -43.12
CA VAL Q 194 30.29 -43.39 -41.94
C VAL Q 194 29.61 -42.26 -41.17
N MET Q 195 30.35 -41.19 -40.89
CA MET Q 195 29.82 -39.99 -40.24
C MET Q 195 28.95 -39.26 -41.24
N PRO Q 196 27.78 -38.76 -40.79
CA PRO Q 196 26.87 -38.03 -41.68
C PRO Q 196 27.53 -36.76 -42.25
N SER Q 197 27.31 -36.49 -43.54
CA SER Q 197 27.95 -35.38 -44.29
C SER Q 197 29.49 -35.48 -44.36
N GLN Q 198 29.98 -36.73 -44.37
CA GLN Q 198 31.38 -37.04 -44.60
C GLN Q 198 31.45 -37.97 -45.80
N TRP Q 199 32.33 -37.64 -46.74
CA TRP Q 199 32.42 -38.38 -48.00
C TRP Q 199 33.83 -38.83 -48.27
N GLU Q 200 33.98 -39.61 -49.34
CA GLU Q 200 35.28 -40.04 -49.81
C GLU Q 200 35.25 -39.99 -51.35
N PHE Q 201 36.37 -39.64 -51.95
CA PHE Q 201 36.59 -39.98 -53.36
C PHE Q 201 37.94 -40.61 -53.49
N GLN Q 202 38.07 -41.52 -54.46
CA GLN Q 202 39.34 -42.23 -54.68
C GLN Q 202 39.96 -41.85 -56.02
N VAL Q 203 41.25 -41.62 -55.99
CA VAL Q 203 41.97 -41.34 -57.21
C VAL Q 203 43.10 -42.35 -57.39
N GLY Q 204 43.08 -43.02 -58.53
CA GLY Q 204 44.13 -43.98 -58.82
C GLY Q 204 43.70 -45.01 -59.85
N PRO Q 205 44.67 -45.81 -60.30
CA PRO Q 205 46.06 -45.71 -59.84
C PRO Q 205 46.78 -44.66 -60.65
N CYS Q 206 47.73 -43.96 -60.03
CA CYS Q 206 48.54 -42.96 -60.70
C CYS Q 206 50.01 -43.35 -60.52
N THR Q 207 50.88 -42.87 -61.42
CA THR Q 207 52.29 -43.21 -61.28
C THR Q 207 53.11 -42.07 -60.71
N GLY Q 208 53.84 -42.37 -59.65
CA GLY Q 208 54.76 -41.44 -59.04
C GLY Q 208 54.21 -40.05 -58.78
N ILE Q 209 54.73 -39.08 -59.52
CA ILE Q 209 54.36 -37.70 -59.28
C ILE Q 209 52.90 -37.44 -59.61
N ASP Q 210 52.36 -38.21 -60.54
CA ASP Q 210 50.94 -38.04 -60.93
C ASP Q 210 49.96 -38.09 -59.78
N MET Q 211 50.16 -39.05 -58.88
CA MET Q 211 49.31 -39.16 -57.70
C MET Q 211 49.18 -37.79 -57.05
N GLY Q 212 50.31 -37.21 -56.67
CA GLY Q 212 50.29 -35.91 -56.05
C GLY Q 212 49.54 -34.89 -56.90
N ASP Q 213 49.95 -34.78 -58.17
CA ASP Q 213 49.39 -33.76 -59.04
C ASP Q 213 47.89 -33.88 -59.11
N GLN Q 214 47.42 -35.09 -59.40
CA GLN Q 214 46.00 -35.31 -59.57
C GLN Q 214 45.19 -35.08 -58.28
N LEU Q 215 45.68 -35.61 -57.15
CA LEU Q 215 44.93 -35.44 -55.92
C LEU Q 215 44.77 -33.97 -55.61
N TRP Q 216 45.86 -33.23 -55.75
CA TRP Q 216 45.82 -31.80 -55.54
C TRP Q 216 44.79 -31.10 -56.43
N MET Q 217 44.73 -31.48 -57.71
CA MET Q 217 43.71 -30.92 -58.60
C MET Q 217 42.31 -31.34 -58.16
N ALA Q 218 42.13 -32.62 -57.87
CA ALA Q 218 40.85 -33.08 -57.34
C ALA Q 218 40.43 -32.22 -56.14
N ARG Q 219 41.38 -31.92 -55.27
CA ARG Q 219 41.10 -31.04 -54.14
C ARG Q 219 40.68 -29.63 -54.57
N TYR Q 220 41.42 -29.06 -55.51
CA TYR Q 220 41.05 -27.77 -56.03
C TYR Q 220 39.58 -27.87 -56.48
N PHE Q 221 39.27 -28.88 -57.29
CA PHE Q 221 37.92 -29.02 -57.84
C PHE Q 221 36.89 -29.07 -56.72
N LEU Q 222 37.23 -29.84 -55.69
CA LEU Q 222 36.32 -30.04 -54.58
C LEU Q 222 35.98 -28.70 -53.91
N HIS Q 223 36.98 -28.01 -53.37
CA HIS Q 223 36.77 -26.69 -52.78
C HIS Q 223 35.96 -25.80 -53.73
N ARG Q 224 36.40 -25.78 -54.97
CA ARG Q 224 35.89 -24.82 -55.93
C ARG Q 224 34.44 -25.10 -56.24
N VAL Q 225 34.11 -26.37 -56.47
CA VAL Q 225 32.74 -26.70 -56.86
C VAL Q 225 31.81 -26.49 -55.66
N ALA Q 226 32.29 -26.84 -54.47
CA ALA Q 226 31.52 -26.66 -53.26
C ALA Q 226 31.19 -25.19 -53.01
N GLU Q 227 32.06 -24.29 -53.46
CA GLU Q 227 31.79 -22.86 -53.34
C GLU Q 227 30.39 -22.61 -53.83
N GLU Q 228 30.06 -23.25 -54.94
CA GLU Q 228 28.79 -23.01 -55.62
C GLU Q 228 27.58 -23.48 -54.78
N PHE Q 229 27.84 -24.28 -53.76
CA PHE Q 229 26.78 -24.75 -52.84
C PHE Q 229 26.91 -24.14 -51.46
N GLY Q 230 27.78 -23.14 -51.32
CA GLY Q 230 28.04 -22.54 -50.02
C GLY Q 230 28.58 -23.52 -48.99
N ILE Q 231 29.25 -24.56 -49.45
CA ILE Q 231 29.77 -25.58 -48.57
C ILE Q 231 31.27 -25.44 -48.43
N LYS Q 232 31.73 -25.42 -47.18
CA LYS Q 232 33.16 -25.45 -46.86
C LYS Q 232 33.63 -26.90 -46.76
N ILE Q 233 34.84 -27.20 -47.26
CA ILE Q 233 35.36 -28.58 -47.20
C ILE Q 233 36.47 -28.73 -46.16
N SER Q 234 36.37 -29.76 -45.33
CA SER Q 234 37.30 -29.91 -44.21
C SER Q 234 38.11 -31.19 -44.30
N PHE Q 235 39.42 -31.01 -44.40
CA PHE Q 235 40.34 -32.15 -44.48
C PHE Q 235 40.89 -32.49 -43.11
N HIS Q 236 40.34 -31.86 -42.08
CA HIS Q 236 40.70 -32.22 -40.72
C HIS Q 236 40.45 -33.70 -40.42
N PRO Q 237 41.41 -34.35 -39.73
CA PRO Q 237 41.40 -35.80 -39.43
C PRO Q 237 40.31 -36.21 -38.42
N LYS Q 238 39.84 -35.26 -37.61
CA LYS Q 238 38.79 -35.55 -36.62
C LYS Q 238 37.90 -34.33 -36.46
N PRO Q 239 36.99 -34.12 -37.42
CA PRO Q 239 36.21 -32.88 -37.50
C PRO Q 239 35.33 -32.75 -36.28
N LEU Q 240 34.81 -33.88 -35.81
CA LEU Q 240 34.01 -33.89 -34.59
C LEU Q 240 34.62 -34.82 -33.56
N LYS Q 241 34.81 -34.30 -32.35
CA LYS Q 241 35.39 -35.09 -31.28
C LYS Q 241 34.35 -36.10 -30.87
N GLY Q 242 34.79 -37.26 -30.41
CA GLY Q 242 33.88 -38.29 -29.97
C GLY Q 242 34.01 -39.58 -30.75
N ASP Q 243 32.86 -40.22 -30.99
CA ASP Q 243 32.84 -41.49 -31.71
C ASP Q 243 32.59 -41.27 -33.20
N TRP Q 244 32.27 -40.03 -33.57
CA TRP Q 244 32.09 -39.71 -34.98
C TRP Q 244 33.38 -40.01 -35.71
N ASN Q 245 33.28 -40.73 -36.82
CA ASN Q 245 34.46 -41.10 -37.57
C ASN Q 245 35.46 -39.98 -37.88
N GLY Q 246 36.74 -40.33 -37.91
CA GLY Q 246 37.79 -39.42 -38.31
C GLY Q 246 37.84 -39.40 -39.82
N ALA Q 247 38.83 -38.70 -40.36
CA ALA Q 247 38.95 -38.62 -41.81
C ALA Q 247 40.35 -39.01 -42.23
N GLY Q 248 40.47 -40.06 -43.03
CA GLY Q 248 41.77 -40.51 -43.49
C GLY Q 248 42.01 -40.30 -44.97
N CYS Q 249 43.24 -40.58 -45.39
CA CYS Q 249 43.58 -40.62 -46.81
C CYS Q 249 44.37 -41.88 -47.07
N HIS Q 250 43.72 -43.04 -46.91
CA HIS Q 250 44.36 -44.32 -47.15
C HIS Q 250 45.19 -44.30 -48.43
N ALA Q 251 46.51 -44.43 -48.30
CA ALA Q 251 47.36 -44.57 -49.49
C ALA Q 251 47.53 -46.06 -49.85
N ASN Q 252 47.09 -46.43 -51.05
CA ASN Q 252 47.29 -47.79 -51.56
C ASN Q 252 48.54 -47.82 -52.45
N VAL Q 253 49.37 -48.85 -52.28
CA VAL Q 253 50.70 -48.88 -52.90
C VAL Q 253 50.99 -50.19 -53.61
N SER Q 254 51.74 -50.07 -54.70
CA SER Q 254 52.26 -51.25 -55.41
C SER Q 254 53.41 -50.90 -56.41
N THR Q 255 54.35 -51.82 -56.52
CA THR Q 255 55.43 -51.73 -57.50
C THR Q 255 55.19 -52.82 -58.54
N LYS Q 256 55.90 -52.72 -59.68
CA LYS Q 256 55.70 -53.68 -60.75
C LYS Q 256 55.78 -55.12 -60.24
N GLU Q 257 56.77 -55.38 -59.38
CA GLU Q 257 56.96 -56.73 -58.85
C GLU Q 257 55.74 -57.25 -58.11
N MET Q 258 55.16 -56.39 -57.26
CA MET Q 258 54.03 -56.76 -56.43
C MET Q 258 52.80 -57.09 -57.29
N ARG Q 259 52.75 -56.49 -58.47
CA ARG Q 259 51.58 -56.63 -59.35
C ARG Q 259 51.64 -57.90 -60.19
N GLN Q 260 52.86 -58.43 -60.36
CA GLN Q 260 53.04 -59.69 -61.09
C GLN Q 260 53.05 -60.85 -60.11
N PRO Q 261 52.56 -62.02 -60.56
CA PRO Q 261 52.38 -63.21 -59.72
C PRO Q 261 53.56 -63.46 -58.78
N GLY Q 262 53.28 -63.94 -57.57
CA GLY Q 262 54.31 -64.13 -56.57
C GLY Q 262 54.67 -62.81 -55.92
N GLY Q 263 53.71 -61.89 -55.99
CA GLY Q 263 53.92 -60.55 -55.47
C GLY Q 263 53.93 -60.45 -53.95
N THR Q 264 53.02 -61.13 -53.25
CA THR Q 264 52.87 -60.89 -51.80
C THR Q 264 54.23 -61.12 -51.12
N LYS Q 265 55.16 -61.71 -51.89
CA LYS Q 265 56.56 -61.75 -51.49
C LYS Q 265 57.08 -60.32 -51.24
N TYR Q 266 57.16 -59.55 -52.32
CA TYR Q 266 57.65 -58.18 -52.25
C TYR Q 266 56.70 -57.28 -51.46
N ILE Q 267 55.41 -57.60 -51.48
CA ILE Q 267 54.46 -56.86 -50.67
C ILE Q 267 54.87 -57.00 -49.20
N GLU Q 268 55.10 -58.24 -48.79
CA GLU Q 268 55.49 -58.51 -47.40
C GLU Q 268 56.82 -57.82 -47.08
N GLN Q 269 57.74 -57.84 -48.04
CA GLN Q 269 59.03 -57.18 -47.88
C GLN Q 269 58.84 -55.69 -47.61
N ALA Q 270 58.03 -55.05 -48.45
CA ALA Q 270 57.74 -53.64 -48.30
C ALA Q 270 57.13 -53.35 -46.94
N ILE Q 271 56.16 -54.17 -46.56
CA ILE Q 271 55.48 -53.98 -45.28
C ILE Q 271 56.50 -53.99 -44.14
N GLU Q 272 57.50 -54.85 -44.25
CA GLU Q 272 58.51 -54.95 -43.20
C GLU Q 272 59.40 -53.73 -43.14
N LYS Q 273 59.87 -53.28 -44.31
CA LYS Q 273 60.64 -52.01 -44.36
C LYS Q 273 59.82 -50.88 -43.72
N LEU Q 274 58.54 -50.84 -44.08
CA LEU Q 274 57.62 -49.84 -43.58
C LEU Q 274 57.54 -49.89 -42.05
N SER Q 275 57.61 -51.10 -41.51
CA SER Q 275 57.51 -51.32 -40.06
C SER Q 275 58.69 -50.71 -39.29
N LYS Q 276 59.83 -50.60 -39.96
CA LYS Q 276 61.00 -50.01 -39.34
C LYS Q 276 60.96 -48.50 -39.38
N ARG Q 277 60.19 -47.93 -40.30
CA ARG Q 277 60.10 -46.48 -40.43
C ARG Q 277 58.71 -45.89 -40.09
N HIS Q 278 58.00 -46.56 -39.19
CA HIS Q 278 56.68 -46.09 -38.75
C HIS Q 278 56.73 -44.65 -38.22
N ALA Q 279 57.70 -44.34 -37.38
CA ALA Q 279 57.74 -43.01 -36.78
C ALA Q 279 57.98 -41.95 -37.85
N GLU Q 280 58.91 -42.22 -38.77
CA GLU Q 280 59.31 -41.24 -39.80
C GLU Q 280 58.16 -40.93 -40.75
N HIS Q 281 57.38 -41.96 -41.05
CA HIS Q 281 56.17 -41.81 -41.85
C HIS Q 281 55.10 -41.02 -41.11
N ILE Q 282 54.70 -41.51 -39.93
CA ILE Q 282 53.75 -40.81 -39.10
C ILE Q 282 54.07 -39.31 -39.06
N LYS Q 283 55.35 -38.96 -38.96
CA LYS Q 283 55.74 -37.55 -38.84
C LYS Q 283 55.27 -36.73 -40.04
N LEU Q 284 55.24 -37.36 -41.23
CA LEU Q 284 54.56 -36.77 -42.38
C LEU Q 284 53.06 -37.04 -42.17
N TYR Q 285 52.45 -37.91 -42.95
CA TYR Q 285 51.12 -38.48 -42.63
C TYR Q 285 50.02 -37.66 -41.91
N GLY Q 286 50.23 -36.38 -41.64
CA GLY Q 286 49.12 -35.52 -41.22
C GLY Q 286 49.10 -35.05 -39.78
N SER Q 287 48.78 -33.76 -39.62
CA SER Q 287 48.71 -33.09 -38.32
C SER Q 287 47.42 -33.39 -37.54
N ASP Q 288 47.50 -33.26 -36.21
CA ASP Q 288 46.53 -33.87 -35.29
C ASP Q 288 45.92 -35.16 -35.82
N ASN Q 289 46.73 -35.98 -36.46
CA ASN Q 289 46.31 -37.32 -36.80
C ASN Q 289 46.16 -38.07 -35.48
N ASP Q 290 46.77 -37.49 -34.42
CA ASP Q 290 46.72 -38.07 -33.07
C ASP Q 290 45.29 -38.21 -32.53
N MET Q 291 44.38 -37.38 -33.04
CA MET Q 291 42.97 -37.51 -32.66
C MET Q 291 42.21 -38.50 -33.56
N ARG Q 292 42.95 -39.40 -34.22
CA ARG Q 292 42.36 -40.40 -35.11
C ARG Q 292 43.01 -41.79 -34.94
N SER Q 301 46.39 -47.15 -34.24
CA SER Q 301 47.22 -46.50 -33.19
C SER Q 301 48.47 -45.74 -33.68
N MET Q 302 48.72 -44.58 -33.06
CA MET Q 302 49.73 -43.60 -33.52
C MET Q 302 51.16 -44.04 -33.29
N THR Q 303 51.33 -44.88 -32.26
CA THR Q 303 52.66 -45.31 -31.83
C THR Q 303 52.90 -46.76 -32.23
N ALA Q 304 51.82 -47.53 -32.34
CA ALA Q 304 51.90 -48.93 -32.71
C ALA Q 304 51.87 -49.11 -34.24
N PHE Q 305 52.70 -50.02 -34.72
CA PHE Q 305 52.64 -50.44 -36.11
C PHE Q 305 52.25 -51.92 -36.20
N SER Q 306 51.25 -52.22 -37.00
CA SER Q 306 50.84 -53.60 -37.18
C SER Q 306 50.38 -53.80 -38.60
N SER Q 307 50.30 -55.05 -39.02
CA SER Q 307 49.84 -55.36 -40.37
C SER Q 307 49.21 -56.74 -40.37
N GLY Q 308 48.35 -56.98 -41.36
CA GLY Q 308 47.64 -58.23 -41.49
C GLY Q 308 46.65 -58.19 -42.64
N VAL Q 309 46.30 -59.37 -43.13
CA VAL Q 309 45.30 -59.49 -44.19
C VAL Q 309 43.92 -59.10 -43.67
N ALA Q 310 43.09 -58.56 -44.57
CA ALA Q 310 41.74 -58.13 -44.24
C ALA Q 310 41.69 -57.64 -42.79
N ASN Q 311 42.27 -56.47 -42.57
CA ASN Q 311 42.41 -55.95 -41.24
C ASN Q 311 42.29 -54.42 -41.25
N ARG Q 312 41.07 -53.94 -41.07
CA ARG Q 312 40.82 -52.50 -41.00
C ARG Q 312 41.26 -51.93 -39.65
N GLY Q 313 41.92 -52.76 -38.84
CA GLY Q 313 42.46 -52.34 -37.56
C GLY Q 313 43.96 -52.10 -37.60
N SER Q 314 44.63 -52.70 -38.58
CA SER Q 314 46.08 -52.58 -38.68
C SER Q 314 46.57 -51.29 -39.34
N SER Q 315 47.86 -51.04 -39.23
CA SER Q 315 48.48 -49.88 -39.85
C SER Q 315 48.54 -50.08 -41.37
N ILE Q 316 48.94 -51.29 -41.78
CA ILE Q 316 48.93 -51.69 -43.19
C ILE Q 316 48.02 -52.92 -43.34
N ARG Q 317 47.16 -52.87 -44.34
CA ARG Q 317 46.19 -53.94 -44.54
C ARG Q 317 46.39 -54.57 -45.93
N ILE Q 318 46.54 -55.89 -45.95
CA ILE Q 318 46.56 -56.57 -47.22
C ILE Q 318 45.15 -57.05 -47.51
N PRO Q 319 44.55 -56.54 -48.59
CA PRO Q 319 43.20 -56.91 -49.01
C PRO Q 319 43.10 -58.42 -49.14
N ARG Q 320 42.04 -59.01 -48.58
CA ARG Q 320 41.84 -60.45 -48.68
C ARG Q 320 41.98 -60.88 -50.14
N SER Q 321 41.38 -60.10 -51.03
CA SER Q 321 41.46 -60.33 -52.47
C SER Q 321 42.93 -60.51 -52.92
N VAL Q 322 43.79 -59.56 -52.55
CA VAL Q 322 45.22 -59.63 -52.88
C VAL Q 322 45.88 -60.88 -52.33
N ALA Q 323 45.66 -61.13 -51.03
CA ALA Q 323 46.17 -62.33 -50.34
C ALA Q 323 45.78 -63.62 -51.06
N LYS Q 324 44.49 -63.79 -51.31
CA LYS Q 324 43.99 -64.97 -52.03
C LYS Q 324 44.64 -65.16 -53.41
N GLU Q 325 44.98 -64.06 -54.09
CA GLU Q 325 45.53 -64.15 -55.45
C GLU Q 325 47.05 -64.12 -55.57
N GLY Q 326 47.74 -63.77 -54.48
CA GLY Q 326 49.19 -63.85 -54.43
C GLY Q 326 49.96 -62.67 -54.99
N TYR Q 327 49.24 -61.65 -55.43
CA TYR Q 327 49.85 -60.42 -55.93
C TYR Q 327 48.84 -59.30 -55.87
N GLY Q 328 49.31 -58.06 -55.96
CA GLY Q 328 48.43 -56.92 -55.88
C GLY Q 328 49.10 -55.72 -55.24
N TYR Q 329 48.46 -55.17 -54.20
CA TYR Q 329 48.93 -53.93 -53.57
C TYR Q 329 48.64 -54.03 -52.08
N PHE Q 330 49.11 -53.05 -51.32
CA PHE Q 330 48.73 -53.01 -49.92
C PHE Q 330 48.12 -51.66 -49.59
N GLU Q 331 47.38 -51.60 -48.50
CA GLU Q 331 46.71 -50.38 -48.08
C GLU Q 331 47.36 -49.85 -46.80
N ASP Q 332 48.04 -48.71 -46.90
CA ASP Q 332 48.52 -48.02 -45.71
C ASP Q 332 47.38 -47.13 -45.18
N ARG Q 333 46.81 -47.52 -44.03
CA ARG Q 333 45.63 -46.85 -43.50
C ARG Q 333 46.00 -45.72 -42.55
N ARG Q 334 47.30 -45.44 -42.42
CA ARG Q 334 47.81 -44.46 -41.47
C ARG Q 334 47.62 -42.99 -41.85
N PRO Q 335 47.82 -42.64 -43.13
CA PRO Q 335 47.82 -41.20 -43.47
C PRO Q 335 46.48 -40.54 -43.19
N ALA Q 336 46.52 -39.31 -42.70
CA ALA Q 336 45.29 -38.59 -42.40
C ALA Q 336 44.75 -37.88 -43.63
N SER Q 337 43.48 -37.50 -43.56
CA SER Q 337 42.82 -36.77 -44.62
C SER Q 337 43.66 -35.58 -45.11
N ASN Q 338 44.34 -34.90 -44.19
CA ASN Q 338 44.98 -33.62 -44.50
C ASN Q 338 46.40 -33.74 -45.01
N ILE Q 339 46.79 -34.96 -45.34
CA ILE Q 339 48.14 -35.19 -45.82
C ILE Q 339 48.46 -34.46 -47.13
N ASP Q 340 49.74 -34.13 -47.34
CA ASP Q 340 50.22 -33.70 -48.66
C ASP Q 340 50.70 -34.94 -49.40
N PRO Q 341 50.00 -35.30 -50.47
CA PRO Q 341 50.26 -36.50 -51.27
C PRO Q 341 51.72 -36.59 -51.70
N TYR Q 342 52.33 -35.44 -52.01
CA TYR Q 342 53.75 -35.40 -52.39
C TYR Q 342 54.61 -36.00 -51.30
N LEU Q 343 54.36 -35.60 -50.05
CA LEU Q 343 55.08 -36.13 -48.88
C LEU Q 343 54.78 -37.61 -48.65
N VAL Q 344 53.52 -37.99 -48.69
CA VAL Q 344 53.18 -39.39 -48.48
C VAL Q 344 53.74 -40.31 -49.58
N THR Q 345 53.42 -39.99 -50.84
CA THR Q 345 53.88 -40.86 -51.93
C THR Q 345 55.40 -40.81 -52.02
N GLY Q 346 55.95 -39.63 -51.75
CA GLY Q 346 57.39 -39.42 -51.70
C GLY Q 346 58.10 -40.34 -50.72
N ILE Q 347 57.81 -40.18 -49.43
CA ILE Q 347 58.43 -41.03 -48.43
C ILE Q 347 58.05 -42.52 -48.59
N MET Q 348 56.88 -42.81 -49.17
CA MET Q 348 56.48 -44.19 -49.36
C MET Q 348 57.51 -44.82 -50.27
N CYS Q 349 57.80 -44.12 -51.37
CA CYS Q 349 58.77 -44.58 -52.35
C CYS Q 349 60.15 -44.70 -51.72
N GLU Q 350 60.56 -43.65 -51.02
CA GLU Q 350 61.84 -43.61 -50.31
C GLU Q 350 62.08 -44.87 -49.49
N THR Q 351 61.10 -45.28 -48.69
CA THR Q 351 61.35 -46.41 -47.80
C THR Q 351 60.99 -47.77 -48.42
N VAL Q 352 60.13 -47.78 -49.44
CA VAL Q 352 59.76 -49.04 -50.06
C VAL Q 352 60.75 -49.40 -51.15
N CYS Q 353 61.17 -48.40 -51.92
CA CYS Q 353 62.02 -48.61 -53.08
C CYS Q 353 63.49 -48.37 -52.75
N GLY Q 354 63.74 -47.48 -51.79
CA GLY Q 354 65.10 -47.19 -51.37
C GLY Q 354 65.48 -45.72 -51.35
N ALA Q 355 66.22 -45.33 -50.31
CA ALA Q 355 66.63 -43.94 -50.12
C ALA Q 355 67.55 -43.45 -51.24
N ILE Q 356 67.81 -42.16 -51.24
CA ILE Q 356 68.72 -41.56 -52.19
C ILE Q 356 69.56 -40.54 -51.44
N ASP Q 357 70.85 -40.45 -51.78
CA ASP Q 357 71.75 -39.45 -51.19
C ASP Q 357 71.40 -38.08 -51.80
N ASN Q 358 70.70 -38.17 -52.93
CA ASN Q 358 70.25 -37.02 -53.67
C ASN Q 358 69.03 -36.31 -53.02
N ALA Q 359 68.29 -37.04 -52.17
CA ALA Q 359 67.11 -36.50 -51.49
C ALA Q 359 66.73 -37.22 -50.19
N ASP Q 360 66.20 -36.44 -49.25
CA ASP Q 360 65.70 -36.95 -47.96
C ASP Q 360 64.27 -36.48 -47.69
N MET Q 361 63.29 -37.38 -47.81
CA MET Q 361 61.87 -37.02 -47.68
C MET Q 361 61.58 -36.41 -46.34
N THR Q 362 62.00 -37.11 -45.30
CA THR Q 362 61.75 -36.64 -43.95
C THR Q 362 62.41 -35.27 -43.66
N LYS Q 363 63.59 -35.04 -44.21
CA LYS Q 363 64.19 -33.72 -44.07
C LYS Q 363 63.32 -32.65 -44.75
N GLU Q 364 62.75 -33.01 -45.91
CA GLU Q 364 61.85 -32.11 -46.64
C GLU Q 364 60.74 -31.74 -45.67
N PHE Q 365 61.04 -30.72 -44.88
CA PHE Q 365 60.20 -30.26 -43.79
C PHE Q 365 60.90 -29.02 -43.37
N GLU Q 366 60.73 -28.02 -44.23
CA GLU Q 366 61.47 -26.78 -44.24
C GLU Q 366 60.48 -25.61 -44.05
N ARG R 21 14.13 -7.51 -84.12
CA ARG R 21 13.31 -7.71 -85.33
C ARG R 21 13.95 -7.10 -86.58
N GLY R 22 15.23 -7.39 -86.81
CA GLY R 22 15.95 -6.74 -87.88
C GLY R 22 16.70 -5.52 -87.40
N ARG R 23 16.25 -4.96 -86.27
CA ARG R 23 16.91 -3.78 -85.73
C ARG R 23 18.01 -4.12 -84.71
N ILE R 24 18.75 -3.07 -84.33
CA ILE R 24 19.92 -3.17 -83.46
C ILE R 24 19.76 -2.23 -82.27
N ILE R 25 20.22 -2.66 -81.10
CA ILE R 25 20.27 -1.75 -79.95
C ILE R 25 21.70 -1.34 -79.62
N ALA R 26 21.92 -0.03 -79.56
CA ALA R 26 23.21 0.51 -79.17
C ALA R 26 23.06 1.20 -77.83
N GLU R 27 23.80 0.70 -76.84
CA GLU R 27 23.81 1.36 -75.56
C GLU R 27 24.96 2.36 -75.58
N TYR R 28 24.62 3.64 -75.42
CA TYR R 28 25.64 4.65 -75.31
C TYR R 28 26.08 4.78 -73.84
N VAL R 29 27.39 4.69 -73.61
CA VAL R 29 27.94 4.74 -72.27
C VAL R 29 28.90 5.90 -72.21
N TRP R 30 28.77 6.75 -71.19
CA TRP R 30 29.71 7.87 -71.02
C TRP R 30 30.05 8.15 -69.56
N ILE R 31 30.96 9.10 -69.36
CA ILE R 31 31.48 9.40 -68.03
C ILE R 31 30.88 10.70 -67.54
N ASP R 32 30.44 10.71 -66.29
CA ASP R 32 29.71 11.88 -65.74
C ASP R 32 30.52 12.82 -64.84
N GLY R 33 29.79 13.78 -64.24
CA GLY R 33 30.37 14.80 -63.38
C GLY R 33 30.53 14.34 -61.95
N THR R 34 30.30 13.04 -61.74
CA THR R 34 30.70 12.36 -60.53
C THR R 34 31.70 11.34 -61.06
N GLY R 35 31.96 10.27 -60.31
CA GLY R 35 32.96 9.31 -60.78
C GLY R 35 32.40 8.11 -61.50
N ASN R 36 31.24 8.27 -62.16
CA ASN R 36 30.48 7.12 -62.65
C ASN R 36 30.26 7.07 -64.15
N LEU R 37 29.85 5.89 -64.62
CA LEU R 37 29.31 5.76 -65.95
C LEU R 37 27.81 6.13 -65.96
N ARG R 38 27.32 6.54 -67.12
CA ARG R 38 25.90 6.69 -67.37
C ARG R 38 25.62 6.01 -68.72
N SER R 39 24.37 5.61 -68.94
CA SER R 39 23.99 5.06 -70.23
C SER R 39 22.50 5.20 -70.57
N LYS R 40 22.23 5.20 -71.87
CA LYS R 40 20.89 5.00 -72.36
C LYS R 40 21.05 4.23 -73.64
N GLY R 41 19.93 3.68 -74.13
CA GLY R 41 19.97 2.91 -75.36
C GLY R 41 19.09 3.48 -76.46
N ARG R 42 19.52 3.24 -77.70
CA ARG R 42 18.73 3.63 -78.87
C ARG R 42 18.72 2.51 -79.91
N THR R 43 17.60 2.38 -80.59
CA THR R 43 17.46 1.46 -81.71
C THR R 43 18.11 2.02 -82.97
N LEU R 44 18.78 1.16 -83.72
CA LEU R 44 19.39 1.55 -84.99
C LEU R 44 18.81 0.63 -86.06
N LYS R 45 18.74 1.13 -87.28
CA LYS R 45 18.05 0.40 -88.34
C LYS R 45 18.79 -0.86 -88.76
N LYS R 46 20.11 -0.85 -88.65
CA LYS R 46 20.94 -1.91 -89.24
C LYS R 46 22.19 -2.21 -88.40
N ARG R 47 22.71 -3.43 -88.53
CA ARG R 47 23.94 -3.82 -87.87
C ARG R 47 25.08 -2.83 -88.16
N ILE R 48 25.91 -2.55 -87.16
CA ILE R 48 27.03 -1.60 -87.34
C ILE R 48 28.33 -2.30 -87.72
N THR R 49 29.08 -1.70 -88.64
CA THR R 49 30.34 -2.28 -89.09
C THR R 49 31.54 -1.34 -89.00
N SER R 50 31.29 -0.08 -88.66
CA SER R 50 32.39 0.83 -88.33
C SER R 50 31.89 2.02 -87.53
N ILE R 51 32.80 2.58 -86.72
CA ILE R 51 32.46 3.66 -85.79
C ILE R 51 31.75 4.80 -86.53
N ASP R 52 32.09 4.95 -87.80
CA ASP R 52 31.56 6.00 -88.65
C ASP R 52 30.04 5.96 -88.78
N GLN R 53 29.47 4.76 -88.67
CA GLN R 53 28.03 4.63 -88.81
C GLN R 53 27.26 5.05 -87.55
N LEU R 54 27.97 5.18 -86.43
CA LEU R 54 27.36 5.57 -85.16
C LEU R 54 27.16 7.07 -85.07
N PRO R 55 25.91 7.48 -84.86
CA PRO R 55 25.44 8.86 -84.79
C PRO R 55 25.91 9.58 -83.53
N GLU R 56 26.05 10.91 -83.60
CA GLU R 56 26.20 11.71 -82.40
C GLU R 56 24.93 11.54 -81.58
N TRP R 57 24.99 11.98 -80.34
CA TRP R 57 23.83 11.90 -79.48
C TRP R 57 24.02 12.87 -78.34
N ASN R 58 23.08 12.90 -77.41
CA ASN R 58 23.16 13.89 -76.36
C ASN R 58 22.29 13.52 -75.15
N PHE R 59 22.44 14.31 -74.09
CA PHE R 59 21.72 14.07 -72.87
C PHE R 59 21.66 15.34 -72.06
N ASP R 60 20.98 15.27 -70.93
CA ASP R 60 20.81 16.43 -70.07
C ASP R 60 21.97 16.53 -69.09
N GLY R 61 22.98 17.32 -69.44
CA GLY R 61 24.18 17.44 -68.61
C GLY R 61 23.92 17.90 -67.18
N SER R 62 22.76 18.51 -66.95
CA SER R 62 22.42 19.03 -65.63
C SER R 62 21.97 17.89 -64.70
N SER R 63 21.55 16.77 -65.28
CA SER R 63 21.14 15.63 -64.50
C SER R 63 22.34 14.74 -64.17
N THR R 64 23.52 15.11 -64.66
CA THR R 64 24.71 14.31 -64.44
C THR R 64 25.88 15.11 -63.92
N ASN R 65 25.59 16.36 -63.54
CA ASN R 65 26.63 17.24 -63.00
C ASN R 65 27.73 17.55 -64.04
N GLN R 66 27.32 17.98 -65.23
CA GLN R 66 28.26 18.32 -66.29
C GLN R 66 27.88 19.67 -66.92
N ALA R 67 26.65 20.10 -66.66
CA ALA R 67 26.10 21.35 -67.20
C ALA R 67 25.21 22.04 -66.15
N PRO R 68 24.88 23.33 -66.37
CA PRO R 68 24.28 24.19 -65.34
C PRO R 68 22.75 24.24 -65.32
N GLY R 69 22.09 23.85 -66.41
CA GLY R 69 20.65 23.96 -66.50
C GLY R 69 20.31 25.05 -67.48
N HIS R 70 21.22 25.25 -68.42
CA HIS R 70 21.06 26.17 -69.55
C HIS R 70 22.28 26.02 -70.47
N ASP R 73 23.02 20.64 -70.97
CA ASP R 73 22.82 20.13 -72.34
C ASP R 73 24.08 19.69 -73.15
N ILE R 74 24.55 18.44 -72.97
CA ILE R 74 25.82 17.97 -73.58
C ILE R 74 25.69 16.91 -74.68
N TYR R 75 26.71 16.85 -75.54
CA TYR R 75 26.72 15.98 -76.73
C TYR R 75 27.65 14.75 -76.62
N LEU R 76 27.27 13.66 -77.30
CA LEU R 76 27.98 12.38 -77.21
C LEU R 76 28.66 11.95 -78.52
N LYS R 77 29.99 11.96 -78.52
CA LYS R 77 30.72 11.56 -79.71
C LYS R 77 31.24 10.14 -79.57
N PRO R 78 30.63 9.21 -80.34
CA PRO R 78 31.07 7.81 -80.31
C PRO R 78 32.59 7.74 -80.49
N VAL R 79 33.23 6.89 -79.70
CA VAL R 79 34.67 6.83 -79.65
C VAL R 79 35.16 5.40 -79.83
N ALA R 80 34.40 4.46 -79.26
CA ALA R 80 34.69 3.04 -79.44
C ALA R 80 33.37 2.29 -79.32
N TYR R 81 33.33 1.08 -79.85
CA TYR R 81 32.13 0.25 -79.71
C TYR R 81 32.48 -1.22 -79.68
N TYR R 82 31.64 -1.99 -79.00
CA TYR R 82 31.89 -3.42 -78.79
C TYR R 82 30.56 -4.14 -78.78
N PRO R 83 30.59 -5.47 -78.96
CA PRO R 83 29.40 -6.30 -78.77
C PRO R 83 28.93 -6.15 -77.32
N ASP R 84 27.63 -6.01 -77.14
CA ASP R 84 27.04 -5.89 -75.82
C ASP R 84 26.96 -7.28 -75.17
N PRO R 85 27.74 -7.51 -74.09
CA PRO R 85 27.79 -8.84 -73.47
C PRO R 85 26.47 -9.14 -72.78
N PHE R 86 25.67 -8.09 -72.55
CA PHE R 86 24.39 -8.28 -71.90
C PHE R 86 23.24 -8.51 -72.89
N ARG R 87 23.05 -7.60 -73.84
CA ARG R 87 21.98 -7.75 -74.81
C ARG R 87 22.34 -8.78 -75.87
N ARG R 88 23.64 -9.07 -75.99
CA ARG R 88 24.14 -10.03 -76.97
C ARG R 88 23.55 -9.85 -78.39
N GLY R 89 23.70 -10.88 -79.22
CA GLY R 89 23.28 -10.76 -80.59
C GLY R 89 24.09 -9.68 -81.30
N ASP R 90 23.47 -8.99 -82.27
CA ASP R 90 24.16 -7.95 -83.00
C ASP R 90 24.01 -6.61 -82.27
N ASN R 91 23.58 -6.69 -81.02
CA ASN R 91 23.48 -5.49 -80.21
C ASN R 91 24.86 -5.08 -79.74
N ILE R 92 25.01 -3.79 -79.45
CA ILE R 92 26.34 -3.21 -79.28
C ILE R 92 26.38 -2.16 -78.17
N VAL R 93 27.55 -2.01 -77.55
CA VAL R 93 27.80 -0.98 -76.56
C VAL R 93 28.74 0.05 -77.16
N VAL R 94 28.40 1.34 -76.99
CA VAL R 94 29.14 2.44 -77.58
C VAL R 94 29.70 3.38 -76.53
N LEU R 95 31.03 3.42 -76.42
CA LEU R 95 31.68 4.35 -75.53
C LEU R 95 31.72 5.76 -76.16
N ALA R 96 31.04 6.71 -75.55
CA ALA R 96 30.96 8.07 -76.09
C ALA R 96 31.66 9.11 -75.20
N ALA R 97 32.34 10.07 -75.84
CA ALA R 97 32.98 11.16 -75.13
C ALA R 97 32.06 12.37 -75.11
N CYS R 98 32.21 13.19 -74.06
CA CYS R 98 31.29 14.30 -73.83
C CYS R 98 31.84 15.64 -74.33
N TYR R 99 31.13 16.26 -75.26
CA TYR R 99 31.52 17.58 -75.76
C TYR R 99 30.38 18.55 -75.49
N ASN R 100 30.71 19.74 -75.00
CA ASN R 100 29.74 20.82 -74.81
C ASN R 100 29.28 21.34 -76.15
N ASN R 101 28.26 22.18 -76.16
CA ASN R 101 27.76 22.75 -77.42
C ASN R 101 28.77 23.67 -78.14
N ASP R 102 29.85 24.05 -77.44
CA ASP R 102 30.93 24.84 -78.06
C ASP R 102 31.60 23.98 -79.11
N GLY R 103 31.66 22.68 -78.84
CA GLY R 103 32.50 21.78 -79.61
C GLY R 103 33.67 21.44 -78.71
N THR R 104 33.76 22.16 -77.60
CA THR R 104 34.80 21.92 -76.58
C THR R 104 34.47 20.70 -75.72
N PRO R 105 35.51 19.96 -75.35
CA PRO R 105 35.37 18.81 -74.45
C PRO R 105 34.91 19.24 -73.05
N ASN R 106 33.79 18.69 -72.61
CA ASN R 106 33.24 18.91 -71.28
C ASN R 106 34.30 18.97 -70.16
N LYS R 107 33.96 19.63 -69.05
CA LYS R 107 34.79 19.62 -67.85
C LYS R 107 35.42 18.23 -67.67
N PHE R 108 34.60 17.19 -67.77
CA PHE R 108 35.04 15.86 -67.34
C PHE R 108 35.47 14.99 -68.48
N ASN R 109 35.63 15.59 -69.66
CA ASN R 109 36.21 14.87 -70.77
C ASN R 109 37.71 15.09 -70.76
N HIS R 110 38.44 14.06 -70.36
CA HIS R 110 39.89 14.15 -70.36
C HIS R 110 40.44 13.19 -71.40
N ARG R 111 39.54 12.62 -72.20
CA ARG R 111 39.98 11.72 -73.27
C ARG R 111 40.68 12.53 -74.37
N HIS R 112 40.11 13.68 -74.65
CA HIS R 112 40.62 14.54 -75.72
C HIS R 112 42.03 14.98 -75.40
N GLU R 113 42.21 15.62 -74.23
CA GLU R 113 43.55 16.07 -73.83
C GLU R 113 44.62 14.97 -73.98
N ALA R 114 44.36 13.80 -73.39
CA ALA R 114 45.28 12.68 -73.45
C ALA R 114 45.57 12.26 -74.90
N ALA R 115 44.52 12.23 -75.71
CA ALA R 115 44.67 11.85 -77.10
C ALA R 115 45.78 12.65 -77.77
N LYS R 116 45.76 13.95 -77.51
CA LYS R 116 46.78 14.84 -78.06
C LYS R 116 48.16 14.26 -77.79
N LEU R 117 48.43 13.99 -76.52
CA LEU R 117 49.72 13.46 -76.15
C LEU R 117 50.06 12.14 -76.85
N PHE R 118 49.09 11.23 -76.91
CA PHE R 118 49.32 9.92 -77.54
C PHE R 118 49.56 10.08 -79.04
N ALA R 119 48.85 11.04 -79.64
CA ALA R 119 49.01 11.31 -81.06
C ALA R 119 50.42 11.87 -81.31
N ALA R 120 50.84 12.82 -80.48
CA ALA R 120 52.18 13.37 -80.58
C ALA R 120 53.23 12.26 -80.54
N HIS R 121 53.16 11.43 -79.51
CA HIS R 121 54.21 10.44 -79.32
C HIS R 121 53.86 9.09 -79.92
N LYS R 122 53.04 9.12 -80.98
CA LYS R 122 52.72 7.92 -81.77
C LYS R 122 53.94 7.01 -81.90
N ASP R 123 55.08 7.64 -82.21
CA ASP R 123 56.30 6.93 -82.51
C ASP R 123 56.80 6.04 -81.36
N GLU R 124 56.62 6.50 -80.12
CA GLU R 124 57.09 5.73 -78.98
C GLU R 124 56.29 4.45 -78.74
N GLU R 125 55.02 4.48 -79.14
CA GLU R 125 54.14 3.33 -78.92
C GLU R 125 54.05 2.96 -77.44
N ILE R 126 53.53 3.88 -76.61
CA ILE R 126 53.35 3.57 -75.19
C ILE R 126 52.34 2.43 -75.07
N TRP R 127 52.67 1.51 -74.18
CA TRP R 127 51.74 0.48 -73.81
C TRP R 127 51.40 0.59 -72.32
N PHE R 128 50.14 0.34 -71.99
CA PHE R 128 49.72 0.33 -70.62
C PHE R 128 49.05 -1.00 -70.28
N GLY R 129 49.11 -1.34 -69.00
CA GLY R 129 48.36 -2.48 -68.47
C GLY R 129 47.93 -2.06 -67.08
N LEU R 130 46.62 -1.87 -66.87
CA LEU R 130 46.15 -1.44 -65.56
C LEU R 130 45.69 -2.65 -64.75
N GLU R 131 45.92 -2.62 -63.43
CA GLU R 131 45.43 -3.67 -62.53
C GLU R 131 44.34 -3.04 -61.66
N GLN R 132 43.09 -3.18 -62.09
CA GLN R 132 41.97 -2.55 -61.42
C GLN R 132 41.50 -3.35 -60.23
N GLU R 133 41.68 -2.78 -59.05
CA GLU R 133 41.17 -3.41 -57.84
C GLU R 133 39.86 -2.72 -57.48
N TYR R 134 38.93 -3.49 -56.95
CA TYR R 134 37.63 -2.94 -56.52
C TYR R 134 37.15 -3.72 -55.29
N THR R 135 36.10 -3.20 -54.65
CA THR R 135 35.58 -3.83 -53.44
C THR R 135 34.07 -3.93 -53.49
N LEU R 136 33.54 -5.10 -53.10
CA LEU R 136 32.11 -5.40 -53.24
C LEU R 136 31.23 -4.94 -52.05
N PHE R 137 29.98 -4.56 -52.33
CA PHE R 137 29.12 -4.05 -51.28
C PHE R 137 27.65 -4.49 -51.40
N ASP R 138 27.02 -4.65 -50.23
CA ASP R 138 25.56 -4.81 -50.07
C ASP R 138 24.73 -3.81 -50.84
N MET R 139 23.46 -4.16 -51.05
CA MET R 139 22.49 -3.17 -51.40
C MET R 139 22.36 -2.17 -50.27
N TYR R 140 22.89 -2.53 -49.11
CA TYR R 140 22.76 -1.73 -47.90
C TYR R 140 24.08 -1.03 -47.55
N ASP R 141 25.00 -1.03 -48.52
CA ASP R 141 26.25 -0.31 -48.37
C ASP R 141 27.13 -0.88 -47.26
N ASP R 142 27.00 -2.19 -47.01
CA ASP R 142 27.93 -2.86 -46.12
C ASP R 142 28.79 -3.78 -46.96
N VAL R 143 30.01 -4.06 -46.54
CA VAL R 143 30.88 -4.93 -47.33
C VAL R 143 30.19 -6.24 -47.68
N TYR R 144 30.23 -6.61 -48.96
CA TYR R 144 29.43 -7.72 -49.43
C TYR R 144 29.80 -9.04 -48.78
N GLY R 145 28.83 -9.65 -48.11
CA GLY R 145 29.00 -11.00 -47.57
C GLY R 145 29.67 -11.05 -46.21
N TRP R 146 30.06 -9.89 -45.71
CA TRP R 146 30.72 -9.82 -44.43
C TRP R 146 29.69 -10.07 -43.36
N PRO R 147 30.07 -10.83 -42.31
CA PRO R 147 29.29 -11.04 -41.09
C PRO R 147 28.47 -9.83 -40.69
N LYS R 148 27.22 -10.10 -40.30
CA LYS R 148 26.26 -9.04 -40.04
C LYS R 148 26.67 -8.23 -38.81
N GLY R 149 27.02 -6.96 -39.02
CA GLY R 149 27.47 -6.13 -37.91
C GLY R 149 28.90 -6.37 -37.44
N GLY R 150 29.53 -7.45 -37.92
CA GLY R 150 30.91 -7.78 -37.61
C GLY R 150 31.89 -7.93 -38.79
N TYR R 151 32.83 -8.86 -38.68
CA TYR R 151 33.94 -8.95 -39.61
C TYR R 151 34.28 -10.38 -39.88
N PRO R 152 34.82 -10.66 -41.07
CA PRO R 152 35.40 -11.97 -41.37
C PRO R 152 36.67 -12.19 -40.54
N ALA R 153 37.29 -13.35 -40.68
CA ALA R 153 38.60 -13.59 -40.10
C ALA R 153 39.57 -12.54 -40.64
N PRO R 154 40.74 -12.39 -39.99
CA PRO R 154 41.72 -11.41 -40.46
C PRO R 154 42.34 -11.85 -41.78
N GLN R 155 42.89 -10.87 -42.49
CA GLN R 155 43.42 -11.09 -43.84
C GLN R 155 44.45 -12.21 -43.87
N GLY R 156 44.63 -12.83 -45.03
CA GLY R 156 45.60 -13.89 -45.17
C GLY R 156 45.15 -15.01 -46.08
N PRO R 157 44.00 -15.59 -45.77
CA PRO R 157 43.45 -16.71 -46.53
C PRO R 157 42.57 -16.27 -47.71
N TYR R 158 42.42 -14.96 -47.97
CA TYR R 158 41.52 -14.47 -49.03
C TYR R 158 42.20 -14.17 -50.38
N TYR R 159 43.43 -13.68 -50.33
CA TYR R 159 44.21 -13.43 -51.53
C TYR R 159 44.32 -14.68 -52.39
N CYS R 160 43.79 -14.61 -53.62
CA CYS R 160 43.80 -15.74 -54.55
C CYS R 160 43.15 -16.94 -53.89
N GLY R 161 42.16 -16.67 -53.07
CA GLY R 161 41.52 -17.69 -52.29
C GLY R 161 40.75 -18.71 -53.10
N VAL R 162 40.51 -19.87 -52.49
CA VAL R 162 39.59 -20.83 -53.03
C VAL R 162 39.01 -21.67 -51.89
N GLY R 163 37.69 -21.86 -51.93
CA GLY R 163 36.95 -22.45 -50.84
C GLY R 163 35.82 -21.52 -50.40
N ALA R 164 34.76 -22.12 -49.87
CA ALA R 164 33.54 -21.38 -49.52
C ALA R 164 33.68 -20.05 -48.75
N GLY R 165 34.49 -20.02 -47.71
CA GLY R 165 34.56 -18.78 -46.96
C GLY R 165 35.63 -17.81 -47.44
N LYS R 166 36.45 -18.27 -48.39
CA LYS R 166 37.71 -17.63 -48.74
C LYS R 166 37.54 -16.55 -49.80
N VAL R 167 36.37 -16.49 -50.41
CA VAL R 167 36.19 -15.65 -51.58
C VAL R 167 34.72 -15.26 -51.67
N TYR R 168 34.43 -14.06 -52.15
CA TYR R 168 33.04 -13.59 -52.18
C TYR R 168 32.52 -13.15 -53.56
N ALA R 169 31.39 -13.73 -53.96
CA ALA R 169 30.73 -13.36 -55.21
C ALA R 169 31.54 -13.75 -56.45
N ARG R 170 32.23 -14.90 -56.40
CA ARG R 170 33.07 -15.34 -57.54
C ARG R 170 32.27 -15.43 -58.84
N ASP R 171 31.02 -15.86 -58.74
CA ASP R 171 30.16 -16.00 -59.91
C ASP R 171 29.97 -14.66 -60.61
N MET R 172 29.74 -13.59 -59.84
CA MET R 172 29.62 -12.26 -60.43
C MET R 172 30.93 -11.87 -61.11
N ILE R 173 32.03 -12.02 -60.38
CA ILE R 173 33.36 -11.73 -60.92
C ILE R 173 33.65 -12.45 -62.24
N GLU R 174 33.27 -13.72 -62.31
CA GLU R 174 33.46 -14.55 -63.51
C GLU R 174 32.58 -14.06 -64.65
N ALA R 175 31.33 -13.70 -64.32
CA ALA R 175 30.42 -13.16 -65.32
C ALA R 175 31.06 -11.95 -65.99
N HIS R 176 31.65 -11.09 -65.18
CA HIS R 176 32.33 -9.92 -65.69
C HIS R 176 33.47 -10.30 -66.64
N TYR R 177 34.33 -11.22 -66.20
CA TYR R 177 35.43 -11.69 -67.02
C TYR R 177 34.89 -12.11 -68.39
N ARG R 178 33.91 -13.00 -68.38
CA ARG R 178 33.26 -13.43 -69.61
C ARG R 178 32.80 -12.22 -70.44
N ALA R 179 32.07 -11.30 -69.82
CA ALA R 179 31.52 -10.14 -70.53
C ALA R 179 32.62 -9.42 -71.27
N CYS R 180 33.72 -9.15 -70.55
CA CYS R 180 34.84 -8.41 -71.09
C CYS R 180 35.43 -9.17 -72.29
N LEU R 181 35.63 -10.47 -72.13
CA LEU R 181 36.09 -11.29 -73.26
C LEU R 181 35.16 -11.23 -74.50
N TYR R 182 33.86 -11.34 -74.26
CA TYR R 182 32.88 -11.28 -75.33
C TYR R 182 32.98 -9.97 -76.08
N ALA R 183 33.11 -8.89 -75.32
CA ALA R 183 33.22 -7.56 -75.95
C ALA R 183 34.55 -7.39 -76.65
N GLY R 184 35.45 -8.35 -76.45
CA GLY R 184 36.76 -8.29 -77.07
C GLY R 184 37.73 -7.32 -76.42
N LEU R 185 37.42 -6.89 -75.19
CA LEU R 185 38.36 -6.12 -74.39
C LEU R 185 39.65 -6.90 -74.10
N GLU R 186 40.74 -6.16 -73.88
CA GLU R 186 42.03 -6.79 -73.62
C GLU R 186 42.16 -7.14 -72.13
N ILE R 187 41.27 -7.99 -71.65
CA ILE R 187 41.29 -8.35 -70.25
C ILE R 187 42.27 -9.52 -70.04
N SER R 188 43.38 -9.21 -69.39
CA SER R 188 44.49 -10.13 -69.26
C SER R 188 44.34 -11.20 -68.17
N GLY R 189 43.55 -10.90 -67.15
CA GLY R 189 43.42 -11.84 -66.03
C GLY R 189 42.63 -11.29 -64.87
N ILE R 190 42.33 -12.15 -63.91
CA ILE R 190 41.53 -11.70 -62.79
C ILE R 190 42.16 -12.38 -61.59
N ASN R 191 41.95 -11.83 -60.40
CA ASN R 191 42.36 -12.52 -59.15
C ASN R 191 41.62 -11.99 -57.90
N ALA R 192 41.45 -12.86 -56.90
CA ALA R 192 40.87 -12.39 -55.62
C ALA R 192 41.93 -11.66 -54.78
N GLU R 193 41.58 -10.50 -54.26
CA GLU R 193 42.57 -9.72 -53.53
C GLU R 193 42.65 -10.05 -52.05
N VAL R 194 43.47 -9.29 -51.34
CA VAL R 194 43.84 -9.60 -49.97
C VAL R 194 42.70 -9.44 -48.97
N MET R 195 42.01 -8.29 -49.05
CA MET R 195 40.81 -8.04 -48.26
C MET R 195 39.67 -8.90 -48.77
N PRO R 196 38.92 -9.54 -47.86
CA PRO R 196 37.77 -10.36 -48.28
C PRO R 196 36.75 -9.55 -49.09
N SER R 197 36.21 -10.14 -50.15
CA SER R 197 35.26 -9.47 -51.07
C SER R 197 35.86 -8.23 -51.75
N GLN R 198 37.17 -8.34 -51.99
CA GLN R 198 37.92 -7.38 -52.79
C GLN R 198 38.63 -8.10 -53.94
N TRP R 199 38.43 -7.63 -55.16
CA TRP R 199 38.95 -8.32 -56.34
C TRP R 199 39.79 -7.40 -57.22
N GLU R 200 40.41 -8.02 -58.21
CA GLU R 200 41.19 -7.29 -59.21
C GLU R 200 40.91 -7.90 -60.59
N PHE R 201 40.85 -7.06 -61.60
CA PHE R 201 40.98 -7.55 -62.98
C PHE R 201 42.04 -6.69 -63.66
N GLN R 202 42.80 -7.30 -64.57
CA GLN R 202 43.82 -6.57 -65.31
C GLN R 202 43.46 -6.44 -66.78
N VAL R 203 43.62 -5.24 -67.31
CA VAL R 203 43.44 -4.98 -68.73
C VAL R 203 44.72 -4.47 -69.36
N GLY R 204 45.22 -5.24 -70.32
CA GLY R 204 46.40 -4.82 -71.04
C GLY R 204 47.04 -5.95 -71.82
N PRO R 205 48.00 -5.62 -72.69
CA PRO R 205 48.45 -4.25 -72.89
C PRO R 205 47.57 -3.55 -73.91
N CYS R 206 47.36 -2.25 -73.74
CA CYS R 206 46.61 -1.45 -74.70
C CYS R 206 47.48 -0.28 -75.15
N THR R 207 47.20 0.28 -76.32
CA THR R 207 48.02 1.40 -76.78
C THR R 207 47.33 2.74 -76.60
N GLY R 208 48.02 3.64 -75.91
CA GLY R 208 47.58 5.01 -75.80
C GLY R 208 46.16 5.17 -75.33
N ILE R 209 45.30 5.66 -76.22
CA ILE R 209 43.94 5.99 -75.83
C ILE R 209 43.13 4.73 -75.52
N ASP R 210 43.51 3.62 -76.14
CA ASP R 210 42.83 2.35 -75.89
C ASP R 210 42.74 1.96 -74.42
N MET R 211 43.83 2.14 -73.68
CA MET R 211 43.84 1.83 -72.25
C MET R 211 42.64 2.49 -71.58
N GLY R 212 42.57 3.81 -71.70
CA GLY R 212 41.44 4.52 -71.14
C GLY R 212 40.11 3.96 -71.60
N ASP R 213 39.92 3.88 -72.92
CA ASP R 213 38.66 3.39 -73.48
C ASP R 213 38.27 2.04 -72.91
N GLN R 214 39.17 1.07 -72.98
CA GLN R 214 38.82 -0.26 -72.54
C GLN R 214 38.58 -0.35 -71.04
N LEU R 215 39.37 0.33 -70.22
CA LEU R 215 39.16 0.23 -68.77
C LEU R 215 37.79 0.78 -68.40
N TRP R 216 37.48 1.94 -68.96
CA TRP R 216 36.16 2.51 -68.76
C TRP R 216 35.05 1.56 -69.17
N MET R 217 35.19 0.85 -70.29
CA MET R 217 34.18 -0.13 -70.67
C MET R 217 34.13 -1.30 -69.69
N ALA R 218 35.31 -1.83 -69.33
CA ALA R 218 35.40 -2.88 -68.32
C ALA R 218 34.67 -2.44 -67.03
N ARG R 219 34.84 -1.20 -66.64
CA ARG R 219 34.12 -0.68 -65.50
C ARG R 219 32.60 -0.66 -65.73
N TYR R 220 32.17 -0.21 -66.91
CA TYR R 220 30.74 -0.23 -67.21
C TYR R 220 30.22 -1.66 -67.04
N PHE R 221 30.89 -2.61 -67.67
CA PHE R 221 30.52 -4.02 -67.58
C PHE R 221 30.44 -4.49 -66.14
N LEU R 222 31.43 -4.09 -65.33
CA LEU R 222 31.47 -4.48 -63.91
C LEU R 222 30.23 -3.99 -63.14
N HIS R 223 30.03 -2.68 -63.09
CA HIS R 223 28.82 -2.13 -62.48
C HIS R 223 27.55 -2.83 -62.98
N ARG R 224 27.48 -2.95 -64.30
CA ARG R 224 26.27 -3.39 -64.95
C ARG R 224 25.98 -4.84 -64.65
N VAL R 225 27.00 -5.70 -64.73
CA VAL R 225 26.80 -7.11 -64.47
C VAL R 225 26.49 -7.33 -63.00
N ALA R 226 27.16 -6.58 -62.13
CA ALA R 226 26.93 -6.73 -60.70
C ALA R 226 25.50 -6.30 -60.30
N GLU R 227 24.89 -5.40 -61.07
CA GLU R 227 23.50 -5.06 -60.85
C GLU R 227 22.70 -6.32 -60.71
N GLU R 228 23.01 -7.28 -61.59
CA GLU R 228 22.29 -8.56 -61.64
C GLU R 228 22.43 -9.43 -60.38
N PHE R 229 23.39 -9.09 -59.53
CA PHE R 229 23.64 -9.81 -58.29
C PHE R 229 23.37 -8.91 -57.10
N GLY R 230 22.78 -7.75 -57.37
CA GLY R 230 22.48 -6.81 -56.30
C GLY R 230 23.72 -6.38 -55.56
N ILE R 231 24.84 -6.37 -56.27
CA ILE R 231 26.10 -5.94 -55.70
C ILE R 231 26.48 -4.56 -56.22
N LYS R 232 26.82 -3.66 -55.29
CA LYS R 232 27.39 -2.36 -55.60
C LYS R 232 28.91 -2.48 -55.75
N ILE R 233 29.51 -1.75 -56.68
CA ILE R 233 30.97 -1.79 -56.84
C ILE R 233 31.67 -0.53 -56.35
N SER R 234 32.71 -0.70 -55.55
CA SER R 234 33.38 0.45 -54.94
C SER R 234 34.82 0.60 -55.40
N PHE R 235 35.09 1.73 -56.02
CA PHE R 235 36.44 2.03 -56.47
C PHE R 235 37.16 2.93 -55.45
N HIS R 236 36.55 3.12 -54.29
CA HIS R 236 37.23 3.81 -53.21
C HIS R 236 38.56 3.14 -52.84
N PRO R 237 39.59 3.97 -52.61
CA PRO R 237 40.98 3.53 -52.35
C PRO R 237 41.14 2.84 -50.98
N LYS R 238 40.25 3.15 -50.04
CA LYS R 238 40.30 2.55 -48.72
C LYS R 238 38.89 2.36 -48.21
N PRO R 239 38.23 1.29 -48.65
CA PRO R 239 36.81 1.08 -48.39
C PRO R 239 36.56 0.83 -46.90
N LEU R 240 37.53 0.19 -46.27
CA LEU R 240 37.47 -0.03 -44.85
C LEU R 240 38.72 0.53 -44.16
N LYS R 241 38.48 1.35 -43.15
CA LYS R 241 39.59 1.92 -42.40
C LYS R 241 40.24 0.81 -41.62
N GLY R 242 41.53 0.94 -41.38
CA GLY R 242 42.23 -0.05 -40.59
C GLY R 242 43.37 -0.72 -41.33
N ASP R 243 43.52 -2.01 -41.06
CA ASP R 243 44.57 -2.78 -41.72
C ASP R 243 44.07 -3.50 -42.96
N TRP R 244 42.76 -3.46 -43.17
CA TRP R 244 42.17 -3.99 -44.39
C TRP R 244 42.75 -3.29 -45.61
N ASN R 245 43.21 -4.08 -46.58
CA ASN R 245 43.86 -3.52 -47.77
C ASN R 245 43.09 -2.39 -48.46
N GLY R 246 43.85 -1.45 -49.03
CA GLY R 246 43.28 -0.38 -49.82
C GLY R 246 43.06 -0.91 -51.23
N ALA R 247 42.66 -0.05 -52.14
CA ALA R 247 42.40 -0.48 -53.49
C ALA R 247 43.16 0.40 -54.45
N GLY R 248 44.04 -0.19 -55.23
CA GLY R 248 44.81 0.56 -56.20
C GLY R 248 44.48 0.22 -57.64
N CYS R 249 45.07 0.96 -58.56
CA CYS R 249 44.99 0.66 -59.98
C CYS R 249 46.40 0.75 -60.57
N HIS R 250 47.26 -0.17 -60.13
CA HIS R 250 48.64 -0.19 -60.59
C HIS R 250 48.73 -0.02 -62.10
N ALA R 251 49.28 1.11 -62.55
CA ALA R 251 49.51 1.32 -63.99
C ALA R 251 50.90 0.77 -64.41
N ASN R 252 50.90 -0.23 -65.28
CA ASN R 252 52.13 -0.75 -65.87
C ASN R 252 52.45 -0.05 -67.18
N VAL R 253 53.71 0.36 -67.36
CA VAL R 253 54.07 1.22 -68.50
C VAL R 253 55.26 0.69 -69.29
N SER R 254 55.26 0.93 -70.60
CA SER R 254 56.40 0.62 -71.47
C SER R 254 56.34 1.33 -72.85
N THR R 255 57.49 1.74 -73.35
CA THR R 255 57.61 2.31 -74.69
C THR R 255 58.39 1.32 -75.54
N LYS R 256 58.36 1.51 -76.86
CA LYS R 256 58.97 0.55 -77.78
C LYS R 256 60.43 0.27 -77.38
N GLU R 257 61.14 1.33 -77.00
CA GLU R 257 62.53 1.21 -76.60
C GLU R 257 62.71 0.26 -75.41
N MET R 258 61.86 0.46 -74.39
CA MET R 258 61.96 -0.33 -73.17
C MET R 258 61.74 -1.82 -73.44
N ARG R 259 60.94 -2.12 -74.48
CA ARG R 259 60.52 -3.49 -74.77
C ARG R 259 61.59 -4.24 -75.56
N GLN R 260 62.46 -3.50 -76.23
CA GLN R 260 63.57 -4.09 -76.96
C GLN R 260 64.81 -4.16 -76.09
N PRO R 261 65.64 -5.20 -76.28
CA PRO R 261 66.83 -5.45 -75.46
C PRO R 261 67.60 -4.17 -75.12
N GLY R 262 68.16 -4.12 -73.92
CA GLY R 262 68.84 -2.93 -73.44
C GLY R 262 67.84 -1.88 -73.00
N GLY R 263 66.65 -2.37 -72.64
CA GLY R 263 65.55 -1.51 -72.26
C GLY R 263 65.70 -0.84 -70.91
N THR R 264 66.14 -1.59 -69.87
CA THR R 264 66.13 -1.05 -68.49
C THR R 264 66.92 0.27 -68.43
N LYS R 265 67.66 0.53 -69.51
CA LYS R 265 68.24 1.85 -69.75
C LYS R 265 67.14 2.91 -69.77
N TYR R 266 66.26 2.83 -70.77
CA TYR R 266 65.16 3.78 -70.91
C TYR R 266 64.11 3.66 -69.80
N ILE R 267 63.93 2.44 -69.29
CA ILE R 267 63.10 2.23 -68.12
C ILE R 267 63.62 3.09 -66.95
N GLU R 268 64.91 2.96 -66.66
CA GLU R 268 65.55 3.75 -65.61
C GLU R 268 65.41 5.25 -65.87
N GLN R 269 65.59 5.64 -67.12
CA GLN R 269 65.42 7.03 -67.52
C GLN R 269 64.03 7.55 -67.21
N ALA R 270 63.02 6.77 -67.62
CA ALA R 270 61.63 7.13 -67.36
C ALA R 270 61.39 7.25 -65.86
N ILE R 271 61.89 6.28 -65.09
CA ILE R 271 61.69 6.28 -63.64
C ILE R 271 62.23 7.56 -63.02
N GLU R 272 63.34 8.03 -63.57
CA GLU R 272 63.93 9.27 -63.09
C GLU R 272 63.09 10.52 -63.40
N LYS R 273 62.67 10.68 -64.65
CA LYS R 273 61.75 11.77 -64.99
C LYS R 273 60.53 11.74 -64.05
N LEU R 274 60.00 10.52 -63.84
CA LEU R 274 58.83 10.30 -62.99
C LEU R 274 59.08 10.81 -61.57
N SER R 275 60.32 10.60 -61.11
CA SER R 275 60.71 11.00 -59.76
C SER R 275 60.67 12.53 -59.59
N LYS R 276 60.89 13.25 -60.69
CA LYS R 276 60.82 14.71 -60.63
C LYS R 276 59.39 15.23 -60.62
N ARG R 277 58.46 14.41 -61.08
CA ARG R 277 57.08 14.85 -61.18
C ARG R 277 56.12 14.07 -60.29
N HIS R 278 56.64 13.55 -59.18
CA HIS R 278 55.82 12.80 -58.23
C HIS R 278 54.57 13.57 -57.74
N ALA R 279 54.73 14.86 -57.44
CA ALA R 279 53.61 15.62 -56.89
C ALA R 279 52.53 15.81 -57.94
N GLU R 280 52.96 16.11 -59.17
CA GLU R 280 52.03 16.43 -60.26
C GLU R 280 51.20 15.21 -60.64
N HIS R 281 51.85 14.05 -60.58
CA HIS R 281 51.20 12.76 -60.79
C HIS R 281 50.22 12.45 -59.67
N ILE R 282 50.73 12.41 -58.44
CA ILE R 282 49.88 12.21 -57.28
C ILE R 282 48.60 13.06 -57.39
N LYS R 283 48.73 14.30 -57.83
CA LYS R 283 47.57 15.19 -57.88
C LYS R 283 46.46 14.62 -58.76
N LEU R 284 46.84 13.91 -59.83
CA LEU R 284 45.86 13.11 -60.58
C LEU R 284 45.64 11.83 -59.75
N TYR R 285 46.11 10.69 -60.22
CA TYR R 285 46.23 9.48 -59.36
C TYR R 285 45.19 9.11 -58.25
N GLY R 286 44.10 9.87 -58.12
CA GLY R 286 43.02 9.45 -57.25
C GLY R 286 42.82 10.18 -55.94
N SER R 287 41.55 10.47 -55.66
CA SER R 287 41.11 11.15 -54.44
C SER R 287 41.07 10.26 -53.19
N ASP R 288 41.21 10.88 -52.02
CA ASP R 288 41.60 10.19 -50.78
C ASP R 288 42.51 8.97 -50.98
N ASN R 289 43.45 9.10 -51.92
CA ASN R 289 44.52 8.13 -52.05
C ASN R 289 45.37 8.24 -50.78
N ASP R 290 45.23 9.38 -50.09
CA ASP R 290 45.94 9.66 -48.83
C ASP R 290 45.65 8.60 -47.75
N MET R 291 44.47 7.96 -47.84
CA MET R 291 44.17 6.86 -46.91
C MET R 291 44.67 5.51 -47.40
N ARG R 292 45.63 5.56 -48.32
CA ARG R 292 46.26 4.36 -48.89
C ARG R 292 47.82 4.45 -49.00
N SER R 301 53.98 5.50 -49.79
CA SER R 301 53.88 6.85 -49.20
C SER R 301 53.49 8.00 -50.16
N MET R 302 52.61 8.89 -49.69
CA MET R 302 52.00 9.94 -50.52
C MET R 302 52.94 11.07 -50.90
N THR R 303 53.95 11.29 -50.07
CA THR R 303 54.87 12.42 -50.23
C THR R 303 56.24 11.92 -50.69
N ALA R 304 56.56 10.69 -50.31
CA ALA R 304 57.82 10.08 -50.71
C ALA R 304 57.75 9.40 -52.07
N PHE R 305 58.79 9.59 -52.88
CA PHE R 305 58.93 8.83 -54.11
C PHE R 305 60.13 7.90 -54.01
N SER R 306 59.94 6.62 -54.32
CA SER R 306 61.05 5.68 -54.33
C SER R 306 60.85 4.67 -55.45
N SER R 307 61.92 3.98 -55.81
CA SER R 307 61.83 2.93 -56.82
C SER R 307 62.85 1.86 -56.54
N GLY R 308 62.61 0.66 -57.05
CA GLY R 308 63.52 -0.45 -56.86
C GLY R 308 62.98 -1.69 -57.53
N VAL R 309 63.88 -2.62 -57.83
CA VAL R 309 63.50 -3.92 -58.39
C VAL R 309 62.77 -4.74 -57.33
N ALA R 310 61.86 -5.59 -57.78
CA ALA R 310 61.06 -6.44 -56.90
C ALA R 310 60.81 -5.74 -55.57
N ASN R 311 59.95 -4.72 -55.61
CA ASN R 311 59.73 -3.89 -54.45
C ASN R 311 58.28 -3.41 -54.38
N ARG R 312 57.44 -4.19 -53.71
CA ARG R 312 56.03 -3.83 -53.56
C ARG R 312 55.86 -2.70 -52.53
N GLY R 313 56.98 -2.16 -52.06
CA GLY R 313 56.98 -1.03 -51.15
C GLY R 313 57.27 0.30 -51.82
N SER R 314 57.86 0.26 -53.00
CA SER R 314 58.24 1.49 -53.68
C SER R 314 57.08 2.13 -54.46
N SER R 315 57.30 3.37 -54.89
CA SER R 315 56.34 4.06 -55.77
C SER R 315 56.31 3.46 -57.18
N ILE R 316 57.50 3.12 -57.70
CA ILE R 316 57.63 2.43 -58.96
C ILE R 316 58.43 1.16 -58.73
N ARG R 317 57.97 0.06 -59.31
CA ARG R 317 58.59 -1.24 -59.07
C ARG R 317 59.03 -1.84 -60.40
N ILE R 318 60.29 -2.25 -60.47
CA ILE R 318 60.75 -2.97 -61.65
C ILE R 318 60.67 -4.44 -61.34
N PRO R 319 59.81 -5.16 -62.09
CA PRO R 319 59.63 -6.59 -61.87
C PRO R 319 60.98 -7.29 -61.92
N ARG R 320 61.26 -8.17 -60.96
CA ARG R 320 62.51 -8.92 -61.00
C ARG R 320 62.71 -9.54 -62.38
N SER R 321 61.64 -10.09 -62.93
CA SER R 321 61.64 -10.66 -64.28
C SER R 321 62.25 -9.68 -65.30
N VAL R 322 61.68 -8.47 -65.36
CA VAL R 322 62.19 -7.42 -66.24
C VAL R 322 63.67 -7.15 -65.99
N ALA R 323 64.01 -6.88 -64.73
CA ALA R 323 65.40 -6.64 -64.32
C ALA R 323 66.35 -7.73 -64.83
N LYS R 324 66.07 -9.00 -64.51
CA LYS R 324 66.88 -10.13 -64.96
C LYS R 324 67.03 -10.21 -66.50
N GLU R 325 66.01 -9.76 -67.25
CA GLU R 325 66.05 -9.86 -68.70
C GLU R 325 66.54 -8.61 -69.45
N GLY R 326 66.63 -7.49 -68.75
CA GLY R 326 67.21 -6.27 -69.32
C GLY R 326 66.29 -5.41 -70.15
N TYR R 327 65.02 -5.81 -70.24
CA TYR R 327 64.01 -5.02 -70.96
C TYR R 327 62.63 -5.43 -70.49
N GLY R 328 61.63 -4.60 -70.76
CA GLY R 328 60.28 -4.88 -70.32
C GLY R 328 59.48 -3.63 -70.01
N TYR R 329 58.95 -3.56 -68.79
CA TYR R 329 58.07 -2.46 -68.39
C TYR R 329 58.33 -2.16 -66.92
N PHE R 330 57.73 -1.08 -66.44
CA PHE R 330 57.75 -0.83 -65.01
C PHE R 330 56.32 -0.71 -64.46
N GLU R 331 56.18 -0.90 -63.15
CA GLU R 331 54.89 -0.84 -62.47
C GLU R 331 54.82 0.40 -61.59
N ASP R 332 54.01 1.36 -61.97
CA ASP R 332 53.73 2.49 -61.08
C ASP R 332 52.62 2.11 -60.09
N ARG R 333 52.97 1.92 -58.82
CA ARG R 333 52.03 1.39 -57.83
C ARG R 333 51.25 2.50 -57.14
N ARG R 334 51.44 3.72 -57.61
CA ARG R 334 50.87 4.89 -56.93
C ARG R 334 49.37 5.14 -57.18
N PRO R 335 48.90 4.92 -58.43
CA PRO R 335 47.53 5.36 -58.73
C PRO R 335 46.48 4.60 -57.93
N ALA R 336 45.44 5.30 -57.49
CA ALA R 336 44.39 4.65 -56.71
C ALA R 336 43.35 3.97 -57.59
N SER R 337 42.63 3.02 -57.01
CA SER R 337 41.55 2.34 -57.70
C SER R 337 40.59 3.30 -58.42
N ASN R 338 40.36 4.49 -57.87
CA ASN R 338 39.36 5.40 -58.43
C ASN R 338 39.88 6.36 -59.50
N ILE R 339 41.08 6.09 -60.00
CA ILE R 339 41.67 6.97 -61.00
C ILE R 339 40.90 7.01 -62.32
N ASP R 340 40.98 8.14 -63.04
CA ASP R 340 40.54 8.18 -64.43
C ASP R 340 41.73 7.82 -65.31
N PRO R 341 41.67 6.64 -65.97
CA PRO R 341 42.75 6.11 -66.82
C PRO R 341 43.24 7.13 -67.86
N TYR R 342 42.33 7.95 -68.41
CA TYR R 342 42.72 9.02 -69.31
C TYR R 342 43.76 9.96 -68.66
N LEU R 343 43.48 10.38 -67.42
CA LEU R 343 44.40 11.23 -66.67
C LEU R 343 45.70 10.51 -66.34
N VAL R 344 45.62 9.29 -65.85
CA VAL R 344 46.83 8.57 -65.53
C VAL R 344 47.69 8.26 -66.77
N THR R 345 47.12 7.58 -67.76
CA THR R 345 47.91 7.24 -68.96
C THR R 345 48.36 8.52 -69.69
N GLY R 346 47.49 9.53 -69.70
CA GLY R 346 47.83 10.84 -70.25
C GLY R 346 49.09 11.47 -69.63
N ILE R 347 49.03 11.79 -68.35
CA ILE R 347 50.19 12.38 -67.70
C ILE R 347 51.39 11.44 -67.65
N MET R 348 51.16 10.14 -67.70
CA MET R 348 52.28 9.22 -67.75
C MET R 348 53.06 9.47 -69.02
N CYS R 349 52.33 9.55 -70.14
CA CYS R 349 52.94 9.80 -71.44
C CYS R 349 53.62 11.17 -71.44
N GLU R 350 52.88 12.18 -70.96
CA GLU R 350 53.39 13.53 -70.86
C GLU R 350 54.79 13.59 -70.23
N THR R 351 54.99 12.91 -69.12
CA THR R 351 56.25 13.04 -68.40
C THR R 351 57.30 12.00 -68.82
N VAL R 352 56.84 10.88 -69.36
CA VAL R 352 57.79 9.86 -69.78
C VAL R 352 58.26 10.09 -71.20
N CYS R 353 57.34 10.54 -72.05
CA CYS R 353 57.63 10.76 -73.46
C CYS R 353 57.95 12.21 -73.79
N GLY R 354 57.36 13.13 -73.03
CA GLY R 354 57.65 14.54 -73.23
C GLY R 354 56.42 15.42 -73.37
N ALA R 355 56.47 16.59 -72.71
CA ALA R 355 55.35 17.53 -72.73
C ALA R 355 55.04 18.03 -74.14
N ILE R 356 53.94 18.77 -74.23
CA ILE R 356 53.56 19.40 -75.48
C ILE R 356 53.02 20.78 -75.15
N ASP R 357 53.28 21.74 -76.02
CA ASP R 357 52.77 23.09 -75.83
C ASP R 357 51.29 23.07 -76.20
N ASN R 358 50.95 22.02 -76.95
CA ASN R 358 49.61 21.80 -77.44
C ASN R 358 48.67 21.27 -76.35
N ALA R 359 49.24 20.70 -75.28
CA ALA R 359 48.44 20.17 -74.16
C ALA R 359 49.17 20.09 -72.80
N ASP R 360 48.41 20.34 -71.72
CA ASP R 360 48.92 20.22 -70.34
C ASP R 360 48.03 19.30 -69.48
N MET R 361 48.52 18.08 -69.20
CA MET R 361 47.72 17.09 -68.48
C MET R 361 47.27 17.64 -67.13
N THR R 362 48.23 18.12 -66.37
CA THR R 362 47.92 18.58 -65.03
C THR R 362 46.94 19.75 -65.06
N LYS R 363 47.01 20.59 -66.08
CA LYS R 363 46.03 21.68 -66.19
C LYS R 363 44.63 21.13 -66.45
N GLU R 364 44.58 20.07 -67.27
CA GLU R 364 43.32 19.35 -67.53
C GLU R 364 42.72 18.91 -66.19
N PHE R 365 42.06 19.87 -65.56
CA PHE R 365 41.53 19.74 -64.22
C PHE R 365 40.67 20.97 -64.13
N GLU R 366 39.55 20.84 -64.82
CA GLU R 366 38.66 21.92 -65.14
C GLU R 366 37.25 21.65 -64.56
N ARG S 21 -1.83 -26.02 -81.27
CA ARG S 21 -2.17 -27.24 -82.05
C ARG S 21 -2.73 -26.96 -83.47
N GLY S 22 -2.08 -26.06 -84.19
CA GLY S 22 -2.62 -25.62 -85.46
C GLY S 22 -3.42 -24.34 -85.30
N ARG S 23 -3.87 -24.07 -84.08
CA ARG S 23 -4.66 -22.85 -83.84
C ARG S 23 -3.83 -21.66 -83.37
N ILE S 24 -4.46 -20.49 -83.36
CA ILE S 24 -3.81 -19.22 -83.06
C ILE S 24 -4.53 -18.53 -81.90
N ILE S 25 -3.79 -17.86 -81.03
CA ILE S 25 -4.47 -17.06 -80.01
C ILE S 25 -4.32 -15.57 -80.29
N ALA S 26 -5.44 -14.88 -80.27
CA ALA S 26 -5.43 -13.45 -80.48
C ALA S 26 -5.90 -12.77 -79.21
N GLU S 27 -5.04 -11.95 -78.64
CA GLU S 27 -5.44 -11.16 -77.48
C GLU S 27 -5.96 -9.83 -77.97
N TYR S 28 -7.20 -9.55 -77.64
CA TYR S 28 -7.76 -8.26 -78.00
C TYR S 28 -7.52 -7.34 -76.85
N VAL S 29 -6.91 -6.20 -77.16
CA VAL S 29 -6.61 -5.17 -76.18
C VAL S 29 -7.39 -3.90 -76.51
N TRP S 30 -8.02 -3.30 -75.51
CA TRP S 30 -8.69 -2.04 -75.75
C TRP S 30 -8.58 -1.07 -74.57
N ILE S 31 -9.09 0.14 -74.76
CA ILE S 31 -8.99 1.18 -73.77
C ILE S 31 -10.32 1.35 -73.04
N ASP S 32 -10.28 1.44 -71.72
CA ASP S 32 -11.52 1.51 -70.93
C ASP S 32 -11.97 2.91 -70.46
N GLY S 33 -12.99 2.89 -69.61
CA GLY S 33 -13.57 4.11 -69.09
C GLY S 33 -12.86 4.60 -67.84
N THR S 34 -11.73 3.97 -67.53
CA THR S 34 -10.76 4.53 -66.62
C THR S 34 -9.58 4.80 -67.51
N GLY S 35 -8.38 4.86 -66.96
CA GLY S 35 -7.24 5.14 -67.81
C GLY S 35 -6.43 3.94 -68.27
N ASN S 36 -7.08 2.79 -68.36
CA ASN S 36 -6.34 1.53 -68.52
C ASN S 36 -6.63 0.74 -69.77
N LEU S 37 -5.76 -0.21 -70.03
CA LEU S 37 -6.04 -1.18 -71.05
C LEU S 37 -6.85 -2.32 -70.42
N ARG S 38 -7.59 -3.03 -71.27
CA ARG S 38 -8.26 -4.28 -70.87
C ARG S 38 -7.97 -5.28 -71.98
N SER S 39 -8.07 -6.56 -71.66
CA SER S 39 -7.90 -7.56 -72.69
C SER S 39 -8.51 -8.92 -72.34
N LYS S 40 -8.87 -9.64 -73.41
CA LYS S 40 -9.22 -11.06 -73.33
C LYS S 40 -8.66 -11.71 -74.57
N GLY S 41 -8.56 -13.04 -74.54
CA GLY S 41 -8.07 -13.78 -75.68
C GLY S 41 -9.10 -14.70 -76.31
N ARG S 42 -8.93 -14.92 -77.61
CA ARG S 42 -9.75 -15.89 -78.35
C ARG S 42 -8.90 -16.73 -79.32
N THR S 43 -9.27 -17.99 -79.42
CA THR S 43 -8.65 -18.87 -80.38
C THR S 43 -9.16 -18.58 -81.80
N LEU S 44 -8.26 -18.61 -82.77
CA LEU S 44 -8.62 -18.46 -84.18
C LEU S 44 -8.17 -19.72 -84.89
N LYS S 45 -8.87 -20.08 -85.97
CA LYS S 45 -8.61 -21.35 -86.65
C LYS S 45 -7.25 -21.37 -87.38
N LYS S 46 -6.80 -20.22 -87.85
CA LYS S 46 -5.64 -20.14 -88.73
C LYS S 46 -4.78 -18.87 -88.48
N ARG S 47 -3.50 -18.95 -88.82
CA ARG S 47 -2.62 -17.79 -88.77
C ARG S 47 -3.20 -16.57 -89.52
N ILE S 48 -3.01 -15.38 -88.95
CA ILE S 48 -3.55 -14.16 -89.54
C ILE S 48 -2.53 -13.45 -90.42
N THR S 49 -2.97 -12.98 -91.58
CA THR S 49 -2.08 -12.29 -92.54
C THR S 49 -2.57 -10.91 -92.95
N SER S 50 -3.76 -10.50 -92.52
CA SER S 50 -4.18 -9.11 -92.70
C SER S 50 -5.31 -8.76 -91.72
N ILE S 51 -5.35 -7.49 -91.31
CA ILE S 51 -6.35 -7.02 -90.35
C ILE S 51 -7.76 -7.47 -90.70
N ASP S 52 -8.01 -7.62 -92.00
CA ASP S 52 -9.33 -7.98 -92.54
C ASP S 52 -9.83 -9.32 -92.03
N GLN S 53 -8.90 -10.20 -91.69
CA GLN S 53 -9.25 -11.52 -91.22
C GLN S 53 -9.69 -11.52 -89.77
N LEU S 54 -9.42 -10.42 -89.06
CA LEU S 54 -9.76 -10.33 -87.65
C LEU S 54 -11.21 -9.92 -87.47
N PRO S 55 -11.97 -10.74 -86.75
CA PRO S 55 -13.39 -10.58 -86.44
C PRO S 55 -13.69 -9.44 -85.50
N GLU S 56 -14.87 -8.84 -85.62
CA GLU S 56 -15.35 -7.93 -84.58
C GLU S 56 -15.52 -8.75 -83.31
N TRP S 57 -15.65 -8.07 -82.18
CA TRP S 57 -15.83 -8.74 -80.91
C TRP S 57 -16.49 -7.77 -79.97
N ASN S 58 -16.66 -8.17 -78.71
CA ASN S 58 -17.39 -7.34 -77.76
C ASN S 58 -17.12 -7.73 -76.32
N PHE S 59 -17.63 -6.91 -75.41
CA PHE S 59 -17.44 -7.14 -73.99
C PHE S 59 -18.48 -6.37 -73.24
N ASP S 60 -18.53 -6.57 -71.94
CA ASP S 60 -19.51 -5.93 -71.07
C ASP S 60 -19.04 -4.54 -70.65
N GLY S 61 -19.48 -3.52 -71.35
CA GLY S 61 -18.99 -2.17 -71.12
C GLY S 61 -19.26 -1.67 -69.72
N SER S 62 -20.18 -2.34 -69.04
CA SER S 62 -20.57 -1.94 -67.69
C SER S 62 -19.52 -2.38 -66.65
N SER S 63 -18.68 -3.34 -67.03
CA SER S 63 -17.65 -3.84 -66.13
C SER S 63 -16.38 -3.06 -66.34
N THR S 64 -16.42 -2.13 -67.30
CA THR S 64 -15.26 -1.31 -67.60
C THR S 64 -15.56 0.18 -67.64
N ASN S 65 -16.74 0.58 -67.16
CA ASN S 65 -17.12 1.98 -67.09
C ASN S 65 -17.22 2.65 -68.48
N GLN S 66 -17.95 2.00 -69.38
CA GLN S 66 -18.09 2.53 -70.72
C GLN S 66 -19.55 2.46 -71.13
N ALA S 67 -20.33 1.69 -70.36
CA ALA S 67 -21.76 1.50 -70.61
C ALA S 67 -22.52 1.41 -69.29
N PRO S 68 -23.87 1.50 -69.35
CA PRO S 68 -24.68 1.71 -68.15
C PRO S 68 -25.24 0.46 -67.46
N GLY S 69 -25.28 -0.67 -68.17
CA GLY S 69 -25.91 -1.86 -67.63
C GLY S 69 -27.20 -2.11 -68.37
N HIS S 70 -27.22 -1.67 -69.63
CA HIS S 70 -28.32 -1.89 -70.58
C HIS S 70 -27.94 -1.26 -71.93
N ASP S 73 -22.76 -2.85 -72.73
CA ASP S 73 -22.57 -3.76 -73.87
C ASP S 73 -21.88 -3.21 -75.16
N ILE S 74 -20.54 -3.19 -75.20
CA ILE S 74 -19.77 -2.53 -76.28
C ILE S 74 -19.04 -3.45 -77.27
N TYR S 75 -18.78 -2.95 -78.48
CA TYR S 75 -18.17 -3.73 -79.58
C TYR S 75 -16.70 -3.38 -79.85
N LEU S 76 -15.93 -4.36 -80.32
CA LEU S 76 -14.49 -4.18 -80.58
C LEU S 76 -14.12 -4.28 -82.06
N LYS S 77 -13.64 -3.18 -82.63
CA LYS S 77 -13.23 -3.17 -84.04
C LYS S 77 -11.73 -3.22 -84.15
N PRO S 78 -11.21 -4.34 -84.63
CA PRO S 78 -9.75 -4.48 -84.78
C PRO S 78 -9.20 -3.31 -85.56
N VAL S 79 -8.08 -2.77 -85.09
CA VAL S 79 -7.52 -1.56 -85.67
C VAL S 79 -6.06 -1.78 -86.05
N ALA S 80 -5.34 -2.55 -85.24
CA ALA S 80 -3.94 -2.89 -85.50
C ALA S 80 -3.66 -4.25 -84.86
N TYR S 81 -2.66 -4.96 -85.38
CA TYR S 81 -2.29 -6.21 -84.72
C TYR S 81 -0.81 -6.45 -84.87
N TYR S 82 -0.24 -7.17 -83.91
CA TYR S 82 1.20 -7.42 -83.84
C TYR S 82 1.44 -8.82 -83.30
N PRO S 83 2.65 -9.34 -83.49
CA PRO S 83 3.05 -10.59 -82.84
C PRO S 83 3.02 -10.41 -81.33
N ASP S 84 2.45 -11.38 -80.63
CA ASP S 84 2.37 -11.36 -79.18
C ASP S 84 3.74 -11.69 -78.55
N PRO S 85 4.38 -10.69 -77.91
CA PRO S 85 5.72 -10.90 -77.37
C PRO S 85 5.68 -11.87 -76.22
N PHE S 86 4.50 -12.07 -75.65
CA PHE S 86 4.36 -12.95 -74.50
C PHE S 86 4.01 -14.36 -74.93
N ARG S 87 2.95 -14.51 -75.72
CA ARG S 87 2.55 -15.84 -76.17
C ARG S 87 3.49 -16.35 -77.25
N ARG S 88 4.15 -15.42 -77.92
CA ARG S 88 5.04 -15.75 -79.05
C ARG S 88 4.43 -16.69 -80.08
N GLY S 89 5.28 -17.32 -80.87
CA GLY S 89 4.79 -18.16 -81.95
C GLY S 89 3.94 -17.34 -82.90
N ASP S 90 2.94 -17.98 -83.51
CA ASP S 90 2.09 -17.26 -84.48
C ASP S 90 0.95 -16.59 -83.75
N ASN S 91 1.07 -16.51 -82.43
CA ASN S 91 0.07 -15.84 -81.62
C ASN S 91 0.23 -14.34 -81.77
N ILE S 92 -0.87 -13.60 -81.59
CA ILE S 92 -0.93 -12.20 -81.97
C ILE S 92 -1.70 -11.33 -80.94
N VAL S 93 -1.33 -10.06 -80.88
CA VAL S 93 -2.04 -9.06 -80.07
C VAL S 93 -2.83 -8.12 -80.98
N VAL S 94 -4.11 -7.91 -80.68
CA VAL S 94 -4.97 -7.10 -81.54
C VAL S 94 -5.48 -5.84 -80.83
N LEU S 95 -5.08 -4.67 -81.31
CA LEU S 95 -5.56 -3.42 -80.73
C LEU S 95 -6.93 -3.11 -81.30
N ALA S 96 -7.94 -3.08 -80.43
CA ALA S 96 -9.31 -2.87 -80.86
C ALA S 96 -9.88 -1.55 -80.34
N ALA S 97 -10.65 -0.87 -81.19
CA ALA S 97 -11.32 0.36 -80.82
C ALA S 97 -12.74 0.07 -80.37
N CYS S 98 -13.28 0.91 -79.47
CA CYS S 98 -14.60 0.65 -78.89
C CYS S 98 -15.73 1.42 -79.56
N TYR S 99 -16.70 0.70 -80.13
CA TYR S 99 -17.88 1.33 -80.71
C TYR S 99 -19.13 0.85 -79.97
N ASN S 100 -20.02 1.77 -79.62
CA ASN S 100 -21.33 1.41 -79.06
C ASN S 100 -22.18 0.69 -80.09
N ASN S 101 -23.32 0.15 -79.65
CA ASN S 101 -24.23 -0.55 -80.59
C ASN S 101 -24.88 0.37 -81.63
N ASP S 102 -24.76 1.69 -81.45
CA ASP S 102 -25.19 2.65 -82.47
C ASP S 102 -24.35 2.50 -83.72
N GLY S 103 -23.08 2.15 -83.52
CA GLY S 103 -22.09 2.24 -84.56
C GLY S 103 -21.24 3.44 -84.24
N THR S 104 -21.69 4.22 -83.27
CA THR S 104 -20.95 5.38 -82.80
C THR S 104 -19.78 4.97 -81.90
N PRO S 105 -18.68 5.71 -81.99
CA PRO S 105 -17.51 5.50 -81.13
C PRO S 105 -17.83 5.82 -79.68
N ASN S 106 -17.57 4.84 -78.81
CA ASN S 106 -17.77 5.00 -77.37
C ASN S 106 -17.29 6.34 -76.79
N LYS S 107 -17.85 6.73 -75.64
CA LYS S 107 -17.37 7.89 -74.89
C LYS S 107 -15.85 7.99 -74.99
N PHE S 108 -15.16 6.86 -74.76
CA PHE S 108 -13.70 6.88 -74.58
C PHE S 108 -12.94 6.46 -75.82
N ASN S 109 -13.65 6.37 -76.94
CA ASN S 109 -12.98 6.16 -78.19
C ASN S 109 -12.69 7.51 -78.83
N HIS S 110 -11.42 7.89 -78.79
CA HIS S 110 -10.98 9.14 -79.39
C HIS S 110 -10.09 8.86 -80.58
N ARG S 111 -9.96 7.60 -80.92
CA ARG S 111 -9.17 7.22 -82.09
C ARG S 111 -9.88 7.70 -83.35
N HIS S 112 -11.19 7.48 -83.38
CA HIS S 112 -11.99 7.84 -84.54
C HIS S 112 -11.89 9.33 -84.82
N GLU S 113 -12.18 10.15 -83.82
CA GLU S 113 -12.11 11.60 -84.03
C GLU S 113 -10.77 12.02 -84.62
N ALA S 114 -9.67 11.58 -84.01
CA ALA S 114 -8.34 11.95 -84.46
C ALA S 114 -8.10 11.50 -85.89
N ALA S 115 -8.52 10.27 -86.18
CA ALA S 115 -8.37 9.72 -87.51
C ALA S 115 -8.86 10.71 -88.57
N LYS S 116 -10.06 11.24 -88.35
CA LYS S 116 -10.62 12.26 -89.26
C LYS S 116 -9.58 13.31 -89.58
N LEU S 117 -9.00 13.91 -88.55
CA LEU S 117 -7.98 14.94 -88.78
C LEU S 117 -6.77 14.44 -89.57
N PHE S 118 -6.28 13.26 -89.24
CA PHE S 118 -5.10 12.73 -89.91
C PHE S 118 -5.41 12.44 -91.37
N ALA S 119 -6.63 11.96 -91.61
CA ALA S 119 -7.08 11.65 -92.97
C ALA S 119 -7.19 12.94 -93.78
N ALA S 120 -7.78 13.97 -93.17
CA ALA S 120 -7.84 15.28 -93.82
C ALA S 120 -6.46 15.78 -94.24
N HIS S 121 -5.53 15.79 -93.30
CA HIS S 121 -4.22 16.35 -93.57
C HIS S 121 -3.19 15.31 -93.99
N LYS S 122 -3.68 14.25 -94.63
CA LYS S 122 -2.81 13.22 -95.19
C LYS S 122 -1.59 13.85 -95.83
N ASP S 123 -1.82 14.93 -96.56
CA ASP S 123 -0.77 15.55 -97.38
C ASP S 123 0.39 16.09 -96.58
N GLU S 124 0.11 16.62 -95.40
CA GLU S 124 1.17 17.15 -94.53
C GLU S 124 2.10 16.09 -93.97
N GLU S 125 1.60 14.86 -93.82
CA GLU S 125 2.40 13.77 -93.27
C GLU S 125 2.95 14.12 -91.88
N ILE S 126 2.08 14.37 -90.90
CA ILE S 126 2.55 14.68 -89.56
C ILE S 126 3.26 13.46 -89.03
N TRP S 127 4.37 13.71 -88.38
CA TRP S 127 5.09 12.68 -87.65
C TRP S 127 5.13 13.01 -86.16
N PHE S 128 4.98 11.98 -85.34
CA PHE S 128 5.09 12.17 -83.90
C PHE S 128 6.14 11.23 -83.34
N GLY S 129 6.71 11.65 -82.22
CA GLY S 129 7.58 10.80 -81.43
C GLY S 129 7.28 11.12 -79.99
N LEU S 130 6.72 10.17 -79.24
CA LEU S 130 6.39 10.44 -77.85
C LEU S 130 7.50 9.91 -76.93
N GLU S 131 7.74 10.66 -75.85
CA GLU S 131 8.67 10.21 -74.82
C GLU S 131 7.88 9.86 -73.56
N GLN S 132 7.56 8.58 -73.41
CA GLN S 132 6.69 8.11 -72.35
C GLN S 132 7.48 7.88 -71.08
N GLU S 133 7.21 8.69 -70.07
CA GLU S 133 7.82 8.48 -68.78
C GLU S 133 6.80 7.78 -67.90
N TYR S 134 7.28 6.89 -67.03
CA TYR S 134 6.40 6.20 -66.08
C TYR S 134 7.19 5.99 -64.79
N THR S 135 6.47 5.57 -63.74
CA THR S 135 7.09 5.33 -62.43
C THR S 135 6.68 3.97 -61.87
N LEU S 136 7.63 3.24 -61.28
CA LEU S 136 7.40 1.86 -60.82
C LEU S 136 6.85 1.76 -59.38
N PHE S 137 6.06 0.74 -59.09
CA PHE S 137 5.47 0.61 -57.77
C PHE S 137 5.35 -0.83 -57.25
N ASP S 138 5.44 -0.96 -55.92
CA ASP S 138 5.16 -2.19 -55.15
C ASP S 138 3.84 -2.80 -55.50
N MET S 139 3.73 -4.08 -55.19
CA MET S 139 2.42 -4.66 -55.08
C MET S 139 1.64 -3.93 -54.00
N TYR S 140 2.36 -3.19 -53.15
CA TYR S 140 1.77 -2.54 -52.00
C TYR S 140 1.63 -1.05 -52.24
N ASP S 141 1.77 -0.66 -53.50
CA ASP S 141 1.53 0.73 -53.88
C ASP S 141 2.53 1.69 -53.26
N ASP S 142 3.75 1.20 -53.03
CA ASP S 142 4.81 2.07 -52.56
C ASP S 142 5.80 2.12 -53.71
N VAL S 143 6.55 3.22 -53.86
CA VAL S 143 7.52 3.30 -54.93
C VAL S 143 8.47 2.06 -54.97
N TYR S 144 8.63 1.49 -56.15
CA TYR S 144 9.31 0.23 -56.25
C TYR S 144 10.79 0.27 -55.86
N GLY S 145 11.15 -0.51 -54.84
CA GLY S 145 12.54 -0.66 -54.45
C GLY S 145 13.01 0.40 -53.48
N TRP S 146 12.15 1.38 -53.21
CA TRP S 146 12.52 2.43 -52.31
C TRP S 146 12.58 1.87 -50.90
N PRO S 147 13.58 2.31 -50.11
CA PRO S 147 13.72 2.04 -48.67
C PRO S 147 12.37 1.95 -47.96
N LYS S 148 12.28 0.98 -47.06
CA LYS S 148 11.02 0.69 -46.39
C LYS S 148 10.61 1.82 -45.45
N GLY S 149 9.52 2.51 -45.78
CA GLY S 149 9.06 3.62 -44.95
C GLY S 149 9.84 4.91 -45.15
N GLY S 150 10.94 4.83 -45.92
CA GLY S 150 11.78 5.99 -46.22
C GLY S 150 12.05 6.32 -47.69
N TYR S 151 13.26 6.80 -47.97
CA TYR S 151 13.58 7.37 -49.27
C TYR S 151 15.00 7.03 -49.68
N PRO S 152 15.22 6.90 -51.00
CA PRO S 152 16.57 6.75 -51.52
C PRO S 152 17.35 8.05 -51.30
N ALA S 153 18.60 8.09 -51.77
CA ALA S 153 19.36 9.34 -51.75
C ALA S 153 18.64 10.37 -52.61
N PRO S 154 18.99 11.64 -52.48
CA PRO S 154 18.34 12.65 -53.31
C PRO S 154 18.71 12.50 -54.78
N GLN S 155 17.88 13.07 -55.65
CA GLN S 155 18.02 12.90 -57.09
C GLN S 155 19.40 13.35 -57.59
N GLY S 156 19.83 12.79 -58.72
CA GLY S 156 21.11 13.17 -59.29
C GLY S 156 21.81 11.99 -59.91
N PRO S 157 21.99 10.93 -59.13
CA PRO S 157 22.76 9.77 -59.60
C PRO S 157 21.91 8.74 -60.33
N TYR S 158 20.60 9.01 -60.48
CA TYR S 158 19.66 8.03 -61.07
C TYR S 158 19.41 8.19 -62.57
N TYR S 159 19.33 9.43 -63.04
CA TYR S 159 19.17 9.72 -64.46
C TYR S 159 20.24 9.03 -65.32
N CYS S 160 19.80 8.17 -66.23
CA CYS S 160 20.71 7.36 -67.04
C CYS S 160 21.70 6.60 -66.17
N GLY S 161 21.25 6.23 -64.98
CA GLY S 161 22.11 5.56 -64.02
C GLY S 161 22.65 4.20 -64.46
N VAL S 162 23.76 3.83 -63.83
CA VAL S 162 24.26 2.47 -63.95
C VAL S 162 25.03 2.10 -62.68
N GLY S 163 24.74 0.89 -62.17
CA GLY S 163 25.22 0.47 -60.87
C GLY S 163 24.07 0.07 -59.97
N ALA S 164 24.35 -0.84 -59.06
CA ALA S 164 23.32 -1.47 -58.23
C ALA S 164 22.27 -0.56 -57.57
N GLY S 165 22.68 0.56 -56.97
CA GLY S 165 21.66 1.36 -56.32
C GLY S 165 21.04 2.44 -57.20
N LYS S 166 21.60 2.59 -58.39
CA LYS S 166 21.37 3.75 -59.21
C LYS S 166 20.14 3.62 -60.10
N VAL S 167 19.58 2.42 -60.15
CA VAL S 167 18.53 2.13 -61.12
C VAL S 167 17.65 1.01 -60.56
N TYR S 168 16.37 1.01 -60.90
CA TYR S 168 15.48 -0.02 -60.32
C TYR S 168 14.68 -0.83 -61.33
N ALA S 169 14.75 -2.15 -61.21
CA ALA S 169 14.00 -3.06 -62.08
C ALA S 169 14.40 -2.99 -63.57
N ARG S 170 15.70 -2.83 -63.85
CA ARG S 170 16.18 -2.70 -65.23
C ARG S 170 15.73 -3.91 -66.05
N ASP S 171 15.80 -5.09 -65.44
CA ASP S 171 15.45 -6.29 -66.15
C ASP S 171 14.03 -6.19 -66.69
N MET S 172 13.10 -5.71 -65.88
CA MET S 172 11.72 -5.58 -66.35
C MET S 172 11.70 -4.60 -67.52
N ILE S 173 12.35 -3.46 -67.32
CA ILE S 173 12.45 -2.42 -68.35
C ILE S 173 12.97 -2.96 -69.68
N GLU S 174 14.00 -3.81 -69.57
CA GLU S 174 14.60 -4.41 -70.75
C GLU S 174 13.66 -5.38 -71.44
N ALA S 175 12.98 -6.19 -70.64
CA ALA S 175 12.01 -7.14 -71.18
C ALA S 175 10.98 -6.40 -72.05
N HIS S 176 10.53 -5.26 -71.55
CA HIS S 176 9.56 -4.46 -72.27
C HIS S 176 10.12 -3.97 -73.59
N TYR S 177 11.34 -3.41 -73.55
CA TYR S 177 12.04 -3.01 -74.76
C TYR S 177 12.02 -4.15 -75.77
N ARG S 178 12.50 -5.32 -75.35
CA ARG S 178 12.48 -6.50 -76.20
C ARG S 178 11.07 -6.76 -76.74
N ALA S 179 10.09 -6.74 -75.86
CA ALA S 179 8.72 -7.02 -76.25
C ALA S 179 8.29 -6.11 -77.39
N CYS S 180 8.47 -4.82 -77.18
CA CYS S 180 8.11 -3.82 -78.17
C CYS S 180 8.78 -4.08 -79.52
N LEU S 181 10.08 -4.35 -79.48
CA LEU S 181 10.81 -4.71 -80.70
C LEU S 181 10.25 -5.95 -81.41
N TYR S 182 9.92 -6.99 -80.65
CA TYR S 182 9.39 -8.22 -81.22
C TYR S 182 8.09 -7.93 -81.94
N ALA S 183 7.25 -7.13 -81.31
CA ALA S 183 5.97 -6.78 -81.89
C ALA S 183 6.15 -5.90 -83.12
N GLY S 184 7.37 -5.40 -83.29
CA GLY S 184 7.67 -4.49 -84.38
C GLY S 184 7.25 -3.05 -84.16
N LEU S 185 6.97 -2.69 -82.92
CA LEU S 185 6.65 -1.30 -82.59
C LEU S 185 7.83 -0.40 -82.93
N GLU S 186 7.56 0.88 -83.15
CA GLU S 186 8.64 1.81 -83.48
C GLU S 186 9.25 2.39 -82.22
N ILE S 187 9.83 1.51 -81.41
CA ILE S 187 10.38 1.93 -80.14
C ILE S 187 11.80 2.40 -80.36
N SER S 188 12.01 3.71 -80.21
CA SER S 188 13.26 4.33 -80.60
C SER S 188 14.40 4.18 -79.57
N GLY S 189 14.04 4.05 -78.30
CA GLY S 189 15.05 3.98 -77.25
C GLY S 189 14.45 4.04 -75.86
N ILE S 190 15.30 3.83 -74.88
CA ILE S 190 14.85 3.76 -73.51
C ILE S 190 15.91 4.46 -72.66
N ASN S 191 15.53 5.00 -71.50
CA ASN S 191 16.50 5.55 -70.57
C ASN S 191 15.95 5.63 -69.15
N ALA S 192 16.84 5.56 -68.16
CA ALA S 192 16.41 5.71 -66.77
C ALA S 192 16.25 7.18 -66.46
N GLU S 193 15.15 7.53 -65.81
CA GLU S 193 14.87 8.94 -65.53
C GLU S 193 15.47 9.47 -64.22
N VAL S 194 15.14 10.72 -63.92
CA VAL S 194 15.76 11.46 -62.82
C VAL S 194 15.39 10.91 -61.44
N MET S 195 14.09 10.74 -61.22
CA MET S 195 13.59 10.12 -59.99
C MET S 195 13.89 8.63 -59.99
N PRO S 196 14.41 8.11 -58.86
CA PRO S 196 14.75 6.69 -58.77
C PRO S 196 13.51 5.86 -59.06
N SER S 197 13.69 4.74 -59.78
CA SER S 197 12.59 3.86 -60.22
C SER S 197 11.54 4.55 -61.09
N GLN S 198 12.01 5.54 -61.85
CA GLN S 198 11.23 6.21 -62.88
C GLN S 198 11.93 6.03 -64.22
N TRP S 199 11.22 5.56 -65.23
CA TRP S 199 11.84 5.31 -66.53
C TRP S 199 11.17 6.06 -67.66
N GLU S 200 11.79 5.97 -68.84
CA GLU S 200 11.19 6.50 -70.05
C GLU S 200 11.43 5.50 -71.18
N PHE S 201 10.48 5.39 -72.10
CA PHE S 201 10.74 4.77 -73.39
C PHE S 201 10.19 5.71 -74.45
N GLN S 202 10.83 5.75 -75.61
CA GLN S 202 10.36 6.61 -76.69
C GLN S 202 9.88 5.79 -77.87
N VAL S 203 8.77 6.21 -78.45
CA VAL S 203 8.23 5.58 -79.64
C VAL S 203 8.09 6.61 -80.74
N GLY S 204 8.78 6.36 -81.84
CA GLY S 204 8.69 7.26 -82.98
C GLY S 204 9.81 7.03 -83.99
N PRO S 205 9.67 7.66 -85.16
CA PRO S 205 8.52 8.47 -85.50
C PRO S 205 7.39 7.62 -86.10
N CYS S 206 6.15 8.00 -85.81
CA CYS S 206 5.00 7.30 -86.35
C CYS S 206 4.15 8.32 -87.11
N THR S 207 3.34 7.83 -88.05
CA THR S 207 2.50 8.76 -88.80
C THR S 207 1.05 8.73 -88.35
N GLY S 208 0.55 9.90 -87.99
CA GLY S 208 -0.86 10.10 -87.66
C GLY S 208 -1.42 9.17 -86.61
N ILE S 209 -2.31 8.29 -87.04
CA ILE S 209 -2.98 7.40 -86.11
C ILE S 209 -2.01 6.40 -85.51
N ASP S 210 -0.97 6.02 -86.26
CA ASP S 210 0.01 5.06 -85.75
C ASP S 210 0.60 5.41 -84.40
N MET S 211 0.92 6.69 -84.21
CA MET S 211 1.45 7.12 -82.92
C MET S 211 0.54 6.60 -81.81
N GLY S 212 -0.73 7.00 -81.87
CA GLY S 212 -1.70 6.54 -80.88
C GLY S 212 -1.69 5.03 -80.74
N ASP S 213 -1.90 4.35 -81.86
CA ASP S 213 -1.96 2.90 -81.85
C ASP S 213 -0.74 2.28 -81.16
N GLN S 214 0.44 2.66 -81.63
CA GLN S 214 1.66 2.05 -81.10
C GLN S 214 1.94 2.38 -79.62
N LEU S 215 1.74 3.62 -79.20
CA LEU S 215 1.98 3.97 -77.80
C LEU S 215 1.05 3.15 -76.92
N TRP S 216 -0.22 3.10 -77.27
CA TRP S 216 -1.16 2.28 -76.53
C TRP S 216 -0.71 0.82 -76.39
N MET S 217 -0.21 0.23 -77.48
CA MET S 217 0.29 -1.14 -77.43
C MET S 217 1.52 -1.25 -76.55
N ALA S 218 2.45 -0.30 -76.70
CA ALA S 218 3.62 -0.26 -75.83
C ALA S 218 3.19 -0.22 -74.35
N ARG S 219 2.18 0.58 -74.06
CA ARG S 219 1.61 0.61 -72.71
C ARG S 219 1.08 -0.76 -72.31
N TYR S 220 0.29 -1.39 -73.18
CA TYR S 220 -0.21 -2.73 -72.87
C TYR S 220 1.00 -3.60 -72.48
N PHE S 221 2.01 -3.61 -73.35
CA PHE S 221 3.19 -4.44 -73.12
C PHE S 221 3.85 -4.13 -71.79
N LEU S 222 3.94 -2.85 -71.46
CA LEU S 222 4.54 -2.44 -70.21
C LEU S 222 3.79 -3.00 -68.99
N HIS S 223 2.52 -2.62 -68.81
CA HIS S 223 1.68 -3.24 -67.76
C HIS S 223 1.83 -4.77 -67.70
N ARG S 224 1.66 -5.39 -68.85
CA ARG S 224 1.59 -6.82 -68.94
C ARG S 224 2.90 -7.48 -68.56
N VAL S 225 4.03 -6.90 -68.99
CA VAL S 225 5.32 -7.53 -68.75
C VAL S 225 5.68 -7.31 -67.29
N ALA S 226 5.33 -6.14 -66.79
CA ALA S 226 5.61 -5.82 -65.40
C ALA S 226 4.85 -6.73 -64.43
N GLU S 227 3.66 -7.19 -64.83
CA GLU S 227 2.91 -8.21 -64.07
C GLU S 227 3.86 -9.31 -63.63
N GLU S 228 4.68 -9.75 -64.57
CA GLU S 228 5.60 -10.85 -64.33
C GLU S 228 6.65 -10.54 -63.26
N PHE S 229 6.80 -9.26 -62.91
CA PHE S 229 7.76 -8.84 -61.89
C PHE S 229 7.03 -8.29 -60.66
N GLY S 230 5.72 -8.44 -60.64
CA GLY S 230 4.93 -7.94 -59.53
C GLY S 230 5.07 -6.45 -59.37
N ILE S 231 5.32 -5.78 -60.49
CA ILE S 231 5.45 -4.34 -60.51
C ILE S 231 4.21 -3.67 -61.13
N LYS S 232 3.68 -2.68 -60.44
CA LYS S 232 2.60 -1.86 -60.94
C LYS S 232 3.19 -0.67 -61.68
N ILE S 233 2.55 -0.26 -62.76
CA ILE S 233 3.06 0.88 -63.53
C ILE S 233 2.19 2.12 -63.34
N SER S 234 2.82 3.26 -63.05
CA SER S 234 2.08 4.48 -62.80
C SER S 234 2.35 5.57 -63.81
N PHE S 235 1.29 5.98 -64.49
CA PHE S 235 1.40 7.06 -65.46
C PHE S 235 0.99 8.39 -64.85
N HIS S 236 0.88 8.43 -63.52
CA HIS S 236 0.57 9.67 -62.85
C HIS S 236 1.68 10.68 -63.09
N PRO S 237 1.30 11.94 -63.32
CA PRO S 237 2.20 13.06 -63.63
C PRO S 237 3.13 13.47 -62.49
N LYS S 238 2.72 13.18 -61.25
CA LYS S 238 3.53 13.52 -60.09
C LYS S 238 3.33 12.46 -59.01
N PRO S 239 4.04 11.33 -59.17
CA PRO S 239 3.81 10.15 -58.33
C PRO S 239 4.20 10.46 -56.90
N LEU S 240 5.25 11.24 -56.73
CA LEU S 240 5.65 11.66 -55.41
C LEU S 240 5.67 13.16 -55.29
N LYS S 241 4.98 13.68 -54.29
CA LYS S 241 4.91 15.12 -54.07
C LYS S 241 6.30 15.55 -53.61
N GLY S 242 6.65 16.79 -53.94
CA GLY S 242 7.94 17.33 -53.53
C GLY S 242 8.83 17.71 -54.71
N ASP S 243 10.11 17.44 -54.57
CA ASP S 243 11.07 17.82 -55.60
C ASP S 243 11.35 16.65 -56.54
N TRP S 244 10.84 15.48 -56.16
CA TRP S 244 10.95 14.29 -57.01
C TRP S 244 10.30 14.60 -58.35
N ASN S 245 11.01 14.25 -59.44
CA ASN S 245 10.52 14.55 -60.78
C ASN S 245 9.12 14.07 -61.09
N GLY S 246 8.40 14.89 -61.86
CA GLY S 246 7.10 14.51 -62.37
C GLY S 246 7.28 13.56 -63.54
N ALA S 247 6.18 13.21 -64.19
CA ALA S 247 6.24 12.30 -65.33
C ALA S 247 5.49 12.89 -66.52
N GLY S 248 6.21 13.11 -67.60
CA GLY S 248 5.61 13.69 -68.78
C GLY S 248 5.59 12.72 -69.95
N CYS S 249 4.96 13.15 -71.02
CA CYS S 249 4.98 12.42 -72.29
C CYS S 249 5.26 13.40 -73.42
N HIS S 250 6.47 13.95 -73.42
CA HIS S 250 6.87 14.94 -74.40
C HIS S 250 6.47 14.48 -75.79
N ALA S 251 5.54 15.19 -76.43
CA ALA S 251 5.18 14.91 -77.82
C ALA S 251 6.09 15.70 -78.78
N ASN S 252 6.90 14.99 -79.55
CA ASN S 252 7.68 15.59 -80.64
C ASN S 252 6.89 15.62 -81.97
N VAL S 253 6.93 16.75 -82.68
CA VAL S 253 6.06 16.94 -83.84
C VAL S 253 6.81 17.47 -85.05
N SER S 254 6.37 17.05 -86.24
CA SER S 254 6.91 17.56 -87.50
C SER S 254 5.99 17.25 -88.70
N THR S 255 5.92 18.18 -89.64
CA THR S 255 5.24 17.97 -90.91
C THR S 255 6.28 17.88 -92.01
N LYS S 256 5.88 17.43 -93.20
CA LYS S 256 6.82 17.26 -94.30
C LYS S 256 7.61 18.53 -94.54
N GLU S 257 6.92 19.68 -94.50
CA GLU S 257 7.58 20.96 -94.74
C GLU S 257 8.69 21.21 -93.73
N MET S 258 8.42 20.96 -92.44
CA MET S 258 9.39 21.20 -91.38
C MET S 258 10.64 20.34 -91.53
N ARG S 259 10.47 19.20 -92.18
CA ARG S 259 11.55 18.22 -92.28
C ARG S 259 12.48 18.52 -93.47
N GLN S 260 11.98 19.30 -94.43
CA GLN S 260 12.79 19.70 -95.58
C GLN S 260 13.40 21.07 -95.30
N PRO S 261 14.60 21.31 -95.86
CA PRO S 261 15.38 22.52 -95.57
C PRO S 261 14.52 23.77 -95.58
N GLY S 262 14.84 24.74 -94.70
CA GLY S 262 14.05 25.95 -94.57
C GLY S 262 12.82 25.67 -93.72
N GLY S 263 12.92 24.63 -92.93
CA GLY S 263 11.81 24.20 -92.11
C GLY S 263 11.48 25.11 -90.94
N THR S 264 12.51 25.61 -90.22
CA THR S 264 12.24 26.27 -88.91
C THR S 264 11.29 27.41 -89.18
N LYS S 265 11.08 27.70 -90.47
CA LYS S 265 10.04 28.63 -90.91
C LYS S 265 8.68 28.13 -90.46
N TYR S 266 8.31 26.97 -90.97
CA TYR S 266 7.03 26.34 -90.65
C TYR S 266 6.98 25.84 -89.21
N ILE S 267 8.15 25.44 -88.69
CA ILE S 267 8.26 25.12 -87.26
C ILE S 267 7.85 26.31 -86.41
N GLU S 268 8.43 27.47 -86.71
CA GLU S 268 8.08 28.69 -86.01
C GLU S 268 6.60 29.04 -86.17
N GLN S 269 6.08 28.83 -87.38
CA GLN S 269 4.67 29.08 -87.65
C GLN S 269 3.78 28.23 -86.76
N ALA S 270 4.10 26.94 -86.71
CA ALA S 270 3.35 26.01 -85.89
C ALA S 270 3.36 26.47 -84.44
N ILE S 271 4.56 26.76 -83.94
CA ILE S 271 4.74 27.15 -82.54
C ILE S 271 3.86 28.33 -82.22
N GLU S 272 3.66 29.20 -83.19
CA GLU S 272 2.84 30.37 -82.95
C GLU S 272 1.35 30.02 -82.89
N LYS S 273 0.89 29.19 -83.82
CA LYS S 273 -0.48 28.70 -83.77
C LYS S 273 -0.73 28.04 -82.41
N LEU S 274 0.23 27.20 -82.00
CA LEU S 274 0.19 26.51 -80.71
C LEU S 274 0.06 27.47 -79.53
N SER S 275 0.73 28.62 -79.63
CA SER S 275 0.71 29.62 -78.58
C SER S 275 -0.69 30.22 -78.40
N LYS S 276 -1.48 30.21 -79.46
CA LYS S 276 -2.83 30.75 -79.38
C LYS S 276 -3.83 29.76 -78.78
N ARG S 277 -3.47 28.48 -78.81
CA ARG S 277 -4.35 27.44 -78.28
C ARG S 277 -3.77 26.68 -77.08
N HIS S 278 -2.96 27.36 -76.29
CA HIS S 278 -2.34 26.75 -75.11
C HIS S 278 -3.39 26.19 -74.17
N ALA S 279 -4.45 26.94 -73.90
CA ALA S 279 -5.47 26.49 -72.95
C ALA S 279 -6.19 25.26 -73.46
N GLU S 280 -6.57 25.27 -74.73
CA GLU S 280 -7.33 24.17 -75.33
C GLU S 280 -6.52 22.88 -75.32
N HIS S 281 -5.22 23.01 -75.57
CA HIS S 281 -4.28 21.90 -75.49
C HIS S 281 -4.12 21.38 -74.05
N ILE S 282 -3.73 22.27 -73.15
CA ILE S 282 -3.63 21.90 -71.75
C ILE S 282 -4.84 21.10 -71.30
N LYS S 283 -6.05 21.51 -71.70
CA LYS S 283 -7.26 20.82 -71.27
C LYS S 283 -7.25 19.33 -71.64
N LEU S 284 -6.65 18.99 -72.79
CA LEU S 284 -6.37 17.57 -73.06
C LEU S 284 -5.14 17.23 -72.21
N TYR S 285 -3.99 16.98 -72.84
CA TYR S 285 -2.67 16.99 -72.14
C TYR S 285 -2.50 16.42 -70.71
N GLY S 286 -3.55 15.84 -70.12
CA GLY S 286 -3.39 15.10 -68.87
C GLY S 286 -3.94 15.71 -67.60
N SER S 287 -4.55 14.88 -66.79
CA SER S 287 -5.13 15.27 -65.49
C SER S 287 -4.10 15.35 -64.36
N ASP S 288 -4.43 16.16 -63.35
CA ASP S 288 -3.46 16.70 -62.39
C ASP S 288 -2.07 16.92 -62.98
N ASN S 289 -2.03 17.44 -64.20
CA ASN S 289 -0.77 17.89 -64.78
C ASN S 289 -0.40 19.14 -63.99
N ASP S 290 -1.39 19.69 -63.29
CA ASP S 290 -1.17 20.87 -62.47
C ASP S 290 -0.12 20.65 -61.40
N MET S 291 0.10 19.39 -60.99
CA MET S 291 1.15 19.14 -60.00
C MET S 291 2.49 18.87 -60.69
N ARG S 292 2.61 19.30 -61.94
CA ARG S 292 3.84 19.14 -62.70
C ARG S 292 4.29 20.41 -63.46
N SER S 301 5.21 25.72 -66.73
CA SER S 301 4.01 26.37 -66.13
C SER S 301 2.67 26.12 -66.86
N MET S 302 1.62 25.89 -66.07
CA MET S 302 0.32 25.44 -66.58
C MET S 302 -0.48 26.52 -67.30
N THR S 303 -0.23 27.77 -66.93
CA THR S 303 -0.98 28.89 -67.47
C THR S 303 -0.14 29.66 -68.46
N ALA S 304 1.18 29.59 -68.30
CA ALA S 304 2.10 30.30 -69.18
C ALA S 304 2.47 29.45 -70.38
N PHE S 305 2.52 30.10 -71.55
CA PHE S 305 3.06 29.46 -72.73
C PHE S 305 4.36 30.15 -73.14
N SER S 306 5.43 29.38 -73.31
CA SER S 306 6.67 29.95 -73.83
C SER S 306 7.36 28.99 -74.78
N SER S 307 8.29 29.51 -75.58
CA SER S 307 9.07 28.67 -76.48
C SER S 307 10.45 29.25 -76.69
N GLY S 308 11.39 28.40 -77.08
CA GLY S 308 12.75 28.83 -77.34
C GLY S 308 13.62 27.65 -77.69
N VAL S 309 14.76 27.95 -78.31
CA VAL S 309 15.71 26.89 -78.68
C VAL S 309 16.41 26.38 -77.42
N ALA S 310 16.80 25.10 -77.45
CA ALA S 310 17.46 24.45 -76.33
C ALA S 310 16.96 25.01 -75.01
N ASN S 311 15.73 24.66 -74.67
CA ASN S 311 15.07 25.23 -73.51
C ASN S 311 14.15 24.22 -72.84
N ARG S 312 14.70 23.46 -71.89
CA ARG S 312 13.91 22.47 -71.15
C ARG S 312 12.99 23.16 -70.12
N GLY S 313 12.94 24.49 -70.18
CA GLY S 313 12.04 25.26 -69.33
C GLY S 313 10.79 25.74 -70.04
N SER S 314 10.84 25.81 -71.36
CA SER S 314 9.71 26.33 -72.13
C SER S 314 8.61 25.29 -72.36
N SER S 315 7.47 25.75 -72.85
CA SER S 315 6.35 24.88 -73.21
C SER S 315 6.67 24.09 -74.47
N ILE S 316 7.23 24.77 -75.47
CA ILE S 316 7.75 24.12 -76.68
C ILE S 316 9.23 24.42 -76.84
N ARG S 317 10.00 23.39 -77.16
CA ARG S 317 11.44 23.51 -77.23
C ARG S 317 11.95 23.13 -78.61
N ILE S 318 12.70 24.02 -79.23
CA ILE S 318 13.35 23.68 -80.48
C ILE S 318 14.75 23.16 -80.19
N PRO S 319 15.00 21.90 -80.49
CA PRO S 319 16.30 21.28 -80.23
C PRO S 319 17.40 22.12 -80.85
N ARG S 320 18.51 22.33 -80.14
CA ARG S 320 19.59 23.13 -80.68
C ARG S 320 19.99 22.55 -82.03
N SER S 321 20.08 21.23 -82.08
CA SER S 321 20.37 20.52 -83.31
C SER S 321 19.49 21.01 -84.46
N VAL S 322 18.16 20.97 -84.29
CA VAL S 322 17.21 21.45 -85.30
C VAL S 322 17.49 22.91 -85.70
N ALA S 323 17.60 23.77 -84.69
CA ALA S 323 17.88 25.18 -84.92
C ALA S 323 19.13 25.35 -85.79
N LYS S 324 20.25 24.74 -85.38
CA LYS S 324 21.49 24.84 -86.15
C LYS S 324 21.36 24.36 -87.60
N GLU S 325 20.50 23.38 -87.86
CA GLU S 325 20.37 22.82 -89.20
C GLU S 325 19.22 23.41 -90.04
N GLY S 326 18.32 24.16 -89.40
CA GLY S 326 17.31 24.89 -90.15
C GLY S 326 16.04 24.12 -90.49
N TYR S 327 15.97 22.86 -90.06
CA TYR S 327 14.80 22.03 -90.30
C TYR S 327 14.81 20.90 -89.30
N GLY S 328 13.67 20.26 -89.13
CA GLY S 328 13.54 19.16 -88.17
C GLY S 328 12.16 19.11 -87.53
N TYR S 329 12.13 19.15 -86.20
CA TYR S 329 10.89 19.02 -85.44
C TYR S 329 10.94 19.89 -84.20
N PHE S 330 9.82 19.98 -83.50
CA PHE S 330 9.81 20.66 -82.21
C PHE S 330 9.32 19.70 -81.12
N GLU S 331 9.66 20.02 -79.87
CA GLU S 331 9.28 19.21 -78.72
C GLU S 331 8.25 19.94 -77.87
N ASP S 332 7.02 19.43 -77.84
CA ASP S 332 6.03 19.98 -76.92
C ASP S 332 6.19 19.31 -75.57
N ARG S 333 6.72 20.04 -74.58
CA ARG S 333 7.03 19.44 -73.30
C ARG S 333 5.85 19.44 -72.32
N ARG S 334 4.71 19.93 -72.79
CA ARG S 334 3.54 20.13 -71.91
C ARG S 334 2.74 18.86 -71.55
N PRO S 335 2.57 17.90 -72.49
CA PRO S 335 1.68 16.78 -72.17
C PRO S 335 2.19 15.90 -71.01
N ALA S 336 1.27 15.49 -70.14
CA ALA S 336 1.65 14.66 -68.99
C ALA S 336 1.77 13.19 -69.35
N SER S 337 2.45 12.45 -68.49
CA SER S 337 2.63 11.01 -68.70
C SER S 337 1.32 10.28 -68.99
N ASN S 338 0.23 10.73 -68.39
CA ASN S 338 -1.06 10.02 -68.44
C ASN S 338 -1.95 10.43 -69.63
N ILE S 339 -1.35 11.09 -70.62
CA ILE S 339 -2.12 11.58 -71.75
C ILE S 339 -2.65 10.43 -72.60
N ASP S 340 -3.79 10.67 -73.27
CA ASP S 340 -4.25 9.79 -74.35
C ASP S 340 -3.65 10.32 -75.65
N PRO S 341 -2.69 9.56 -76.22
CA PRO S 341 -2.00 9.93 -77.45
C PRO S 341 -2.95 10.34 -78.57
N TYR S 342 -4.12 9.69 -78.65
CA TYR S 342 -5.12 10.03 -79.66
C TYR S 342 -5.51 11.50 -79.53
N LEU S 343 -5.79 11.91 -78.29
CA LEU S 343 -6.16 13.29 -78.01
C LEU S 343 -5.01 14.26 -78.26
N VAL S 344 -3.82 13.92 -77.80
CA VAL S 344 -2.68 14.81 -78.01
C VAL S 344 -2.34 14.93 -79.51
N THR S 345 -2.06 13.81 -80.17
CA THR S 345 -1.67 13.87 -81.57
C THR S 345 -2.82 14.44 -82.38
N GLY S 346 -4.04 14.11 -81.97
CA GLY S 346 -5.23 14.62 -82.63
C GLY S 346 -5.33 16.13 -82.62
N ILE S 347 -5.36 16.73 -81.43
CA ILE S 347 -5.45 18.18 -81.34
C ILE S 347 -4.16 18.85 -81.82
N MET S 348 -3.04 18.14 -81.77
CA MET S 348 -1.81 18.73 -82.30
C MET S 348 -2.00 19.00 -83.78
N CYS S 349 -2.45 17.98 -84.50
CA CYS S 349 -2.75 18.10 -85.93
C CYS S 349 -3.80 19.17 -86.19
N GLU S 350 -4.88 19.13 -85.41
CA GLU S 350 -5.95 20.11 -85.51
C GLU S 350 -5.43 21.55 -85.53
N THR S 351 -4.54 21.90 -84.61
CA THR S 351 -4.13 23.30 -84.50
C THR S 351 -2.88 23.61 -85.34
N VAL S 352 -2.09 22.60 -85.63
CA VAL S 352 -0.90 22.85 -86.45
C VAL S 352 -1.23 22.80 -87.92
N CYS S 353 -2.06 21.85 -88.32
CA CYS S 353 -2.38 21.64 -89.73
C CYS S 353 -3.68 22.29 -90.13
N GLY S 354 -4.59 22.44 -89.18
CA GLY S 354 -5.84 23.14 -89.44
C GLY S 354 -7.11 22.39 -89.06
N ALA S 355 -8.05 23.13 -88.47
CA ALA S 355 -9.30 22.53 -88.02
C ALA S 355 -10.11 21.92 -89.16
N ILE S 356 -11.17 21.22 -88.79
CA ILE S 356 -12.10 20.67 -89.76
C ILE S 356 -13.49 20.85 -89.18
N ASP S 357 -14.46 21.12 -90.07
CA ASP S 357 -15.87 21.25 -89.67
C ASP S 357 -16.42 19.86 -89.41
N ASN S 358 -15.68 18.88 -89.92
CA ASN S 358 -15.99 17.47 -89.80
C ASN S 358 -15.63 16.91 -88.40
N ALA S 359 -14.75 17.61 -87.68
CA ALA S 359 -14.35 17.16 -86.35
C ALA S 359 -13.78 18.27 -85.43
N ASP S 360 -14.04 18.14 -84.13
CA ASP S 360 -13.55 19.06 -83.11
C ASP S 360 -12.86 18.32 -81.96
N MET S 361 -11.53 18.33 -81.94
CA MET S 361 -10.75 17.59 -80.94
C MET S 361 -11.14 17.94 -79.51
N THR S 362 -11.19 19.23 -79.23
CA THR S 362 -11.49 19.66 -77.89
C THR S 362 -12.91 19.23 -77.49
N LYS S 363 -13.84 19.24 -78.42
CA LYS S 363 -15.20 18.78 -78.09
C LYS S 363 -15.19 17.28 -77.75
N GLU S 364 -14.38 16.51 -78.48
CA GLU S 364 -14.16 15.09 -78.20
C GLU S 364 -13.72 14.99 -76.75
N PHE S 365 -14.73 15.02 -75.89
CA PHE S 365 -14.58 15.04 -74.46
C PHE S 365 -15.99 14.80 -74.00
N GLU S 366 -16.38 13.54 -74.17
CA GLU S 366 -17.75 13.08 -74.06
C GLU S 366 -17.84 12.03 -72.91
N ARG T 21 10.71 -45.08 -72.69
CA ARG T 21 11.67 -46.04 -73.24
C ARG T 21 11.02 -46.94 -74.29
N GLY T 22 10.27 -46.35 -75.21
CA GLY T 22 9.47 -47.15 -76.12
C GLY T 22 8.03 -47.28 -75.64
N ARG T 23 7.80 -47.10 -74.35
CA ARG T 23 6.46 -47.26 -73.79
C ARG T 23 5.69 -45.95 -73.70
N ILE T 24 4.41 -46.05 -73.34
CA ILE T 24 3.47 -44.93 -73.33
C ILE T 24 2.80 -44.87 -71.98
N ILE T 25 2.54 -43.66 -71.47
CA ILE T 25 1.73 -43.57 -70.26
C ILE T 25 0.35 -42.98 -70.57
N ALA T 26 -0.67 -43.69 -70.13
CA ALA T 26 -2.05 -43.22 -70.28
C ALA T 26 -2.60 -42.88 -68.92
N GLU T 27 -2.93 -41.62 -68.72
CA GLU T 27 -3.62 -41.23 -67.50
C GLU T 27 -5.12 -41.38 -67.71
N TYR T 28 -5.74 -42.23 -66.91
CA TYR T 28 -7.18 -42.36 -66.98
C TYR T 28 -7.79 -41.34 -66.03
N VAL T 29 -8.74 -40.57 -66.56
CA VAL T 29 -9.41 -39.54 -65.78
C VAL T 29 -10.89 -39.86 -65.76
N TRP T 30 -11.50 -39.84 -64.58
CA TRP T 30 -12.95 -40.04 -64.52
C TRP T 30 -13.63 -39.13 -63.49
N ILE T 31 -14.95 -39.20 -63.43
CA ILE T 31 -15.74 -38.35 -62.54
C ILE T 31 -16.23 -39.15 -61.33
N ASP T 32 -16.12 -38.58 -60.14
CA ASP T 32 -16.44 -39.31 -58.91
C ASP T 32 -17.81 -39.02 -58.28
N GLY T 33 -17.99 -39.55 -57.08
CA GLY T 33 -19.24 -39.43 -56.34
C GLY T 33 -19.28 -38.17 -55.54
N THR T 34 -18.28 -37.33 -55.74
CA THR T 34 -18.32 -35.95 -55.28
C THR T 34 -18.35 -35.19 -56.59
N GLY T 35 -17.94 -33.94 -56.60
CA GLY T 35 -17.98 -33.23 -57.87
C GLY T 35 -16.64 -33.13 -58.56
N ASN T 36 -15.78 -34.12 -58.36
CA ASN T 36 -14.39 -33.98 -58.79
C ASN T 36 -13.94 -34.99 -59.84
N LEU T 37 -12.78 -34.71 -60.42
CA LEU T 37 -12.11 -35.68 -61.25
C LEU T 37 -11.21 -36.55 -60.36
N ARG T 38 -10.92 -37.77 -60.84
CA ARG T 38 -9.95 -38.67 -60.24
C ARG T 38 -9.12 -39.21 -61.37
N SER T 39 -7.89 -39.61 -61.06
CA SER T 39 -7.05 -40.24 -62.08
C SER T 39 -5.95 -41.13 -61.54
N LYS T 40 -5.57 -42.08 -62.38
CA LYS T 40 -4.37 -42.86 -62.18
C LYS T 40 -3.77 -43.10 -63.55
N GLY T 41 -2.51 -43.52 -63.57
CA GLY T 41 -1.82 -43.77 -64.80
C GLY T 41 -1.35 -45.20 -64.98
N ARG T 42 -1.27 -45.62 -66.24
CA ARG T 42 -0.80 -46.96 -66.58
C ARG T 42 0.09 -46.94 -67.82
N THR T 43 1.12 -47.76 -67.79
CA THR T 43 1.98 -47.93 -68.94
C THR T 43 1.29 -48.77 -70.02
N LEU T 44 1.50 -48.38 -71.28
CA LEU T 44 1.01 -49.15 -72.40
C LEU T 44 2.22 -49.48 -73.26
N LYS T 45 2.16 -50.60 -73.96
CA LYS T 45 3.31 -51.09 -74.71
C LYS T 45 3.68 -50.20 -75.91
N LYS T 46 2.68 -49.59 -76.53
CA LYS T 46 2.85 -48.89 -77.81
C LYS T 46 2.00 -47.64 -77.89
N ARG T 47 2.42 -46.71 -78.74
CA ARG T 47 1.64 -45.51 -79.07
C ARG T 47 0.19 -45.85 -79.48
N ILE T 48 -0.76 -45.03 -79.03
CA ILE T 48 -2.16 -45.26 -79.35
C ILE T 48 -2.61 -44.47 -80.56
N THR T 49 -3.40 -45.11 -81.42
CA THR T 49 -3.89 -44.46 -82.63
C THR T 49 -5.41 -44.51 -82.82
N SER T 50 -6.10 -45.19 -81.91
CA SER T 50 -7.57 -45.14 -81.89
C SER T 50 -8.14 -45.61 -80.54
N ILE T 51 -9.27 -45.02 -80.14
CA ILE T 51 -9.86 -45.31 -78.85
C ILE T 51 -9.95 -46.79 -78.63
N ASP T 52 -10.10 -47.54 -79.72
CA ASP T 52 -10.28 -48.99 -79.68
C ASP T 52 -9.13 -49.73 -79.04
N GLN T 53 -7.94 -49.14 -79.10
CA GLN T 53 -6.76 -49.77 -78.52
C GLN T 53 -6.70 -49.61 -77.01
N LEU T 54 -7.46 -48.67 -76.48
CA LEU T 54 -7.46 -48.41 -75.05
C LEU T 54 -8.31 -49.43 -74.30
N PRO T 55 -7.68 -50.13 -73.34
CA PRO T 55 -8.24 -51.16 -72.45
C PRO T 55 -9.24 -50.63 -71.42
N GLU T 56 -10.22 -51.45 -71.07
CA GLU T 56 -11.08 -51.14 -69.93
C GLU T 56 -10.17 -51.10 -68.72
N TRP T 57 -10.69 -50.58 -67.62
CA TRP T 57 -9.91 -50.50 -66.40
C TRP T 57 -10.89 -50.29 -65.26
N ASN T 58 -10.36 -50.13 -64.06
CA ASN T 58 -11.23 -50.09 -62.89
C ASN T 58 -10.57 -49.47 -61.69
N PHE T 59 -11.36 -49.26 -60.65
CA PHE T 59 -10.86 -48.68 -59.44
C PHE T 59 -11.79 -49.05 -58.30
N ASP T 60 -11.43 -48.64 -57.08
CA ASP T 60 -12.20 -48.92 -55.89
C ASP T 60 -13.26 -47.84 -55.69
N GLY T 61 -14.47 -48.12 -56.17
CA GLY T 61 -15.52 -47.12 -56.11
C GLY T 61 -15.87 -46.64 -54.72
N SER T 62 -15.44 -47.41 -53.71
CA SER T 62 -15.72 -47.07 -52.31
C SER T 62 -14.80 -45.97 -51.80
N SER T 63 -13.67 -45.78 -52.47
CA SER T 63 -12.73 -44.73 -52.08
C SER T 63 -13.08 -43.42 -52.78
N THR T 64 -14.10 -43.46 -53.65
CA THR T 64 -14.54 -42.29 -54.40
C THR T 64 -16.04 -42.02 -54.27
N ASN T 65 -16.71 -42.69 -53.34
CA ASN T 65 -18.13 -42.48 -53.13
C ASN T 65 -18.99 -42.82 -54.35
N GLN T 66 -18.76 -44.02 -54.90
CA GLN T 66 -19.51 -44.47 -56.06
C GLN T 66 -19.98 -45.91 -55.86
N ALA T 67 -19.42 -46.55 -54.83
CA ALA T 67 -19.75 -47.92 -54.46
C ALA T 67 -19.72 -48.12 -52.93
N PRO T 68 -20.27 -49.25 -52.44
CA PRO T 68 -20.55 -49.42 -51.01
C PRO T 68 -19.45 -50.08 -50.19
N GLY T 69 -18.53 -50.78 -50.83
CA GLY T 69 -17.54 -51.56 -50.09
C GLY T 69 -17.86 -53.03 -50.27
N HIS T 70 -18.51 -53.35 -51.39
CA HIS T 70 -18.79 -54.71 -51.82
C HIS T 70 -19.47 -54.64 -53.19
N ASP T 73 -16.33 -51.22 -56.03
CA ASP T 73 -15.64 -51.79 -57.18
C ASP T 73 -16.17 -51.45 -58.61
N ILE T 74 -15.72 -50.33 -59.20
CA ILE T 74 -16.25 -49.84 -60.49
C ILE T 74 -15.30 -49.90 -61.69
N TYR T 75 -15.89 -49.96 -62.90
CA TYR T 75 -15.15 -50.14 -64.16
C TYR T 75 -15.04 -48.86 -65.04
N LEU T 76 -13.93 -48.73 -65.77
CA LEU T 76 -13.63 -47.55 -66.60
C LEU T 76 -13.64 -47.84 -68.09
N LYS T 77 -14.62 -47.29 -68.80
CA LYS T 77 -14.72 -47.43 -70.26
C LYS T 77 -14.20 -46.18 -70.96
N PRO T 78 -13.04 -46.30 -71.62
CA PRO T 78 -12.44 -45.18 -72.36
C PRO T 78 -13.47 -44.55 -73.31
N VAL T 79 -13.53 -43.24 -73.34
CA VAL T 79 -14.58 -42.55 -74.06
C VAL T 79 -13.96 -41.52 -75.01
N ALA T 80 -12.89 -40.90 -74.55
CA ALA T 80 -12.14 -39.93 -75.36
C ALA T 80 -10.70 -39.96 -74.88
N TYR T 81 -9.75 -39.58 -75.76
CA TYR T 81 -8.36 -39.47 -75.36
C TYR T 81 -7.66 -38.34 -76.11
N TYR T 82 -6.64 -37.77 -75.48
CA TYR T 82 -5.93 -36.61 -75.99
C TYR T 82 -4.49 -36.70 -75.58
N PRO T 83 -3.64 -35.92 -76.23
CA PRO T 83 -2.24 -35.83 -75.82
C PRO T 83 -2.20 -35.25 -74.42
N ASP T 84 -1.32 -35.78 -73.58
CA ASP T 84 -1.17 -35.30 -72.21
C ASP T 84 -0.31 -34.03 -72.18
N PRO T 85 -0.91 -32.89 -71.86
CA PRO T 85 -0.19 -31.61 -71.92
C PRO T 85 0.89 -31.57 -70.85
N PHE T 86 0.78 -32.45 -69.87
CA PHE T 86 1.74 -32.45 -68.78
C PHE T 86 2.84 -33.45 -69.07
N ARG T 87 2.50 -34.71 -69.33
CA ARG T 87 3.53 -35.71 -69.60
C ARG T 87 4.15 -35.51 -70.98
N ARG T 88 3.42 -34.82 -71.85
CA ARG T 88 3.85 -34.59 -73.22
C ARG T 88 4.38 -35.84 -73.93
N GLY T 89 5.07 -35.64 -75.04
CA GLY T 89 5.51 -36.79 -75.78
C GLY T 89 4.32 -37.53 -76.35
N ASP T 90 4.47 -38.85 -76.49
CA ASP T 90 3.40 -39.70 -77.03
C ASP T 90 2.51 -40.19 -75.89
N ASN T 91 2.65 -39.54 -74.74
CA ASN T 91 1.82 -39.85 -73.59
C ASN T 91 0.48 -39.22 -73.77
N ILE T 92 -0.54 -39.82 -73.15
CA ILE T 92 -1.93 -39.51 -73.47
C ILE T 92 -2.83 -39.47 -72.21
N VAL T 93 -3.87 -38.64 -72.28
CA VAL T 93 -4.89 -38.57 -71.23
C VAL T 93 -6.18 -39.22 -71.74
N VAL T 94 -6.74 -40.15 -70.95
CA VAL T 94 -7.95 -40.86 -71.36
C VAL T 94 -9.15 -40.56 -70.47
N LEU T 95 -10.18 -39.97 -71.06
CA LEU T 95 -11.42 -39.71 -70.34
C LEU T 95 -12.25 -40.97 -70.32
N ALA T 96 -12.54 -41.49 -69.11
CA ALA T 96 -13.24 -42.76 -68.99
C ALA T 96 -14.55 -42.59 -68.27
N ALA T 97 -15.56 -43.33 -68.72
CA ALA T 97 -16.88 -43.37 -68.09
C ALA T 97 -16.99 -44.49 -67.06
N CYS T 98 -17.76 -44.27 -66.00
CA CYS T 98 -17.88 -45.27 -64.95
C CYS T 98 -19.09 -46.18 -65.11
N TYR T 99 -18.84 -47.47 -65.25
CA TYR T 99 -19.92 -48.46 -65.28
C TYR T 99 -19.77 -49.42 -64.09
N ASN T 100 -20.87 -49.70 -63.41
CA ASN T 100 -20.88 -50.74 -62.38
C ASN T 100 -20.65 -52.13 -62.98
N ASN T 101 -20.46 -53.13 -62.13
CA ASN T 101 -20.25 -54.50 -62.61
C ASN T 101 -21.47 -55.10 -63.30
N ASP T 102 -22.62 -54.45 -63.15
CA ASP T 102 -23.83 -54.85 -63.89
C ASP T 102 -23.60 -54.66 -65.37
N GLY T 103 -22.83 -53.63 -65.70
CA GLY T 103 -22.76 -53.14 -67.07
C GLY T 103 -23.54 -51.85 -67.12
N THR T 104 -24.29 -51.59 -66.04
CA THR T 104 -25.04 -50.36 -65.91
C THR T 104 -24.13 -49.19 -65.56
N PRO T 105 -24.49 -47.99 -66.04
CA PRO T 105 -23.77 -46.75 -65.74
C PRO T 105 -23.94 -46.34 -64.28
N ASN T 106 -22.81 -46.17 -63.60
CA ASN T 106 -22.77 -45.75 -62.22
C ASN T 106 -23.76 -44.64 -61.88
N LYS T 107 -24.10 -44.52 -60.59
CA LYS T 107 -24.94 -43.43 -60.11
C LYS T 107 -24.51 -42.14 -60.80
N PHE T 108 -23.21 -41.90 -60.88
CA PHE T 108 -22.71 -40.60 -61.30
C PHE T 108 -22.26 -40.57 -62.74
N ASN T 109 -22.61 -41.61 -63.48
CA ASN T 109 -22.40 -41.57 -64.90
C ASN T 109 -23.65 -41.04 -65.58
N HIS T 110 -23.58 -39.80 -66.02
CA HIS T 110 -24.69 -39.21 -66.76
C HIS T 110 -24.33 -39.01 -68.22
N ARG T 111 -23.16 -39.49 -68.61
CA ARG T 111 -22.74 -39.38 -69.99
C ARG T 111 -23.60 -40.29 -70.85
N HIS T 112 -23.87 -41.48 -70.32
CA HIS T 112 -24.64 -42.47 -71.06
C HIS T 112 -26.03 -41.94 -71.35
N GLU T 113 -26.73 -41.53 -70.31
CA GLU T 113 -28.09 -41.04 -70.52
C GLU T 113 -28.14 -39.95 -71.62
N ALA T 114 -27.27 -38.93 -71.50
CA ALA T 114 -27.24 -37.84 -72.45
C ALA T 114 -26.96 -38.34 -73.86
N ALA T 115 -26.00 -39.25 -73.98
CA ALA T 115 -25.64 -39.80 -75.27
C ALA T 115 -26.88 -40.25 -76.02
N LYS T 116 -27.76 -40.99 -75.33
CA LYS T 116 -29.03 -41.44 -75.91
C LYS T 116 -29.73 -40.30 -76.63
N LEU T 117 -29.94 -39.20 -75.91
CA LEU T 117 -30.60 -38.04 -76.51
C LEU T 117 -29.84 -37.48 -77.71
N PHE T 118 -28.52 -37.37 -77.61
CA PHE T 118 -27.74 -36.83 -78.71
C PHE T 118 -27.79 -37.75 -79.92
N ALA T 119 -27.79 -39.06 -79.66
CA ALA T 119 -27.88 -40.02 -80.75
C ALA T 119 -29.25 -39.94 -81.43
N ALA T 120 -30.30 -39.82 -80.63
CA ALA T 120 -31.65 -39.69 -81.16
C ALA T 120 -31.74 -38.49 -82.10
N HIS T 121 -31.29 -37.34 -81.61
CA HIS T 121 -31.41 -36.10 -82.38
C HIS T 121 -30.17 -35.78 -83.22
N LYS T 122 -29.45 -36.81 -83.62
CA LYS T 122 -28.29 -36.66 -84.50
C LYS T 122 -28.59 -35.63 -85.56
N ASP T 123 -29.77 -35.71 -86.14
CA ASP T 123 -30.14 -34.90 -87.29
C ASP T 123 -30.12 -33.40 -87.04
N GLU T 124 -30.49 -33.00 -85.82
CA GLU T 124 -30.51 -31.58 -85.48
C GLU T 124 -29.13 -30.96 -85.34
N GLU T 125 -28.13 -31.78 -85.00
CA GLU T 125 -26.76 -31.29 -84.82
C GLU T 125 -26.71 -30.16 -83.79
N ILE T 126 -27.06 -30.45 -82.53
CA ILE T 126 -26.98 -29.43 -81.48
C ILE T 126 -25.53 -29.10 -81.29
N TRP T 127 -25.27 -27.81 -81.14
CA TRP T 127 -23.96 -27.31 -80.81
C TRP T 127 -24.01 -26.61 -79.47
N PHE T 128 -22.98 -26.82 -78.67
CA PHE T 128 -22.89 -26.14 -77.39
C PHE T 128 -21.57 -25.37 -77.30
N GLY T 129 -21.60 -24.32 -76.49
CA GLY T 129 -20.41 -23.61 -76.11
C GLY T 129 -20.61 -23.22 -74.66
N LEU T 130 -19.80 -23.76 -73.78
CA LEU T 130 -19.89 -23.37 -72.36
C LEU T 130 -18.87 -22.29 -71.98
N GLU T 131 -19.28 -21.39 -71.09
CA GLU T 131 -18.38 -20.37 -70.57
C GLU T 131 -18.12 -20.69 -69.11
N GLN T 132 -17.04 -21.42 -68.87
CA GLN T 132 -16.73 -21.90 -67.52
C GLN T 132 -16.05 -20.83 -66.68
N GLU T 133 -16.74 -20.40 -65.64
CA GLU T 133 -16.15 -19.47 -64.70
C GLU T 133 -15.71 -20.26 -63.48
N TYR T 134 -14.61 -19.85 -62.85
CA TYR T 134 -14.07 -20.51 -61.66
C TYR T 134 -13.39 -19.47 -60.80
N THR T 135 -13.05 -19.83 -59.58
CA THR T 135 -12.45 -18.87 -58.66
C THR T 135 -11.25 -19.54 -58.01
N LEU T 136 -10.15 -18.79 -57.85
CA LEU T 136 -8.88 -19.33 -57.34
C LEU T 136 -8.76 -19.27 -55.81
N PHE T 137 -8.04 -20.22 -55.22
CA PHE T 137 -7.90 -20.28 -53.77
C PHE T 137 -6.52 -20.69 -53.27
N ASP T 138 -6.14 -20.18 -52.09
CA ASP T 138 -4.95 -20.56 -51.31
C ASP T 138 -4.88 -22.03 -51.08
N MET T 139 -3.68 -22.49 -50.75
CA MET T 139 -3.55 -23.80 -50.14
C MET T 139 -4.30 -23.81 -48.81
N TYR T 140 -4.61 -22.62 -48.32
CA TYR T 140 -5.26 -22.44 -47.02
C TYR T 140 -6.73 -22.11 -47.16
N ASP T 141 -7.26 -22.32 -48.36
CA ASP T 141 -8.69 -22.14 -48.62
C ASP T 141 -9.15 -20.69 -48.46
N ASP T 142 -8.26 -19.74 -48.71
CA ASP T 142 -8.64 -18.34 -48.73
C ASP T 142 -8.51 -17.91 -50.19
N VAL T 143 -9.29 -16.91 -50.62
CA VAL T 143 -9.27 -16.51 -52.01
C VAL T 143 -7.83 -16.16 -52.41
N TYR T 144 -7.41 -16.66 -53.56
CA TYR T 144 -6.02 -16.57 -53.95
C TYR T 144 -5.53 -15.14 -54.15
N GLY T 145 -4.51 -14.76 -53.40
CA GLY T 145 -3.85 -13.47 -53.60
C GLY T 145 -4.55 -12.31 -52.92
N TRP T 146 -5.70 -12.60 -52.33
CA TRP T 146 -6.41 -11.55 -51.61
C TRP T 146 -5.67 -11.19 -50.34
N PRO T 147 -5.63 -9.88 -50.02
CA PRO T 147 -5.13 -9.31 -48.77
C PRO T 147 -5.35 -10.24 -47.58
N LYS T 148 -4.32 -10.34 -46.73
CA LYS T 148 -4.32 -11.29 -45.63
C LYS T 148 -5.36 -10.88 -44.59
N GLY T 149 -6.42 -11.68 -44.47
CA GLY T 149 -7.49 -11.37 -43.54
C GLY T 149 -8.47 -10.30 -44.02
N GLY T 150 -8.15 -9.64 -45.13
CA GLY T 150 -9.02 -8.60 -45.69
C GLY T 150 -9.51 -8.80 -47.12
N TYR T 151 -9.59 -7.70 -47.87
CA TYR T 151 -10.17 -7.68 -49.22
C TYR T 151 -9.44 -6.77 -50.16
N PRO T 152 -9.48 -7.09 -51.47
CA PRO T 152 -9.00 -6.19 -52.51
C PRO T 152 -9.91 -4.98 -52.59
N ALA T 153 -9.58 -4.07 -53.50
CA ALA T 153 -10.46 -2.95 -53.75
C ALA T 153 -11.77 -3.53 -54.24
N PRO T 154 -12.80 -2.69 -54.35
CA PRO T 154 -14.09 -3.21 -54.81
C PRO T 154 -14.07 -3.50 -56.30
N GLN T 155 -14.99 -4.37 -56.73
CA GLN T 155 -15.03 -4.81 -58.12
C GLN T 155 -15.09 -3.67 -59.13
N GLY T 156 -14.60 -3.92 -60.33
CA GLY T 156 -14.60 -2.90 -61.37
C GLY T 156 -13.37 -2.96 -62.25
N PRO T 157 -12.20 -2.89 -61.64
CA PRO T 157 -10.95 -2.87 -62.38
C PRO T 157 -10.41 -4.26 -62.69
N TYR T 158 -11.10 -5.33 -62.32
CA TYR T 158 -10.57 -6.70 -62.47
C TYR T 158 -11.03 -7.42 -63.75
N TYR T 159 -12.27 -7.18 -64.15
CA TYR T 159 -12.84 -7.76 -65.36
C TYR T 159 -11.97 -7.44 -66.56
N CYS T 160 -11.45 -8.48 -67.21
CA CYS T 160 -10.57 -8.29 -68.35
C CYS T 160 -9.41 -7.39 -67.98
N GLY T 161 -9.00 -7.48 -66.72
CA GLY T 161 -7.96 -6.62 -66.21
C GLY T 161 -6.58 -6.81 -66.84
N VAL T 162 -5.76 -5.77 -66.72
CA VAL T 162 -4.35 -5.89 -67.04
C VAL T 162 -3.52 -4.88 -66.21
N GLY T 163 -2.45 -5.40 -65.62
CA GLY T 163 -1.68 -4.68 -64.63
C GLY T 163 -1.54 -5.48 -63.34
N ALA T 164 -0.46 -5.24 -62.62
CA ALA T 164 -0.09 -6.04 -61.47
C ALA T 164 -1.20 -6.31 -60.44
N GLY T 165 -1.98 -5.33 -60.07
CA GLY T 165 -2.97 -5.63 -59.04
C GLY T 165 -4.31 -6.11 -59.57
N LYS T 166 -4.44 -6.04 -60.88
CA LYS T 166 -5.73 -6.12 -61.51
C LYS T 166 -6.15 -7.53 -61.83
N VAL T 167 -5.22 -8.47 -61.68
CA VAL T 167 -5.47 -9.83 -62.15
C VAL T 167 -4.62 -10.79 -61.31
N TYR T 168 -5.11 -12.00 -61.08
CA TYR T 168 -4.38 -12.91 -60.20
C TYR T 168 -4.06 -14.27 -60.83
N ALA T 169 -2.78 -14.63 -60.79
CA ALA T 169 -2.32 -15.94 -61.24
C ALA T 169 -2.47 -16.12 -62.75
N ARG T 170 -2.25 -15.05 -63.52
CA ARG T 170 -2.40 -15.14 -64.97
C ARG T 170 -1.57 -16.28 -65.55
N ASP T 171 -0.39 -16.49 -64.99
CA ASP T 171 0.53 -17.47 -65.53
C ASP T 171 -0.07 -18.86 -65.47
N MET T 172 -0.74 -19.17 -64.37
CA MET T 172 -1.40 -20.46 -64.24
C MET T 172 -2.53 -20.53 -65.29
N ILE T 173 -3.36 -19.49 -65.36
CA ILE T 173 -4.45 -19.41 -66.33
C ILE T 173 -3.97 -19.65 -67.76
N GLU T 174 -2.83 -19.05 -68.10
CA GLU T 174 -2.27 -19.18 -69.42
C GLU T 174 -1.78 -20.59 -69.65
N ALA T 175 -1.10 -21.16 -68.67
CA ALA T 175 -0.63 -22.55 -68.76
C ALA T 175 -1.76 -23.49 -69.11
N HIS T 176 -2.90 -23.30 -68.45
CA HIS T 176 -4.10 -24.06 -68.72
C HIS T 176 -4.52 -23.88 -70.19
N TYR T 177 -4.61 -22.63 -70.65
CA TYR T 177 -4.98 -22.35 -72.03
C TYR T 177 -4.10 -23.17 -72.98
N ARG T 178 -2.80 -23.10 -72.77
CA ARG T 178 -1.83 -23.84 -73.56
C ARG T 178 -2.15 -25.32 -73.51
N ALA T 179 -2.34 -25.83 -72.31
CA ALA T 179 -2.62 -27.25 -72.09
C ALA T 179 -3.79 -27.70 -72.93
N CYS T 180 -4.89 -26.95 -72.84
CA CYS T 180 -6.11 -27.30 -73.55
C CYS T 180 -5.86 -27.33 -75.05
N LEU T 181 -5.15 -26.31 -75.56
CA LEU T 181 -4.80 -26.26 -76.99
C LEU T 181 -3.97 -27.48 -77.41
N TYR T 182 -2.97 -27.82 -76.61
CA TYR T 182 -2.08 -28.93 -76.92
C TYR T 182 -2.93 -30.18 -77.06
N ALA T 183 -3.86 -30.35 -76.15
CA ALA T 183 -4.68 -31.56 -76.11
C ALA T 183 -5.64 -31.55 -77.28
N GLY T 184 -5.69 -30.43 -77.99
CA GLY T 184 -6.64 -30.26 -79.09
C GLY T 184 -8.09 -30.02 -78.68
N LEU T 185 -8.34 -29.65 -77.43
CA LEU T 185 -9.68 -29.27 -76.99
C LEU T 185 -10.16 -28.03 -77.75
N GLU T 186 -11.47 -27.86 -77.85
CA GLU T 186 -12.03 -26.74 -78.57
C GLU T 186 -12.15 -25.52 -77.67
N ILE T 187 -11.01 -25.08 -77.14
CA ILE T 187 -11.04 -23.98 -76.20
C ILE T 187 -11.02 -22.67 -76.97
N SER T 188 -12.14 -21.96 -76.89
CA SER T 188 -12.40 -20.79 -77.73
C SER T 188 -11.74 -19.51 -77.26
N GLY T 189 -11.54 -19.39 -75.95
CA GLY T 189 -10.96 -18.19 -75.41
C GLY T 189 -10.96 -18.13 -73.90
N ILE T 190 -10.32 -17.12 -73.35
CA ILE T 190 -10.18 -17.03 -71.91
C ILE T 190 -10.36 -15.55 -71.56
N ASN T 191 -10.75 -15.26 -70.32
CA ASN T 191 -10.85 -13.88 -69.84
C ASN T 191 -10.88 -13.77 -68.32
N ALA T 192 -10.36 -12.66 -67.80
CA ALA T 192 -10.41 -12.44 -66.35
C ALA T 192 -11.79 -11.91 -65.98
N GLU T 193 -12.39 -12.48 -64.94
CA GLU T 193 -13.76 -12.11 -64.57
C GLU T 193 -13.84 -10.92 -63.64
N VAL T 194 -15.06 -10.59 -63.27
CA VAL T 194 -15.34 -9.39 -62.48
C VAL T 194 -14.73 -9.39 -61.09
N MET T 195 -14.99 -10.46 -60.33
CA MET T 195 -14.40 -10.67 -59.01
C MET T 195 -12.90 -10.95 -59.15
N PRO T 196 -12.07 -10.28 -58.31
CA PRO T 196 -10.63 -10.51 -58.36
C PRO T 196 -10.28 -11.99 -58.14
N SER T 197 -9.31 -12.51 -58.88
CA SER T 197 -8.93 -13.94 -58.86
C SER T 197 -10.07 -14.89 -59.23
N GLN T 198 -10.96 -14.39 -60.07
CA GLN T 198 -12.00 -15.20 -60.71
C GLN T 198 -11.82 -15.17 -62.24
N TRP T 199 -11.79 -16.33 -62.88
CA TRP T 199 -11.54 -16.37 -64.31
C TRP T 199 -12.64 -17.11 -65.07
N GLU T 200 -12.53 -17.07 -66.39
CA GLU T 200 -13.42 -17.82 -67.25
C GLU T 200 -12.59 -18.42 -68.38
N PHE T 201 -12.96 -19.62 -68.82
CA PHE T 201 -12.52 -20.10 -70.12
C PHE T 201 -13.73 -20.65 -70.86
N GLN T 202 -13.74 -20.51 -72.18
CA GLN T 202 -14.85 -20.98 -72.99
C GLN T 202 -14.45 -22.14 -73.89
N VAL T 203 -15.30 -23.15 -73.93
CA VAL T 203 -15.07 -24.27 -74.80
C VAL T 203 -16.25 -24.46 -75.74
N GLY T 204 -15.97 -24.40 -77.04
CA GLY T 204 -17.00 -24.58 -78.04
C GLY T 204 -16.58 -24.05 -79.39
N PRO T 205 -17.40 -24.33 -80.42
CA PRO T 205 -18.61 -25.13 -80.26
C PRO T 205 -18.26 -26.61 -80.30
N CYS T 206 -18.99 -27.42 -79.52
CA CYS T 206 -18.82 -28.87 -79.57
C CYS T 206 -20.14 -29.55 -79.90
N THR T 207 -20.09 -30.74 -80.47
CA THR T 207 -21.33 -31.40 -80.81
C THR T 207 -21.74 -32.45 -79.79
N GLY T 208 -22.96 -32.32 -79.28
CA GLY T 208 -23.55 -33.31 -78.39
C GLY T 208 -22.66 -33.75 -77.25
N ILE T 209 -22.23 -35.00 -77.31
CA ILE T 209 -21.48 -35.53 -76.20
C ILE T 209 -20.12 -34.87 -76.05
N ASP T 210 -19.56 -34.39 -77.15
CA ASP T 210 -18.27 -33.72 -77.10
C ASP T 210 -18.18 -32.59 -76.10
N MET T 211 -19.24 -31.80 -76.03
CA MET T 211 -19.27 -30.71 -75.08
C MET T 211 -18.91 -31.25 -73.70
N GLY T 212 -19.73 -32.17 -73.19
CA GLY T 212 -19.43 -32.80 -71.93
C GLY T 212 -18.00 -33.31 -71.83
N ASP T 213 -17.61 -34.16 -72.77
CA ASP T 213 -16.27 -34.74 -72.73
C ASP T 213 -15.20 -33.67 -72.60
N GLN T 214 -15.22 -32.69 -73.49
CA GLN T 214 -14.16 -31.69 -73.53
C GLN T 214 -14.14 -30.79 -72.29
N LEU T 215 -15.29 -30.33 -71.82
CA LEU T 215 -15.32 -29.50 -70.62
C LEU T 215 -14.75 -30.25 -69.41
N TRP T 216 -15.16 -31.50 -69.24
CA TRP T 216 -14.59 -32.34 -68.19
C TRP T 216 -13.05 -32.44 -68.28
N MET T 217 -12.50 -32.63 -69.49
CA MET T 217 -11.04 -32.66 -69.65
C MET T 217 -10.43 -31.32 -69.32
N ALA T 218 -11.00 -30.24 -69.86
CA ALA T 218 -10.55 -28.91 -69.55
C ALA T 218 -10.50 -28.70 -68.04
N ARG T 219 -11.51 -29.18 -67.34
CA ARG T 219 -11.52 -29.12 -65.89
C ARG T 219 -10.38 -29.94 -65.27
N TYR T 220 -10.17 -31.16 -65.76
CA TYR T 220 -9.03 -31.96 -65.30
C TYR T 220 -7.76 -31.12 -65.47
N PHE T 221 -7.54 -30.63 -66.68
CA PHE T 221 -6.35 -29.82 -66.92
C PHE T 221 -6.23 -28.65 -65.97
N LEU T 222 -7.33 -27.98 -65.69
CA LEU T 222 -7.32 -26.83 -64.78
C LEU T 222 -6.82 -27.23 -63.38
N HIS T 223 -7.54 -28.12 -62.71
CA HIS T 223 -7.13 -28.63 -61.41
C HIS T 223 -5.66 -29.03 -61.42
N ARG T 224 -5.32 -29.83 -62.42
CA ARG T 224 -4.03 -30.45 -62.51
C ARG T 224 -2.89 -29.44 -62.72
N VAL T 225 -3.08 -28.50 -63.62
CA VAL T 225 -2.05 -27.52 -63.88
C VAL T 225 -1.92 -26.60 -62.68
N ALA T 226 -3.04 -26.24 -62.07
CA ALA T 226 -3.03 -25.37 -60.90
C ALA T 226 -2.29 -26.00 -59.72
N GLU T 227 -2.30 -27.34 -59.67
CA GLU T 227 -1.51 -28.05 -58.67
C GLU T 227 -0.12 -27.46 -58.61
N GLU T 228 0.43 -27.25 -59.80
CA GLU T 228 1.81 -26.82 -59.94
C GLU T 228 2.02 -25.42 -59.37
N PHE T 229 0.94 -24.70 -59.08
CA PHE T 229 1.06 -23.33 -58.56
C PHE T 229 0.53 -23.28 -57.14
N GLY T 230 0.23 -24.44 -56.59
CA GLY T 230 -0.37 -24.51 -55.26
C GLY T 230 -1.69 -23.78 -55.17
N ILE T 231 -2.43 -23.77 -56.28
CA ILE T 231 -3.71 -23.09 -56.34
C ILE T 231 -4.82 -24.12 -56.40
N LYS T 232 -5.82 -23.95 -55.54
CA LYS T 232 -7.01 -24.79 -55.54
C LYS T 232 -8.04 -24.12 -56.44
N ILE T 233 -8.79 -24.92 -57.21
CA ILE T 233 -9.85 -24.39 -58.09
C ILE T 233 -11.29 -24.58 -57.54
N SER T 234 -12.07 -23.50 -57.55
CA SER T 234 -13.39 -23.57 -56.96
C SER T 234 -14.46 -23.34 -58.00
N PHE T 235 -15.29 -24.35 -58.21
CA PHE T 235 -16.45 -24.21 -59.10
C PHE T 235 -17.73 -23.82 -58.36
N HIS T 236 -17.58 -23.39 -57.12
CA HIS T 236 -18.71 -22.94 -56.36
C HIS T 236 -19.35 -21.73 -57.01
N PRO T 237 -20.70 -21.69 -57.02
CA PRO T 237 -21.49 -20.64 -57.67
C PRO T 237 -21.39 -19.28 -56.99
N LYS T 238 -21.02 -19.26 -55.71
CA LYS T 238 -20.89 -18.01 -54.97
C LYS T 238 -19.80 -18.14 -53.91
N PRO T 239 -18.54 -18.06 -54.35
CA PRO T 239 -17.39 -18.38 -53.50
C PRO T 239 -17.33 -17.40 -52.34
N LEU T 240 -17.71 -16.17 -52.61
CA LEU T 240 -17.73 -15.16 -51.56
C LEU T 240 -19.11 -14.54 -51.46
N LYS T 241 -19.66 -14.57 -50.25
CA LYS T 241 -20.99 -14.01 -50.02
C LYS T 241 -20.86 -12.53 -50.18
N GLY T 242 -21.94 -11.89 -50.61
CA GLY T 242 -21.96 -10.44 -50.74
C GLY T 242 -22.21 -9.98 -52.16
N ASP T 243 -21.53 -8.90 -52.55
CA ASP T 243 -21.70 -8.35 -53.88
C ASP T 243 -20.65 -8.87 -54.85
N TRP T 244 -19.69 -9.61 -54.32
CA TRP T 244 -18.70 -10.29 -55.15
C TRP T 244 -19.39 -11.24 -56.13
N ASN T 245 -19.02 -11.16 -57.41
CA ASN T 245 -19.70 -11.95 -58.41
C ASN T 245 -19.77 -13.43 -58.12
N GLY T 246 -20.85 -14.05 -58.57
CA GLY T 246 -21.00 -15.48 -58.50
C GLY T 246 -20.21 -16.13 -59.62
N ALA T 247 -20.38 -17.43 -59.80
CA ALA T 247 -19.68 -18.14 -60.86
C ALA T 247 -20.67 -18.97 -61.64
N GLY T 248 -20.85 -18.66 -62.91
CA GLY T 248 -21.74 -19.41 -63.75
C GLY T 248 -21.02 -20.25 -64.80
N CYS T 249 -21.81 -21.05 -65.52
CA CYS T 249 -21.34 -21.78 -66.67
C CYS T 249 -22.32 -21.60 -67.83
N HIS T 250 -22.45 -20.35 -68.30
CA HIS T 250 -23.37 -20.03 -69.36
C HIS T 250 -23.31 -21.06 -70.48
N ALA T 251 -24.40 -21.78 -70.70
CA ALA T 251 -24.47 -22.71 -71.82
C ALA T 251 -25.07 -22.02 -73.06
N ASN T 252 -24.28 -21.93 -74.13
CA ASN T 252 -24.75 -21.39 -75.42
C ASN T 252 -25.22 -22.56 -76.30
N VAL T 253 -26.35 -22.37 -76.97
CA VAL T 253 -27.00 -23.47 -77.68
C VAL T 253 -27.42 -23.10 -79.09
N SER T 254 -27.39 -24.09 -79.98
CA SER T 254 -27.90 -23.91 -81.34
C SER T 254 -28.09 -25.25 -82.07
N THR T 255 -29.14 -25.32 -82.90
CA THR T 255 -29.37 -26.46 -83.78
C THR T 255 -29.12 -26.02 -85.21
N LYS T 256 -28.99 -26.98 -86.13
CA LYS T 256 -28.68 -26.65 -87.51
C LYS T 256 -29.64 -25.58 -88.03
N GLU T 257 -30.93 -25.73 -87.74
CA GLU T 257 -31.95 -24.78 -88.19
C GLU T 257 -31.68 -23.36 -87.71
N MET T 258 -31.30 -23.22 -86.45
CA MET T 258 -31.05 -21.90 -85.87
C MET T 258 -29.84 -21.23 -86.48
N ARG T 259 -28.94 -22.05 -87.02
CA ARG T 259 -27.70 -21.52 -87.60
C ARG T 259 -27.85 -21.04 -89.04
N GLN T 260 -28.88 -21.55 -89.72
CA GLN T 260 -29.18 -21.13 -91.08
C GLN T 260 -30.19 -19.98 -91.04
N PRO T 261 -30.11 -19.09 -92.03
CA PRO T 261 -30.94 -17.88 -92.09
C PRO T 261 -32.40 -18.16 -91.75
N GLY T 262 -33.07 -17.20 -91.13
CA GLY T 262 -34.43 -17.41 -90.63
C GLY T 262 -34.44 -18.24 -89.36
N GLY T 263 -33.32 -18.21 -88.65
CA GLY T 263 -33.15 -19.00 -87.46
C GLY T 263 -33.90 -18.51 -86.22
N THR T 264 -33.91 -17.18 -85.96
CA THR T 264 -34.46 -16.68 -84.69
C THR T 264 -35.89 -17.19 -84.53
N LYS T 265 -36.44 -17.72 -85.62
CA LYS T 265 -37.71 -18.42 -85.60
C LYS T 265 -37.58 -19.60 -84.64
N TYR T 266 -36.70 -20.54 -84.97
CA TYR T 266 -36.50 -21.73 -84.17
C TYR T 266 -35.82 -21.43 -82.85
N ILE T 267 -34.99 -20.39 -82.82
CA ILE T 267 -34.40 -19.94 -81.57
C ILE T 267 -35.51 -19.52 -80.63
N GLU T 268 -36.45 -18.72 -81.11
CA GLU T 268 -37.57 -18.28 -80.29
C GLU T 268 -38.44 -19.46 -79.86
N GLN T 269 -38.64 -20.41 -80.76
CA GLN T 269 -39.36 -21.63 -80.43
C GLN T 269 -38.71 -22.35 -79.26
N ALA T 270 -37.40 -22.56 -79.36
CA ALA T 270 -36.65 -23.25 -78.32
C ALA T 270 -36.79 -22.52 -77.01
N ILE T 271 -36.64 -21.20 -77.06
CA ILE T 271 -36.73 -20.38 -75.86
C ILE T 271 -38.05 -20.59 -75.16
N GLU T 272 -39.11 -20.75 -75.96
CA GLU T 272 -40.42 -20.97 -75.38
C GLU T 272 -40.56 -22.34 -74.72
N LYS T 273 -40.11 -23.39 -75.38
CA LYS T 273 -40.13 -24.72 -74.78
C LYS T 273 -39.35 -24.64 -73.48
N LEU T 274 -38.23 -23.93 -73.52
CA LEU T 274 -37.37 -23.79 -72.36
C LEU T 274 -38.11 -23.12 -71.21
N SER T 275 -38.97 -22.17 -71.53
CA SER T 275 -39.74 -21.43 -70.54
C SER T 275 -40.74 -22.31 -69.80
N LYS T 276 -41.18 -23.38 -70.44
CA LYS T 276 -42.09 -24.32 -69.81
C LYS T 276 -41.38 -25.31 -68.89
N ARG T 277 -40.09 -25.51 -69.11
CA ARG T 277 -39.32 -26.43 -68.25
C ARG T 277 -38.25 -25.78 -67.39
N HIS T 278 -38.51 -24.55 -66.96
CA HIS T 278 -37.55 -23.81 -66.16
C HIS T 278 -37.21 -24.55 -64.87
N ALA T 279 -38.23 -25.03 -64.17
CA ALA T 279 -37.99 -25.71 -62.92
C ALA T 279 -37.16 -26.98 -63.10
N GLU T 280 -37.48 -27.76 -64.13
CA GLU T 280 -36.81 -29.05 -64.36
C GLU T 280 -35.33 -28.84 -64.72
N HIS T 281 -35.07 -27.76 -65.43
CA HIS T 281 -33.71 -27.37 -65.77
C HIS T 281 -32.94 -26.89 -64.54
N ILE T 282 -33.48 -25.86 -63.87
CA ILE T 282 -32.90 -25.40 -62.61
C ILE T 282 -32.51 -26.56 -61.70
N LYS T 283 -33.35 -27.59 -61.61
CA LYS T 283 -33.05 -28.74 -60.74
C LYS T 283 -31.73 -29.42 -61.09
N LEU T 284 -31.39 -29.48 -62.38
CA LEU T 284 -30.02 -29.83 -62.77
C LEU T 284 -29.17 -28.58 -62.51
N TYR T 285 -28.67 -27.92 -63.56
CA TYR T 285 -28.11 -26.56 -63.43
C TYR T 285 -27.28 -26.09 -62.19
N GLY T 286 -27.00 -26.96 -61.23
CA GLY T 286 -26.05 -26.63 -60.18
C GLY T 286 -26.56 -26.39 -58.77
N SER T 287 -25.84 -26.94 -57.80
CA SER T 287 -26.19 -26.80 -56.38
C SER T 287 -25.77 -25.46 -55.76
N ASP T 288 -26.46 -25.09 -54.67
CA ASP T 288 -26.54 -23.70 -54.18
C ASP T 288 -26.39 -22.65 -55.27
N ASN T 289 -27.05 -22.87 -56.41
CA ASN T 289 -27.14 -21.87 -57.45
C ASN T 289 -28.03 -20.78 -56.87
N ASP T 290 -28.79 -21.17 -55.84
CA ASP T 290 -29.67 -20.23 -55.16
C ASP T 290 -28.94 -19.02 -54.60
N MET T 291 -27.64 -19.14 -54.33
CA MET T 291 -26.89 -17.99 -53.85
C MET T 291 -26.31 -17.18 -54.99
N ARG T 292 -26.84 -17.42 -56.19
CA ARG T 292 -26.43 -16.71 -57.40
C ARG T 292 -27.58 -16.09 -58.26
N SER T 301 -32.77 -14.59 -61.57
CA SER T 301 -33.67 -15.15 -60.54
C SER T 301 -33.99 -16.65 -60.66
N MET T 302 -34.01 -17.33 -59.51
CA MET T 302 -34.10 -18.80 -59.46
C MET T 302 -35.47 -19.34 -59.77
N THR T 303 -36.48 -18.52 -59.55
CA THR T 303 -37.85 -18.95 -59.70
C THR T 303 -38.47 -18.33 -60.95
N ALA T 304 -37.94 -17.17 -61.34
CA ALA T 304 -38.42 -16.46 -62.51
C ALA T 304 -37.69 -16.89 -63.79
N PHE T 305 -38.45 -17.03 -64.87
CA PHE T 305 -37.87 -17.28 -66.16
C PHE T 305 -38.17 -16.10 -67.05
N SER T 306 -37.14 -15.54 -67.67
CA SER T 306 -37.34 -14.47 -68.63
C SER T 306 -36.34 -14.59 -69.78
N SER T 307 -36.63 -13.91 -70.88
CA SER T 307 -35.74 -13.90 -72.02
C SER T 307 -35.86 -12.58 -72.75
N GLY T 308 -34.80 -12.21 -73.46
CA GLY T 308 -34.78 -10.99 -74.23
C GLY T 308 -33.47 -10.79 -74.97
N VAL T 309 -33.48 -9.96 -75.99
CA VAL T 309 -32.26 -9.68 -76.74
C VAL T 309 -31.34 -8.82 -75.88
N ALA T 310 -30.04 -8.98 -76.08
CA ALA T 310 -29.04 -8.24 -75.33
C ALA T 310 -29.52 -7.97 -73.91
N ASN T 311 -29.52 -9.02 -73.11
CA ASN T 311 -30.09 -8.93 -71.79
C ASN T 311 -29.35 -9.83 -70.81
N ARG T 312 -28.33 -9.28 -70.15
CA ARG T 312 -27.55 -10.03 -69.17
C ARG T 312 -28.32 -10.17 -67.86
N GLY T 313 -29.58 -9.74 -67.88
CA GLY T 313 -30.46 -9.90 -66.74
C GLY T 313 -31.45 -11.06 -66.88
N SER T 314 -31.68 -11.50 -68.11
CA SER T 314 -32.66 -12.55 -68.33
C SER T 314 -32.11 -13.97 -68.07
N SER T 315 -33.00 -14.95 -68.10
CA SER T 315 -32.63 -16.34 -67.97
C SER T 315 -31.98 -16.83 -69.27
N ILE T 316 -32.55 -16.44 -70.40
CA ILE T 316 -31.97 -16.73 -71.71
C ILE T 316 -31.75 -15.43 -72.42
N ARG T 317 -30.59 -15.26 -73.04
CA ARG T 317 -30.26 -14.01 -73.71
C ARG T 317 -29.98 -14.27 -75.17
N ILE T 318 -30.61 -13.50 -76.04
CA ILE T 318 -30.28 -13.57 -77.45
C ILE T 318 -29.32 -12.44 -77.75
N PRO T 319 -28.09 -12.79 -78.14
CA PRO T 319 -27.05 -11.82 -78.45
C PRO T 319 -27.54 -10.81 -79.47
N ARG T 320 -27.30 -9.53 -79.24
CA ARG T 320 -27.78 -8.53 -80.18
C ARG T 320 -27.31 -8.90 -81.58
N SER T 321 -26.07 -9.37 -81.66
CA SER T 321 -25.50 -9.82 -82.93
C SER T 321 -26.42 -10.81 -83.61
N VAL T 322 -26.78 -11.89 -82.89
CA VAL T 322 -27.71 -12.89 -83.42
C VAL T 322 -29.02 -12.26 -83.90
N ALA T 323 -29.65 -11.46 -83.05
CA ALA T 323 -30.90 -10.80 -83.36
C ALA T 323 -30.79 -10.01 -84.64
N LYS T 324 -29.78 -9.15 -84.73
CA LYS T 324 -29.57 -8.32 -85.90
C LYS T 324 -29.41 -9.15 -87.18
N GLU T 325 -28.83 -10.33 -87.08
CA GLU T 325 -28.57 -11.15 -88.27
C GLU T 325 -29.61 -12.22 -88.58
N GLY T 326 -30.55 -12.45 -87.66
CA GLY T 326 -31.67 -13.35 -87.92
C GLY T 326 -31.41 -14.84 -87.74
N TYR T 327 -30.19 -15.19 -87.34
CA TYR T 327 -29.84 -16.58 -87.06
C TYR T 327 -28.63 -16.62 -86.14
N GLY T 328 -28.39 -17.76 -85.52
CA GLY T 328 -27.29 -17.89 -84.58
C GLY T 328 -27.57 -18.86 -83.44
N TYR T 329 -27.39 -18.40 -82.22
CA TYR T 329 -27.56 -19.24 -81.04
C TYR T 329 -28.15 -18.40 -79.91
N PHE T 330 -28.52 -19.05 -78.83
CA PHE T 330 -28.97 -18.32 -77.64
C PHE T 330 -28.11 -18.67 -76.45
N GLU T 331 -28.11 -17.80 -75.45
CA GLU T 331 -27.29 -17.99 -74.26
C GLU T 331 -28.17 -18.27 -73.06
N ASP T 332 -28.09 -19.47 -72.52
CA ASP T 332 -28.76 -19.78 -71.27
C ASP T 332 -27.86 -19.42 -70.09
N ARG T 333 -28.22 -18.37 -69.36
CA ARG T 333 -27.32 -17.82 -68.35
C ARG T 333 -27.59 -18.46 -66.99
N ARG T 334 -28.45 -19.45 -66.97
CA ARG T 334 -28.90 -20.04 -65.72
C ARG T 334 -27.93 -21.04 -65.06
N PRO T 335 -27.24 -21.85 -65.88
CA PRO T 335 -26.42 -22.90 -65.24
C PRO T 335 -25.26 -22.35 -64.40
N ALA T 336 -25.05 -22.94 -63.23
CA ALA T 336 -23.98 -22.53 -62.33
C ALA T 336 -22.64 -23.11 -62.73
N SER T 337 -21.58 -22.52 -62.20
CA SER T 337 -20.23 -22.96 -62.48
C SER T 337 -20.05 -24.46 -62.24
N ASN T 338 -20.74 -24.98 -61.23
CA ASN T 338 -20.50 -26.36 -60.79
C ASN T 338 -21.36 -27.40 -61.48
N ILE T 339 -21.97 -27.01 -62.59
CA ILE T 339 -22.83 -27.93 -63.34
C ILE T 339 -22.07 -29.14 -63.92
N ASP T 340 -22.76 -30.26 -64.06
CA ASP T 340 -22.25 -31.37 -64.87
C ASP T 340 -22.74 -31.18 -66.31
N PRO T 341 -21.80 -30.85 -67.22
CA PRO T 341 -22.11 -30.58 -68.63
C PRO T 341 -22.99 -31.65 -69.27
N TYR T 342 -22.79 -32.91 -68.88
CA TYR T 342 -23.62 -34.00 -69.40
C TYR T 342 -25.09 -33.74 -69.07
N LEU T 343 -25.36 -33.37 -67.82
CA LEU T 343 -26.71 -33.06 -67.40
C LEU T 343 -27.29 -31.83 -68.09
N VAL T 344 -26.52 -30.74 -68.15
CA VAL T 344 -27.01 -29.55 -68.81
C VAL T 344 -27.23 -29.75 -70.32
N THR T 345 -26.19 -30.19 -71.04
CA THR T 345 -26.34 -30.36 -72.47
C THR T 345 -27.40 -31.43 -72.75
N GLY T 346 -27.44 -32.44 -71.87
CA GLY T 346 -28.41 -33.50 -71.99
C GLY T 346 -29.84 -32.99 -71.94
N ILE T 347 -30.22 -32.38 -70.83
CA ILE T 347 -31.58 -31.90 -70.69
C ILE T 347 -31.85 -30.77 -71.68
N MET T 348 -30.82 -30.04 -72.10
CA MET T 348 -31.06 -28.95 -73.03
C MET T 348 -31.58 -29.55 -74.30
N CYS T 349 -30.90 -30.60 -74.78
CA CYS T 349 -31.32 -31.35 -75.96
C CYS T 349 -32.72 -31.95 -75.76
N GLU T 350 -32.93 -32.62 -74.64
CA GLU T 350 -34.23 -33.21 -74.30
C GLU T 350 -35.39 -32.24 -74.49
N THR T 351 -35.27 -31.02 -73.99
CA THR T 351 -36.39 -30.11 -74.07
C THR T 351 -36.40 -29.23 -75.32
N VAL T 352 -35.25 -29.03 -75.94
CA VAL T 352 -35.21 -28.21 -77.15
C VAL T 352 -35.51 -29.06 -78.38
N CYS T 353 -35.00 -30.28 -78.40
CA CYS T 353 -35.10 -31.16 -79.55
C CYS T 353 -36.22 -32.16 -79.39
N GLY T 354 -36.49 -32.53 -78.14
CA GLY T 354 -37.60 -33.43 -77.85
C GLY T 354 -37.26 -34.64 -76.99
N ALA T 355 -38.19 -34.99 -76.11
CA ALA T 355 -38.00 -36.10 -75.18
C ALA T 355 -37.89 -37.43 -75.90
N ILE T 356 -37.51 -38.46 -75.14
CA ILE T 356 -37.43 -39.82 -75.66
C ILE T 356 -37.97 -40.73 -74.59
N ASP T 357 -38.69 -41.77 -75.00
CA ASP T 357 -39.21 -42.75 -74.05
C ASP T 357 -38.04 -43.61 -73.61
N ASN T 358 -36.98 -43.54 -74.39
CA ASN T 358 -35.76 -44.28 -74.18
C ASN T 358 -34.92 -43.68 -73.04
N ALA T 359 -35.15 -42.40 -72.72
CA ALA T 359 -34.38 -41.71 -71.67
C ALA T 359 -35.05 -40.47 -71.07
N ASP T 360 -34.79 -40.26 -69.78
CA ASP T 360 -35.34 -39.13 -69.01
C ASP T 360 -34.22 -38.43 -68.27
N MET T 361 -33.82 -37.26 -68.76
CA MET T 361 -32.71 -36.51 -68.18
C MET T 361 -32.94 -36.19 -66.71
N THR T 362 -34.10 -35.64 -66.44
CA THR T 362 -34.42 -35.24 -65.08
C THR T 362 -34.47 -36.44 -64.13
N LYS T 363 -34.94 -37.60 -64.60
CA LYS T 363 -34.86 -38.79 -63.76
C LYS T 363 -33.40 -39.20 -63.50
N GLU T 364 -32.54 -39.07 -64.51
CA GLU T 364 -31.11 -39.29 -64.34
C GLU T 364 -30.62 -38.41 -63.19
N PHE T 365 -30.80 -38.95 -62.00
CA PHE T 365 -30.54 -38.29 -60.74
C PHE T 365 -30.75 -39.41 -59.76
N GLU T 366 -29.74 -40.28 -59.78
CA GLU T 366 -29.75 -41.54 -59.11
C GLU T 366 -28.61 -41.59 -58.07
CAC FLC U . -26.50 -18.04 61.46
CA FLC U . -26.46 -17.23 62.74
CB FLC U . -26.94 -15.81 62.49
CBC FLC U . -28.38 -15.88 61.99
CG FLC U . -25.98 -15.14 61.49
CGC FLC U . -26.33 -13.71 61.09
OA1 FLC U . -27.04 -17.54 60.45
OA2 FLC U . -25.94 -19.18 61.46
OB1 FLC U . -29.30 -16.11 62.78
OB2 FLC U . -28.62 -15.75 60.76
OG1 FLC U . -25.47 -12.78 61.22
OG2 FLC U . -27.46 -13.54 60.61
OHB FLC U . -26.80 -15.17 63.79
CAC FLC V . -51.48 17.31 44.49
CA FLC V . -50.88 16.92 45.83
CB FLC V . -50.74 18.13 46.75
CBC FLC V . -51.21 19.38 45.96
CG FLC V . -49.34 18.28 47.36
CGC FLC V . -48.27 18.44 46.30
OA1 FLC V . -52.71 17.16 44.31
OA2 FLC V . -50.70 17.79 43.61
OB1 FLC V . -50.51 19.85 45.02
OB2 FLC V . -52.32 19.90 46.20
OG1 FLC V . -48.49 19.18 45.31
OG2 FLC V . -47.18 17.83 46.47
OHB FLC V . -51.48 17.82 47.96
CAC FLC W . -23.93 53.05 40.15
CA FLC W . -24.19 52.17 41.35
CB FLC W . -23.58 52.74 42.63
CBC FLC W . -22.42 53.66 42.29
CG FLC W . -23.14 51.62 43.56
CGC FLC W . -22.34 50.61 42.78
OA1 FLC W . -24.63 54.09 40.04
OA2 FLC W . -23.04 52.72 39.33
OB1 FLC W . -21.64 53.32 41.39
OB2 FLC W . -22.29 54.76 42.87
OG1 FLC W . -21.30 51.03 42.22
OG2 FLC W . -22.75 49.42 42.70
OHB FLC W . -24.58 53.41 43.43
CAC FLC X . 17.69 41.07 53.33
CA FLC X . 16.61 41.06 54.41
CB FLC X . 17.00 40.52 55.80
CBC FLC X . 18.39 39.84 55.89
CG FLC X . 15.93 39.57 56.28
CGC FLC X . 15.60 38.59 55.19
OA1 FLC X . 18.47 42.06 53.22
OA2 FLC X . 17.73 40.09 52.55
OB1 FLC X . 18.66 38.95 55.08
OB2 FLC X . 19.28 40.16 56.73
OG1 FLC X . 16.55 38.08 54.56
OG2 FLC X . 14.40 38.33 54.94
OHB FLC X . 16.78 41.60 56.70
CAC FLC Y . 16.71 -2.06 66.34
CA FLC Y . 15.70 -1.00 66.79
CB FLC Y . 14.80 -1.39 67.96
CBC FLC Y . 14.76 -2.93 68.11
CG FLC Y . 13.38 -0.87 67.79
CGC FLC Y . 12.71 -1.48 66.59
OA1 FLC Y . 17.81 -2.14 66.95
OA2 FLC Y . 16.39 -2.77 65.35
OB1 FLC Y . 14.92 -3.65 67.11
OB2 FLC Y . 14.56 -3.45 69.25
OG1 FLC Y . 12.59 -2.73 66.53
OG2 FLC Y . 12.34 -0.68 65.70
OHB FLC Y . 15.23 -0.62 69.10
CAC FLC Z . -2.66 -24.96 40.96
CA FLC Z . -2.80 -24.30 39.58
CB FLC Z . -1.58 -24.38 38.64
CBC FLC Z . -0.22 -24.65 39.32
CG FLC Z . -1.56 -23.14 37.74
CGC FLC Z . -1.59 -21.83 38.49
OA1 FLC Z . -3.00 -26.17 41.11
OA2 FLC Z . -2.26 -24.23 41.91
OB1 FLC Z . 0.07 -24.15 40.44
OB2 FLC Z . 0.61 -25.41 38.76
OG1 FLC Z . -0.95 -21.74 39.57
OG2 FLC Z . -2.26 -20.87 37.98
OHB FLC Z . -1.87 -25.38 37.67
CAC FLC AA . 29.30 7.98 38.72
CA FLC AA . 28.64 7.10 37.65
CB FLC AA . 28.83 7.62 36.22
CBC FLC AA . 29.46 9.01 36.32
CG FLC AA . 27.53 7.50 35.42
CGC FLC AA . 26.35 8.11 36.14
OA1 FLC AA . 30.55 7.88 38.86
OA2 FLC AA . 28.58 8.75 39.42
OB1 FLC AA . 28.77 9.96 36.73
OB2 FLC AA . 30.69 9.16 36.06
OG1 FLC AA . 26.52 9.17 36.78
OG2 FLC AA . 25.24 7.53 36.03
OHB FLC AA . 29.67 6.74 35.45
CAC FLC BA . 9.45 45.07 22.30
CA FLC BA . 9.78 43.88 21.42
CB FLC BA . 9.04 43.71 20.09
CBC FLC BA . 8.04 44.85 19.76
CG FLC BA . 8.35 42.35 20.04
CGC FLC BA . 7.20 42.22 21.03
OA1 FLC BA . 10.22 46.08 22.28
OA2 FLC BA . 8.45 45.00 23.07
OB1 FLC BA . 7.24 45.23 20.64
OB2 FLC BA . 8.02 45.42 18.65
OG1 FLC BA . 6.54 43.23 21.41
OG2 FLC BA . 6.96 41.04 21.43
OHB FLC BA . 10.06 43.51 19.08
CAC FLC CA . -34.85 35.67 15.30
CA FLC CA . -33.63 34.88 14.89
CB FLC CA . -33.90 33.95 13.71
CBC FLC CA . -35.34 33.44 13.74
CG FLC CA . -32.86 32.83 13.77
CGC FLC CA . -32.84 32.18 15.15
OA1 FLC CA . -35.59 36.16 14.41
OA2 FLC CA . -35.02 35.80 16.54
OB1 FLC CA . -35.77 32.94 14.82
OB2 FLC CA . -36.06 33.54 12.71
OG1 FLC CA . -33.85 32.29 15.89
OG2 FLC CA . -31.81 31.55 15.50
OHB FLC CA . -33.60 34.70 12.52
CAC FLC DA . -41.80 -7.86 26.31
CA FLC DA . -41.20 -7.26 25.06
CB FLC DA . -40.23 -8.21 24.32
CBC FLC DA . -40.23 -9.62 24.93
CG FLC DA . -38.83 -7.59 24.20
CGC FLC DA . -38.12 -7.31 25.52
OA1 FLC DA . -43.04 -8.02 26.36
OA2 FLC DA . -41.02 -8.15 27.27
OB1 FLC DA . -39.67 -9.83 26.03
OB2 FLC DA . -40.84 -10.54 24.34
OG1 FLC DA . -38.09 -8.19 26.42
OG2 FLC DA . -37.55 -6.18 25.61
OHB FLC DA . -40.64 -8.22 22.95
CAC FLC EA . -24.90 -31.09 -29.66
CA FLC EA . -24.27 -30.69 -28.34
CB FLC EA . -24.98 -29.49 -27.70
CBC FLC EA . -25.96 -28.80 -28.65
CG FLC EA . -23.95 -28.54 -27.12
CGC FLC EA . -23.04 -28.02 -28.23
OA1 FLC EA . -25.90 -31.86 -29.62
OA2 FLC EA . -24.41 -30.65 -30.72
OB1 FLC EA . -25.67 -28.57 -29.85
OB2 FLC EA . -27.08 -28.47 -28.21
OG1 FLC EA . -23.51 -27.20 -29.06
OG2 FLC EA . -21.86 -28.45 -28.27
OHB FLC EA . -25.65 -29.97 -26.54
CAC FLC FA . -20.95 11.54 -41.98
CA FLC FA . -20.47 11.14 -40.59
CB FLC FA . -19.80 12.26 -39.79
CBC FLC FA . -19.27 13.40 -40.70
CG FLC FA . -18.69 11.70 -38.90
CGC FLC FA . -17.49 11.23 -39.70
OA1 FLC FA . -22.14 11.91 -42.13
OA2 FLC FA . -20.13 11.46 -42.92
OB1 FLC FA . -18.53 13.12 -41.67
OB2 FLC FA . -19.60 14.61 -40.50
OG1 FLC FA . -16.78 12.13 -40.22
OG2 FLC FA . -17.28 10.00 -39.80
OHB FLC FA . -20.75 12.70 -38.80
CAC FLC GA . 23.66 23.63 -36.77
CA FLC GA . 22.65 23.19 -35.72
CB FLC GA . 23.26 22.90 -34.35
CBC FLC GA . 24.75 22.54 -34.47
CG FLC GA . 22.37 21.88 -33.63
CGC FLC GA . 22.51 20.47 -34.20
OA1 FLC GA . 23.71 24.86 -36.99
OA2 FLC GA . 24.37 22.78 -37.36
OB1 FLC GA . 25.10 21.69 -35.33
OB2 FLC GA . 25.58 23.14 -33.73
OG1 FLC GA . 23.66 19.99 -34.35
OG2 FLC GA . 21.45 19.84 -34.48
OHB FLC GA . 23.16 24.06 -33.52
CAC FLC HA . 45.37 -12.74 -20.25
CA FLC HA . 44.39 -11.83 -19.53
CB FLC HA . 43.84 -12.40 -18.21
CBC FLC HA . 44.30 -13.85 -18.00
CG FLC HA . 42.32 -12.16 -18.15
CGC FLC HA . 41.53 -12.80 -19.27
OA1 FLC HA . 46.55 -12.77 -19.83
OA2 FLC HA . 44.98 -13.44 -21.25
OB1 FLC HA . 44.05 -14.70 -18.92
OB2 FLC HA . 44.97 -14.17 -16.98
OG1 FLC HA . 41.72 -14.01 -19.50
OG2 FLC HA . 40.69 -12.09 -19.92
OHB FLC HA . 44.23 -11.55 -17.12
CAC FLC IA . 15.24 -46.34 -16.16
CA FLC IA . 15.52 -45.00 -15.50
CB FLC IA . 14.46 -44.74 -14.43
CBC FLC IA . 13.23 -45.60 -14.73
CG FLC IA . 14.17 -43.25 -14.39
CGC FLC IA . 13.71 -42.75 -15.74
OA1 FLC IA . 15.09 -47.32 -15.40
OA2 FLC IA . 15.17 -46.40 -17.42
OB1 FLC IA . 12.82 -45.77 -15.91
OB2 FLC IA . 12.66 -46.19 -13.76
OG1 FLC IA . 12.74 -43.34 -16.30
OG2 FLC IA . 14.30 -41.75 -16.23
OHB FLC IA . 15.04 -44.98 -13.15
CAC FLC JA . -6.53 -51.27 -46.78
CA FLC JA . -6.09 -50.65 -48.09
CB FLC JA . -4.87 -51.25 -48.81
CBC FLC JA . -4.14 -52.35 -48.00
CG FLC JA . -3.91 -50.11 -49.18
CGC FLC JA . -3.49 -49.27 -47.97
OA1 FLC JA . -7.49 -52.08 -46.80
OA2 FLC JA . -5.94 -50.94 -45.71
OB1 FLC JA . -3.62 -52.07 -46.89
OB2 FLC JA . -4.08 -53.54 -48.41
OG1 FLC JA . -3.33 -49.82 -46.85
OG2 FLC JA . -3.35 -48.04 -48.16
OHB FLC JA . -5.36 -51.65 -50.11
CAC FLC KA . 37.90 -45.30 -39.00
CA FLC KA . 37.46 -45.40 -40.46
CB FLC KA . 38.47 -44.96 -41.53
CBC FLC KA . 39.76 -44.34 -40.99
CG FLC KA . 37.77 -44.01 -42.49
CGC FLC KA . 37.21 -42.82 -41.73
OA1 FLC KA . 38.38 -46.34 -38.46
OA2 FLC KA . 37.73 -44.21 -38.38
OB1 FLC KA . 39.69 -43.60 -39.96
OB2 FLC KA . 40.86 -44.57 -41.53
OG1 FLC KA . 37.83 -42.34 -40.76
OG2 FLC KA . 36.13 -42.34 -42.15
OHB FLC KA . 38.77 -46.10 -42.36
CAC FLC LA . 48.28 -2.10 -50.02
CA FLC LA . 47.75 -3.12 -50.99
CB FLC LA . 47.96 -2.80 -52.47
CBC FLC LA . 47.49 -1.39 -52.93
CG FLC LA . 47.28 -3.92 -53.26
CGC FLC LA . 45.83 -3.97 -52.82
OA1 FLC LA . 49.50 -2.16 -49.75
OA2 FLC LA . 47.51 -1.24 -49.52
OB1 FLC LA . 46.69 -0.70 -52.24
OB2 FLC LA . 47.96 -0.95 -54.02
OG1 FLC LA . 45.23 -2.89 -52.58
OG2 FLC LA . 45.27 -5.09 -52.70
OHB FLC LA . 49.36 -2.95 -52.76
CAC FLC MA . 11.07 18.19 -65.40
CA FLC MA . 11.74 17.02 -66.11
CB FLC MA . 10.86 16.22 -67.09
CBC FLC MA . 9.37 16.57 -66.99
CG FLC MA . 11.16 14.73 -66.94
CGC FLC MA . 10.27 14.01 -65.94
OA1 FLC MA . 10.99 19.31 -65.97
OA2 FLC MA . 10.62 17.99 -64.25
OB1 FLC MA . 8.85 17.01 -65.93
OB2 FLC MA . 8.64 16.43 -68.00
OG1 FLC MA . 9.04 14.24 -65.90
OG2 FLC MA . 10.84 13.17 -65.19
OHB FLC MA . 11.36 16.48 -68.41
CAC FLC NA . -23.57 -12.33 -62.69
CA FLC NA . -22.32 -12.20 -63.55
CB FLC NA . -22.04 -13.44 -64.41
CBC FLC NA . -22.95 -14.58 -63.97
CG FLC NA . -20.57 -13.83 -64.40
CGC FLC NA . -20.05 -14.04 -62.99
OA1 FLC NA . -24.70 -12.13 -63.19
OA2 FLC NA . -23.43 -12.61 -61.49
OB1 FLC NA . -22.87 -15.01 -62.79
OB2 FLC NA . -23.79 -15.05 -64.76
OG1 FLC NA . -20.79 -14.65 -62.20
OG2 FLC NA . -18.91 -13.61 -62.69
OHB FLC NA . -22.26 -13.06 -65.79
#